data_8QOX
#
_entry.id   8QOX
#
_cell.length_a   1.00
_cell.length_b   1.00
_cell.length_c   1.00
_cell.angle_alpha   90.00
_cell.angle_beta   90.00
_cell.angle_gamma   90.00
#
_symmetry.space_group_name_H-M   'P 1'
#
loop_
_entity.id
_entity.type
_entity.pdbx_description
1 polymer 'S-layer protein A'
2 polymer 'Conserved membrane protein'
#
loop_
_entity_poly.entity_id
_entity_poly.type
_entity_poly.pdbx_seq_one_letter_code
_entity_poly.pdbx_strand_id
1 'polypeptide(L)'
;MNKLVGLLVSSLFLASILIGIAPAITTTALTPPVSAGGIQAYLLTGSGAPASGLVLFVVNVSNIQVSSSNVTNVISTVVS
NIQINAKTENAQTGATTGSVTVRFPTSGYNAYYDSVDKVVFVVVSFLYPYTTTSVNIPLSYLSKYLPGLLTAQPYDETGA
QVTSVSSTPFGSLIDTSTGQQILGTNPVLTSYNSYTTQANTNMQEGVVSGTLTSFTLGGQSFSGSTVPVILYAPFIFSNS
PYQAGLYNPMQVNGNLGSLSSEAYYHPVIWGRALINTTLIDTYASGSVPFTFQLNYSVPGPLTINMAQLAWIASINNLPT
SFTYLSYKFSNGYESFLGIISNSTQLTAGALTINPSGNFTINGKKFYVYLLVVGSTNSTTPVEYVTKLVVEYPSSTNFLP
QGVTVTTSSNKYTLPVYEIGGPAGTTITLTGNWYSTPYTVQITVGSTPTLTNYVSQILLKAVAYEGINVSTTQSPYYSTA
ILSTPPSEISITGSSTITAQGKLTATSASATVNLLTNATLTYENIPLTQYSFNGIIVTPGYAAINGTTAMAYVIGALYNK
TSDYVLSFAGSQEPMQVMNNNLTEVTTLAPFGLTLLAPSVPATETGTSPLQLEFFTVPSTSYIALVDFGLWGNLTSVTVS
AYDTVNNKLSVNLGYFYGIVIPPSISTAPYNYQNFICPNNYVTVTIYDPDAVLDPYPSGSFTTSSLPLKYGNMNITGAVI
FPGSSVYNPSGVFGYSNFNKGAAVTTFTYTAQSGPFSPVALTGNTNYLSQYADNNPTDNYYFIQTVNGMPVLMGGLSIVA
SPVSASLPSSTSSPGFMYLLPSAAQVPSPLPGMATPNYNLNIYITYKIDGATVGNNMINGLYVASQNTLIYVVPNGSFVG
SNIKLTYTTTDYAVLHYFYSTGQYKVFKTVSVPNVTANLYFPSSTTPLYQLSVPLYLSEPYYGSPLPTYIGLGTNGTSLW
NSPNYVLFGVSAVQQYLGFIKSISVTLSNGTTVVIPLTTSNMQTLFPQLVGQELQACNGTFQFGISITGLEKLLNLNVQQ
LNNSILSVTYHDYVTGETLTATTKLVALSTLSLVAKGAGVVEFLLTAYPYTGNITFAPPWFIAENVVKQPFMTYSDLQFA
KTNPSAILSLSTVNITVVGLGGKASVYYNSTSGQTVITNIYGQTVATLSGNVLPTLTELAAGNGTFTGSLQFTIVPNNTV
VQIPSSLTKTSFAVYTNGSLAIVLNGKAYSLGPAGLFLLPFVTYTGSAIGANATAIITVSDGVGTSTTQVPITAENFTPI
RLAPFQVPAQVPLPNAPKLKYEYNGSIVITPQQQVLKIYVTSILPYPQEFQIQAFVYEASQFNVHTGSPTAAPVYFSYSA
VRAYPALGIGTSVPNLLVYVQLQGISNLPAGKYVIVLSAVPFAGGPVLSEYPAQLIFTNVTLTQ
;
A,V,W,Z
2 'polypeptide(L)'
;MNKNLAILTPIVLLSLVLAPIAISAVTINGITFYSPVPNQTYKYGQQLVLSIQSQPNALVTLYVYDPKGNVVYNNVYQTN
SSGGLTATIATFGSTPGFTTVGTYTVSLSVQGTTSESASVNVQYVPLTSTITATVVNQEGSPLAGATVQLYNTTSGSNTL
VATQTTNSQGVATFTVLSFPGVTQTFKLVASLQGYAASTASVSITGQQNASVTITLVPAVVTIAPMYVIQNGTVIGSGPS
LSSIVVYQGLPAYILAQVSFAGQRVTTAPVSAQVYYPNGTQTVKASVITSGKYAGMYNITIMPPTESVQNYVFQLLIVAN
YTTSSGQTLSTKYLMSVQANQNLQALVNKEISSLVQNITNLEKTVNNLQTQISTLNSSLSSLSQRITSLQNTLASLNSTI
SSLSGTASSLSSQLNALQGKISSLNSSITNLSGQLNSLQSKVNSLTPLVYGGIIAGIIGLIVAIVAIVLVYRKIS
;
B,C,X
#
# COMPACT_ATOMS: atom_id res chain seq x y z
N LEU A 30 -49.30 125.74 40.20
CA LEU A 30 -49.70 126.70 41.18
C LEU A 30 -51.20 126.67 41.44
N THR A 31 -51.65 127.46 42.41
CA THR A 31 -52.95 127.35 42.97
C THR A 31 -53.85 128.04 41.89
N PRO A 32 -55.05 127.60 41.59
CA PRO A 32 -55.85 126.64 42.36
C PRO A 32 -55.56 125.25 41.82
N PRO A 33 -56.00 124.15 42.30
CA PRO A 33 -55.78 122.83 41.83
C PRO A 33 -56.20 122.74 40.27
N VAL A 34 -55.43 121.91 39.47
CA VAL A 34 -55.71 121.72 38.08
C VAL A 34 -56.51 120.39 37.99
N SER A 35 -57.74 120.41 37.38
CA SER A 35 -58.64 119.34 37.24
C SER A 35 -58.21 118.43 36.12
N ALA A 36 -58.54 117.13 36.22
CA ALA A 36 -58.22 116.09 35.26
C ALA A 36 -59.54 115.41 34.95
N GLY A 37 -59.86 115.58 33.64
CA GLY A 37 -61.06 115.08 32.99
C GLY A 37 -61.93 116.19 32.61
N GLY A 38 -61.91 117.20 33.44
CA GLY A 38 -62.53 118.46 33.31
C GLY A 38 -61.78 119.46 32.54
N ILE A 39 -62.14 120.73 32.77
CA ILE A 39 -61.71 121.85 31.92
C ILE A 39 -60.95 122.73 32.86
N GLN A 40 -60.03 123.58 32.36
CA GLN A 40 -59.51 124.70 33.09
C GLN A 40 -59.27 125.78 32.04
N ALA A 41 -59.28 127.05 32.53
CA ALA A 41 -59.06 128.22 31.68
C ALA A 41 -58.46 129.33 32.45
N TYR A 42 -57.66 130.09 31.76
CA TYR A 42 -56.77 131.07 32.29
C TYR A 42 -56.85 132.21 31.34
N LEU A 43 -56.64 133.42 31.85
CA LEU A 43 -56.71 134.65 31.13
C LEU A 43 -55.28 135.05 30.97
N LEU A 44 -54.90 135.68 29.81
CA LEU A 44 -53.60 136.17 29.50
C LEU A 44 -53.66 137.63 30.04
N THR A 45 -52.67 138.02 30.92
CA THR A 45 -52.54 139.33 31.47
C THR A 45 -51.61 139.22 32.66
N GLY A 46 -50.51 139.99 32.70
CA GLY A 46 -49.53 139.86 33.69
C GLY A 46 -49.07 141.21 33.90
N SER A 47 -47.78 141.38 34.20
CA SER A 47 -47.09 142.65 34.33
C SER A 47 -46.34 142.88 33.08
N GLY A 48 -46.73 143.88 32.33
CA GLY A 48 -46.45 143.99 30.93
C GLY A 48 -47.40 143.10 30.19
N ALA A 49 -48.75 143.17 30.44
CA ALA A 49 -49.78 142.40 29.83
C ALA A 49 -49.88 142.53 28.30
N PRO A 50 -50.31 141.42 27.59
CA PRO A 50 -50.75 141.52 26.21
C PRO A 50 -52.21 141.91 26.17
N ALA A 51 -52.79 142.29 27.30
CA ALA A 51 -54.11 142.84 27.57
C ALA A 51 -55.01 141.69 27.90
N SER A 52 -55.81 141.86 29.02
CA SER A 52 -56.97 141.09 29.33
C SER A 52 -57.99 141.16 28.21
N GLY A 53 -58.50 139.95 27.81
CA GLY A 53 -59.48 139.81 26.75
C GLY A 53 -59.00 138.85 25.71
N LEU A 54 -58.02 137.94 26.02
CA LEU A 54 -57.58 136.76 25.27
C LEU A 54 -57.73 135.73 26.32
N VAL A 55 -58.32 134.52 25.96
CA VAL A 55 -58.51 133.46 26.99
C VAL A 55 -58.17 132.11 26.35
N LEU A 56 -57.61 131.23 27.14
CA LEU A 56 -57.16 129.96 26.65
C LEU A 56 -58.02 128.99 27.39
N PHE A 57 -58.63 128.00 26.72
CA PHE A 57 -59.37 126.90 27.32
C PHE A 57 -58.78 125.63 26.97
N VAL A 58 -58.65 124.76 28.10
CA VAL A 58 -57.96 123.49 28.06
C VAL A 58 -58.79 122.49 28.72
N VAL A 59 -58.89 121.30 28.09
CA VAL A 59 -59.44 120.10 28.66
C VAL A 59 -58.28 119.05 28.50
N ASN A 60 -58.48 118.04 29.33
CA ASN A 60 -57.46 117.03 29.66
C ASN A 60 -57.92 115.86 28.79
N VAL A 61 -56.95 115.22 28.09
CA VAL A 61 -57.13 114.03 27.32
C VAL A 61 -55.77 113.28 27.50
N SER A 62 -55.49 112.79 28.74
CA SER A 62 -54.28 112.18 29.07
C SER A 62 -54.50 110.75 29.36
N ASN A 63 -55.76 110.14 29.13
CA ASN A 63 -55.91 108.67 29.31
C ASN A 63 -56.01 107.91 28.02
N ILE A 64 -55.96 108.50 26.79
CA ILE A 64 -55.75 107.77 25.57
C ILE A 64 -54.51 108.40 24.94
N GLN A 65 -53.58 107.60 24.34
CA GLN A 65 -52.39 108.04 23.56
C GLN A 65 -52.84 108.30 22.19
N VAL A 66 -52.76 109.54 21.88
CA VAL A 66 -53.15 110.09 20.62
C VAL A 66 -51.92 110.83 20.22
N SER A 67 -51.66 110.97 18.88
CA SER A 67 -50.77 111.99 18.36
C SER A 67 -51.15 112.58 17.11
N SER A 68 -51.03 111.84 15.98
CA SER A 68 -51.01 112.58 14.70
C SER A 68 -51.86 111.76 13.71
N SER A 69 -52.87 111.01 14.20
CA SER A 69 -53.55 110.15 13.30
C SER A 69 -54.97 109.94 13.71
N ASN A 70 -55.36 110.20 14.97
CA ASN A 70 -56.74 110.12 15.46
C ASN A 70 -57.02 111.36 16.22
N VAL A 71 -56.03 112.29 16.35
CA VAL A 71 -56.09 113.61 16.84
C VAL A 71 -57.22 114.46 16.22
N THR A 72 -57.43 114.39 14.90
CA THR A 72 -58.54 114.93 14.20
C THR A 72 -59.80 114.43 14.82
N ASN A 73 -59.99 113.07 14.80
CA ASN A 73 -61.12 112.44 15.36
C ASN A 73 -61.54 112.82 16.80
N VAL A 74 -60.58 112.65 17.78
CA VAL A 74 -60.80 112.73 19.21
C VAL A 74 -61.07 114.21 19.53
N ILE A 75 -60.30 115.24 18.98
CA ILE A 75 -60.41 116.56 19.42
C ILE A 75 -61.52 117.23 18.60
N SER A 76 -61.95 116.59 17.46
CA SER A 76 -63.20 117.04 16.80
C SER A 76 -64.38 116.77 17.72
N THR A 77 -64.40 115.59 18.34
CA THR A 77 -65.56 115.22 19.20
C THR A 77 -65.42 116.04 20.56
N VAL A 78 -64.18 116.44 21.07
CA VAL A 78 -64.04 117.27 22.23
C VAL A 78 -64.72 118.55 22.01
N VAL A 79 -64.40 119.30 20.83
CA VAL A 79 -64.99 120.58 20.49
C VAL A 79 -66.43 120.48 20.14
N SER A 80 -67.10 119.36 19.85
CA SER A 80 -68.56 119.36 19.66
C SER A 80 -69.22 119.55 20.97
N ASN A 81 -68.59 119.16 22.12
CA ASN A 81 -69.27 119.06 23.44
C ASN A 81 -68.60 119.94 24.46
N ILE A 82 -67.81 120.99 24.11
CA ILE A 82 -67.08 121.80 25.13
C ILE A 82 -68.04 123.02 25.25
N GLN A 83 -68.02 123.71 26.48
CA GLN A 83 -69.21 124.61 26.62
C GLN A 83 -68.70 125.67 27.53
N ILE A 84 -69.52 126.79 27.52
CA ILE A 84 -69.36 127.97 28.35
C ILE A 84 -70.77 128.30 28.60
N ASN A 85 -71.05 128.80 29.81
CA ASN A 85 -72.30 128.55 30.46
C ASN A 85 -72.63 129.78 31.17
N ALA A 86 -73.89 129.88 31.61
CA ALA A 86 -74.50 130.93 32.45
C ALA A 86 -75.91 130.45 32.90
N LYS A 87 -76.40 131.16 33.87
CA LYS A 87 -77.64 130.76 34.61
C LYS A 87 -78.48 132.01 34.70
N THR A 88 -79.84 131.97 34.72
CA THR A 88 -80.74 133.05 35.09
C THR A 88 -81.24 132.75 36.46
N GLU A 89 -81.68 133.74 37.21
CA GLU A 89 -81.83 133.61 38.63
C GLU A 89 -82.72 134.79 39.04
N ASN A 90 -83.02 134.97 40.37
CA ASN A 90 -83.81 135.99 40.96
C ASN A 90 -82.80 136.87 41.63
N ALA A 91 -83.20 138.09 42.03
CA ALA A 91 -82.30 139.26 42.31
C ALA A 91 -81.82 139.31 43.73
N GLN A 92 -82.27 138.26 44.49
CA GLN A 92 -82.03 138.19 45.91
C GLN A 92 -80.69 137.55 46.12
N THR A 93 -80.56 136.21 46.45
CA THR A 93 -79.37 135.52 46.92
C THR A 93 -78.90 134.60 45.81
N GLY A 94 -79.87 134.46 44.80
CA GLY A 94 -79.74 133.61 43.67
C GLY A 94 -80.44 132.34 44.04
N ALA A 95 -81.20 131.79 42.99
CA ALA A 95 -82.15 130.77 43.03
C ALA A 95 -82.20 130.20 41.62
N THR A 96 -82.52 128.86 41.55
CA THR A 96 -82.74 128.23 40.25
C THR A 96 -83.92 128.89 39.62
N THR A 97 -83.80 129.22 38.34
CA THR A 97 -84.79 129.93 37.56
C THR A 97 -84.63 129.83 36.04
N GLY A 98 -83.49 129.18 35.69
CA GLY A 98 -83.21 128.82 34.36
C GLY A 98 -81.73 128.86 34.04
N SER A 99 -81.43 128.67 32.68
CA SER A 99 -80.00 128.53 32.28
C SER A 99 -79.85 128.69 30.75
N VAL A 100 -78.60 128.94 30.33
CA VAL A 100 -78.17 129.05 29.00
C VAL A 100 -76.79 128.61 28.88
N THR A 101 -76.30 128.48 27.60
CA THR A 101 -74.92 128.04 27.26
C THR A 101 -74.58 128.44 25.79
N VAL A 102 -73.29 128.14 25.30
CA VAL A 102 -72.86 128.35 23.91
C VAL A 102 -71.56 127.50 23.74
N ARG A 103 -71.16 127.18 22.52
CA ARG A 103 -70.07 126.17 22.28
C ARG A 103 -69.14 126.64 21.25
N PHE A 104 -67.89 126.07 21.18
CA PHE A 104 -66.86 126.36 20.18
C PHE A 104 -67.14 125.59 18.87
N PRO A 105 -66.67 126.03 17.69
CA PRO A 105 -67.09 125.50 16.37
C PRO A 105 -66.91 124.01 16.18
N THR A 106 -67.76 123.30 15.36
CA THR A 106 -67.46 121.96 14.96
C THR A 106 -66.60 121.88 13.68
N SER A 107 -66.41 123.04 13.00
CA SER A 107 -65.67 123.20 11.79
C SER A 107 -65.44 124.65 11.72
N GLY A 108 -64.30 125.06 11.07
CA GLY A 108 -63.85 126.43 11.08
C GLY A 108 -63.15 126.73 12.39
N TYR A 109 -62.35 125.90 13.04
CA TYR A 109 -61.63 126.11 14.33
C TYR A 109 -60.24 125.62 14.23
N ASN A 110 -59.53 125.64 15.36
CA ASN A 110 -58.23 125.05 15.54
C ASN A 110 -58.27 124.55 17.03
N ALA A 111 -57.98 123.23 17.16
CA ALA A 111 -57.98 122.58 18.43
C ALA A 111 -56.64 122.08 18.45
N TYR A 112 -55.83 122.49 19.44
CA TYR A 112 -54.42 122.20 19.42
C TYR A 112 -54.18 121.12 20.44
N TYR A 113 -53.22 120.18 20.14
CA TYR A 113 -53.09 119.00 20.95
C TYR A 113 -51.69 119.01 21.47
N ASP A 114 -51.41 119.59 22.61
CA ASP A 114 -50.16 119.55 23.33
C ASP A 114 -49.99 118.16 23.85
N SER A 115 -49.14 117.25 23.23
CA SER A 115 -49.07 115.84 23.63
C SER A 115 -47.93 115.66 24.64
N VAL A 116 -47.50 116.76 25.31
CA VAL A 116 -46.48 116.68 26.31
C VAL A 116 -47.12 116.90 27.70
N ASP A 117 -48.23 117.69 27.78
CA ASP A 117 -49.12 117.68 28.98
C ASP A 117 -50.31 116.77 28.70
N LYS A 118 -50.56 116.46 27.39
CA LYS A 118 -51.55 115.68 26.82
C LYS A 118 -52.88 116.37 27.00
N VAL A 119 -53.05 117.61 26.44
CA VAL A 119 -54.25 118.40 26.73
C VAL A 119 -54.67 119.01 25.37
N VAL A 120 -56.01 119.06 25.14
CA VAL A 120 -56.63 119.62 23.91
C VAL A 120 -57.10 121.00 24.37
N PHE A 121 -56.59 122.10 23.59
CA PHE A 121 -56.90 123.53 24.02
C PHE A 121 -57.32 124.23 22.76
N VAL A 122 -58.07 125.40 22.88
CA VAL A 122 -58.64 126.19 21.82
C VAL A 122 -58.39 127.54 22.42
N VAL A 123 -57.94 128.55 21.64
CA VAL A 123 -57.79 129.87 22.23
C VAL A 123 -58.66 130.81 21.49
N VAL A 124 -59.42 131.70 22.13
CA VAL A 124 -60.35 132.56 21.49
C VAL A 124 -60.10 133.86 22.26
N SER A 125 -60.07 135.01 21.54
CA SER A 125 -60.09 136.29 22.07
C SER A 125 -61.57 136.54 22.67
N PHE A 126 -61.60 136.96 23.95
CA PHE A 126 -62.89 137.26 24.57
C PHE A 126 -62.92 138.72 24.97
N LEU A 127 -62.73 139.06 26.29
CA LEU A 127 -63.11 140.28 27.01
C LEU A 127 -62.73 141.61 26.49
N TYR A 128 -63.34 142.55 27.25
CA TYR A 128 -63.31 143.90 27.04
C TYR A 128 -61.92 144.49 26.81
N PRO A 129 -61.75 145.45 25.95
CA PRO A 129 -62.68 145.96 24.97
C PRO A 129 -62.96 145.00 23.83
N TYR A 130 -61.96 144.27 23.26
CA TYR A 130 -62.18 143.85 21.87
C TYR A 130 -62.36 142.36 21.88
N THR A 131 -63.53 141.95 21.32
CA THR A 131 -63.85 140.59 21.03
C THR A 131 -63.96 140.51 19.52
N THR A 132 -64.58 141.64 18.95
CA THR A 132 -64.90 141.88 17.61
C THR A 132 -63.65 141.83 16.79
N THR A 133 -62.68 142.57 17.25
CA THR A 133 -61.39 142.73 16.59
C THR A 133 -60.44 141.67 17.15
N SER A 134 -60.53 140.47 16.40
CA SER A 134 -59.85 139.19 16.62
C SER A 134 -58.39 139.47 16.31
N VAL A 135 -57.61 138.88 17.24
CA VAL A 135 -56.23 139.05 17.10
C VAL A 135 -55.76 137.83 17.64
N ASN A 136 -54.82 137.23 16.89
CA ASN A 136 -54.12 136.04 17.33
C ASN A 136 -53.58 136.15 18.68
N ILE A 137 -53.68 135.02 19.43
CA ILE A 137 -53.38 135.03 20.72
C ILE A 137 -51.86 134.63 20.74
N PRO A 138 -50.88 135.16 21.47
CA PRO A 138 -49.52 134.73 21.52
C PRO A 138 -49.41 133.37 22.19
N LEU A 139 -48.24 132.81 21.89
CA LEU A 139 -47.72 131.57 22.45
C LEU A 139 -47.04 131.82 23.73
N SER A 140 -46.90 133.04 24.17
CA SER A 140 -45.83 133.40 25.08
C SER A 140 -46.32 133.04 26.47
N TYR A 141 -47.42 133.65 26.93
CA TYR A 141 -48.11 133.42 28.20
C TYR A 141 -48.78 131.98 28.40
N LEU A 142 -48.93 131.21 27.26
CA LEU A 142 -49.49 129.90 27.14
C LEU A 142 -48.43 128.96 27.46
N SER A 143 -47.15 129.19 27.08
CA SER A 143 -46.07 128.33 27.57
C SER A 143 -45.89 128.37 29.08
N LYS A 144 -46.33 129.51 29.74
CA LYS A 144 -46.46 129.61 31.21
C LYS A 144 -47.36 128.63 31.90
N TYR A 145 -48.52 128.51 31.32
CA TYR A 145 -49.66 127.88 31.86
C TYR A 145 -49.89 126.45 31.38
N LEU A 146 -48.95 126.05 30.40
CA LEU A 146 -48.85 124.67 30.02
C LEU A 146 -47.33 124.48 29.99
N PRO A 147 -46.75 123.65 30.86
CA PRO A 147 -45.39 123.16 30.88
C PRO A 147 -44.95 122.17 29.83
N GLY A 148 -45.74 122.12 28.67
CA GLY A 148 -45.53 121.18 27.55
C GLY A 148 -45.55 121.90 26.24
N LEU A 149 -45.76 123.22 26.32
CA LEU A 149 -45.57 124.24 25.28
C LEU A 149 -44.35 125.03 25.72
N LEU A 150 -43.85 124.59 26.87
CA LEU A 150 -42.53 124.89 27.31
C LEU A 150 -41.54 123.83 26.90
N THR A 151 -41.93 122.75 26.19
CA THR A 151 -41.06 121.73 25.59
C THR A 151 -41.21 121.69 24.13
N ALA A 152 -42.44 121.51 23.64
CA ALA A 152 -42.59 121.22 22.13
C ALA A 152 -43.90 121.65 21.70
N GLN A 153 -43.97 121.74 20.35
CA GLN A 153 -45.13 122.23 19.55
C GLN A 153 -46.40 121.40 19.69
N PRO A 154 -47.57 122.05 19.73
CA PRO A 154 -48.84 121.35 19.85
C PRO A 154 -49.25 120.64 18.56
N TYR A 155 -49.79 119.41 18.51
CA TYR A 155 -50.33 118.68 17.33
C TYR A 155 -51.67 119.31 17.06
N ASP A 156 -51.73 120.40 16.24
CA ASP A 156 -52.96 120.99 15.69
C ASP A 156 -53.76 119.93 14.91
N GLU A 157 -55.00 120.14 14.46
CA GLU A 157 -55.91 119.20 13.83
C GLU A 157 -55.23 118.67 12.59
N THR A 158 -55.37 117.37 12.42
CA THR A 158 -54.90 116.50 11.44
C THR A 158 -53.75 115.81 11.96
N GLY A 159 -52.85 116.62 12.64
CA GLY A 159 -51.64 116.19 13.37
C GLY A 159 -50.55 117.00 12.86
N ALA A 160 -50.83 118.01 11.99
CA ALA A 160 -49.91 119.05 11.64
C ALA A 160 -49.49 119.95 12.75
N GLN A 161 -48.17 120.05 12.99
CA GLN A 161 -47.67 120.77 14.14
C GLN A 161 -47.25 122.18 13.63
N VAL A 162 -48.29 123.03 13.84
CA VAL A 162 -48.26 124.44 13.55
C VAL A 162 -47.16 125.13 14.27
N THR A 163 -46.61 126.18 13.61
CA THR A 163 -45.57 127.02 14.16
C THR A 163 -46.26 128.17 14.91
N SER A 164 -47.55 128.42 14.68
CA SER A 164 -48.21 129.52 15.30
C SER A 164 -49.54 129.06 15.71
N VAL A 165 -49.91 129.39 16.97
CA VAL A 165 -51.26 129.41 17.47
C VAL A 165 -51.91 130.65 16.85
N SER A 166 -52.68 130.44 15.67
CA SER A 166 -53.24 131.58 15.05
C SER A 166 -54.73 131.60 15.49
N SER A 167 -55.44 132.79 15.46
CA SER A 167 -56.67 132.99 16.07
C SER A 167 -57.67 131.95 15.72
N THR A 168 -58.54 131.52 16.61
CA THR A 168 -59.87 131.08 16.23
C THR A 168 -60.78 132.16 16.69
N PRO A 169 -61.47 132.96 15.82
CA PRO A 169 -62.43 133.98 16.09
C PRO A 169 -63.64 133.35 16.82
N PHE A 170 -64.44 134.27 17.49
CA PHE A 170 -65.70 133.86 18.17
C PHE A 170 -66.96 133.92 17.27
N GLY A 171 -66.71 134.04 15.95
CA GLY A 171 -67.67 134.37 14.97
C GLY A 171 -67.91 133.27 13.86
N SER A 172 -67.23 132.09 14.03
CA SER A 172 -67.37 130.96 13.14
C SER A 172 -68.00 129.82 13.90
N LEU A 173 -68.57 130.05 15.04
CA LEU A 173 -69.44 129.10 15.83
C LEU A 173 -70.44 128.36 15.04
N ILE A 174 -70.52 127.05 15.31
CA ILE A 174 -71.45 126.16 14.64
C ILE A 174 -72.32 125.66 15.72
N ASP A 175 -73.63 126.10 15.62
CA ASP A 175 -74.72 125.47 16.32
C ASP A 175 -75.48 124.79 15.31
N THR A 176 -75.58 123.42 15.29
CA THR A 176 -75.99 122.61 14.17
C THR A 176 -77.49 122.58 13.93
N SER A 177 -77.85 122.45 12.63
CA SER A 177 -79.19 122.73 12.25
C SER A 177 -79.35 122.31 10.83
N THR A 178 -78.14 122.13 10.18
CA THR A 178 -77.85 121.31 9.08
C THR A 178 -76.48 121.70 8.64
N GLY A 179 -75.71 122.49 9.50
CA GLY A 179 -74.34 122.88 9.12
C GLY A 179 -74.13 124.33 8.85
N GLN A 180 -74.98 125.24 9.45
CA GLN A 180 -74.96 126.59 8.98
C GLN A 180 -74.29 127.49 9.98
N GLN A 181 -73.23 128.15 9.48
CA GLN A 181 -72.30 128.88 10.33
C GLN A 181 -72.87 130.28 10.64
N ILE A 182 -72.71 130.70 11.88
CA ILE A 182 -73.24 131.92 12.47
C ILE A 182 -72.66 133.18 11.90
N LEU A 183 -73.46 134.29 11.81
CA LEU A 183 -73.06 135.61 11.40
C LEU A 183 -72.12 136.17 12.38
N GLY A 184 -71.16 137.07 12.06
CA GLY A 184 -70.07 137.47 12.94
C GLY A 184 -70.31 138.15 14.27
N THR A 185 -71.59 138.35 14.74
CA THR A 185 -71.91 138.83 16.06
C THR A 185 -73.06 137.90 16.53
N ASN A 186 -73.10 137.68 17.86
CA ASN A 186 -74.02 136.80 18.54
C ASN A 186 -74.14 137.44 19.95
N PRO A 187 -75.11 137.13 20.80
CA PRO A 187 -75.17 137.79 22.14
C PRO A 187 -73.98 137.74 23.08
N VAL A 188 -73.48 136.50 23.30
CA VAL A 188 -72.36 136.22 24.25
C VAL A 188 -71.10 136.98 23.92
N LEU A 189 -70.89 137.13 22.58
CA LEU A 189 -69.84 137.90 22.00
C LEU A 189 -69.85 139.30 22.64
N THR A 190 -71.04 139.98 22.56
CA THR A 190 -71.08 141.36 22.97
C THR A 190 -71.12 141.50 24.49
N SER A 191 -71.62 140.50 25.16
CA SER A 191 -71.54 140.35 26.55
C SER A 191 -70.11 140.34 27.12
N TYR A 192 -69.17 139.73 26.36
CA TYR A 192 -67.75 139.94 26.45
C TYR A 192 -67.24 141.36 26.22
N ASN A 193 -67.49 141.89 24.97
CA ASN A 193 -67.03 143.09 24.34
C ASN A 193 -67.26 144.30 25.24
N SER A 194 -68.35 144.35 26.02
CA SER A 194 -68.47 145.26 27.12
C SER A 194 -69.04 144.33 28.22
N TYR A 195 -68.25 144.19 29.32
CA TYR A 195 -68.57 143.48 30.53
C TYR A 195 -69.85 143.80 31.24
N THR A 196 -70.76 144.55 30.65
CA THR A 196 -71.69 145.39 31.32
C THR A 196 -73.19 144.94 31.19
N THR A 197 -73.48 143.66 30.93
CA THR A 197 -74.73 143.23 30.34
C THR A 197 -75.58 142.80 31.50
N GLN A 198 -75.24 143.14 32.77
CA GLN A 198 -76.05 142.84 33.88
C GLN A 198 -76.09 144.23 34.68
N ALA A 199 -77.37 144.79 34.83
CA ALA A 199 -77.75 145.65 35.88
C ALA A 199 -78.28 144.92 37.01
N ASN A 200 -79.65 144.93 37.06
CA ASN A 200 -80.30 144.38 38.23
C ASN A 200 -81.73 144.61 38.06
N THR A 201 -82.17 145.21 36.90
CA THR A 201 -83.31 146.10 37.10
C THR A 201 -84.63 145.40 36.59
N ASN A 202 -84.40 144.16 36.11
CA ASN A 202 -85.43 143.40 35.40
C ASN A 202 -85.63 142.14 36.20
N MET A 203 -84.90 142.04 37.34
CA MET A 203 -85.12 141.21 38.48
C MET A 203 -84.57 139.80 38.18
N GLN A 204 -83.40 139.75 37.52
CA GLN A 204 -82.62 138.57 37.37
C GLN A 204 -81.28 138.82 37.99
N GLU A 205 -80.60 137.59 38.19
CA GLU A 205 -79.27 137.56 38.72
C GLU A 205 -78.60 136.44 37.91
N GLY A 206 -77.30 136.36 37.86
CA GLY A 206 -76.62 135.31 37.05
C GLY A 206 -75.50 134.73 37.80
N VAL A 207 -75.00 133.66 37.12
CA VAL A 207 -73.80 132.80 37.41
C VAL A 207 -73.27 132.40 36.08
N VAL A 208 -71.95 132.14 35.95
CA VAL A 208 -71.26 132.05 34.71
C VAL A 208 -70.25 130.95 34.96
N SER A 209 -69.97 130.04 33.95
CA SER A 209 -68.94 129.00 34.03
C SER A 209 -68.46 128.50 32.71
N GLY A 210 -67.75 127.37 32.70
CA GLY A 210 -67.54 126.66 31.53
C GLY A 210 -67.12 125.33 32.02
N THR A 211 -67.35 124.34 31.12
CA THR A 211 -67.36 122.90 31.50
C THR A 211 -67.24 122.07 30.24
N LEU A 212 -67.50 120.78 30.32
CA LEU A 212 -67.41 119.90 29.20
C LEU A 212 -68.66 119.12 29.40
N THR A 213 -69.28 118.65 28.25
CA THR A 213 -70.44 117.74 28.33
C THR A 213 -69.79 116.37 28.36
N SER A 214 -70.41 115.40 29.09
CA SER A 214 -70.01 114.05 29.14
C SER A 214 -70.18 113.44 27.75
N PHE A 215 -69.11 112.63 27.22
CA PHE A 215 -69.16 111.88 25.95
C PHE A 215 -68.25 110.62 26.16
N THR A 216 -68.27 109.70 25.10
CA THR A 216 -67.40 108.55 25.04
C THR A 216 -66.82 108.45 23.64
N LEU A 217 -65.54 108.15 23.51
CA LEU A 217 -65.03 107.89 22.18
C LEU A 217 -63.59 107.46 22.42
N GLY A 218 -63.01 106.73 21.41
CA GLY A 218 -61.57 106.32 21.59
C GLY A 218 -61.34 105.31 22.62
N GLY A 219 -62.45 104.72 23.23
CA GLY A 219 -62.48 103.73 24.26
C GLY A 219 -62.30 104.40 25.61
N GLN A 220 -62.81 105.63 25.78
CA GLN A 220 -62.64 106.19 27.13
C GLN A 220 -63.69 107.32 27.25
N SER A 221 -64.15 107.58 28.46
CA SER A 221 -65.00 108.67 28.78
C SER A 221 -64.21 109.83 29.32
N PHE A 222 -64.73 111.06 29.33
CA PHE A 222 -64.00 112.21 29.87
C PHE A 222 -65.09 113.03 30.43
N SER A 223 -64.94 113.75 31.56
CA SER A 223 -65.96 114.59 32.07
C SER A 223 -65.40 115.45 33.18
N GLY A 224 -65.90 116.70 33.46
CA GLY A 224 -65.52 117.40 34.66
C GLY A 224 -65.77 118.84 34.38
N SER A 225 -65.39 119.68 35.38
CA SER A 225 -65.62 121.12 35.43
C SER A 225 -64.40 121.63 36.12
N THR A 226 -64.48 122.89 36.62
CA THR A 226 -63.35 123.67 37.13
C THR A 226 -63.03 123.37 38.55
N VAL A 227 -61.87 123.67 39.09
CA VAL A 227 -61.71 123.84 40.49
C VAL A 227 -61.48 125.31 40.52
N PRO A 228 -62.52 126.13 40.69
CA PRO A 228 -62.75 127.45 39.98
C PRO A 228 -61.53 128.33 39.59
N VAL A 229 -61.47 128.83 38.35
CA VAL A 229 -60.49 129.63 37.65
C VAL A 229 -60.91 129.48 36.20
N ILE A 230 -61.61 130.45 35.61
CA ILE A 230 -62.50 130.22 34.53
C ILE A 230 -62.18 131.44 33.75
N LEU A 231 -63.12 132.40 33.54
CA LEU A 231 -62.93 133.56 32.69
C LEU A 231 -63.33 134.88 33.22
N TYR A 232 -64.34 134.73 34.09
CA TYR A 232 -64.80 135.78 34.95
C TYR A 232 -66.25 135.34 35.24
N ALA A 233 -66.69 135.56 36.51
CA ALA A 233 -68.03 135.09 36.86
C ALA A 233 -68.32 135.85 38.17
N PRO A 234 -69.66 136.12 38.35
CA PRO A 234 -70.21 136.48 39.64
C PRO A 234 -69.84 135.68 40.86
N PHE A 235 -69.62 136.37 41.98
CA PHE A 235 -68.79 135.85 42.95
C PHE A 235 -69.66 135.59 44.24
N ILE A 236 -71.02 135.50 44.06
CA ILE A 236 -71.95 134.89 44.96
C ILE A 236 -71.54 133.46 45.25
N PHE A 237 -71.87 132.90 46.44
CA PHE A 237 -71.50 131.52 46.82
C PHE A 237 -72.73 130.72 47.17
N SER A 238 -72.73 129.46 46.71
CA SER A 238 -73.82 128.54 46.88
C SER A 238 -73.63 127.93 48.20
N ASN A 239 -74.72 128.17 49.00
CA ASN A 239 -74.80 127.68 50.35
C ASN A 239 -75.64 126.47 50.50
N SER A 240 -75.59 125.65 49.40
CA SER A 240 -76.23 124.38 49.34
C SER A 240 -75.31 123.58 48.52
N PRO A 241 -74.94 122.34 48.96
CA PRO A 241 -75.33 121.66 50.15
C PRO A 241 -74.64 122.23 51.40
N TYR A 242 -73.32 122.34 51.43
CA TYR A 242 -72.52 123.00 52.44
C TYR A 242 -72.78 124.47 52.30
N GLN A 243 -72.59 125.19 53.43
CA GLN A 243 -73.13 126.54 53.60
C GLN A 243 -72.12 127.56 53.18
N ALA A 244 -70.95 127.04 52.84
CA ALA A 244 -69.82 127.74 52.26
C ALA A 244 -69.99 127.97 50.86
N GLY A 245 -69.38 127.12 49.99
CA GLY A 245 -69.17 127.41 48.56
C GLY A 245 -67.75 127.90 48.34
N LEU A 246 -66.86 127.32 49.14
CA LEU A 246 -65.43 127.60 49.03
C LEU A 246 -64.70 126.38 49.31
N TYR A 247 -63.50 126.35 48.70
CA TYR A 247 -62.67 125.19 48.86
C TYR A 247 -61.28 125.53 49.37
N ASN A 248 -60.60 124.53 49.97
CA ASN A 248 -59.44 124.83 50.80
C ASN A 248 -58.48 123.71 50.48
N PRO A 249 -57.49 123.92 49.61
CA PRO A 249 -56.37 123.01 49.47
C PRO A 249 -55.34 122.94 50.61
N MET A 250 -55.58 123.32 51.83
CA MET A 250 -54.62 123.49 52.86
C MET A 250 -55.05 122.74 54.08
N GLN A 251 -56.10 121.92 54.07
CA GLN A 251 -56.57 121.31 55.28
C GLN A 251 -56.14 119.93 55.00
N VAL A 252 -55.12 119.44 55.80
CA VAL A 252 -54.32 118.33 55.39
C VAL A 252 -54.70 117.20 56.36
N ASN A 253 -54.80 117.33 57.75
CA ASN A 253 -55.03 116.21 58.67
C ASN A 253 -56.03 116.71 59.74
N GLY A 254 -56.63 115.72 60.39
CA GLY A 254 -57.47 116.00 61.52
C GLY A 254 -56.96 115.09 62.58
N ASN A 255 -57.54 115.19 63.84
CA ASN A 255 -57.07 114.53 65.05
C ASN A 255 -58.14 114.28 66.00
N LEU A 256 -59.15 115.13 65.83
CA LEU A 256 -60.43 115.06 66.52
C LEU A 256 -61.55 115.08 65.56
N GLY A 257 -62.56 114.32 65.75
CA GLY A 257 -63.69 114.12 64.86
C GLY A 257 -65.01 114.32 65.49
N SER A 258 -64.90 114.61 66.82
CA SER A 258 -66.07 114.57 67.62
C SER A 258 -66.92 115.87 67.54
N LEU A 259 -66.45 117.01 67.02
CA LEU A 259 -67.01 118.28 67.49
C LEU A 259 -67.95 118.76 66.38
N SER A 260 -68.18 117.90 65.34
CA SER A 260 -68.92 118.00 64.12
C SER A 260 -69.05 116.57 63.56
N SER A 261 -69.76 116.41 62.41
CA SER A 261 -69.83 115.12 61.73
C SER A 261 -70.45 115.35 60.41
N GLU A 262 -70.53 116.62 59.96
CA GLU A 262 -71.21 117.05 58.80
C GLU A 262 -70.58 118.34 58.40
N ALA A 263 -70.91 118.69 57.13
CA ALA A 263 -70.60 119.96 56.59
C ALA A 263 -71.72 120.45 55.73
N TYR A 264 -72.95 120.19 56.10
CA TYR A 264 -74.17 120.55 55.46
C TYR A 264 -74.95 121.50 56.37
N TYR A 265 -74.27 122.08 57.39
CA TYR A 265 -74.56 123.25 58.21
C TYR A 265 -73.40 123.78 58.90
N HIS A 266 -72.21 123.12 58.64
CA HIS A 266 -71.01 123.50 59.38
C HIS A 266 -69.68 123.24 58.71
N PRO A 267 -69.38 123.78 57.50
CA PRO A 267 -68.00 123.90 56.97
C PRO A 267 -67.21 124.90 57.83
N VAL A 268 -65.85 124.84 57.88
CA VAL A 268 -65.08 125.51 58.92
C VAL A 268 -63.94 126.20 58.26
N ILE A 269 -63.08 126.78 59.09
CA ILE A 269 -61.99 127.67 58.66
C ILE A 269 -61.11 127.62 59.86
N TRP A 270 -59.80 127.88 59.67
CA TRP A 270 -58.86 128.15 60.70
C TRP A 270 -57.78 129.06 60.12
N GLY A 271 -57.26 130.01 60.96
CA GLY A 271 -55.88 130.47 61.04
C GLY A 271 -54.96 130.48 59.85
N ARG A 272 -53.62 130.25 60.09
CA ARG A 272 -52.57 130.29 59.15
C ARG A 272 -52.39 128.91 58.41
N ALA A 273 -53.40 128.03 58.59
CA ALA A 273 -53.62 126.97 57.60
C ALA A 273 -54.64 127.66 56.74
N LEU A 274 -54.27 127.88 55.48
CA LEU A 274 -54.75 129.07 54.79
C LEU A 274 -56.04 128.66 54.11
N ILE A 275 -56.75 129.64 53.57
CA ILE A 275 -57.93 129.33 52.68
C ILE A 275 -57.81 130.05 51.34
N ASN A 276 -57.88 129.31 50.20
CA ASN A 276 -57.85 129.80 48.83
C ASN A 276 -59.15 130.61 48.67
N THR A 277 -59.00 131.90 48.11
CA THR A 277 -60.14 132.71 47.76
C THR A 277 -59.75 133.08 46.41
N THR A 278 -60.67 133.49 45.46
CA THR A 278 -60.39 133.56 44.07
C THR A 278 -60.46 134.99 43.56
N LEU A 279 -59.27 135.76 43.53
CA LEU A 279 -59.25 137.20 43.25
C LEU A 279 -59.25 137.40 41.75
N ILE A 280 -60.49 137.67 41.16
CA ILE A 280 -60.67 137.91 39.77
C ILE A 280 -59.87 139.15 39.37
N ASP A 281 -59.03 139.07 38.31
CA ASP A 281 -58.29 140.20 37.75
C ASP A 281 -58.51 140.17 36.26
N THR A 282 -58.72 141.35 35.66
CA THR A 282 -58.83 141.60 34.30
C THR A 282 -57.89 142.68 34.03
N TYR A 283 -58.34 143.96 34.00
CA TYR A 283 -57.97 144.90 32.98
C TYR A 283 -56.79 145.77 33.35
N ALA A 284 -56.15 145.54 34.52
CA ALA A 284 -54.87 146.10 34.90
C ALA A 284 -53.70 145.57 34.16
N SER A 285 -52.74 146.44 33.99
CA SER A 285 -51.42 146.18 33.44
C SER A 285 -50.44 146.77 34.33
N GLY A 286 -49.40 145.89 34.47
CA GLY A 286 -48.19 146.10 35.25
C GLY A 286 -48.53 145.23 36.49
N SER A 287 -47.98 145.69 37.66
CA SER A 287 -48.15 145.04 38.96
C SER A 287 -49.45 145.59 39.46
N VAL A 288 -50.33 144.75 39.98
CA VAL A 288 -51.74 145.03 40.27
C VAL A 288 -51.92 145.00 41.74
N PRO A 289 -52.16 146.11 42.38
CA PRO A 289 -52.73 146.19 43.74
C PRO A 289 -53.97 145.31 43.97
N PHE A 290 -53.99 144.64 45.12
CA PHE A 290 -55.01 143.60 45.40
C PHE A 290 -55.31 143.69 46.84
N THR A 291 -56.58 143.23 47.21
CA THR A 291 -56.96 143.16 48.58
C THR A 291 -58.02 142.12 48.81
N PHE A 292 -58.27 141.69 50.12
CA PHE A 292 -59.05 140.58 50.55
C PHE A 292 -59.79 141.16 51.78
N GLN A 293 -60.84 140.49 52.31
CA GLN A 293 -61.65 140.95 53.40
C GLN A 293 -62.22 139.70 53.98
N LEU A 294 -62.47 139.77 55.30
CA LEU A 294 -62.96 138.83 56.23
C LEU A 294 -63.91 139.56 57.18
N ASN A 295 -64.86 138.83 57.79
CA ASN A 295 -65.85 139.28 58.72
C ASN A 295 -65.91 138.30 59.88
N TYR A 296 -65.65 138.70 61.21
CA TYR A 296 -65.56 137.75 62.34
C TYR A 296 -66.62 138.18 63.27
N SER A 297 -67.39 137.23 63.86
CA SER A 297 -68.49 137.58 64.75
C SER A 297 -68.76 136.41 65.72
N VAL A 298 -69.36 136.69 66.87
CA VAL A 298 -69.92 135.77 67.88
C VAL A 298 -71.34 136.25 67.88
N PRO A 299 -72.29 135.33 67.65
CA PRO A 299 -73.63 135.46 68.10
C PRO A 299 -73.72 135.50 69.59
N GLY A 300 -74.77 136.07 70.20
CA GLY A 300 -74.94 136.36 71.62
C GLY A 300 -73.92 137.30 72.20
N PRO A 301 -74.02 137.66 73.49
CA PRO A 301 -73.27 138.78 74.08
C PRO A 301 -71.94 138.33 74.58
N LEU A 302 -71.04 139.25 74.89
CA LEU A 302 -69.71 138.88 75.31
C LEU A 302 -69.32 139.93 76.34
N THR A 303 -68.47 139.61 77.36
CA THR A 303 -68.24 140.50 78.40
C THR A 303 -67.01 141.29 78.04
N ILE A 304 -67.19 142.56 77.58
CA ILE A 304 -66.14 143.42 77.03
C ILE A 304 -65.46 144.11 78.17
N ASN A 305 -64.12 144.22 78.11
CA ASN A 305 -63.40 144.90 79.19
C ASN A 305 -62.80 146.15 78.55
N MET A 306 -62.92 147.30 79.25
CA MET A 306 -62.47 148.60 78.89
C MET A 306 -62.02 149.42 80.04
N ALA A 307 -60.65 149.64 80.17
CA ALA A 307 -60.10 150.63 81.12
C ALA A 307 -60.62 152.05 80.87
N GLN A 308 -60.70 152.80 81.99
CA GLN A 308 -60.95 154.24 81.93
C GLN A 308 -59.72 155.00 81.55
N LEU A 309 -59.49 155.31 80.22
CA LEU A 309 -58.30 155.94 79.67
C LEU A 309 -58.15 157.31 80.30
N ALA A 310 -59.29 157.96 80.66
CA ALA A 310 -59.24 159.18 81.37
C ALA A 310 -60.61 159.48 81.80
N TRP A 311 -60.74 160.39 82.81
CA TRP A 311 -61.99 161.11 83.17
C TRP A 311 -61.77 162.56 82.76
N ILE A 312 -62.91 163.25 82.52
CA ILE A 312 -63.05 164.65 82.36
C ILE A 312 -64.34 164.85 83.06
N ALA A 313 -64.40 165.87 83.93
CA ALA A 313 -65.57 166.42 84.53
C ALA A 313 -65.48 167.80 84.93
N SER A 314 -66.59 168.54 84.89
CA SER A 314 -66.72 169.79 85.54
C SER A 314 -66.58 169.63 87.05
N ILE A 315 -65.95 170.63 87.74
CA ILE A 315 -65.39 170.50 89.09
C ILE A 315 -66.49 170.26 90.12
N ASN A 316 -67.80 170.70 89.85
CA ASN A 316 -68.90 170.53 90.76
C ASN A 316 -69.70 169.31 90.32
N ASN A 317 -69.18 168.51 89.35
CA ASN A 317 -69.65 167.29 89.00
C ASN A 317 -68.52 166.30 89.27
N LEU A 318 -67.57 166.78 90.12
CA LEU A 318 -66.69 165.87 90.78
C LEU A 318 -67.00 166.08 92.27
N PRO A 319 -67.04 165.01 93.11
CA PRO A 319 -67.02 165.08 94.57
C PRO A 319 -66.09 166.01 95.19
N THR A 320 -66.44 166.45 96.43
CA THR A 320 -65.92 167.69 96.98
C THR A 320 -64.55 167.39 97.58
N SER A 321 -64.13 166.09 97.56
CA SER A 321 -62.82 165.65 98.00
C SER A 321 -62.83 164.19 97.75
N PHE A 322 -61.66 163.59 97.47
CA PHE A 322 -61.62 162.09 97.39
C PHE A 322 -60.15 161.64 97.34
N THR A 323 -59.94 160.36 96.98
CA THR A 323 -58.63 159.76 96.84
C THR A 323 -58.44 159.31 95.39
N TYR A 324 -57.21 159.40 94.89
CA TYR A 324 -56.97 158.94 93.51
C TYR A 324 -55.51 158.88 93.35
N LEU A 325 -55.06 157.96 92.47
CA LEU A 325 -53.73 157.94 91.97
C LEU A 325 -53.90 157.30 90.58
N SER A 326 -53.34 157.90 89.53
CA SER A 326 -53.59 157.49 88.16
C SER A 326 -53.02 156.11 87.88
N TYR A 327 -53.61 155.50 86.82
CA TYR A 327 -53.27 154.23 86.32
C TYR A 327 -52.40 154.31 85.05
N LYS A 328 -51.17 153.63 85.06
CA LYS A 328 -50.17 153.54 84.01
C LYS A 328 -50.74 152.93 82.74
N PHE A 329 -50.50 153.51 81.55
CA PHE A 329 -50.76 152.85 80.29
C PHE A 329 -49.40 152.54 79.66
N SER A 330 -49.30 151.66 78.67
CA SER A 330 -48.11 150.86 78.47
C SER A 330 -47.23 151.48 77.41
N ASN A 331 -47.68 152.67 76.84
CA ASN A 331 -46.75 153.42 75.98
C ASN A 331 -46.17 154.63 76.70
N GLY A 332 -46.54 154.74 78.00
CA GLY A 332 -46.06 155.84 78.79
C GLY A 332 -47.09 156.76 79.16
N TYR A 333 -48.33 156.56 78.64
CA TYR A 333 -49.50 157.40 78.88
C TYR A 333 -50.09 157.01 80.25
N GLU A 334 -50.91 157.91 80.87
CA GLU A 334 -51.52 157.63 82.20
C GLU A 334 -52.96 158.05 81.96
N SER A 335 -53.87 157.68 82.93
CA SER A 335 -55.18 158.26 83.14
C SER A 335 -54.94 159.72 83.45
N PHE A 336 -55.95 160.56 83.50
CA PHE A 336 -55.78 161.91 83.98
C PHE A 336 -57.22 162.40 84.14
N LEU A 337 -57.29 163.69 84.56
CA LEU A 337 -58.59 164.36 84.76
C LEU A 337 -58.38 165.61 84.03
N GLY A 338 -59.40 166.01 83.23
CA GLY A 338 -59.61 167.28 82.58
C GLY A 338 -60.74 167.99 83.37
N ILE A 339 -60.42 169.01 84.18
CA ILE A 339 -61.44 169.74 84.92
C ILE A 339 -61.74 170.95 84.06
N ILE A 340 -63.04 171.38 84.07
CA ILE A 340 -63.50 172.61 83.45
C ILE A 340 -63.73 173.48 84.71
N SER A 341 -63.32 174.77 84.75
CA SER A 341 -63.57 175.67 85.84
C SER A 341 -63.43 177.05 85.12
N ASN A 342 -64.44 177.88 85.25
CA ASN A 342 -64.49 179.26 84.73
C ASN A 342 -63.29 180.12 85.02
N SER A 343 -62.69 179.98 86.24
CA SER A 343 -61.34 180.43 86.66
C SER A 343 -60.22 180.62 85.61
N THR A 344 -59.47 181.70 85.75
CA THR A 344 -58.27 182.06 85.00
C THR A 344 -57.22 181.00 85.17
N GLN A 345 -56.99 180.56 86.43
CA GLN A 345 -56.26 179.32 86.65
C GLN A 345 -56.93 178.68 87.77
N LEU A 346 -57.18 177.32 87.65
CA LEU A 346 -57.41 176.42 88.71
C LEU A 346 -56.31 176.56 89.69
N THR A 347 -56.72 176.60 91.01
CA THR A 347 -55.69 176.83 92.03
C THR A 347 -55.50 175.41 92.42
N ALA A 348 -54.36 174.86 92.05
CA ALA A 348 -54.01 173.53 92.19
C ALA A 348 -53.32 173.30 93.52
N GLY A 349 -53.70 173.98 94.61
CA GLY A 349 -53.07 173.92 95.84
C GLY A 349 -51.77 174.67 95.83
N ALA A 350 -50.66 173.95 96.03
CA ALA A 350 -49.33 174.46 96.05
C ALA A 350 -48.97 174.97 94.72
N LEU A 351 -49.30 174.16 93.69
CA LEU A 351 -49.06 174.55 92.31
C LEU A 351 -50.09 175.44 91.81
N THR A 352 -49.99 175.98 90.53
CA THR A 352 -51.05 176.54 89.75
C THR A 352 -50.72 175.94 88.42
N ILE A 353 -51.78 175.88 87.61
CA ILE A 353 -51.59 175.16 86.35
C ILE A 353 -51.76 176.18 85.27
N ASN A 354 -50.73 176.18 84.36
CA ASN A 354 -50.68 176.83 83.02
C ASN A 354 -51.93 176.43 82.17
N PRO A 355 -52.32 177.23 81.12
CA PRO A 355 -53.13 176.87 79.92
C PRO A 355 -52.83 175.45 79.41
N SER A 356 -53.86 174.58 79.33
CA SER A 356 -53.80 173.46 78.42
C SER A 356 -54.92 173.63 77.35
N GLY A 357 -55.98 174.35 77.73
CA GLY A 357 -56.85 174.95 76.75
C GLY A 357 -57.53 176.04 77.51
N ASN A 358 -58.14 176.92 76.73
CA ASN A 358 -59.23 177.81 77.14
C ASN A 358 -60.28 177.83 76.04
N PHE A 359 -61.55 178.28 76.35
CA PHE A 359 -62.64 178.48 75.41
C PHE A 359 -63.71 179.23 76.09
N THR A 360 -64.80 179.50 75.35
CA THR A 360 -65.73 180.51 75.81
C THR A 360 -67.14 180.02 75.34
N ILE A 361 -68.18 180.30 76.14
CA ILE A 361 -69.55 179.98 75.72
C ILE A 361 -70.48 180.97 76.48
N ASN A 362 -71.21 181.76 75.79
CA ASN A 362 -72.01 182.87 76.15
C ASN A 362 -71.49 183.78 77.18
N GLY A 363 -70.29 184.41 76.97
CA GLY A 363 -69.74 185.37 77.90
C GLY A 363 -69.10 184.73 79.08
N LYS A 364 -68.87 183.38 79.03
CA LYS A 364 -68.22 182.66 80.08
C LYS A 364 -67.10 182.00 79.49
N LYS A 365 -65.91 182.39 79.95
CA LYS A 365 -64.68 181.69 79.63
C LYS A 365 -64.39 180.63 80.58
N PHE A 366 -63.82 179.52 80.00
CA PHE A 366 -63.36 178.49 80.97
C PHE A 366 -61.94 178.10 80.43
N TYR A 367 -61.25 177.23 81.20
CA TYR A 367 -59.89 176.82 81.09
C TYR A 367 -59.80 175.38 81.48
N VAL A 368 -59.52 174.41 80.54
CA VAL A 368 -59.61 172.96 80.75
C VAL A 368 -58.23 172.50 80.77
N TYR A 369 -57.81 171.66 81.82
CA TYR A 369 -56.44 171.35 82.12
C TYR A 369 -56.30 169.86 82.23
N LEU A 370 -55.54 169.22 81.31
CA LEU A 370 -55.22 167.87 81.45
C LEU A 370 -54.12 167.60 82.46
N LEU A 371 -54.29 166.61 83.43
CA LEU A 371 -53.54 166.46 84.62
C LEU A 371 -53.52 165.05 85.03
N VAL A 372 -52.28 164.47 84.90
CA VAL A 372 -52.00 163.19 85.54
C VAL A 372 -51.80 163.41 87.01
N VAL A 373 -52.14 162.37 87.80
CA VAL A 373 -51.97 162.35 89.23
C VAL A 373 -50.76 161.51 89.45
N GLY A 374 -49.61 162.17 89.37
CA GLY A 374 -48.33 161.61 89.75
C GLY A 374 -48.16 161.51 91.17
N SER A 375 -46.89 161.24 91.54
CA SER A 375 -46.35 161.29 92.93
C SER A 375 -45.64 162.59 93.06
N THR A 376 -45.88 163.52 92.11
CA THR A 376 -45.17 164.77 92.02
C THR A 376 -46.17 165.61 91.17
N ASN A 377 -46.25 166.92 91.35
CA ASN A 377 -46.95 167.74 90.41
C ASN A 377 -45.93 168.11 89.38
N SER A 378 -46.37 168.74 88.26
CA SER A 378 -45.42 169.31 87.25
C SER A 378 -46.27 170.28 86.36
N THR A 379 -45.62 171.17 85.59
CA THR A 379 -46.20 172.25 84.82
C THR A 379 -45.48 172.52 83.56
N THR A 380 -44.81 171.39 83.12
CA THR A 380 -44.31 171.12 81.79
C THR A 380 -44.80 169.77 81.31
N PRO A 381 -45.04 169.56 80.01
CA PRO A 381 -45.59 168.27 79.54
C PRO A 381 -45.11 166.92 80.06
N VAL A 382 -46.02 165.87 80.07
CA VAL A 382 -45.64 164.48 80.37
C VAL A 382 -46.25 163.76 79.24
N GLU A 383 -47.36 164.32 78.67
CA GLU A 383 -47.96 163.73 77.54
C GLU A 383 -48.54 164.92 76.76
N TYR A 384 -49.41 164.64 75.73
CA TYR A 384 -50.10 165.65 75.02
C TYR A 384 -51.39 165.04 74.64
N VAL A 385 -52.34 165.76 73.98
CA VAL A 385 -53.51 165.33 73.36
C VAL A 385 -53.44 165.93 72.00
N THR A 386 -53.92 165.27 70.97
CA THR A 386 -54.06 165.97 69.64
C THR A 386 -55.49 165.89 69.35
N LYS A 387 -56.09 167.05 69.22
CA LYS A 387 -57.46 167.36 68.93
C LYS A 387 -58.48 166.50 69.68
N LEU A 388 -59.08 167.00 70.83
CA LEU A 388 -60.12 166.34 71.56
C LEU A 388 -61.30 167.21 71.37
N VAL A 389 -62.38 166.63 70.91
CA VAL A 389 -63.58 167.38 70.53
C VAL A 389 -64.46 167.37 71.78
N VAL A 390 -64.70 168.58 72.33
CA VAL A 390 -65.67 168.77 73.32
C VAL A 390 -66.96 169.41 72.71
N GLU A 391 -68.13 168.97 73.27
CA GLU A 391 -69.41 169.40 72.75
C GLU A 391 -70.08 170.35 73.71
N TYR A 392 -71.06 171.09 73.08
CA TYR A 392 -71.88 171.99 73.89
C TYR A 392 -72.93 172.36 72.91
N PRO A 393 -74.30 172.33 73.17
CA PRO A 393 -75.39 172.82 72.36
C PRO A 393 -75.20 174.26 72.01
N SER A 394 -75.79 174.64 70.83
CA SER A 394 -75.89 175.93 70.30
C SER A 394 -76.85 176.74 71.22
N SER A 395 -76.61 178.03 71.37
CA SER A 395 -77.12 178.90 72.35
C SER A 395 -78.64 178.91 72.27
N THR A 396 -79.28 179.01 71.06
CA THR A 396 -80.76 179.10 70.87
C THR A 396 -81.36 178.09 69.94
N ASN A 397 -80.53 177.15 69.36
CA ASN A 397 -80.78 176.30 68.24
C ASN A 397 -80.62 174.86 68.56
N PHE A 398 -79.67 174.65 69.43
CA PHE A 398 -79.41 173.49 70.31
C PHE A 398 -78.72 172.44 69.43
N LEU A 399 -78.05 172.90 68.36
CA LEU A 399 -77.21 172.17 67.49
C LEU A 399 -75.91 171.72 68.05
N PRO A 400 -75.36 170.49 67.69
CA PRO A 400 -73.98 170.14 68.02
C PRO A 400 -72.93 171.09 67.58
N GLN A 401 -72.03 171.51 68.45
CA GLN A 401 -70.99 172.46 68.16
C GLN A 401 -69.62 171.96 68.59
N GLY A 402 -68.76 171.62 67.60
CA GLY A 402 -67.49 170.94 67.92
C GLY A 402 -66.41 172.01 68.09
N VAL A 403 -65.45 171.77 69.05
CA VAL A 403 -64.24 172.55 69.27
C VAL A 403 -63.19 171.65 69.88
N THR A 404 -61.89 172.05 69.71
CA THR A 404 -60.73 171.60 70.39
C THR A 404 -60.52 172.71 71.41
N VAL A 405 -60.08 172.34 72.62
CA VAL A 405 -59.94 173.38 73.63
C VAL A 405 -58.39 173.81 73.48
N THR A 406 -58.23 175.07 73.08
CA THR A 406 -56.98 175.56 72.63
C THR A 406 -56.70 176.87 73.23
N THR A 407 -55.39 177.12 73.57
CA THR A 407 -54.87 178.14 74.41
C THR A 407 -54.70 179.42 73.68
N SER A 408 -54.80 180.63 74.41
CA SER A 408 -54.71 181.84 73.75
C SER A 408 -53.29 182.31 73.91
N SER A 409 -52.41 181.53 74.62
CA SER A 409 -50.97 181.68 74.45
C SER A 409 -50.52 180.92 73.22
N ASN A 410 -51.32 179.88 72.84
CA ASN A 410 -51.35 179.14 71.55
C ASN A 410 -50.52 177.90 71.53
N LYS A 411 -51.25 176.72 71.63
CA LYS A 411 -50.68 175.40 71.57
C LYS A 411 -51.93 174.57 71.02
N TYR A 412 -51.69 173.41 70.33
CA TYR A 412 -52.69 172.54 69.73
C TYR A 412 -52.44 171.10 70.09
N THR A 413 -51.15 170.70 70.41
CA THR A 413 -50.89 169.51 71.12
C THR A 413 -50.92 169.84 72.59
N LEU A 414 -52.05 169.55 73.18
CA LEU A 414 -52.58 169.99 74.44
C LEU A 414 -51.75 169.46 75.63
N PRO A 415 -51.06 170.26 76.43
CA PRO A 415 -50.05 169.74 77.34
C PRO A 415 -50.55 169.05 78.61
N VAL A 416 -50.39 167.71 78.62
CA VAL A 416 -50.85 166.99 79.76
C VAL A 416 -49.89 167.05 80.94
N TYR A 417 -50.23 167.92 81.91
CA TYR A 417 -49.49 168.22 83.13
C TYR A 417 -49.70 167.12 84.12
N GLU A 418 -49.10 167.30 85.35
CA GLU A 418 -49.42 166.55 86.54
C GLU A 418 -49.93 167.46 87.69
N ILE A 419 -50.78 166.89 88.61
CA ILE A 419 -51.03 167.47 89.92
C ILE A 419 -50.67 166.30 90.75
N GLY A 420 -50.61 166.58 92.07
CA GLY A 420 -50.69 165.57 93.06
C GLY A 420 -49.36 165.11 93.41
N GLY A 421 -48.87 165.48 94.65
CA GLY A 421 -47.55 165.12 95.05
C GLY A 421 -47.55 163.76 95.68
N PRO A 422 -46.61 163.35 96.53
CA PRO A 422 -46.41 162.01 97.01
C PRO A 422 -47.50 161.38 97.76
N ALA A 423 -47.64 160.01 97.86
CA ALA A 423 -48.82 159.47 98.59
C ALA A 423 -48.92 159.79 100.05
N GLY A 424 -50.12 160.11 100.44
CA GLY A 424 -50.39 160.71 101.76
C GLY A 424 -50.62 162.19 101.70
N THR A 425 -50.32 163.00 100.60
CA THR A 425 -50.45 164.43 100.50
C THR A 425 -51.93 164.85 100.61
N THR A 426 -52.10 166.22 100.69
CA THR A 426 -53.38 166.97 100.68
C THR A 426 -53.19 168.15 99.72
N ILE A 427 -53.83 168.12 98.52
CA ILE A 427 -53.59 169.10 97.50
C ILE A 427 -54.91 169.34 96.84
N THR A 428 -55.36 170.63 97.02
CA THR A 428 -56.72 171.00 96.92
C THR A 428 -56.79 171.79 95.62
N LEU A 429 -57.31 171.17 94.50
CA LEU A 429 -57.62 171.85 93.29
C LEU A 429 -58.91 172.62 93.49
N THR A 430 -58.74 173.96 93.72
CA THR A 430 -59.79 174.84 93.99
C THR A 430 -59.98 175.71 92.81
N GLY A 431 -60.78 175.36 91.84
CA GLY A 431 -60.95 176.19 90.70
C GLY A 431 -62.32 176.76 90.88
N ASN A 432 -62.59 177.97 90.33
CA ASN A 432 -63.85 178.62 90.33
C ASN A 432 -64.82 177.96 89.37
N TRP A 433 -65.70 177.02 89.95
CA TRP A 433 -66.87 176.71 89.12
C TRP A 433 -67.83 177.88 89.30
N TYR A 434 -68.12 178.48 88.13
CA TYR A 434 -68.72 179.75 88.06
C TYR A 434 -67.91 180.82 88.69
N SER A 435 -68.46 181.65 89.63
CA SER A 435 -67.69 182.43 90.58
C SER A 435 -67.24 181.69 91.86
N THR A 436 -67.93 180.60 92.23
CA THR A 436 -67.74 179.78 93.47
C THR A 436 -66.44 179.03 93.38
N PRO A 437 -65.51 179.24 94.34
CA PRO A 437 -64.34 178.40 94.52
C PRO A 437 -64.63 177.03 95.08
N TYR A 438 -65.26 176.15 94.23
CA TYR A 438 -65.46 174.74 94.61
C TYR A 438 -64.24 173.98 94.91
N THR A 439 -64.25 173.02 95.85
CA THR A 439 -63.02 172.31 96.18
C THR A 439 -63.12 170.91 95.68
N VAL A 440 -61.97 170.39 95.13
CA VAL A 440 -61.82 168.99 95.00
C VAL A 440 -60.48 168.71 95.36
N GLN A 441 -60.33 168.01 96.47
CA GLN A 441 -59.06 167.84 97.18
C GLN A 441 -58.63 166.40 96.72
N ILE A 442 -57.32 166.19 96.45
CA ILE A 442 -56.78 164.87 96.07
C ILE A 442 -55.84 164.47 97.16
N THR A 443 -56.10 163.29 97.71
CA THR A 443 -55.05 162.57 98.48
C THR A 443 -54.50 161.50 97.46
N VAL A 444 -53.21 161.63 97.09
CA VAL A 444 -52.47 160.67 96.25
C VAL A 444 -52.52 159.31 97.00
N GLY A 445 -53.19 158.38 96.25
CA GLY A 445 -53.64 157.07 96.67
C GLY A 445 -52.41 156.22 96.88
N SER A 446 -52.57 155.24 97.77
CA SER A 446 -51.64 154.21 97.99
C SER A 446 -51.77 152.92 97.10
N THR A 447 -52.56 153.05 96.01
CA THR A 447 -52.57 152.15 94.87
C THR A 447 -53.22 152.94 93.76
N PRO A 448 -53.05 152.72 92.44
CA PRO A 448 -53.85 153.23 91.35
C PRO A 448 -55.31 152.97 91.45
N THR A 449 -56.12 154.01 91.08
CA THR A 449 -57.52 154.00 91.38
C THR A 449 -58.04 154.25 89.92
N LEU A 450 -59.06 153.41 89.54
CA LEU A 450 -59.53 153.53 88.12
C LEU A 450 -60.85 152.92 88.14
N THR A 451 -61.65 153.15 87.10
CA THR A 451 -62.94 152.61 86.87
C THR A 451 -62.74 151.84 85.60
N ASN A 452 -63.26 150.54 85.55
CA ASN A 452 -63.24 149.83 84.28
C ASN A 452 -64.76 149.44 84.06
N TYR A 453 -65.09 149.08 82.82
CA TYR A 453 -66.46 148.81 82.33
C TYR A 453 -66.61 147.41 81.91
N VAL A 454 -67.61 146.68 82.52
CA VAL A 454 -67.85 145.35 82.13
C VAL A 454 -69.20 145.48 81.48
N SER A 455 -69.23 145.50 80.16
CA SER A 455 -70.41 145.73 79.38
C SER A 455 -70.59 144.57 78.43
N GLN A 456 -71.86 144.22 78.31
CA GLN A 456 -72.28 143.09 77.50
C GLN A 456 -72.59 143.64 76.09
N ILE A 457 -71.67 143.43 75.16
CA ILE A 457 -71.61 143.96 73.86
C ILE A 457 -71.18 142.82 72.95
N LEU A 458 -71.93 142.64 71.87
CA LEU A 458 -71.51 141.98 70.69
C LEU A 458 -70.64 142.89 69.84
N LEU A 459 -69.32 142.58 69.72
CA LEU A 459 -68.46 143.32 68.79
C LEU A 459 -68.40 142.55 67.49
N LYS A 460 -67.97 143.24 66.44
CA LYS A 460 -67.67 142.64 65.19
C LYS A 460 -66.48 143.36 64.75
N ALA A 461 -65.79 142.70 63.81
CA ALA A 461 -64.58 143.09 63.24
C ALA A 461 -64.52 142.79 61.86
N VAL A 462 -63.90 143.57 61.04
CA VAL A 462 -63.76 143.37 59.64
C VAL A 462 -62.31 143.54 59.40
N ALA A 463 -61.65 142.51 58.74
CA ALA A 463 -60.26 142.35 58.71
C ALA A 463 -59.95 142.26 57.17
N TYR A 464 -58.71 142.66 56.88
CA TYR A 464 -58.29 142.79 55.53
C TYR A 464 -57.08 141.99 55.36
N GLU A 465 -56.47 142.08 54.12
CA GLU A 465 -55.16 141.50 53.80
C GLU A 465 -54.84 141.96 52.46
N GLY A 466 -53.56 142.34 52.22
CA GLY A 466 -53.10 143.00 51.01
C GLY A 466 -52.15 142.16 50.39
N ILE A 467 -51.86 142.32 49.08
CA ILE A 467 -50.86 141.65 48.42
C ILE A 467 -50.74 142.41 47.09
N ASN A 468 -49.66 142.00 46.36
CA ASN A 468 -49.31 142.63 45.13
C ASN A 468 -48.28 141.79 44.50
N VAL A 469 -48.88 140.76 43.82
CA VAL A 469 -48.19 139.72 43.16
C VAL A 469 -48.22 140.01 41.69
N SER A 470 -47.07 139.87 41.08
CA SER A 470 -46.91 140.10 39.63
C SER A 470 -46.52 138.84 38.88
N THR A 471 -46.65 137.69 39.53
CA THR A 471 -46.50 136.44 38.85
C THR A 471 -47.97 136.13 38.85
N THR A 472 -48.30 135.50 37.75
CA THR A 472 -49.65 135.49 37.22
C THR A 472 -50.27 134.11 37.61
N GLN A 473 -51.59 134.17 37.88
CA GLN A 473 -52.46 133.05 38.07
C GLN A 473 -53.75 133.40 37.46
N SER A 474 -53.86 134.65 36.89
CA SER A 474 -54.97 135.30 36.20
C SER A 474 -55.99 134.40 35.46
N PRO A 475 -57.27 134.71 35.43
CA PRO A 475 -57.88 135.95 35.96
C PRO A 475 -57.92 135.92 37.46
N TYR A 476 -58.50 134.79 38.03
CA TYR A 476 -58.63 134.47 39.43
C TYR A 476 -57.22 134.17 39.86
N TYR A 477 -56.50 135.20 40.38
CA TYR A 477 -55.40 134.99 41.27
C TYR A 477 -55.80 134.38 42.59
N SER A 478 -56.08 133.11 42.49
CA SER A 478 -56.54 132.21 43.52
C SER A 478 -55.38 131.88 44.34
N THR A 479 -55.23 132.52 45.52
CA THR A 479 -54.14 132.39 46.37
C THR A 479 -54.79 132.34 47.75
N ALA A 480 -53.96 132.12 48.75
CA ALA A 480 -54.42 131.62 50.00
C ALA A 480 -54.27 132.79 51.00
N ILE A 481 -55.36 133.05 51.71
CA ILE A 481 -55.56 134.14 52.60
C ILE A 481 -55.47 133.45 53.95
N LEU A 482 -54.67 134.10 54.77
CA LEU A 482 -54.57 134.00 56.25
C LEU A 482 -55.83 134.56 56.89
N SER A 483 -56.27 133.93 58.06
CA SER A 483 -57.39 134.43 58.84
C SER A 483 -56.92 135.28 60.02
N THR A 484 -55.61 135.48 60.12
CA THR A 484 -54.99 136.02 61.31
C THR A 484 -53.84 136.89 60.75
N PRO A 485 -54.06 138.17 60.44
CA PRO A 485 -53.15 138.89 59.53
C PRO A 485 -52.26 139.87 60.23
N PRO A 486 -51.16 140.34 59.63
CA PRO A 486 -50.56 141.54 59.97
C PRO A 486 -51.14 142.66 59.08
N SER A 487 -52.50 142.96 59.20
CA SER A 487 -53.04 144.10 58.52
C SER A 487 -54.16 144.56 59.42
N GLU A 488 -54.35 145.82 59.44
CA GLU A 488 -55.37 146.47 60.30
C GLU A 488 -56.80 145.96 60.27
N ILE A 489 -57.44 145.96 61.44
CA ILE A 489 -58.77 145.40 61.64
C ILE A 489 -59.52 146.60 62.09
N SER A 490 -60.80 146.81 61.69
CA SER A 490 -61.66 147.86 62.23
C SER A 490 -62.57 147.09 63.09
N ILE A 491 -62.86 147.65 64.25
CA ILE A 491 -63.63 147.01 65.32
C ILE A 491 -64.86 147.86 65.50
N THR A 492 -66.06 147.33 65.19
CA THR A 492 -67.24 148.16 65.17
C THR A 492 -68.12 147.44 66.26
N GLY A 493 -68.63 148.29 67.20
CA GLY A 493 -69.63 147.87 68.14
C GLY A 493 -70.57 149.00 68.25
N SER A 494 -71.63 148.74 69.05
CA SER A 494 -72.74 149.61 69.25
C SER A 494 -73.09 149.49 70.75
N SER A 495 -73.74 150.54 71.23
CA SER A 495 -74.33 150.50 72.55
C SER A 495 -75.34 151.60 72.34
N THR A 496 -75.97 152.10 73.38
CA THR A 496 -77.08 153.08 73.32
C THR A 496 -76.60 154.24 74.20
N ILE A 497 -76.77 155.50 73.79
CA ILE A 497 -76.59 156.69 74.60
C ILE A 497 -77.96 157.19 74.84
N THR A 498 -78.22 157.59 76.13
CA THR A 498 -79.53 158.06 76.47
C THR A 498 -79.16 159.22 77.26
N ALA A 499 -80.05 160.24 77.38
CA ALA A 499 -79.85 161.51 78.09
C ALA A 499 -81.03 161.90 78.80
N GLN A 500 -81.00 162.05 80.18
CA GLN A 500 -82.11 162.22 80.93
C GLN A 500 -81.93 163.59 81.71
N GLY A 501 -83.07 164.27 82.06
CA GLY A 501 -82.99 165.56 82.79
C GLY A 501 -84.32 165.91 83.42
N LYS A 502 -84.33 166.29 84.74
CA LYS A 502 -85.44 167.11 85.38
C LYS A 502 -85.44 168.56 84.93
N LEU A 503 -86.28 168.94 83.92
CA LEU A 503 -86.52 170.35 83.58
C LEU A 503 -87.31 171.00 84.73
N THR A 504 -86.62 171.96 85.42
CA THR A 504 -87.27 172.77 86.43
C THR A 504 -87.83 173.99 85.78
N ALA A 505 -87.06 175.13 85.77
CA ALA A 505 -87.34 176.42 85.10
C ALA A 505 -86.26 177.49 85.34
N THR A 506 -85.17 177.15 86.08
CA THR A 506 -84.06 178.03 86.39
C THR A 506 -82.90 177.14 86.74
N SER A 507 -83.00 175.82 86.58
CA SER A 507 -82.05 174.83 86.90
C SER A 507 -82.33 173.68 85.90
N ALA A 508 -81.53 172.66 86.10
CA ALA A 508 -81.58 171.42 85.44
C ALA A 508 -80.50 170.51 85.77
N SER A 509 -80.72 169.70 86.85
CA SER A 509 -80.11 168.42 87.23
C SER A 509 -80.36 167.45 86.14
N ALA A 510 -79.43 166.54 85.83
CA ALA A 510 -79.59 165.76 84.61
C ALA A 510 -78.57 164.66 84.73
N THR A 511 -78.57 163.76 83.70
CA THR A 511 -77.61 162.74 83.63
C THR A 511 -77.52 162.16 82.19
N VAL A 512 -76.48 161.36 81.85
CA VAL A 512 -76.30 160.64 80.60
C VAL A 512 -75.77 159.25 80.89
N ASN A 513 -76.18 158.32 80.08
CA ASN A 513 -76.02 156.91 80.16
C ASN A 513 -75.48 156.51 78.80
N LEU A 514 -74.52 155.60 78.77
CA LEU A 514 -73.92 155.10 77.60
C LEU A 514 -73.19 153.82 77.99
N LEU A 515 -72.70 153.06 76.93
CA LEU A 515 -71.80 151.89 77.12
C LEU A 515 -72.52 150.74 77.82
N THR A 516 -73.88 150.85 77.95
CA THR A 516 -74.73 149.89 78.71
C THR A 516 -74.55 149.95 80.20
N ASN A 517 -73.38 150.43 80.82
CA ASN A 517 -73.24 150.40 82.30
C ASN A 517 -72.36 151.54 82.73
N ALA A 518 -72.23 152.54 81.85
CA ALA A 518 -71.38 153.70 82.06
C ALA A 518 -72.34 154.90 82.01
N THR A 519 -71.99 156.01 82.75
CA THR A 519 -72.99 157.05 83.00
C THR A 519 -72.17 158.15 83.60
N LEU A 520 -72.66 159.39 83.38
CA LEU A 520 -72.15 160.59 83.90
C LEU A 520 -73.21 161.53 84.38
N THR A 521 -72.83 162.35 85.39
CA THR A 521 -73.83 163.06 86.27
C THR A 521 -73.51 164.53 86.28
N TYR A 522 -74.64 165.34 86.20
CA TYR A 522 -74.64 166.72 86.15
C TYR A 522 -75.35 167.19 87.39
N GLU A 523 -75.01 168.44 87.75
CA GLU A 523 -75.73 169.13 88.76
C GLU A 523 -76.17 170.38 87.99
N ASN A 524 -76.96 171.22 88.73
CA ASN A 524 -77.84 172.28 88.26
C ASN A 524 -77.25 173.04 87.03
N ILE A 525 -78.06 173.25 86.00
CA ILE A 525 -77.68 173.85 84.72
C ILE A 525 -78.66 175.04 84.63
N PRO A 526 -78.23 176.29 84.60
CA PRO A 526 -79.14 177.37 84.61
C PRO A 526 -79.53 177.85 83.27
N LEU A 527 -80.48 178.78 83.16
CA LEU A 527 -80.77 179.42 81.83
C LEU A 527 -79.59 180.07 81.17
N THR A 528 -79.49 179.89 79.84
CA THR A 528 -78.37 180.25 78.93
C THR A 528 -77.06 179.72 79.44
N GLN A 529 -76.91 178.71 80.30
CA GLN A 529 -75.69 178.28 80.92
C GLN A 529 -75.54 176.76 80.89
N TYR A 530 -74.35 176.26 81.35
CA TYR A 530 -73.93 174.94 81.00
C TYR A 530 -73.39 174.09 82.09
N SER A 531 -73.04 172.77 81.85
CA SER A 531 -72.23 171.86 82.55
C SER A 531 -71.77 170.85 81.52
N PHE A 532 -70.63 170.15 81.77
CA PHE A 532 -69.98 169.24 80.81
C PHE A 532 -69.45 168.01 81.59
N ASN A 533 -69.47 166.84 80.95
CA ASN A 533 -68.81 165.68 81.60
C ASN A 533 -68.43 164.83 80.47
N GLY A 534 -67.33 164.08 80.65
CA GLY A 534 -66.62 163.24 79.68
C GLY A 534 -66.02 161.95 80.19
N ILE A 535 -65.93 160.93 79.30
CA ILE A 535 -65.17 159.67 79.62
C ILE A 535 -64.58 159.24 78.34
N ILE A 536 -63.29 158.76 78.38
CA ILE A 536 -62.53 158.23 77.26
C ILE A 536 -62.34 156.83 77.71
N VAL A 537 -62.60 155.89 76.72
CA VAL A 537 -62.45 154.45 76.88
C VAL A 537 -61.19 153.90 76.13
N THR A 538 -60.59 152.80 76.64
CA THR A 538 -59.61 152.00 75.90
C THR A 538 -59.86 150.52 76.30
N PRO A 539 -59.53 149.54 75.47
CA PRO A 539 -59.51 148.13 75.87
C PRO A 539 -58.53 147.94 76.96
N GLY A 540 -58.73 147.07 77.94
CA GLY A 540 -58.19 147.14 79.23
C GLY A 540 -57.41 145.89 79.28
N TYR A 541 -56.47 145.82 78.30
CA TYR A 541 -55.72 144.65 78.02
C TYR A 541 -54.29 144.95 78.15
N ALA A 542 -53.33 144.00 78.07
CA ALA A 542 -51.95 144.29 78.27
C ALA A 542 -51.45 144.91 77.00
N ALA A 543 -51.99 144.67 75.80
CA ALA A 543 -51.38 144.96 74.55
C ALA A 543 -52.22 145.98 73.78
N ILE A 544 -53.32 146.56 74.39
CA ILE A 544 -54.25 147.32 73.61
C ILE A 544 -54.79 148.42 74.51
N ASN A 545 -54.31 148.52 75.76
CA ASN A 545 -54.69 149.65 76.63
C ASN A 545 -53.81 150.86 76.42
N GLY A 546 -54.44 151.94 76.10
CA GLY A 546 -53.77 153.15 75.85
C GLY A 546 -52.97 153.09 74.57
N THR A 547 -53.41 152.36 73.52
CA THR A 547 -52.79 152.54 72.24
C THR A 547 -53.92 152.75 71.20
N THR A 548 -55.15 152.37 71.52
CA THR A 548 -56.38 152.73 70.85
C THR A 548 -57.14 153.51 71.88
N ALA A 549 -57.92 154.50 71.47
CA ALA A 549 -58.75 155.26 72.36
C ALA A 549 -60.12 155.55 71.71
N MET A 550 -61.10 156.05 72.51
CA MET A 550 -62.39 156.39 72.03
C MET A 550 -62.98 157.42 73.05
N ALA A 551 -62.98 158.73 72.72
CA ALA A 551 -63.51 159.82 73.59
C ALA A 551 -64.94 160.19 73.39
N TYR A 552 -65.60 160.70 74.52
CA TYR A 552 -66.94 161.15 74.49
C TYR A 552 -66.97 162.20 75.55
N VAL A 553 -66.93 163.58 75.22
CA VAL A 553 -67.09 164.69 76.13
C VAL A 553 -68.29 165.41 75.74
N ILE A 554 -69.25 165.54 76.65
CA ILE A 554 -70.67 165.76 76.37
C ILE A 554 -70.83 167.07 77.08
N GLY A 555 -71.67 167.99 76.57
CA GLY A 555 -71.97 169.32 77.05
C GLY A 555 -73.41 169.31 77.02
N ALA A 556 -74.05 170.01 78.03
CA ALA A 556 -75.44 170.01 78.27
C ALA A 556 -75.78 171.50 78.46
N LEU A 557 -76.91 172.00 77.96
CA LEU A 557 -77.37 173.43 78.02
C LEU A 557 -78.74 173.45 78.57
N TYR A 558 -79.03 174.28 79.58
CA TYR A 558 -80.40 174.54 79.90
C TYR A 558 -80.67 175.87 79.36
N ASN A 559 -81.88 176.06 78.64
CA ASN A 559 -82.40 177.33 78.17
C ASN A 559 -83.79 177.09 77.77
N LYS A 560 -84.32 178.10 77.04
CA LYS A 560 -85.67 178.16 76.71
C LYS A 560 -85.62 178.91 75.42
N THR A 561 -86.45 178.44 74.48
CA THR A 561 -86.92 179.15 73.31
C THR A 561 -88.39 179.58 73.56
N SER A 562 -89.42 178.71 73.21
CA SER A 562 -90.90 178.89 73.48
C SER A 562 -91.13 178.12 74.76
N ASP A 563 -91.42 176.74 74.68
CA ASP A 563 -91.27 175.67 75.69
C ASP A 563 -89.79 175.56 76.14
N TYR A 564 -89.62 175.16 77.43
CA TYR A 564 -88.39 174.94 78.14
C TYR A 564 -87.66 173.78 77.57
N VAL A 565 -86.33 174.00 77.34
CA VAL A 565 -85.55 172.96 76.72
C VAL A 565 -84.26 172.63 77.40
N LEU A 566 -84.04 171.37 77.72
CA LEU A 566 -82.68 170.86 77.96
C LEU A 566 -82.16 170.30 76.70
N SER A 567 -80.84 170.37 76.52
CA SER A 567 -80.22 169.86 75.30
C SER A 567 -78.91 169.30 75.69
N PHE A 568 -78.36 168.24 75.07
CA PHE A 568 -77.10 167.67 75.35
C PHE A 568 -76.57 167.50 73.96
N ALA A 569 -75.28 167.92 73.70
CA ALA A 569 -74.59 167.54 72.50
C ALA A 569 -73.50 166.60 72.97
N GLY A 570 -73.33 165.56 72.11
CA GLY A 570 -72.51 164.45 72.37
C GLY A 570 -71.74 164.00 71.17
N SER A 571 -70.37 163.93 71.28
CA SER A 571 -69.49 163.47 70.23
C SER A 571 -68.95 162.12 70.43
N GLN A 572 -68.40 161.46 69.37
CA GLN A 572 -67.85 160.11 69.45
C GLN A 572 -66.65 160.20 68.53
N GLU A 573 -65.50 159.94 69.16
CA GLU A 573 -64.24 160.24 68.64
C GLU A 573 -63.41 158.95 68.61
N PRO A 574 -63.28 158.09 67.63
CA PRO A 574 -62.30 157.02 67.62
C PRO A 574 -60.92 157.59 67.55
N MET A 575 -60.18 157.37 68.70
CA MET A 575 -58.80 157.83 68.75
C MET A 575 -57.85 156.62 68.82
N GLN A 576 -56.58 156.90 68.92
CA GLN A 576 -55.52 156.01 68.91
C GLN A 576 -54.37 156.77 69.60
N VAL A 577 -53.70 156.17 70.57
CA VAL A 577 -52.70 156.84 71.38
C VAL A 577 -51.42 156.44 70.69
N MET A 578 -50.71 157.48 70.11
CA MET A 578 -49.60 157.16 69.32
C MET A 578 -48.58 158.21 69.67
N ASN A 579 -47.46 157.76 70.34
CA ASN A 579 -46.32 158.47 70.98
C ASN A 579 -46.44 158.70 72.45
N ASN A 580 -47.71 159.18 72.75
CA ASN A 580 -48.18 159.87 74.02
C ASN A 580 -48.94 161.12 73.54
N ASN A 581 -48.78 161.61 72.30
CA ASN A 581 -49.91 162.31 71.60
C ASN A 581 -51.09 161.41 71.49
N LEU A 582 -52.26 161.97 71.97
CA LEU A 582 -53.52 161.36 71.66
C LEU A 582 -53.94 161.70 70.27
N THR A 583 -53.34 161.09 69.25
CA THR A 583 -53.53 161.32 67.88
C THR A 583 -54.90 160.74 67.36
N GLU A 584 -55.95 161.66 67.34
CA GLU A 584 -57.31 161.37 66.88
C GLU A 584 -57.24 161.01 65.41
N VAL A 585 -57.97 159.97 64.96
CA VAL A 585 -58.13 159.70 63.54
C VAL A 585 -59.17 160.64 63.10
N THR A 586 -60.45 160.54 63.57
CA THR A 586 -61.54 161.25 62.98
C THR A 586 -62.42 161.35 64.23
N THR A 587 -63.38 162.21 64.22
CA THR A 587 -64.53 162.17 65.15
C THR A 587 -65.60 161.76 64.19
N LEU A 588 -66.57 161.02 64.70
CA LEU A 588 -67.74 160.53 63.93
C LEU A 588 -68.76 161.59 64.02
N ALA A 589 -69.93 161.39 63.31
CA ALA A 589 -70.97 162.45 63.15
C ALA A 589 -71.49 162.80 64.50
N PRO A 590 -71.32 163.93 65.09
CA PRO A 590 -71.86 164.33 66.43
C PRO A 590 -73.35 164.35 66.36
N PHE A 591 -74.13 164.08 67.47
CA PHE A 591 -75.61 164.14 67.42
C PHE A 591 -76.01 165.02 68.66
N GLY A 592 -77.29 165.53 68.57
CA GLY A 592 -77.92 166.31 69.52
C GLY A 592 -78.99 165.50 70.09
N LEU A 593 -79.22 165.64 71.40
CA LEU A 593 -80.13 164.93 72.17
C LEU A 593 -80.81 166.13 72.86
N THR A 594 -82.08 166.29 72.36
CA THR A 594 -82.96 167.46 72.57
C THR A 594 -84.04 167.14 73.50
N LEU A 595 -84.34 167.94 74.53
CA LEU A 595 -85.26 167.60 75.62
C LEU A 595 -86.36 168.58 75.61
N LEU A 596 -87.42 168.28 74.82
CA LEU A 596 -88.34 169.30 74.49
C LEU A 596 -89.49 168.81 75.30
N ALA A 597 -90.11 169.65 76.13
CA ALA A 597 -91.35 169.39 76.91
C ALA A 597 -92.41 170.29 76.53
N PRO A 598 -93.63 169.82 76.26
CA PRO A 598 -94.88 170.61 76.12
C PRO A 598 -95.45 171.27 77.37
N SER A 599 -94.78 170.97 78.58
CA SER A 599 -95.21 171.49 79.85
C SER A 599 -94.05 172.08 80.49
N VAL A 600 -94.26 173.18 81.26
CA VAL A 600 -93.05 173.90 81.74
C VAL A 600 -92.05 173.23 82.59
N PRO A 601 -92.40 172.48 83.61
CA PRO A 601 -91.48 171.43 84.09
C PRO A 601 -91.80 170.12 83.43
N ALA A 602 -90.81 169.22 83.44
CA ALA A 602 -91.11 167.92 83.03
C ALA A 602 -89.95 167.05 83.52
N THR A 603 -89.98 165.71 83.30
CA THR A 603 -88.76 164.89 83.46
C THR A 603 -88.64 164.28 82.08
N GLU A 604 -87.90 164.95 81.15
CA GLU A 604 -87.82 164.53 79.80
C GLU A 604 -86.49 163.81 79.58
N THR A 605 -86.35 163.24 78.34
CA THR A 605 -85.30 162.32 77.97
C THR A 605 -85.21 162.31 76.50
N GLY A 606 -84.02 162.14 75.99
CA GLY A 606 -83.75 162.00 74.52
C GLY A 606 -82.84 160.84 74.34
N THR A 607 -82.47 160.42 73.13
CA THR A 607 -81.67 159.30 72.96
C THR A 607 -80.94 159.50 71.63
N SER A 608 -79.98 158.58 71.32
CA SER A 608 -79.20 158.45 70.10
C SER A 608 -78.51 157.14 70.20
N PRO A 609 -78.02 156.63 69.08
CA PRO A 609 -77.07 155.50 69.09
C PRO A 609 -75.73 155.93 69.60
N LEU A 610 -74.85 154.92 69.93
CA LEU A 610 -73.45 155.12 70.36
C LEU A 610 -72.75 154.06 69.58
N GLN A 611 -71.65 154.41 68.91
CA GLN A 611 -70.91 153.54 67.92
C GLN A 611 -69.53 153.55 68.49
N LEU A 612 -69.23 152.43 69.16
CA LEU A 612 -67.99 152.17 69.81
C LEU A 612 -67.09 151.68 68.73
N GLU A 613 -66.15 152.51 68.33
CA GLU A 613 -65.17 152.04 67.27
C GLU A 613 -63.73 152.11 67.77
N PHE A 614 -62.92 151.06 67.50
CA PHE A 614 -61.50 150.96 67.80
C PHE A 614 -60.84 150.63 66.46
N PHE A 615 -59.55 150.80 66.43
CA PHE A 615 -58.71 150.60 65.30
C PHE A 615 -57.56 149.77 65.80
N THR A 616 -57.19 148.67 65.09
CA THR A 616 -56.18 147.76 65.59
C THR A 616 -55.09 147.69 64.49
N VAL A 617 -53.82 147.74 64.95
CA VAL A 617 -52.66 147.99 64.18
C VAL A 617 -52.19 146.70 63.60
N PRO A 618 -51.43 146.59 62.51
CA PRO A 618 -51.14 145.34 61.84
C PRO A 618 -50.88 144.14 62.63
N SER A 619 -49.77 144.08 63.36
CA SER A 619 -49.38 142.92 64.13
C SER A 619 -50.20 142.70 65.34
N THR A 620 -50.73 143.77 65.98
CA THR A 620 -51.65 143.66 67.12
C THR A 620 -52.97 143.08 66.67
N SER A 621 -53.37 143.21 65.34
CA SER A 621 -54.55 142.51 64.76
C SER A 621 -54.46 141.05 65.04
N TYR A 622 -53.41 140.39 64.54
CA TYR A 622 -53.01 139.05 64.93
C TYR A 622 -53.07 138.73 66.44
N ILE A 623 -52.44 139.53 67.31
CA ILE A 623 -52.59 139.37 68.76
C ILE A 623 -54.03 139.52 69.31
N ALA A 624 -54.74 140.63 68.95
CA ALA A 624 -56.03 141.02 69.49
C ALA A 624 -57.14 140.09 69.31
N LEU A 625 -57.09 139.17 68.39
CA LEU A 625 -58.17 138.11 68.23
C LEU A 625 -58.45 137.17 69.41
N VAL A 626 -57.71 137.16 70.53
CA VAL A 626 -57.98 136.27 71.60
C VAL A 626 -58.34 137.07 72.76
N ASP A 627 -58.18 138.41 72.65
CA ASP A 627 -58.41 139.36 73.73
C ASP A 627 -59.79 139.69 73.56
N PHE A 628 -60.21 139.83 72.30
CA PHE A 628 -61.52 140.52 71.88
C PHE A 628 -62.55 139.46 71.68
N GLY A 629 -62.13 138.16 71.53
CA GLY A 629 -62.93 136.93 71.57
C GLY A 629 -63.78 136.66 70.38
N LEU A 630 -63.39 137.29 69.17
CA LEU A 630 -63.98 137.05 67.88
C LEU A 630 -63.17 135.96 67.19
N TRP A 631 -62.69 135.01 67.95
CA TRP A 631 -62.06 133.83 67.38
C TRP A 631 -62.36 132.80 68.38
N GLY A 632 -62.80 131.60 68.00
CA GLY A 632 -62.83 130.46 68.91
C GLY A 632 -63.46 129.34 68.10
N ASN A 633 -64.16 128.40 68.80
CA ASN A 633 -65.31 127.67 68.37
C ASN A 633 -66.51 128.49 68.73
N LEU A 634 -66.38 129.85 68.80
CA LEU A 634 -67.45 130.76 69.14
C LEU A 634 -67.82 131.63 67.95
N THR A 635 -67.09 131.40 66.84
CA THR A 635 -66.91 132.39 65.80
C THR A 635 -67.34 131.74 64.50
N SER A 636 -67.65 132.63 63.51
CA SER A 636 -67.94 132.30 62.10
C SER A 636 -67.29 133.38 61.25
N VAL A 637 -67.10 133.05 60.00
CA VAL A 637 -66.29 133.80 59.10
C VAL A 637 -66.93 133.84 57.76
N THR A 638 -67.23 135.02 57.25
CA THR A 638 -67.50 135.27 55.83
C THR A 638 -66.23 135.85 55.16
N VAL A 639 -65.93 135.46 53.91
CA VAL A 639 -64.67 135.81 53.26
C VAL A 639 -64.95 136.22 51.82
N SER A 640 -64.14 137.14 51.30
CA SER A 640 -64.20 137.44 49.86
C SER A 640 -62.97 138.25 49.57
N ALA A 641 -62.79 138.46 48.24
CA ALA A 641 -61.62 138.89 47.50
C ALA A 641 -61.99 140.09 46.68
N TYR A 642 -61.04 140.98 46.42
CA TYR A 642 -61.36 142.24 45.84
C TYR A 642 -60.21 142.74 44.94
N ASP A 643 -60.57 143.29 43.73
CA ASP A 643 -59.62 143.84 42.82
C ASP A 643 -59.70 145.31 43.11
N THR A 644 -58.56 146.00 43.15
CA THR A 644 -58.50 147.35 43.70
C THR A 644 -58.39 148.31 42.53
N VAL A 645 -58.31 147.81 41.30
CA VAL A 645 -58.17 148.63 40.05
C VAL A 645 -59.48 148.49 39.31
N ASN A 646 -60.29 147.44 39.65
CA ASN A 646 -61.49 147.16 38.83
C ASN A 646 -62.67 146.49 39.67
N ASN A 647 -62.52 146.17 40.93
CA ASN A 647 -63.67 146.07 41.86
C ASN A 647 -64.46 144.86 41.69
N LYS A 648 -64.15 143.92 42.61
CA LYS A 648 -64.91 142.64 42.70
C LYS A 648 -65.61 142.47 44.05
N LEU A 649 -66.94 142.14 44.09
CA LEU A 649 -67.61 141.90 45.36
C LEU A 649 -68.55 140.70 45.15
N SER A 650 -69.19 140.32 46.25
CA SER A 650 -69.99 139.14 46.47
C SER A 650 -71.34 139.54 47.14
N VAL A 651 -72.48 139.22 46.41
CA VAL A 651 -73.75 139.53 47.08
C VAL A 651 -74.08 138.45 48.19
N ASN A 652 -74.57 137.29 47.79
CA ASN A 652 -74.75 136.19 48.77
C ASN A 652 -73.40 135.75 49.36
N LEU A 653 -73.38 135.62 50.70
CA LEU A 653 -72.10 135.46 51.41
C LEU A 653 -71.88 134.06 51.74
N GLY A 654 -70.58 133.62 51.64
CA GLY A 654 -70.08 132.38 52.03
C GLY A 654 -70.21 132.29 53.53
N TYR A 655 -70.62 131.07 54.07
CA TYR A 655 -70.79 130.88 55.48
C TYR A 655 -70.16 129.63 56.00
N PHE A 656 -68.85 129.75 56.40
CA PHE A 656 -68.13 128.77 57.19
C PHE A 656 -67.97 129.30 58.64
N TYR A 657 -67.73 128.32 59.53
CA TYR A 657 -67.94 128.56 60.99
C TYR A 657 -66.56 128.17 61.66
N GLY A 658 -66.48 128.25 62.98
CA GLY A 658 -65.30 128.21 63.83
C GLY A 658 -64.97 126.89 64.37
N ILE A 659 -63.68 126.54 64.09
CA ILE A 659 -63.20 125.27 64.65
C ILE A 659 -61.73 125.35 64.98
N VAL A 660 -61.27 124.69 66.08
CA VAL A 660 -59.87 124.75 66.51
C VAL A 660 -59.59 123.28 66.79
N ILE A 661 -58.41 122.77 66.34
CA ILE A 661 -58.08 121.40 66.62
C ILE A 661 -56.55 121.24 66.69
N PRO A 662 -55.90 121.20 67.81
CA PRO A 662 -54.43 120.81 67.85
C PRO A 662 -53.99 119.39 67.24
N PRO A 663 -52.69 119.16 66.78
CA PRO A 663 -52.01 117.90 66.60
C PRO A 663 -52.10 116.92 67.74
N SER A 664 -52.06 115.59 67.46
CA SER A 664 -51.73 114.65 68.47
C SER A 664 -50.81 113.79 67.74
N ILE A 665 -49.93 113.07 68.47
CA ILE A 665 -48.85 112.42 67.83
C ILE A 665 -48.37 111.32 68.80
N SER A 666 -47.46 110.41 68.35
CA SER A 666 -46.82 109.51 69.27
C SER A 666 -45.38 109.33 68.74
N THR A 667 -44.50 108.82 69.65
CA THR A 667 -43.10 108.55 69.42
C THR A 667 -43.00 107.56 68.26
N ALA A 668 -41.95 107.64 67.41
CA ALA A 668 -41.80 106.85 66.22
C ALA A 668 -40.43 107.16 65.69
N PRO A 669 -39.43 106.31 65.66
CA PRO A 669 -38.03 106.67 65.31
C PRO A 669 -37.79 106.32 63.83
N TYR A 670 -36.57 106.45 63.31
CA TYR A 670 -36.33 106.18 61.88
C TYR A 670 -35.03 105.33 61.95
N ASN A 671 -34.84 104.53 60.83
CA ASN A 671 -34.04 103.30 60.85
C ASN A 671 -32.55 103.64 61.03
N TYR A 672 -31.80 102.72 61.68
CA TYR A 672 -30.41 102.86 62.20
C TYR A 672 -29.33 102.89 61.08
N GLN A 673 -29.69 102.38 59.91
CA GLN A 673 -28.80 102.10 58.81
C GLN A 673 -28.64 103.24 57.83
N ASN A 674 -29.28 104.37 58.25
CA ASN A 674 -29.63 105.55 57.48
C ASN A 674 -28.75 106.67 58.12
N PHE A 675 -27.89 106.23 59.06
CA PHE A 675 -27.01 107.05 59.82
C PHE A 675 -25.68 106.34 59.84
N ILE A 676 -25.74 105.02 59.75
CA ILE A 676 -24.58 104.21 59.43
C ILE A 676 -24.04 104.39 58.04
N CYS A 677 -24.91 104.29 56.99
CA CYS A 677 -24.53 104.66 55.59
C CYS A 677 -25.27 105.89 55.24
N PRO A 678 -24.64 106.95 54.66
CA PRO A 678 -25.31 108.12 54.04
C PRO A 678 -25.81 107.92 52.63
N ASN A 679 -25.85 106.68 52.05
CA ASN A 679 -26.56 106.43 50.80
C ASN A 679 -28.03 106.39 51.18
N ASN A 680 -28.26 105.85 52.44
CA ASN A 680 -29.54 105.94 53.08
C ASN A 680 -29.54 107.13 53.93
N TYR A 681 -30.67 107.88 53.91
CA TYR A 681 -30.87 108.94 54.81
C TYR A 681 -32.39 109.20 55.05
N VAL A 682 -32.74 110.13 55.95
CA VAL A 682 -34.13 110.10 56.36
C VAL A 682 -34.82 111.31 55.87
N THR A 683 -36.20 111.33 55.99
CA THR A 683 -36.93 112.60 55.83
C THR A 683 -37.95 112.56 56.91
N VAL A 684 -37.73 113.38 57.94
CA VAL A 684 -38.74 113.61 59.05
C VAL A 684 -39.84 114.49 58.50
N THR A 685 -41.12 114.13 58.76
CA THR A 685 -42.25 114.98 58.28
C THR A 685 -42.98 115.43 59.59
N ILE A 686 -43.08 116.73 59.75
CA ILE A 686 -43.58 117.31 60.96
C ILE A 686 -44.93 117.87 60.53
N TYR A 687 -45.94 117.81 61.43
CA TYR A 687 -47.23 118.37 61.18
C TYR A 687 -47.44 119.51 62.10
N ASP A 688 -47.66 120.76 61.57
CA ASP A 688 -47.95 121.74 62.51
C ASP A 688 -48.80 122.63 61.70
N PRO A 689 -50.12 122.83 61.91
CA PRO A 689 -51.10 123.22 60.90
C PRO A 689 -51.03 124.66 60.60
N ASP A 690 -50.95 125.59 61.55
CA ASP A 690 -51.01 127.01 61.21
C ASP A 690 -49.69 127.73 61.38
N ALA A 691 -49.03 127.93 60.22
CA ALA A 691 -47.53 128.26 60.19
C ALA A 691 -47.18 128.38 58.80
N VAL A 692 -48.01 128.08 57.79
CA VAL A 692 -47.78 128.12 56.32
C VAL A 692 -47.93 129.52 55.80
N LEU A 693 -46.95 129.86 54.92
CA LEU A 693 -46.91 131.16 54.29
C LEU A 693 -46.52 130.92 52.80
N ASP A 694 -47.39 131.48 51.94
CA ASP A 694 -47.39 131.62 50.54
C ASP A 694 -47.56 130.32 49.74
N PRO A 695 -48.47 130.19 48.77
CA PRO A 695 -48.47 129.04 47.90
C PRO A 695 -47.61 129.51 46.68
N TYR A 696 -46.30 129.15 46.87
CA TYR A 696 -45.27 129.24 45.88
C TYR A 696 -43.95 128.83 46.47
N PRO A 697 -43.69 127.46 46.62
CA PRO A 697 -42.38 126.91 46.78
C PRO A 697 -41.63 127.08 45.48
N SER A 698 -40.28 127.35 45.62
CA SER A 698 -39.37 127.78 44.59
C SER A 698 -39.48 129.22 44.38
N GLY A 699 -39.98 129.99 45.39
CA GLY A 699 -40.17 131.44 45.34
C GLY A 699 -39.20 132.07 46.27
N SER A 700 -39.33 133.41 46.24
CA SER A 700 -38.55 134.12 47.19
C SER A 700 -39.34 135.42 47.09
N PHE A 701 -39.32 136.12 48.23
CA PHE A 701 -40.23 137.21 48.30
C PHE A 701 -39.88 138.12 49.37
N THR A 702 -40.63 139.28 49.39
CA THR A 702 -40.38 140.28 50.42
C THR A 702 -41.65 140.82 50.82
N THR A 703 -41.79 141.65 51.87
CA THR A 703 -43.01 142.10 52.42
C THR A 703 -42.72 143.58 52.68
N SER A 704 -43.74 144.44 52.46
CA SER A 704 -43.68 145.83 52.90
C SER A 704 -45.05 145.98 53.55
N SER A 705 -45.42 147.24 53.93
CA SER A 705 -46.80 147.53 54.24
C SER A 705 -47.10 148.81 53.45
N LEU A 706 -48.44 148.97 53.02
CA LEU A 706 -48.87 150.05 52.12
C LEU A 706 -50.32 150.29 52.42
N PRO A 707 -50.91 151.40 52.10
CA PRO A 707 -52.34 151.75 52.24
C PRO A 707 -53.35 151.13 51.36
N LEU A 708 -53.80 149.85 51.70
CA LEU A 708 -54.73 149.07 50.93
C LEU A 708 -56.08 149.70 50.93
N LYS A 709 -56.29 150.46 49.81
CA LYS A 709 -57.60 150.99 49.33
C LYS A 709 -58.58 149.90 49.26
N TYR A 710 -59.66 150.03 50.01
CA TYR A 710 -60.78 149.21 49.78
C TYR A 710 -61.92 150.24 50.11
N GLY A 711 -62.99 150.39 49.26
CA GLY A 711 -64.11 151.24 49.45
C GLY A 711 -63.84 152.69 49.65
N ASN A 712 -64.30 153.13 50.85
CA ASN A 712 -64.35 154.52 51.23
C ASN A 712 -63.06 154.75 52.05
N MET A 713 -62.07 153.90 51.92
CA MET A 713 -60.93 154.12 52.77
C MET A 713 -59.77 153.39 52.24
N ASN A 714 -58.69 153.54 53.04
CA ASN A 714 -57.43 152.96 52.87
C ASN A 714 -57.02 152.38 54.19
N ILE A 715 -57.41 151.11 54.52
CA ILE A 715 -56.85 150.36 55.66
C ILE A 715 -55.42 149.97 55.30
N THR A 716 -54.38 150.46 56.04
CA THR A 716 -52.98 149.95 55.92
C THR A 716 -52.80 148.49 56.26
N GLY A 717 -51.95 147.78 55.41
CA GLY A 717 -51.54 146.38 55.65
C GLY A 717 -50.45 145.79 54.85
N ALA A 718 -49.90 144.62 55.34
CA ALA A 718 -48.75 143.89 54.83
C ALA A 718 -48.99 143.37 53.43
N VAL A 719 -48.29 143.94 52.46
CA VAL A 719 -48.29 143.61 51.01
C VAL A 719 -47.05 142.83 50.74
N ILE A 720 -47.15 141.70 49.98
CA ILE A 720 -46.06 140.81 49.70
C ILE A 720 -45.79 141.05 48.31
N PHE A 721 -44.45 140.97 47.93
CA PHE A 721 -44.10 141.13 46.51
C PHE A 721 -43.16 139.94 46.17
N PRO A 722 -43.23 139.32 45.00
CA PRO A 722 -42.33 138.33 44.54
C PRO A 722 -40.98 139.00 44.35
N GLY A 723 -39.96 138.15 44.14
CA GLY A 723 -38.55 138.62 44.03
C GLY A 723 -37.91 138.93 45.37
N SER A 724 -36.63 138.61 45.33
CA SER A 724 -35.76 138.45 46.48
C SER A 724 -35.29 139.71 47.05
N SER A 725 -35.41 140.80 46.25
CA SER A 725 -34.92 142.12 46.54
C SER A 725 -35.98 142.87 47.22
N VAL A 726 -35.59 143.97 47.95
CA VAL A 726 -36.39 144.49 49.10
C VAL A 726 -36.89 145.80 48.53
N TYR A 727 -38.15 145.74 48.12
CA TYR A 727 -38.82 146.76 47.28
C TYR A 727 -39.19 147.95 48.15
N ASN A 728 -39.18 149.13 47.55
CA ASN A 728 -39.24 150.45 48.23
C ASN A 728 -40.36 151.23 47.61
N PRO A 729 -41.66 150.84 47.70
CA PRO A 729 -42.79 151.38 46.93
C PRO A 729 -43.06 152.83 46.99
N SER A 730 -43.55 153.38 45.88
CA SER A 730 -43.79 154.79 45.76
C SER A 730 -45.13 155.01 45.26
N GLY A 731 -45.61 156.25 45.42
CA GLY A 731 -46.93 156.54 44.94
C GLY A 731 -47.94 156.12 45.91
N VAL A 732 -49.24 156.23 45.56
CA VAL A 732 -50.49 155.84 46.20
C VAL A 732 -50.85 154.52 45.71
N PHE A 733 -50.97 153.60 46.71
CA PHE A 733 -51.27 152.27 46.38
C PHE A 733 -52.81 152.09 46.03
N GLY A 734 -53.11 151.30 44.95
CA GLY A 734 -54.47 150.98 44.64
C GLY A 734 -54.76 151.14 43.19
N TYR A 735 -53.80 151.47 42.31
CA TYR A 735 -54.16 151.62 40.92
C TYR A 735 -53.13 150.97 40.00
N SER A 736 -53.47 150.82 38.67
CA SER A 736 -52.45 150.53 37.71
C SER A 736 -51.48 151.68 37.47
N ASN A 737 -51.79 152.88 38.05
CA ASN A 737 -50.94 154.01 38.11
C ASN A 737 -49.66 153.72 38.92
N PHE A 738 -49.83 153.01 40.06
CA PHE A 738 -48.85 152.68 41.01
C PHE A 738 -47.59 151.99 40.48
N ASN A 739 -46.49 152.28 41.26
CA ASN A 739 -45.18 151.72 40.98
C ASN A 739 -44.65 150.95 42.19
N LYS A 740 -44.12 149.71 42.00
CA LYS A 740 -43.44 148.97 43.04
C LYS A 740 -41.99 149.25 42.91
N GLY A 741 -41.21 149.26 43.95
CA GLY A 741 -39.90 149.86 44.02
C GLY A 741 -38.86 148.82 43.56
N ALA A 742 -37.75 148.74 44.39
CA ALA A 742 -36.52 148.08 43.96
C ALA A 742 -35.74 147.99 45.25
N ALA A 743 -34.61 147.28 45.12
CA ALA A 743 -33.64 146.92 46.18
C ALA A 743 -33.16 147.96 47.13
N VAL A 744 -33.00 147.65 48.42
CA VAL A 744 -32.41 148.53 49.41
C VAL A 744 -31.31 147.71 50.09
N THR A 745 -31.54 146.37 50.33
CA THR A 745 -30.37 145.47 50.13
C THR A 745 -31.12 144.26 49.52
N THR A 746 -30.49 143.62 48.51
CA THR A 746 -30.89 142.34 47.89
C THR A 746 -30.50 141.17 48.81
N PHE A 747 -31.54 140.44 49.34
CA PHE A 747 -31.27 139.24 50.07
C PHE A 747 -30.79 138.07 49.29
N THR A 748 -29.75 137.25 49.82
CA THR A 748 -29.14 136.21 49.09
C THR A 748 -28.60 135.18 49.98
N TYR A 749 -28.94 133.87 49.72
CA TYR A 749 -28.52 132.68 50.45
C TYR A 749 -27.15 132.31 50.05
N THR A 750 -26.09 132.96 50.63
CA THR A 750 -24.70 132.68 50.34
C THR A 750 -24.17 131.58 51.17
N ALA A 751 -22.94 131.00 50.77
CA ALA A 751 -22.23 129.97 51.47
C ALA A 751 -21.29 130.61 52.49
N GLN A 752 -21.51 130.26 53.79
CA GLN A 752 -20.59 130.63 54.80
C GLN A 752 -19.70 129.41 54.97
N SER A 753 -18.48 129.39 54.35
CA SER A 753 -17.67 128.24 54.14
C SER A 753 -16.70 128.19 55.31
N GLY A 754 -16.09 127.04 55.56
CA GLY A 754 -15.50 126.74 56.79
C GLY A 754 -16.06 125.37 57.13
N PRO A 755 -16.97 125.26 58.16
CA PRO A 755 -17.91 124.18 58.33
C PRO A 755 -18.85 124.07 57.13
N PHE A 756 -19.51 122.87 56.97
CA PHE A 756 -20.21 122.35 55.80
C PHE A 756 -21.09 123.36 55.23
N SER A 757 -20.88 123.64 53.89
CA SER A 757 -21.45 124.75 53.20
C SER A 757 -22.93 124.86 53.31
N PRO A 758 -23.45 125.87 53.93
CA PRO A 758 -24.85 126.08 54.14
C PRO A 758 -25.41 126.86 52.97
N VAL A 759 -26.80 127.06 52.90
CA VAL A 759 -27.39 128.09 52.08
C VAL A 759 -27.92 128.99 53.17
N ALA A 760 -27.17 130.07 53.51
CA ALA A 760 -27.46 130.93 54.64
C ALA A 760 -27.64 132.29 54.13
N LEU A 761 -28.79 132.91 54.52
CA LEU A 761 -29.20 134.21 53.97
C LEU A 761 -28.33 135.23 54.61
N THR A 762 -27.81 136.07 53.76
CA THR A 762 -27.24 137.35 54.14
C THR A 762 -28.05 138.54 53.65
N GLY A 763 -27.77 139.74 54.20
CA GLY A 763 -28.40 141.01 53.94
C GLY A 763 -28.74 141.69 55.27
N ASN A 764 -28.85 143.03 55.20
CA ASN A 764 -28.96 143.93 56.38
C ASN A 764 -30.05 143.58 57.28
N THR A 765 -29.72 143.52 58.59
CA THR A 765 -30.56 142.92 59.57
C THR A 765 -31.99 143.39 59.82
N ASN A 766 -32.28 144.67 59.46
CA ASN A 766 -33.52 145.33 59.46
C ASN A 766 -34.50 144.76 58.53
N TYR A 767 -34.01 144.42 57.26
CA TYR A 767 -34.66 143.80 56.14
C TYR A 767 -34.97 142.37 56.32
N LEU A 768 -34.38 141.70 57.32
CA LEU A 768 -34.87 140.41 57.82
C LEU A 768 -36.39 140.43 58.11
N SER A 769 -36.79 141.37 58.94
CA SER A 769 -38.15 141.78 59.30
C SER A 769 -39.13 141.97 58.18
N GLN A 770 -38.54 142.19 56.89
CA GLN A 770 -39.24 142.29 55.60
C GLN A 770 -39.08 141.12 54.66
N TYR A 771 -38.22 140.16 54.96
CA TYR A 771 -37.98 138.95 54.17
C TYR A 771 -38.50 137.78 54.90
N ALA A 772 -39.35 137.05 54.23
CA ALA A 772 -39.70 135.67 54.63
C ALA A 772 -39.51 134.86 53.41
N ASP A 773 -39.53 133.55 53.53
CA ASP A 773 -39.57 132.66 52.35
C ASP A 773 -40.45 131.51 52.77
N ASN A 774 -40.22 130.27 52.25
CA ASN A 774 -41.02 129.09 52.63
C ASN A 774 -40.35 128.29 53.66
N ASN A 775 -39.41 128.97 54.31
CA ASN A 775 -38.64 128.39 55.43
C ASN A 775 -39.44 128.78 56.71
N PRO A 776 -39.76 127.84 57.64
CA PRO A 776 -40.45 128.17 58.92
C PRO A 776 -39.70 129.06 59.87
N THR A 777 -38.38 129.14 59.68
CA THR A 777 -37.48 129.94 60.45
C THR A 777 -37.18 131.31 59.87
N ASP A 778 -37.99 131.78 58.90
CA ASP A 778 -38.13 133.19 58.68
C ASP A 778 -39.59 133.64 58.44
N ASN A 779 -40.62 132.65 58.53
CA ASN A 779 -42.05 132.83 58.53
C ASN A 779 -42.50 133.56 59.75
N TYR A 780 -41.59 133.61 60.82
CA TYR A 780 -41.94 134.41 61.98
C TYR A 780 -41.55 135.81 61.81
N TYR A 781 -40.42 136.12 61.04
CA TYR A 781 -40.08 137.58 60.73
C TYR A 781 -41.25 138.33 60.08
N PHE A 782 -42.26 137.58 59.52
CA PHE A 782 -43.48 138.07 58.97
C PHE A 782 -44.43 138.82 60.00
N ILE A 783 -44.97 138.06 60.95
CA ILE A 783 -45.77 138.78 61.93
C ILE A 783 -45.00 138.86 63.20
N GLN A 784 -44.62 137.66 63.87
CA GLN A 784 -44.25 137.56 65.27
C GLN A 784 -43.15 138.53 65.75
N THR A 785 -42.05 138.45 64.96
CA THR A 785 -40.91 139.32 65.10
C THR A 785 -41.20 140.49 64.15
N VAL A 786 -41.38 141.72 64.67
CA VAL A 786 -41.04 142.90 64.03
C VAL A 786 -39.89 143.45 64.88
N ASN A 787 -38.68 143.25 64.23
CA ASN A 787 -37.45 143.75 64.69
C ASN A 787 -36.53 143.28 63.55
N GLY A 788 -36.51 141.95 63.19
CA GLY A 788 -35.61 141.36 62.22
C GLY A 788 -34.75 140.32 62.89
N MET A 789 -34.78 140.31 64.23
CA MET A 789 -34.22 139.17 64.99
C MET A 789 -35.29 138.94 66.08
N PRO A 790 -35.30 137.72 66.75
CA PRO A 790 -36.41 137.18 67.58
C PRO A 790 -36.97 138.14 68.60
N VAL A 791 -38.33 138.24 68.70
CA VAL A 791 -39.06 138.75 69.85
C VAL A 791 -39.74 137.57 70.47
N LEU A 792 -40.64 136.90 69.69
CA LEU A 792 -41.02 135.56 69.86
C LEU A 792 -40.72 134.79 68.59
N MET A 793 -39.88 133.73 68.77
CA MET A 793 -39.68 132.85 67.66
C MET A 793 -40.64 131.73 67.73
N GLY A 794 -41.42 131.41 66.60
CA GLY A 794 -42.28 130.31 66.46
C GLY A 794 -41.85 129.78 65.16
N GLY A 795 -42.06 128.49 65.02
CA GLY A 795 -41.79 127.74 63.79
C GLY A 795 -41.02 126.60 64.30
N LEU A 796 -40.02 126.20 63.43
CA LEU A 796 -39.38 124.90 63.65
C LEU A 796 -38.10 125.20 64.42
N SER A 797 -37.79 124.37 65.36
CA SER A 797 -36.69 124.57 66.28
C SER A 797 -35.99 123.19 66.38
N ILE A 798 -34.65 123.18 66.31
CA ILE A 798 -33.87 121.93 66.28
C ILE A 798 -32.72 122.15 67.38
N VAL A 799 -32.22 121.04 67.94
CA VAL A 799 -31.02 121.04 68.71
C VAL A 799 -30.47 119.70 68.56
N ALA A 800 -29.18 119.48 68.80
CA ALA A 800 -28.54 118.19 68.68
C ALA A 800 -27.51 118.11 69.77
N SER A 801 -27.23 116.85 70.27
CA SER A 801 -26.46 116.75 71.41
C SER A 801 -26.00 115.29 71.56
N PRO A 802 -25.03 114.78 72.46
CA PRO A 802 -24.31 115.48 73.55
C PRO A 802 -23.47 116.63 73.10
N VAL A 803 -22.86 116.57 71.90
CA VAL A 803 -22.10 117.72 71.48
C VAL A 803 -23.12 118.69 71.08
N SER A 804 -23.32 119.80 71.91
CA SER A 804 -24.45 120.67 71.77
C SER A 804 -24.17 121.65 70.68
N ALA A 805 -25.04 121.60 69.71
CA ALA A 805 -25.43 122.76 69.01
C ALA A 805 -26.85 122.78 68.58
N SER A 806 -27.25 124.02 68.13
CA SER A 806 -28.67 124.46 67.92
C SER A 806 -28.89 124.99 66.51
N LEU A 807 -30.21 125.08 66.10
CA LEU A 807 -30.62 125.51 64.82
C LEU A 807 -32.05 125.99 65.08
N PRO A 808 -32.47 127.22 65.18
CA PRO A 808 -31.74 128.45 65.02
C PRO A 808 -30.22 128.58 65.21
N SER A 809 -29.53 129.14 64.25
CA SER A 809 -28.19 129.63 64.37
C SER A 809 -28.28 130.98 65.13
N SER A 810 -27.26 131.18 65.87
CA SER A 810 -26.91 132.31 66.71
C SER A 810 -25.71 132.98 66.11
N THR A 811 -25.44 132.69 64.88
CA THR A 811 -24.17 133.11 64.32
C THR A 811 -24.58 133.80 63.02
N SER A 812 -25.74 133.37 62.45
CA SER A 812 -26.30 133.79 61.20
C SER A 812 -27.79 134.02 61.63
N SER A 813 -28.31 135.11 61.11
CA SER A 813 -29.70 135.31 61.10
C SER A 813 -30.55 134.13 60.66
N PRO A 814 -31.53 133.65 61.45
CA PRO A 814 -32.23 132.39 61.02
C PRO A 814 -33.01 132.55 59.71
N GLY A 815 -33.01 131.48 58.91
CA GLY A 815 -32.79 131.65 57.46
C GLY A 815 -31.49 130.90 57.22
N PHE A 816 -31.19 129.86 58.06
CA PHE A 816 -30.03 129.02 58.10
C PHE A 816 -30.06 127.95 57.02
N MET A 817 -31.31 127.59 56.47
CA MET A 817 -31.46 126.73 55.36
C MET A 817 -32.68 127.16 54.63
N TYR A 818 -32.87 126.75 53.36
CA TYR A 818 -34.11 126.82 52.71
C TYR A 818 -34.77 125.47 52.93
N LEU A 819 -35.90 125.49 53.82
CA LEU A 819 -36.81 124.38 53.89
C LEU A 819 -37.72 124.38 52.70
N LEU A 820 -38.25 123.19 52.28
CA LEU A 820 -39.36 123.15 51.32
C LEU A 820 -40.34 122.42 52.11
N PRO A 821 -41.56 122.94 52.32
CA PRO A 821 -42.73 122.12 52.73
C PRO A 821 -42.92 121.05 51.66
N SER A 822 -43.57 119.90 51.92
CA SER A 822 -43.90 118.80 51.06
C SER A 822 -44.76 119.19 49.92
N ALA A 823 -44.61 118.45 48.86
CA ALA A 823 -45.46 118.45 47.74
C ALA A 823 -46.90 118.24 48.12
N ALA A 824 -47.77 119.12 47.60
CA ALA A 824 -49.10 119.22 48.03
C ALA A 824 -49.98 118.25 47.28
N GLN A 825 -50.53 117.25 47.99
CA GLN A 825 -51.24 116.12 47.38
C GLN A 825 -52.32 115.72 48.32
N VAL A 826 -52.30 116.24 49.59
CA VAL A 826 -53.05 115.59 50.67
C VAL A 826 -54.52 115.85 50.53
N PRO A 827 -54.96 117.04 50.03
CA PRO A 827 -56.38 117.18 49.81
C PRO A 827 -56.46 117.24 48.30
N SER A 828 -55.70 118.04 47.62
CA SER A 828 -55.94 118.49 46.34
C SER A 828 -54.63 118.46 45.56
N PRO A 829 -54.56 118.09 44.27
CA PRO A 829 -53.34 118.02 43.52
C PRO A 829 -52.84 119.37 43.08
N LEU A 830 -51.59 119.62 43.43
CA LEU A 830 -50.99 120.90 43.24
C LEU A 830 -49.58 120.51 42.96
N PRO A 831 -48.86 121.15 41.99
CA PRO A 831 -47.58 120.70 41.59
C PRO A 831 -46.44 121.27 42.31
N GLY A 832 -45.99 120.50 43.36
CA GLY A 832 -44.83 120.82 44.16
C GLY A 832 -45.01 122.10 44.88
N MET A 833 -46.06 122.10 45.78
CA MET A 833 -46.64 123.24 46.39
C MET A 833 -46.70 123.04 47.87
N ALA A 834 -47.00 124.13 48.61
CA ALA A 834 -46.84 124.19 50.04
C ALA A 834 -47.89 123.49 50.77
N THR A 835 -47.47 122.82 51.89
CA THR A 835 -48.24 121.94 52.74
C THR A 835 -47.95 122.23 54.16
N PRO A 836 -48.84 122.09 55.15
CA PRO A 836 -48.46 122.15 56.57
C PRO A 836 -47.75 120.89 57.07
N ASN A 837 -47.22 120.02 56.15
CA ASN A 837 -46.27 118.94 56.44
C ASN A 837 -45.02 119.44 55.92
N TYR A 838 -43.89 119.09 56.59
CA TYR A 838 -42.63 119.75 56.32
C TYR A 838 -41.60 118.66 56.22
N ASN A 839 -40.91 118.62 55.08
CA ASN A 839 -39.70 117.85 54.80
C ASN A 839 -38.63 118.33 55.74
N LEU A 840 -37.68 117.43 56.19
CA LEU A 840 -36.61 117.87 57.03
C LEU A 840 -35.63 116.79 56.77
N ASN A 841 -34.69 116.97 55.78
CA ASN A 841 -33.75 115.89 55.40
C ASN A 841 -32.58 115.86 56.36
N ILE A 842 -32.20 114.64 56.84
CA ILE A 842 -31.37 114.49 58.01
C ILE A 842 -30.52 113.34 57.79
N TYR A 843 -29.20 113.43 58.08
CA TYR A 843 -28.25 112.38 58.08
C TYR A 843 -27.49 112.54 59.40
N ILE A 844 -26.71 111.48 59.89
CA ILE A 844 -25.96 111.56 61.10
C ILE A 844 -24.72 110.71 60.82
N THR A 845 -23.65 110.86 61.61
CA THR A 845 -22.40 110.14 61.43
C THR A 845 -21.61 110.14 62.77
N TYR A 846 -20.38 109.53 62.75
CA TYR A 846 -19.42 109.93 63.70
C TYR A 846 -18.03 110.18 63.01
N LYS A 847 -17.95 109.79 61.74
CA LYS A 847 -16.74 109.57 61.02
C LYS A 847 -15.89 110.78 60.89
N ILE A 848 -16.52 112.01 60.84
CA ILE A 848 -15.88 113.24 60.48
C ILE A 848 -15.56 114.24 61.56
N ASP A 849 -15.38 113.87 62.88
CA ASP A 849 -14.83 114.74 63.87
C ASP A 849 -13.41 114.32 64.13
N GLY A 850 -12.62 115.32 64.46
CA GLY A 850 -11.18 115.21 64.70
C GLY A 850 -10.51 115.88 63.50
N ALA A 851 -11.20 116.17 62.36
CA ALA A 851 -10.53 116.66 61.20
C ALA A 851 -10.77 118.07 61.03
N THR A 852 -9.69 118.78 60.72
CA THR A 852 -9.66 120.21 60.56
C THR A 852 -9.69 120.32 59.09
N VAL A 853 -10.64 121.18 58.58
CA VAL A 853 -10.87 121.59 57.28
C VAL A 853 -11.05 123.06 57.52
N GLY A 854 -10.20 123.92 56.90
CA GLY A 854 -10.01 125.25 57.37
C GLY A 854 -9.18 125.32 58.59
N ASN A 855 -9.60 126.08 59.65
CA ASN A 855 -9.14 125.94 60.99
C ASN A 855 -10.26 125.52 61.80
N ASN A 856 -11.42 125.20 61.16
CA ASN A 856 -12.63 124.86 61.93
C ASN A 856 -12.46 123.40 62.17
N MET A 857 -12.72 123.04 63.41
CA MET A 857 -12.83 121.66 63.97
C MET A 857 -14.24 121.38 63.93
N ILE A 858 -14.62 120.13 63.59
CA ILE A 858 -15.76 119.81 62.93
C ILE A 858 -16.40 118.75 63.79
N ASN A 859 -17.40 119.14 64.54
CA ASN A 859 -18.05 118.38 65.60
C ASN A 859 -19.24 119.21 66.04
N GLY A 860 -20.45 118.57 65.87
CA GLY A 860 -21.71 119.16 66.31
C GLY A 860 -22.62 119.27 65.14
N LEU A 861 -23.68 120.08 65.38
CA LEU A 861 -24.74 120.26 64.40
C LEU A 861 -24.39 121.35 63.36
N TYR A 862 -24.88 121.01 62.14
CA TYR A 862 -24.51 121.64 60.86
C TYR A 862 -25.61 121.57 59.90
N VAL A 863 -25.58 122.49 58.93
CA VAL A 863 -26.57 122.54 57.94
C VAL A 863 -25.72 122.26 56.78
N ALA A 864 -26.42 121.53 55.77
CA ALA A 864 -25.95 121.22 54.48
C ALA A 864 -26.91 121.71 53.46
N SER A 865 -26.45 122.50 52.42
CA SER A 865 -27.03 123.68 51.86
C SER A 865 -28.51 123.78 51.87
N GLN A 866 -29.20 122.92 51.11
CA GLN A 866 -30.61 122.90 50.79
C GLN A 866 -31.45 122.52 52.07
N ASN A 867 -31.93 121.27 52.30
CA ASN A 867 -32.78 120.87 53.32
C ASN A 867 -32.21 119.72 54.08
N THR A 868 -30.91 119.52 53.76
CA THR A 868 -30.15 118.38 54.30
C THR A 868 -29.36 118.80 55.53
N LEU A 869 -29.16 117.87 56.48
CA LEU A 869 -28.53 118.10 57.81
C LEU A 869 -27.59 116.93 58.07
N ILE A 870 -26.71 117.13 59.09
CA ILE A 870 -25.54 116.33 59.40
C ILE A 870 -25.49 116.58 60.88
N TYR A 871 -25.22 115.55 61.66
CA TYR A 871 -24.84 115.76 63.03
C TYR A 871 -23.69 114.81 63.21
N VAL A 872 -22.67 115.25 64.04
CA VAL A 872 -21.46 114.53 64.11
C VAL A 872 -21.23 114.39 65.55
N VAL A 873 -20.93 113.13 66.02
CA VAL A 873 -20.54 112.75 67.37
C VAL A 873 -19.19 112.08 67.39
N PRO A 874 -18.53 112.08 68.55
CA PRO A 874 -17.37 111.30 68.83
C PRO A 874 -17.54 109.81 68.54
N ASN A 875 -16.46 109.04 68.68
CA ASN A 875 -16.35 107.58 68.43
C ASN A 875 -17.34 106.63 69.21
N GLY A 876 -17.52 106.93 70.53
CA GLY A 876 -18.27 106.12 71.49
C GLY A 876 -19.77 106.38 71.68
N SER A 877 -20.24 107.49 71.17
CA SER A 877 -21.54 108.06 71.38
C SER A 877 -22.30 108.11 70.11
N PHE A 878 -21.87 107.33 69.10
CA PHE A 878 -22.66 106.93 67.94
C PHE A 878 -23.83 106.11 68.40
N VAL A 879 -23.52 105.22 69.40
CA VAL A 879 -24.53 104.68 70.18
C VAL A 879 -25.10 105.83 70.99
N GLY A 880 -26.32 106.29 70.53
CA GLY A 880 -27.17 107.27 71.20
C GLY A 880 -27.04 108.68 70.70
N SER A 881 -26.35 108.99 69.57
CA SER A 881 -26.21 110.26 68.84
C SER A 881 -27.52 110.77 68.48
N ASN A 882 -27.84 111.94 68.90
CA ASN A 882 -29.24 112.32 68.63
C ASN A 882 -29.41 113.80 68.39
N ILE A 883 -30.54 114.01 67.68
CA ILE A 883 -30.95 115.30 67.20
C ILE A 883 -32.39 115.24 67.66
N LYS A 884 -32.95 116.34 68.18
CA LYS A 884 -34.28 116.47 68.86
C LYS A 884 -34.86 117.59 68.06
N LEU A 885 -36.22 117.63 67.99
CA LEU A 885 -36.77 118.68 67.13
C LEU A 885 -38.13 118.83 67.59
N THR A 886 -38.58 120.12 67.37
CA THR A 886 -39.88 120.43 67.98
C THR A 886 -40.41 121.59 67.16
N TYR A 887 -41.69 121.98 67.40
CA TYR A 887 -42.40 122.95 66.56
C TYR A 887 -43.36 123.67 67.51
N THR A 888 -43.12 124.98 67.64
CA THR A 888 -44.07 125.92 68.22
C THR A 888 -44.80 126.46 67.11
N THR A 889 -46.16 126.62 67.23
CA THR A 889 -46.89 127.19 66.19
C THR A 889 -46.45 128.67 65.98
N THR A 890 -46.32 129.08 64.67
CA THR A 890 -45.96 130.41 64.35
C THR A 890 -47.26 131.20 64.39
N ASP A 891 -48.45 130.61 64.72
CA ASP A 891 -49.72 131.29 64.83
C ASP A 891 -49.98 131.52 66.30
N TYR A 892 -51.21 131.68 66.75
CA TYR A 892 -51.58 132.10 68.06
C TYR A 892 -53.05 131.77 68.19
N ALA A 893 -53.67 131.10 67.17
CA ALA A 893 -55.05 130.86 66.86
C ALA A 893 -55.27 129.36 66.71
N VAL A 894 -54.49 128.47 67.40
CA VAL A 894 -54.81 127.01 67.39
C VAL A 894 -55.01 126.66 68.82
N LEU A 895 -54.36 127.46 69.70
CA LEU A 895 -54.33 127.35 71.16
C LEU A 895 -55.74 127.60 71.73
N HIS A 896 -56.36 128.66 71.16
CA HIS A 896 -57.40 129.43 71.74
C HIS A 896 -58.71 128.76 71.40
N TYR A 897 -59.67 128.89 72.34
CA TYR A 897 -60.84 128.10 72.52
C TYR A 897 -60.88 126.64 71.90
N PHE A 898 -60.42 125.71 72.76
CA PHE A 898 -60.63 124.30 72.62
C PHE A 898 -59.42 123.91 73.40
N TYR A 899 -59.53 122.93 74.29
CA TYR A 899 -58.50 122.78 75.28
C TYR A 899 -58.84 121.61 76.03
N SER A 900 -59.99 120.91 75.65
CA SER A 900 -60.39 119.71 76.33
C SER A 900 -59.40 118.62 76.12
N THR A 901 -58.80 118.51 74.90
CA THR A 901 -57.79 117.55 74.60
C THR A 901 -56.86 118.27 73.65
N GLY A 902 -55.78 117.56 73.19
CA GLY A 902 -54.93 118.06 72.06
C GLY A 902 -53.63 118.74 72.42
N GLN A 903 -52.57 118.57 71.57
CA GLN A 903 -51.30 119.07 71.90
C GLN A 903 -50.79 119.96 70.83
N TYR A 904 -50.66 121.33 71.13
CA TYR A 904 -50.78 122.40 70.18
C TYR A 904 -49.31 122.81 69.88
N LYS A 905 -48.33 122.18 70.65
CA LYS A 905 -46.90 122.22 70.23
C LYS A 905 -46.64 120.70 69.91
N VAL A 906 -45.54 120.35 69.23
CA VAL A 906 -45.38 119.05 68.77
C VAL A 906 -43.85 118.80 68.72
N PHE A 907 -43.47 117.57 68.43
CA PHE A 907 -42.09 117.24 68.57
C PHE A 907 -41.77 116.18 67.55
N LYS A 908 -40.52 115.69 67.58
CA LYS A 908 -40.04 114.41 67.19
C LYS A 908 -38.55 114.39 67.69
N THR A 909 -37.77 113.37 67.37
CA THR A 909 -36.38 113.23 67.87
C THR A 909 -35.91 112.12 66.95
N VAL A 910 -34.59 111.96 66.76
CA VAL A 910 -34.08 110.90 65.94
C VAL A 910 -32.75 110.65 66.60
N SER A 911 -32.30 109.38 66.51
CA SER A 911 -31.12 108.79 67.07
C SER A 911 -30.79 107.61 66.22
N VAL A 912 -29.64 106.97 66.60
CA VAL A 912 -29.24 105.74 65.91
C VAL A 912 -29.29 104.62 66.91
N PRO A 913 -30.01 103.52 66.54
CA PRO A 913 -30.24 102.37 67.41
C PRO A 913 -29.10 101.35 67.23
N ASN A 914 -28.38 100.95 68.31
CA ASN A 914 -27.50 99.91 68.54
C ASN A 914 -28.08 98.49 68.20
N VAL A 915 -27.19 97.56 67.76
CA VAL A 915 -27.53 96.18 67.36
C VAL A 915 -26.44 95.37 67.94
N THR A 916 -26.67 94.08 67.96
CA THR A 916 -25.74 93.06 68.44
C THR A 916 -24.69 92.79 67.40
N ALA A 917 -23.49 92.53 67.87
CA ALA A 917 -22.32 92.13 67.11
C ALA A 917 -21.66 90.95 67.69
N ASN A 918 -20.98 90.10 66.88
CA ASN A 918 -20.35 88.87 67.31
C ASN A 918 -19.11 88.71 66.36
N LEU A 919 -18.06 88.07 66.96
CA LEU A 919 -16.88 87.63 66.18
C LEU A 919 -17.04 86.11 66.01
N TYR A 920 -16.72 85.65 64.84
CA TYR A 920 -16.78 84.27 64.52
C TYR A 920 -16.08 83.93 63.31
N PHE A 921 -15.29 82.82 63.36
CA PHE A 921 -14.95 81.98 62.22
C PHE A 921 -16.12 81.13 61.92
N PRO A 922 -16.61 80.98 60.67
CA PRO A 922 -17.59 80.02 60.22
C PRO A 922 -17.10 78.59 60.26
N SER A 923 -15.88 78.35 60.87
CA SER A 923 -15.36 77.02 61.09
C SER A 923 -15.08 76.83 62.54
N SER A 924 -15.60 75.70 63.06
CA SER A 924 -15.14 75.08 64.27
C SER A 924 -14.76 73.68 63.98
N THR A 925 -14.57 73.36 62.65
CA THR A 925 -14.31 72.06 62.13
C THR A 925 -12.81 72.09 61.69
N THR A 926 -12.10 73.25 61.95
CA THR A 926 -10.80 73.73 61.44
C THR A 926 -9.72 72.69 61.28
N PRO A 927 -9.37 72.17 60.07
CA PRO A 927 -8.24 71.42 59.80
C PRO A 927 -6.95 72.18 60.06
N LEU A 928 -5.87 71.43 60.40
CA LEU A 928 -4.70 72.08 60.90
C LEU A 928 -3.61 71.68 59.94
N TYR A 929 -3.04 72.64 59.24
CA TYR A 929 -1.77 72.58 58.44
C TYR A 929 -1.86 73.91 57.83
N GLN A 930 -2.06 74.91 58.73
CA GLN A 930 -2.32 76.28 58.29
C GLN A 930 -1.41 77.21 59.04
N LEU A 931 -0.94 78.23 58.34
CA LEU A 931 -0.24 79.38 58.88
C LEU A 931 -0.97 80.67 58.50
N SER A 932 -2.07 80.71 57.69
CA SER A 932 -2.78 81.94 57.79
C SER A 932 -4.23 81.66 57.49
N VAL A 933 -5.07 82.26 58.32
CA VAL A 933 -6.40 81.84 58.57
C VAL A 933 -7.21 83.13 58.69
N PRO A 934 -8.48 83.11 58.11
CA PRO A 934 -9.30 84.35 58.19
C PRO A 934 -10.55 84.11 58.92
N LEU A 935 -11.33 85.20 59.26
CA LEU A 935 -12.50 85.04 60.01
C LEU A 935 -13.36 86.27 59.73
N TYR A 936 -14.67 86.25 60.14
CA TYR A 936 -15.70 87.23 59.84
C TYR A 936 -15.92 88.00 61.16
N LEU A 937 -16.02 89.29 61.07
CA LEU A 937 -16.63 90.11 62.07
C LEU A 937 -17.91 90.48 61.40
N SER A 938 -18.97 89.85 62.02
CA SER A 938 -20.36 90.23 61.74
C SER A 938 -20.76 91.33 62.75
N GLU A 939 -20.98 92.54 62.22
CA GLU A 939 -21.05 93.73 63.00
C GLU A 939 -21.70 94.79 62.16
N PRO A 940 -23.05 94.89 62.13
CA PRO A 940 -23.75 95.69 61.15
C PRO A 940 -24.09 96.96 61.79
N TYR A 941 -23.23 97.43 62.80
CA TYR A 941 -23.29 98.74 63.41
C TYR A 941 -22.17 99.59 62.86
N TYR A 942 -21.32 98.97 61.97
CA TYR A 942 -20.04 99.41 61.63
C TYR A 942 -19.91 99.35 60.12
N GLY A 943 -21.04 99.49 59.30
CA GLY A 943 -21.03 99.65 57.89
C GLY A 943 -20.50 100.99 57.47
N SER A 944 -20.47 101.23 56.19
CA SER A 944 -19.85 102.32 55.59
C SER A 944 -19.76 101.94 54.11
N PRO A 945 -20.15 102.71 53.11
CA PRO A 945 -19.75 102.58 51.75
C PRO A 945 -18.33 102.44 51.50
N LEU A 946 -17.97 101.48 50.56
CA LEU A 946 -16.55 101.14 50.36
C LEU A 946 -15.81 102.16 49.50
N PRO A 947 -14.44 102.36 49.75
CA PRO A 947 -13.62 101.48 50.65
C PRO A 947 -13.83 102.08 52.08
N THR A 948 -13.36 101.39 53.12
CA THR A 948 -13.31 101.86 54.45
C THR A 948 -12.19 101.01 55.02
N TYR A 949 -11.57 101.33 56.21
CA TYR A 949 -10.73 100.37 56.88
C TYR A 949 -10.59 100.73 58.39
N ILE A 950 -9.53 100.16 59.01
CA ILE A 950 -9.21 100.35 60.40
C ILE A 950 -7.79 100.24 60.51
N GLY A 951 -7.08 101.23 61.16
CA GLY A 951 -5.75 101.13 61.69
C GLY A 951 -5.68 100.28 62.90
N LEU A 952 -5.08 99.04 62.84
CA LEU A 952 -4.96 98.07 63.86
C LEU A 952 -3.66 98.29 64.65
N GLY A 953 -3.78 98.82 65.93
CA GLY A 953 -2.79 99.46 66.71
C GLY A 953 -2.35 98.84 67.99
N THR A 954 -2.25 99.61 69.12
CA THR A 954 -1.55 99.37 70.38
C THR A 954 -1.98 98.15 71.14
N ASN A 955 -3.30 97.84 71.13
CA ASN A 955 -3.77 96.62 71.80
C ASN A 955 -4.29 95.63 70.80
N GLY A 956 -4.03 95.94 69.51
CA GLY A 956 -4.83 95.49 68.41
C GLY A 956 -5.65 96.67 67.96
N THR A 957 -5.51 97.89 68.55
CA THR A 957 -6.63 98.81 68.68
C THR A 957 -7.48 99.14 67.46
N SER A 958 -8.82 99.07 67.51
CA SER A 958 -9.67 99.51 66.43
C SER A 958 -9.81 101.00 66.26
N LEU A 959 -8.69 101.72 66.04
CA LEU A 959 -8.48 103.04 65.54
C LEU A 959 -8.90 103.24 64.07
N TRP A 960 -10.24 103.28 63.82
CA TRP A 960 -11.01 103.28 62.54
C TRP A 960 -10.50 104.35 61.61
N ASN A 961 -10.02 103.95 60.46
CA ASN A 961 -9.33 104.78 59.53
C ASN A 961 -10.01 104.68 58.22
N SER A 962 -10.75 105.72 57.79
CA SER A 962 -10.96 105.89 56.43
C SER A 962 -11.03 107.35 56.23
N PRO A 963 -10.18 107.81 55.36
CA PRO A 963 -10.27 109.11 54.68
C PRO A 963 -11.29 109.07 53.58
N ASN A 964 -11.96 107.94 53.41
CA ASN A 964 -12.77 107.67 52.21
C ASN A 964 -14.24 107.69 52.52
N TYR A 965 -14.57 108.42 53.68
CA TYR A 965 -15.93 108.67 54.06
C TYR A 965 -16.02 110.22 53.94
N VAL A 966 -17.18 110.63 53.36
CA VAL A 966 -17.54 111.96 53.13
C VAL A 966 -18.90 112.16 53.62
N LEU A 967 -19.33 113.35 54.06
CA LEU A 967 -20.77 113.60 54.33
C LEU A 967 -20.82 115.08 54.25
N PHE A 968 -20.74 115.56 52.95
CA PHE A 968 -20.89 116.92 52.47
C PHE A 968 -19.55 117.57 52.35
N GLY A 969 -18.48 116.82 52.17
CA GLY A 969 -17.21 117.36 51.75
C GLY A 969 -16.01 117.19 52.73
N VAL A 970 -16.19 116.49 53.84
CA VAL A 970 -15.13 116.41 54.81
C VAL A 970 -14.56 115.06 54.92
N SER A 971 -13.22 115.00 54.88
CA SER A 971 -12.40 113.86 55.04
C SER A 971 -12.23 113.48 56.48
N ALA A 972 -12.14 112.11 56.65
CA ALA A 972 -12.35 111.58 57.93
C ALA A 972 -11.10 111.06 58.46
N VAL A 973 -10.99 111.05 59.88
CA VAL A 973 -9.78 110.69 60.61
C VAL A 973 -10.07 109.53 61.52
N GLN A 974 -9.00 109.04 62.20
CA GLN A 974 -9.01 108.09 63.30
C GLN A 974 -10.17 108.34 64.26
N GLN A 975 -10.83 107.22 64.64
CA GLN A 975 -11.97 107.12 65.53
C GLN A 975 -11.71 105.92 66.24
N TYR A 976 -11.48 105.94 67.59
CA TYR A 976 -11.16 104.84 68.54
C TYR A 976 -12.31 103.94 68.81
N LEU A 977 -12.33 102.68 68.27
CA LEU A 977 -13.60 101.90 68.23
C LEU A 977 -13.40 100.50 68.78
N GLY A 978 -12.51 100.35 69.79
CA GLY A 978 -12.36 99.03 70.35
C GLY A 978 -10.98 98.54 70.19
N PHE A 979 -10.79 97.22 70.18
CA PHE A 979 -9.43 96.57 70.14
C PHE A 979 -9.57 95.09 70.13
N ILE A 980 -8.56 94.32 69.60
CA ILE A 980 -8.53 92.91 69.67
C ILE A 980 -8.18 92.61 71.14
N LYS A 981 -8.71 91.55 71.79
CA LYS A 981 -8.62 91.42 73.25
C LYS A 981 -7.39 90.60 73.55
N SER A 982 -7.31 89.32 73.12
CA SER A 982 -6.35 88.37 73.45
C SER A 982 -6.67 87.23 72.63
N ILE A 983 -5.91 86.19 72.89
CA ILE A 983 -5.86 84.96 72.22
C ILE A 983 -5.70 84.00 73.38
N SER A 984 -6.57 82.93 73.42
CA SER A 984 -6.47 81.99 74.49
C SER A 984 -6.82 80.61 74.02
N VAL A 985 -6.03 79.64 74.49
CA VAL A 985 -6.14 78.24 74.22
C VAL A 985 -6.26 77.70 75.63
N THR A 986 -6.71 76.42 75.80
CA THR A 986 -7.35 76.01 77.08
C THR A 986 -6.34 75.34 78.08
N LEU A 987 -6.51 75.53 79.44
CA LEU A 987 -5.79 74.87 80.48
C LEU A 987 -6.84 74.47 81.36
N SER A 988 -7.07 73.17 81.60
CA SER A 988 -8.20 72.64 82.37
C SER A 988 -7.53 71.65 83.29
N ASN A 989 -7.99 71.69 84.60
CA ASN A 989 -7.54 70.95 85.68
C ASN A 989 -8.59 70.95 86.79
N GLY A 990 -9.71 71.67 86.57
CA GLY A 990 -10.84 71.65 87.47
C GLY A 990 -11.30 73.04 87.91
N THR A 991 -10.67 74.07 87.30
CA THR A 991 -10.94 75.44 87.54
C THR A 991 -10.62 75.90 86.22
N THR A 992 -11.03 77.13 85.84
CA THR A 992 -10.96 77.63 84.56
C THR A 992 -9.82 78.68 84.68
N VAL A 993 -8.77 78.63 83.79
CA VAL A 993 -7.66 79.55 83.77
C VAL A 993 -7.30 79.62 82.30
N VAL A 994 -6.68 80.76 81.85
CA VAL A 994 -6.44 81.08 80.48
C VAL A 994 -4.98 81.47 80.47
N ILE A 995 -4.51 81.71 79.21
CA ILE A 995 -3.17 82.04 78.77
C ILE A 995 -3.33 83.25 77.89
N PRO A 996 -2.66 84.41 78.27
CA PRO A 996 -2.74 85.68 77.51
C PRO A 996 -1.60 85.71 76.54
N LEU A 997 -1.84 86.40 75.36
CA LEU A 997 -0.82 87.01 74.57
C LEU A 997 -0.89 88.47 74.93
N THR A 998 0.33 89.13 75.05
CA THR A 998 0.48 90.28 75.89
C THR A 998 0.39 91.49 74.97
N THR A 999 0.20 92.78 75.48
CA THR A 999 -0.10 93.89 74.54
C THR A 999 1.17 94.27 73.65
N SER A 1000 2.40 94.01 74.07
CA SER A 1000 3.61 93.98 73.19
C SER A 1000 3.50 93.08 71.94
N ASN A 1001 3.10 91.79 72.15
CA ASN A 1001 2.83 90.84 71.14
C ASN A 1001 1.72 91.31 70.24
N MET A 1002 0.70 92.08 70.84
CA MET A 1002 -0.49 92.39 70.11
C MET A 1002 -0.28 93.63 69.26
N GLN A 1003 0.66 94.61 69.67
CA GLN A 1003 1.15 95.62 68.76
C GLN A 1003 1.78 95.21 67.49
N THR A 1004 2.29 93.99 67.54
CA THR A 1004 3.00 93.26 66.48
C THR A 1004 2.21 92.14 65.92
N LEU A 1005 1.09 91.67 66.54
CA LEU A 1005 0.37 90.51 65.98
C LEU A 1005 -0.76 91.00 65.08
N PHE A 1006 -1.33 92.12 65.44
CA PHE A 1006 -2.29 92.87 64.69
C PHE A 1006 -1.69 94.26 64.36
N PRO A 1007 -0.48 94.40 63.70
CA PRO A 1007 -0.04 95.75 63.34
C PRO A 1007 -0.72 96.36 62.18
N GLN A 1008 -1.74 95.67 61.59
CA GLN A 1008 -2.18 95.83 60.21
C GLN A 1008 -2.74 97.25 60.02
N LEU A 1009 -2.36 97.94 58.91
CA LEU A 1009 -2.67 99.33 58.74
C LEU A 1009 -3.86 99.50 57.90
N VAL A 1010 -4.41 98.45 57.20
CA VAL A 1010 -5.65 98.41 56.49
C VAL A 1010 -6.23 97.05 56.81
N GLY A 1011 -7.53 97.04 57.16
CA GLY A 1011 -8.32 95.80 56.98
C GLY A 1011 -9.58 96.35 56.43
N GLN A 1012 -9.86 96.04 55.14
CA GLN A 1012 -10.99 96.55 54.38
C GLN A 1012 -12.17 95.71 54.56
N GLU A 1013 -13.35 96.29 54.06
CA GLU A 1013 -14.64 95.83 54.34
C GLU A 1013 -15.04 95.17 53.06
N LEU A 1014 -15.87 94.10 53.08
CA LEU A 1014 -16.01 93.24 51.99
C LEU A 1014 -17.35 93.57 51.27
N GLN A 1015 -18.40 94.08 52.05
CA GLN A 1015 -19.70 94.42 51.63
C GLN A 1015 -20.21 95.64 52.28
N ALA A 1016 -20.72 96.62 51.54
CA ALA A 1016 -21.04 97.92 52.03
C ALA A 1016 -22.20 97.83 52.95
N CYS A 1017 -22.25 98.75 53.98
CA CYS A 1017 -23.31 98.88 55.00
C CYS A 1017 -23.54 97.57 55.73
N ASN A 1018 -22.50 97.06 56.44
CA ASN A 1018 -22.54 95.86 57.23
C ASN A 1018 -21.13 95.48 57.32
N GLY A 1019 -20.70 95.28 58.57
CA GLY A 1019 -19.36 94.82 58.93
C GLY A 1019 -19.13 93.42 58.40
N THR A 1020 -17.84 93.15 58.03
CA THR A 1020 -17.48 91.94 57.39
C THR A 1020 -16.02 91.68 57.72
N PHE A 1021 -15.43 92.62 58.55
CA PHE A 1021 -14.01 92.98 58.49
C PHE A 1021 -13.06 91.82 58.56
N GLN A 1022 -12.23 91.73 57.49
CA GLN A 1022 -11.33 90.64 57.28
C GLN A 1022 -10.02 91.04 57.89
N PHE A 1023 -9.51 90.13 58.73
CA PHE A 1023 -8.09 90.09 59.18
C PHE A 1023 -7.63 88.69 58.79
N GLY A 1024 -6.45 88.58 58.23
CA GLY A 1024 -5.86 87.22 58.10
C GLY A 1024 -4.66 87.28 58.89
N ILE A 1025 -4.29 86.27 59.65
CA ILE A 1025 -3.35 86.55 60.68
C ILE A 1025 -2.51 85.34 60.75
N SER A 1026 -1.54 85.32 61.77
CA SER A 1026 -0.51 84.33 61.77
C SER A 1026 -1.06 83.11 62.48
N ILE A 1027 -0.52 81.95 62.13
CA ILE A 1027 -0.38 80.78 63.08
C ILE A 1027 1.05 80.49 63.22
N THR A 1028 1.99 81.27 62.65
CA THR A 1028 3.41 81.08 62.77
C THR A 1028 3.72 81.67 64.17
N GLY A 1029 3.45 82.93 64.55
CA GLY A 1029 3.64 83.38 65.93
C GLY A 1029 2.78 82.65 66.92
N LEU A 1030 1.59 82.07 66.50
CA LEU A 1030 0.74 81.37 67.44
C LEU A 1030 1.28 80.05 67.69
N GLU A 1031 1.65 79.25 66.65
CA GLU A 1031 2.31 77.95 66.76
C GLU A 1031 3.49 78.04 67.72
N LYS A 1032 4.33 79.05 67.54
CA LYS A 1032 5.55 79.31 68.35
C LYS A 1032 5.39 79.68 69.79
N LEU A 1033 4.37 80.36 70.25
CA LEU A 1033 4.39 80.89 71.60
C LEU A 1033 3.29 80.24 72.46
N LEU A 1034 2.25 79.65 71.96
CA LEU A 1034 1.21 79.00 72.72
C LEU A 1034 1.60 77.57 72.82
N ASN A 1035 2.55 77.13 71.92
CA ASN A 1035 3.14 75.83 71.79
C ASN A 1035 2.22 74.87 71.12
N LEU A 1036 1.71 75.31 69.93
CA LEU A 1036 0.78 74.53 69.15
C LEU A 1036 1.68 74.06 68.11
N ASN A 1037 1.37 72.85 67.53
CA ASN A 1037 2.10 72.27 66.38
C ASN A 1037 1.02 71.68 65.50
N VAL A 1038 1.38 70.87 64.46
CA VAL A 1038 0.43 70.36 63.48
C VAL A 1038 -0.55 69.32 64.01
N GLN A 1039 -0.11 68.54 64.94
CA GLN A 1039 -0.96 67.73 65.82
C GLN A 1039 -0.07 67.23 66.93
N GLN A 1040 1.26 67.66 67.00
CA GLN A 1040 2.17 67.09 67.88
C GLN A 1040 1.89 67.16 69.41
N LEU A 1041 1.42 68.42 69.82
CA LEU A 1041 1.23 68.80 71.20
C LEU A 1041 -0.03 69.58 71.29
N ASN A 1042 -0.79 69.57 70.18
CA ASN A 1042 -1.99 70.31 69.93
C ASN A 1042 -3.13 69.44 70.42
N ASN A 1043 -4.12 70.16 70.97
CA ASN A 1043 -5.48 69.77 71.11
C ASN A 1043 -5.89 70.89 72.02
N SER A 1044 -6.94 71.63 71.55
CA SER A 1044 -7.40 72.72 72.38
C SER A 1044 -8.70 73.20 71.79
N ILE A 1045 -9.04 74.50 72.04
CA ILE A 1045 -10.06 75.08 71.34
C ILE A 1045 -9.55 76.08 70.38
N LEU A 1046 -8.94 77.08 70.93
CA LEU A 1046 -8.30 78.21 70.24
C LEU A 1046 -9.37 79.11 69.93
N SER A 1047 -9.56 80.18 70.70
CA SER A 1047 -10.48 81.25 70.48
C SER A 1047 -9.80 82.57 70.67
N VAL A 1048 -9.92 83.46 69.72
CA VAL A 1048 -9.27 84.78 69.75
C VAL A 1048 -10.38 85.71 70.03
N THR A 1049 -10.23 86.92 70.54
CA THR A 1049 -11.31 87.69 71.10
C THR A 1049 -11.12 89.11 70.64
N TYR A 1050 -12.22 89.88 70.57
CA TYR A 1050 -12.19 91.29 70.17
C TYR A 1050 -13.01 92.05 71.20
N HIS A 1051 -12.97 93.40 71.27
CA HIS A 1051 -13.86 94.19 72.11
C HIS A 1051 -14.01 95.40 71.32
N ASP A 1052 -15.15 96.09 71.55
CA ASP A 1052 -15.51 97.21 70.74
C ASP A 1052 -16.27 98.11 71.67
N TYR A 1053 -16.16 99.42 71.29
CA TYR A 1053 -17.00 100.44 71.94
C TYR A 1053 -18.10 100.69 70.84
N VAL A 1054 -17.97 99.99 69.66
CA VAL A 1054 -18.98 100.02 68.65
C VAL A 1054 -20.29 99.53 69.17
N THR A 1055 -20.36 98.38 69.94
CA THR A 1055 -21.63 97.95 70.46
C THR A 1055 -21.47 97.78 71.95
N GLY A 1056 -20.24 97.97 72.48
CA GLY A 1056 -19.95 98.02 73.91
C GLY A 1056 -20.05 96.69 74.54
N GLU A 1057 -19.47 95.70 73.84
CA GLU A 1057 -19.69 94.30 74.08
C GLU A 1057 -18.34 93.61 74.01
N THR A 1058 -18.17 92.51 74.84
CA THR A 1058 -17.28 91.42 74.63
C THR A 1058 -17.76 90.57 73.47
N LEU A 1059 -16.83 90.01 72.65
CA LEU A 1059 -17.21 89.27 71.42
C LEU A 1059 -16.05 88.49 71.01
N THR A 1060 -16.21 87.15 70.98
CA THR A 1060 -15.16 86.18 70.95
C THR A 1060 -15.44 85.22 69.82
N ALA A 1061 -14.40 84.69 69.21
CA ALA A 1061 -14.47 83.92 68.05
C ALA A 1061 -14.64 82.42 68.46
N THR A 1062 -15.09 81.61 67.50
CA THR A 1062 -15.45 80.27 67.72
C THR A 1062 -14.65 79.47 66.80
N THR A 1063 -13.72 78.61 67.41
CA THR A 1063 -13.08 77.67 66.56
C THR A 1063 -12.85 76.59 67.60
N LYS A 1064 -12.88 75.26 67.21
CA LYS A 1064 -12.57 74.17 68.14
C LYS A 1064 -11.52 73.35 67.44
N LEU A 1065 -10.44 72.94 68.11
CA LEU A 1065 -9.50 72.10 67.46
C LEU A 1065 -9.69 70.70 67.91
N VAL A 1066 -9.94 69.83 66.99
CA VAL A 1066 -10.03 68.46 67.26
C VAL A 1066 -8.74 67.70 67.47
N ALA A 1067 -7.59 68.39 67.20
CA ALA A 1067 -6.27 67.92 67.24
C ALA A 1067 -5.96 67.15 66.03
N LEU A 1068 -6.28 67.91 64.93
CA LEU A 1068 -6.41 67.50 63.53
C LEU A 1068 -7.21 66.34 63.25
N SER A 1069 -8.26 66.58 62.39
CA SER A 1069 -9.12 65.52 62.02
C SER A 1069 -8.63 64.79 60.80
N THR A 1070 -8.69 63.44 60.85
CA THR A 1070 -8.38 62.51 59.84
C THR A 1070 -9.27 62.83 58.63
N LEU A 1071 -8.68 63.01 57.41
CA LEU A 1071 -9.26 63.40 56.14
C LEU A 1071 -8.68 62.51 55.13
N SER A 1072 -8.77 62.94 53.83
CA SER A 1072 -8.72 62.05 52.67
C SER A 1072 -7.33 61.50 52.44
N LEU A 1073 -7.15 60.16 52.16
CA LEU A 1073 -5.82 59.53 51.96
C LEU A 1073 -5.95 58.71 50.72
N VAL A 1074 -4.97 58.88 49.74
CA VAL A 1074 -4.90 58.00 48.60
C VAL A 1074 -3.82 56.98 48.93
N ALA A 1075 -4.23 55.63 48.94
CA ALA A 1075 -3.31 54.58 49.13
C ALA A 1075 -3.78 53.43 48.32
N LYS A 1076 -2.82 52.83 47.59
CA LYS A 1076 -3.12 51.82 46.61
C LYS A 1076 -2.26 50.67 46.88
N GLY A 1077 -1.08 50.56 46.15
CA GLY A 1077 -0.27 49.37 46.18
C GLY A 1077 0.75 49.61 47.24
N ALA A 1078 1.98 48.93 47.02
CA ALA A 1078 3.16 49.38 47.73
C ALA A 1078 4.29 48.67 47.16
N GLY A 1079 5.19 48.12 47.92
CA GLY A 1079 6.49 47.59 47.53
C GLY A 1079 6.46 46.41 46.63
N VAL A 1080 7.67 45.96 46.24
CA VAL A 1080 7.83 44.88 45.35
C VAL A 1080 8.75 43.88 46.02
N VAL A 1081 8.28 42.61 46.11
CA VAL A 1081 9.08 41.57 46.72
C VAL A 1081 9.87 40.80 45.72
N GLU A 1082 11.14 40.49 45.99
CA GLU A 1082 11.95 39.67 45.19
C GLU A 1082 11.85 38.24 45.62
N PHE A 1083 12.05 37.37 44.57
CA PHE A 1083 11.79 35.99 44.71
C PHE A 1083 12.96 35.30 44.08
N LEU A 1084 14.18 35.79 44.34
CA LEU A 1084 15.43 35.10 44.10
C LEU A 1084 16.35 35.64 45.20
N LEU A 1085 17.45 34.83 45.57
CA LEU A 1085 18.33 35.19 46.66
C LEU A 1085 19.45 35.79 45.93
N THR A 1086 19.69 37.08 46.12
CA THR A 1086 20.60 37.73 45.14
C THR A 1086 21.79 38.37 45.83
N ALA A 1087 22.92 38.46 45.06
CA ALA A 1087 24.17 39.18 45.40
C ALA A 1087 24.86 38.46 46.59
N TYR A 1088 25.10 37.14 46.51
CA TYR A 1088 25.84 36.27 47.42
C TYR A 1088 24.94 35.08 47.71
N PRO A 1089 25.17 33.96 46.96
CA PRO A 1089 24.57 32.63 47.18
C PRO A 1089 25.46 31.94 48.11
N TYR A 1090 25.02 30.84 48.79
CA TYR A 1090 25.76 30.10 49.81
C TYR A 1090 25.93 28.66 49.35
N THR A 1091 25.65 28.44 48.01
CA THR A 1091 26.04 27.30 47.19
C THR A 1091 27.42 26.84 47.38
N GLY A 1092 27.58 25.45 47.51
CA GLY A 1092 28.83 24.73 47.92
C GLY A 1092 29.97 25.07 47.08
N ASN A 1093 29.69 25.29 45.76
CA ASN A 1093 30.48 26.09 44.85
C ASN A 1093 29.71 27.41 44.77
N ILE A 1094 30.31 28.54 45.07
CA ILE A 1094 29.80 29.87 45.03
C ILE A 1094 29.41 30.25 43.67
N THR A 1095 30.10 29.78 42.63
CA THR A 1095 29.72 30.06 41.26
C THR A 1095 28.77 28.94 40.95
N PHE A 1096 27.54 29.26 40.57
CA PHE A 1096 26.37 28.39 40.52
C PHE A 1096 25.39 29.00 41.52
N ALA A 1097 24.13 29.15 41.10
CA ALA A 1097 23.04 29.28 42.03
C ALA A 1097 21.78 28.66 41.47
N PRO A 1098 20.85 28.00 42.23
CA PRO A 1098 19.69 27.32 41.67
C PRO A 1098 18.57 28.31 41.80
N PRO A 1099 17.32 28.12 41.41
CA PRO A 1099 16.35 29.16 41.34
C PRO A 1099 15.58 29.31 42.58
N TRP A 1100 16.17 30.09 43.51
CA TRP A 1100 15.56 30.29 44.79
C TRP A 1100 14.28 31.04 44.58
N PHE A 1101 13.30 30.84 45.44
CA PHE A 1101 12.10 31.66 45.41
C PHE A 1101 11.81 31.66 46.90
N ILE A 1102 11.40 32.86 47.45
CA ILE A 1102 10.86 32.95 48.79
C ILE A 1102 9.41 32.64 48.64
N ALA A 1103 8.83 31.88 49.60
CA ALA A 1103 7.53 31.31 49.33
C ALA A 1103 6.45 32.32 49.28
N GLU A 1104 5.55 32.07 48.36
CA GLU A 1104 4.63 33.07 47.77
C GLU A 1104 3.23 32.77 48.31
N ASN A 1105 3.14 32.83 49.64
CA ASN A 1105 1.94 33.17 50.35
C ASN A 1105 1.99 34.66 50.74
N VAL A 1106 2.81 35.43 49.97
CA VAL A 1106 3.03 36.86 50.31
C VAL A 1106 1.62 37.51 50.18
N VAL A 1107 0.87 37.87 51.26
CA VAL A 1107 -0.52 38.31 51.28
C VAL A 1107 -0.63 39.71 50.60
N LYS A 1108 0.52 40.36 50.34
CA LYS A 1108 0.79 41.51 49.53
C LYS A 1108 0.47 42.87 50.16
N GLN A 1109 1.43 43.85 50.16
CA GLN A 1109 1.43 45.27 50.44
C GLN A 1109 2.54 45.50 51.48
N PRO A 1110 3.82 45.66 51.31
CA PRO A 1110 4.74 46.38 52.25
C PRO A 1110 4.23 47.54 52.94
N PHE A 1111 3.89 47.44 54.29
CA PHE A 1111 2.77 48.19 54.94
C PHE A 1111 3.15 49.55 55.11
N MET A 1112 2.37 50.51 54.61
CA MET A 1112 2.75 51.83 54.25
C MET A 1112 2.21 52.92 55.13
N THR A 1113 2.63 52.80 56.43
CA THR A 1113 2.34 53.77 57.47
C THR A 1113 3.14 55.02 57.32
N TYR A 1114 2.46 56.12 56.76
CA TYR A 1114 3.02 57.33 56.36
C TYR A 1114 3.82 58.02 57.46
N SER A 1115 5.01 58.51 57.15
CA SER A 1115 5.87 59.50 57.91
C SER A 1115 5.13 60.82 58.11
N ASP A 1116 4.44 61.21 57.01
CA ASP A 1116 3.75 62.44 56.85
C ASP A 1116 2.28 62.17 56.87
N LEU A 1117 1.78 61.64 58.02
CA LEU A 1117 0.42 61.34 58.36
C LEU A 1117 -0.39 62.69 58.39
N GLN A 1118 0.24 63.72 59.04
CA GLN A 1118 -0.42 64.97 59.33
C GLN A 1118 -0.75 65.61 58.03
N PHE A 1119 0.13 65.50 57.01
CA PHE A 1119 -0.05 65.84 55.66
C PHE A 1119 -1.17 65.05 55.08
N ALA A 1120 -1.09 63.64 55.15
CA ALA A 1120 -2.26 62.74 54.85
C ALA A 1120 -3.64 63.13 55.35
N LYS A 1121 -3.72 63.41 56.63
CA LYS A 1121 -4.90 63.92 57.37
C LYS A 1121 -5.40 65.34 56.98
N THR A 1122 -4.74 66.04 56.06
CA THR A 1122 -5.15 67.32 55.57
C THR A 1122 -5.37 67.25 54.05
N ASN A 1123 -4.24 67.09 53.28
CA ASN A 1123 -4.13 67.24 51.88
C ASN A 1123 -4.32 65.81 51.38
N PRO A 1124 -4.76 65.52 50.19
CA PRO A 1124 -5.15 64.16 49.82
C PRO A 1124 -4.04 63.15 49.66
N SER A 1125 -3.04 63.46 48.93
CA SER A 1125 -1.86 62.81 48.57
C SER A 1125 -1.17 63.81 47.61
N ALA A 1126 0.13 63.68 47.69
CA ALA A 1126 1.08 64.30 46.72
C ALA A 1126 2.20 63.34 46.61
N ILE A 1127 3.46 63.82 46.62
CA ILE A 1127 4.52 62.90 46.82
C ILE A 1127 4.57 62.66 48.29
N LEU A 1128 4.27 61.44 48.71
CA LEU A 1128 4.14 61.02 50.09
C LEU A 1128 5.20 60.07 50.44
N SER A 1129 5.73 60.16 51.70
CA SER A 1129 6.88 59.46 52.21
C SER A 1129 6.33 58.46 53.27
N LEU A 1130 7.08 57.55 53.77
CA LEU A 1130 6.66 56.40 54.51
C LEU A 1130 7.83 56.20 55.46
N SER A 1131 7.57 55.94 56.77
CA SER A 1131 8.24 54.95 57.51
C SER A 1131 8.02 53.68 56.77
N THR A 1132 9.08 53.09 56.23
CA THR A 1132 9.05 51.77 55.73
C THR A 1132 9.07 50.84 56.87
N VAL A 1133 7.88 50.73 57.60
CA VAL A 1133 7.79 50.04 58.81
C VAL A 1133 7.55 48.61 58.52
N ASN A 1134 7.17 48.19 57.34
CA ASN A 1134 7.29 46.82 56.99
C ASN A 1134 7.52 46.65 55.52
N ILE A 1135 7.93 45.35 55.16
CA ILE A 1135 7.93 44.82 53.84
C ILE A 1135 7.47 43.40 54.16
N THR A 1136 6.32 43.02 53.55
CA THR A 1136 5.74 41.75 53.91
C THR A 1136 6.47 40.68 53.26
N VAL A 1137 6.91 39.69 54.07
CA VAL A 1137 7.48 38.44 53.48
C VAL A 1137 7.00 37.34 54.28
N VAL A 1138 5.80 36.87 53.88
CA VAL A 1138 4.97 35.78 54.40
C VAL A 1138 5.46 34.62 53.55
N GLY A 1139 5.32 33.39 54.04
CA GLY A 1139 5.67 32.13 53.45
C GLY A 1139 4.64 31.17 53.97
N LEU A 1140 5.06 29.89 54.03
CA LEU A 1140 4.32 28.74 54.54
C LEU A 1140 3.92 28.90 55.97
N GLY A 1141 4.89 29.32 56.80
CA GLY A 1141 4.76 29.64 58.18
C GLY A 1141 5.42 31.02 58.37
N GLY A 1142 5.03 31.64 59.53
CA GLY A 1142 5.48 33.02 60.01
C GLY A 1142 5.64 34.05 58.94
N LYS A 1143 6.58 35.04 59.13
CA LYS A 1143 6.99 35.99 58.16
C LYS A 1143 8.29 36.56 58.64
N ALA A 1144 9.01 37.22 57.70
CA ALA A 1144 10.18 37.99 58.01
C ALA A 1144 10.06 39.34 57.44
N SER A 1145 10.91 40.35 57.80
CA SER A 1145 10.80 41.61 57.17
C SER A 1145 12.20 42.31 57.27
N VAL A 1146 12.42 43.26 56.35
CA VAL A 1146 13.64 44.07 56.22
C VAL A 1146 13.04 45.47 55.98
N TYR A 1147 13.01 46.33 57.07
CA TYR A 1147 12.16 47.48 57.00
C TYR A 1147 12.85 48.70 57.52
N TYR A 1148 12.93 49.77 56.72
CA TYR A 1148 13.61 50.98 57.08
C TYR A 1148 12.74 51.85 57.87
N ASN A 1149 12.98 51.88 59.21
CA ASN A 1149 11.97 52.39 60.03
C ASN A 1149 12.39 53.85 60.26
N SER A 1150 11.63 54.78 59.66
CA SER A 1150 12.03 56.20 59.60
C SER A 1150 11.59 56.91 60.89
N THR A 1151 11.37 56.14 61.94
CA THR A 1151 11.24 56.65 63.28
C THR A 1151 12.23 56.09 64.23
N SER A 1152 13.23 55.37 63.80
CA SER A 1152 14.37 55.10 64.57
C SER A 1152 15.49 55.84 63.75
N GLY A 1153 15.39 55.89 62.38
CA GLY A 1153 16.42 56.49 61.55
C GLY A 1153 17.39 55.50 61.11
N GLN A 1154 17.04 54.16 61.18
CA GLN A 1154 17.95 53.10 60.87
C GLN A 1154 17.17 51.92 60.30
N THR A 1155 17.96 51.02 59.64
CA THR A 1155 17.44 49.80 59.12
C THR A 1155 17.18 48.77 60.21
N VAL A 1156 15.89 48.63 60.55
CA VAL A 1156 15.47 47.57 61.45
C VAL A 1156 15.26 46.36 60.60
N ILE A 1157 15.74 45.16 60.93
CA ILE A 1157 15.65 43.93 60.23
C ILE A 1157 15.17 43.04 61.37
N THR A 1158 14.09 42.30 61.01
CA THR A 1158 13.40 41.37 61.87
C THR A 1158 13.46 40.07 61.16
N ASN A 1159 13.02 39.00 61.82
CA ASN A 1159 13.10 37.72 61.32
C ASN A 1159 11.87 36.91 61.76
N ILE A 1160 11.85 35.63 61.42
CA ILE A 1160 10.68 34.82 61.77
C ILE A 1160 10.61 34.39 63.30
N TYR A 1161 11.79 34.43 63.92
CA TYR A 1161 11.90 34.22 65.39
C TYR A 1161 11.11 35.29 66.07
N GLY A 1162 11.18 36.51 65.54
CA GLY A 1162 10.28 37.59 65.97
C GLY A 1162 11.10 38.83 66.11
N GLN A 1163 12.38 38.70 66.44
CA GLN A 1163 13.23 39.71 66.93
C GLN A 1163 13.99 40.53 65.93
N THR A 1164 14.29 41.77 66.29
CA THR A 1164 15.21 42.71 65.63
C THR A 1164 16.55 42.07 65.67
N VAL A 1165 17.20 41.77 64.52
CA VAL A 1165 18.39 41.01 64.51
C VAL A 1165 19.58 41.85 64.06
N ALA A 1166 19.27 42.97 63.50
CA ALA A 1166 20.28 43.89 63.14
C ALA A 1166 19.59 45.22 63.14
N THR A 1167 20.48 46.29 63.22
CA THR A 1167 19.95 47.62 63.29
C THR A 1167 21.09 48.35 62.85
N LEU A 1168 20.99 48.93 61.63
CA LEU A 1168 22.09 49.44 60.84
C LEU A 1168 21.93 50.96 60.62
N SER A 1169 22.95 51.74 61.03
CA SER A 1169 22.91 53.21 61.32
C SER A 1169 22.60 53.92 60.05
N GLY A 1170 21.78 55.04 60.17
CA GLY A 1170 21.48 56.01 59.16
C GLY A 1170 20.74 55.40 58.04
N ASN A 1171 20.97 55.98 56.81
CA ASN A 1171 20.34 55.51 55.59
C ASN A 1171 21.33 54.56 55.02
N VAL A 1172 20.95 53.30 54.88
CA VAL A 1172 21.73 52.23 54.19
C VAL A 1172 20.69 51.24 53.54
N LEU A 1173 19.36 51.53 53.69
CA LEU A 1173 18.36 51.23 52.70
C LEU A 1173 17.79 52.62 52.27
N PRO A 1174 17.53 52.73 50.99
CA PRO A 1174 16.81 53.91 50.42
C PRO A 1174 15.34 54.00 50.97
N THR A 1175 14.78 55.24 50.93
CA THR A 1175 13.47 55.57 51.46
C THR A 1175 12.45 55.14 50.52
N LEU A 1176 11.40 54.35 50.84
CA LEU A 1176 10.25 54.30 49.94
C LEU A 1176 9.53 55.70 49.86
N THR A 1177 9.19 56.17 48.65
CA THR A 1177 8.41 57.38 48.53
C THR A 1177 7.60 57.17 47.29
N GLU A 1178 6.46 57.93 47.20
CA GLU A 1178 5.56 58.01 46.07
C GLU A 1178 6.22 58.46 44.85
N LEU A 1179 5.77 57.98 43.70
CA LEU A 1179 6.41 58.14 42.43
C LEU A 1179 5.71 59.25 41.65
N ALA A 1180 4.61 59.77 42.17
CA ALA A 1180 3.88 60.72 41.52
C ALA A 1180 3.14 61.56 42.52
N ALA A 1181 2.33 62.50 42.07
CA ALA A 1181 1.40 63.32 42.85
C ALA A 1181 0.09 62.68 42.54
N GLY A 1182 -0.47 62.05 43.59
CA GLY A 1182 -1.71 61.25 43.48
C GLY A 1182 -1.38 59.75 43.17
N ASN A 1183 -1.22 58.80 44.10
CA ASN A 1183 -0.57 57.56 43.83
C ASN A 1183 -0.60 57.03 45.24
N GLY A 1184 -0.01 55.84 45.43
CA GLY A 1184 0.00 55.05 46.60
C GLY A 1184 0.91 53.80 46.41
N THR A 1185 2.03 54.03 45.67
CA THR A 1185 2.87 52.99 45.09
C THR A 1185 4.30 53.19 45.38
N PHE A 1186 4.99 52.08 45.69
CA PHE A 1186 6.26 52.14 46.34
C PHE A 1186 7.01 50.96 45.82
N THR A 1187 8.35 50.85 46.18
CA THR A 1187 9.29 50.05 45.49
C THR A 1187 9.79 49.02 46.46
N GLY A 1188 10.68 48.11 45.91
CA GLY A 1188 11.13 47.07 46.77
C GLY A 1188 12.14 46.25 46.04
N SER A 1189 13.21 45.78 46.76
CA SER A 1189 14.36 45.22 46.09
C SER A 1189 15.18 44.82 47.28
N LEU A 1190 15.54 43.51 47.32
CA LEU A 1190 16.07 42.81 48.43
C LEU A 1190 17.01 41.77 47.97
N GLN A 1191 18.06 41.43 48.81
CA GLN A 1191 19.25 40.74 48.44
C GLN A 1191 19.56 39.83 49.61
N PHE A 1192 19.76 38.51 49.35
CA PHE A 1192 19.88 37.52 50.38
C PHE A 1192 21.00 36.54 50.02
N THR A 1193 21.42 35.85 51.10
CA THR A 1193 22.28 34.62 51.21
C THR A 1193 21.53 33.64 52.07
N ILE A 1194 22.15 32.60 52.53
CA ILE A 1194 21.51 31.60 53.42
C ILE A 1194 22.58 31.46 54.43
N VAL A 1195 22.26 31.41 55.76
CA VAL A 1195 23.08 30.92 56.89
C VAL A 1195 22.24 29.96 57.57
N PRO A 1196 22.58 28.67 57.82
CA PRO A 1196 21.60 27.68 58.20
C PRO A 1196 21.50 27.61 59.71
N ASN A 1197 20.33 27.16 60.22
CA ASN A 1197 20.09 26.52 61.51
C ASN A 1197 19.36 25.23 61.19
N ASN A 1198 19.60 24.21 62.12
CA ASN A 1198 19.29 22.80 61.84
C ASN A 1198 18.60 22.17 62.96
N THR A 1199 17.87 21.01 62.77
CA THR A 1199 16.94 20.51 63.75
C THR A 1199 16.49 19.25 63.16
N VAL A 1200 16.89 18.18 63.80
CA VAL A 1200 16.67 16.81 63.45
C VAL A 1200 15.12 16.41 63.37
N VAL A 1201 14.74 15.58 62.39
CA VAL A 1201 13.46 15.01 62.08
C VAL A 1201 13.66 13.60 61.71
N GLN A 1202 12.98 12.70 62.43
CA GLN A 1202 13.23 11.33 62.40
C GLN A 1202 12.28 10.76 61.42
N ILE A 1203 12.68 9.73 60.70
CA ILE A 1203 11.94 9.12 59.64
C ILE A 1203 12.03 7.64 59.93
N PRO A 1204 10.93 6.86 59.89
CA PRO A 1204 10.98 5.39 60.19
C PRO A 1204 11.97 4.44 59.49
N SER A 1205 12.11 3.28 60.15
CA SER A 1205 12.79 2.12 59.62
C SER A 1205 11.72 1.15 59.06
N SER A 1206 10.52 1.62 58.57
CA SER A 1206 9.47 0.76 58.10
C SER A 1206 9.24 1.06 56.59
N LEU A 1207 10.22 1.70 55.90
CA LEU A 1207 10.05 2.19 54.56
C LEU A 1207 11.10 1.55 53.67
N THR A 1208 12.33 2.22 53.76
CA THR A 1208 13.56 1.69 53.07
C THR A 1208 14.37 0.87 53.99
N LYS A 1209 14.09 0.98 55.32
CA LYS A 1209 14.83 0.37 56.39
C LYS A 1209 16.13 1.12 56.72
N THR A 1210 16.28 2.35 56.21
CA THR A 1210 17.45 3.19 56.43
C THR A 1210 16.83 4.40 57.11
N SER A 1211 17.05 4.47 58.44
CA SER A 1211 16.43 5.54 59.22
C SER A 1211 17.20 6.83 59.05
N PHE A 1212 16.46 7.80 58.53
CA PHE A 1212 17.01 9.07 58.13
C PHE A 1212 16.77 10.00 59.33
N ALA A 1213 17.86 10.79 59.56
CA ALA A 1213 17.78 11.74 60.64
C ALA A 1213 18.08 13.12 60.12
N VAL A 1214 17.10 13.92 59.88
CA VAL A 1214 17.30 14.93 58.80
C VAL A 1214 17.22 16.28 59.50
N TYR A 1215 18.29 17.11 59.22
CA TYR A 1215 18.47 18.50 59.63
C TYR A 1215 17.55 19.38 58.87
N THR A 1216 17.04 20.47 59.50
CA THR A 1216 16.10 21.43 58.89
C THR A 1216 16.62 22.11 57.62
N ASN A 1217 15.83 22.29 56.49
CA ASN A 1217 16.25 23.04 55.28
C ASN A 1217 16.76 24.43 55.61
N GLY A 1218 18.13 24.58 55.34
CA GLY A 1218 18.93 25.80 55.34
C GLY A 1218 18.43 26.76 56.42
N SER A 1219 18.27 28.01 56.05
CA SER A 1219 17.66 29.15 56.75
C SER A 1219 18.04 30.38 55.87
N LEU A 1220 16.95 31.13 55.43
CA LEU A 1220 17.01 32.45 54.72
C LEU A 1220 17.75 33.37 55.58
N ALA A 1221 18.48 34.29 54.90
CA ALA A 1221 19.36 35.16 55.47
C ALA A 1221 19.66 36.30 54.64
N ILE A 1222 19.10 37.46 55.03
CA ILE A 1222 19.18 38.70 54.23
C ILE A 1222 20.59 39.13 54.23
N VAL A 1223 21.03 39.99 53.19
CA VAL A 1223 22.29 40.61 53.22
C VAL A 1223 22.05 42.10 52.99
N LEU A 1224 22.73 43.03 53.75
CA LEU A 1224 22.82 44.37 53.40
C LEU A 1224 24.29 44.58 53.50
N ASN A 1225 24.84 45.20 52.44
CA ASN A 1225 26.27 45.60 52.26
C ASN A 1225 27.26 44.49 52.50
N GLY A 1226 26.83 43.24 52.21
CA GLY A 1226 27.71 42.14 52.33
C GLY A 1226 27.83 41.57 53.66
N LYS A 1227 26.81 41.77 54.49
CA LYS A 1227 26.76 41.32 55.91
C LYS A 1227 25.50 40.59 56.21
N ALA A 1228 25.55 39.40 56.85
CA ALA A 1228 24.47 38.43 56.71
C ALA A 1228 23.65 38.36 58.00
N TYR A 1229 22.26 38.22 57.91
CA TYR A 1229 21.40 38.14 59.11
C TYR A 1229 20.34 37.09 59.00
N SER A 1230 20.17 36.18 60.00
CA SER A 1230 19.27 35.01 59.95
C SER A 1230 17.93 35.57 59.99
N LEU A 1231 17.13 35.03 58.94
CA LEU A 1231 15.71 35.17 58.75
C LEU A 1231 14.91 33.85 58.95
N GLY A 1232 15.58 32.78 59.29
CA GLY A 1232 15.03 31.62 59.84
C GLY A 1232 14.68 30.60 58.88
N PRO A 1233 14.28 29.45 59.28
CA PRO A 1233 14.07 28.31 58.39
C PRO A 1233 13.50 28.59 56.98
N ALA A 1234 14.18 27.96 55.98
CA ALA A 1234 14.00 28.13 54.54
C ALA A 1234 13.18 26.97 53.97
N GLY A 1235 12.57 26.25 54.93
CA GLY A 1235 11.64 25.14 54.75
C GLY A 1235 10.26 25.60 55.20
N LEU A 1236 10.17 26.88 55.72
CA LEU A 1236 8.96 27.70 55.93
C LEU A 1236 9.02 28.83 54.95
N PHE A 1237 10.09 28.88 54.11
CA PHE A 1237 10.11 29.87 53.00
C PHE A 1237 10.62 29.09 51.83
N LEU A 1238 11.92 29.10 51.49
CA LEU A 1238 12.45 28.84 50.16
C LEU A 1238 11.85 27.61 49.47
N LEU A 1239 11.17 27.86 48.34
CA LEU A 1239 10.65 26.91 47.47
C LEU A 1239 11.49 26.82 46.26
N PRO A 1240 11.56 25.64 45.57
CA PRO A 1240 10.97 24.36 45.94
C PRO A 1240 11.80 23.87 47.06
N PHE A 1241 11.06 23.35 48.10
CA PHE A 1241 11.62 22.35 48.93
C PHE A 1241 10.83 21.13 48.69
N VAL A 1242 11.24 20.06 49.35
CA VAL A 1242 10.47 18.86 49.37
C VAL A 1242 10.35 18.31 50.77
N THR A 1243 9.28 17.50 50.99
CA THR A 1243 9.07 16.72 52.13
C THR A 1243 8.98 15.22 51.93
N TYR A 1244 9.82 14.45 52.67
CA TYR A 1244 9.57 13.06 52.87
C TYR A 1244 9.18 12.81 54.32
N THR A 1245 7.94 12.37 54.45
CA THR A 1245 7.21 12.23 55.69
C THR A 1245 7.28 13.43 56.62
N GLY A 1246 6.91 14.62 56.01
CA GLY A 1246 6.82 15.91 56.73
C GLY A 1246 8.17 16.39 57.22
N SER A 1247 9.33 15.92 56.60
CA SER A 1247 10.75 16.29 57.04
C SER A 1247 11.25 17.35 56.16
N ALA A 1248 11.59 18.56 56.65
CA ALA A 1248 12.00 19.61 55.74
C ALA A 1248 13.38 19.19 55.19
N ILE A 1249 13.49 19.28 53.82
CA ILE A 1249 14.50 18.73 53.01
C ILE A 1249 14.75 19.72 51.94
N GLY A 1250 16.01 20.28 52.00
CA GLY A 1250 16.51 21.22 51.00
C GLY A 1250 17.79 21.84 51.53
N ALA A 1251 18.45 22.57 50.62
CA ALA A 1251 19.79 23.05 50.70
C ALA A 1251 20.36 23.41 52.09
N ASN A 1252 21.63 22.88 52.31
CA ASN A 1252 22.49 23.14 53.46
C ASN A 1252 21.96 22.39 54.71
N ALA A 1253 21.63 21.09 54.53
CA ALA A 1253 21.14 20.26 55.68
C ALA A 1253 22.18 19.10 55.69
N THR A 1254 21.71 17.98 56.38
CA THR A 1254 22.47 16.72 56.48
C THR A 1254 21.49 15.81 56.97
N ALA A 1255 21.53 14.59 56.49
CA ALA A 1255 20.90 13.49 57.08
C ALA A 1255 21.87 12.47 57.52
N ILE A 1256 21.87 12.11 58.82
CA ILE A 1256 22.51 11.01 59.45
C ILE A 1256 21.71 9.78 59.14
N ILE A 1257 22.12 8.98 58.16
CA ILE A 1257 21.27 7.82 57.78
C ILE A 1257 21.66 6.60 58.62
N THR A 1258 20.85 6.11 59.54
CA THR A 1258 21.13 5.08 60.51
C THR A 1258 20.66 3.86 59.84
N VAL A 1259 21.61 3.14 59.18
CA VAL A 1259 21.43 2.06 58.17
C VAL A 1259 21.44 0.77 58.87
N SER A 1260 20.14 0.30 59.08
CA SER A 1260 19.95 -0.92 59.91
C SER A 1260 19.67 -2.12 59.03
N ASP A 1261 20.61 -3.14 59.03
CA ASP A 1261 20.84 -4.19 58.16
C ASP A 1261 20.85 -5.49 59.02
N GLY A 1262 20.92 -6.67 58.43
CA GLY A 1262 21.18 -7.97 59.03
C GLY A 1262 22.58 -8.09 59.48
N VAL A 1263 23.42 -7.11 59.27
CA VAL A 1263 24.76 -7.11 59.83
C VAL A 1263 24.74 -6.48 61.15
N GLY A 1264 23.68 -5.73 61.44
CA GLY A 1264 23.64 -4.93 62.60
C GLY A 1264 23.05 -3.58 62.35
N THR A 1265 23.93 -2.55 62.59
CA THR A 1265 23.53 -1.20 62.41
C THR A 1265 24.77 -0.42 62.25
N SER A 1266 24.94 0.26 61.08
CA SER A 1266 25.95 1.29 60.84
C SER A 1266 25.30 2.57 60.81
N THR A 1267 26.07 3.63 60.79
CA THR A 1267 25.55 4.92 60.64
C THR A 1267 26.44 5.75 59.90
N THR A 1268 26.01 6.03 58.66
CA THR A 1268 26.64 6.85 57.72
C THR A 1268 26.06 8.21 57.82
N GLN A 1269 26.41 9.14 56.93
CA GLN A 1269 25.77 10.42 57.00
C GLN A 1269 25.84 10.85 55.55
N VAL A 1270 24.87 11.70 55.09
CA VAL A 1270 24.88 12.23 53.78
C VAL A 1270 24.72 13.73 53.88
N PRO A 1271 25.49 14.65 53.47
CA PRO A 1271 25.20 16.09 53.48
C PRO A 1271 24.25 16.34 52.30
N ILE A 1272 23.38 17.31 52.61
CA ILE A 1272 22.51 17.83 51.58
C ILE A 1272 23.30 19.05 51.03
N THR A 1273 23.83 18.94 49.81
CA THR A 1273 24.68 19.95 49.13
C THR A 1273 24.02 21.28 48.98
N ALA A 1274 24.84 22.30 49.28
CA ALA A 1274 24.42 23.72 49.17
C ALA A 1274 23.99 24.15 47.75
N GLU A 1275 24.65 23.53 46.72
CA GLU A 1275 24.30 23.53 45.30
C GLU A 1275 23.08 22.66 45.10
N ASN A 1276 21.87 23.19 44.72
CA ASN A 1276 20.72 22.45 44.98
C ASN A 1276 19.74 22.81 43.95
N PHE A 1277 18.63 23.39 44.37
CA PHE A 1277 17.28 23.37 43.85
C PHE A 1277 17.14 22.87 42.42
N THR A 1278 16.52 21.67 42.20
CA THR A 1278 16.60 21.09 40.90
C THR A 1278 15.13 21.04 40.41
N PRO A 1279 14.83 21.75 39.33
CA PRO A 1279 13.64 21.47 38.60
C PRO A 1279 13.59 20.07 38.03
N ILE A 1280 12.62 19.23 38.39
CA ILE A 1280 12.51 17.88 37.87
C ILE A 1280 11.21 17.73 37.20
N ARG A 1281 11.04 17.68 35.78
CA ARG A 1281 9.82 17.28 35.14
C ARG A 1281 9.88 15.77 34.97
N LEU A 1282 8.74 15.11 34.96
CA LEU A 1282 8.69 13.68 34.75
C LEU A 1282 7.78 13.54 33.51
N ALA A 1283 8.18 12.75 32.44
CA ALA A 1283 7.52 12.85 31.19
C ALA A 1283 7.48 11.45 30.58
N PRO A 1284 6.56 10.98 29.74
CA PRO A 1284 6.54 9.73 29.03
C PRO A 1284 7.72 9.56 28.10
N PHE A 1285 7.82 8.35 27.44
CA PHE A 1285 8.99 7.90 26.70
C PHE A 1285 8.85 8.51 25.37
N GLN A 1286 7.55 8.99 24.94
CA GLN A 1286 7.33 9.53 23.62
C GLN A 1286 7.49 10.96 23.56
N VAL A 1287 7.56 11.62 24.73
CA VAL A 1287 7.56 13.05 24.84
C VAL A 1287 9.01 13.26 25.17
N PRO A 1288 9.84 14.07 24.43
CA PRO A 1288 11.20 14.67 24.71
C PRO A 1288 11.55 15.07 26.15
N ALA A 1289 12.80 14.95 26.54
CA ALA A 1289 13.29 15.06 27.94
C ALA A 1289 14.31 16.18 28.01
N GLN A 1290 14.55 16.80 26.83
CA GLN A 1290 15.45 17.96 26.67
C GLN A 1290 14.52 19.09 26.88
N VAL A 1291 13.16 18.93 26.82
CA VAL A 1291 12.28 20.13 26.81
C VAL A 1291 11.43 20.01 28.03
N PRO A 1292 11.31 20.96 28.94
CA PRO A 1292 10.40 20.94 30.06
C PRO A 1292 8.98 20.84 29.59
N LEU A 1293 8.09 20.13 30.30
CA LEU A 1293 6.69 20.00 29.98
C LEU A 1293 5.96 21.37 29.94
N PRO A 1294 5.16 21.74 28.98
CA PRO A 1294 4.36 22.98 28.93
C PRO A 1294 3.26 23.00 29.91
N ASN A 1295 2.52 21.86 30.13
CA ASN A 1295 1.65 21.69 31.23
C ASN A 1295 2.42 21.08 32.26
N ALA A 1296 2.30 21.72 33.46
CA ALA A 1296 2.84 21.34 34.73
C ALA A 1296 1.83 21.72 35.73
N PRO A 1297 1.02 20.81 36.15
CA PRO A 1297 0.11 21.01 37.32
C PRO A 1297 1.05 20.84 38.52
N LYS A 1298 0.83 21.58 39.66
CA LYS A 1298 1.96 21.77 40.58
C LYS A 1298 2.19 20.69 41.61
N LEU A 1299 1.88 19.41 41.26
CA LEU A 1299 1.96 18.37 42.25
C LEU A 1299 2.16 17.06 41.53
N LYS A 1300 1.60 16.95 40.30
CA LYS A 1300 1.70 15.74 39.51
C LYS A 1300 1.45 16.15 38.08
N TYR A 1301 1.45 15.07 37.17
CA TYR A 1301 0.85 15.14 35.83
C TYR A 1301 0.10 13.90 35.49
N GLU A 1302 -1.03 13.96 34.79
CA GLU A 1302 -1.75 12.83 34.26
C GLU A 1302 -1.15 12.56 32.89
N TYR A 1303 -0.96 11.23 32.65
CA TYR A 1303 -0.82 10.75 31.35
C TYR A 1303 -1.96 9.71 31.33
N ASN A 1304 -3.08 10.14 30.69
CA ASN A 1304 -4.24 9.33 30.54
C ASN A 1304 -4.07 8.46 29.31
N GLY A 1305 -2.85 8.17 28.86
CA GLY A 1305 -2.48 7.30 27.73
C GLY A 1305 -2.03 5.96 28.20
N SER A 1306 -2.26 4.96 27.28
CA SER A 1306 -1.89 3.63 27.52
C SER A 1306 -0.39 3.34 27.34
N ILE A 1307 -0.01 2.33 28.17
CA ILE A 1307 1.24 1.62 27.93
C ILE A 1307 0.80 0.22 28.03
N VAL A 1308 1.55 -0.78 27.36
CA VAL A 1308 1.37 -2.14 27.56
C VAL A 1308 2.66 -2.71 27.99
N ILE A 1309 2.74 -3.21 29.29
CA ILE A 1309 3.95 -3.70 29.90
C ILE A 1309 4.05 -5.22 29.69
N THR A 1310 5.15 -5.69 29.04
CA THR A 1310 5.43 -7.01 28.63
C THR A 1310 5.81 -7.89 29.84
N PRO A 1311 5.42 -9.21 29.82
CA PRO A 1311 5.47 -10.10 31.02
C PRO A 1311 6.48 -9.96 32.11
N GLN A 1312 7.75 -10.12 31.76
CA GLN A 1312 8.75 -10.24 32.80
C GLN A 1312 9.49 -8.98 32.96
N GLN A 1313 9.11 -7.92 32.23
CA GLN A 1313 9.50 -6.53 32.51
C GLN A 1313 8.73 -6.00 33.66
N GLN A 1314 9.39 -5.31 34.63
CA GLN A 1314 8.81 -4.94 35.87
C GLN A 1314 8.82 -3.48 36.02
N VAL A 1315 8.81 -2.82 34.83
CA VAL A 1315 9.36 -1.46 34.80
C VAL A 1315 8.43 -0.62 33.89
N LEU A 1316 8.46 0.69 34.05
CA LEU A 1316 7.89 1.67 33.20
C LEU A 1316 9.08 2.52 32.83
N LYS A 1317 9.35 2.55 31.53
CA LYS A 1317 10.25 3.45 30.86
C LYS A 1317 9.70 4.90 30.88
N ILE A 1318 10.35 5.79 31.73
CA ILE A 1318 9.90 7.20 31.93
C ILE A 1318 11.12 8.06 31.87
N TYR A 1319 10.98 9.36 31.52
CA TYR A 1319 12.11 10.30 31.46
C TYR A 1319 12.06 11.23 32.69
N VAL A 1320 13.16 11.30 33.39
CA VAL A 1320 13.46 12.27 34.44
C VAL A 1320 14.24 13.42 33.79
N THR A 1321 13.51 14.57 33.57
CA THR A 1321 13.97 15.71 32.92
C THR A 1321 14.48 16.55 34.03
N SER A 1322 15.83 16.90 33.88
CA SER A 1322 16.53 17.79 34.72
C SER A 1322 17.46 18.35 33.73
N ILE A 1323 17.98 19.60 33.89
CA ILE A 1323 19.10 20.17 33.28
C ILE A 1323 19.90 20.68 34.41
N LEU A 1324 19.31 21.02 35.57
CA LEU A 1324 20.06 21.34 36.73
C LEU A 1324 20.51 20.06 37.39
N PRO A 1325 21.61 20.04 38.10
CA PRO A 1325 22.32 18.85 38.45
C PRO A 1325 21.67 18.27 39.68
N TYR A 1326 21.62 16.96 39.67
CA TYR A 1326 21.22 16.14 40.72
C TYR A 1326 22.14 14.92 40.65
N PRO A 1327 23.12 14.67 41.57
CA PRO A 1327 24.01 13.60 41.41
C PRO A 1327 23.70 12.44 42.31
N GLN A 1328 22.80 12.68 43.28
CA GLN A 1328 22.79 11.85 44.44
C GLN A 1328 21.58 10.93 44.23
N GLU A 1329 21.19 10.13 45.27
CA GLU A 1329 20.10 9.21 45.24
C GLU A 1329 18.83 9.94 45.56
N PHE A 1330 17.77 9.69 44.73
CA PHE A 1330 16.39 10.03 45.11
C PHE A 1330 15.68 8.80 44.94
N GLN A 1331 14.24 8.74 45.02
CA GLN A 1331 13.56 7.61 44.53
C GLN A 1331 12.27 7.96 43.78
N ILE A 1332 12.06 7.27 42.63
CA ILE A 1332 10.74 7.14 42.06
C ILE A 1332 9.96 6.09 42.78
N GLN A 1333 9.19 6.51 43.79
CA GLN A 1333 8.34 5.65 44.52
C GLN A 1333 7.09 5.18 43.69
N ALA A 1334 7.09 3.90 43.45
CA ALA A 1334 6.08 3.20 42.69
C ALA A 1334 5.04 2.72 43.61
N PHE A 1335 3.75 3.18 43.43
CA PHE A 1335 2.59 2.70 44.16
C PHE A 1335 1.57 2.27 43.05
N VAL A 1336 1.30 0.96 42.99
CA VAL A 1336 0.48 0.30 42.04
C VAL A 1336 -0.97 0.31 42.51
N TYR A 1337 -1.97 0.30 41.62
CA TYR A 1337 -3.38 0.45 41.89
C TYR A 1337 -4.05 -0.25 40.73
N GLU A 1338 -5.43 -0.46 40.71
CA GLU A 1338 -6.19 -0.76 39.52
C GLU A 1338 -6.59 0.63 38.96
N ALA A 1339 -7.22 0.65 37.75
CA ALA A 1339 -8.02 1.76 37.29
C ALA A 1339 -9.35 1.99 37.97
N SER A 1340 -9.87 0.98 38.76
CA SER A 1340 -11.04 1.12 39.61
C SER A 1340 -10.61 1.36 41.05
N GLN A 1341 -9.29 1.36 41.32
CA GLN A 1341 -8.82 1.81 42.65
C GLN A 1341 -8.28 3.24 42.46
N PHE A 1342 -8.51 3.92 41.27
CA PHE A 1342 -7.89 5.19 40.97
C PHE A 1342 -9.04 5.96 40.43
N ASN A 1343 -9.15 7.26 40.85
CA ASN A 1343 -10.16 8.06 40.22
C ASN A 1343 -9.35 8.66 39.13
N VAL A 1344 -9.57 8.19 37.92
CA VAL A 1344 -8.69 8.37 36.80
C VAL A 1344 -8.93 9.70 36.14
N HIS A 1345 -9.44 10.77 36.82
CA HIS A 1345 -9.65 12.04 36.20
C HIS A 1345 -9.01 13.07 37.06
N THR A 1346 -8.82 12.83 38.31
CA THR A 1346 -8.41 13.84 39.26
C THR A 1346 -7.00 13.62 39.66
N GLY A 1347 -6.50 12.41 39.26
CA GLY A 1347 -5.11 12.15 39.53
C GLY A 1347 -4.87 11.79 40.89
N SER A 1348 -5.68 10.98 41.58
CA SER A 1348 -5.55 10.66 43.04
C SER A 1348 -6.08 9.32 43.27
N PRO A 1349 -5.54 8.55 44.27
CA PRO A 1349 -6.04 7.15 44.58
C PRO A 1349 -7.19 7.22 45.56
N THR A 1350 -8.03 6.19 45.56
CA THR A 1350 -9.23 6.04 46.35
C THR A 1350 -9.15 4.69 47.05
N ALA A 1351 -7.92 4.19 47.15
CA ALA A 1351 -7.62 2.96 47.88
C ALA A 1351 -6.13 2.91 48.33
N ALA A 1352 -5.86 1.80 49.13
CA ALA A 1352 -4.57 1.25 49.47
C ALA A 1352 -3.78 0.80 48.28
N PRO A 1353 -2.47 1.03 48.12
CA PRO A 1353 -1.52 0.40 47.16
C PRO A 1353 -1.86 -1.03 47.02
N VAL A 1354 -1.76 -1.66 45.81
CA VAL A 1354 -1.95 -3.05 45.67
C VAL A 1354 -0.52 -3.64 45.45
N TYR A 1355 0.50 -2.75 45.18
CA TYR A 1355 1.85 -3.01 45.54
C TYR A 1355 2.67 -1.78 45.88
N PHE A 1356 3.51 -1.72 46.91
CA PHE A 1356 4.38 -0.54 47.19
C PHE A 1356 5.73 -1.13 47.04
N SER A 1357 6.52 -0.50 46.13
CA SER A 1357 7.88 -0.75 46.05
C SER A 1357 8.68 0.46 45.58
N TYR A 1358 10.07 0.46 45.86
CA TYR A 1358 10.80 1.64 45.52
C TYR A 1358 11.92 1.38 44.54
N SER A 1359 12.39 2.40 43.81
CA SER A 1359 13.45 2.48 42.85
C SER A 1359 14.35 3.67 43.27
N ALA A 1360 15.39 3.34 44.00
CA ALA A 1360 16.49 4.25 44.27
C ALA A 1360 17.20 4.69 42.96
N VAL A 1361 17.01 6.02 42.54
CA VAL A 1361 17.43 6.48 41.29
C VAL A 1361 18.61 7.37 41.73
N ARG A 1362 19.84 6.86 41.53
CA ARG A 1362 21.10 7.54 41.55
C ARG A 1362 21.25 8.34 40.24
N ALA A 1363 20.55 9.49 40.23
CA ALA A 1363 20.49 10.34 39.06
C ALA A 1363 21.81 10.99 38.74
N TYR A 1364 22.02 11.08 37.42
CA TYR A 1364 23.25 11.49 36.86
C TYR A 1364 23.49 12.94 37.00
N PRO A 1365 24.69 13.44 37.29
CA PRO A 1365 24.99 14.86 37.44
C PRO A 1365 24.85 15.59 36.11
N ALA A 1366 24.59 16.96 36.15
CA ALA A 1366 24.78 17.89 35.05
C ALA A 1366 26.07 18.60 35.09
N LEU A 1367 26.77 18.36 36.16
CA LEU A 1367 28.10 18.98 36.37
C LEU A 1367 29.11 18.51 35.27
N GLY A 1368 28.97 17.34 34.68
CA GLY A 1368 29.78 17.01 33.55
C GLY A 1368 28.85 16.38 32.60
N ILE A 1369 28.47 17.17 31.56
CA ILE A 1369 27.74 16.66 30.45
C ILE A 1369 28.78 16.17 29.50
N GLY A 1370 29.10 14.85 29.69
CA GLY A 1370 30.30 14.30 29.09
C GLY A 1370 30.76 13.16 29.93
N THR A 1371 30.29 13.25 31.19
CA THR A 1371 30.65 12.35 32.24
C THR A 1371 29.36 11.60 32.67
N SER A 1372 28.24 11.88 32.01
CA SER A 1372 26.87 11.45 32.16
C SER A 1372 25.98 12.64 31.60
N VAL A 1373 24.67 12.36 31.32
CA VAL A 1373 23.78 13.30 30.79
C VAL A 1373 22.70 13.46 31.87
N PRO A 1374 22.18 14.68 32.24
CA PRO A 1374 21.13 14.81 33.26
C PRO A 1374 19.77 14.58 32.78
N ASN A 1375 19.50 13.83 31.70
CA ASN A 1375 18.21 13.57 31.16
C ASN A 1375 18.25 12.16 31.17
N LEU A 1376 17.43 11.65 32.06
CA LEU A 1376 17.43 10.26 32.47
C LEU A 1376 16.41 9.54 31.68
N LEU A 1377 16.61 8.18 31.54
CA LEU A 1377 15.54 7.22 31.29
C LEU A 1377 15.72 6.42 32.50
N VAL A 1378 14.63 6.10 33.15
CA VAL A 1378 14.65 5.25 34.33
C VAL A 1378 13.65 4.22 33.99
N TYR A 1379 14.08 2.97 34.28
CA TYR A 1379 13.39 1.78 34.23
C TYR A 1379 12.78 1.53 35.61
N VAL A 1380 11.65 2.13 35.95
CA VAL A 1380 11.24 2.15 37.33
C VAL A 1380 11.07 0.77 37.95
N GLN A 1381 11.89 0.37 38.98
CA GLN A 1381 11.93 -1.00 39.46
C GLN A 1381 10.90 -1.32 40.57
N LEU A 1382 10.32 -2.51 40.55
CA LEU A 1382 9.25 -3.06 41.35
C LEU A 1382 9.38 -4.52 41.33
N GLN A 1383 9.05 -5.13 42.50
CA GLN A 1383 9.49 -6.44 42.78
C GLN A 1383 8.31 -7.37 42.53
N GLY A 1384 7.13 -6.88 42.13
CA GLY A 1384 5.94 -7.61 41.91
C GLY A 1384 5.16 -6.65 41.06
N ILE A 1385 5.33 -6.81 39.73
CA ILE A 1385 4.52 -6.24 38.68
C ILE A 1385 5.06 -6.92 37.40
N SER A 1386 6.07 -7.83 37.48
CA SER A 1386 6.41 -8.90 36.61
C SER A 1386 5.99 -10.17 37.47
N ASN A 1387 5.53 -10.00 38.76
CA ASN A 1387 5.01 -11.16 39.50
C ASN A 1387 3.54 -10.99 39.77
N LEU A 1388 2.95 -9.85 39.42
CA LEU A 1388 1.52 -9.51 39.51
C LEU A 1388 0.80 -9.69 38.19
N PRO A 1389 -0.46 -10.11 38.09
CA PRO A 1389 -1.04 -10.56 36.81
C PRO A 1389 -1.50 -9.47 35.89
N ALA A 1390 -1.52 -9.75 34.54
CA ALA A 1390 -2.18 -8.97 33.48
C ALA A 1390 -3.49 -8.30 33.85
N GLY A 1391 -3.74 -7.01 33.39
CA GLY A 1391 -4.95 -6.31 33.77
C GLY A 1391 -4.77 -4.80 33.72
N LYS A 1392 -5.89 -3.99 33.78
CA LYS A 1392 -5.85 -2.51 33.86
C LYS A 1392 -5.38 -1.91 35.17
N TYR A 1393 -3.98 -1.59 35.20
CA TYR A 1393 -3.28 -1.09 36.36
C TYR A 1393 -3.17 0.41 36.31
N VAL A 1394 -2.87 1.10 37.42
CA VAL A 1394 -2.58 2.52 37.41
C VAL A 1394 -1.46 2.63 38.39
N ILE A 1395 -0.38 3.39 38.00
CA ILE A 1395 0.72 3.52 38.89
C ILE A 1395 1.00 5.01 39.04
N VAL A 1396 1.27 5.40 40.34
CA VAL A 1396 1.61 6.76 40.76
C VAL A 1396 3.10 6.63 40.98
N LEU A 1397 3.89 7.43 40.19
CA LEU A 1397 5.33 7.45 40.29
C LEU A 1397 5.69 8.79 40.87
N SER A 1398 6.19 8.73 42.16
CA SER A 1398 6.46 9.93 42.94
C SER A 1398 7.94 10.27 43.02
N ALA A 1399 8.50 11.41 42.52
CA ALA A 1399 9.79 11.86 42.87
C ALA A 1399 9.98 12.33 44.27
N VAL A 1400 10.46 11.39 45.19
CA VAL A 1400 10.68 11.70 46.60
C VAL A 1400 12.13 11.41 46.90
N PRO A 1401 12.90 12.32 47.47
CA PRO A 1401 14.36 12.12 47.82
C PRO A 1401 14.50 11.05 48.87
N PHE A 1402 15.47 10.13 48.69
CA PHE A 1402 15.94 9.23 49.73
C PHE A 1402 16.75 10.14 50.61
N ALA A 1403 16.28 10.49 51.84
CA ALA A 1403 16.57 11.77 52.42
C ALA A 1403 17.97 11.84 52.81
N GLY A 1404 18.54 12.98 52.45
CA GLY A 1404 19.91 13.19 52.47
C GLY A 1404 20.39 13.75 51.18
N GLY A 1405 19.51 13.73 50.16
CA GLY A 1405 19.74 14.15 48.77
C GLY A 1405 19.14 15.44 48.41
N PRO A 1406 19.55 16.23 47.45
CA PRO A 1406 19.02 17.54 47.06
C PRO A 1406 17.58 17.55 46.76
N VAL A 1407 16.94 18.70 46.43
CA VAL A 1407 15.54 18.96 46.19
C VAL A 1407 15.18 18.39 44.80
N LEU A 1408 13.88 18.12 44.56
CA LEU A 1408 13.33 17.82 43.24
C LEU A 1408 12.16 18.71 42.98
N SER A 1409 11.77 18.86 41.71
CA SER A 1409 10.39 19.15 41.32
C SER A 1409 10.03 20.59 41.52
N GLU A 1410 10.21 21.32 40.43
CA GLU A 1410 9.69 22.64 40.26
C GLU A 1410 8.47 22.41 39.30
N TYR A 1411 8.14 21.12 39.02
CA TYR A 1411 6.77 20.64 39.00
C TYR A 1411 6.49 20.23 37.59
N PRO A 1412 5.93 19.04 37.27
CA PRO A 1412 5.52 17.89 38.15
C PRO A 1412 6.42 17.39 39.21
N ALA A 1413 5.84 16.88 40.31
CA ALA A 1413 6.54 16.15 41.29
C ALA A 1413 6.23 14.67 41.13
N GLN A 1414 5.18 14.42 40.26
CA GLN A 1414 4.76 12.99 40.08
C GLN A 1414 4.55 12.96 38.58
N LEU A 1415 4.39 11.63 38.10
CA LEU A 1415 3.85 11.15 36.84
C LEU A 1415 3.00 10.02 37.18
N ILE A 1416 1.75 10.05 36.64
CA ILE A 1416 0.70 9.11 36.82
C ILE A 1416 0.31 8.53 35.51
N PHE A 1417 0.44 7.22 35.35
CA PHE A 1417 -0.15 6.60 34.27
C PHE A 1417 -1.55 6.07 34.60
N THR A 1418 -2.62 6.64 33.89
CA THR A 1418 -3.97 6.54 34.38
C THR A 1418 -4.75 5.66 33.38
N ASN A 1419 -4.13 5.20 32.29
CA ASN A 1419 -4.76 4.16 31.42
C ASN A 1419 -3.84 2.97 31.09
N VAL A 1420 -2.96 2.59 32.10
CA VAL A 1420 -1.93 1.63 31.91
C VAL A 1420 -2.60 0.25 31.77
N THR A 1421 -1.89 -0.75 31.16
CA THR A 1421 -2.33 -2.09 30.98
C THR A 1421 -1.07 -2.87 31.28
N LEU A 1422 -0.98 -3.67 32.43
CA LEU A 1422 -0.02 -4.69 32.64
C LEU A 1422 -0.41 -5.80 31.69
N THR A 1423 0.52 -6.66 31.34
CA THR A 1423 0.44 -7.93 30.74
C THR A 1423 1.43 -8.72 31.48
N GLN A 1424 0.96 -9.81 32.17
CA GLN A 1424 1.87 -10.91 32.65
C GLN A 1424 1.39 -12.13 31.88
N ALA B 25 -27.54 -13.54 -23.96
CA ALA B 25 -28.90 -13.15 -23.48
C ALA B 25 -29.78 -12.94 -24.69
N VAL B 26 -31.03 -13.48 -24.66
CA VAL B 26 -32.07 -13.42 -25.69
C VAL B 26 -32.70 -12.15 -25.56
N THR B 27 -33.26 -11.60 -26.63
CA THR B 27 -34.23 -10.52 -26.65
C THR B 27 -35.17 -10.83 -27.81
N ILE B 28 -36.49 -10.90 -27.55
CA ILE B 28 -37.63 -10.64 -28.43
C ILE B 28 -37.74 -9.12 -28.24
N ASN B 29 -37.47 -8.33 -29.31
CA ASN B 29 -36.85 -7.02 -29.14
C ASN B 29 -37.76 -6.15 -28.41
N GLY B 30 -37.32 -5.42 -27.41
CA GLY B 30 -38.04 -4.52 -26.51
C GLY B 30 -37.86 -4.97 -25.11
N ILE B 31 -37.76 -6.32 -24.93
CA ILE B 31 -37.36 -6.96 -23.73
C ILE B 31 -36.00 -7.70 -23.90
N THR B 32 -34.87 -7.11 -23.33
CA THR B 32 -33.62 -7.89 -23.05
C THR B 32 -33.83 -8.82 -21.94
N PHE B 33 -34.27 -10.03 -22.24
CA PHE B 33 -34.39 -11.07 -21.25
C PHE B 33 -33.04 -11.61 -20.86
N TYR B 34 -32.30 -11.07 -19.84
CA TYR B 34 -31.25 -11.85 -19.23
C TYR B 34 -31.69 -13.23 -18.75
N SER B 35 -33.00 -13.38 -18.36
CA SER B 35 -33.49 -14.69 -18.13
C SER B 35 -34.96 -14.49 -18.03
N PRO B 36 -35.83 -15.48 -18.46
CA PRO B 36 -35.42 -16.83 -18.90
C PRO B 36 -35.10 -16.72 -20.34
N VAL B 37 -34.67 -17.90 -20.99
CA VAL B 37 -34.38 -17.98 -22.36
C VAL B 37 -35.38 -19.01 -22.86
N PRO B 38 -35.90 -19.03 -24.03
CA PRO B 38 -36.83 -20.03 -24.58
C PRO B 38 -36.45 -21.47 -24.38
N ASN B 39 -37.52 -22.23 -24.10
CA ASN B 39 -37.45 -23.67 -23.96
C ASN B 39 -36.45 -24.10 -22.91
N GLN B 40 -36.50 -23.50 -21.66
CA GLN B 40 -35.60 -23.73 -20.55
C GLN B 40 -36.31 -24.62 -19.60
N THR B 41 -35.54 -25.63 -19.06
CA THR B 41 -36.05 -26.40 -17.97
C THR B 41 -35.68 -26.00 -16.54
N TYR B 42 -36.67 -25.74 -15.69
CA TYR B 42 -36.48 -25.31 -14.30
C TYR B 42 -36.58 -26.65 -13.54
N LYS B 43 -35.85 -26.70 -12.44
CA LYS B 43 -35.69 -27.81 -11.55
C LYS B 43 -36.68 -27.87 -10.40
N TYR B 44 -36.63 -29.01 -9.68
CA TYR B 44 -37.18 -29.13 -8.36
C TYR B 44 -36.33 -28.30 -7.42
N GLY B 45 -37.12 -27.31 -6.83
CA GLY B 45 -36.74 -26.34 -5.84
C GLY B 45 -36.21 -25.05 -6.31
N GLN B 46 -35.85 -25.01 -7.64
CA GLN B 46 -35.20 -23.81 -8.29
C GLN B 46 -36.11 -22.61 -8.34
N GLN B 47 -35.53 -21.46 -8.18
CA GLN B 47 -36.07 -20.16 -8.22
C GLN B 47 -36.00 -19.56 -9.57
N LEU B 48 -37.20 -19.22 -10.15
CA LEU B 48 -37.28 -18.22 -11.16
C LEU B 48 -36.97 -16.87 -10.59
N VAL B 49 -36.11 -16.06 -11.21
CA VAL B 49 -35.92 -14.71 -10.83
C VAL B 49 -36.09 -14.03 -12.16
N LEU B 50 -36.95 -13.00 -12.20
CA LEU B 50 -37.35 -12.36 -13.41
C LEU B 50 -36.34 -11.31 -13.70
N SER B 51 -35.22 -11.56 -14.49
CA SER B 51 -34.27 -10.55 -14.80
C SER B 51 -34.42 -10.12 -16.15
N ILE B 52 -35.10 -9.04 -16.36
CA ILE B 52 -35.39 -8.52 -17.74
C ILE B 52 -35.09 -7.01 -17.70
N GLN B 53 -34.05 -6.55 -18.46
CA GLN B 53 -33.69 -5.19 -18.83
C GLN B 53 -34.66 -4.76 -19.87
N SER B 54 -35.69 -3.98 -19.45
CA SER B 54 -36.82 -3.64 -20.37
C SER B 54 -36.97 -2.18 -20.33
N GLN B 55 -38.05 -1.70 -20.89
CA GLN B 55 -38.30 -0.24 -21.02
C GLN B 55 -38.88 0.32 -19.73
N PRO B 56 -38.24 1.38 -19.08
CA PRO B 56 -38.63 2.09 -17.87
C PRO B 56 -40.05 2.32 -17.70
N ASN B 57 -40.57 2.11 -16.45
CA ASN B 57 -41.86 2.51 -16.00
C ASN B 57 -43.05 1.98 -16.76
N ALA B 58 -43.06 0.69 -17.03
CA ALA B 58 -44.17 0.00 -17.63
C ALA B 58 -44.74 -1.05 -16.70
N LEU B 59 -46.05 -1.40 -16.89
CA LEU B 59 -46.81 -2.34 -16.10
C LEU B 59 -46.61 -3.74 -16.61
N VAL B 60 -45.68 -4.53 -15.94
CA VAL B 60 -45.17 -5.80 -16.45
C VAL B 60 -45.91 -6.76 -15.56
N THR B 61 -47.04 -7.27 -16.10
CA THR B 61 -47.82 -8.32 -15.43
C THR B 61 -47.30 -9.64 -15.96
N LEU B 62 -46.49 -10.33 -15.10
CA LEU B 62 -46.01 -11.68 -15.47
C LEU B 62 -47.05 -12.56 -14.92
N TYR B 63 -47.69 -13.26 -15.85
CA TYR B 63 -48.56 -14.36 -15.55
C TYR B 63 -47.72 -15.60 -15.74
N VAL B 64 -47.36 -16.25 -14.63
CA VAL B 64 -46.76 -17.56 -14.63
C VAL B 64 -47.85 -18.58 -14.50
N TYR B 65 -48.37 -18.87 -15.69
CA TYR B 65 -49.32 -19.91 -15.98
C TYR B 65 -48.69 -21.21 -15.85
N ASP B 66 -49.38 -22.18 -15.25
CA ASP B 66 -48.86 -23.62 -15.18
C ASP B 66 -49.36 -24.37 -16.39
N PRO B 67 -49.10 -25.69 -16.61
CA PRO B 67 -49.56 -26.28 -17.89
C PRO B 67 -51.04 -26.44 -18.09
N LYS B 68 -51.90 -26.17 -17.03
CA LYS B 68 -53.35 -26.12 -17.10
C LYS B 68 -53.89 -24.71 -17.44
N GLY B 69 -53.03 -23.70 -17.61
CA GLY B 69 -53.47 -22.39 -18.00
C GLY B 69 -54.18 -21.57 -16.92
N ASN B 70 -53.83 -21.80 -15.63
CA ASN B 70 -54.16 -20.87 -14.54
C ASN B 70 -52.89 -20.36 -13.90
N VAL B 71 -53.01 -19.18 -13.34
CA VAL B 71 -51.98 -18.24 -12.83
C VAL B 71 -51.59 -18.72 -11.43
N VAL B 72 -50.61 -19.67 -11.33
CA VAL B 72 -50.10 -20.16 -10.08
C VAL B 72 -49.15 -19.18 -9.37
N TYR B 73 -48.49 -18.34 -10.22
CA TYR B 73 -47.95 -17.10 -9.72
C TYR B 73 -48.46 -16.04 -10.69
N ASN B 74 -48.68 -14.75 -10.24
CA ASN B 74 -49.03 -13.56 -11.02
C ASN B 74 -48.65 -12.41 -10.20
N ASN B 75 -47.91 -11.42 -10.77
CA ASN B 75 -47.58 -10.20 -10.09
C ASN B 75 -47.10 -9.18 -11.13
N VAL B 76 -47.50 -7.96 -10.89
CA VAL B 76 -47.29 -6.77 -11.72
C VAL B 76 -46.17 -5.97 -11.10
N TYR B 77 -45.05 -5.77 -11.84
CA TYR B 77 -43.84 -5.18 -11.49
C TYR B 77 -43.74 -3.95 -12.41
N GLN B 78 -42.62 -3.23 -12.24
CA GLN B 78 -42.34 -1.95 -12.92
C GLN B 78 -40.82 -1.82 -12.98
N THR B 79 -40.26 -1.68 -14.19
CA THR B 79 -38.78 -1.71 -14.39
C THR B 79 -38.32 -0.33 -13.93
N ASN B 80 -37.11 -0.23 -13.34
CA ASN B 80 -36.57 1.02 -12.86
C ASN B 80 -35.86 1.84 -13.98
N SER B 81 -35.17 2.92 -13.58
CA SER B 81 -34.45 3.76 -14.54
C SER B 81 -33.32 3.02 -15.25
N SER B 82 -32.61 2.13 -14.54
CA SER B 82 -31.55 1.29 -15.10
C SER B 82 -32.07 0.33 -16.16
N GLY B 83 -33.19 -0.28 -15.73
CA GLY B 83 -34.08 -1.01 -16.62
C GLY B 83 -34.25 -2.39 -16.06
N GLY B 84 -33.31 -2.83 -15.16
CA GLY B 84 -33.31 -4.17 -14.58
C GLY B 84 -34.42 -4.17 -13.55
N LEU B 85 -35.23 -5.29 -13.49
CA LEU B 85 -36.08 -5.75 -12.53
C LEU B 85 -35.38 -6.88 -11.92
N THR B 86 -35.47 -7.03 -10.62
CA THR B 86 -34.99 -8.11 -9.91
C THR B 86 -36.18 -8.44 -8.98
N ALA B 87 -36.73 -9.71 -9.16
CA ALA B 87 -37.81 -10.24 -8.38
C ALA B 87 -37.73 -11.70 -8.51
N THR B 88 -37.51 -12.40 -7.35
CA THR B 88 -37.67 -13.82 -7.26
C THR B 88 -39.19 -14.22 -7.38
N ILE B 89 -39.53 -14.93 -8.52
CA ILE B 89 -40.92 -15.02 -8.96
C ILE B 89 -41.57 -16.18 -8.19
N ALA B 90 -40.95 -17.34 -8.43
CA ALA B 90 -41.55 -18.58 -8.09
C ALA B 90 -40.50 -19.50 -7.42
N THR B 91 -41.05 -20.34 -6.50
CA THR B 91 -40.24 -21.36 -5.91
C THR B 91 -40.75 -22.70 -6.38
N PHE B 92 -40.06 -23.24 -7.46
CA PHE B 92 -40.67 -24.37 -8.09
C PHE B 92 -40.64 -25.55 -7.22
N GLY B 93 -41.60 -26.50 -7.42
CA GLY B 93 -41.42 -27.77 -6.69
C GLY B 93 -41.69 -27.68 -5.22
N SER B 94 -42.32 -26.58 -4.77
CA SER B 94 -42.70 -26.28 -3.37
C SER B 94 -43.94 -25.47 -3.29
N THR B 95 -44.67 -25.39 -4.39
CA THR B 95 -45.92 -24.73 -4.44
C THR B 95 -46.69 -25.64 -5.40
N PRO B 96 -48.03 -25.93 -5.10
CA PRO B 96 -48.98 -26.54 -6.06
C PRO B 96 -49.09 -25.73 -7.33
N GLY B 97 -48.84 -26.47 -8.46
CA GLY B 97 -48.82 -25.83 -9.78
C GLY B 97 -47.49 -25.65 -10.36
N PHE B 98 -46.48 -25.69 -9.58
CA PHE B 98 -45.08 -25.81 -9.99
C PHE B 98 -44.67 -27.25 -9.71
N THR B 99 -45.69 -28.19 -9.42
CA THR B 99 -45.63 -29.57 -9.28
C THR B 99 -46.12 -30.31 -10.50
N THR B 100 -46.62 -29.64 -11.59
CA THR B 100 -47.25 -30.36 -12.64
C THR B 100 -46.40 -30.31 -13.94
N VAL B 101 -46.13 -31.41 -14.62
CA VAL B 101 -45.18 -31.61 -15.70
C VAL B 101 -45.75 -31.12 -16.94
N GLY B 102 -44.88 -30.52 -17.86
CA GLY B 102 -45.39 -30.05 -19.05
C GLY B 102 -44.97 -28.58 -19.31
N THR B 103 -45.57 -27.87 -20.34
CA THR B 103 -45.12 -26.58 -20.76
C THR B 103 -46.03 -25.58 -20.12
N TYR B 104 -45.39 -24.73 -19.25
CA TYR B 104 -45.80 -23.46 -18.57
C TYR B 104 -45.71 -22.48 -19.63
N THR B 105 -46.47 -21.38 -19.58
CA THR B 105 -46.30 -20.26 -20.41
C THR B 105 -45.98 -19.16 -19.40
N VAL B 106 -44.73 -18.64 -19.41
CA VAL B 106 -44.25 -17.54 -18.78
C VAL B 106 -44.60 -16.36 -19.78
N SER B 107 -45.80 -15.73 -19.39
CA SER B 107 -46.43 -14.68 -20.20
C SER B 107 -46.31 -13.38 -19.56
N LEU B 108 -45.49 -12.45 -20.14
CA LEU B 108 -45.45 -11.08 -19.83
C LEU B 108 -46.52 -10.46 -20.62
N SER B 109 -47.31 -9.67 -19.91
CA SER B 109 -48.28 -8.77 -20.49
C SER B 109 -47.84 -7.45 -20.10
N VAL B 110 -47.23 -6.70 -21.12
CA VAL B 110 -46.57 -5.46 -20.82
C VAL B 110 -47.62 -4.43 -21.21
N GLN B 111 -48.14 -3.63 -20.30
CA GLN B 111 -49.23 -2.69 -20.50
C GLN B 111 -48.47 -1.41 -20.36
N GLY B 112 -48.51 -0.62 -21.47
CA GLY B 112 -48.09 0.73 -21.44
C GLY B 112 -49.22 1.46 -22.15
N THR B 113 -48.95 2.35 -23.16
CA THR B 113 -50.00 2.79 -24.01
C THR B 113 -50.31 1.81 -25.06
N THR B 114 -49.27 1.04 -25.45
CA THR B 114 -49.46 0.20 -26.62
C THR B 114 -48.91 -1.05 -25.95
N SER B 115 -49.72 -2.13 -25.80
CA SER B 115 -49.34 -3.29 -25.05
C SER B 115 -48.61 -4.31 -25.88
N GLU B 116 -47.66 -4.96 -25.24
CA GLU B 116 -46.83 -5.92 -25.88
C GLU B 116 -46.82 -7.23 -25.12
N SER B 117 -46.26 -8.32 -25.67
CA SER B 117 -46.47 -9.68 -25.16
C SER B 117 -45.17 -10.38 -25.34
N ALA B 118 -45.06 -11.53 -24.59
CA ALA B 118 -43.93 -12.41 -24.62
C ALA B 118 -44.38 -13.78 -24.22
N SER B 119 -44.13 -14.90 -24.94
CA SER B 119 -44.46 -16.27 -24.57
C SER B 119 -43.31 -17.22 -24.46
N VAL B 120 -42.96 -17.68 -23.20
CA VAL B 120 -41.84 -18.53 -22.89
C VAL B 120 -42.24 -19.86 -22.30
N ASN B 121 -41.97 -20.88 -23.13
CA ASN B 121 -42.39 -22.22 -23.00
C ASN B 121 -41.46 -23.04 -22.19
N VAL B 122 -41.64 -23.08 -20.82
CA VAL B 122 -40.64 -23.59 -19.87
C VAL B 122 -41.27 -24.83 -19.20
N GLN B 123 -40.38 -25.65 -18.59
CA GLN B 123 -40.69 -27.04 -18.22
C GLN B 123 -40.56 -27.23 -16.69
N TYR B 124 -40.52 -28.45 -16.14
CA TYR B 124 -40.37 -28.89 -14.80
C TYR B 124 -40.15 -30.40 -14.91
N VAL B 125 -39.61 -30.98 -13.78
CA VAL B 125 -39.19 -32.39 -13.74
C VAL B 125 -40.03 -33.02 -12.68
N PRO B 126 -40.41 -34.32 -12.62
CA PRO B 126 -41.24 -34.92 -11.59
C PRO B 126 -40.32 -35.57 -10.52
N LEU B 127 -40.81 -36.24 -9.45
CA LEU B 127 -39.94 -36.98 -8.54
C LEU B 127 -40.75 -38.22 -7.98
N THR B 128 -39.99 -39.09 -7.30
CA THR B 128 -40.44 -40.23 -6.55
C THR B 128 -39.20 -40.68 -5.73
N SER B 129 -39.38 -41.65 -4.82
CA SER B 129 -38.38 -42.14 -3.92
C SER B 129 -38.27 -43.68 -3.85
N THR B 130 -37.24 -44.27 -3.21
CA THR B 130 -36.99 -45.73 -3.24
C THR B 130 -36.35 -46.04 -1.96
N ILE B 131 -36.71 -47.19 -1.32
CA ILE B 131 -36.16 -47.64 -0.06
C ILE B 131 -35.70 -49.04 -0.32
N THR B 132 -34.80 -49.65 0.51
CA THR B 132 -34.16 -50.94 0.39
C THR B 132 -34.31 -51.64 1.72
N ALA B 133 -34.45 -53.01 1.67
CA ALA B 133 -34.40 -53.87 2.84
C ALA B 133 -33.37 -54.99 2.50
N THR B 134 -32.44 -55.23 3.46
CA THR B 134 -31.40 -56.22 3.28
C THR B 134 -31.61 -57.08 4.48
N VAL B 135 -31.39 -58.43 4.30
CA VAL B 135 -31.45 -59.38 5.36
C VAL B 135 -30.19 -60.13 5.25
N VAL B 136 -29.75 -60.67 6.38
CA VAL B 136 -28.57 -61.43 6.40
C VAL B 136 -28.76 -62.30 7.61
N ASN B 137 -28.04 -63.44 7.71
CA ASN B 137 -28.07 -64.42 8.83
C ASN B 137 -26.64 -64.54 9.28
N GLN B 138 -26.42 -65.47 10.29
CA GLN B 138 -25.19 -65.59 11.00
C GLN B 138 -24.22 -66.46 10.24
N GLU B 139 -24.52 -66.85 8.99
CA GLU B 139 -23.79 -67.73 8.13
C GLU B 139 -23.24 -66.90 6.97
N GLY B 140 -23.79 -65.69 6.90
CA GLY B 140 -23.47 -64.67 5.91
C GLY B 140 -23.89 -65.13 4.52
N SER B 141 -25.26 -65.45 4.30
CA SER B 141 -25.79 -65.71 2.97
C SER B 141 -27.21 -65.11 2.91
N PRO B 142 -27.49 -64.28 1.90
CA PRO B 142 -28.75 -63.56 1.86
C PRO B 142 -29.84 -64.55 1.66
N LEU B 143 -30.82 -64.58 2.68
CA LEU B 143 -32.07 -65.39 2.70
C LEU B 143 -32.96 -65.06 1.56
N ALA B 144 -33.67 -66.02 1.02
CA ALA B 144 -34.59 -65.84 -0.05
C ALA B 144 -35.82 -66.48 0.42
N GLY B 145 -36.78 -65.61 0.66
CA GLY B 145 -38.17 -65.83 1.07
C GLY B 145 -38.57 -65.06 2.27
N ALA B 146 -37.68 -64.09 2.76
CA ALA B 146 -38.06 -63.27 3.91
C ALA B 146 -38.94 -62.22 3.47
N THR B 147 -40.22 -62.14 3.96
CA THR B 147 -41.18 -61.13 3.55
C THR B 147 -40.86 -59.91 4.36
N VAL B 148 -41.05 -58.74 3.74
CA VAL B 148 -40.71 -57.45 4.31
C VAL B 148 -41.87 -56.57 3.99
N GLN B 149 -42.57 -56.11 5.06
CA GLN B 149 -43.74 -55.27 4.89
C GLN B 149 -43.31 -53.90 5.24
N LEU B 150 -43.54 -53.00 4.34
CA LEU B 150 -43.18 -51.61 4.49
C LEU B 150 -44.48 -50.77 4.67
N TYR B 151 -44.76 -50.25 5.85
CA TYR B 151 -45.85 -49.43 6.15
C TYR B 151 -45.43 -48.02 6.33
N ASN B 152 -46.34 -47.00 5.99
CA ASN B 152 -46.07 -45.61 6.07
C ASN B 152 -46.60 -45.22 7.47
N THR B 153 -45.73 -45.23 8.50
CA THR B 153 -46.13 -45.06 9.89
C THR B 153 -46.06 -43.56 10.28
N THR B 154 -45.90 -42.67 9.25
CA THR B 154 -45.91 -41.15 9.39
C THR B 154 -47.17 -40.59 10.00
N SER B 155 -48.36 -41.10 9.47
CA SER B 155 -49.63 -40.78 10.03
C SER B 155 -49.73 -41.11 11.51
N GLY B 156 -49.00 -42.14 11.94
CA GLY B 156 -49.17 -42.63 13.38
C GLY B 156 -50.09 -43.76 13.39
N SER B 157 -50.04 -44.64 12.35
CA SER B 157 -50.94 -45.74 12.18
C SER B 157 -50.50 -46.37 10.91
N ASN B 158 -50.49 -47.74 10.75
CA ASN B 158 -49.67 -48.44 9.72
C ASN B 158 -50.21 -48.23 8.36
N THR B 159 -49.95 -47.14 7.62
CA THR B 159 -50.44 -47.03 6.29
C THR B 159 -49.64 -47.93 5.31
N LEU B 160 -50.06 -49.16 5.02
CA LEU B 160 -49.40 -50.08 4.12
C LEU B 160 -49.34 -49.57 2.67
N VAL B 161 -48.18 -49.27 2.16
CA VAL B 161 -48.05 -48.83 0.81
C VAL B 161 -47.21 -49.89 0.06
N ALA B 162 -46.53 -50.80 0.82
CA ALA B 162 -45.89 -51.88 0.05
C ALA B 162 -45.66 -53.08 0.81
N THR B 163 -45.61 -54.22 0.14
CA THR B 163 -45.19 -55.43 0.80
C THR B 163 -44.36 -56.25 -0.18
N GLN B 164 -43.00 -56.42 0.04
CA GLN B 164 -42.17 -57.08 -0.99
C GLN B 164 -41.49 -58.30 -0.30
N THR B 165 -40.68 -59.05 -1.03
CA THR B 165 -39.97 -60.19 -0.46
C THR B 165 -38.57 -60.01 -0.87
N THR B 166 -37.62 -60.45 -0.02
CA THR B 166 -36.15 -60.46 -0.31
C THR B 166 -35.87 -61.62 -1.28
N ASN B 167 -35.20 -61.24 -2.42
CA ASN B 167 -34.86 -62.10 -3.56
C ASN B 167 -33.54 -62.86 -3.35
N SER B 168 -32.71 -63.20 -4.34
CA SER B 168 -31.48 -63.91 -4.07
C SER B 168 -30.24 -63.08 -3.93
N GLN B 169 -30.43 -61.77 -4.02
CA GLN B 169 -29.47 -60.78 -3.72
C GLN B 169 -29.84 -60.35 -2.32
N GLY B 170 -31.05 -60.65 -1.82
CA GLY B 170 -31.58 -60.41 -0.46
C GLY B 170 -32.14 -59.01 -0.47
N VAL B 171 -32.61 -58.46 -1.60
CA VAL B 171 -33.03 -57.11 -1.85
C VAL B 171 -34.54 -57.20 -2.07
N ALA B 172 -35.28 -56.33 -1.40
CA ALA B 172 -36.67 -56.04 -1.64
C ALA B 172 -36.63 -54.58 -1.99
N THR B 173 -37.18 -54.15 -3.16
CA THR B 173 -37.05 -52.80 -3.62
C THR B 173 -38.44 -52.30 -3.63
N PHE B 174 -38.63 -51.07 -3.05
CA PHE B 174 -39.89 -50.52 -2.83
C PHE B 174 -39.80 -49.30 -3.66
N THR B 175 -40.79 -49.11 -4.60
CA THR B 175 -40.95 -47.81 -5.25
C THR B 175 -42.09 -47.06 -4.51
N VAL B 176 -41.73 -46.00 -3.82
CA VAL B 176 -42.70 -45.40 -2.89
C VAL B 176 -42.67 -43.90 -3.16
N LEU B 177 -43.78 -43.16 -2.91
CA LEU B 177 -43.87 -41.73 -3.27
C LEU B 177 -43.07 -40.82 -2.38
N SER B 178 -42.78 -39.58 -2.87
CA SER B 178 -42.13 -38.59 -1.96
C SER B 178 -43.27 -37.61 -1.73
N PHE B 179 -43.46 -37.24 -0.47
CA PHE B 179 -44.32 -36.18 -0.05
C PHE B 179 -43.56 -34.87 -0.30
N PRO B 180 -44.16 -33.66 -0.42
CA PRO B 180 -43.36 -32.46 -0.76
C PRO B 180 -42.71 -31.79 0.51
N GLY B 181 -41.64 -32.44 1.09
CA GLY B 181 -40.98 -31.78 2.20
C GLY B 181 -41.30 -32.36 3.54
N VAL B 182 -42.13 -33.45 3.58
CA VAL B 182 -42.68 -34.10 4.78
C VAL B 182 -41.91 -35.31 4.96
N THR B 183 -41.45 -35.69 6.24
CA THR B 183 -40.51 -36.76 6.38
C THR B 183 -41.32 -37.97 6.59
N GLN B 184 -40.90 -39.08 5.96
CA GLN B 184 -41.71 -40.23 5.79
C GLN B 184 -41.01 -41.34 6.62
N THR B 185 -41.54 -41.61 7.89
CA THR B 185 -41.15 -42.67 8.75
C THR B 185 -41.89 -43.90 8.16
N PHE B 186 -41.13 -44.85 7.74
CA PHE B 186 -41.52 -46.14 7.35
C PHE B 186 -40.86 -47.18 8.25
N LYS B 187 -41.75 -48.02 8.77
CA LYS B 187 -41.55 -49.20 9.59
C LYS B 187 -41.41 -50.32 8.58
N LEU B 188 -40.25 -51.08 8.67
CA LEU B 188 -40.04 -52.30 7.98
C LEU B 188 -40.26 -53.47 9.00
N VAL B 189 -41.37 -54.24 8.91
CA VAL B 189 -41.43 -55.51 9.68
C VAL B 189 -40.96 -56.58 8.81
N ALA B 190 -39.83 -57.25 9.16
CA ALA B 190 -39.21 -58.28 8.40
C ALA B 190 -39.30 -59.54 9.24
N SER B 191 -39.57 -60.68 8.54
CA SER B 191 -39.76 -62.00 9.11
C SER B 191 -39.43 -63.06 8.08
N LEU B 192 -38.96 -64.25 8.51
CA LEU B 192 -38.88 -65.39 7.72
C LEU B 192 -39.11 -66.44 8.75
N GLN B 193 -40.07 -67.37 8.60
CA GLN B 193 -40.51 -68.35 9.57
C GLN B 193 -39.51 -69.42 9.70
N GLY B 194 -38.94 -69.44 10.92
CA GLY B 194 -37.81 -70.32 11.26
C GLY B 194 -36.73 -69.41 11.87
N TYR B 195 -37.02 -68.02 11.88
CA TYR B 195 -36.19 -67.00 12.49
C TYR B 195 -37.05 -65.98 13.13
N ALA B 196 -36.61 -65.40 14.31
CA ALA B 196 -37.45 -64.51 15.14
C ALA B 196 -37.65 -63.24 14.31
N ALA B 197 -38.91 -62.66 14.38
CA ALA B 197 -39.32 -61.46 13.68
C ALA B 197 -38.55 -60.31 14.13
N SER B 198 -38.10 -59.41 13.19
CA SER B 198 -37.30 -58.24 13.53
C SER B 198 -37.78 -56.99 12.83
N THR B 199 -37.60 -55.84 13.53
CA THR B 199 -38.18 -54.62 13.08
C THR B 199 -37.16 -53.50 12.98
N ALA B 200 -37.25 -52.57 11.94
CA ALA B 200 -36.50 -51.39 11.96
C ALA B 200 -37.36 -50.33 11.41
N SER B 201 -37.24 -49.07 11.85
CA SER B 201 -38.00 -47.92 11.29
C SER B 201 -37.02 -46.88 10.96
N VAL B 202 -36.89 -46.65 9.70
CA VAL B 202 -36.07 -45.66 9.12
C VAL B 202 -36.92 -44.64 8.41
N SER B 203 -36.39 -43.43 8.36
CA SER B 203 -37.09 -42.25 7.84
C SER B 203 -36.36 -41.72 6.62
N ILE B 204 -37.02 -41.68 5.44
CA ILE B 204 -36.46 -40.97 4.29
C ILE B 204 -36.86 -39.55 4.34
N THR B 205 -35.84 -38.63 4.47
CA THR B 205 -36.01 -37.20 4.61
C THR B 205 -35.74 -36.77 3.24
N GLY B 206 -36.87 -36.54 2.56
CA GLY B 206 -37.01 -36.48 1.11
C GLY B 206 -36.54 -37.78 0.46
N GLN B 207 -35.96 -37.65 -0.75
CA GLN B 207 -35.51 -38.79 -1.50
C GLN B 207 -34.11 -39.00 -0.99
N GLN B 208 -33.94 -40.21 -0.41
CA GLN B 208 -32.72 -40.86 0.05
C GLN B 208 -33.00 -42.33 -0.08
N ASN B 209 -32.02 -43.14 -0.44
CA ASN B 209 -32.21 -44.60 -0.51
C ASN B 209 -31.89 -45.17 0.87
N ALA B 210 -32.94 -45.50 1.69
CA ALA B 210 -32.75 -46.00 3.02
C ALA B 210 -32.64 -47.50 2.95
N SER B 211 -31.36 -47.99 3.14
CA SER B 211 -30.98 -49.37 3.13
C SER B 211 -30.66 -49.73 4.62
N VAL B 212 -31.41 -50.73 5.18
CA VAL B 212 -31.24 -51.27 6.51
C VAL B 212 -30.96 -52.80 6.46
N THR B 213 -29.96 -53.21 7.29
CA THR B 213 -29.61 -54.57 7.51
C THR B 213 -30.42 -55.11 8.70
N ILE B 214 -31.27 -56.14 8.47
CA ILE B 214 -32.17 -56.65 9.43
C ILE B 214 -31.80 -58.09 9.51
N THR B 215 -30.98 -58.42 10.54
CA THR B 215 -30.57 -59.79 10.91
C THR B 215 -31.66 -60.44 11.82
N LEU B 216 -32.17 -61.61 11.38
CA LEU B 216 -33.19 -62.33 12.01
C LEU B 216 -32.47 -63.29 12.90
N VAL B 217 -32.67 -63.14 14.23
CA VAL B 217 -32.01 -64.15 15.19
C VAL B 217 -32.64 -65.54 15.17
N PRO B 218 -31.93 -66.67 15.18
CA PRO B 218 -32.41 -68.13 15.17
C PRO B 218 -33.57 -68.32 16.07
N ALA B 219 -34.51 -69.02 15.46
CA ALA B 219 -35.62 -69.65 16.12
C ALA B 219 -35.45 -71.18 15.98
N VAL B 220 -35.45 -71.87 17.14
CA VAL B 220 -35.23 -73.34 17.17
C VAL B 220 -36.59 -73.82 17.58
N VAL B 221 -37.09 -74.94 16.99
CA VAL B 221 -38.42 -75.48 17.41
C VAL B 221 -38.42 -76.05 18.81
N THR B 222 -39.52 -75.72 19.47
CA THR B 222 -39.75 -76.15 20.86
C THR B 222 -41.17 -76.85 21.00
N ILE B 223 -41.20 -78.07 21.62
CA ILE B 223 -42.35 -78.64 22.20
C ILE B 223 -42.14 -78.71 23.69
N ALA B 224 -43.13 -78.07 24.38
CA ALA B 224 -43.13 -77.95 25.81
C ALA B 224 -44.52 -78.39 26.17
N PRO B 225 -44.78 -79.25 27.18
CA PRO B 225 -46.19 -79.50 27.54
C PRO B 225 -46.85 -78.39 28.21
N MET B 226 -47.74 -77.63 27.48
CA MET B 226 -48.63 -76.59 28.00
C MET B 226 -49.71 -77.18 28.91
N TYR B 227 -50.21 -78.42 28.70
CA TYR B 227 -51.11 -79.10 29.60
C TYR B 227 -50.72 -80.51 29.59
N VAL B 228 -50.68 -81.20 30.75
CA VAL B 228 -50.90 -82.60 30.86
C VAL B 228 -52.29 -82.70 31.58
N ILE B 229 -53.34 -83.17 30.81
CA ILE B 229 -54.73 -83.30 31.37
C ILE B 229 -54.78 -84.76 31.64
N GLN B 230 -55.07 -85.21 32.92
CA GLN B 230 -55.15 -86.65 33.26
C GLN B 230 -56.36 -86.91 34.11
N ASN B 231 -57.14 -87.86 33.69
CA ASN B 231 -58.48 -88.23 34.27
C ASN B 231 -59.46 -87.04 34.14
N GLY B 232 -59.28 -86.28 33.07
CA GLY B 232 -59.93 -84.98 32.83
C GLY B 232 -59.50 -83.91 33.71
N THR B 233 -58.29 -84.01 34.33
CA THR B 233 -57.94 -83.14 35.44
C THR B 233 -56.59 -82.67 35.11
N VAL B 234 -56.36 -81.42 34.92
CA VAL B 234 -55.03 -80.88 34.57
C VAL B 234 -54.03 -80.99 35.70
N ILE B 235 -53.18 -82.07 35.68
CA ILE B 235 -52.13 -82.15 36.72
C ILE B 235 -50.89 -81.26 36.36
N GLY B 236 -50.81 -80.87 35.08
CA GLY B 236 -49.62 -80.13 34.62
C GLY B 236 -50.09 -78.93 33.77
N SER B 237 -49.55 -77.78 34.17
CA SER B 237 -49.84 -76.50 33.52
C SER B 237 -48.55 -75.72 33.50
N GLY B 238 -48.45 -74.83 32.44
CA GLY B 238 -47.27 -74.04 32.23
C GLY B 238 -46.52 -74.87 31.19
N PRO B 239 -45.59 -74.24 30.49
CA PRO B 239 -44.67 -74.90 29.64
C PRO B 239 -43.36 -75.03 30.43
N SER B 240 -43.53 -75.09 31.78
CA SER B 240 -42.47 -75.07 32.78
C SER B 240 -42.27 -76.50 33.27
N LEU B 241 -42.98 -77.47 32.62
CA LEU B 241 -43.07 -78.84 33.08
C LEU B 241 -42.73 -79.76 31.91
N SER B 242 -41.44 -80.18 31.84
CA SER B 242 -41.12 -81.31 31.04
C SER B 242 -40.86 -82.44 32.03
N SER B 243 -41.45 -82.53 33.31
CA SER B 243 -41.57 -83.75 34.07
C SER B 243 -42.87 -83.47 34.77
N ILE B 244 -43.61 -84.53 34.98
CA ILE B 244 -44.89 -84.45 35.52
C ILE B 244 -45.29 -85.68 36.25
N VAL B 245 -46.01 -85.41 37.44
CA VAL B 245 -46.40 -86.35 38.49
C VAL B 245 -47.58 -87.13 38.09
N VAL B 246 -47.37 -88.22 37.34
CA VAL B 246 -48.44 -89.01 36.75
C VAL B 246 -48.76 -90.02 37.80
N TYR B 247 -50.10 -90.14 38.03
CA TYR B 247 -50.79 -91.12 38.93
C TYR B 247 -51.13 -92.33 38.19
N GLN B 248 -50.71 -93.59 38.55
CA GLN B 248 -50.86 -94.77 37.68
C GLN B 248 -52.28 -95.05 37.27
N GLY B 249 -52.45 -95.72 36.16
CA GLY B 249 -53.73 -96.25 35.71
C GLY B 249 -54.66 -95.27 35.15
N LEU B 250 -54.23 -94.04 34.85
CA LEU B 250 -55.17 -92.99 34.47
C LEU B 250 -54.59 -92.53 33.14
N PRO B 251 -55.46 -92.28 32.13
CA PRO B 251 -55.01 -91.82 30.83
C PRO B 251 -54.71 -90.35 30.79
N ALA B 252 -53.36 -90.09 30.84
CA ALA B 252 -52.80 -88.77 30.66
C ALA B 252 -52.68 -88.36 29.25
N TYR B 253 -53.52 -87.36 28.91
CA TYR B 253 -53.61 -86.63 27.70
C TYR B 253 -52.61 -85.46 27.79
N ILE B 254 -51.40 -85.81 27.29
CA ILE B 254 -50.37 -84.78 27.23
C ILE B 254 -50.60 -83.90 26.05
N LEU B 255 -51.42 -82.84 26.26
CA LEU B 255 -51.66 -81.65 25.37
C LEU B 255 -50.44 -80.72 25.41
N ALA B 256 -49.55 -81.06 24.52
CA ALA B 256 -48.27 -80.42 24.39
C ALA B 256 -48.31 -79.52 23.12
N GLN B 257 -48.19 -78.17 23.24
CA GLN B 257 -48.04 -77.25 22.09
C GLN B 257 -46.70 -77.46 21.40
N VAL B 258 -46.65 -77.17 20.02
CA VAL B 258 -45.40 -77.29 19.29
C VAL B 258 -45.30 -75.86 18.83
N SER B 259 -44.11 -75.21 19.03
CA SER B 259 -43.88 -73.82 18.72
C SER B 259 -42.43 -73.63 18.12
N PHE B 260 -42.33 -72.72 17.16
CA PHE B 260 -41.16 -72.13 16.67
C PHE B 260 -41.42 -70.67 16.99
N ALA B 261 -40.36 -70.01 17.57
CA ALA B 261 -40.35 -68.58 17.91
C ALA B 261 -41.01 -68.20 19.24
N GLY B 262 -41.58 -69.24 19.85
CA GLY B 262 -42.47 -69.19 20.93
C GLY B 262 -43.95 -69.06 20.41
N GLN B 263 -44.17 -69.29 19.08
CA GLN B 263 -45.47 -69.09 18.57
C GLN B 263 -45.93 -70.46 18.18
N ARG B 264 -47.23 -70.73 18.50
CA ARG B 264 -47.83 -72.05 18.23
C ARG B 264 -47.79 -72.34 16.78
N VAL B 265 -47.30 -73.62 16.41
CA VAL B 265 -47.22 -74.05 15.04
C VAL B 265 -47.88 -75.41 15.10
N THR B 266 -48.66 -75.65 14.05
CA THR B 266 -49.56 -76.79 13.89
C THR B 266 -49.28 -77.39 12.51
N THR B 267 -48.01 -77.36 12.08
CA THR B 267 -47.44 -78.03 10.90
C THR B 267 -46.31 -78.93 11.27
N ALA B 268 -46.16 -79.38 12.54
CA ALA B 268 -45.17 -80.34 12.94
C ALA B 268 -45.99 -81.45 13.60
N PRO B 269 -46.29 -82.69 13.08
CA PRO B 269 -47.04 -83.67 13.73
C PRO B 269 -46.07 -84.51 14.63
N VAL B 270 -46.53 -84.82 15.82
CA VAL B 270 -45.75 -85.33 16.88
C VAL B 270 -46.04 -86.80 17.09
N SER B 271 -45.02 -87.69 17.16
CA SER B 271 -45.24 -89.07 17.68
C SER B 271 -44.65 -89.10 18.99
N ALA B 272 -44.98 -90.22 19.58
CA ALA B 272 -44.54 -90.41 20.97
C ALA B 272 -44.18 -91.96 21.06
N GLN B 273 -42.87 -92.28 21.17
CA GLN B 273 -42.46 -93.69 21.42
C GLN B 273 -42.52 -93.85 22.91
N VAL B 274 -43.58 -94.35 23.48
CA VAL B 274 -43.82 -94.45 24.89
C VAL B 274 -43.35 -95.82 25.30
N TYR B 275 -42.12 -95.97 25.93
CA TYR B 275 -41.44 -97.15 26.35
C TYR B 275 -42.01 -97.71 27.60
N TYR B 276 -43.18 -98.39 27.59
CA TYR B 276 -43.69 -99.10 28.75
C TYR B 276 -42.77 -100.28 28.94
N PRO B 277 -42.81 -100.90 30.16
CA PRO B 277 -42.14 -102.16 30.37
C PRO B 277 -42.96 -103.30 29.83
N ASN B 278 -43.86 -103.05 28.85
CA ASN B 278 -44.48 -104.13 28.17
C ASN B 278 -44.37 -103.89 26.69
N GLY B 279 -43.48 -103.00 26.26
CA GLY B 279 -43.23 -102.69 24.90
C GLY B 279 -43.37 -101.17 24.71
N THR B 280 -43.02 -100.77 23.44
CA THR B 280 -43.14 -99.40 22.98
C THR B 280 -44.41 -99.22 22.24
N GLN B 281 -45.28 -98.26 22.70
CA GLN B 281 -46.44 -97.87 21.94
C GLN B 281 -46.04 -96.55 21.34
N THR B 282 -45.96 -96.54 20.00
CA THR B 282 -45.72 -95.38 19.19
C THR B 282 -47.00 -94.79 18.82
N VAL B 283 -47.43 -93.66 19.53
CA VAL B 283 -48.72 -93.01 19.30
C VAL B 283 -48.53 -91.72 18.51
N LYS B 284 -49.12 -91.59 17.31
CA LYS B 284 -49.23 -90.28 16.55
C LYS B 284 -50.21 -89.43 17.27
N ALA B 285 -49.76 -88.33 17.90
CA ALA B 285 -50.52 -87.31 18.63
C ALA B 285 -51.56 -86.54 17.72
N SER B 286 -52.81 -86.87 17.94
CA SER B 286 -53.97 -86.19 17.35
C SER B 286 -54.27 -84.83 17.81
N VAL B 287 -54.47 -83.82 16.93
CA VAL B 287 -54.75 -82.52 17.45
C VAL B 287 -56.19 -82.34 17.84
N ILE B 288 -56.56 -82.22 19.10
CA ILE B 288 -57.88 -81.87 19.63
C ILE B 288 -58.02 -80.38 19.39
N THR B 289 -59.11 -79.90 18.68
CA THR B 289 -59.22 -78.49 18.35
C THR B 289 -60.37 -77.94 19.23
N SER B 290 -60.91 -78.73 20.25
CA SER B 290 -62.01 -78.28 21.03
C SER B 290 -61.53 -77.39 22.14
N GLY B 291 -62.42 -76.64 22.80
CA GLY B 291 -62.23 -75.73 23.91
C GLY B 291 -61.06 -74.87 23.96
N LYS B 292 -60.56 -74.62 25.20
CA LYS B 292 -59.38 -73.83 25.36
C LYS B 292 -58.08 -74.61 25.24
N TYR B 293 -58.17 -75.84 24.82
CA TYR B 293 -57.13 -76.81 24.76
C TYR B 293 -56.77 -76.90 23.30
N ALA B 294 -57.38 -76.02 22.44
CA ALA B 294 -57.16 -76.04 20.97
C ALA B 294 -55.81 -75.70 20.40
N GLY B 295 -55.42 -76.62 19.49
CA GLY B 295 -54.20 -76.41 18.67
C GLY B 295 -52.99 -77.08 19.29
N MET B 296 -53.21 -78.00 20.33
CA MET B 296 -52.14 -78.71 21.05
C MET B 296 -52.19 -80.16 20.56
N TYR B 297 -51.03 -80.83 20.61
CA TYR B 297 -50.84 -82.19 20.34
C TYR B 297 -51.19 -83.08 21.47
N ASN B 298 -52.22 -83.94 21.25
CA ASN B 298 -52.57 -84.95 22.27
C ASN B 298 -51.73 -86.19 22.19
N ILE B 299 -50.62 -86.23 22.93
CA ILE B 299 -49.75 -87.39 23.18
C ILE B 299 -50.49 -88.22 24.25
N THR B 300 -51.06 -89.32 23.75
CA THR B 300 -51.91 -90.28 24.48
C THR B 300 -51.05 -91.37 25.20
N ILE B 301 -50.75 -91.09 26.54
CA ILE B 301 -50.04 -92.12 27.29
C ILE B 301 -50.92 -92.91 28.18
N MET B 302 -50.64 -94.21 28.31
CA MET B 302 -51.52 -95.20 28.96
C MET B 302 -50.73 -95.96 29.91
N PRO B 303 -50.24 -95.39 31.06
CA PRO B 303 -49.40 -96.08 32.11
C PRO B 303 -50.03 -97.38 32.74
N PRO B 304 -49.29 -98.52 32.96
CA PRO B 304 -49.74 -99.77 33.53
C PRO B 304 -50.69 -99.50 34.76
N THR B 305 -51.47 -100.58 35.05
CA THR B 305 -52.34 -100.60 36.21
C THR B 305 -51.75 -101.34 37.35
N GLU B 306 -50.48 -101.72 37.25
CA GLU B 306 -49.71 -102.32 38.28
C GLU B 306 -49.53 -101.25 39.34
N SER B 307 -49.27 -101.62 40.60
CA SER B 307 -49.19 -100.69 41.66
C SER B 307 -48.46 -101.47 42.80
N VAL B 308 -47.35 -102.14 42.42
CA VAL B 308 -46.45 -102.71 43.39
C VAL B 308 -45.19 -101.92 43.39
N GLN B 309 -44.93 -101.08 42.34
CA GLN B 309 -43.74 -100.29 42.18
C GLN B 309 -44.06 -99.02 41.43
N ASN B 310 -43.25 -98.00 41.75
CA ASN B 310 -42.99 -96.92 40.85
C ASN B 310 -41.99 -97.51 39.78
N TYR B 311 -42.33 -97.52 38.47
CA TYR B 311 -41.50 -98.09 37.36
C TYR B 311 -41.38 -96.91 36.52
N VAL B 312 -40.10 -96.71 36.01
CA VAL B 312 -39.68 -95.92 34.95
C VAL B 312 -40.20 -96.36 33.66
N PHE B 313 -41.01 -95.43 33.03
CA PHE B 313 -41.33 -95.78 31.66
C PHE B 313 -41.04 -94.50 30.92
N GLN B 314 -40.39 -94.69 29.77
CA GLN B 314 -39.84 -93.56 28.97
C GLN B 314 -40.83 -92.97 28.04
N LEU B 315 -40.57 -91.73 27.54
CA LEU B 315 -41.46 -91.11 26.66
C LEU B 315 -40.55 -90.24 25.83
N LEU B 316 -40.22 -90.86 24.63
CA LEU B 316 -39.38 -90.28 23.68
C LEU B 316 -40.31 -89.54 22.81
N ILE B 317 -40.39 -88.19 23.09
CA ILE B 317 -41.31 -87.26 22.35
C ILE B 317 -40.55 -86.73 21.16
N VAL B 318 -40.99 -86.96 19.87
CA VAL B 318 -40.22 -86.58 18.74
C VAL B 318 -41.18 -85.58 18.01
N ALA B 319 -40.64 -84.43 17.71
CA ALA B 319 -41.37 -83.45 16.90
C ALA B 319 -40.51 -83.14 15.70
N ASN B 320 -41.02 -83.44 14.47
CA ASN B 320 -40.34 -83.12 13.25
C ASN B 320 -40.99 -82.03 12.50
N TYR B 321 -40.40 -80.81 12.62
CA TYR B 321 -40.93 -79.51 12.15
C TYR B 321 -40.12 -79.08 10.89
N THR B 322 -40.70 -79.12 9.67
CA THR B 322 -40.07 -78.73 8.47
C THR B 322 -40.22 -77.23 8.39
N THR B 323 -39.01 -76.61 8.66
CA THR B 323 -38.93 -75.14 8.74
C THR B 323 -38.37 -74.76 7.41
N SER B 324 -38.44 -73.46 7.15
CA SER B 324 -37.88 -72.84 5.95
C SER B 324 -36.73 -72.05 6.22
N SER B 325 -36.07 -72.40 7.39
CA SER B 325 -34.82 -71.82 7.81
C SER B 325 -33.71 -72.46 7.10
N GLY B 326 -33.94 -73.64 6.52
CA GLY B 326 -33.02 -74.31 5.63
C GLY B 326 -32.75 -75.68 6.09
N GLN B 327 -33.44 -76.08 7.20
CA GLN B 327 -33.27 -77.45 7.53
C GLN B 327 -34.47 -77.85 8.19
N THR B 328 -34.82 -79.19 8.04
CA THR B 328 -35.94 -79.74 8.70
C THR B 328 -35.69 -79.97 10.20
N LEU B 329 -35.88 -78.94 11.04
CA LEU B 329 -35.55 -79.01 12.44
C LEU B 329 -36.34 -80.02 13.20
N SER B 330 -35.70 -81.17 13.72
CA SER B 330 -36.27 -82.28 14.40
C SER B 330 -35.81 -82.15 15.82
N THR B 331 -36.75 -81.83 16.75
CA THR B 331 -36.43 -81.67 18.13
C THR B 331 -36.98 -82.86 18.89
N LYS B 332 -36.13 -83.42 19.76
CA LYS B 332 -36.46 -84.60 20.59
C LYS B 332 -36.37 -84.21 22.01
N TYR B 333 -37.41 -84.58 22.76
CA TYR B 333 -37.61 -84.43 24.18
C TYR B 333 -37.80 -85.72 24.82
N LEU B 334 -36.79 -86.17 25.58
CA LEU B 334 -36.83 -87.44 26.30
C LEU B 334 -37.25 -87.06 27.72
N MET B 335 -38.57 -87.23 27.97
CA MET B 335 -39.22 -87.14 29.32
C MET B 335 -39.35 -88.52 29.87
N SER B 336 -38.46 -88.86 30.83
CA SER B 336 -38.51 -90.10 31.59
C SER B 336 -39.56 -90.17 32.63
N VAL B 337 -40.76 -90.63 32.24
CA VAL B 337 -41.99 -90.49 32.99
C VAL B 337 -41.96 -91.29 34.31
N GLN B 338 -42.28 -90.52 35.38
CA GLN B 338 -42.45 -90.92 36.78
C GLN B 338 -43.79 -91.57 37.04
N ALA B 339 -43.92 -92.91 36.80
CA ALA B 339 -45.11 -93.64 37.18
C ALA B 339 -45.19 -93.68 38.64
N ASN B 340 -46.02 -92.79 39.22
CA ASN B 340 -46.09 -92.60 40.68
C ASN B 340 -47.34 -93.33 41.22
N GLN B 341 -47.17 -94.24 42.22
CA GLN B 341 -48.18 -95.27 42.60
C GLN B 341 -49.55 -94.58 42.99
N ASN B 342 -50.69 -95.09 42.33
CA ASN B 342 -52.06 -94.66 42.52
C ASN B 342 -52.66 -95.66 43.56
N LEU B 343 -52.09 -95.59 44.82
CA LEU B 343 -52.34 -96.19 46.05
C LEU B 343 -53.75 -96.12 46.56
N GLN B 344 -54.53 -95.03 46.12
CA GLN B 344 -55.93 -94.76 46.37
C GLN B 344 -56.71 -96.02 46.14
N ALA B 345 -56.41 -96.75 45.03
CA ALA B 345 -57.15 -97.91 44.55
C ALA B 345 -57.03 -99.06 45.50
N LEU B 346 -55.77 -99.21 46.02
CA LEU B 346 -55.35 -100.27 46.91
C LEU B 346 -55.90 -100.17 48.26
N VAL B 347 -55.93 -98.91 48.78
CA VAL B 347 -56.73 -98.39 49.87
C VAL B 347 -58.18 -98.72 49.78
N ASN B 348 -58.88 -98.34 48.67
CA ASN B 348 -60.32 -98.69 48.51
C ASN B 348 -60.60 -100.19 48.44
N LYS B 349 -59.84 -101.01 47.68
CA LYS B 349 -60.13 -102.49 47.64
C LYS B 349 -59.87 -103.24 48.93
N GLU B 350 -58.78 -102.91 49.64
CA GLU B 350 -58.52 -103.52 50.92
C GLU B 350 -59.61 -103.23 51.91
N ILE B 351 -60.01 -101.98 51.95
CA ILE B 351 -61.05 -101.50 52.93
C ILE B 351 -62.37 -102.14 52.58
N SER B 352 -62.66 -102.41 51.25
CA SER B 352 -63.88 -103.09 50.84
C SER B 352 -63.90 -104.47 51.25
N SER B 353 -62.74 -105.22 51.17
CA SER B 353 -62.63 -106.59 51.68
C SER B 353 -62.96 -106.58 53.18
N LEU B 354 -62.47 -105.54 53.98
CA LEU B 354 -62.80 -105.42 55.35
C LEU B 354 -64.30 -105.28 55.74
N VAL B 355 -65.00 -104.43 54.98
CA VAL B 355 -66.44 -104.21 55.12
C VAL B 355 -67.22 -105.42 54.82
N GLN B 356 -66.78 -106.23 53.83
CA GLN B 356 -67.47 -107.49 53.43
C GLN B 356 -67.43 -108.44 54.64
N ASN B 357 -66.20 -108.54 55.30
CA ASN B 357 -66.07 -109.12 56.61
C ASN B 357 -66.95 -108.59 57.71
N ILE B 358 -67.06 -107.21 57.85
CA ILE B 358 -67.98 -106.59 58.86
C ILE B 358 -69.42 -107.01 58.65
N THR B 359 -69.93 -107.00 57.41
CA THR B 359 -71.29 -107.47 57.17
C THR B 359 -71.49 -108.92 57.50
N ASN B 360 -70.65 -109.83 57.04
CA ASN B 360 -70.83 -111.22 57.31
C ASN B 360 -70.97 -111.57 58.81
N LEU B 361 -70.00 -110.92 59.51
CA LEU B 361 -69.95 -111.03 61.00
C LEU B 361 -71.22 -110.50 61.66
N GLU B 362 -71.71 -109.30 61.18
CA GLU B 362 -72.80 -108.55 61.76
C GLU B 362 -74.11 -109.29 61.63
N LYS B 363 -74.25 -109.91 60.47
CA LYS B 363 -75.42 -110.79 60.17
C LYS B 363 -75.55 -111.96 61.11
N THR B 364 -74.41 -112.65 61.30
CA THR B 364 -74.22 -113.77 62.27
C THR B 364 -74.46 -113.43 63.73
N VAL B 365 -74.01 -112.29 64.24
CA VAL B 365 -74.26 -111.85 65.62
C VAL B 365 -75.72 -111.60 65.79
N ASN B 366 -76.40 -110.97 64.82
CA ASN B 366 -77.83 -110.64 64.88
C ASN B 366 -78.71 -111.82 64.84
N ASN B 367 -78.34 -112.82 64.02
CA ASN B 367 -78.98 -114.10 64.02
C ASN B 367 -78.84 -114.76 65.43
N LEU B 368 -77.64 -114.59 66.09
CA LEU B 368 -77.46 -115.11 67.38
C LEU B 368 -78.39 -114.39 68.38
N GLN B 369 -78.59 -113.05 68.29
CA GLN B 369 -79.47 -112.33 69.11
C GLN B 369 -80.92 -112.85 69.06
N THR B 370 -81.40 -113.12 67.81
CA THR B 370 -82.66 -113.79 67.60
C THR B 370 -82.79 -115.20 68.25
N GLN B 371 -81.78 -116.10 68.16
CA GLN B 371 -81.72 -117.40 68.73
C GLN B 371 -81.79 -117.32 70.21
N ILE B 372 -81.09 -116.30 70.81
CA ILE B 372 -81.07 -115.97 72.23
C ILE B 372 -82.44 -115.74 72.80
N SER B 373 -83.25 -114.94 72.06
CA SER B 373 -84.60 -114.66 72.37
C SER B 373 -85.37 -115.93 72.30
N THR B 374 -85.17 -116.78 71.27
CA THR B 374 -85.84 -118.09 71.21
C THR B 374 -85.60 -119.09 72.37
N LEU B 375 -84.34 -119.14 72.81
CA LEU B 375 -83.85 -119.92 73.92
C LEU B 375 -84.51 -119.56 75.22
N ASN B 376 -84.67 -118.22 75.47
CA ASN B 376 -85.37 -117.59 76.58
C ASN B 376 -86.79 -117.94 76.56
N SER B 377 -87.51 -117.99 75.39
CA SER B 377 -88.83 -118.55 75.33
C SER B 377 -88.90 -120.04 75.80
N SER B 378 -88.00 -120.87 75.29
CA SER B 378 -87.99 -122.21 75.60
C SER B 378 -87.78 -122.52 77.08
N LEU B 379 -86.89 -121.68 77.74
CA LEU B 379 -86.57 -121.71 79.14
C LEU B 379 -87.68 -121.35 80.01
N SER B 380 -88.39 -120.28 79.62
CA SER B 380 -89.60 -119.80 80.32
C SER B 380 -90.66 -120.89 80.38
N SER B 381 -90.97 -121.55 79.25
CA SER B 381 -91.90 -122.61 79.13
C SER B 381 -91.61 -123.78 80.03
N LEU B 382 -90.37 -124.23 79.98
CA LEU B 382 -89.89 -125.36 80.62
C LEU B 382 -89.97 -125.10 82.09
N SER B 383 -89.62 -123.84 82.58
CA SER B 383 -89.72 -123.46 83.98
C SER B 383 -91.16 -123.53 84.54
N GLN B 384 -92.18 -123.02 83.81
CA GLN B 384 -93.60 -123.10 84.17
C GLN B 384 -94.04 -124.53 84.27
N ARG B 385 -93.55 -125.38 83.37
CA ARG B 385 -93.81 -126.74 83.43
C ARG B 385 -93.28 -127.36 84.72
N ILE B 386 -92.07 -127.02 85.17
CA ILE B 386 -91.52 -127.63 86.38
C ILE B 386 -92.41 -127.25 87.55
N THR B 387 -92.87 -125.91 87.61
CA THR B 387 -93.78 -125.44 88.64
C THR B 387 -95.06 -126.20 88.65
N SER B 388 -95.75 -126.48 87.50
CA SER B 388 -97.01 -127.15 87.60
C SER B 388 -96.93 -128.52 88.26
N LEU B 389 -95.90 -129.29 87.87
CA LEU B 389 -95.61 -130.58 88.48
C LEU B 389 -95.30 -130.57 89.96
N GLN B 390 -94.50 -129.63 90.46
CA GLN B 390 -94.30 -129.45 91.85
C GLN B 390 -95.53 -129.15 92.72
N ASN B 391 -96.40 -128.25 92.19
CA ASN B 391 -97.69 -127.92 92.87
C ASN B 391 -98.57 -129.22 92.96
N THR B 392 -98.73 -129.88 91.83
CA THR B 392 -99.52 -131.04 91.77
C THR B 392 -99.02 -132.25 92.57
N LEU B 393 -97.64 -132.40 92.70
CA LEU B 393 -96.94 -133.30 93.61
C LEU B 393 -97.25 -132.90 95.08
N ALA B 394 -97.32 -131.61 95.51
CA ALA B 394 -97.75 -131.24 96.84
C ALA B 394 -99.16 -131.60 97.09
N SER B 395 -100.08 -131.43 96.13
CA SER B 395 -101.46 -131.75 96.16
C SER B 395 -101.60 -133.20 96.46
N LEU B 396 -100.84 -134.09 95.71
CA LEU B 396 -100.78 -135.53 96.03
C LEU B 396 -100.25 -135.79 97.41
N ASN B 397 -99.30 -135.00 97.94
CA ASN B 397 -98.93 -135.18 99.29
C ASN B 397 -100.07 -134.83 100.27
N SER B 398 -100.84 -133.74 100.13
CA SER B 398 -101.96 -133.49 100.99
C SER B 398 -102.98 -134.63 100.98
N THR B 399 -103.34 -135.16 99.81
CA THR B 399 -104.34 -136.30 99.75
C THR B 399 -103.93 -137.58 100.45
N ILE B 400 -102.65 -137.95 100.25
CA ILE B 400 -102.11 -139.18 100.92
C ILE B 400 -101.95 -139.10 102.41
N SER B 401 -101.57 -137.89 102.94
CA SER B 401 -101.64 -137.68 104.41
C SER B 401 -103.06 -137.83 104.96
N SER B 402 -104.07 -137.25 104.26
CA SER B 402 -105.54 -137.39 104.55
C SER B 402 -106.10 -138.83 104.56
N LEU B 403 -105.57 -139.60 103.55
CA LEU B 403 -105.84 -140.95 103.27
C LEU B 403 -105.39 -141.89 104.37
N SER B 404 -104.12 -141.62 104.86
CA SER B 404 -103.48 -142.31 105.97
C SER B 404 -104.31 -142.01 107.23
N GLY B 405 -104.76 -140.74 107.42
CA GLY B 405 -105.71 -140.36 108.48
C GLY B 405 -107.01 -141.22 108.45
N THR B 406 -107.69 -141.45 107.33
CA THR B 406 -108.77 -142.36 107.07
C THR B 406 -108.52 -143.85 107.28
N ALA B 407 -107.30 -144.41 106.90
CA ALA B 407 -106.85 -145.78 107.20
C ALA B 407 -106.73 -146.01 108.70
N SER B 408 -106.20 -144.99 109.50
CA SER B 408 -106.07 -145.00 110.95
C SER B 408 -107.43 -145.15 111.60
N SER B 409 -108.46 -144.45 111.17
CA SER B 409 -109.82 -144.60 111.65
C SER B 409 -110.44 -145.99 111.30
N LEU B 410 -110.28 -146.43 110.09
CA LEU B 410 -110.72 -147.81 109.71
C LEU B 410 -110.08 -148.91 110.55
N SER B 411 -108.74 -148.79 110.94
CA SER B 411 -108.03 -149.71 111.86
C SER B 411 -108.58 -149.74 113.27
N SER B 412 -108.93 -148.54 113.86
CA SER B 412 -109.64 -148.53 115.18
C SER B 412 -111.00 -149.18 115.16
N GLN B 413 -111.84 -148.90 114.11
CA GLN B 413 -113.19 -149.42 114.06
C GLN B 413 -113.22 -150.87 113.96
N LEU B 414 -112.26 -151.41 113.14
CA LEU B 414 -112.15 -152.79 112.90
C LEU B 414 -111.81 -153.52 114.07
N ASN B 415 -110.89 -152.91 114.91
CA ASN B 415 -110.43 -153.42 116.16
C ASN B 415 -111.58 -153.66 117.16
N ALA B 416 -112.38 -152.60 117.30
CA ALA B 416 -113.52 -152.44 118.18
C ALA B 416 -114.53 -153.47 117.89
N LEU B 417 -114.80 -153.73 116.57
CA LEU B 417 -115.64 -154.74 115.95
C LEU B 417 -115.08 -156.08 116.27
N GLN B 418 -113.75 -156.27 116.23
CA GLN B 418 -113.12 -157.51 116.54
C GLN B 418 -113.21 -157.87 118.06
N GLY B 419 -113.09 -156.85 118.97
CA GLY B 419 -113.36 -156.91 120.40
C GLY B 419 -114.84 -157.39 120.70
N LYS B 420 -115.81 -156.81 119.91
CA LYS B 420 -117.17 -157.18 120.04
C LYS B 420 -117.34 -158.68 119.70
N ILE B 421 -116.64 -159.22 118.66
CA ILE B 421 -116.75 -160.62 118.25
C ILE B 421 -116.27 -161.50 119.38
N SER B 422 -115.15 -161.22 120.06
CA SER B 422 -114.66 -162.06 121.16
C SER B 422 -115.79 -162.06 122.27
N SER B 423 -116.44 -160.89 122.58
CA SER B 423 -117.48 -160.77 123.56
C SER B 423 -118.65 -161.71 123.11
N LEU B 424 -118.95 -161.82 121.82
CA LEU B 424 -120.01 -162.69 121.28
C LEU B 424 -119.60 -164.15 121.48
N ASN B 425 -118.32 -164.52 121.33
CA ASN B 425 -117.84 -165.84 121.65
C ASN B 425 -118.07 -166.29 123.06
N SER B 426 -117.59 -165.47 124.05
CA SER B 426 -117.78 -165.84 125.51
C SER B 426 -119.22 -166.02 125.88
N SER B 427 -120.10 -165.18 125.37
CA SER B 427 -121.55 -165.36 125.54
C SER B 427 -122.09 -166.64 124.91
N ILE B 428 -121.67 -166.97 123.67
CA ILE B 428 -122.07 -168.28 123.20
C ILE B 428 -121.64 -169.52 124.03
N THR B 429 -120.33 -169.55 124.48
CA THR B 429 -119.83 -170.64 125.25
C THR B 429 -120.66 -170.78 126.56
N ASN B 430 -120.96 -169.59 127.23
CA ASN B 430 -121.80 -169.55 128.48
C ASN B 430 -123.18 -170.03 128.21
N LEU B 431 -123.81 -169.71 127.03
CA LEU B 431 -125.18 -170.14 126.62
C LEU B 431 -125.21 -171.61 126.54
N SER B 432 -124.16 -172.20 125.95
CA SER B 432 -124.08 -173.65 125.72
C SER B 432 -123.97 -174.32 127.09
N GLY B 433 -123.19 -173.69 127.99
CA GLY B 433 -122.95 -174.27 129.29
C GLY B 433 -124.20 -174.40 130.12
N GLN B 434 -124.94 -173.32 130.05
CA GLN B 434 -126.20 -173.22 130.77
C GLN B 434 -127.22 -174.13 130.13
N LEU B 435 -127.26 -174.28 128.82
CA LEU B 435 -128.13 -175.15 128.16
C LEU B 435 -127.97 -176.66 128.53
N ASN B 436 -126.68 -177.13 128.60
CA ASN B 436 -126.21 -178.43 128.95
C ASN B 436 -126.65 -178.75 130.42
N SER B 437 -126.52 -177.76 131.36
CA SER B 437 -126.87 -177.87 132.75
C SER B 437 -128.29 -178.16 132.79
N LEU B 438 -129.11 -177.34 132.08
CA LEU B 438 -130.56 -177.44 132.09
C LEU B 438 -131.09 -178.72 131.35
N GLN B 439 -130.35 -179.25 130.31
CA GLN B 439 -130.69 -180.46 129.64
C GLN B 439 -130.43 -181.62 130.63
N SER B 440 -129.37 -181.62 131.48
CA SER B 440 -129.19 -182.66 132.52
C SER B 440 -130.40 -182.55 133.46
N LYS B 441 -130.76 -181.35 133.87
CA LYS B 441 -131.84 -181.18 134.77
C LYS B 441 -133.16 -181.79 134.33
N VAL B 442 -133.55 -181.51 133.05
CA VAL B 442 -134.83 -181.93 132.52
C VAL B 442 -134.86 -183.43 132.09
N ASN B 443 -133.68 -183.91 131.75
CA ASN B 443 -133.47 -185.36 131.54
C ASN B 443 -133.37 -186.21 132.83
N SER B 444 -133.00 -185.59 134.01
CA SER B 444 -133.16 -186.19 135.34
C SER B 444 -134.60 -186.02 135.81
N LEU B 445 -135.37 -185.01 135.25
CA LEU B 445 -136.82 -184.84 135.55
C LEU B 445 -137.72 -185.83 134.81
N THR B 446 -137.68 -185.91 133.47
CA THR B 446 -138.63 -186.56 132.62
C THR B 446 -138.81 -187.99 132.98
N PRO B 447 -137.80 -188.89 133.21
CA PRO B 447 -138.15 -190.16 133.76
C PRO B 447 -138.76 -190.22 135.14
N LEU B 448 -138.25 -189.35 136.00
CA LEU B 448 -138.62 -189.31 137.44
C LEU B 448 -139.94 -188.78 137.72
N VAL B 449 -140.33 -187.81 136.85
CA VAL B 449 -141.60 -187.25 136.91
C VAL B 449 -142.65 -188.19 136.32
N TYR B 450 -142.33 -188.97 135.23
CA TYR B 450 -143.15 -190.06 134.66
C TYR B 450 -143.46 -191.14 135.71
N GLY B 451 -142.42 -191.55 136.42
CA GLY B 451 -142.41 -192.56 137.52
C GLY B 451 -143.27 -192.15 138.69
N GLY B 452 -143.25 -190.87 139.00
CA GLY B 452 -144.06 -190.21 139.99
C GLY B 452 -145.51 -190.16 139.64
N ILE B 453 -145.77 -189.79 138.39
CA ILE B 453 -147.11 -189.84 137.81
C ILE B 453 -147.78 -191.26 137.69
N ILE B 454 -146.93 -192.28 137.30
CA ILE B 454 -147.24 -193.69 137.28
C ILE B 454 -147.57 -194.24 138.67
N ALA B 455 -146.75 -193.88 139.69
CA ALA B 455 -147.04 -194.24 140.96
C ALA B 455 -148.35 -193.61 141.44
N GLY B 456 -148.64 -192.34 141.11
CA GLY B 456 -149.91 -191.66 141.56
C GLY B 456 -151.18 -192.26 140.96
N ILE B 457 -151.19 -192.59 139.60
CA ILE B 457 -152.36 -193.22 138.92
C ILE B 457 -152.61 -194.62 139.47
N ILE B 458 -151.56 -195.43 139.67
CA ILE B 458 -151.63 -196.75 140.29
C ILE B 458 -152.11 -196.73 141.68
N GLY B 459 -151.67 -195.67 142.49
CA GLY B 459 -152.15 -195.48 143.87
C GLY B 459 -153.63 -195.24 143.88
N LEU B 460 -154.09 -194.44 142.91
CA LEU B 460 -155.52 -194.07 142.67
C LEU B 460 -156.31 -195.30 142.29
N ILE B 461 -155.73 -196.22 141.43
CA ILE B 461 -156.38 -197.50 141.12
C ILE B 461 -156.60 -198.31 142.39
N VAL B 462 -155.53 -198.46 143.18
CA VAL B 462 -155.54 -199.28 144.40
C VAL B 462 -156.48 -198.86 145.50
N ALA B 463 -156.55 -197.46 145.59
CA ALA B 463 -157.44 -196.81 146.51
C ALA B 463 -158.84 -196.99 146.11
N ILE B 464 -159.24 -196.91 144.78
CA ILE B 464 -160.60 -196.96 144.21
C ILE B 464 -161.11 -198.38 144.31
N VAL B 465 -160.20 -199.37 144.04
CA VAL B 465 -160.45 -200.73 144.29
C VAL B 465 -160.53 -201.03 145.77
N ALA B 466 -159.92 -200.28 146.65
CA ALA B 466 -160.11 -200.46 148.11
C ALA B 466 -161.46 -200.01 148.59
N ILE B 467 -161.97 -198.91 148.03
CA ILE B 467 -163.32 -198.35 148.25
C ILE B 467 -164.39 -199.38 147.97
N VAL B 468 -164.26 -200.05 146.79
CA VAL B 468 -165.25 -201.01 146.42
C VAL B 468 -165.19 -202.21 147.36
N LEU B 469 -163.97 -202.56 147.90
CA LEU B 469 -163.88 -203.85 148.56
C LEU B 469 -164.40 -203.69 150.02
N VAL B 470 -164.21 -202.51 150.67
CA VAL B 470 -164.75 -202.18 151.97
C VAL B 470 -166.27 -202.11 151.79
N TYR B 471 -166.77 -201.48 150.67
CA TYR B 471 -168.24 -201.47 150.23
C TYR B 471 -168.82 -202.82 149.94
N ARG B 472 -167.92 -203.75 149.50
CA ARG B 472 -168.44 -205.04 149.08
C ARG B 472 -168.67 -205.90 150.39
N LYS B 473 -167.66 -205.77 151.32
CA LYS B 473 -167.52 -206.61 152.54
C LYS B 473 -168.45 -206.22 153.65
N ILE B 474 -168.92 -204.88 153.72
CA ILE B 474 -170.06 -204.50 154.55
C ILE B 474 -171.43 -204.89 154.04
N SER B 475 -171.51 -205.26 152.75
CA SER B 475 -172.75 -205.63 152.23
C SER B 475 -172.83 -207.21 152.16
N ALA C 25 14.76 -17.74 18.51
CA ALA C 25 14.07 -17.54 19.84
C ALA C 25 14.37 -16.21 20.47
N VAL C 26 13.46 -15.77 21.44
CA VAL C 26 13.61 -14.63 22.28
C VAL C 26 14.93 -14.67 23.02
N THR C 27 15.61 -13.50 22.97
CA THR C 27 17.01 -13.31 23.52
C THR C 27 16.82 -12.34 24.67
N ILE C 28 16.32 -12.92 25.83
CA ILE C 28 15.98 -12.24 27.03
C ILE C 28 17.32 -11.74 27.50
N ASN C 29 17.54 -10.38 27.52
CA ASN C 29 18.68 -9.75 28.22
C ASN C 29 20.01 -10.13 27.65
N GLY C 30 20.08 -10.60 26.38
CA GLY C 30 21.33 -11.03 25.79
C GLY C 30 21.68 -12.44 25.86
N ILE C 31 21.31 -13.10 26.93
CA ILE C 31 21.32 -14.55 26.96
C ILE C 31 20.06 -15.02 26.25
N THR C 32 20.26 -15.90 25.27
CA THR C 32 19.23 -16.44 24.41
C THR C 32 18.52 -17.49 25.24
N PHE C 33 17.29 -17.12 25.76
CA PHE C 33 16.36 -18.06 26.32
C PHE C 33 15.90 -19.03 25.26
N TYR C 34 16.28 -20.34 25.37
CA TYR C 34 15.60 -21.38 24.53
C TYR C 34 14.58 -22.15 25.36
N SER C 35 14.87 -22.22 26.69
CA SER C 35 14.01 -22.80 27.65
C SER C 35 14.49 -22.60 29.06
N PRO C 36 13.66 -22.29 30.05
CA PRO C 36 12.18 -22.04 29.91
C PRO C 36 11.89 -20.82 29.05
N VAL C 37 10.71 -20.67 28.48
CA VAL C 37 10.24 -19.47 27.83
C VAL C 37 8.92 -19.10 28.55
N PRO C 38 8.36 -17.90 28.60
CA PRO C 38 7.24 -17.59 29.48
C PRO C 38 6.07 -18.24 28.77
N ASN C 39 5.35 -19.06 29.52
CA ASN C 39 4.17 -19.84 29.20
C ASN C 39 4.75 -21.18 28.67
N GLN C 40 4.64 -22.16 29.56
CA GLN C 40 4.96 -23.56 29.23
C GLN C 40 4.01 -24.38 30.04
N THR C 41 3.49 -25.46 29.44
CA THR C 41 2.44 -26.32 29.98
C THR C 41 3.12 -27.64 30.09
N TYR C 42 2.80 -28.30 31.23
CA TYR C 42 3.39 -29.57 31.67
C TYR C 42 2.26 -30.52 32.15
N LYS C 43 2.64 -31.84 32.07
CA LYS C 43 1.80 -32.89 32.59
C LYS C 43 2.49 -33.78 33.58
N TYR C 44 1.78 -34.81 34.03
CA TYR C 44 2.29 -35.85 34.89
C TYR C 44 3.49 -36.51 34.23
N GLY C 45 4.58 -36.73 34.91
CA GLY C 45 5.90 -37.21 34.47
C GLY C 45 6.43 -36.53 33.17
N GLN C 46 6.50 -35.15 33.08
CA GLN C 46 7.07 -34.46 31.99
C GLN C 46 8.09 -33.60 32.58
N GLN C 47 9.13 -33.24 31.77
CA GLN C 47 10.41 -32.71 32.14
C GLN C 47 10.62 -31.26 31.88
N LEU C 48 11.16 -30.47 32.78
CA LEU C 48 11.63 -29.04 32.58
C LEU C 48 13.03 -29.22 32.01
N VAL C 49 13.39 -28.46 30.93
CA VAL C 49 14.66 -28.48 30.25
C VAL C 49 15.27 -27.10 30.45
N LEU C 50 16.60 -27.03 30.54
CA LEU C 50 17.38 -25.84 30.65
C LEU C 50 18.32 -25.76 29.49
N SER C 51 18.06 -24.85 28.53
CA SER C 51 18.99 -24.69 27.48
C SER C 51 18.89 -23.21 27.33
N ILE C 52 20.09 -22.53 27.50
CA ILE C 52 20.12 -21.09 27.36
C ILE C 52 21.52 -20.84 26.82
N GLN C 53 21.72 -19.80 25.95
CA GLN C 53 23.00 -19.29 25.48
C GLN C 53 23.67 -18.39 26.47
N SER C 54 24.47 -18.89 27.37
CA SER C 54 25.14 -18.12 28.38
C SER C 54 26.45 -17.73 27.85
N GLN C 55 27.17 -16.88 28.65
CA GLN C 55 28.57 -16.67 28.59
C GLN C 55 29.26 -17.76 29.46
N PRO C 56 30.35 -18.42 29.06
CA PRO C 56 30.98 -19.60 29.64
C PRO C 56 31.24 -19.53 31.07
N ASN C 57 31.27 -20.71 31.82
CA ASN C 57 31.60 -20.79 33.20
C ASN C 57 30.49 -20.17 33.99
N ALA C 58 29.26 -20.37 33.49
CA ALA C 58 28.02 -19.93 34.18
C ALA C 58 27.33 -21.03 34.89
N LEU C 59 26.79 -20.81 36.10
CA LEU C 59 25.86 -21.71 36.80
C LEU C 59 24.47 -21.08 36.61
N VAL C 60 23.34 -21.82 36.85
CA VAL C 60 22.04 -21.28 36.91
C VAL C 60 21.56 -21.88 38.17
N THR C 61 21.32 -21.10 39.20
CA THR C 61 20.60 -21.47 40.37
C THR C 61 19.15 -21.33 40.07
N LEU C 62 18.45 -22.46 39.95
CA LEU C 62 17.13 -22.56 39.35
C LEU C 62 16.09 -22.88 40.42
N TYR C 63 15.17 -21.91 40.55
CA TYR C 63 14.16 -21.80 41.60
C TYR C 63 12.78 -21.99 41.00
N VAL C 64 12.16 -23.19 41.31
CA VAL C 64 10.73 -23.47 41.00
C VAL C 64 9.92 -22.99 42.14
N TYR C 65 9.48 -21.67 42.10
CA TYR C 65 8.54 -20.99 43.03
C TYR C 65 7.12 -21.60 42.82
N ASP C 66 6.62 -22.35 43.78
CA ASP C 66 5.34 -22.97 43.77
C ASP C 66 4.27 -21.89 44.01
N PRO C 67 2.91 -22.09 43.87
CA PRO C 67 1.89 -21.06 44.14
C PRO C 67 1.67 -20.84 45.58
N LYS C 68 2.64 -21.12 46.51
CA LYS C 68 2.52 -20.87 47.91
C LYS C 68 3.85 -20.12 48.23
N GLY C 69 4.56 -19.62 47.22
CA GLY C 69 5.68 -18.75 47.31
C GLY C 69 6.99 -19.42 47.84
N ASN C 70 7.24 -20.67 47.43
CA ASN C 70 8.28 -21.44 48.00
C ASN C 70 8.86 -22.21 46.88
N VAL C 71 10.17 -22.29 47.04
CA VAL C 71 11.10 -22.98 46.13
C VAL C 71 11.15 -24.45 46.50
N VAL C 72 10.17 -25.23 45.96
CA VAL C 72 10.17 -26.67 46.15
C VAL C 72 11.27 -27.40 45.39
N TYR C 73 12.07 -26.67 44.59
CA TYR C 73 13.13 -27.20 43.87
C TYR C 73 14.12 -26.04 43.60
N ASN C 74 15.23 -26.12 44.33
CA ASN C 74 16.40 -25.36 44.14
C ASN C 74 17.43 -26.34 43.74
N ASN C 75 18.22 -26.10 42.64
CA ASN C 75 19.24 -26.97 42.26
C ASN C 75 20.10 -26.07 41.37
N VAL C 76 21.42 -26.33 41.42
CA VAL C 76 22.45 -25.61 40.79
C VAL C 76 22.99 -26.41 39.65
N TYR C 77 22.83 -25.97 38.41
CA TYR C 77 23.34 -26.58 37.20
C TYR C 77 24.37 -25.74 36.51
N GLN C 78 25.26 -26.47 35.79
CA GLN C 78 26.47 -26.01 35.18
C GLN C 78 26.35 -25.95 33.67
N THR C 79 26.59 -24.82 33.04
CA THR C 79 26.66 -24.65 31.61
C THR C 79 28.00 -25.13 31.05
N ASN C 80 28.08 -25.41 29.73
CA ASN C 80 29.37 -25.84 29.19
C ASN C 80 30.25 -24.66 28.60
N SER C 81 31.56 -24.93 28.39
CA SER C 81 32.57 -24.02 27.80
C SER C 81 32.42 -23.88 26.34
N SER C 82 31.36 -23.14 25.91
CA SER C 82 31.09 -22.91 24.54
C SER C 82 30.11 -21.83 24.50
N GLY C 83 29.05 -21.94 25.32
CA GLY C 83 28.00 -20.92 25.46
C GLY C 83 26.71 -21.61 25.69
N GLY C 84 26.61 -22.89 25.41
CA GLY C 84 25.34 -23.67 25.31
C GLY C 84 25.10 -24.54 26.56
N LEU C 85 24.10 -25.46 26.46
CA LEU C 85 23.73 -26.39 27.56
C LEU C 85 22.43 -27.05 27.19
N THR C 86 22.24 -28.38 27.38
CA THR C 86 20.99 -29.07 27.33
C THR C 86 21.02 -29.93 28.55
N ALA C 87 20.20 -29.44 29.51
CA ALA C 87 20.13 -30.10 30.73
C ALA C 87 18.68 -30.36 30.96
N THR C 88 18.41 -31.51 31.63
CA THR C 88 17.13 -31.91 32.23
C THR C 88 17.18 -31.37 33.66
N ILE C 89 16.15 -30.75 34.16
CA ILE C 89 16.14 -30.06 35.46
C ILE C 89 15.36 -30.82 36.48
N ALA C 90 14.01 -30.86 36.24
CA ALA C 90 13.22 -31.31 37.31
C ALA C 90 12.15 -32.14 36.65
N THR C 91 11.73 -33.29 37.27
CA THR C 91 10.78 -34.16 36.66
C THR C 91 9.51 -33.91 37.35
N PHE C 92 8.47 -33.30 36.71
CA PHE C 92 7.32 -32.81 37.38
C PHE C 92 6.30 -33.90 37.27
N GLY C 93 5.76 -34.26 38.43
CA GLY C 93 4.71 -35.25 38.52
C GLY C 93 5.19 -36.45 39.16
N SER C 94 6.55 -36.66 38.95
CA SER C 94 7.19 -37.87 39.45
C SER C 94 7.73 -37.55 40.76
N THR C 95 7.53 -36.35 41.42
CA THR C 95 8.15 -36.01 42.74
C THR C 95 7.13 -35.39 43.59
N PRO C 96 7.17 -35.50 44.93
CA PRO C 96 6.14 -34.86 45.72
C PRO C 96 6.25 -33.32 45.74
N GLY C 97 5.12 -32.60 45.71
CA GLY C 97 5.05 -31.12 45.41
C GLY C 97 4.98 -30.71 44.04
N PHE C 98 4.46 -31.64 43.21
CA PHE C 98 4.26 -31.48 41.82
C PHE C 98 3.17 -32.49 41.41
N THR C 99 2.42 -33.11 42.36
CA THR C 99 1.68 -34.30 41.97
C THR C 99 0.26 -33.86 41.71
N THR C 100 -0.03 -32.51 42.00
CA THR C 100 -1.41 -31.95 41.93
C THR C 100 -1.18 -30.56 41.44
N VAL C 101 -2.30 -30.05 40.84
CA VAL C 101 -2.47 -28.86 40.08
C VAL C 101 -1.71 -27.67 40.55
N GLY C 102 -1.39 -26.77 39.57
CA GLY C 102 -1.35 -25.41 39.94
C GLY C 102 -0.20 -24.72 39.25
N THR C 103 0.04 -23.45 39.48
CA THR C 103 0.91 -22.68 38.63
C THR C 103 2.23 -22.46 39.39
N TYR C 104 3.37 -22.65 38.68
CA TYR C 104 4.64 -22.44 39.32
C TYR C 104 5.22 -21.22 38.61
N THR C 105 6.34 -20.58 39.11
CA THR C 105 7.14 -19.62 38.38
C THR C 105 8.46 -20.22 38.53
N VAL C 106 9.01 -20.82 37.42
CA VAL C 106 10.42 -21.07 37.48
C VAL C 106 11.18 -19.80 37.21
N SER C 107 11.74 -19.17 38.22
CA SER C 107 12.74 -18.20 38.17
C SER C 107 14.03 -18.80 37.91
N LEU C 108 14.47 -18.52 36.65
CA LEU C 108 15.97 -18.57 36.43
C LEU C 108 16.56 -17.28 37.03
N SER C 109 17.16 -17.45 38.19
CA SER C 109 18.24 -16.73 38.81
C SER C 109 19.54 -17.33 38.26
N VAL C 110 19.85 -16.91 37.01
CA VAL C 110 21.05 -17.31 36.33
C VAL C 110 22.12 -16.66 37.09
N GLN C 111 22.74 -17.41 38.04
CA GLN C 111 23.78 -16.85 38.91
C GLN C 111 24.94 -17.42 38.29
N GLY C 112 25.44 -16.83 37.14
CA GLY C 112 26.65 -17.13 36.43
C GLY C 112 27.66 -16.02 36.62
N THR C 113 28.07 -15.40 35.43
CA THR C 113 28.92 -14.30 35.19
C THR C 113 28.13 -13.11 34.75
N THR C 114 26.89 -13.46 34.42
CA THR C 114 25.83 -12.66 34.00
C THR C 114 24.65 -12.99 34.85
N SER C 115 24.13 -12.04 35.64
CA SER C 115 22.96 -12.14 36.49
C SER C 115 21.75 -11.92 35.61
N GLU C 116 20.98 -12.96 35.25
CA GLU C 116 19.66 -12.77 34.63
C GLU C 116 18.58 -13.36 35.46
N SER C 117 17.70 -12.51 35.94
CA SER C 117 16.58 -12.87 36.72
C SER C 117 15.35 -12.67 35.91
N ALA C 118 14.72 -13.87 35.47
CA ALA C 118 13.56 -13.92 34.59
C ALA C 118 12.50 -14.73 35.40
N SER C 119 11.41 -14.03 35.72
CA SER C 119 10.21 -14.75 36.10
C SER C 119 9.50 -15.44 34.90
N VAL C 120 9.57 -16.85 34.87
CA VAL C 120 9.03 -17.65 33.73
C VAL C 120 8.03 -18.50 34.29
N ASN C 121 6.83 -18.09 33.97
CA ASN C 121 5.64 -18.59 34.59
C ASN C 121 5.33 -19.85 33.80
N VAL C 122 4.85 -20.89 34.48
CA VAL C 122 4.69 -22.25 33.95
C VAL C 122 3.43 -22.76 34.68
N GLN C 123 2.80 -23.82 34.17
CA GLN C 123 1.50 -24.27 34.61
C GLN C 123 1.70 -25.69 34.88
N TYR C 124 0.73 -26.46 35.39
CA TYR C 124 0.77 -27.88 35.46
C TYR C 124 -0.65 -28.20 35.86
N VAL C 125 -1.01 -29.42 35.39
CA VAL C 125 -2.21 -30.11 35.69
C VAL C 125 -1.85 -31.58 35.49
N PRO C 126 -2.29 -32.51 36.39
CA PRO C 126 -2.13 -33.95 36.27
C PRO C 126 -2.85 -34.43 35.05
N LEU C 127 -2.50 -35.65 34.63
CA LEU C 127 -3.29 -36.41 33.71
C LEU C 127 -4.66 -36.84 34.26
N THR C 128 -5.66 -36.88 33.34
CA THR C 128 -7.01 -37.23 33.63
C THR C 128 -7.63 -38.00 32.51
N SER C 129 -8.56 -38.92 32.89
CA SER C 129 -9.10 -39.88 31.88
C SER C 129 -10.57 -40.01 31.89
N THR C 130 -11.27 -40.25 30.77
CA THR C 130 -12.70 -40.45 30.70
C THR C 130 -12.88 -41.84 30.32
N ILE C 131 -13.77 -42.54 31.09
CA ILE C 131 -14.10 -43.94 31.02
C ILE C 131 -15.61 -43.91 30.88
N THR C 132 -16.18 -44.82 30.03
CA THR C 132 -17.48 -44.56 29.44
C THR C 132 -18.29 -45.84 29.62
N ALA C 133 -19.55 -45.69 30.09
CA ALA C 133 -20.52 -46.74 30.12
C ALA C 133 -21.58 -46.37 29.14
N THR C 134 -22.26 -47.43 28.57
CA THR C 134 -23.29 -47.22 27.56
C THR C 134 -24.34 -48.27 27.82
N VAL C 135 -25.64 -47.98 27.52
CA VAL C 135 -26.81 -48.90 27.61
C VAL C 135 -27.52 -48.63 26.35
N VAL C 136 -28.20 -49.69 25.85
CA VAL C 136 -28.91 -49.74 24.54
C VAL C 136 -29.98 -50.77 24.59
N ASN C 137 -30.98 -50.60 23.76
CA ASN C 137 -31.95 -51.59 23.47
C ASN C 137 -31.91 -51.75 21.94
N GLN C 138 -32.32 -52.97 21.45
CA GLN C 138 -32.29 -53.40 20.06
C GLN C 138 -33.59 -53.05 19.34
N GLU C 139 -34.42 -52.15 20.03
CA GLU C 139 -35.60 -51.56 19.55
C GLU C 139 -35.14 -50.56 18.58
N GLY C 140 -33.95 -49.90 18.81
CA GLY C 140 -33.26 -49.04 17.91
C GLY C 140 -33.12 -47.73 18.75
N SER C 141 -33.54 -47.77 20.13
CA SER C 141 -33.51 -46.62 21.06
C SER C 141 -32.52 -46.79 22.21
N PRO C 142 -31.58 -45.91 22.47
CA PRO C 142 -30.64 -46.16 23.56
C PRO C 142 -31.40 -45.99 24.90
N LEU C 143 -31.01 -46.69 25.95
CA LEU C 143 -31.74 -46.64 27.18
C LEU C 143 -31.14 -45.56 28.04
N ALA C 144 -31.90 -45.14 29.04
CA ALA C 144 -31.68 -43.96 29.83
C ALA C 144 -32.34 -44.17 31.18
N GLY C 145 -31.97 -43.23 32.07
CA GLY C 145 -32.59 -43.23 33.34
C GLY C 145 -31.68 -43.94 34.29
N ALA C 146 -30.35 -44.08 33.98
CA ALA C 146 -29.47 -44.85 34.80
C ALA C 146 -28.74 -44.08 35.75
N THR C 147 -28.70 -44.51 36.99
CA THR C 147 -27.67 -44.09 37.90
C THR C 147 -26.47 -44.96 37.68
N VAL C 148 -25.38 -44.33 37.15
CA VAL C 148 -24.22 -45.10 36.65
C VAL C 148 -23.07 -44.62 37.60
N GLN C 149 -22.37 -45.57 38.28
CA GLN C 149 -21.39 -45.25 39.35
C GLN C 149 -20.17 -45.83 38.80
N LEU C 150 -19.10 -44.98 38.69
CA LEU C 150 -17.81 -45.40 38.29
C LEU C 150 -17.10 -45.37 39.60
N TYR C 151 -16.34 -46.47 39.85
CA TYR C 151 -15.53 -46.71 41.02
C TYR C 151 -14.05 -46.81 40.80
N ASN C 152 -13.16 -46.16 41.59
CA ASN C 152 -11.66 -46.14 41.55
C ASN C 152 -11.19 -47.42 42.11
N THR C 153 -11.29 -48.59 41.32
CA THR C 153 -11.04 -49.95 41.75
C THR C 153 -9.65 -50.32 41.35
N THR C 154 -8.80 -49.24 41.29
CA THR C 154 -7.38 -49.34 41.19
C THR C 154 -6.83 -49.50 42.61
N SER C 155 -7.49 -49.02 43.70
CA SER C 155 -7.06 -49.01 45.10
C SER C 155 -6.85 -50.41 45.52
N GLY C 156 -7.69 -51.29 45.04
CA GLY C 156 -7.98 -52.68 45.39
C GLY C 156 -9.41 -52.72 45.91
N SER C 157 -10.16 -51.64 45.89
CA SER C 157 -11.40 -51.40 46.53
C SER C 157 -12.11 -50.26 45.80
N ASN C 158 -13.47 -50.24 45.88
CA ASN C 158 -14.39 -49.56 44.99
C ASN C 158 -14.51 -48.08 45.39
N THR C 159 -13.35 -47.26 45.40
CA THR C 159 -13.37 -45.87 45.91
C THR C 159 -14.14 -44.89 45.06
N LEU C 160 -15.44 -44.64 45.36
CA LEU C 160 -16.28 -43.82 44.55
C LEU C 160 -15.83 -42.38 44.48
N VAL C 161 -15.35 -41.91 43.33
CA VAL C 161 -14.92 -40.56 43.05
C VAL C 161 -15.93 -39.84 42.12
N ALA C 162 -16.80 -40.52 41.34
CA ALA C 162 -17.76 -39.84 40.50
C ALA C 162 -18.92 -40.75 40.17
N THR C 163 -20.12 -40.34 40.40
CA THR C 163 -21.41 -40.85 40.03
C THR C 163 -22.06 -39.83 39.10
N GLN C 164 -22.70 -40.38 38.03
CA GLN C 164 -23.43 -39.69 36.98
C GLN C 164 -24.78 -40.22 36.86
N THR C 165 -25.69 -39.32 36.50
CA THR C 165 -27.02 -39.55 35.93
C THR C 165 -26.76 -39.52 34.38
N THR C 166 -27.06 -40.64 33.74
CA THR C 166 -26.75 -40.86 32.32
C THR C 166 -27.46 -39.83 31.46
N ASN C 167 -26.78 -39.31 30.41
CA ASN C 167 -27.18 -38.22 29.59
C ASN C 167 -27.72 -38.79 28.26
N SER C 168 -28.32 -37.90 27.44
CA SER C 168 -29.09 -38.22 26.35
C SER C 168 -28.27 -38.18 25.12
N GLN C 169 -26.97 -38.08 25.23
CA GLN C 169 -26.06 -38.12 24.18
C GLN C 169 -25.36 -39.43 24.17
N GLY C 170 -25.60 -40.31 25.14
CA GLY C 170 -25.25 -41.74 25.18
C GLY C 170 -23.77 -41.87 25.37
N VAL C 171 -23.20 -40.92 26.15
CA VAL C 171 -21.83 -41.07 26.71
C VAL C 171 -22.02 -40.67 28.11
N ALA C 172 -21.53 -41.58 28.94
CA ALA C 172 -21.51 -41.32 30.38
C ALA C 172 -20.15 -41.02 30.70
N THR C 173 -19.81 -39.74 30.71
CA THR C 173 -18.42 -39.30 30.82
C THR C 173 -18.31 -38.80 32.26
N PHE C 174 -17.13 -39.25 32.89
CA PHE C 174 -16.78 -38.96 34.25
C PHE C 174 -15.23 -38.69 34.22
N THR C 175 -14.71 -37.55 34.84
CA THR C 175 -13.28 -37.18 34.90
C THR C 175 -12.64 -37.59 36.20
N VAL C 176 -11.52 -38.33 36.19
CA VAL C 176 -10.84 -38.88 37.29
C VAL C 176 -9.37 -38.76 37.04
N LEU C 177 -8.60 -38.61 38.15
CA LEU C 177 -7.14 -38.58 38.07
C LEU C 177 -6.63 -39.85 37.39
N SER C 178 -5.47 -39.73 36.75
CA SER C 178 -4.76 -40.79 36.03
C SER C 178 -3.24 -40.50 36.16
N PHE C 179 -2.41 -41.52 35.84
CA PHE C 179 -0.97 -41.61 36.03
C PHE C 179 -0.44 -42.53 35.00
N PRO C 180 0.82 -42.42 34.49
CA PRO C 180 1.30 -43.19 33.42
C PRO C 180 1.74 -44.48 33.98
N GLY C 181 1.45 -45.67 33.32
CA GLY C 181 2.03 -46.98 33.68
C GLY C 181 1.38 -47.64 34.82
N VAL C 182 0.03 -47.62 34.87
CA VAL C 182 -0.66 -48.32 35.95
C VAL C 182 -1.89 -48.89 35.35
N THR C 183 -2.30 -50.16 35.62
CA THR C 183 -3.60 -50.76 35.08
C THR C 183 -4.78 -50.23 35.96
N GLN C 184 -5.32 -49.04 35.66
CA GLN C 184 -6.32 -48.33 36.38
C GLN C 184 -7.63 -48.98 36.16
N THR C 185 -7.92 -49.99 36.91
CA THR C 185 -9.22 -50.65 36.81
C THR C 185 -10.32 -49.87 37.40
N PHE C 186 -11.45 -49.96 36.71
CA PHE C 186 -12.70 -49.27 37.06
C PHE C 186 -13.87 -50.18 36.82
N LYS C 187 -14.79 -50.23 37.81
CA LYS C 187 -15.97 -51.00 37.81
C LYS C 187 -17.08 -49.92 37.56
N LEU C 188 -17.91 -50.23 36.52
CA LEU C 188 -19.01 -49.47 36.10
C LEU C 188 -20.28 -50.27 36.38
N VAL C 189 -20.96 -49.90 37.45
CA VAL C 189 -22.28 -50.45 37.79
C VAL C 189 -23.38 -49.54 37.31
N ALA C 190 -24.31 -50.14 36.54
CA ALA C 190 -25.56 -49.57 36.00
C ALA C 190 -26.74 -50.07 36.70
N SER C 191 -27.41 -49.10 37.47
CA SER C 191 -28.60 -49.33 38.26
C SER C 191 -29.59 -48.38 37.80
N LEU C 192 -30.66 -48.96 37.21
CA LEU C 192 -31.64 -48.24 36.43
C LEU C 192 -33.07 -48.87 36.62
N GLN C 193 -34.13 -48.03 36.66
CA GLN C 193 -35.44 -48.44 36.98
C GLN C 193 -36.10 -48.58 35.60
N GLY C 194 -36.38 -49.86 35.23
CA GLY C 194 -37.26 -50.16 34.14
C GLY C 194 -36.67 -51.32 33.42
N TYR C 195 -35.35 -51.58 33.68
CA TYR C 195 -34.58 -52.66 33.07
C TYR C 195 -33.60 -53.19 34.09
N ALA C 196 -32.82 -54.27 33.74
CA ALA C 196 -31.95 -55.01 34.61
C ALA C 196 -30.67 -54.27 34.96
N ALA C 197 -30.39 -54.21 36.23
CA ALA C 197 -29.15 -53.66 36.75
C ALA C 197 -28.01 -54.62 36.46
N SER C 198 -26.80 -54.11 36.05
CA SER C 198 -25.79 -54.97 35.43
C SER C 198 -24.47 -54.37 35.93
N THR C 199 -23.36 -55.10 35.95
CA THR C 199 -22.08 -54.58 36.36
C THR C 199 -21.08 -55.06 35.31
N ALA C 200 -20.39 -54.17 34.60
CA ALA C 200 -19.22 -54.42 33.78
C ALA C 200 -18.01 -53.73 34.40
N SER C 201 -16.86 -54.02 33.78
CA SER C 201 -15.60 -53.45 34.35
C SER C 201 -14.69 -53.37 33.20
N VAL C 202 -13.70 -52.41 33.33
CA VAL C 202 -12.72 -52.10 32.35
C VAL C 202 -11.43 -51.91 33.02
N SER C 203 -10.33 -51.67 32.20
CA SER C 203 -9.11 -51.16 32.72
C SER C 203 -8.43 -50.19 31.74
N ILE C 204 -8.23 -48.90 32.21
CA ILE C 204 -7.39 -48.13 31.34
C ILE C 204 -5.88 -48.29 31.81
N THR C 205 -4.95 -48.66 30.88
CA THR C 205 -3.53 -48.71 31.24
C THR C 205 -2.93 -47.54 30.54
N GLY C 206 -2.54 -46.49 31.30
CA GLY C 206 -2.14 -45.19 30.86
C GLY C 206 -3.38 -44.45 30.43
N GLN C 207 -3.40 -43.63 29.36
CA GLN C 207 -4.59 -42.91 29.02
C GLN C 207 -5.21 -43.55 27.90
N GLN C 208 -6.49 -43.99 28.06
CA GLN C 208 -7.28 -44.55 26.98
C GLN C 208 -8.65 -44.48 27.33
N ASN C 209 -9.48 -44.46 26.27
CA ASN C 209 -10.89 -44.46 26.35
C ASN C 209 -11.42 -45.86 26.64
N ALA C 210 -12.05 -46.18 27.75
CA ALA C 210 -12.48 -47.46 28.06
C ALA C 210 -13.94 -47.51 27.94
N SER C 211 -14.44 -48.10 26.75
CA SER C 211 -15.84 -48.06 26.55
C SER C 211 -16.38 -49.33 26.21
N VAL C 212 -17.40 -49.75 27.02
CA VAL C 212 -18.13 -50.98 26.82
C VAL C 212 -19.60 -50.81 26.97
N THR C 213 -20.33 -51.46 26.04
CA THR C 213 -21.76 -51.47 25.96
C THR C 213 -22.29 -52.38 26.98
N ILE C 214 -23.29 -52.02 27.83
CA ILE C 214 -24.00 -52.91 28.77
C ILE C 214 -25.35 -53.04 28.19
N THR C 215 -25.51 -54.06 27.35
CA THR C 215 -26.67 -54.14 26.56
C THR C 215 -27.76 -54.89 27.36
N LEU C 216 -29.05 -54.47 27.33
CA LEU C 216 -30.12 -54.99 28.14
C LEU C 216 -31.24 -55.35 27.16
N VAL C 217 -32.00 -56.39 27.63
CA VAL C 217 -33.28 -56.89 27.15
C VAL C 217 -34.42 -56.12 27.84
N PRO C 218 -35.55 -55.79 27.23
CA PRO C 218 -36.65 -55.22 27.95
C PRO C 218 -37.26 -55.99 29.07
N ALA C 219 -37.42 -55.32 30.21
CA ALA C 219 -37.82 -55.97 31.50
C ALA C 219 -39.25 -56.41 31.35
N VAL C 220 -39.60 -57.58 31.97
CA VAL C 220 -40.93 -58.19 31.92
C VAL C 220 -41.25 -58.43 33.32
N VAL C 221 -42.47 -57.94 33.84
CA VAL C 221 -42.94 -58.25 35.20
C VAL C 221 -43.26 -59.73 35.25
N THR C 222 -43.00 -60.42 36.36
CA THR C 222 -43.26 -61.81 36.66
C THR C 222 -43.89 -61.99 37.98
N ILE C 223 -44.93 -62.85 38.02
CA ILE C 223 -45.60 -63.28 39.22
C ILE C 223 -45.51 -64.74 39.18
N ALA C 224 -44.72 -65.31 40.06
CA ALA C 224 -44.26 -66.70 40.07
C ALA C 224 -44.37 -67.30 41.47
N PRO C 225 -44.86 -68.50 41.67
CA PRO C 225 -44.90 -69.14 43.03
C PRO C 225 -43.53 -69.51 43.49
N MET C 226 -42.97 -68.72 44.44
CA MET C 226 -41.59 -68.94 44.89
C MET C 226 -41.54 -69.71 46.17
N TYR C 227 -42.69 -69.83 46.94
CA TYR C 227 -42.84 -70.86 47.96
C TYR C 227 -44.29 -71.12 47.88
N VAL C 228 -44.69 -72.39 48.09
CA VAL C 228 -46.07 -72.74 48.15
C VAL C 228 -46.10 -73.59 49.39
N ILE C 229 -46.71 -73.05 50.47
CA ILE C 229 -46.96 -73.69 51.78
C ILE C 229 -48.34 -74.32 51.68
N GLN C 230 -48.69 -75.33 52.49
CA GLN C 230 -50.00 -75.78 52.71
C GLN C 230 -50.03 -76.41 54.06
N ASN C 231 -50.84 -75.74 54.92
CA ASN C 231 -51.16 -76.03 56.34
C ASN C 231 -49.93 -75.61 57.06
N GLY C 232 -48.74 -76.21 56.75
CA GLY C 232 -47.44 -75.82 57.39
C GLY C 232 -46.37 -76.43 56.63
N THR C 233 -46.67 -77.29 55.64
CA THR C 233 -45.74 -78.09 54.93
C THR C 233 -45.45 -77.27 53.65
N VAL C 234 -44.15 -76.92 53.36
CA VAL C 234 -43.86 -76.22 52.15
C VAL C 234 -43.82 -77.23 50.98
N ILE C 235 -45.03 -77.46 50.31
CA ILE C 235 -45.23 -78.50 49.30
C ILE C 235 -44.48 -78.17 48.07
N GLY C 236 -43.94 -76.96 47.90
CA GLY C 236 -43.03 -76.65 46.82
C GLY C 236 -42.39 -75.33 47.10
N SER C 237 -41.28 -75.17 46.40
CA SER C 237 -40.52 -73.96 46.25
C SER C 237 -39.86 -73.97 44.88
N GLY C 238 -39.27 -72.77 44.52
CA GLY C 238 -38.46 -72.61 43.34
C GLY C 238 -39.28 -72.12 42.19
N PRO C 239 -38.64 -71.26 41.40
CA PRO C 239 -39.31 -70.52 40.38
C PRO C 239 -39.69 -71.28 39.14
N SER C 240 -39.58 -72.62 39.04
CA SER C 240 -40.05 -73.37 37.85
C SER C 240 -41.35 -74.12 38.03
N LEU C 241 -42.17 -73.85 39.06
CA LEU C 241 -43.46 -74.47 39.24
C LEU C 241 -44.46 -73.81 38.38
N SER C 242 -45.60 -74.52 38.01
CA SER C 242 -46.76 -73.93 37.46
C SER C 242 -47.98 -74.88 37.59
N SER C 243 -47.64 -76.08 38.20
CA SER C 243 -48.69 -76.89 38.83
C SER C 243 -47.95 -77.66 39.82
N ILE C 244 -48.52 -77.68 41.08
CA ILE C 244 -47.90 -78.38 42.19
C ILE C 244 -49.17 -78.98 42.78
N VAL C 245 -49.16 -80.26 43.23
CA VAL C 245 -50.28 -81.01 43.67
C VAL C 245 -50.65 -80.53 45.06
N VAL C 246 -51.81 -79.92 45.17
CA VAL C 246 -52.40 -79.58 46.41
C VAL C 246 -53.24 -80.74 46.80
N TYR C 247 -53.44 -80.87 48.15
CA TYR C 247 -54.31 -81.82 48.76
C TYR C 247 -55.44 -81.07 49.41
N GLN C 248 -56.69 -81.50 49.06
CA GLN C 248 -57.93 -80.87 49.46
C GLN C 248 -58.22 -80.86 50.99
N GLY C 249 -58.79 -79.77 51.56
CA GLY C 249 -58.98 -79.62 52.95
C GLY C 249 -57.88 -78.98 53.61
N LEU C 250 -56.74 -78.90 52.87
CA LEU C 250 -55.51 -78.31 53.36
C LEU C 250 -55.32 -77.09 52.57
N PRO C 251 -55.14 -75.84 53.15
CA PRO C 251 -55.21 -74.62 52.42
C PRO C 251 -53.75 -74.28 51.91
N ALA C 252 -53.59 -74.14 50.58
CA ALA C 252 -52.35 -73.71 49.92
C ALA C 252 -52.19 -72.22 50.01
N TYR C 253 -51.24 -71.87 50.94
CA TYR C 253 -50.73 -70.50 51.04
C TYR C 253 -49.60 -70.26 50.03
N ILE C 254 -49.95 -69.89 48.79
CA ILE C 254 -49.00 -69.67 47.65
C ILE C 254 -48.30 -68.43 47.82
N LEU C 255 -47.14 -68.37 48.49
CA LEU C 255 -46.36 -67.20 48.67
C LEU C 255 -45.65 -66.89 47.39
N ALA C 256 -46.27 -66.17 46.50
CA ALA C 256 -45.75 -65.87 45.11
C ALA C 256 -45.01 -64.56 44.97
N GLN C 257 -43.70 -64.58 44.64
CA GLN C 257 -42.89 -63.39 44.45
C GLN C 257 -43.23 -62.66 43.13
N VAL C 258 -43.38 -61.27 43.24
CA VAL C 258 -43.68 -60.33 42.16
C VAL C 258 -42.34 -59.81 41.88
N SER C 259 -41.80 -60.08 40.72
CA SER C 259 -40.36 -59.77 40.57
C SER C 259 -40.37 -58.96 39.31
N PHE C 260 -39.36 -58.06 39.14
CA PHE C 260 -39.20 -57.19 38.00
C PHE C 260 -37.69 -57.06 37.71
N ALA C 261 -37.22 -57.88 36.75
CA ALA C 261 -35.93 -57.94 36.15
C ALA C 261 -34.88 -58.15 37.13
N GLY C 262 -35.16 -59.12 38.01
CA GLY C 262 -34.23 -59.66 39.06
C GLY C 262 -34.29 -59.18 40.46
N GLN C 263 -35.15 -58.20 40.78
CA GLN C 263 -35.26 -57.51 42.08
C GLN C 263 -36.72 -57.52 42.42
N ARG C 264 -37.15 -57.72 43.73
CA ARG C 264 -38.59 -57.87 43.93
C ARG C 264 -39.24 -56.43 43.88
N VAL C 265 -40.57 -56.43 44.00
CA VAL C 265 -41.53 -55.38 44.11
C VAL C 265 -42.67 -56.04 44.77
N THR C 266 -43.59 -55.25 45.46
CA THR C 266 -44.65 -55.82 46.23
C THR C 266 -45.65 -54.73 46.37
N THR C 267 -45.47 -53.62 45.65
CA THR C 267 -46.38 -52.52 45.71
C THR C 267 -47.44 -52.56 44.57
N ALA C 268 -47.14 -53.53 43.59
CA ALA C 268 -48.05 -53.79 42.50
C ALA C 268 -49.21 -54.74 42.85
N PRO C 269 -50.50 -54.47 42.49
CA PRO C 269 -51.65 -55.24 42.85
C PRO C 269 -51.58 -56.61 42.26
N VAL C 270 -51.75 -57.61 43.17
CA VAL C 270 -51.80 -59.00 42.72
C VAL C 270 -53.21 -59.39 42.96
N SER C 271 -53.98 -59.77 41.84
CA SER C 271 -55.19 -60.49 42.00
C SER C 271 -54.97 -61.85 41.54
N ALA C 272 -55.91 -62.76 41.92
CA ALA C 272 -55.93 -64.19 41.62
C ALA C 272 -57.39 -64.52 41.38
N GLN C 273 -57.79 -64.76 40.06
CA GLN C 273 -59.15 -65.14 39.65
C GLN C 273 -59.12 -66.64 39.78
N VAL C 274 -59.79 -67.26 40.80
CA VAL C 274 -59.62 -68.68 41.08
C VAL C 274 -60.86 -69.34 40.54
N TYR C 275 -60.74 -69.92 39.35
CA TYR C 275 -61.73 -70.59 38.61
C TYR C 275 -61.96 -72.02 39.05
N TYR C 276 -62.58 -72.15 40.26
CA TYR C 276 -63.17 -73.40 40.74
C TYR C 276 -64.35 -73.76 39.93
N PRO C 277 -64.64 -75.05 39.80
CA PRO C 277 -65.94 -75.46 39.14
C PRO C 277 -67.09 -75.43 40.08
N ASN C 278 -66.98 -74.87 41.28
CA ASN C 278 -68.02 -74.56 42.18
C ASN C 278 -68.21 -73.02 42.19
N GLY C 279 -67.41 -72.30 41.37
CA GLY C 279 -67.53 -70.82 41.33
C GLY C 279 -66.22 -70.16 40.97
N THR C 280 -66.21 -68.95 40.50
CA THR C 280 -65.01 -68.15 40.25
C THR C 280 -64.96 -67.20 41.39
N GLN C 281 -63.97 -67.43 42.29
CA GLN C 281 -63.78 -66.62 43.42
C GLN C 281 -62.76 -65.62 43.06
N THR C 282 -63.01 -64.28 43.25
CA THR C 282 -62.07 -63.24 42.86
C THR C 282 -61.28 -63.04 44.12
N VAL C 283 -60.15 -63.74 44.27
CA VAL C 283 -59.33 -63.52 45.52
C VAL C 283 -58.39 -62.43 45.22
N LYS C 284 -58.62 -61.30 45.91
CA LYS C 284 -57.66 -60.22 46.01
C LYS C 284 -56.56 -60.57 46.97
N ALA C 285 -55.33 -60.94 46.45
CA ALA C 285 -54.21 -61.42 47.29
C ALA C 285 -53.78 -60.48 48.38
N SER C 286 -53.69 -61.05 49.57
CA SER C 286 -53.21 -60.47 50.75
C SER C 286 -51.69 -60.55 50.80
N VAL C 287 -51.00 -59.38 50.98
CA VAL C 287 -49.63 -59.25 51.18
C VAL C 287 -49.23 -59.97 52.51
N ILE C 288 -48.19 -60.76 52.44
CA ILE C 288 -47.81 -61.85 53.26
C ILE C 288 -48.09 -61.68 54.76
N THR C 289 -48.80 -62.72 55.36
CA THR C 289 -49.18 -62.70 56.76
C THR C 289 -48.69 -64.04 57.45
N SER C 290 -48.11 -64.97 56.68
CA SER C 290 -47.58 -66.26 57.16
C SER C 290 -46.45 -66.63 56.19
N GLY C 291 -45.32 -67.04 56.85
CA GLY C 291 -44.18 -67.50 56.12
C GLY C 291 -42.91 -67.09 56.83
N LYS C 292 -41.77 -67.19 56.11
CA LYS C 292 -40.46 -66.76 56.54
C LYS C 292 -40.05 -65.75 55.48
N TYR C 293 -40.79 -65.68 54.31
CA TYR C 293 -40.38 -64.95 53.15
C TYR C 293 -41.40 -63.92 52.85
N ALA C 294 -40.92 -62.68 52.71
CA ALA C 294 -41.74 -61.45 52.63
C ALA C 294 -41.26 -60.42 51.63
N GLY C 295 -42.31 -60.05 50.87
CA GLY C 295 -42.41 -59.27 49.68
C GLY C 295 -43.11 -60.05 48.60
N MET C 296 -43.50 -61.27 48.93
CA MET C 296 -44.28 -62.09 47.99
C MET C 296 -45.74 -61.78 48.33
N TYR C 297 -46.73 -62.09 47.37
CA TYR C 297 -48.13 -62.04 47.65
C TYR C 297 -48.65 -63.36 48.00
N ASN C 298 -49.48 -63.43 49.05
CA ASN C 298 -50.05 -64.68 49.53
C ASN C 298 -51.35 -64.96 48.82
N ILE C 299 -51.37 -65.84 47.77
CA ILE C 299 -52.59 -66.30 47.18
C ILE C 299 -53.10 -67.31 48.14
N THR C 300 -54.09 -66.97 49.01
CA THR C 300 -54.61 -67.80 50.09
C THR C 300 -55.77 -68.59 49.61
N ILE C 301 -55.52 -69.79 49.04
CA ILE C 301 -56.53 -70.66 48.44
C ILE C 301 -56.90 -71.71 49.36
N MET C 302 -58.19 -71.89 49.47
CA MET C 302 -58.73 -73.02 50.23
C MET C 302 -59.49 -73.94 49.35
N PRO C 303 -59.01 -75.13 49.06
CA PRO C 303 -59.79 -76.13 48.30
C PRO C 303 -60.66 -76.99 49.28
N PRO C 304 -62.00 -77.16 48.91
CA PRO C 304 -62.88 -78.01 49.70
C PRO C 304 -62.95 -79.40 49.23
N THR C 305 -63.24 -80.39 50.07
CA THR C 305 -63.03 -81.81 49.75
C THR C 305 -64.28 -82.36 49.04
N GLU C 306 -64.13 -82.85 47.77
CA GLU C 306 -65.12 -83.51 46.95
C GLU C 306 -64.43 -84.87 46.77
N SER C 307 -65.06 -86.00 47.14
CA SER C 307 -64.58 -87.38 47.27
C SER C 307 -65.22 -88.25 46.19
N VAL C 308 -65.65 -87.57 45.09
CA VAL C 308 -66.15 -88.39 44.02
C VAL C 308 -65.56 -87.87 42.77
N GLN C 309 -64.61 -86.88 42.91
CA GLN C 309 -63.99 -86.13 41.84
C GLN C 309 -62.68 -85.61 42.32
N ASN C 310 -61.73 -85.48 41.42
CA ASN C 310 -60.53 -84.72 41.45
C ASN C 310 -60.68 -83.61 40.46
N TYR C 311 -60.78 -82.33 40.89
CA TYR C 311 -61.32 -81.33 40.00
C TYR C 311 -60.20 -80.40 39.61
N VAL C 312 -60.40 -80.02 38.34
CA VAL C 312 -59.73 -79.06 37.51
C VAL C 312 -60.19 -77.70 37.88
N PHE C 313 -59.39 -76.90 38.59
CA PHE C 313 -59.64 -75.50 38.83
C PHE C 313 -58.41 -74.89 38.17
N GLN C 314 -58.56 -73.69 37.51
CA GLN C 314 -57.55 -72.81 37.05
C GLN C 314 -57.33 -71.70 38.06
N LEU C 315 -56.06 -71.27 38.12
CA LEU C 315 -55.66 -70.28 39.02
C LEU C 315 -54.99 -69.17 38.23
N LEU C 316 -55.73 -68.15 37.72
CA LEU C 316 -55.16 -67.07 36.92
C LEU C 316 -54.56 -65.95 37.81
N ILE C 317 -53.29 -66.04 38.18
CA ILE C 317 -52.65 -65.13 39.04
C ILE C 317 -52.13 -64.00 38.10
N VAL C 318 -52.63 -62.80 38.36
CA VAL C 318 -52.33 -61.67 37.53
C VAL C 318 -51.74 -60.70 38.38
N ALA C 319 -50.65 -60.08 37.86
CA ALA C 319 -50.02 -58.93 38.39
C ALA C 319 -50.01 -58.01 37.22
N ASN C 320 -50.63 -56.81 37.32
CA ASN C 320 -50.72 -55.74 36.40
C ASN C 320 -49.71 -54.73 36.89
N TYR C 321 -48.61 -54.46 36.16
CA TYR C 321 -47.57 -53.50 36.59
C TYR C 321 -47.35 -52.47 35.52
N THR C 322 -47.49 -51.20 35.97
CA THR C 322 -47.19 -50.11 35.01
C THR C 322 -45.83 -49.57 35.21
N THR C 323 -44.88 -49.93 34.34
CA THR C 323 -43.47 -49.51 34.49
C THR C 323 -43.43 -48.02 34.23
N SER C 324 -42.40 -47.35 34.77
CA SER C 324 -42.20 -45.94 34.59
C SER C 324 -41.28 -45.63 33.41
N SER C 325 -40.91 -46.70 32.65
CA SER C 325 -40.10 -46.61 31.45
C SER C 325 -40.96 -46.29 30.25
N GLY C 326 -42.34 -46.32 30.43
CA GLY C 326 -43.26 -46.06 29.32
C GLY C 326 -43.69 -47.25 28.55
N GLN C 327 -43.95 -48.35 29.22
CA GLN C 327 -44.46 -49.59 28.59
C GLN C 327 -45.22 -50.22 29.76
N THR C 328 -46.45 -50.69 29.53
CA THR C 328 -47.26 -51.31 30.54
C THR C 328 -47.20 -52.83 30.30
N LEU C 329 -46.79 -53.64 31.32
CA LEU C 329 -46.72 -55.12 31.28
C LEU C 329 -47.66 -55.72 32.35
N SER C 330 -48.46 -56.65 31.86
CA SER C 330 -49.37 -57.36 32.70
C SER C 330 -48.88 -58.83 32.49
N THR C 331 -48.78 -59.56 33.64
CA THR C 331 -48.49 -60.99 33.57
C THR C 331 -49.67 -61.68 34.13
N LYS C 332 -50.12 -62.72 33.47
CA LYS C 332 -51.03 -63.63 33.99
C LYS C 332 -50.32 -64.96 34.06
N TYR C 333 -50.52 -65.79 35.11
CA TYR C 333 -49.90 -67.03 35.29
C TYR C 333 -51.04 -68.02 35.41
N LEU C 334 -51.27 -68.83 34.41
CA LEU C 334 -52.30 -69.94 34.32
C LEU C 334 -51.82 -71.13 35.04
N MET C 335 -52.03 -71.21 36.34
CA MET C 335 -51.58 -72.21 37.28
C MET C 335 -52.67 -73.23 37.49
N SER C 336 -52.85 -74.05 36.48
CA SER C 336 -54.01 -74.92 36.56
C SER C 336 -53.62 -76.16 37.33
N VAL C 337 -54.30 -76.46 38.43
CA VAL C 337 -53.93 -77.43 39.37
C VAL C 337 -54.99 -78.50 39.59
N GLN C 338 -54.53 -79.78 39.72
CA GLN C 338 -55.28 -80.86 40.30
C GLN C 338 -55.54 -80.67 41.72
N ALA C 339 -56.81 -80.61 42.16
CA ALA C 339 -57.13 -80.58 43.54
C ALA C 339 -57.29 -82.00 43.93
N ASN C 340 -56.23 -82.70 44.40
CA ASN C 340 -56.17 -84.14 44.72
C ASN C 340 -56.83 -84.38 46.09
N GLN C 341 -57.51 -85.57 46.20
CA GLN C 341 -58.02 -86.03 47.52
C GLN C 341 -56.91 -86.19 48.47
N ASN C 342 -57.20 -85.71 49.72
CA ASN C 342 -56.38 -85.87 50.91
C ASN C 342 -56.53 -87.29 51.46
N LEU C 343 -55.96 -88.30 50.82
CA LEU C 343 -55.87 -89.68 51.16
C LEU C 343 -55.49 -90.04 52.61
N GLN C 344 -54.52 -89.28 53.18
CA GLN C 344 -54.15 -89.27 54.56
C GLN C 344 -55.27 -89.08 55.52
N ALA C 345 -55.99 -87.91 55.47
CA ALA C 345 -57.16 -87.61 56.23
C ALA C 345 -58.31 -88.63 55.95
N LEU C 346 -58.50 -89.07 54.67
CA LEU C 346 -59.36 -90.09 54.31
C LEU C 346 -59.23 -91.38 55.07
N VAL C 347 -58.03 -92.03 54.99
CA VAL C 347 -57.73 -93.29 55.49
C VAL C 347 -57.91 -93.22 57.03
N ASN C 348 -57.42 -92.12 57.66
CA ASN C 348 -57.43 -92.04 59.05
C ASN C 348 -58.79 -92.05 59.62
N LYS C 349 -59.78 -91.24 59.00
CA LYS C 349 -61.16 -91.17 59.42
C LYS C 349 -61.92 -92.40 59.13
N GLU C 350 -61.71 -93.03 57.99
CA GLU C 350 -62.37 -94.23 57.56
C GLU C 350 -62.08 -95.32 58.60
N ILE C 351 -60.80 -95.49 58.98
CA ILE C 351 -60.35 -96.62 59.85
C ILE C 351 -60.87 -96.30 61.25
N SER C 352 -60.90 -95.01 61.71
CA SER C 352 -61.31 -94.70 63.08
C SER C 352 -62.75 -94.97 63.29
N SER C 353 -63.56 -94.60 62.24
CA SER C 353 -65.00 -94.81 62.12
C SER C 353 -65.38 -96.30 62.16
N LEU C 354 -64.60 -97.15 61.39
CA LEU C 354 -64.63 -98.63 61.32
C LEU C 354 -64.24 -99.24 62.64
N VAL C 355 -63.23 -98.67 63.38
CA VAL C 355 -62.98 -99.09 64.68
C VAL C 355 -64.22 -98.93 65.56
N GLN C 356 -64.96 -97.76 65.42
CA GLN C 356 -66.22 -97.63 66.22
C GLN C 356 -67.39 -98.60 65.83
N ASN C 357 -67.53 -98.90 64.53
CA ASN C 357 -68.52 -99.87 64.08
C ASN C 357 -68.16 -101.27 64.72
N ILE C 358 -66.85 -101.61 64.72
CA ILE C 358 -66.31 -102.74 65.41
C ILE C 358 -66.49 -102.75 66.92
N THR C 359 -66.36 -101.58 67.56
CA THR C 359 -66.70 -101.45 69.00
C THR C 359 -68.16 -101.78 69.27
N ASN C 360 -69.12 -101.27 68.47
CA ASN C 360 -70.49 -101.70 68.59
C ASN C 360 -70.74 -103.26 68.38
N LEU C 361 -70.08 -103.86 67.34
CA LEU C 361 -70.15 -105.35 67.13
C LEU C 361 -69.58 -106.06 68.36
N GLU C 362 -68.39 -105.63 68.94
CA GLU C 362 -67.78 -106.27 70.06
C GLU C 362 -68.64 -106.29 71.32
N LYS C 363 -69.34 -105.13 71.45
CA LYS C 363 -70.31 -104.93 72.46
C LYS C 363 -71.46 -105.95 72.42
N THR C 364 -72.05 -106.21 71.22
CA THR C 364 -73.09 -107.28 71.14
C THR C 364 -72.54 -108.63 71.48
N VAL C 365 -71.33 -108.93 71.02
CA VAL C 365 -70.64 -110.20 71.30
C VAL C 365 -70.43 -110.48 72.76
N ASN C 366 -69.97 -109.43 73.47
CA ASN C 366 -69.73 -109.61 74.88
C ASN C 366 -70.96 -109.79 75.81
N ASN C 367 -72.05 -109.05 75.47
CA ASN C 367 -73.40 -109.34 75.94
C ASN C 367 -73.90 -110.79 75.67
N LEU C 368 -73.66 -111.27 74.45
CA LEU C 368 -73.97 -112.63 74.01
C LEU C 368 -73.35 -113.69 74.85
N GLN C 369 -71.99 -113.59 75.07
CA GLN C 369 -71.21 -114.39 75.94
C GLN C 369 -71.61 -114.46 77.46
N THR C 370 -71.79 -113.26 78.04
CA THR C 370 -72.28 -113.07 79.37
C THR C 370 -73.63 -113.64 79.60
N GLN C 371 -74.61 -113.39 78.70
CA GLN C 371 -76.02 -113.83 78.78
C GLN C 371 -76.16 -115.32 78.71
N ILE C 372 -75.30 -116.01 77.90
CA ILE C 372 -75.23 -117.46 77.78
C ILE C 372 -74.72 -118.07 79.01
N SER C 373 -73.75 -117.33 79.66
CA SER C 373 -73.21 -117.76 80.92
C SER C 373 -74.24 -117.87 81.98
N THR C 374 -75.09 -116.81 82.01
CA THR C 374 -76.26 -116.73 82.83
C THR C 374 -77.26 -117.80 82.52
N LEU C 375 -77.53 -118.19 81.25
CA LEU C 375 -78.36 -119.36 80.81
C LEU C 375 -77.81 -120.71 81.25
N ASN C 376 -76.43 -120.85 81.26
CA ASN C 376 -75.80 -122.03 81.77
C ASN C 376 -76.10 -122.24 83.22
N SER C 377 -76.01 -121.07 83.97
CA SER C 377 -76.27 -121.01 85.42
C SER C 377 -77.70 -121.44 85.71
N SER C 378 -78.70 -120.96 84.92
CA SER C 378 -80.07 -121.46 85.05
C SER C 378 -80.18 -122.97 84.74
N LEU C 379 -79.46 -123.51 83.68
CA LEU C 379 -79.54 -124.92 83.31
C LEU C 379 -78.97 -125.85 84.33
N SER C 380 -77.83 -125.50 85.01
CA SER C 380 -77.24 -126.16 86.13
C SER C 380 -78.21 -126.30 87.31
N SER C 381 -78.89 -125.20 87.69
CA SER C 381 -79.92 -125.21 88.67
C SER C 381 -81.11 -126.04 88.44
N LEU C 382 -81.54 -126.01 87.14
CA LEU C 382 -82.70 -126.73 86.64
C LEU C 382 -82.40 -128.21 86.61
N SER C 383 -81.17 -128.52 86.21
CA SER C 383 -80.72 -129.90 86.18
C SER C 383 -80.68 -130.54 87.57
N GLN C 384 -80.16 -129.83 88.63
CA GLN C 384 -80.23 -130.27 90.06
C GLN C 384 -81.64 -130.46 90.60
N ARG C 385 -82.57 -129.53 90.24
CA ARG C 385 -83.95 -129.50 90.64
C ARG C 385 -84.65 -130.66 89.99
N ILE C 386 -84.44 -130.97 88.70
CA ILE C 386 -85.16 -131.99 88.06
C ILE C 386 -84.64 -133.37 88.57
N THR C 387 -83.32 -133.54 88.84
CA THR C 387 -82.85 -134.77 89.48
C THR C 387 -83.53 -135.02 90.83
N SER C 388 -83.66 -133.95 91.73
CA SER C 388 -84.43 -133.96 92.91
C SER C 388 -85.89 -134.23 92.76
N LEU C 389 -86.57 -133.73 91.67
CA LEU C 389 -87.94 -133.98 91.43
C LEU C 389 -88.19 -135.43 91.11
N GLN C 390 -87.31 -136.05 90.36
CA GLN C 390 -87.31 -137.46 90.05
C GLN C 390 -87.29 -138.28 91.32
N ASN C 391 -86.31 -137.85 92.25
CA ASN C 391 -86.10 -138.58 93.50
C ASN C 391 -87.42 -138.55 94.30
N THR C 392 -88.02 -137.34 94.46
CA THR C 392 -89.32 -137.18 95.27
C THR C 392 -90.37 -138.05 94.59
N LEU C 393 -90.49 -138.13 93.21
CA LEU C 393 -91.56 -138.90 92.50
C LEU C 393 -91.35 -140.40 92.72
N ALA C 394 -90.12 -140.88 92.73
CA ALA C 394 -89.70 -142.25 92.94
C ALA C 394 -90.08 -142.63 94.39
N SER C 395 -89.83 -141.76 95.36
CA SER C 395 -90.22 -142.04 96.76
C SER C 395 -91.68 -142.27 96.86
N LEU C 396 -92.48 -141.38 96.19
CA LEU C 396 -93.91 -141.37 96.25
C LEU C 396 -94.47 -142.61 95.67
N ASN C 397 -93.88 -143.13 94.51
CA ASN C 397 -94.27 -144.39 93.83
C ASN C 397 -94.11 -145.57 94.73
N SER C 398 -93.02 -145.60 95.55
CA SER C 398 -92.87 -146.61 96.67
C SER C 398 -94.02 -146.50 97.63
N THR C 399 -94.36 -145.25 97.95
CA THR C 399 -95.55 -144.92 98.87
C THR C 399 -96.88 -145.47 98.30
N ILE C 400 -97.11 -145.41 96.93
CA ILE C 400 -98.24 -145.85 96.26
C ILE C 400 -98.33 -147.33 96.25
N SER C 401 -97.20 -148.03 96.06
CA SER C 401 -97.02 -149.38 96.22
C SER C 401 -97.42 -149.86 97.68
N SER C 402 -96.95 -149.10 98.72
CA SER C 402 -97.17 -149.29 100.10
C SER C 402 -98.65 -149.25 100.36
N LEU C 403 -99.42 -148.30 99.77
CA LEU C 403 -100.81 -148.05 99.88
C LEU C 403 -101.73 -149.13 99.38
N SER C 404 -101.37 -149.66 98.17
CA SER C 404 -101.84 -150.85 97.55
C SER C 404 -101.62 -152.08 98.48
N GLY C 405 -100.43 -152.22 99.14
CA GLY C 405 -100.22 -153.29 100.14
C GLY C 405 -101.18 -153.20 101.37
N THR C 406 -101.38 -152.01 101.96
CA THR C 406 -102.25 -151.72 103.09
C THR C 406 -103.77 -151.90 102.71
N ALA C 407 -104.15 -151.60 101.48
CA ALA C 407 -105.50 -151.93 100.96
C ALA C 407 -105.78 -153.42 100.91
N SER C 408 -104.79 -154.17 100.37
CA SER C 408 -104.75 -155.62 100.27
C SER C 408 -104.82 -156.37 101.63
N SER C 409 -104.05 -155.92 102.61
CA SER C 409 -104.06 -156.42 103.98
C SER C 409 -105.37 -156.23 104.66
N LEU C 410 -106.00 -155.06 104.46
CA LEU C 410 -107.28 -154.83 104.97
C LEU C 410 -108.46 -155.65 104.41
N SER C 411 -108.48 -155.94 103.09
CA SER C 411 -109.31 -156.93 102.42
C SER C 411 -109.15 -158.36 102.93
N SER C 412 -107.86 -158.82 103.15
CA SER C 412 -107.45 -160.07 103.74
C SER C 412 -108.08 -160.21 105.10
N GLN C 413 -107.93 -159.18 106.01
CA GLN C 413 -108.45 -159.16 107.40
C GLN C 413 -110.00 -159.24 107.43
N LEU C 414 -110.67 -158.54 106.47
CA LEU C 414 -112.13 -158.56 106.34
C LEU C 414 -112.70 -159.81 105.90
N ASN C 415 -112.05 -160.50 104.89
CA ASN C 415 -112.61 -161.69 104.35
C ASN C 415 -112.54 -162.81 105.35
N ALA C 416 -111.43 -162.79 106.15
CA ALA C 416 -111.22 -163.69 107.33
C ALA C 416 -112.33 -163.40 108.31
N LEU C 417 -112.65 -162.11 108.63
CA LEU C 417 -113.66 -161.66 109.57
C LEU C 417 -115.09 -162.07 109.12
N GLN C 418 -115.40 -162.09 107.81
CA GLN C 418 -116.61 -162.67 107.27
C GLN C 418 -116.79 -164.13 107.34
N GLY C 419 -115.68 -164.94 107.20
CA GLY C 419 -115.67 -166.33 107.36
C GLY C 419 -116.04 -166.75 108.74
N LYS C 420 -115.44 -166.02 109.72
CA LYS C 420 -115.78 -166.13 111.12
C LYS C 420 -117.23 -165.73 111.33
N ILE C 421 -117.72 -164.69 110.64
CA ILE C 421 -119.10 -164.25 110.75
C ILE C 421 -120.06 -165.28 110.35
N SER C 422 -119.81 -166.07 109.22
CA SER C 422 -120.66 -167.21 108.78
C SER C 422 -120.66 -168.39 109.79
N SER C 423 -119.54 -168.86 110.41
CA SER C 423 -119.61 -169.85 111.49
C SER C 423 -120.48 -169.45 112.69
N LEU C 424 -120.40 -168.15 113.20
CA LEU C 424 -121.18 -167.63 114.26
C LEU C 424 -122.65 -167.66 113.88
N ASN C 425 -123.04 -167.30 112.62
CA ASN C 425 -124.39 -167.36 112.17
C ASN C 425 -125.06 -168.70 112.23
N SER C 426 -124.31 -169.71 111.80
CA SER C 426 -124.64 -171.11 112.07
C SER C 426 -124.69 -171.51 113.52
N SER C 427 -123.71 -171.09 114.34
CA SER C 427 -123.66 -171.47 115.73
C SER C 427 -124.85 -171.11 116.50
N ILE C 428 -125.27 -169.85 116.22
CA ILE C 428 -126.47 -169.23 116.84
C ILE C 428 -127.73 -170.03 116.42
N THR C 429 -127.77 -170.39 115.16
CA THR C 429 -128.85 -171.16 114.59
C THR C 429 -128.97 -172.50 115.16
N ASN C 430 -127.87 -173.24 115.38
CA ASN C 430 -127.90 -174.53 116.08
C ASN C 430 -128.29 -174.39 117.51
N LEU C 431 -127.79 -173.41 118.33
CA LEU C 431 -128.18 -173.20 119.63
C LEU C 431 -129.66 -172.90 119.76
N SER C 432 -130.32 -172.12 118.87
CA SER C 432 -131.73 -171.76 118.90
C SER C 432 -132.54 -173.03 118.59
N GLY C 433 -132.06 -173.81 117.67
CA GLY C 433 -132.73 -175.03 117.30
C GLY C 433 -132.89 -175.98 118.49
N GLN C 434 -131.83 -176.10 119.23
CA GLN C 434 -131.75 -176.90 120.35
C GLN C 434 -132.65 -176.51 121.47
N LEU C 435 -132.65 -175.18 121.77
CA LEU C 435 -133.48 -174.67 122.86
C LEU C 435 -135.01 -174.86 122.40
N ASN C 436 -135.32 -174.83 121.09
CA ASN C 436 -136.66 -175.01 120.55
C ASN C 436 -137.16 -176.47 120.71
N SER C 437 -136.31 -177.48 120.46
CA SER C 437 -136.66 -178.86 120.81
C SER C 437 -136.88 -179.03 122.35
N LEU C 438 -135.99 -178.29 123.14
CA LEU C 438 -136.18 -178.31 124.57
C LEU C 438 -137.49 -177.67 125.04
N GLN C 439 -137.91 -176.55 124.52
CA GLN C 439 -139.13 -175.76 124.82
C GLN C 439 -140.39 -176.48 124.41
N SER C 440 -140.32 -177.21 123.28
CA SER C 440 -141.37 -178.07 122.76
C SER C 440 -141.55 -179.17 123.72
N LYS C 441 -140.45 -179.74 124.15
CA LYS C 441 -140.46 -180.85 125.11
C LYS C 441 -141.04 -180.31 126.44
N VAL C 442 -140.75 -179.09 126.88
CA VAL C 442 -141.30 -178.59 128.08
C VAL C 442 -142.86 -178.26 127.98
N ASN C 443 -143.41 -177.86 126.78
CA ASN C 443 -144.83 -177.60 126.53
C ASN C 443 -145.66 -178.86 126.28
N SER C 444 -144.98 -179.94 125.90
CA SER C 444 -145.62 -181.28 125.87
C SER C 444 -145.65 -181.97 127.22
N LEU C 445 -144.94 -181.45 128.23
CA LEU C 445 -144.79 -182.05 129.52
C LEU C 445 -145.59 -181.31 130.58
N THR C 446 -145.80 -180.01 130.43
CA THR C 446 -146.27 -179.18 131.48
C THR C 446 -147.72 -179.25 131.71
N PRO C 447 -148.64 -179.25 130.74
CA PRO C 447 -149.97 -179.77 130.92
C PRO C 447 -150.02 -181.21 131.45
N LEU C 448 -149.11 -182.15 131.00
CA LEU C 448 -149.14 -183.56 131.46
C LEU C 448 -148.68 -183.68 132.91
N VAL C 449 -147.74 -182.79 133.30
CA VAL C 449 -147.21 -182.49 134.63
C VAL C 449 -148.28 -181.96 135.52
N TYR C 450 -149.12 -180.93 135.08
CA TYR C 450 -150.21 -180.38 135.86
C TYR C 450 -151.34 -181.37 136.09
N GLY C 451 -151.80 -182.07 134.98
CA GLY C 451 -152.90 -183.09 135.21
C GLY C 451 -152.49 -184.30 136.02
N GLY C 452 -151.21 -184.66 135.91
CA GLY C 452 -150.56 -185.83 136.55
C GLY C 452 -150.33 -185.62 138.00
N ILE C 453 -149.83 -184.41 138.41
CA ILE C 453 -149.73 -183.97 139.80
C ILE C 453 -151.06 -183.96 140.34
N ILE C 454 -152.15 -183.45 139.59
CA ILE C 454 -153.56 -183.43 140.01
C ILE C 454 -153.98 -184.89 140.26
N ALA C 455 -153.60 -185.97 139.48
CA ALA C 455 -153.95 -187.35 139.57
C ALA C 455 -153.22 -187.90 140.78
N GLY C 456 -151.95 -187.50 141.09
CA GLY C 456 -151.27 -187.99 142.29
C GLY C 456 -151.92 -187.52 143.59
N ILE C 457 -152.27 -186.23 143.63
CA ILE C 457 -153.03 -185.61 144.85
C ILE C 457 -154.46 -186.14 144.93
N ILE C 458 -155.09 -186.43 143.71
CA ILE C 458 -156.41 -187.01 143.68
C ILE C 458 -156.39 -188.39 144.31
N GLY C 459 -155.37 -189.14 143.84
CA GLY C 459 -155.09 -190.44 144.31
C GLY C 459 -154.77 -190.59 145.83
N LEU C 460 -153.95 -189.63 146.36
CA LEU C 460 -153.65 -189.40 147.72
C LEU C 460 -154.81 -189.17 148.59
N ILE C 461 -155.69 -188.25 148.14
CA ILE C 461 -156.78 -187.89 148.98
C ILE C 461 -157.87 -188.92 149.04
N VAL C 462 -158.08 -189.68 147.93
CA VAL C 462 -159.06 -190.67 147.78
C VAL C 462 -158.65 -191.86 148.68
N ALA C 463 -157.29 -192.16 148.73
CA ALA C 463 -156.68 -193.13 149.56
C ALA C 463 -156.84 -192.78 151.06
N ILE C 464 -156.70 -191.48 151.51
CA ILE C 464 -156.90 -191.08 152.91
C ILE C 464 -158.38 -191.27 153.18
N VAL C 465 -159.23 -190.97 152.11
CA VAL C 465 -160.65 -191.21 152.27
C VAL C 465 -161.14 -192.65 152.33
N ALA C 466 -160.48 -193.61 151.62
CA ALA C 466 -160.59 -195.10 151.70
C ALA C 466 -160.21 -195.62 153.10
N ILE C 467 -159.14 -195.06 153.69
CA ILE C 467 -158.68 -195.32 155.01
C ILE C 467 -159.80 -194.86 155.99
N VAL C 468 -160.36 -193.64 155.84
CA VAL C 468 -161.36 -193.01 156.70
C VAL C 468 -162.70 -193.77 156.59
N LEU C 469 -163.01 -194.39 155.40
CA LEU C 469 -164.14 -195.14 155.14
C LEU C 469 -163.98 -196.50 155.80
N VAL C 470 -162.81 -197.13 155.78
CA VAL C 470 -162.49 -198.37 156.41
C VAL C 470 -162.60 -198.17 157.91
N TYR C 471 -162.29 -196.94 158.40
CA TYR C 471 -162.40 -196.55 159.77
C TYR C 471 -163.82 -196.61 160.27
N ARG C 472 -164.66 -195.92 159.43
CA ARG C 472 -166.07 -195.65 159.63
C ARG C 472 -167.08 -196.83 159.42
N LYS C 473 -166.49 -197.95 158.89
CA LYS C 473 -167.24 -199.18 158.55
C LYS C 473 -166.76 -200.41 159.36
N ILE C 474 -166.00 -200.15 160.44
CA ILE C 474 -165.64 -201.11 161.48
C ILE C 474 -165.97 -200.51 162.76
N SER C 475 -166.04 -199.17 162.86
CA SER C 475 -166.45 -198.53 164.06
C SER C 475 -167.98 -198.36 164.00
N LEU D 30 -27.88 -39.65 -144.64
CA LEU D 30 -28.30 -38.17 -144.66
C LEU D 30 -29.63 -38.01 -143.88
N THR D 31 -30.30 -36.82 -144.10
CA THR D 31 -31.52 -36.50 -143.40
C THR D 31 -32.62 -36.67 -144.43
N PRO D 32 -33.83 -37.07 -144.18
CA PRO D 32 -34.42 -37.52 -142.85
C PRO D 32 -33.59 -38.66 -142.38
N PRO D 33 -33.47 -39.06 -141.14
CA PRO D 33 -32.60 -40.17 -140.75
C PRO D 33 -32.73 -41.52 -141.39
N VAL D 34 -31.69 -42.20 -141.84
CA VAL D 34 -31.86 -43.55 -142.30
C VAL D 34 -32.20 -44.41 -141.17
N SER D 35 -33.11 -45.36 -141.44
CA SER D 35 -33.74 -46.24 -140.52
C SER D 35 -32.78 -47.19 -140.01
N ALA D 36 -33.03 -47.80 -138.84
CA ALA D 36 -32.12 -48.76 -138.29
C ALA D 36 -32.10 -50.08 -139.01
N GLY D 37 -31.02 -50.43 -139.72
CA GLY D 37 -30.84 -51.60 -140.58
C GLY D 37 -31.68 -51.56 -141.82
N GLY D 38 -32.44 -50.49 -142.08
CA GLY D 38 -33.24 -50.18 -143.23
C GLY D 38 -32.38 -49.52 -144.30
N ILE D 39 -32.92 -49.39 -145.54
CA ILE D 39 -32.33 -48.79 -146.67
C ILE D 39 -33.09 -47.50 -147.01
N GLN D 40 -32.33 -46.46 -147.33
CA GLN D 40 -32.90 -45.17 -147.69
C GLN D 40 -32.17 -44.78 -148.96
N ALA D 41 -32.95 -44.07 -149.87
CA ALA D 41 -32.45 -43.70 -151.22
C ALA D 41 -32.07 -42.26 -151.17
N TYR D 42 -31.04 -41.84 -151.97
CA TYR D 42 -30.59 -40.48 -152.02
C TYR D 42 -30.14 -40.34 -153.51
N LEU D 43 -30.99 -39.70 -154.33
CA LEU D 43 -30.76 -39.19 -155.66
C LEU D 43 -29.57 -38.22 -155.67
N LEU D 44 -28.62 -38.46 -156.61
CA LEU D 44 -27.68 -37.48 -157.03
C LEU D 44 -28.23 -36.86 -158.27
N THR D 45 -28.52 -35.55 -158.16
CA THR D 45 -29.30 -34.84 -159.20
C THR D 45 -28.62 -33.52 -159.34
N GLY D 46 -28.34 -33.16 -160.63
CA GLY D 46 -27.69 -31.93 -161.12
C GLY D 46 -26.33 -32.17 -161.60
N SER D 47 -25.56 -31.05 -161.94
CA SER D 47 -24.19 -31.08 -162.48
C SER D 47 -23.20 -31.09 -161.35
N GLY D 48 -22.24 -32.12 -161.45
CA GLY D 48 -21.28 -32.61 -160.50
C GLY D 48 -21.61 -34.15 -160.28
N ALA D 49 -22.87 -34.52 -160.54
CA ALA D 49 -23.28 -35.86 -160.78
C ALA D 49 -23.22 -36.07 -162.27
N PRO D 50 -22.76 -37.26 -162.80
CA PRO D 50 -22.85 -37.56 -164.21
C PRO D 50 -24.26 -37.51 -164.73
N ALA D 51 -25.32 -38.00 -163.95
CA ALA D 51 -26.65 -37.76 -164.47
C ALA D 51 -27.56 -37.88 -163.34
N SER D 52 -28.76 -37.35 -163.50
CA SER D 52 -29.83 -37.57 -162.60
C SER D 52 -30.20 -39.00 -162.80
N GLY D 53 -30.49 -39.75 -161.68
CA GLY D 53 -30.83 -41.16 -161.79
C GLY D 53 -29.76 -41.99 -161.16
N LEU D 54 -28.55 -41.45 -160.87
CA LEU D 54 -27.48 -42.05 -160.13
C LEU D 54 -28.07 -41.93 -158.79
N VAL D 55 -28.42 -43.05 -158.16
CA VAL D 55 -29.11 -42.95 -156.88
C VAL D 55 -28.21 -43.79 -155.99
N LEU D 56 -28.17 -43.49 -154.71
CA LEU D 56 -27.18 -43.94 -153.74
C LEU D 56 -28.02 -44.60 -152.67
N PHE D 57 -27.77 -45.87 -152.53
CA PHE D 57 -28.43 -46.74 -151.58
C PHE D 57 -27.46 -46.95 -150.44
N VAL D 58 -27.91 -46.62 -149.21
CA VAL D 58 -27.17 -46.48 -148.04
C VAL D 58 -28.03 -47.45 -147.17
N VAL D 59 -27.29 -48.30 -146.40
CA VAL D 59 -27.81 -49.26 -145.43
C VAL D 59 -27.18 -49.02 -144.13
N ASN D 60 -27.92 -48.60 -143.09
CA ASN D 60 -27.38 -48.27 -141.77
C ASN D 60 -26.94 -49.52 -140.97
N VAL D 61 -25.71 -49.56 -140.38
CA VAL D 61 -25.19 -50.66 -139.63
C VAL D 61 -24.39 -49.93 -138.55
N SER D 62 -25.17 -49.21 -137.71
CA SER D 62 -24.69 -48.48 -136.57
C SER D 62 -25.19 -49.19 -135.36
N ASN D 63 -25.70 -50.43 -135.47
CA ASN D 63 -26.31 -51.22 -134.40
C ASN D 63 -25.45 -52.37 -133.90
N ILE D 64 -24.34 -52.62 -134.55
CA ILE D 64 -23.42 -53.71 -134.24
C ILE D 64 -22.05 -53.01 -134.49
N GLN D 65 -21.01 -53.30 -133.64
CA GLN D 65 -19.69 -52.70 -133.70
C GLN D 65 -18.92 -53.20 -134.90
N VAL D 66 -18.19 -52.27 -135.62
CA VAL D 66 -17.45 -52.61 -136.82
C VAL D 66 -16.03 -52.15 -136.55
N SER D 67 -15.07 -53.09 -136.65
CA SER D 67 -13.63 -52.86 -136.85
C SER D 67 -13.32 -52.58 -138.28
N SER D 68 -12.31 -51.76 -138.51
CA SER D 68 -11.93 -51.25 -139.76
C SER D 68 -11.08 -52.30 -140.47
N SER D 69 -10.88 -53.53 -139.94
CA SER D 69 -10.18 -54.67 -140.54
C SER D 69 -11.22 -55.76 -140.83
N ASN D 70 -12.55 -55.52 -140.62
CA ASN D 70 -13.56 -56.55 -140.84
C ASN D 70 -14.82 -55.91 -141.47
N VAL D 71 -14.64 -54.72 -142.08
CA VAL D 71 -15.59 -53.88 -142.90
C VAL D 71 -16.07 -54.72 -144.05
N THR D 72 -15.12 -55.32 -144.79
CA THR D 72 -15.39 -56.08 -146.04
C THR D 72 -16.39 -57.16 -145.95
N ASN D 73 -16.40 -57.88 -144.86
CA ASN D 73 -17.44 -58.83 -144.57
C ASN D 73 -18.89 -58.35 -144.62
N VAL D 74 -19.23 -57.32 -143.78
CA VAL D 74 -20.50 -56.84 -143.58
C VAL D 74 -20.93 -55.92 -144.77
N ILE D 75 -20.04 -55.11 -145.38
CA ILE D 75 -20.38 -54.44 -146.64
C ILE D 75 -20.71 -55.43 -147.75
N SER D 76 -20.01 -56.62 -147.91
CA SER D 76 -20.34 -57.59 -148.98
C SER D 76 -21.61 -58.30 -148.70
N THR D 77 -21.89 -58.74 -147.42
CA THR D 77 -23.16 -59.49 -147.23
C THR D 77 -24.38 -58.58 -147.32
N VAL D 78 -24.33 -57.30 -146.83
CA VAL D 78 -25.34 -56.31 -146.90
C VAL D 78 -25.59 -55.99 -148.35
N VAL D 79 -24.58 -55.61 -149.17
CA VAL D 79 -24.85 -55.22 -150.51
C VAL D 79 -25.25 -56.45 -151.36
N SER D 80 -24.86 -57.73 -151.07
CA SER D 80 -25.43 -58.92 -151.65
C SER D 80 -26.92 -59.21 -151.42
N ASN D 81 -27.44 -58.86 -150.20
CA ASN D 81 -28.79 -58.98 -149.74
C ASN D 81 -29.59 -57.73 -150.18
N ILE D 82 -28.96 -56.68 -150.76
CA ILE D 82 -29.68 -55.60 -151.45
C ILE D 82 -29.99 -56.20 -152.78
N GLN D 83 -31.24 -56.15 -153.20
CA GLN D 83 -31.60 -56.54 -154.54
C GLN D 83 -32.26 -55.25 -155.03
N ILE D 84 -32.37 -54.96 -156.35
CA ILE D 84 -32.94 -53.71 -156.84
C ILE D 84 -34.10 -54.20 -157.64
N ASN D 85 -35.30 -53.59 -157.56
CA ASN D 85 -36.42 -53.99 -158.31
C ASN D 85 -36.87 -52.79 -158.99
N ALA D 86 -37.45 -53.04 -160.19
CA ALA D 86 -38.02 -52.06 -161.07
C ALA D 86 -39.32 -52.57 -161.46
N LYS D 87 -40.34 -51.64 -161.41
CA LYS D 87 -41.72 -51.90 -161.63
C LYS D 87 -42.02 -50.79 -162.62
N THR D 88 -42.78 -51.10 -163.70
CA THR D 88 -43.24 -50.12 -164.64
C THR D 88 -44.62 -49.89 -164.10
N GLU D 89 -45.04 -48.59 -163.78
CA GLU D 89 -46.33 -48.32 -163.18
C GLU D 89 -46.94 -47.20 -164.05
N ASN D 90 -48.16 -46.78 -163.70
CA ASN D 90 -48.85 -45.71 -164.20
C ASN D 90 -48.79 -44.59 -163.23
N ALA D 91 -48.29 -43.43 -163.66
CA ALA D 91 -48.04 -42.27 -162.81
C ALA D 91 -49.31 -41.43 -162.86
N GLN D 92 -50.48 -41.93 -162.43
CA GLN D 92 -51.74 -41.18 -162.38
C GLN D 92 -52.53 -41.86 -161.29
N THR D 93 -52.69 -43.21 -161.48
CA THR D 93 -53.34 -44.03 -160.45
C THR D 93 -52.52 -45.29 -160.48
N GLY D 94 -51.95 -45.64 -159.32
CA GLY D 94 -50.84 -46.62 -159.26
C GLY D 94 -51.38 -48.02 -159.25
N ALA D 95 -50.50 -48.89 -159.74
CA ALA D 95 -50.69 -50.29 -160.00
C ALA D 95 -49.68 -50.63 -161.08
N THR D 96 -49.24 -51.92 -161.07
CA THR D 96 -48.11 -52.40 -161.86
C THR D 96 -48.69 -53.30 -162.86
N THR D 97 -48.09 -53.22 -164.05
CA THR D 97 -48.31 -54.15 -165.16
C THR D 97 -47.08 -54.94 -165.33
N GLY D 98 -46.12 -54.95 -164.29
CA GLY D 98 -44.89 -55.67 -164.44
C GLY D 98 -43.86 -55.24 -163.49
N SER D 99 -42.97 -56.18 -163.07
CA SER D 99 -41.90 -55.82 -162.20
C SER D 99 -40.81 -56.95 -162.40
N VAL D 100 -39.54 -56.55 -162.31
CA VAL D 100 -38.40 -57.29 -162.52
C VAL D 100 -37.36 -56.89 -161.45
N THR D 101 -36.65 -57.87 -160.78
CA THR D 101 -35.59 -57.56 -159.82
C THR D 101 -34.31 -58.08 -160.46
N VAL D 102 -33.18 -57.42 -160.09
CA VAL D 102 -31.87 -57.88 -160.41
C VAL D 102 -31.11 -57.71 -159.15
N ARG D 103 -30.00 -58.48 -159.13
CA ARG D 103 -29.22 -58.77 -157.91
C ARG D 103 -27.76 -58.56 -158.26
N PHE D 104 -27.01 -57.87 -157.37
CA PHE D 104 -25.60 -57.55 -157.70
C PHE D 104 -24.79 -58.83 -157.81
N PRO D 105 -23.79 -58.96 -158.69
CA PRO D 105 -23.10 -60.20 -159.10
C PRO D 105 -22.51 -61.02 -157.97
N THR D 106 -22.14 -62.32 -158.06
CA THR D 106 -21.52 -63.01 -156.99
C THR D 106 -20.31 -62.27 -156.43
N SER D 107 -19.39 -61.85 -157.35
CA SER D 107 -18.33 -60.88 -157.05
C SER D 107 -18.33 -60.05 -158.32
N GLY D 108 -18.08 -58.71 -158.32
CA GLY D 108 -18.08 -57.90 -159.46
C GLY D 108 -18.78 -56.63 -159.25
N TYR D 109 -19.24 -56.36 -158.02
CA TYR D 109 -19.82 -55.15 -157.44
C TYR D 109 -18.75 -54.62 -156.57
N ASN D 110 -19.04 -53.39 -156.11
CA ASN D 110 -18.21 -52.63 -155.15
C ASN D 110 -19.15 -52.19 -154.04
N ALA D 111 -18.54 -51.98 -152.80
CA ALA D 111 -19.32 -51.58 -151.62
C ALA D 111 -18.42 -50.69 -150.79
N TYR D 112 -18.91 -49.61 -150.16
CA TYR D 112 -18.06 -48.57 -149.66
C TYR D 112 -18.55 -48.43 -148.24
N TYR D 113 -17.80 -47.68 -147.39
CA TYR D 113 -18.15 -47.65 -145.94
C TYR D 113 -17.60 -46.39 -145.31
N ASP D 114 -18.11 -45.94 -144.14
CA ASP D 114 -17.65 -44.85 -143.38
C ASP D 114 -17.67 -45.27 -141.88
N SER D 115 -16.52 -45.41 -141.19
CA SER D 115 -16.42 -46.12 -139.92
C SER D 115 -16.74 -45.24 -138.69
N VAL D 116 -16.86 -43.95 -138.95
CA VAL D 116 -17.21 -42.84 -138.02
C VAL D 116 -18.58 -42.25 -138.51
N ASP D 117 -19.34 -42.99 -139.40
CA ASP D 117 -20.73 -42.73 -139.66
C ASP D 117 -21.46 -44.05 -139.41
N LYS D 118 -20.97 -45.08 -140.10
CA LYS D 118 -21.30 -46.46 -139.99
C LYS D 118 -22.45 -46.85 -140.85
N VAL D 119 -22.28 -46.55 -142.09
CA VAL D 119 -23.27 -46.70 -143.10
C VAL D 119 -22.55 -47.43 -144.25
N VAL D 120 -23.21 -48.53 -144.78
CA VAL D 120 -22.83 -49.20 -146.04
C VAL D 120 -23.34 -48.29 -147.10
N PHE D 121 -22.76 -48.25 -148.40
CA PHE D 121 -23.38 -47.39 -149.40
C PHE D 121 -22.80 -47.85 -150.73
N VAL D 122 -23.62 -47.69 -151.84
CA VAL D 122 -23.30 -47.95 -153.20
C VAL D 122 -23.93 -46.85 -154.02
N VAL D 123 -23.28 -46.21 -155.02
CA VAL D 123 -23.95 -45.43 -156.09
C VAL D 123 -24.33 -46.46 -157.17
N VAL D 124 -25.55 -46.37 -157.74
CA VAL D 124 -26.02 -47.18 -158.79
C VAL D 124 -26.47 -46.17 -159.85
N SER D 125 -25.87 -46.22 -161.02
CA SER D 125 -26.26 -45.45 -162.21
C SER D 125 -27.40 -46.13 -162.90
N PHE D 126 -28.60 -45.47 -163.01
CA PHE D 126 -29.77 -46.21 -163.49
C PHE D 126 -29.98 -46.05 -164.98
N LEU D 127 -30.58 -44.82 -165.26
CA LEU D 127 -30.96 -44.21 -166.50
C LEU D 127 -29.81 -43.98 -167.47
N TYR D 128 -30.18 -44.16 -168.80
CA TYR D 128 -29.24 -44.09 -169.88
C TYR D 128 -28.54 -42.74 -170.00
N PRO D 129 -27.30 -42.59 -170.50
CA PRO D 129 -26.48 -43.67 -171.18
C PRO D 129 -25.70 -44.40 -170.13
N TYR D 130 -25.88 -44.07 -168.83
CA TYR D 130 -24.96 -44.61 -167.86
C TYR D 130 -25.78 -45.69 -167.15
N THR D 131 -25.65 -46.96 -167.52
CA THR D 131 -26.49 -48.05 -167.14
C THR D 131 -25.53 -49.17 -166.80
N THR D 132 -25.00 -49.93 -167.86
CA THR D 132 -24.06 -50.97 -167.70
C THR D 132 -22.78 -50.34 -167.13
N THR D 133 -22.46 -49.16 -167.74
CA THR D 133 -21.30 -48.28 -167.54
C THR D 133 -21.17 -47.87 -166.07
N SER D 134 -19.86 -47.87 -165.58
CA SER D 134 -19.51 -47.32 -164.28
C SER D 134 -18.70 -46.02 -164.52
N VAL D 135 -19.07 -44.93 -163.80
CA VAL D 135 -18.52 -43.60 -163.98
C VAL D 135 -18.26 -43.16 -162.57
N ASN D 136 -17.22 -42.30 -162.41
CA ASN D 136 -16.64 -41.74 -161.20
C ASN D 136 -17.48 -40.58 -160.76
N ILE D 137 -17.91 -40.59 -159.47
CA ILE D 137 -18.50 -39.42 -158.84
C ILE D 137 -17.45 -38.77 -158.02
N PRO D 138 -17.03 -37.55 -158.29
CA PRO D 138 -16.12 -36.69 -157.55
C PRO D 138 -16.49 -36.68 -156.06
N LEU D 139 -15.53 -37.03 -155.19
CA LEU D 139 -15.68 -37.41 -153.77
C LEU D 139 -16.27 -36.25 -152.94
N SER D 140 -15.80 -34.95 -153.19
CA SER D 140 -16.43 -33.80 -152.56
C SER D 140 -17.88 -33.54 -152.95
N TYR D 141 -18.32 -33.94 -154.18
CA TYR D 141 -19.70 -33.94 -154.44
C TYR D 141 -20.46 -35.04 -153.83
N LEU D 142 -19.88 -36.24 -153.81
CA LEU D 142 -20.53 -37.36 -153.16
C LEU D 142 -20.66 -37.07 -151.66
N SER D 143 -19.79 -36.25 -151.03
CA SER D 143 -19.91 -35.93 -149.66
C SER D 143 -21.12 -34.98 -149.34
N LYS D 144 -21.66 -34.25 -150.38
CA LYS D 144 -22.93 -33.56 -150.25
C LYS D 144 -24.06 -34.43 -149.91
N TYR D 145 -24.02 -35.65 -150.49
CA TYR D 145 -25.08 -36.57 -150.40
C TYR D 145 -24.90 -37.67 -149.36
N LEU D 146 -23.84 -37.56 -148.60
CA LEU D 146 -23.59 -38.35 -147.45
C LEU D 146 -22.64 -37.62 -146.53
N PRO D 147 -22.94 -37.12 -145.36
CA PRO D 147 -22.02 -36.29 -144.63
C PRO D 147 -20.72 -36.88 -144.13
N GLY D 148 -20.82 -38.00 -143.32
CA GLY D 148 -19.80 -38.69 -142.58
C GLY D 148 -18.63 -39.19 -143.36
N LEU D 149 -18.74 -39.06 -144.73
CA LEU D 149 -17.69 -39.15 -145.76
C LEU D 149 -16.65 -38.06 -145.79
N LEU D 150 -16.78 -37.05 -144.89
CA LEU D 150 -15.72 -36.09 -144.62
C LEU D 150 -15.03 -36.26 -143.30
N THR D 151 -15.65 -36.99 -142.41
CA THR D 151 -14.98 -37.24 -141.12
C THR D 151 -14.50 -38.71 -141.17
N ALA D 152 -14.83 -39.43 -142.36
CA ALA D 152 -14.32 -40.69 -142.64
C ALA D 152 -14.09 -40.98 -144.07
N GLN D 153 -13.49 -42.07 -144.42
CA GLN D 153 -12.88 -42.40 -145.71
C GLN D 153 -13.71 -43.48 -146.34
N PRO D 154 -13.70 -43.71 -147.71
CA PRO D 154 -14.53 -44.72 -148.37
C PRO D 154 -13.87 -46.05 -148.35
N TYR D 155 -14.23 -46.88 -147.37
CA TYR D 155 -13.51 -48.22 -147.22
C TYR D 155 -13.98 -49.24 -148.21
N ASP D 156 -13.35 -49.40 -149.34
CA ASP D 156 -13.72 -50.19 -150.53
C ASP D 156 -13.44 -51.60 -150.11
N GLU D 157 -13.92 -52.62 -150.93
CA GLU D 157 -13.67 -54.06 -150.83
C GLU D 157 -12.16 -54.40 -150.70
N THR D 158 -11.85 -55.39 -149.89
CA THR D 158 -10.54 -55.88 -149.51
C THR D 158 -9.67 -54.86 -148.74
N GLY D 159 -10.22 -53.69 -148.43
CA GLY D 159 -9.63 -52.64 -147.56
C GLY D 159 -9.10 -51.53 -148.42
N ALA D 160 -9.33 -51.44 -149.78
CA ALA D 160 -8.67 -50.53 -150.64
C ALA D 160 -9.29 -49.13 -150.46
N GLN D 161 -8.59 -48.09 -150.83
CA GLN D 161 -9.05 -46.72 -150.74
C GLN D 161 -9.00 -46.07 -152.08
N VAL D 162 -10.12 -45.39 -152.52
CA VAL D 162 -10.32 -44.66 -153.76
C VAL D 162 -10.41 -43.23 -153.31
N THR D 163 -10.09 -42.36 -154.26
CA THR D 163 -10.14 -40.87 -154.03
C THR D 163 -11.31 -40.22 -154.86
N SER D 164 -12.12 -41.08 -155.58
CA SER D 164 -13.36 -40.74 -156.25
C SER D 164 -14.14 -41.98 -156.27
N VAL D 165 -15.40 -42.03 -155.90
CA VAL D 165 -16.31 -43.26 -155.82
C VAL D 165 -16.69 -43.61 -157.23
N SER D 166 -16.95 -44.90 -157.41
CA SER D 166 -17.36 -45.50 -158.66
C SER D 166 -18.74 -46.12 -158.52
N SER D 167 -19.59 -45.85 -159.48
CA SER D 167 -20.86 -46.56 -159.54
C SER D 167 -20.80 -48.04 -159.75
N THR D 168 -21.99 -48.65 -159.67
CA THR D 168 -22.20 -50.07 -159.83
C THR D 168 -23.26 -50.28 -160.89
N PRO D 169 -23.17 -51.29 -161.78
CA PRO D 169 -23.97 -51.32 -163.04
C PRO D 169 -25.46 -51.52 -162.85
N PHE D 170 -26.35 -51.22 -163.84
CA PHE D 170 -27.72 -51.50 -163.74
C PHE D 170 -27.99 -52.12 -165.04
N GLY D 171 -26.93 -52.52 -165.79
CA GLY D 171 -27.09 -53.16 -167.14
C GLY D 171 -26.25 -54.39 -167.28
N SER D 172 -25.80 -54.89 -166.11
CA SER D 172 -24.94 -56.08 -165.94
C SER D 172 -24.97 -56.64 -164.57
N LEU D 173 -26.21 -56.99 -164.09
CA LEU D 173 -26.55 -57.59 -162.79
C LEU D 173 -27.40 -58.78 -163.23
N ILE D 174 -27.48 -59.81 -162.37
CA ILE D 174 -28.04 -61.08 -162.61
C ILE D 174 -29.54 -60.99 -162.55
N ASP D 175 -30.22 -61.42 -163.68
CA ASP D 175 -31.66 -61.62 -163.61
C ASP D 175 -31.82 -63.01 -162.97
N THR D 176 -32.64 -63.02 -161.89
CA THR D 176 -32.93 -64.14 -161.11
C THR D 176 -34.23 -64.71 -161.69
N SER D 177 -34.55 -64.45 -162.98
CA SER D 177 -35.72 -65.10 -163.60
C SER D 177 -35.21 -66.03 -164.62
N THR D 178 -33.89 -65.91 -164.93
CA THR D 178 -33.19 -66.79 -165.88
C THR D 178 -31.99 -67.52 -165.18
N GLY D 179 -31.61 -67.12 -163.99
CA GLY D 179 -30.49 -67.63 -163.22
C GLY D 179 -29.17 -67.09 -163.66
N GLN D 180 -29.18 -66.12 -164.53
CA GLN D 180 -27.96 -65.57 -165.13
C GLN D 180 -28.34 -64.20 -165.64
N GLN D 181 -27.31 -63.35 -166.00
CA GLN D 181 -27.31 -61.95 -166.49
C GLN D 181 -28.18 -61.63 -167.74
N ILE D 182 -28.73 -60.38 -167.70
CA ILE D 182 -29.76 -59.84 -168.61
C ILE D 182 -29.54 -60.04 -170.10
N LEU D 183 -30.62 -60.42 -170.92
CA LEU D 183 -30.42 -60.76 -172.27
C LEU D 183 -31.54 -60.16 -173.09
N GLY D 184 -31.26 -60.01 -174.38
CA GLY D 184 -32.19 -59.37 -175.34
C GLY D 184 -33.11 -60.42 -175.99
N THR D 185 -32.94 -61.72 -175.62
CA THR D 185 -33.78 -62.84 -176.07
C THR D 185 -35.04 -62.71 -175.30
N ASN D 186 -34.97 -62.06 -174.13
CA ASN D 186 -36.12 -61.69 -173.30
C ASN D 186 -36.64 -60.31 -173.71
N PRO D 187 -37.92 -60.01 -173.88
CA PRO D 187 -38.40 -58.64 -174.19
C PRO D 187 -38.19 -57.54 -173.12
N VAL D 188 -37.60 -57.88 -171.91
CA VAL D 188 -37.52 -56.95 -170.83
C VAL D 188 -36.42 -55.94 -171.10
N LEU D 189 -35.35 -56.47 -171.75
CA LEU D 189 -34.17 -55.73 -172.04
C LEU D 189 -34.51 -54.65 -173.15
N THR D 190 -35.34 -55.08 -174.05
CA THR D 190 -35.80 -54.16 -175.04
C THR D 190 -36.68 -53.06 -174.42
N SER D 191 -37.60 -53.44 -173.45
CA SER D 191 -38.54 -52.48 -172.91
C SER D 191 -37.87 -51.35 -172.14
N TYR D 192 -36.81 -51.75 -171.45
CA TYR D 192 -35.96 -50.85 -170.65
C TYR D 192 -35.05 -49.96 -171.47
N ASN D 193 -34.59 -50.43 -172.64
CA ASN D 193 -33.67 -49.67 -173.54
C ASN D 193 -34.45 -48.86 -174.52
N SER D 194 -35.80 -49.00 -174.63
CA SER D 194 -36.67 -48.22 -175.46
C SER D 194 -37.66 -47.54 -174.54
N TYR D 195 -37.32 -47.36 -173.30
CA TYR D 195 -38.14 -46.76 -172.26
C TYR D 195 -38.71 -45.45 -172.64
N THR D 196 -37.94 -44.59 -173.41
CA THR D 196 -38.32 -43.34 -173.91
C THR D 196 -39.54 -43.39 -174.76
N THR D 197 -39.77 -44.42 -175.64
CA THR D 197 -40.94 -44.33 -176.44
C THR D 197 -41.95 -45.22 -175.85
N GLN D 198 -41.62 -46.34 -175.05
CA GLN D 198 -42.46 -47.22 -174.40
C GLN D 198 -43.18 -46.61 -173.18
N ALA D 199 -42.60 -45.47 -172.62
CA ALA D 199 -43.19 -44.52 -171.63
C ALA D 199 -44.42 -43.75 -172.19
N ASN D 200 -44.46 -43.43 -173.53
CA ASN D 200 -45.45 -42.58 -174.11
C ASN D 200 -46.59 -43.47 -174.66
N THR D 201 -46.19 -44.65 -175.28
CA THR D 201 -47.19 -45.46 -175.94
C THR D 201 -48.25 -46.15 -174.98
N ASN D 202 -47.88 -46.28 -173.72
CA ASN D 202 -48.71 -47.04 -172.84
C ASN D 202 -48.67 -46.34 -171.48
N MET D 203 -48.28 -45.05 -171.51
CA MET D 203 -48.26 -44.12 -170.43
C MET D 203 -47.69 -44.71 -169.11
N GLN D 204 -46.47 -45.34 -169.18
CA GLN D 204 -45.93 -46.11 -168.03
C GLN D 204 -44.72 -45.26 -167.67
N GLU D 205 -44.48 -45.05 -166.33
CA GLU D 205 -43.31 -44.45 -165.72
C GLU D 205 -42.62 -45.50 -164.94
N GLY D 206 -41.30 -45.55 -165.04
CA GLY D 206 -40.44 -46.51 -164.36
C GLY D 206 -40.21 -45.94 -162.98
N VAL D 207 -40.59 -46.76 -161.97
CA VAL D 207 -40.46 -46.46 -160.53
C VAL D 207 -39.63 -47.62 -159.94
N VAL D 208 -38.60 -47.26 -159.11
CA VAL D 208 -37.51 -48.11 -158.79
C VAL D 208 -37.52 -47.97 -157.36
N SER D 209 -37.12 -49.12 -156.68
CA SER D 209 -36.92 -49.14 -155.28
C SER D 209 -35.84 -50.20 -155.14
N GLY D 210 -35.16 -50.11 -154.00
CA GLY D 210 -34.14 -51.03 -153.54
C GLY D 210 -34.90 -51.74 -152.44
N THR D 211 -34.43 -52.96 -152.15
CA THR D 211 -35.07 -53.76 -151.12
C THR D 211 -33.81 -54.51 -150.47
N LEU D 212 -33.71 -54.46 -149.15
CA LEU D 212 -32.76 -55.23 -148.40
C LEU D 212 -33.60 -56.36 -147.83
N THR D 213 -33.36 -57.59 -148.17
CA THR D 213 -34.02 -58.73 -147.55
C THR D 213 -33.49 -59.11 -146.15
N SER D 214 -34.44 -59.67 -145.39
CA SER D 214 -34.19 -59.92 -143.99
C SER D 214 -33.03 -60.91 -143.80
N PHE D 215 -32.10 -60.55 -142.93
CA PHE D 215 -31.09 -61.47 -142.33
C PHE D 215 -30.75 -60.95 -140.98
N THR D 216 -29.96 -61.79 -140.24
CA THR D 216 -29.42 -61.48 -138.94
C THR D 216 -27.98 -61.64 -139.05
N LEU D 217 -27.23 -60.71 -138.28
CA LEU D 217 -25.76 -60.68 -138.21
C LEU D 217 -25.43 -59.88 -137.04
N GLY D 218 -24.37 -60.25 -136.21
CA GLY D 218 -23.93 -59.58 -135.01
C GLY D 218 -25.02 -59.48 -133.96
N GLY D 219 -26.03 -60.43 -134.00
CA GLY D 219 -27.12 -60.34 -133.06
C GLY D 219 -28.10 -59.23 -133.19
N GLN D 220 -28.31 -58.65 -134.38
CA GLN D 220 -29.36 -57.68 -134.74
C GLN D 220 -29.74 -57.98 -136.22
N SER D 221 -30.94 -57.52 -136.58
CA SER D 221 -31.53 -57.76 -137.88
C SER D 221 -31.50 -56.51 -138.73
N PHE D 222 -31.47 -56.76 -140.01
CA PHE D 222 -31.23 -55.80 -141.04
C PHE D 222 -32.15 -56.25 -142.19
N SER D 223 -33.02 -55.23 -142.63
CA SER D 223 -34.04 -55.37 -143.67
C SER D 223 -34.55 -54.01 -143.89
N GLY D 224 -35.02 -53.72 -145.12
CA GLY D 224 -35.63 -52.40 -145.38
C GLY D 224 -36.07 -52.30 -146.83
N SER D 225 -36.64 -51.14 -147.24
CA SER D 225 -37.09 -50.87 -148.55
C SER D 225 -37.06 -49.36 -148.76
N THR D 226 -36.67 -48.83 -149.97
CA THR D 226 -36.53 -47.40 -150.22
C THR D 226 -37.89 -46.83 -150.61
N VAL D 227 -38.04 -45.47 -150.58
CA VAL D 227 -39.21 -44.69 -150.91
C VAL D 227 -38.97 -44.07 -152.20
N PRO D 228 -39.97 -43.55 -152.94
CA PRO D 228 -39.65 -42.82 -154.12
C PRO D 228 -39.10 -41.46 -153.85
N VAL D 229 -37.96 -41.29 -154.54
CA VAL D 229 -37.19 -40.06 -154.49
C VAL D 229 -36.28 -40.13 -155.70
N ILE D 230 -36.44 -41.22 -156.51
CA ILE D 230 -35.53 -41.73 -157.49
C ILE D 230 -35.83 -41.09 -158.80
N LEU D 231 -34.82 -41.13 -159.82
CA LEU D 231 -34.86 -40.48 -161.13
C LEU D 231 -35.73 -39.23 -161.14
N TYR D 232 -36.60 -39.02 -162.19
CA TYR D 232 -37.73 -38.15 -161.99
C TYR D 232 -38.96 -38.91 -161.44
N ALA D 233 -39.35 -38.68 -160.18
CA ALA D 233 -40.67 -39.05 -159.63
C ALA D 233 -41.27 -37.82 -158.98
N PRO D 234 -42.55 -37.76 -158.74
CA PRO D 234 -43.25 -36.63 -158.15
C PRO D 234 -42.57 -35.88 -157.01
N PHE D 235 -42.76 -34.53 -156.91
CA PHE D 235 -42.27 -33.77 -155.72
C PHE D 235 -43.18 -34.10 -154.64
N ILE D 236 -42.57 -34.44 -153.49
CA ILE D 236 -43.31 -34.81 -152.36
C ILE D 236 -42.56 -34.25 -151.17
N PHE D 237 -43.08 -34.55 -149.90
CA PHE D 237 -42.39 -34.57 -148.63
C PHE D 237 -41.99 -36.03 -148.46
N SER D 238 -41.06 -36.24 -147.53
CA SER D 238 -40.64 -37.54 -147.14
C SER D 238 -41.77 -38.43 -146.62
N ASN D 239 -41.49 -39.76 -146.90
CA ASN D 239 -42.40 -40.80 -146.77
C ASN D 239 -41.78 -41.79 -145.76
N SER D 240 -40.50 -41.70 -145.42
CA SER D 240 -39.94 -42.60 -144.40
C SER D 240 -38.79 -41.84 -143.70
N PRO D 241 -38.38 -42.01 -142.47
CA PRO D 241 -39.09 -42.84 -141.55
C PRO D 241 -40.33 -42.17 -141.06
N TYR D 242 -40.63 -40.97 -141.51
CA TYR D 242 -41.73 -40.26 -141.09
C TYR D 242 -42.52 -40.10 -142.37
N GLN D 243 -43.74 -40.72 -142.37
CA GLN D 243 -44.58 -40.77 -143.50
C GLN D 243 -45.17 -39.40 -143.76
N ALA D 244 -45.50 -38.59 -142.69
CA ALA D 244 -45.99 -37.18 -142.84
C ALA D 244 -45.12 -36.38 -143.67
N GLY D 245 -43.85 -36.31 -143.27
CA GLY D 245 -42.86 -35.62 -143.99
C GLY D 245 -42.21 -34.68 -143.01
N LEU D 246 -42.98 -34.48 -141.89
CA LEU D 246 -42.52 -33.63 -140.88
C LEU D 246 -42.00 -34.52 -139.79
N TYR D 247 -40.99 -33.95 -139.15
CA TYR D 247 -40.47 -34.49 -137.94
C TYR D 247 -39.97 -33.30 -137.19
N ASN D 248 -40.14 -33.31 -135.81
CA ASN D 248 -39.37 -32.38 -135.02
C ASN D 248 -38.09 -33.03 -134.56
N PRO D 249 -36.89 -32.39 -134.68
CA PRO D 249 -35.60 -32.95 -134.12
C PRO D 249 -35.71 -33.34 -132.68
N MET D 250 -36.31 -32.44 -131.79
CA MET D 250 -36.59 -32.63 -130.44
C MET D 250 -37.32 -33.90 -130.11
N GLN D 251 -38.32 -34.30 -130.97
CA GLN D 251 -39.13 -35.46 -130.84
C GLN D 251 -38.40 -36.78 -130.91
N VAL D 252 -37.51 -36.94 -131.88
CA VAL D 252 -36.83 -38.23 -132.16
C VAL D 252 -35.71 -38.40 -131.22
N ASN D 253 -35.35 -37.22 -130.56
CA ASN D 253 -34.22 -37.16 -129.64
C ASN D 253 -34.67 -37.33 -128.21
N GLY D 254 -33.64 -37.50 -127.36
CA GLY D 254 -33.86 -37.50 -125.88
C GLY D 254 -33.95 -36.12 -125.34
N ASN D 255 -34.09 -35.06 -126.20
CA ASN D 255 -34.34 -33.67 -125.84
C ASN D 255 -35.70 -33.68 -125.17
N LEU D 256 -36.68 -34.55 -125.65
CA LEU D 256 -37.95 -34.87 -125.04
C LEU D 256 -38.00 -36.41 -125.02
N GLY D 257 -38.21 -36.89 -123.75
CA GLY D 257 -38.27 -38.32 -123.37
C GLY D 257 -39.75 -38.80 -123.18
N SER D 258 -40.69 -37.88 -123.34
CA SER D 258 -42.07 -38.16 -123.21
C SER D 258 -42.86 -38.21 -124.61
N LEU D 259 -42.10 -37.71 -125.63
CA LEU D 259 -42.41 -37.78 -127.05
C LEU D 259 -41.08 -38.17 -127.62
N SER D 260 -40.96 -39.48 -128.02
CA SER D 260 -39.90 -40.08 -128.83
C SER D 260 -40.30 -41.47 -129.11
N SER D 261 -41.57 -41.68 -128.96
CA SER D 261 -42.28 -42.93 -129.40
C SER D 261 -43.42 -42.55 -130.33
N GLU D 262 -43.57 -41.21 -130.57
CA GLU D 262 -44.55 -40.70 -131.47
C GLU D 262 -43.82 -39.58 -132.18
N ALA D 263 -43.75 -39.67 -133.49
CA ALA D 263 -43.34 -38.58 -134.39
C ALA D 263 -43.37 -39.17 -135.74
N TYR D 264 -43.77 -40.51 -135.89
CA TYR D 264 -43.77 -41.18 -137.19
C TYR D 264 -45.17 -41.08 -137.82
N TYR D 265 -46.19 -40.58 -137.12
CA TYR D 265 -47.54 -40.59 -137.64
C TYR D 265 -48.38 -39.50 -136.96
N HIS D 266 -47.80 -38.70 -136.06
CA HIS D 266 -48.48 -37.67 -135.30
C HIS D 266 -47.42 -36.72 -134.81
N PRO D 267 -46.87 -35.75 -135.62
CA PRO D 267 -45.79 -35.02 -135.10
C PRO D 267 -46.46 -33.74 -134.51
N VAL D 268 -46.00 -33.29 -133.31
CA VAL D 268 -46.53 -32.15 -132.55
C VAL D 268 -45.62 -30.99 -132.72
N ILE D 269 -46.25 -29.82 -132.91
CA ILE D 269 -45.43 -28.62 -132.81
C ILE D 269 -46.27 -27.55 -132.09
N TRP D 270 -45.57 -26.78 -131.29
CA TRP D 270 -46.13 -25.82 -130.35
C TRP D 270 -45.44 -24.51 -130.48
N GLY D 271 -46.17 -23.40 -130.11
CA GLY D 271 -45.82 -22.04 -130.30
C GLY D 271 -45.38 -21.74 -131.68
N ARG D 272 -44.23 -21.05 -131.77
CA ARG D 272 -43.84 -20.39 -132.98
C ARG D 272 -42.55 -21.06 -133.35
N ALA D 273 -42.23 -22.18 -132.66
CA ALA D 273 -41.14 -23.13 -132.92
C ALA D 273 -41.08 -23.74 -134.37
N LEU D 274 -39.78 -23.83 -134.90
CA LEU D 274 -39.50 -24.50 -136.19
C LEU D 274 -39.56 -25.98 -136.05
N ILE D 275 -40.09 -26.61 -137.14
CA ILE D 275 -40.23 -28.05 -137.37
C ILE D 275 -39.70 -28.44 -138.74
N ASN D 276 -38.91 -29.53 -138.79
CA ASN D 276 -38.24 -29.82 -139.99
C ASN D 276 -39.16 -30.55 -141.01
N THR D 277 -39.08 -30.01 -142.29
CA THR D 277 -39.57 -30.51 -143.52
C THR D 277 -38.49 -30.75 -144.48
N THR D 278 -38.46 -32.11 -144.89
CA THR D 278 -37.49 -32.61 -145.88
C THR D 278 -38.12 -32.70 -147.20
N LEU D 279 -37.99 -31.62 -148.03
CA LEU D 279 -38.73 -31.46 -149.23
C LEU D 279 -37.99 -32.11 -150.33
N ILE D 280 -38.44 -33.41 -150.62
CA ILE D 280 -37.99 -34.22 -151.68
C ILE D 280 -38.10 -33.54 -153.00
N ASP D 281 -36.93 -33.27 -153.67
CA ASP D 281 -36.97 -32.47 -154.81
C ASP D 281 -36.01 -33.17 -155.77
N THR D 282 -36.53 -33.65 -156.88
CA THR D 282 -35.89 -34.57 -157.85
C THR D 282 -35.66 -33.84 -159.14
N TYR D 283 -36.23 -32.59 -159.28
CA TYR D 283 -36.17 -31.83 -160.52
C TYR D 283 -35.18 -30.70 -160.37
N ALA D 284 -34.53 -30.54 -159.19
CA ALA D 284 -33.58 -29.41 -159.02
C ALA D 284 -32.48 -29.68 -157.95
N SER D 285 -31.36 -28.90 -158.05
CA SER D 285 -30.20 -28.95 -157.25
C SER D 285 -29.96 -27.52 -156.82
N GLY D 286 -29.22 -27.28 -155.78
CA GLY D 286 -28.79 -25.95 -155.29
C GLY D 286 -29.82 -25.27 -154.51
N SER D 287 -29.80 -23.93 -154.49
CA SER D 287 -30.77 -23.24 -153.67
C SER D 287 -32.14 -23.26 -154.33
N VAL D 288 -33.19 -23.69 -153.57
CA VAL D 288 -34.55 -23.55 -154.09
C VAL D 288 -35.32 -22.67 -153.08
N PRO D 289 -35.75 -21.46 -153.47
CA PRO D 289 -36.52 -20.68 -152.51
C PRO D 289 -37.99 -21.15 -152.44
N PHE D 290 -38.25 -22.18 -151.58
CA PHE D 290 -39.54 -22.77 -151.39
C PHE D 290 -40.59 -21.90 -150.69
N THR D 291 -41.86 -22.04 -151.07
CA THR D 291 -42.92 -21.48 -150.28
C THR D 291 -43.69 -22.60 -149.69
N PHE D 292 -44.54 -22.29 -148.64
CA PHE D 292 -45.30 -23.37 -147.95
C PHE D 292 -46.60 -22.67 -147.58
N GLN D 293 -47.76 -23.28 -147.81
CA GLN D 293 -49.06 -22.86 -147.34
C GLN D 293 -49.39 -23.78 -146.17
N LEU D 294 -49.86 -23.26 -145.04
CA LEU D 294 -50.14 -23.99 -143.84
C LEU D 294 -51.55 -23.72 -143.28
N ASN D 295 -52.49 -24.64 -143.45
CA ASN D 295 -53.90 -24.44 -143.33
C ASN D 295 -54.42 -25.04 -142.01
N TYR D 296 -54.76 -24.23 -141.04
CA TYR D 296 -55.10 -24.66 -139.65
C TYR D 296 -56.62 -24.79 -139.70
N SER D 297 -57.17 -25.97 -139.35
CA SER D 297 -58.60 -26.33 -139.39
C SER D 297 -58.95 -27.17 -138.15
N VAL D 298 -59.75 -26.58 -137.24
CA VAL D 298 -60.21 -27.32 -136.14
C VAL D 298 -61.42 -28.29 -136.51
N PRO D 299 -61.49 -29.49 -135.93
CA PRO D 299 -62.71 -30.34 -135.94
C PRO D 299 -63.73 -29.84 -135.06
N GLY D 300 -64.40 -28.70 -135.35
CA GLY D 300 -65.52 -28.27 -134.51
C GLY D 300 -66.02 -26.98 -134.94
N PRO D 301 -67.26 -26.65 -134.73
CA PRO D 301 -67.75 -25.28 -134.86
C PRO D 301 -67.17 -24.40 -133.75
N LEU D 302 -66.98 -23.07 -134.00
CA LEU D 302 -66.26 -22.10 -133.12
C LEU D 302 -67.27 -21.02 -132.99
N THR D 303 -67.73 -20.70 -131.77
CA THR D 303 -68.75 -19.70 -131.58
C THR D 303 -67.99 -18.38 -131.82
N ILE D 304 -68.52 -17.50 -132.74
CA ILE D 304 -68.03 -16.10 -133.04
C ILE D 304 -69.12 -15.12 -132.69
N ASN D 305 -68.73 -13.97 -132.03
CA ASN D 305 -69.59 -12.93 -131.71
C ASN D 305 -69.28 -11.90 -132.77
N MET D 306 -70.16 -10.99 -133.16
CA MET D 306 -69.87 -9.94 -134.06
C MET D 306 -70.65 -8.70 -133.63
N ALA D 307 -69.90 -7.77 -133.00
CA ALA D 307 -70.32 -6.37 -132.89
C ALA D 307 -70.83 -5.86 -134.19
N GLN D 308 -71.84 -4.98 -134.17
CA GLN D 308 -72.36 -4.25 -135.33
C GLN D 308 -71.49 -3.06 -135.67
N LEU D 309 -70.61 -3.23 -136.69
CA LEU D 309 -69.74 -2.10 -136.99
C LEU D 309 -70.56 -1.08 -137.70
N ALA D 310 -71.56 -1.47 -138.55
CA ALA D 310 -72.39 -0.41 -139.18
C ALA D 310 -73.64 -1.05 -139.64
N TRP D 311 -74.58 -0.16 -140.09
CA TRP D 311 -75.92 -0.57 -140.50
C TRP D 311 -76.03 0.30 -141.78
N ILE D 312 -76.57 -0.25 -142.90
CA ILE D 312 -76.69 0.45 -144.16
C ILE D 312 -78.00 0.01 -144.59
N ALA D 313 -79.06 0.90 -144.64
CA ALA D 313 -80.46 0.55 -144.77
C ALA D 313 -81.16 1.61 -145.51
N SER D 314 -82.19 1.22 -146.36
CA SER D 314 -82.99 2.13 -147.12
C SER D 314 -83.94 2.81 -146.15
N ILE D 315 -84.39 4.08 -146.47
CA ILE D 315 -85.18 5.01 -145.73
C ILE D 315 -86.61 4.59 -145.67
N ASN D 316 -87.12 3.66 -146.53
CA ASN D 316 -88.43 2.98 -146.33
C ASN D 316 -88.47 1.99 -145.21
N ASN D 317 -87.33 1.36 -145.00
CA ASN D 317 -87.06 0.40 -143.95
C ASN D 317 -86.47 1.09 -142.67
N LEU D 318 -86.83 2.39 -142.49
CA LEU D 318 -86.40 3.19 -141.40
C LEU D 318 -87.64 4.01 -141.04
N PRO D 319 -88.09 4.08 -139.82
CA PRO D 319 -89.40 4.68 -139.40
C PRO D 319 -89.12 6.14 -139.18
N THR D 320 -90.19 6.95 -138.90
CA THR D 320 -90.01 8.38 -138.94
C THR D 320 -89.46 8.92 -137.65
N SER D 321 -89.25 8.07 -136.60
CA SER D 321 -88.57 8.43 -135.45
C SER D 321 -87.80 7.22 -135.07
N PHE D 322 -86.50 7.39 -134.62
CA PHE D 322 -85.64 6.29 -134.10
C PHE D 322 -84.39 6.90 -133.50
N THR D 323 -83.59 6.12 -132.87
CA THR D 323 -82.47 6.52 -132.17
C THR D 323 -81.33 5.57 -132.60
N TYR D 324 -80.11 6.09 -132.38
CA TYR D 324 -78.89 5.28 -132.63
C TYR D 324 -77.82 5.98 -131.87
N LEU D 325 -76.68 5.30 -131.57
CA LEU D 325 -75.47 5.95 -131.14
C LEU D 325 -74.37 5.08 -131.58
N SER D 326 -73.12 5.58 -131.54
CA SER D 326 -71.94 4.82 -132.00
C SER D 326 -71.51 3.80 -130.99
N TYR D 327 -70.83 2.68 -131.46
CA TYR D 327 -70.08 1.81 -130.57
C TYR D 327 -68.62 1.98 -130.82
N LYS D 328 -67.82 2.03 -129.75
CA LYS D 328 -66.41 2.28 -129.83
C LYS D 328 -65.75 0.95 -130.00
N PHE D 329 -64.51 0.93 -130.58
CA PHE D 329 -63.69 -0.20 -130.74
C PHE D 329 -62.34 0.02 -130.21
N SER D 330 -61.52 -1.11 -130.21
CA SER D 330 -60.15 -1.23 -129.69
C SER D 330 -59.07 -0.43 -130.44
N ASN D 331 -59.42 0.17 -131.64
CA ASN D 331 -58.60 1.07 -132.39
C ASN D 331 -59.09 2.48 -132.43
N GLY D 332 -60.31 2.70 -131.81
CA GLY D 332 -60.90 3.98 -131.79
C GLY D 332 -61.69 4.42 -132.90
N TYR D 333 -62.18 3.43 -133.68
CA TYR D 333 -63.08 3.60 -134.74
C TYR D 333 -64.52 3.71 -134.15
N GLU D 334 -65.47 4.34 -134.96
CA GLU D 334 -66.86 4.53 -134.48
C GLU D 334 -67.73 3.77 -135.41
N SER D 335 -68.96 3.54 -134.98
CA SER D 335 -69.96 2.88 -135.78
C SER D 335 -70.85 3.95 -136.32
N PHE D 336 -71.63 3.57 -137.38
CA PHE D 336 -72.46 4.58 -138.13
C PHE D 336 -73.62 3.85 -138.75
N LEU D 337 -74.37 4.64 -139.46
CA LEU D 337 -75.59 4.27 -140.12
C LEU D 337 -75.55 4.92 -141.49
N GLY D 338 -75.81 4.05 -142.51
CA GLY D 338 -75.94 4.43 -143.92
C GLY D 338 -77.39 4.51 -144.32
N ILE D 339 -77.96 5.74 -144.43
CA ILE D 339 -79.34 5.93 -144.87
C ILE D 339 -79.24 5.83 -146.41
N ILE D 340 -80.24 5.25 -147.13
CA ILE D 340 -80.37 5.22 -148.54
C ILE D 340 -81.69 5.81 -148.90
N SER D 341 -81.60 7.01 -149.53
CA SER D 341 -82.65 7.94 -149.73
C SER D 341 -82.77 8.09 -151.24
N ASN D 342 -83.52 9.12 -151.70
CA ASN D 342 -83.78 9.37 -153.08
C ASN D 342 -84.06 10.93 -153.12
N SER D 343 -83.73 11.62 -152.04
CA SER D 343 -83.96 13.08 -151.97
C SER D 343 -82.61 13.73 -152.38
N THR D 344 -82.67 14.90 -153.02
CA THR D 344 -81.48 15.66 -153.38
C THR D 344 -80.63 16.01 -152.16
N GLN D 345 -81.38 16.53 -151.09
CA GLN D 345 -80.78 16.77 -149.83
C GLN D 345 -81.68 16.39 -148.72
N LEU D 346 -81.08 15.74 -147.66
CA LEU D 346 -81.81 15.54 -146.44
C LEU D 346 -81.90 16.84 -145.77
N THR D 347 -83.21 17.26 -145.54
CA THR D 347 -83.63 18.61 -145.24
C THR D 347 -84.19 18.50 -143.88
N ALA D 348 -83.48 18.95 -142.84
CA ALA D 348 -84.05 18.90 -141.47
C ALA D 348 -84.68 20.23 -140.98
N GLY D 349 -84.52 21.23 -141.86
CA GLY D 349 -84.78 22.68 -141.61
C GLY D 349 -83.92 23.27 -140.51
N ALA D 350 -82.70 22.80 -140.32
CA ALA D 350 -81.80 23.35 -139.37
C ALA D 350 -80.40 22.78 -139.70
N LEU D 351 -80.29 22.00 -140.82
CA LEU D 351 -79.14 21.24 -141.20
C LEU D 351 -79.60 20.55 -142.44
N THR D 352 -79.06 20.98 -143.61
CA THR D 352 -79.33 20.36 -144.86
C THR D 352 -78.09 19.67 -145.23
N ILE D 353 -78.01 18.35 -144.95
CA ILE D 353 -76.86 17.51 -145.11
C ILE D 353 -76.54 17.50 -146.57
N ASN D 354 -75.40 18.12 -146.95
CA ASN D 354 -74.61 17.91 -148.17
C ASN D 354 -74.32 16.45 -148.48
N PRO D 355 -74.47 15.84 -149.69
CA PRO D 355 -74.32 14.43 -149.94
C PRO D 355 -72.97 13.81 -149.55
N SER D 356 -73.03 12.54 -148.97
CA SER D 356 -71.81 11.84 -148.67
C SER D 356 -71.58 10.72 -149.70
N GLY D 357 -72.66 10.35 -150.43
CA GLY D 357 -72.51 9.36 -151.46
C GLY D 357 -73.76 9.24 -152.15
N ASN D 358 -73.74 8.58 -153.32
CA ASN D 358 -74.96 8.30 -154.11
C ASN D 358 -74.73 7.21 -155.10
N PHE D 359 -75.74 6.77 -155.85
CA PHE D 359 -75.46 5.88 -156.93
C PHE D 359 -76.69 6.03 -157.73
N THR D 360 -76.80 5.21 -158.77
CA THR D 360 -77.92 5.28 -159.65
C THR D 360 -77.96 3.93 -160.21
N ILE D 361 -79.21 3.31 -160.34
CA ILE D 361 -79.41 2.06 -160.95
C ILE D 361 -80.70 2.29 -161.70
N ASN D 362 -80.73 1.91 -162.99
CA ASN D 362 -81.86 2.02 -163.91
C ASN D 362 -82.46 3.37 -164.14
N GLY D 363 -81.60 4.38 -164.02
CA GLY D 363 -81.73 5.76 -164.24
C GLY D 363 -82.24 6.46 -163.01
N LYS D 364 -82.73 5.68 -162.02
CA LYS D 364 -83.18 6.19 -160.79
C LYS D 364 -82.02 6.36 -159.88
N LYS D 365 -81.84 7.62 -159.28
CA LYS D 365 -80.73 7.99 -158.50
C LYS D 365 -81.13 7.66 -157.11
N PHE D 366 -80.12 7.52 -156.20
CA PHE D 366 -80.35 7.15 -154.78
C PHE D 366 -79.21 7.82 -154.08
N TYR D 367 -79.34 8.16 -152.74
CA TYR D 367 -78.45 9.02 -152.09
C TYR D 367 -78.04 8.34 -150.75
N VAL D 368 -76.76 7.90 -150.61
CA VAL D 368 -76.25 7.18 -149.47
C VAL D 368 -75.59 8.13 -148.49
N TYR D 369 -76.36 8.71 -147.49
CA TYR D 369 -75.88 9.54 -146.45
C TYR D 369 -75.31 8.72 -145.40
N LEU D 370 -73.99 8.88 -145.19
CA LEU D 370 -73.20 8.18 -144.24
C LEU D 370 -72.87 9.04 -143.04
N LEU D 371 -73.36 8.73 -141.86
CA LEU D 371 -73.40 9.74 -140.79
C LEU D 371 -73.22 8.95 -139.39
N VAL D 372 -72.08 9.16 -138.67
CA VAL D 372 -72.01 8.75 -137.22
C VAL D 372 -73.05 9.46 -136.33
N VAL D 373 -73.76 8.65 -135.47
CA VAL D 373 -74.53 9.35 -134.46
C VAL D 373 -73.74 9.41 -133.18
N GLY D 374 -73.18 10.62 -132.84
CA GLY D 374 -72.28 10.81 -131.70
C GLY D 374 -72.54 12.06 -131.04
N SER D 375 -71.43 12.68 -130.46
CA SER D 375 -71.67 13.73 -129.54
C SER D 375 -71.27 15.14 -129.95
N THR D 376 -71.18 15.30 -131.27
CA THR D 376 -71.00 16.64 -131.80
C THR D 376 -71.63 16.62 -133.16
N ASN D 377 -72.21 17.71 -133.60
CA ASN D 377 -72.87 17.99 -134.90
C ASN D 377 -71.85 18.64 -135.83
N SER D 378 -71.66 17.90 -136.94
CA SER D 378 -70.71 18.21 -137.92
C SER D 378 -71.19 17.95 -139.32
N THR D 379 -70.55 18.66 -140.21
CA THR D 379 -70.43 18.36 -141.68
C THR D 379 -68.95 17.90 -141.96
N THR D 380 -68.10 17.72 -140.91
CA THR D 380 -66.70 17.38 -141.09
C THR D 380 -66.70 15.89 -141.11
N PRO D 381 -65.89 15.25 -141.97
CA PRO D 381 -65.76 13.83 -141.91
C PRO D 381 -64.96 13.35 -140.65
N VAL D 382 -65.73 12.76 -139.68
CA VAL D 382 -65.05 12.05 -138.61
C VAL D 382 -64.39 10.75 -138.97
N GLU D 383 -64.93 10.03 -140.01
CA GLU D 383 -64.15 8.89 -140.54
C GLU D 383 -64.49 8.72 -141.93
N TYR D 384 -64.11 7.60 -142.56
CA TYR D 384 -64.10 7.36 -143.96
C TYR D 384 -64.29 5.94 -144.36
N VAL D 385 -65.11 5.66 -145.43
CA VAL D 385 -65.20 4.42 -146.08
C VAL D 385 -64.83 4.54 -147.47
N THR D 386 -64.05 3.58 -148.06
CA THR D 386 -63.61 3.71 -149.41
C THR D 386 -64.14 2.41 -150.04
N LYS D 387 -64.58 2.45 -151.36
CA LYS D 387 -64.94 1.27 -152.11
C LYS D 387 -66.15 0.53 -151.63
N LEU D 388 -67.25 1.23 -151.40
CA LEU D 388 -68.42 0.51 -150.88
C LEU D 388 -69.43 0.22 -151.97
N VAL D 389 -69.51 -1.11 -152.34
CA VAL D 389 -70.23 -1.64 -153.40
C VAL D 389 -71.58 -2.10 -152.94
N VAL D 390 -72.59 -1.40 -153.42
CA VAL D 390 -74.05 -1.86 -153.50
C VAL D 390 -74.24 -2.77 -154.77
N GLU D 391 -74.53 -4.12 -154.50
CA GLU D 391 -74.88 -5.01 -155.63
C GLU D 391 -76.33 -5.02 -155.76
N TYR D 392 -76.78 -5.64 -156.92
CA TYR D 392 -78.16 -5.54 -157.32
C TYR D 392 -78.25 -6.49 -158.44
N PRO D 393 -79.39 -7.02 -158.77
CA PRO D 393 -79.39 -8.05 -159.81
C PRO D 393 -80.01 -7.38 -161.05
N SER D 394 -79.62 -7.84 -162.20
CA SER D 394 -79.93 -7.25 -163.49
C SER D 394 -81.33 -7.62 -163.84
N SER D 395 -81.98 -6.75 -164.67
CA SER D 395 -83.43 -6.89 -165.03
C SER D 395 -83.59 -7.71 -166.32
N THR D 396 -82.46 -8.18 -166.87
CA THR D 396 -82.46 -8.62 -168.28
C THR D 396 -82.32 -10.11 -168.23
N ASN D 397 -81.48 -10.62 -167.32
CA ASN D 397 -81.30 -12.06 -167.07
C ASN D 397 -81.10 -12.46 -165.61
N PHE D 398 -80.93 -11.53 -164.65
CA PHE D 398 -80.92 -11.75 -163.18
C PHE D 398 -79.52 -12.06 -162.73
N LEU D 399 -78.50 -11.78 -163.61
CA LEU D 399 -77.14 -11.86 -163.20
C LEU D 399 -76.81 -10.72 -162.18
N PRO D 400 -76.15 -11.08 -161.03
CA PRO D 400 -75.66 -10.11 -160.06
C PRO D 400 -74.62 -9.15 -160.70
N GLN D 401 -74.80 -7.81 -160.52
CA GLN D 401 -73.95 -6.75 -160.94
C GLN D 401 -73.95 -5.75 -159.77
N GLY D 402 -72.93 -4.88 -159.69
CA GLY D 402 -72.69 -4.01 -158.60
C GLY D 402 -72.20 -2.69 -159.05
N VAL D 403 -72.60 -1.62 -158.26
CA VAL D 403 -72.12 -0.26 -158.52
C VAL D 403 -71.50 0.16 -157.20
N THR D 404 -70.78 1.23 -157.06
CA THR D 404 -70.06 1.66 -155.89
C THR D 404 -70.76 2.96 -155.53
N VAL D 405 -70.82 3.25 -154.19
CA VAL D 405 -71.29 4.53 -153.73
C VAL D 405 -70.13 5.50 -154.06
N THR D 406 -70.43 6.72 -154.60
CA THR D 406 -69.40 7.72 -154.94
C THR D 406 -70.05 8.98 -154.78
N THR D 407 -69.29 10.00 -154.49
CA THR D 407 -69.93 11.31 -154.04
C THR D 407 -70.18 12.19 -155.23
N SER D 408 -71.13 13.15 -155.08
CA SER D 408 -71.49 14.19 -156.11
C SER D 408 -70.78 15.49 -155.71
N SER D 409 -69.94 15.38 -154.73
CA SER D 409 -69.02 16.26 -154.25
C SER D 409 -67.75 15.86 -154.87
N ASN D 410 -67.75 14.77 -155.65
CA ASN D 410 -66.69 14.27 -156.43
C ASN D 410 -65.48 13.74 -155.58
N LYS D 411 -65.67 12.59 -154.83
CA LYS D 411 -64.69 11.93 -153.99
C LYS D 411 -64.97 10.49 -154.04
N TYR D 412 -63.81 9.74 -153.80
CA TYR D 412 -63.75 8.31 -154.01
C TYR D 412 -64.02 7.67 -152.70
N THR D 413 -63.24 8.06 -151.71
CA THR D 413 -63.44 7.94 -150.31
C THR D 413 -64.53 8.81 -149.91
N LEU D 414 -65.44 8.28 -148.98
CA LEU D 414 -66.78 8.68 -148.80
C LEU D 414 -66.74 9.26 -147.40
N PRO D 415 -66.79 10.59 -147.31
CA PRO D 415 -66.77 11.30 -146.03
C PRO D 415 -67.89 10.89 -145.04
N VAL D 416 -67.68 10.00 -144.07
CA VAL D 416 -68.63 9.62 -143.04
C VAL D 416 -68.60 10.67 -142.00
N TYR D 417 -69.50 11.71 -141.98
CA TYR D 417 -69.62 12.70 -140.93
C TYR D 417 -69.99 12.15 -139.57
N GLU D 418 -69.99 13.02 -138.52
CA GLU D 418 -70.57 12.77 -137.27
C GLU D 418 -71.75 13.77 -137.22
N ILE D 419 -72.90 13.24 -136.69
CA ILE D 419 -74.14 14.08 -136.37
C ILE D 419 -74.52 13.71 -134.93
N GLY D 420 -75.54 14.49 -134.40
CA GLY D 420 -76.01 14.25 -133.10
C GLY D 420 -75.49 15.43 -132.40
N GLY D 421 -74.78 15.29 -131.28
CA GLY D 421 -74.50 16.33 -130.35
C GLY D 421 -74.78 15.80 -128.95
N PRO D 422 -74.89 16.66 -127.94
CA PRO D 422 -75.48 16.39 -126.65
C PRO D 422 -76.88 15.76 -126.82
N ALA D 423 -77.37 14.98 -125.82
CA ALA D 423 -78.49 14.08 -125.87
C ALA D 423 -79.73 14.94 -125.90
N GLY D 424 -80.69 14.57 -126.77
CA GLY D 424 -82.04 15.14 -126.72
C GLY D 424 -82.09 16.31 -127.72
N THR D 425 -81.38 16.09 -128.86
CA THR D 425 -81.05 16.92 -129.99
C THR D 425 -81.71 16.19 -131.15
N THR D 426 -82.80 16.73 -131.85
CA THR D 426 -83.40 15.95 -132.91
C THR D 426 -83.23 16.52 -134.24
N ILE D 427 -83.09 15.65 -135.25
CA ILE D 427 -82.65 16.03 -136.54
C ILE D 427 -83.55 15.35 -137.45
N THR D 428 -84.52 16.11 -137.99
CA THR D 428 -85.77 15.76 -138.71
C THR D 428 -85.49 15.80 -140.21
N LEU D 429 -84.49 14.93 -140.61
CA LEU D 429 -83.88 14.91 -141.92
C LEU D 429 -84.95 14.43 -143.00
N THR D 430 -85.60 15.33 -143.77
CA THR D 430 -86.69 14.98 -144.65
C THR D 430 -86.25 14.32 -145.93
N GLY D 431 -86.19 13.00 -146.04
CA GLY D 431 -85.70 12.34 -147.23
C GLY D 431 -86.83 11.65 -147.92
N ASN D 432 -86.60 10.89 -149.04
CA ASN D 432 -87.62 10.34 -149.85
C ASN D 432 -87.28 8.98 -150.19
N TRP D 433 -88.37 8.09 -150.44
CA TRP D 433 -88.20 6.71 -151.03
C TRP D 433 -89.22 6.70 -152.12
N TYR D 434 -88.79 7.41 -153.19
CA TYR D 434 -89.33 7.53 -154.54
C TYR D 434 -90.57 8.50 -154.63
N SER D 435 -91.55 8.37 -153.65
CA SER D 435 -92.80 9.08 -153.68
C SER D 435 -93.25 9.22 -152.22
N THR D 436 -92.42 8.88 -151.19
CA THR D 436 -92.97 8.72 -149.82
C THR D 436 -92.07 9.53 -149.02
N PRO D 437 -92.45 10.60 -148.34
CA PRO D 437 -91.58 11.34 -147.37
C PRO D 437 -91.59 10.80 -145.96
N TYR D 438 -90.43 10.26 -145.51
CA TYR D 438 -90.08 9.89 -144.16
C TYR D 438 -89.22 10.98 -143.68
N THR D 439 -89.71 11.63 -142.60
CA THR D 439 -88.88 12.52 -141.79
C THR D 439 -87.95 11.68 -140.92
N VAL D 440 -86.73 11.31 -141.32
CA VAL D 440 -85.96 10.40 -140.48
C VAL D 440 -85.40 11.25 -139.38
N GLN D 441 -86.05 11.10 -138.14
CA GLN D 441 -85.84 12.03 -137.05
C GLN D 441 -84.83 11.30 -136.17
N ILE D 442 -83.49 11.36 -136.50
CA ILE D 442 -82.41 10.72 -135.74
C ILE D 442 -82.35 11.25 -134.36
N THR D 443 -82.22 10.38 -133.29
CA THR D 443 -82.13 10.90 -131.87
C THR D 443 -80.90 10.36 -131.29
N VAL D 444 -80.15 11.19 -130.46
CA VAL D 444 -78.96 10.87 -129.73
C VAL D 444 -79.27 9.96 -128.59
N GLY D 445 -78.73 8.74 -128.67
CA GLY D 445 -78.70 7.74 -127.63
C GLY D 445 -78.17 8.22 -126.26
N SER D 446 -78.75 7.81 -125.11
CA SER D 446 -78.12 7.98 -123.83
C SER D 446 -77.22 6.83 -123.51
N THR D 447 -77.11 5.76 -124.30
CA THR D 447 -76.22 4.62 -124.11
C THR D 447 -75.79 4.11 -125.52
N PRO D 448 -74.65 3.40 -125.65
CA PRO D 448 -74.35 2.81 -126.97
C PRO D 448 -75.32 1.70 -127.40
N THR D 449 -75.83 1.87 -128.64
CA THR D 449 -76.91 1.12 -129.29
C THR D 449 -76.12 0.13 -130.12
N LEU D 450 -76.40 -1.21 -129.97
CA LEU D 450 -75.58 -2.27 -130.53
C LEU D 450 -76.35 -3.52 -130.65
N THR D 451 -76.02 -4.40 -131.61
CA THR D 451 -76.48 -5.74 -131.79
C THR D 451 -75.30 -6.50 -131.95
N ASN D 452 -75.20 -7.59 -131.09
CA ASN D 452 -74.05 -8.57 -131.09
C ASN D 452 -74.57 -9.88 -131.64
N TYR D 453 -74.15 -10.23 -132.91
CA TYR D 453 -74.47 -11.43 -133.56
C TYR D 453 -73.70 -12.59 -132.98
N VAL D 454 -74.45 -13.47 -132.33
CA VAL D 454 -73.83 -14.68 -131.76
C VAL D 454 -74.22 -15.83 -132.64
N SER D 455 -73.18 -16.44 -133.27
CA SER D 455 -73.32 -17.56 -134.15
C SER D 455 -72.11 -18.47 -134.24
N GLN D 456 -72.29 -19.83 -134.13
CA GLN D 456 -71.31 -20.85 -134.42
C GLN D 456 -70.97 -21.05 -135.79
N ILE D 457 -69.72 -20.81 -136.18
CA ILE D 457 -69.26 -20.84 -137.52
C ILE D 457 -68.09 -21.73 -137.60
N LEU D 458 -68.14 -22.57 -138.69
CA LEU D 458 -67.03 -23.46 -139.04
C LEU D 458 -65.93 -22.53 -139.63
N LEU D 459 -64.81 -22.39 -138.87
CA LEU D 459 -63.76 -21.51 -139.22
C LEU D 459 -62.60 -22.42 -139.59
N LYS D 460 -61.67 -21.77 -140.37
CA LYS D 460 -60.45 -22.37 -140.70
C LYS D 460 -59.61 -21.24 -141.27
N ALA D 461 -58.32 -21.45 -141.51
CA ALA D 461 -57.40 -20.34 -141.84
C ALA D 461 -56.40 -20.73 -142.93
N VAL D 462 -55.76 -19.70 -143.61
CA VAL D 462 -54.83 -20.07 -144.54
C VAL D 462 -53.63 -19.14 -144.30
N ALA D 463 -52.38 -19.74 -144.28
CA ALA D 463 -51.19 -19.08 -143.84
C ALA D 463 -50.16 -19.37 -144.87
N TYR D 464 -49.20 -18.42 -145.10
CA TYR D 464 -48.18 -18.51 -146.18
C TYR D 464 -46.85 -18.09 -145.55
N GLU D 465 -45.71 -18.66 -146.11
CA GLU D 465 -44.44 -18.59 -145.54
C GLU D 465 -43.46 -19.03 -146.53
N GLY D 466 -42.29 -18.40 -146.53
CA GLY D 466 -41.19 -18.53 -147.42
C GLY D 466 -40.07 -19.06 -146.58
N ILE D 467 -39.13 -19.86 -147.16
CA ILE D 467 -37.81 -20.06 -146.58
C ILE D 467 -36.93 -20.38 -147.71
N ASN D 468 -35.89 -19.59 -147.81
CA ASN D 468 -34.83 -19.66 -148.81
C ASN D 468 -33.83 -20.81 -148.52
N VAL D 469 -34.20 -22.04 -148.87
CA VAL D 469 -33.51 -23.23 -148.66
C VAL D 469 -32.26 -23.36 -149.42
N SER D 470 -31.10 -23.06 -148.76
CA SER D 470 -29.83 -23.13 -149.51
C SER D 470 -29.06 -24.29 -149.04
N THR D 471 -29.74 -25.37 -148.54
CA THR D 471 -29.18 -26.52 -147.92
C THR D 471 -28.44 -27.35 -148.87
N THR D 472 -27.43 -28.05 -148.34
CA THR D 472 -26.53 -28.96 -149.00
C THR D 472 -26.82 -30.34 -148.48
N GLN D 473 -28.04 -30.54 -147.98
CA GLN D 473 -28.52 -31.81 -147.47
C GLN D 473 -29.31 -32.48 -148.58
N SER D 474 -29.20 -31.97 -149.83
CA SER D 474 -29.85 -32.40 -151.07
C SER D 474 -29.76 -33.92 -151.30
N PRO D 475 -30.55 -34.65 -152.09
CA PRO D 475 -31.63 -34.08 -152.82
C PRO D 475 -32.68 -33.53 -151.96
N TYR D 476 -32.76 -34.05 -150.77
CA TYR D 476 -33.65 -33.75 -149.66
C TYR D 476 -33.39 -32.35 -149.16
N TYR D 477 -34.44 -31.54 -149.28
CA TYR D 477 -34.33 -30.17 -148.84
C TYR D 477 -34.90 -30.08 -147.42
N SER D 478 -33.94 -30.31 -146.51
CA SER D 478 -33.91 -30.17 -145.11
C SER D 478 -34.02 -28.66 -144.81
N THR D 479 -35.13 -28.30 -144.21
CA THR D 479 -35.17 -26.94 -143.76
C THR D 479 -36.19 -26.97 -142.59
N ALA D 480 -36.37 -25.85 -142.01
CA ALA D 480 -37.06 -25.63 -140.78
C ALA D 480 -38.03 -24.61 -140.87
N ILE D 481 -39.34 -24.97 -140.75
CA ILE D 481 -40.42 -24.10 -140.99
C ILE D 481 -41.23 -23.65 -139.80
N LEU D 482 -41.77 -22.41 -139.78
CA LEU D 482 -42.48 -21.84 -138.66
C LEU D 482 -43.72 -22.61 -138.40
N SER D 483 -44.28 -22.62 -137.16
CA SER D 483 -45.61 -23.20 -136.95
C SER D 483 -46.71 -22.19 -137.20
N THR D 484 -46.53 -20.94 -136.72
CA THR D 484 -47.35 -19.91 -137.13
C THR D 484 -46.37 -18.83 -137.59
N PRO D 485 -46.39 -18.43 -138.86
CA PRO D 485 -45.44 -17.41 -139.32
C PRO D 485 -46.05 -16.00 -139.20
N PRO D 486 -45.35 -14.93 -139.35
CA PRO D 486 -45.83 -13.56 -139.24
C PRO D 486 -46.32 -13.24 -140.64
N SER D 487 -47.62 -13.36 -141.04
CA SER D 487 -48.08 -13.53 -142.35
C SER D 487 -49.48 -13.01 -142.25
N GLU D 488 -50.07 -12.71 -143.42
CA GLU D 488 -51.48 -12.54 -143.60
C GLU D 488 -52.11 -13.87 -143.57
N ILE D 489 -52.79 -14.19 -142.44
CA ILE D 489 -53.30 -15.54 -142.17
C ILE D 489 -54.81 -15.30 -142.20
N SER D 490 -55.45 -15.54 -143.33
CA SER D 490 -56.85 -15.12 -143.43
C SER D 490 -57.68 -16.10 -142.64
N ILE D 491 -58.65 -15.58 -141.94
CA ILE D 491 -59.56 -16.42 -141.15
C ILE D 491 -60.79 -16.52 -141.97
N THR D 492 -61.38 -17.73 -142.24
CA THR D 492 -62.54 -17.80 -143.14
C THR D 492 -63.57 -18.61 -142.50
N GLY D 493 -64.83 -18.43 -142.97
CA GLY D 493 -65.87 -19.13 -142.35
C GLY D 493 -67.00 -19.27 -143.26
N SER D 494 -67.87 -20.34 -143.10
CA SER D 494 -69.04 -20.53 -143.99
C SER D 494 -70.26 -20.08 -143.20
N SER D 495 -71.40 -19.78 -143.95
CA SER D 495 -72.58 -19.32 -143.26
C SER D 495 -73.62 -19.51 -144.40
N THR D 496 -74.88 -19.11 -144.14
CA THR D 496 -75.91 -19.22 -145.16
C THR D 496 -76.76 -17.97 -144.99
N ILE D 497 -77.28 -17.54 -146.19
CA ILE D 497 -78.28 -16.45 -146.09
C ILE D 497 -79.47 -17.12 -146.69
N THR D 498 -80.71 -16.90 -146.22
CA THR D 498 -81.91 -17.39 -146.70
C THR D 498 -82.76 -16.07 -146.97
N ALA D 499 -83.70 -16.17 -148.02
CA ALA D 499 -84.44 -15.08 -148.54
C ALA D 499 -85.85 -15.50 -148.65
N GLN D 500 -86.82 -14.67 -148.27
CA GLN D 500 -88.22 -14.99 -148.34
C GLN D 500 -88.86 -13.83 -148.98
N GLY D 501 -89.97 -14.01 -149.86
CA GLY D 501 -90.57 -12.84 -150.46
C GLY D 501 -92.01 -13.23 -150.66
N LYS D 502 -92.90 -12.23 -150.47
CA LYS D 502 -94.34 -12.35 -150.65
C LYS D 502 -94.62 -11.56 -151.90
N LEU D 503 -95.24 -12.23 -152.92
CA LEU D 503 -95.29 -11.63 -154.27
C LEU D 503 -96.70 -11.36 -154.63
N THR D 504 -96.98 -10.30 -155.40
CA THR D 504 -98.29 -9.77 -155.72
C THR D 504 -98.51 -9.77 -157.25
N ALA D 505 -98.10 -8.71 -158.00
CA ALA D 505 -98.10 -8.73 -159.46
C ALA D 505 -97.55 -7.41 -159.95
N THR D 506 -97.46 -6.36 -159.07
CA THR D 506 -96.73 -5.15 -159.49
C THR D 506 -96.07 -4.63 -158.18
N SER D 507 -95.93 -5.42 -157.12
CA SER D 507 -95.56 -4.95 -155.77
C SER D 507 -95.08 -6.18 -155.04
N ALA D 508 -94.05 -6.12 -154.13
CA ALA D 508 -93.56 -7.25 -153.40
C ALA D 508 -92.80 -6.82 -152.16
N SER D 509 -93.33 -7.28 -150.97
CA SER D 509 -92.53 -7.10 -149.78
C SER D 509 -91.65 -8.39 -149.66
N ALA D 510 -90.56 -8.29 -148.92
CA ALA D 510 -89.48 -9.27 -148.95
C ALA D 510 -88.74 -9.19 -147.63
N THR D 511 -87.94 -10.19 -147.30
CA THR D 511 -87.15 -10.16 -146.06
C THR D 511 -86.09 -11.22 -146.26
N VAL D 512 -84.96 -11.11 -145.45
CA VAL D 512 -83.85 -12.04 -145.57
C VAL D 512 -83.44 -12.23 -144.14
N ASN D 513 -82.80 -13.40 -143.88
CA ASN D 513 -82.36 -13.88 -142.64
C ASN D 513 -81.00 -14.41 -142.86
N LEU D 514 -80.05 -14.12 -141.92
CA LEU D 514 -78.62 -14.17 -142.18
C LEU D 514 -77.98 -14.08 -140.84
N LEU D 515 -76.79 -14.70 -140.74
CA LEU D 515 -75.96 -14.73 -139.55
C LEU D 515 -76.64 -15.43 -138.36
N THR D 516 -77.77 -16.16 -138.70
CA THR D 516 -78.53 -17.01 -137.72
C THR D 516 -79.02 -16.23 -136.46
N ASN D 517 -79.38 -14.91 -136.72
CA ASN D 517 -80.29 -14.13 -135.87
C ASN D 517 -80.37 -12.72 -136.31
N ALA D 518 -79.68 -12.35 -137.45
CA ALA D 518 -79.90 -11.12 -138.11
C ALA D 518 -81.05 -11.29 -139.15
N THR D 519 -81.95 -10.26 -139.30
CA THR D 519 -83.10 -10.34 -140.18
C THR D 519 -83.22 -8.93 -140.69
N LEU D 520 -83.24 -8.80 -142.03
CA LEU D 520 -83.26 -7.51 -142.63
C LEU D 520 -84.62 -7.55 -143.37
N THR D 521 -85.31 -6.36 -143.58
CA THR D 521 -86.65 -6.36 -144.18
C THR D 521 -86.55 -5.54 -145.40
N TYR D 522 -87.55 -5.70 -146.31
CA TYR D 522 -87.59 -4.89 -147.56
C TYR D 522 -89.06 -4.71 -147.71
N GLU D 523 -89.53 -3.49 -147.54
CA GLU D 523 -90.95 -3.17 -147.71
C GLU D 523 -91.18 -2.84 -149.10
N ASN D 524 -92.35 -3.19 -149.66
CA ASN D 524 -92.89 -3.00 -151.01
C ASN D 524 -91.89 -2.61 -152.10
N ILE D 525 -91.64 -3.47 -153.11
CA ILE D 525 -90.70 -3.22 -154.14
C ILE D 525 -91.52 -3.26 -155.43
N PRO D 526 -91.79 -2.20 -156.19
CA PRO D 526 -92.47 -2.26 -157.52
C PRO D 526 -91.61 -2.89 -158.60
N LEU D 527 -92.19 -3.10 -159.80
CA LEU D 527 -91.41 -3.59 -160.97
C LEU D 527 -90.40 -2.58 -161.30
N THR D 528 -89.09 -3.09 -161.49
CA THR D 528 -87.84 -2.50 -161.91
C THR D 528 -87.33 -1.56 -160.85
N GLN D 529 -87.98 -1.55 -159.62
CA GLN D 529 -87.54 -0.78 -158.49
C GLN D 529 -86.69 -1.61 -157.58
N TYR D 530 -86.00 -0.90 -156.65
CA TYR D 530 -85.16 -1.62 -155.73
C TYR D 530 -85.39 -1.31 -154.28
N SER D 531 -84.90 -2.16 -153.33
CA SER D 531 -84.82 -1.83 -151.93
C SER D 531 -83.58 -2.56 -151.47
N PHE D 532 -82.73 -1.86 -150.69
CA PHE D 532 -81.40 -2.29 -150.35
C PHE D 532 -81.29 -2.32 -148.82
N ASN D 533 -80.58 -3.25 -148.22
CA ASN D 533 -80.33 -3.25 -146.83
C ASN D 533 -79.03 -4.08 -146.66
N GLY D 534 -78.13 -3.64 -145.73
CA GLY D 534 -76.79 -4.19 -145.51
C GLY D 534 -76.31 -3.90 -144.09
N ILE D 535 -75.25 -4.60 -143.70
CA ILE D 535 -74.78 -4.55 -142.34
C ILE D 535 -73.29 -4.79 -142.40
N ILE D 536 -72.47 -4.06 -141.56
CA ILE D 536 -71.05 -4.24 -141.54
C ILE D 536 -70.96 -4.84 -140.18
N VAL D 537 -70.29 -5.93 -140.17
CA VAL D 537 -70.19 -6.74 -138.99
C VAL D 537 -68.76 -7.02 -138.84
N THR D 538 -68.32 -6.61 -137.67
CA THR D 538 -66.89 -6.76 -137.18
C THR D 538 -66.99 -7.68 -135.98
N PRO D 539 -65.94 -8.35 -135.47
CA PRO D 539 -65.91 -9.06 -134.16
C PRO D 539 -66.34 -8.22 -132.94
N GLY D 540 -66.79 -8.90 -131.84
CA GLY D 540 -67.21 -8.36 -130.60
C GLY D 540 -66.19 -8.69 -129.55
N TYR D 541 -64.95 -9.19 -129.97
CA TYR D 541 -63.85 -9.46 -129.12
C TYR D 541 -63.07 -8.22 -129.45
N ALA D 542 -62.92 -7.33 -128.41
CA ALA D 542 -62.29 -6.04 -128.51
C ALA D 542 -60.77 -6.14 -128.27
N ALA D 543 -60.02 -6.41 -129.36
CA ALA D 543 -58.63 -6.50 -129.32
C ALA D 543 -58.17 -6.65 -130.76
N ILE D 544 -59.11 -6.62 -131.77
CA ILE D 544 -58.79 -6.74 -133.17
C ILE D 544 -59.97 -6.24 -133.99
N ASN D 545 -61.17 -6.15 -133.39
CA ASN D 545 -62.28 -5.46 -133.97
C ASN D 545 -62.13 -4.02 -134.24
N GLY D 546 -62.70 -3.66 -135.44
CA GLY D 546 -62.81 -2.28 -135.94
C GLY D 546 -61.74 -2.00 -136.89
N THR D 547 -60.65 -2.87 -136.86
CA THR D 547 -59.47 -2.86 -137.74
C THR D 547 -59.70 -3.79 -138.90
N THR D 548 -60.61 -4.77 -138.73
CA THR D 548 -61.11 -5.59 -139.75
C THR D 548 -62.60 -5.18 -139.92
N ALA D 549 -63.34 -5.69 -140.97
CA ALA D 549 -64.78 -5.47 -141.14
C ALA D 549 -65.33 -6.47 -142.11
N MET D 550 -66.69 -6.60 -142.28
CA MET D 550 -67.25 -7.51 -143.27
C MET D 550 -68.61 -7.03 -143.63
N ALA D 551 -68.80 -6.37 -144.83
CA ALA D 551 -69.99 -5.62 -145.20
C ALA D 551 -70.78 -6.60 -146.13
N TYR D 552 -72.04 -6.30 -146.36
CA TYR D 552 -72.96 -6.92 -147.20
C TYR D 552 -73.99 -5.93 -147.50
N VAL D 553 -74.19 -5.55 -148.75
CA VAL D 553 -75.29 -4.73 -149.12
C VAL D 553 -75.90 -5.45 -150.31
N ILE D 554 -77.25 -5.58 -150.27
CA ILE D 554 -78.02 -6.58 -151.01
C ILE D 554 -79.09 -5.84 -151.63
N GLY D 555 -79.30 -6.03 -152.96
CA GLY D 555 -80.37 -5.39 -153.64
C GLY D 555 -81.36 -6.34 -154.06
N ALA D 556 -82.62 -6.05 -153.70
CA ALA D 556 -83.79 -6.86 -154.07
C ALA D 556 -84.48 -6.21 -155.22
N LEU D 557 -84.82 -6.97 -156.27
CA LEU D 557 -85.47 -6.45 -157.43
C LEU D 557 -86.69 -7.33 -157.67
N TYR D 558 -87.87 -6.72 -157.77
CA TYR D 558 -89.05 -7.49 -158.15
C TYR D 558 -89.15 -7.14 -159.69
N ASN D 559 -89.33 -8.15 -160.62
CA ASN D 559 -89.42 -7.91 -162.05
C ASN D 559 -90.19 -9.04 -162.69
N LYS D 560 -90.44 -8.80 -164.01
CA LYS D 560 -91.09 -9.83 -164.85
C LYS D 560 -90.54 -9.63 -166.32
N THR D 561 -89.87 -10.75 -166.73
CA THR D 561 -89.57 -11.06 -168.11
C THR D 561 -90.64 -11.95 -168.72
N SER D 562 -91.09 -12.89 -167.85
CA SER D 562 -92.26 -13.64 -168.21
C SER D 562 -92.71 -14.55 -167.04
N ASP D 563 -92.13 -14.40 -165.83
CA ASP D 563 -92.57 -15.12 -164.59
C ASP D 563 -92.21 -14.03 -163.59
N TYR D 564 -93.01 -13.77 -162.57
CA TYR D 564 -92.68 -12.83 -161.53
C TYR D 564 -91.56 -13.33 -160.68
N VAL D 565 -90.41 -12.70 -160.96
CA VAL D 565 -89.16 -13.11 -160.34
C VAL D 565 -88.88 -12.02 -159.39
N LEU D 566 -88.70 -12.43 -158.12
CA LEU D 566 -88.05 -11.65 -157.11
C LEU D 566 -86.61 -12.08 -157.16
N SER D 567 -85.61 -11.09 -157.17
CA SER D 567 -84.24 -11.56 -157.07
C SER D 567 -83.60 -10.81 -155.99
N PHE D 568 -82.52 -11.40 -155.48
CA PHE D 568 -81.66 -10.69 -154.64
C PHE D 568 -80.23 -10.85 -155.27
N ALA D 569 -79.39 -9.80 -155.32
CA ALA D 569 -77.95 -9.93 -155.42
C ALA D 569 -77.27 -9.21 -154.28
N GLY D 570 -76.35 -9.88 -153.56
CA GLY D 570 -75.70 -9.25 -152.41
C GLY D 570 -74.22 -9.29 -152.40
N SER D 571 -73.57 -8.18 -151.99
CA SER D 571 -72.17 -7.91 -152.09
C SER D 571 -71.73 -8.54 -150.86
N GLN D 572 -70.45 -8.99 -150.77
CA GLN D 572 -69.79 -9.51 -149.59
C GLN D 572 -68.42 -8.93 -149.71
N GLU D 573 -68.05 -8.19 -148.70
CA GLU D 573 -66.93 -7.22 -148.80
C GLU D 573 -66.09 -7.33 -147.51
N PRO D 574 -65.19 -8.24 -147.39
CA PRO D 574 -64.19 -8.28 -146.29
C PRO D 574 -63.26 -7.11 -146.41
N MET D 575 -63.10 -6.37 -145.32
CA MET D 575 -62.59 -5.09 -145.25
C MET D 575 -61.57 -4.89 -144.19
N GLN D 576 -60.84 -3.75 -144.14
CA GLN D 576 -59.90 -3.36 -143.08
C GLN D 576 -59.85 -1.85 -142.90
N VAL D 577 -59.50 -1.26 -141.66
CA VAL D 577 -59.43 0.16 -141.42
C VAL D 577 -58.01 0.36 -141.16
N MET D 578 -57.53 1.45 -141.81
CA MET D 578 -56.20 1.96 -141.58
C MET D 578 -56.41 3.38 -142.05
N ASN D 579 -55.86 4.32 -141.27
CA ASN D 579 -55.86 5.76 -141.56
C ASN D 579 -57.23 6.39 -141.24
N ASN D 580 -58.20 5.48 -140.86
CA ASN D 580 -59.62 5.80 -140.61
C ASN D 580 -60.45 5.66 -141.82
N ASN D 581 -59.85 4.95 -142.82
CA ASN D 581 -60.39 4.71 -144.12
C ASN D 581 -60.64 3.30 -144.13
N LEU D 582 -61.98 2.99 -144.19
CA LEU D 582 -62.50 1.63 -144.19
C LEU D 582 -62.41 1.10 -145.65
N THR D 583 -61.19 0.57 -145.89
CA THR D 583 -60.69 0.13 -147.12
C THR D 583 -60.93 -1.32 -147.34
N GLU D 584 -61.74 -1.62 -148.42
CA GLU D 584 -61.95 -2.90 -148.99
C GLU D 584 -60.65 -3.44 -149.52
N VAL D 585 -60.43 -4.74 -149.28
CA VAL D 585 -59.24 -5.42 -149.80
C VAL D 585 -59.76 -6.21 -151.02
N THR D 586 -60.91 -6.91 -150.95
CA THR D 586 -61.50 -7.60 -152.09
C THR D 586 -62.99 -7.74 -151.89
N THR D 587 -63.75 -7.91 -152.97
CA THR D 587 -65.08 -8.43 -152.73
C THR D 587 -65.12 -9.86 -153.07
N LEU D 588 -66.06 -10.60 -152.34
CA LEU D 588 -66.30 -12.01 -152.60
C LEU D 588 -67.50 -12.19 -153.58
N ALA D 589 -67.74 -13.41 -154.17
CA ALA D 589 -68.73 -13.73 -155.09
C ALA D 589 -70.17 -13.34 -154.68
N PRO D 590 -70.92 -12.58 -155.49
CA PRO D 590 -72.31 -12.23 -155.25
C PRO D 590 -73.23 -13.40 -155.17
N PHE D 591 -73.93 -13.60 -154.00
CA PHE D 591 -74.84 -14.63 -153.82
C PHE D 591 -76.12 -14.16 -154.51
N GLY D 592 -76.63 -15.04 -155.39
CA GLY D 592 -77.70 -14.66 -156.24
C GLY D 592 -78.94 -15.43 -155.93
N LEU D 593 -80.15 -14.78 -155.66
CA LEU D 593 -81.28 -15.66 -155.26
C LEU D 593 -82.39 -15.41 -156.20
N THR D 594 -82.70 -16.35 -157.09
CA THR D 594 -83.67 -16.28 -158.15
C THR D 594 -84.86 -17.00 -157.62
N LEU D 595 -85.98 -16.26 -157.50
CA LEU D 595 -87.28 -16.77 -157.01
C LEU D 595 -88.35 -16.70 -158.09
N LEU D 596 -88.46 -17.88 -158.82
CA LEU D 596 -89.29 -18.07 -159.97
C LEU D 596 -90.71 -18.45 -159.47
N ALA D 597 -91.71 -17.66 -159.86
CA ALA D 597 -93.07 -17.80 -159.35
C ALA D 597 -93.89 -17.98 -160.64
N PRO D 598 -94.21 -19.17 -161.07
CA PRO D 598 -94.94 -19.43 -162.27
C PRO D 598 -96.38 -18.82 -162.14
N SER D 599 -97.01 -18.78 -160.92
CA SER D 599 -98.27 -18.22 -160.65
C SER D 599 -98.09 -16.69 -160.50
N VAL D 600 -99.03 -15.86 -160.94
CA VAL D 600 -98.83 -14.45 -160.88
C VAL D 600 -98.67 -13.93 -159.44
N PRO D 601 -99.53 -14.24 -158.50
CA PRO D 601 -99.13 -13.95 -157.14
C PRO D 601 -98.38 -15.11 -156.58
N ALA D 602 -97.66 -14.98 -155.42
CA ALA D 602 -97.09 -16.21 -154.80
C ALA D 602 -96.52 -15.90 -153.44
N THR D 603 -95.83 -16.92 -152.95
CA THR D 603 -94.90 -16.92 -151.84
C THR D 603 -93.69 -17.81 -152.13
N GLU D 604 -92.45 -17.27 -152.27
CA GLU D 604 -91.32 -18.01 -152.68
C GLU D 604 -90.27 -17.87 -151.64
N THR D 605 -89.32 -18.74 -151.65
CA THR D 605 -88.24 -18.76 -150.71
C THR D 605 -86.98 -19.37 -151.43
N GLY D 606 -85.75 -18.95 -150.98
CA GLY D 606 -84.57 -19.52 -151.53
C GLY D 606 -83.48 -19.50 -150.42
N THR D 607 -82.44 -20.30 -150.64
CA THR D 607 -81.30 -20.32 -149.67
C THR D 607 -80.10 -20.24 -150.58
N SER D 608 -78.96 -19.72 -150.13
CA SER D 608 -77.76 -19.53 -150.92
C SER D 608 -76.57 -19.35 -149.94
N PRO D 609 -75.31 -19.57 -150.41
CA PRO D 609 -74.22 -19.42 -149.51
C PRO D 609 -73.94 -18.01 -149.03
N LEU D 610 -73.27 -18.00 -147.94
CA LEU D 610 -72.73 -16.74 -147.33
C LEU D 610 -71.38 -17.15 -146.82
N GLN D 611 -70.46 -16.18 -146.80
CA GLN D 611 -69.09 -16.41 -146.32
C GLN D 611 -68.82 -15.30 -145.39
N LEU D 612 -67.99 -15.56 -144.34
CA LEU D 612 -67.41 -14.56 -143.40
C LEU D 612 -65.96 -14.61 -143.69
N GLU D 613 -65.25 -13.48 -143.66
CA GLU D 613 -63.78 -13.47 -143.81
C GLU D 613 -63.16 -12.23 -143.17
N PHE D 614 -62.14 -12.46 -142.31
CA PHE D 614 -61.51 -11.39 -141.58
C PHE D 614 -59.96 -11.60 -141.64
N PHE D 615 -59.17 -10.52 -141.78
CA PHE D 615 -57.80 -10.65 -142.11
C PHE D 615 -56.93 -10.31 -140.93
N THR D 616 -55.78 -11.10 -140.73
CA THR D 616 -54.94 -10.76 -139.63
C THR D 616 -53.64 -10.25 -140.13
N VAL D 617 -53.27 -9.02 -139.69
CA VAL D 617 -52.01 -8.37 -139.84
C VAL D 617 -50.91 -9.31 -139.23
N PRO D 618 -49.67 -9.42 -139.80
CA PRO D 618 -48.51 -10.14 -139.28
C PRO D 618 -48.27 -10.00 -137.81
N SER D 619 -48.31 -8.80 -137.18
CA SER D 619 -47.97 -8.57 -135.84
C SER D 619 -48.89 -9.28 -134.91
N THR D 620 -50.23 -9.16 -135.25
CA THR D 620 -51.31 -9.69 -134.54
C THR D 620 -51.59 -11.13 -135.01
N SER D 621 -50.75 -11.82 -135.83
CA SER D 621 -51.20 -12.97 -136.60
C SER D 621 -51.33 -14.23 -135.72
N TYR D 622 -50.71 -14.13 -134.51
CA TYR D 622 -50.68 -15.23 -133.59
C TYR D 622 -51.71 -14.82 -132.56
N ILE D 623 -51.62 -13.55 -132.17
CA ILE D 623 -52.38 -13.01 -131.05
C ILE D 623 -53.91 -13.25 -131.29
N ALA D 624 -54.42 -12.77 -132.48
CA ALA D 624 -55.74 -12.97 -133.04
C ALA D 624 -56.06 -14.42 -133.28
N LEU D 625 -55.15 -15.23 -133.85
CA LEU D 625 -55.46 -16.65 -134.07
C LEU D 625 -55.78 -17.44 -132.81
N VAL D 626 -55.10 -17.03 -131.67
CA VAL D 626 -55.22 -17.63 -130.40
C VAL D 626 -56.52 -17.10 -129.86
N ASP D 627 -56.83 -15.81 -130.09
CA ASP D 627 -58.04 -15.14 -129.56
C ASP D 627 -59.37 -15.64 -130.10
N PHE D 628 -59.36 -15.95 -131.43
CA PHE D 628 -60.52 -16.51 -132.10
C PHE D 628 -60.52 -18.07 -131.80
N GLY D 629 -59.61 -18.61 -130.88
CA GLY D 629 -59.61 -19.94 -130.38
C GLY D 629 -59.43 -21.07 -131.46
N LEU D 630 -58.71 -20.85 -132.60
CA LEU D 630 -58.58 -21.80 -133.60
C LEU D 630 -57.20 -22.47 -133.47
N TRP D 631 -56.32 -22.06 -132.58
CA TRP D 631 -55.09 -22.72 -132.35
C TRP D 631 -55.18 -23.59 -131.14
N GLY D 632 -56.09 -24.63 -131.29
CA GLY D 632 -56.34 -25.74 -130.35
C GLY D 632 -55.23 -26.46 -129.87
N ASN D 633 -55.64 -27.39 -128.99
CA ASN D 633 -54.65 -28.27 -128.37
C ASN D 633 -54.54 -29.61 -129.18
N LEU D 634 -55.31 -29.67 -130.30
CA LEU D 634 -55.17 -30.80 -131.13
C LEU D 634 -55.93 -30.41 -132.38
N THR D 635 -55.75 -29.13 -132.88
CA THR D 635 -56.32 -28.70 -134.14
C THR D 635 -55.62 -29.34 -135.32
N SER D 636 -56.36 -29.96 -136.32
CA SER D 636 -55.66 -30.57 -137.43
C SER D 636 -55.08 -29.38 -138.28
N VAL D 637 -53.95 -29.69 -138.95
CA VAL D 637 -53.27 -28.69 -139.76
C VAL D 637 -52.78 -29.54 -140.91
N THR D 638 -53.32 -29.20 -142.12
CA THR D 638 -52.96 -29.70 -143.44
C THR D 638 -51.80 -28.85 -143.88
N VAL D 639 -50.53 -29.39 -144.03
CA VAL D 639 -49.44 -28.54 -144.48
C VAL D 639 -49.26 -29.00 -145.89
N SER D 640 -49.11 -28.06 -146.74
CA SER D 640 -48.61 -28.29 -148.12
C SER D 640 -47.43 -27.41 -148.50
N ALA D 641 -46.48 -28.00 -149.24
CA ALA D 641 -45.37 -27.25 -149.79
C ALA D 641 -45.62 -27.19 -151.32
N TYR D 642 -44.98 -26.30 -151.98
CA TYR D 642 -45.10 -26.06 -153.40
C TYR D 642 -43.71 -25.75 -153.71
N ASP D 643 -43.10 -26.49 -154.73
CA ASP D 643 -41.91 -26.29 -155.41
C ASP D 643 -42.12 -25.12 -156.25
N THR D 644 -41.38 -24.06 -155.88
CA THR D 644 -41.63 -22.79 -156.41
C THR D 644 -40.61 -22.41 -157.46
N VAL D 645 -39.81 -23.40 -157.76
CA VAL D 645 -38.82 -23.14 -158.79
C VAL D 645 -39.29 -23.84 -160.03
N ASN D 646 -39.66 -25.17 -160.07
CA ASN D 646 -39.84 -25.99 -161.24
C ASN D 646 -41.32 -26.03 -161.52
N ASN D 647 -42.16 -25.53 -160.55
CA ASN D 647 -43.61 -25.49 -160.45
C ASN D 647 -44.27 -26.88 -160.41
N LYS D 648 -43.92 -27.70 -159.39
CA LYS D 648 -44.59 -28.93 -159.07
C LYS D 648 -45.26 -28.89 -157.66
N LEU D 649 -46.40 -29.53 -157.54
CA LEU D 649 -47.25 -29.42 -156.37
C LEU D 649 -47.23 -30.73 -155.72
N SER D 650 -47.03 -30.83 -154.39
CA SER D 650 -47.07 -32.12 -153.65
C SER D 650 -48.44 -32.84 -153.69
N VAL D 651 -48.38 -34.24 -153.64
CA VAL D 651 -49.50 -35.10 -153.79
C VAL D 651 -49.67 -35.85 -152.55
N ASN D 652 -48.68 -35.96 -151.62
CA ASN D 652 -48.71 -36.51 -150.31
C ASN D 652 -48.40 -35.33 -149.47
N LEU D 653 -49.38 -34.74 -148.76
CA LEU D 653 -49.22 -33.64 -147.89
C LEU D 653 -48.78 -34.01 -146.57
N GLY D 654 -47.95 -33.04 -145.98
CA GLY D 654 -47.56 -33.05 -144.57
C GLY D 654 -48.72 -32.68 -143.72
N TYR D 655 -48.62 -33.10 -142.42
CA TYR D 655 -49.60 -32.71 -141.55
C TYR D 655 -48.92 -32.79 -140.16
N PHE D 656 -49.13 -31.73 -139.28
CA PHE D 656 -48.78 -31.89 -137.91
C PHE D 656 -50.09 -31.80 -137.15
N TYR D 657 -49.97 -31.86 -135.82
CA TYR D 657 -51.11 -31.60 -134.98
C TYR D 657 -50.83 -30.46 -134.14
N GLY D 658 -51.39 -29.30 -134.41
CA GLY D 658 -51.43 -28.03 -133.65
C GLY D 658 -51.85 -28.20 -132.21
N ILE D 659 -51.05 -27.84 -131.18
CA ILE D 659 -51.18 -28.19 -129.84
C ILE D 659 -50.47 -27.08 -129.19
N VAL D 660 -50.78 -26.88 -127.90
CA VAL D 660 -50.03 -25.96 -127.06
C VAL D 660 -49.82 -26.69 -125.71
N ILE D 661 -48.57 -26.57 -125.22
CA ILE D 661 -48.11 -27.21 -124.03
C ILE D 661 -47.49 -26.09 -123.20
N PRO D 662 -47.78 -26.00 -121.90
CA PRO D 662 -47.15 -24.97 -121.10
C PRO D 662 -45.79 -25.48 -120.52
N PRO D 663 -44.75 -24.58 -120.33
CA PRO D 663 -43.40 -24.87 -119.74
C PRO D 663 -43.44 -25.47 -118.31
N SER D 664 -42.32 -26.09 -117.79
CA SER D 664 -42.23 -26.25 -116.32
C SER D 664 -40.91 -25.83 -115.93
N ILE D 665 -40.91 -25.35 -114.63
CA ILE D 665 -39.64 -25.01 -114.04
C ILE D 665 -39.36 -26.21 -113.17
N SER D 666 -38.05 -26.55 -113.10
CA SER D 666 -37.46 -27.66 -112.34
C SER D 666 -36.20 -27.16 -111.82
N THR D 667 -35.67 -27.87 -110.88
CA THR D 667 -34.67 -27.34 -110.01
C THR D 667 -33.77 -28.48 -109.59
N ALA D 668 -32.42 -28.21 -109.60
CA ALA D 668 -31.45 -29.16 -109.16
C ALA D 668 -31.34 -28.76 -107.71
N PRO D 669 -31.12 -29.65 -106.76
CA PRO D 669 -31.26 -29.37 -105.35
C PRO D 669 -30.44 -28.19 -104.71
N TYR D 670 -30.98 -27.44 -103.67
CA TYR D 670 -30.28 -26.52 -102.86
C TYR D 670 -30.17 -27.10 -101.46
N ASN D 671 -29.02 -26.89 -100.88
CA ASN D 671 -28.70 -27.13 -99.48
C ASN D 671 -28.07 -25.80 -99.10
N TYR D 672 -27.88 -25.63 -97.82
CA TYR D 672 -26.99 -24.61 -97.19
C TYR D 672 -25.66 -24.52 -97.91
N GLN D 673 -25.17 -25.73 -98.18
CA GLN D 673 -23.95 -26.13 -98.86
C GLN D 673 -23.71 -25.41 -100.08
N ASN D 674 -24.81 -25.35 -100.90
CA ASN D 674 -24.88 -24.72 -102.20
C ASN D 674 -24.97 -23.29 -102.22
N PHE D 675 -24.86 -22.65 -101.07
CA PHE D 675 -24.67 -21.20 -101.00
C PHE D 675 -23.48 -20.87 -100.09
N ILE D 676 -22.49 -21.73 -99.96
CA ILE D 676 -21.26 -21.52 -99.27
C ILE D 676 -20.19 -21.01 -100.23
N CYS D 677 -19.86 -21.79 -101.28
CA CYS D 677 -18.71 -21.56 -102.16
C CYS D 677 -19.12 -21.06 -103.51
N PRO D 678 -18.22 -20.51 -104.37
CA PRO D 678 -18.59 -19.89 -105.62
C PRO D 678 -18.57 -20.98 -106.68
N ASN D 679 -18.49 -22.27 -106.28
CA ASN D 679 -18.57 -23.48 -107.17
C ASN D 679 -19.60 -24.40 -106.70
N ASN D 680 -20.30 -23.97 -105.70
CA ASN D 680 -21.41 -24.60 -105.05
C ASN D 680 -22.62 -23.75 -105.46
N TYR D 681 -23.60 -24.40 -106.13
CA TYR D 681 -24.71 -23.65 -106.75
C TYR D 681 -25.87 -24.53 -107.14
N VAL D 682 -26.92 -23.83 -107.42
CA VAL D 682 -28.14 -24.43 -107.67
C VAL D 682 -28.60 -23.91 -108.99
N THR D 683 -29.10 -24.89 -109.83
CA THR D 683 -29.42 -24.77 -111.19
C THR D 683 -30.93 -25.04 -111.34
N VAL D 684 -31.59 -23.97 -111.86
CA VAL D 684 -32.93 -23.94 -112.29
C VAL D 684 -32.78 -24.30 -113.73
N THR D 685 -33.44 -25.47 -114.14
CA THR D 685 -33.39 -25.79 -115.47
C THR D 685 -34.77 -25.44 -116.00
N ILE D 686 -34.91 -24.43 -116.90
CA ILE D 686 -36.07 -23.90 -117.51
C ILE D 686 -36.42 -24.82 -118.65
N TYR D 687 -37.43 -25.73 -118.54
CA TYR D 687 -37.96 -26.54 -119.56
C TYR D 687 -39.01 -25.71 -120.33
N ASP D 688 -38.71 -25.30 -121.58
CA ASP D 688 -39.75 -24.57 -122.35
C ASP D 688 -39.43 -24.97 -123.77
N PRO D 689 -40.29 -25.83 -124.37
CA PRO D 689 -40.09 -26.14 -125.79
C PRO D 689 -40.26 -24.96 -126.75
N ASP D 690 -41.18 -23.94 -126.43
CA ASP D 690 -41.47 -22.76 -127.21
C ASP D 690 -40.36 -21.72 -127.11
N ALA D 691 -39.39 -21.95 -126.22
CA ALA D 691 -38.21 -21.16 -126.27
C ALA D 691 -37.20 -21.64 -127.27
N VAL D 692 -37.39 -22.85 -127.72
CA VAL D 692 -36.61 -23.43 -128.82
C VAL D 692 -37.43 -23.22 -130.01
N LEU D 693 -36.96 -22.36 -130.98
CA LEU D 693 -37.67 -22.10 -132.21
C LEU D 693 -36.92 -23.00 -133.16
N ASP D 694 -35.77 -22.51 -133.72
CA ASP D 694 -34.79 -23.38 -134.39
C ASP D 694 -34.11 -24.42 -133.47
N PRO D 695 -34.06 -25.69 -133.96
CA PRO D 695 -33.35 -26.70 -133.23
C PRO D 695 -31.90 -26.58 -133.82
N TYR D 696 -31.09 -25.82 -133.12
CA TYR D 696 -29.69 -25.65 -133.47
C TYR D 696 -29.21 -24.57 -132.51
N PRO D 697 -28.13 -24.67 -131.71
CA PRO D 697 -27.76 -23.59 -130.78
C PRO D 697 -27.14 -22.40 -131.54
N SER D 698 -27.47 -21.16 -131.16
CA SER D 698 -27.16 -19.95 -131.83
C SER D 698 -27.97 -19.95 -133.12
N GLY D 699 -29.14 -20.57 -133.16
CA GLY D 699 -29.95 -20.71 -134.39
C GLY D 699 -30.78 -19.46 -134.63
N SER D 700 -30.06 -18.41 -135.15
CA SER D 700 -30.70 -17.09 -135.32
C SER D 700 -31.18 -17.13 -136.73
N PHE D 701 -32.32 -16.60 -136.96
CA PHE D 701 -32.98 -16.36 -138.18
C PHE D 701 -33.63 -15.01 -138.15
N THR D 702 -33.97 -14.43 -139.35
CA THR D 702 -34.77 -13.17 -139.54
C THR D 702 -35.89 -13.53 -140.46
N THR D 703 -36.94 -12.76 -140.42
CA THR D 703 -38.17 -13.22 -141.12
C THR D 703 -38.81 -11.96 -141.61
N SER D 704 -38.88 -11.91 -142.94
CA SER D 704 -39.20 -10.71 -143.62
C SER D 704 -40.48 -10.89 -144.35
N SER D 705 -41.26 -9.79 -144.37
CA SER D 705 -42.51 -9.60 -145.13
C SER D 705 -42.28 -9.28 -146.62
N LEU D 706 -42.91 -9.99 -147.64
CA LEU D 706 -42.85 -9.68 -149.07
C LEU D 706 -44.15 -10.26 -149.60
N PRO D 707 -44.49 -10.13 -150.90
CA PRO D 707 -45.25 -11.03 -151.69
C PRO D 707 -44.56 -12.34 -151.95
N LEU D 708 -45.31 -13.50 -151.92
CA LEU D 708 -44.66 -14.76 -152.02
C LEU D 708 -45.50 -15.61 -152.93
N LYS D 709 -44.85 -16.19 -153.96
CA LYS D 709 -45.58 -17.01 -154.91
C LYS D 709 -45.88 -18.34 -154.19
N TYR D 710 -47.19 -18.50 -153.79
CA TYR D 710 -47.74 -19.76 -153.50
C TYR D 710 -48.86 -19.99 -154.44
N GLY D 711 -48.89 -21.16 -155.06
CA GLY D 711 -49.96 -21.59 -155.92
C GLY D 711 -50.11 -20.74 -157.18
N ASN D 712 -50.90 -19.65 -157.10
CA ASN D 712 -51.32 -18.79 -158.21
C ASN D 712 -51.61 -17.43 -157.61
N MET D 713 -50.97 -17.07 -156.45
CA MET D 713 -51.35 -15.86 -155.85
C MET D 713 -50.12 -15.35 -155.09
N ASN D 714 -50.04 -14.04 -154.79
CA ASN D 714 -49.00 -13.36 -154.03
C ASN D 714 -49.61 -12.78 -152.79
N ILE D 715 -49.74 -13.66 -151.78
CA ILE D 715 -50.22 -13.27 -150.47
C ILE D 715 -48.89 -12.81 -149.77
N THR D 716 -49.05 -11.77 -148.95
CA THR D 716 -48.11 -11.26 -148.11
C THR D 716 -47.77 -12.17 -147.00
N GLY D 717 -46.79 -12.99 -147.29
CA GLY D 717 -46.31 -14.15 -146.43
C GLY D 717 -45.01 -13.84 -145.78
N ALA D 718 -44.45 -14.87 -145.18
CA ALA D 718 -43.25 -14.60 -144.33
C ALA D 718 -42.07 -15.41 -144.80
N VAL D 719 -41.11 -14.75 -145.51
CA VAL D 719 -39.91 -15.32 -145.94
C VAL D 719 -38.94 -15.52 -144.74
N ILE D 720 -38.52 -16.75 -144.35
CA ILE D 720 -37.51 -16.94 -143.39
C ILE D 720 -36.12 -16.89 -144.03
N PHE D 721 -35.60 -15.68 -144.08
CA PHE D 721 -34.17 -15.43 -144.34
C PHE D 721 -33.26 -15.79 -143.20
N PRO D 722 -32.42 -16.75 -143.33
CA PRO D 722 -31.48 -17.08 -142.28
C PRO D 722 -30.50 -15.87 -141.99
N GLY D 723 -30.37 -15.41 -140.71
CA GLY D 723 -29.62 -14.21 -140.46
C GLY D 723 -29.84 -13.61 -139.12
N SER D 724 -29.08 -12.54 -138.73
CA SER D 724 -29.08 -11.83 -137.47
C SER D 724 -29.53 -10.45 -137.66
N SER D 725 -29.85 -10.15 -138.97
CA SER D 725 -30.10 -8.80 -139.49
C SER D 725 -31.43 -8.79 -140.12
N VAL D 726 -32.34 -7.89 -139.69
CA VAL D 726 -33.71 -7.85 -140.28
C VAL D 726 -33.67 -7.04 -141.46
N TYR D 727 -34.22 -7.64 -142.59
CA TYR D 727 -34.29 -6.97 -143.89
C TYR D 727 -35.86 -6.78 -144.12
N ASN D 728 -36.25 -6.17 -145.32
CA ASN D 728 -37.46 -6.26 -145.98
C ASN D 728 -37.31 -5.84 -147.40
N PRO D 729 -36.86 -6.73 -148.39
CA PRO D 729 -36.51 -6.34 -149.70
C PRO D 729 -37.78 -6.27 -150.59
N SER D 730 -37.67 -6.08 -151.95
CA SER D 730 -38.81 -5.88 -152.84
C SER D 730 -38.75 -6.89 -153.91
N GLY D 731 -39.59 -6.71 -154.99
CA GLY D 731 -39.90 -7.70 -155.99
C GLY D 731 -40.69 -8.77 -155.32
N VAL D 732 -40.70 -10.05 -155.80
CA VAL D 732 -41.50 -11.23 -155.51
C VAL D 732 -40.58 -12.34 -155.13
N PHE D 733 -41.03 -13.19 -154.16
CA PHE D 733 -40.13 -14.19 -153.65
C PHE D 733 -40.61 -15.45 -154.40
N GLY D 734 -39.63 -16.35 -154.72
CA GLY D 734 -39.83 -17.72 -155.21
C GLY D 734 -38.79 -17.89 -156.28
N TYR D 735 -38.21 -16.80 -156.82
CA TYR D 735 -36.91 -16.84 -157.47
C TYR D 735 -36.05 -16.01 -156.55
N SER D 736 -34.77 -15.63 -156.85
CA SER D 736 -34.02 -14.60 -156.11
C SER D 736 -34.13 -13.17 -156.56
N ASN D 737 -35.42 -12.84 -156.78
CA ASN D 737 -36.04 -11.56 -157.27
C ASN D 737 -36.45 -10.73 -156.04
N PHE D 738 -36.16 -11.28 -154.80
CA PHE D 738 -36.07 -10.51 -153.58
C PHE D 738 -34.99 -9.50 -153.64
N ASN D 739 -35.31 -8.26 -153.84
CA ASN D 739 -34.40 -7.20 -154.26
C ASN D 739 -33.51 -6.66 -153.11
N LYS D 740 -32.55 -7.48 -152.60
CA LYS D 740 -31.86 -7.04 -151.42
C LYS D 740 -30.87 -5.95 -151.65
N GLY D 741 -30.73 -5.21 -150.58
CA GLY D 741 -29.99 -4.00 -150.58
C GLY D 741 -30.29 -3.45 -149.25
N ALA D 742 -31.61 -3.47 -148.96
CA ALA D 742 -32.26 -2.83 -147.81
C ALA D 742 -32.10 -3.72 -146.61
N ALA D 743 -31.69 -3.11 -145.45
CA ALA D 743 -31.72 -3.79 -144.22
C ALA D 743 -32.11 -2.75 -143.29
N VAL D 744 -33.19 -2.99 -142.49
CA VAL D 744 -33.86 -2.00 -141.53
C VAL D 744 -33.35 -2.10 -140.10
N THR D 745 -32.56 -3.15 -139.71
CA THR D 745 -31.82 -3.05 -138.50
C THR D 745 -30.78 -4.11 -138.55
N THR D 746 -29.79 -4.05 -137.69
CA THR D 746 -28.92 -5.21 -137.53
C THR D 746 -28.92 -5.38 -136.04
N PHE D 747 -29.40 -6.56 -135.52
CA PHE D 747 -29.55 -6.76 -134.11
C PHE D 747 -28.31 -7.31 -133.51
N THR D 748 -27.92 -6.92 -132.26
CA THR D 748 -26.79 -7.62 -131.66
C THR D 748 -26.90 -7.48 -130.14
N TYR D 749 -26.31 -8.41 -129.39
CA TYR D 749 -26.23 -8.40 -127.95
C TYR D 749 -24.99 -7.64 -127.57
N THR D 750 -25.12 -6.30 -127.35
CA THR D 750 -24.06 -5.38 -127.09
C THR D 750 -23.83 -5.39 -125.63
N ALA D 751 -22.54 -5.32 -125.18
CA ALA D 751 -22.22 -5.24 -123.82
C ALA D 751 -22.99 -4.10 -123.15
N GLN D 752 -23.51 -4.46 -121.99
CA GLN D 752 -24.45 -3.65 -121.24
C GLN D 752 -23.65 -3.39 -119.95
N SER D 753 -23.62 -2.09 -119.44
CA SER D 753 -23.02 -1.57 -118.19
C SER D 753 -23.66 -2.31 -117.07
N GLY D 754 -22.85 -2.45 -116.05
CA GLY D 754 -23.31 -3.20 -114.86
C GLY D 754 -22.30 -4.15 -114.40
N PRO D 755 -22.22 -4.56 -113.15
CA PRO D 755 -21.25 -5.43 -112.58
C PRO D 755 -21.63 -6.86 -112.91
N PHE D 756 -20.63 -7.76 -113.07
CA PHE D 756 -20.66 -9.17 -113.35
C PHE D 756 -20.86 -9.50 -114.88
N SER D 757 -20.60 -8.54 -115.78
CA SER D 757 -20.69 -8.53 -117.18
C SER D 757 -22.06 -8.87 -117.64
N PRO D 758 -23.20 -8.12 -117.40
CA PRO D 758 -24.51 -8.46 -117.95
C PRO D 758 -24.48 -8.21 -119.48
N VAL D 759 -25.38 -8.85 -120.40
CA VAL D 759 -25.61 -8.42 -121.75
C VAL D 759 -27.09 -7.98 -121.87
N ALA D 760 -27.34 -7.00 -122.75
CA ALA D 760 -28.64 -6.71 -123.27
C ALA D 760 -28.56 -6.60 -124.73
N LEU D 761 -29.61 -7.15 -125.26
CA LEU D 761 -29.87 -7.01 -126.74
C LEU D 761 -30.09 -5.56 -127.10
N THR D 762 -29.69 -5.10 -128.29
CA THR D 762 -30.02 -3.85 -128.87
C THR D 762 -30.25 -4.19 -130.29
N GLY D 763 -30.46 -3.18 -131.19
CA GLY D 763 -31.36 -3.25 -132.32
C GLY D 763 -32.68 -2.73 -131.73
N ASN D 764 -33.55 -2.27 -132.68
CA ASN D 764 -34.75 -1.66 -132.31
C ASN D 764 -35.92 -2.67 -132.05
N THR D 765 -36.88 -2.39 -131.14
CA THR D 765 -37.63 -3.41 -130.40
C THR D 765 -38.85 -3.74 -131.20
N ASN D 766 -39.26 -2.92 -132.25
CA ASN D 766 -40.44 -3.26 -133.07
C ASN D 766 -40.09 -4.13 -134.29
N TYR D 767 -38.83 -4.58 -134.41
CA TYR D 767 -38.31 -5.37 -135.48
C TYR D 767 -37.89 -6.66 -134.77
N LEU D 768 -38.26 -6.77 -133.49
CA LEU D 768 -38.04 -7.95 -132.73
C LEU D 768 -39.19 -8.96 -132.92
N SER D 769 -40.11 -8.58 -133.78
CA SER D 769 -41.17 -9.49 -134.34
C SER D 769 -40.77 -9.95 -135.70
N GLN D 770 -39.54 -9.57 -136.10
CA GLN D 770 -38.96 -10.10 -137.33
C GLN D 770 -37.64 -10.67 -136.93
N TYR D 771 -37.19 -10.52 -135.67
CA TYR D 771 -35.96 -11.08 -135.17
C TYR D 771 -36.32 -12.22 -134.32
N ALA D 772 -35.45 -13.30 -134.32
CA ALA D 772 -35.59 -14.37 -133.39
C ALA D 772 -34.21 -14.94 -133.21
N ASP D 773 -33.77 -15.42 -132.03
CA ASP D 773 -32.51 -16.12 -131.80
C ASP D 773 -32.92 -16.87 -130.44
N ASN D 774 -32.45 -18.13 -130.31
CA ASN D 774 -32.85 -19.05 -129.33
C ASN D 774 -32.45 -18.58 -127.92
N ASN D 775 -33.51 -18.16 -127.19
CA ASN D 775 -33.27 -17.92 -125.80
C ASN D 775 -34.63 -17.57 -125.31
N PRO D 776 -35.02 -17.93 -124.07
CA PRO D 776 -36.37 -17.66 -123.51
C PRO D 776 -36.66 -16.12 -123.45
N THR D 777 -35.60 -15.30 -123.26
CA THR D 777 -35.66 -13.95 -122.80
C THR D 777 -35.54 -13.06 -123.98
N ASP D 778 -35.81 -13.46 -125.23
CA ASP D 778 -36.09 -12.41 -126.18
C ASP D 778 -37.33 -12.76 -127.03
N ASN D 779 -37.55 -14.13 -127.27
CA ASN D 779 -38.54 -14.65 -128.15
C ASN D 779 -39.99 -14.42 -127.77
N TYR D 780 -40.29 -13.71 -126.62
CA TYR D 780 -41.63 -13.16 -126.34
C TYR D 780 -41.95 -11.88 -127.13
N TYR D 781 -41.23 -11.62 -128.17
CA TYR D 781 -41.60 -10.60 -129.06
C TYR D 781 -42.00 -11.20 -130.37
N PHE D 782 -41.61 -12.50 -130.71
CA PHE D 782 -41.57 -12.94 -132.12
C PHE D 782 -42.86 -12.71 -132.93
N ILE D 783 -44.04 -13.11 -132.35
CA ILE D 783 -45.30 -12.66 -132.88
C ILE D 783 -46.04 -12.76 -131.54
N GLN D 784 -46.24 -11.55 -130.91
CA GLN D 784 -46.87 -11.24 -129.72
C GLN D 784 -46.47 -9.86 -129.30
N THR D 785 -46.10 -9.07 -130.36
CA THR D 785 -45.76 -7.70 -130.20
C THR D 785 -46.41 -7.03 -131.32
N VAL D 786 -47.09 -5.93 -131.03
CA VAL D 786 -47.61 -5.11 -132.13
C VAL D 786 -46.52 -4.38 -132.86
N ASN D 787 -45.62 -3.68 -132.13
CA ASN D 787 -44.45 -2.89 -132.56
C ASN D 787 -44.02 -2.15 -131.31
N GLY D 788 -43.25 -2.80 -130.42
CA GLY D 788 -42.37 -2.12 -129.52
C GLY D 788 -43.02 -2.08 -128.22
N MET D 789 -44.25 -2.58 -128.12
CA MET D 789 -45.02 -2.76 -126.92
C MET D 789 -45.37 -4.21 -126.72
N PRO D 790 -44.96 -4.84 -125.50
CA PRO D 790 -45.01 -6.30 -125.35
C PRO D 790 -46.49 -6.75 -124.98
N VAL D 791 -47.27 -7.26 -125.93
CA VAL D 791 -48.56 -7.83 -125.71
C VAL D 791 -48.47 -9.07 -124.76
N LEU D 792 -47.57 -9.95 -125.02
CA LEU D 792 -46.96 -10.91 -124.10
C LEU D 792 -45.80 -10.22 -123.51
N MET D 793 -45.69 -10.11 -122.14
CA MET D 793 -44.52 -9.70 -121.46
C MET D 793 -44.28 -11.11 -120.85
N GLY D 794 -43.22 -11.67 -121.37
CA GLY D 794 -42.89 -13.06 -121.10
C GLY D 794 -41.53 -13.11 -120.55
N GLY D 795 -40.69 -14.00 -121.09
CA GLY D 795 -39.35 -14.13 -120.50
C GLY D 795 -39.31 -14.43 -119.04
N LEU D 796 -38.08 -14.68 -118.54
CA LEU D 796 -37.96 -14.98 -117.13
C LEU D 796 -38.18 -13.73 -116.36
N SER D 797 -39.20 -13.70 -115.47
CA SER D 797 -39.53 -12.71 -114.43
C SER D 797 -39.08 -13.31 -113.14
N ILE D 798 -38.48 -12.52 -112.26
CA ILE D 798 -37.68 -12.88 -111.15
C ILE D 798 -37.99 -11.75 -110.15
N VAL D 799 -37.64 -11.96 -108.89
CA VAL D 799 -37.51 -11.01 -107.80
C VAL D 799 -36.59 -11.69 -106.82
N ALA D 800 -35.68 -10.93 -106.26
CA ALA D 800 -34.73 -11.40 -105.24
C ALA D 800 -34.90 -10.46 -104.05
N SER D 801 -34.76 -11.00 -102.83
CA SER D 801 -35.14 -10.34 -101.60
C SER D 801 -34.34 -10.79 -100.34
N PRO D 802 -34.25 -9.99 -99.28
CA PRO D 802 -34.83 -8.66 -98.99
C PRO D 802 -34.21 -7.45 -99.75
N VAL D 803 -33.28 -7.67 -100.76
CA VAL D 803 -32.67 -6.59 -101.55
C VAL D 803 -33.06 -6.83 -102.97
N SER D 804 -33.64 -5.80 -103.70
CA SER D 804 -34.48 -6.08 -104.85
C SER D 804 -33.65 -5.69 -106.08
N ALA D 805 -33.82 -6.47 -107.11
CA ALA D 805 -33.57 -6.06 -108.50
C ALA D 805 -34.26 -7.14 -109.28
N SER D 806 -34.67 -6.72 -110.55
CA SER D 806 -35.75 -7.39 -111.13
C SER D 806 -35.61 -7.02 -112.54
N LEU D 807 -36.01 -7.96 -113.39
CA LEU D 807 -36.16 -7.87 -114.84
C LEU D 807 -37.41 -8.60 -115.18
N PRO D 808 -38.13 -8.84 -116.32
CA PRO D 808 -37.77 -8.60 -117.67
C PRO D 808 -37.68 -7.13 -117.85
N SER D 809 -37.12 -6.72 -118.97
CA SER D 809 -36.94 -5.38 -119.37
C SER D 809 -37.02 -5.32 -120.87
N SER D 810 -37.57 -4.25 -121.44
CA SER D 810 -37.78 -4.21 -122.88
C SER D 810 -37.77 -2.79 -123.32
N THR D 811 -37.05 -1.87 -122.61
CA THR D 811 -36.89 -0.44 -123.01
C THR D 811 -35.42 -0.35 -123.49
N SER D 812 -34.74 -1.55 -123.53
CA SER D 812 -33.57 -1.90 -124.14
C SER D 812 -33.92 -3.33 -124.38
N SER D 813 -33.75 -3.84 -125.64
CA SER D 813 -34.47 -4.94 -126.20
C SER D 813 -34.18 -6.23 -125.36
N PRO D 814 -35.27 -6.99 -125.03
CA PRO D 814 -35.02 -8.19 -124.28
C PRO D 814 -34.07 -9.13 -124.98
N GLY D 815 -33.36 -9.94 -124.19
CA GLY D 815 -32.04 -10.44 -124.54
C GLY D 815 -31.16 -10.08 -123.31
N PHE D 816 -31.87 -9.70 -122.24
CA PHE D 816 -31.28 -9.33 -120.97
C PHE D 816 -30.46 -10.48 -120.32
N MET D 817 -30.69 -11.75 -120.77
CA MET D 817 -29.48 -12.64 -120.81
C MET D 817 -29.64 -13.38 -122.03
N TYR D 818 -28.59 -14.07 -122.53
CA TYR D 818 -28.65 -14.85 -123.77
C TYR D 818 -28.35 -16.28 -123.39
N LEU D 819 -29.25 -16.76 -122.51
CA LEU D 819 -29.37 -18.13 -122.05
C LEU D 819 -29.57 -19.06 -123.19
N LEU D 820 -28.54 -19.83 -123.59
CA LEU D 820 -28.46 -20.82 -124.66
C LEU D 820 -29.25 -22.08 -124.40
N PRO D 821 -29.86 -22.82 -125.35
CA PRO D 821 -30.29 -24.23 -125.22
C PRO D 821 -29.07 -25.10 -125.17
N SER D 822 -29.09 -26.22 -124.47
CA SER D 822 -28.12 -27.30 -124.54
C SER D 822 -28.21 -27.81 -125.89
N ALA D 823 -27.15 -28.52 -126.32
CA ALA D 823 -27.02 -29.20 -127.61
C ALA D 823 -27.53 -30.65 -127.41
N ALA D 824 -28.07 -31.27 -128.45
CA ALA D 824 -28.38 -32.68 -128.50
C ALA D 824 -27.11 -33.55 -128.49
N GLN D 825 -27.12 -34.57 -127.67
CA GLN D 825 -26.03 -35.43 -127.28
C GLN D 825 -25.30 -36.07 -128.52
N VAL D 826 -24.09 -36.65 -128.30
CA VAL D 826 -23.36 -37.31 -129.32
C VAL D 826 -24.03 -38.67 -129.68
N PRO D 827 -24.66 -39.53 -128.78
CA PRO D 827 -25.33 -40.79 -129.23
C PRO D 827 -26.68 -40.34 -129.55
N SER D 828 -27.01 -38.99 -129.59
CA SER D 828 -28.32 -38.59 -130.07
C SER D 828 -28.44 -38.99 -131.52
N PRO D 829 -29.62 -39.39 -132.07
CA PRO D 829 -29.80 -39.75 -133.47
C PRO D 829 -29.72 -38.56 -134.35
N LEU D 830 -29.96 -37.33 -133.97
CA LEU D 830 -29.65 -36.14 -134.70
C LEU D 830 -29.01 -35.20 -133.78
N PRO D 831 -27.71 -34.97 -133.87
CA PRO D 831 -27.01 -34.31 -132.78
C PRO D 831 -26.95 -32.84 -133.11
N GLY D 832 -26.55 -31.99 -132.15
CA GLY D 832 -26.40 -30.56 -132.31
C GLY D 832 -27.62 -29.86 -132.73
N MET D 833 -28.71 -30.09 -131.95
CA MET D 833 -30.01 -29.49 -132.06
C MET D 833 -30.31 -28.88 -130.64
N ALA D 834 -30.92 -27.63 -130.60
CA ALA D 834 -31.35 -26.98 -129.40
C ALA D 834 -32.32 -27.83 -128.66
N THR D 835 -31.85 -28.07 -127.41
CA THR D 835 -32.52 -28.89 -126.44
C THR D 835 -33.32 -27.95 -125.55
N PRO D 836 -34.62 -28.17 -125.22
CA PRO D 836 -35.46 -27.33 -124.34
C PRO D 836 -34.94 -27.10 -122.99
N ASN D 837 -33.84 -27.82 -122.51
CA ASN D 837 -33.29 -27.52 -121.26
C ASN D 837 -32.41 -26.35 -121.34
N TYR D 838 -32.85 -25.29 -120.60
CA TYR D 838 -32.23 -24.03 -120.53
C TYR D 838 -31.74 -23.80 -119.16
N ASN D 839 -30.52 -24.27 -118.90
CA ASN D 839 -29.97 -24.38 -117.63
C ASN D 839 -29.36 -23.09 -117.18
N LEU D 840 -29.93 -22.51 -116.05
CA LEU D 840 -29.77 -21.16 -115.57
C LEU D 840 -29.21 -21.25 -114.19
N ASN D 841 -27.94 -20.97 -114.04
CA ASN D 841 -27.19 -21.04 -112.78
C ASN D 841 -27.66 -19.96 -111.88
N ILE D 842 -27.42 -20.08 -110.56
CA ILE D 842 -27.99 -19.26 -109.52
C ILE D 842 -27.02 -19.36 -108.36
N TYR D 843 -26.66 -18.18 -107.80
CA TYR D 843 -25.85 -18.13 -106.56
C TYR D 843 -26.58 -17.34 -105.52
N ILE D 844 -26.25 -17.44 -104.22
CA ILE D 844 -26.56 -16.44 -103.24
C ILE D 844 -25.28 -16.42 -102.38
N THR D 845 -24.89 -15.22 -102.04
CA THR D 845 -23.64 -14.97 -101.34
C THR D 845 -23.77 -13.65 -100.63
N TYR D 846 -22.79 -13.37 -99.75
CA TYR D 846 -22.85 -12.26 -98.78
C TYR D 846 -21.44 -12.10 -98.32
N LYS D 847 -20.47 -12.92 -98.79
CA LYS D 847 -19.10 -13.00 -98.59
C LYS D 847 -18.52 -11.86 -99.35
N ILE D 848 -19.03 -11.45 -100.51
CA ILE D 848 -18.41 -10.41 -101.37
C ILE D 848 -19.16 -9.05 -101.27
N ASP D 849 -20.13 -8.97 -100.32
CA ASP D 849 -20.71 -7.74 -99.90
C ASP D 849 -19.79 -6.88 -99.17
N GLY D 850 -20.06 -5.51 -99.24
CA GLY D 850 -19.20 -4.56 -98.71
C GLY D 850 -18.31 -3.91 -99.71
N ALA D 851 -17.59 -4.80 -100.35
CA ALA D 851 -16.69 -4.57 -101.41
C ALA D 851 -17.48 -4.05 -102.58
N THR D 852 -16.80 -3.27 -103.45
CA THR D 852 -17.29 -2.42 -104.39
C THR D 852 -16.61 -2.79 -105.58
N VAL D 853 -17.22 -2.55 -106.82
CA VAL D 853 -16.52 -2.75 -108.08
C VAL D 853 -16.74 -1.42 -108.72
N GLY D 854 -15.69 -0.57 -108.56
CA GLY D 854 -15.82 0.85 -109.02
C GLY D 854 -16.96 1.66 -108.44
N ASN D 855 -18.04 1.94 -109.29
CA ASN D 855 -19.14 2.74 -108.88
C ASN D 855 -20.21 1.84 -108.46
N ASN D 856 -19.93 0.52 -108.59
CA ASN D 856 -20.97 -0.44 -108.56
C ASN D 856 -20.76 -1.16 -107.17
N MET D 857 -21.53 -0.71 -106.20
CA MET D 857 -21.75 -1.34 -104.87
C MET D 857 -22.53 -2.59 -104.95
N ILE D 858 -21.95 -3.73 -104.61
CA ILE D 858 -22.52 -5.04 -104.97
C ILE D 858 -23.43 -5.29 -103.88
N ASN D 859 -24.76 -5.28 -104.12
CA ASN D 859 -25.73 -5.71 -103.19
C ASN D 859 -26.90 -5.51 -104.13
N GLY D 860 -27.62 -6.65 -104.40
CA GLY D 860 -28.70 -6.82 -105.41
C GLY D 860 -28.35 -7.99 -106.32
N LEU D 861 -29.22 -8.20 -107.32
CA LEU D 861 -29.30 -9.30 -108.27
C LEU D 861 -28.73 -8.85 -109.57
N TYR D 862 -27.93 -9.71 -110.25
CA TYR D 862 -27.27 -9.21 -111.45
C TYR D 862 -27.06 -10.36 -112.36
N VAL D 863 -27.26 -10.17 -113.70
CA VAL D 863 -27.06 -11.19 -114.68
C VAL D 863 -25.56 -11.27 -114.88
N ALA D 864 -25.07 -12.51 -115.18
CA ALA D 864 -23.83 -12.67 -115.91
C ALA D 864 -24.19 -13.32 -117.15
N SER D 865 -23.54 -12.91 -118.28
CA SER D 865 -23.99 -12.67 -119.62
C SER D 865 -25.08 -13.54 -120.19
N GLN D 866 -25.00 -14.87 -119.91
CA GLN D 866 -25.90 -15.81 -120.50
C GLN D 866 -26.60 -16.57 -119.42
N ASN D 867 -25.83 -17.36 -118.61
CA ASN D 867 -26.40 -18.37 -117.74
C ASN D 867 -26.15 -18.09 -116.33
N THR D 868 -26.08 -16.82 -115.93
CA THR D 868 -25.89 -16.62 -114.45
C THR D 868 -26.67 -15.46 -114.07
N LEU D 869 -27.02 -15.53 -112.74
CA LEU D 869 -27.78 -14.65 -111.93
C LEU D 869 -27.11 -14.75 -110.56
N ILE D 870 -26.47 -13.67 -110.16
CA ILE D 870 -25.67 -13.69 -108.94
C ILE D 870 -26.36 -12.73 -108.07
N TYR D 871 -26.59 -13.06 -106.80
CA TYR D 871 -27.30 -12.18 -105.93
C TYR D 871 -26.41 -11.98 -104.70
N VAL D 872 -26.45 -10.78 -104.15
CA VAL D 872 -25.70 -10.57 -102.97
C VAL D 872 -26.71 -9.98 -101.91
N VAL D 873 -26.59 -10.44 -100.66
CA VAL D 873 -27.30 -9.84 -99.57
C VAL D 873 -26.31 -9.32 -98.51
N PRO D 874 -26.61 -8.36 -97.67
CA PRO D 874 -25.77 -7.86 -96.58
C PRO D 874 -25.07 -8.89 -95.77
N ASN D 875 -23.92 -8.50 -95.27
CA ASN D 875 -22.88 -9.31 -94.57
C ASN D 875 -23.50 -9.98 -93.36
N GLY D 876 -24.43 -9.28 -92.61
CA GLY D 876 -25.12 -9.95 -91.56
C GLY D 876 -25.97 -10.99 -92.00
N SER D 877 -26.87 -10.68 -92.91
CA SER D 877 -27.92 -11.53 -93.41
C SER D 877 -27.45 -12.80 -94.06
N PHE D 878 -28.20 -13.89 -93.83
CA PHE D 878 -28.06 -15.07 -94.69
C PHE D 878 -29.11 -16.06 -94.27
N VAL D 879 -30.20 -15.67 -93.63
CA VAL D 879 -31.30 -16.44 -93.13
C VAL D 879 -32.39 -15.54 -93.67
N GLY D 880 -33.22 -16.05 -94.67
CA GLY D 880 -34.22 -15.22 -95.10
C GLY D 880 -33.83 -14.36 -96.35
N SER D 881 -32.77 -14.79 -97.02
CA SER D 881 -32.31 -14.23 -98.23
C SER D 881 -32.68 -15.17 -99.34
N ASN D 882 -33.44 -14.73 -100.33
CA ASN D 882 -34.11 -15.66 -101.19
C ASN D 882 -34.15 -14.97 -102.47
N ILE D 883 -34.61 -15.83 -103.42
CA ILE D 883 -34.81 -15.45 -104.77
C ILE D 883 -36.04 -16.25 -105.15
N LYS D 884 -36.95 -15.69 -105.98
CA LYS D 884 -38.12 -16.42 -106.44
C LYS D 884 -37.95 -16.36 -107.87
N LEU D 885 -38.38 -17.46 -108.53
CA LEU D 885 -38.35 -17.42 -109.96
C LEU D 885 -39.81 -17.81 -110.29
N THR D 886 -40.45 -16.87 -111.04
CA THR D 886 -41.77 -16.94 -111.58
C THR D 886 -41.51 -16.88 -113.05
N TYR D 887 -41.14 -17.98 -113.73
CA TYR D 887 -40.87 -18.01 -115.08
C TYR D 887 -42.16 -17.85 -115.96
N THR D 888 -42.37 -16.62 -116.45
CA THR D 888 -43.37 -16.16 -117.37
C THR D 888 -43.13 -16.78 -118.70
N THR D 889 -44.19 -17.39 -119.33
CA THR D 889 -44.13 -18.06 -120.61
C THR D 889 -43.85 -17.07 -121.73
N THR D 890 -43.18 -17.64 -122.69
CA THR D 890 -42.70 -16.98 -123.87
C THR D 890 -43.59 -17.41 -125.06
N ASP D 891 -44.78 -17.98 -124.85
CA ASP D 891 -45.74 -18.38 -125.90
C ASP D 891 -47.04 -17.80 -125.29
N TYR D 892 -47.67 -16.84 -125.99
CA TYR D 892 -48.94 -16.18 -125.75
C TYR D 892 -50.05 -17.09 -125.73
N ALA D 893 -49.91 -18.21 -126.49
CA ALA D 893 -50.85 -19.31 -126.38
C ALA D 893 -50.94 -20.10 -125.01
N VAL D 894 -49.88 -20.12 -124.32
CA VAL D 894 -49.73 -20.68 -123.07
C VAL D 894 -50.25 -19.76 -121.96
N LEU D 895 -49.82 -18.48 -121.93
CA LEU D 895 -50.41 -17.45 -121.07
C LEU D 895 -51.90 -17.45 -121.16
N HIS D 896 -52.48 -17.46 -122.41
CA HIS D 896 -53.91 -17.61 -122.58
C HIS D 896 -54.49 -18.93 -122.14
N TYR D 897 -54.07 -20.12 -122.73
CA TYR D 897 -54.78 -21.35 -122.53
C TYR D 897 -54.57 -22.03 -121.23
N PHE D 898 -53.57 -21.60 -120.38
CA PHE D 898 -53.11 -22.39 -119.30
C PHE D 898 -53.04 -21.55 -118.07
N TYR D 899 -54.14 -20.72 -117.85
CA TYR D 899 -54.27 -20.10 -116.56
C TYR D 899 -54.83 -21.15 -115.59
N SER D 900 -55.50 -22.15 -116.18
CA SER D 900 -56.29 -23.19 -115.56
C SER D 900 -55.44 -24.17 -114.74
N THR D 901 -54.27 -24.53 -115.24
CA THR D 901 -53.43 -25.54 -114.57
C THR D 901 -52.53 -24.95 -113.56
N GLY D 902 -52.40 -23.58 -113.60
CA GLY D 902 -51.43 -22.90 -112.84
C GLY D 902 -50.04 -23.08 -113.50
N GLN D 903 -49.91 -22.91 -114.79
CA GLN D 903 -48.71 -23.14 -115.54
C GLN D 903 -48.64 -22.00 -116.55
N TYR D 904 -49.52 -20.97 -116.44
CA TYR D 904 -49.33 -19.73 -117.16
C TYR D 904 -48.04 -19.08 -116.57
N LYS D 905 -47.81 -19.29 -115.22
CA LYS D 905 -46.50 -19.09 -114.62
C LYS D 905 -46.28 -20.32 -113.81
N VAL D 906 -45.02 -20.75 -113.77
CA VAL D 906 -44.69 -21.95 -113.09
C VAL D 906 -43.74 -21.37 -112.05
N PHE D 907 -43.82 -21.98 -110.87
CA PHE D 907 -43.46 -21.36 -109.61
C PHE D 907 -42.29 -22.06 -108.98
N LYS D 908 -41.30 -21.23 -108.44
CA LYS D 908 -40.19 -21.80 -107.66
C LYS D 908 -39.64 -20.82 -106.76
N THR D 909 -38.87 -21.26 -105.75
CA THR D 909 -38.20 -20.41 -104.87
C THR D 909 -36.99 -21.27 -104.48
N VAL D 910 -35.88 -20.52 -104.34
CA VAL D 910 -34.69 -20.93 -103.54
C VAL D 910 -34.61 -19.94 -102.44
N SER D 911 -33.91 -20.32 -101.37
CA SER D 911 -33.69 -19.42 -100.29
C SER D 911 -32.60 -20.20 -99.53
N VAL D 912 -31.91 -19.48 -98.61
CA VAL D 912 -30.80 -19.94 -97.86
C VAL D 912 -31.27 -20.34 -96.50
N PRO D 913 -31.19 -21.61 -96.06
CA PRO D 913 -31.65 -22.12 -94.80
C PRO D 913 -30.99 -21.46 -93.59
N ASN D 914 -31.38 -22.04 -92.44
CA ASN D 914 -30.83 -21.65 -91.14
C ASN D 914 -30.29 -22.96 -90.64
N VAL D 915 -28.98 -23.01 -90.51
CA VAL D 915 -28.15 -24.02 -89.98
C VAL D 915 -27.23 -23.24 -89.02
N THR D 916 -26.94 -23.75 -87.82
CA THR D 916 -26.52 -22.99 -86.71
C THR D 916 -25.02 -22.65 -86.74
N ALA D 917 -24.51 -21.89 -85.67
CA ALA D 917 -23.08 -21.77 -85.34
C ALA D 917 -22.56 -23.14 -84.95
N ASN D 918 -21.38 -23.45 -85.48
CA ASN D 918 -20.67 -24.64 -85.18
C ASN D 918 -19.35 -24.34 -84.61
N LEU D 919 -19.23 -24.80 -83.32
CA LEU D 919 -18.00 -24.72 -82.57
C LEU D 919 -17.81 -26.11 -81.95
N TYR D 920 -16.52 -26.62 -81.96
CA TYR D 920 -16.38 -27.95 -81.48
C TYR D 920 -14.87 -28.04 -81.39
N PHE D 921 -14.39 -29.29 -81.11
CA PHE D 921 -13.04 -29.80 -80.99
C PHE D 921 -13.27 -31.10 -81.62
N PRO D 922 -12.31 -31.70 -82.40
CA PRO D 922 -12.51 -33.00 -82.96
C PRO D 922 -12.46 -34.12 -81.91
N SER D 923 -12.43 -33.82 -80.57
CA SER D 923 -12.54 -34.81 -79.65
C SER D 923 -13.07 -34.12 -78.40
N SER D 924 -13.91 -34.75 -77.60
CA SER D 924 -14.66 -34.06 -76.48
C SER D 924 -13.91 -34.10 -75.12
N THR D 925 -12.59 -34.48 -75.14
CA THR D 925 -11.53 -34.23 -74.13
C THR D 925 -10.25 -33.93 -74.92
N THR D 926 -9.49 -32.93 -74.51
CA THR D 926 -8.31 -32.38 -75.12
C THR D 926 -7.35 -32.12 -73.92
N PRO D 927 -6.43 -33.03 -73.55
CA PRO D 927 -5.54 -33.03 -72.38
C PRO D 927 -4.55 -31.92 -72.39
N LEU D 928 -3.94 -31.65 -71.24
CA LEU D 928 -2.89 -30.69 -71.08
C LEU D 928 -1.49 -31.40 -71.14
N TYR D 929 -1.56 -32.69 -71.64
CA TYR D 929 -0.39 -33.47 -71.97
C TYR D 929 0.35 -32.83 -73.07
N GLN D 930 -0.42 -32.39 -74.17
CA GLN D 930 0.08 -31.72 -75.30
C GLN D 930 0.37 -30.35 -74.94
N LEU D 931 1.07 -29.65 -75.89
CA LEU D 931 1.14 -28.23 -75.65
C LEU D 931 0.42 -27.47 -76.73
N SER D 932 -0.45 -28.25 -77.48
CA SER D 932 -1.10 -27.60 -78.56
C SER D 932 -2.28 -28.57 -78.86
N VAL D 933 -3.46 -28.03 -79.15
CA VAL D 933 -4.58 -28.81 -79.53
C VAL D 933 -5.26 -28.00 -80.63
N PRO D 934 -5.72 -28.62 -81.73
CA PRO D 934 -6.54 -27.90 -82.78
C PRO D 934 -7.83 -27.26 -82.10
N LEU D 935 -8.31 -26.14 -82.69
CA LEU D 935 -9.60 -25.55 -82.39
C LEU D 935 -10.12 -25.34 -83.79
N TYR D 936 -11.34 -25.87 -84.17
CA TYR D 936 -11.90 -25.68 -85.51
C TYR D 936 -13.10 -24.79 -85.27
N LEU D 937 -12.98 -23.48 -85.59
CA LEU D 937 -14.12 -22.50 -85.65
C LEU D 937 -14.58 -22.52 -87.08
N SER D 938 -15.73 -23.20 -87.37
CA SER D 938 -16.19 -23.58 -88.66
C SER D 938 -17.70 -23.61 -88.68
N GLU D 939 -18.36 -22.54 -88.41
CA GLU D 939 -19.74 -22.45 -88.82
C GLU D 939 -19.86 -22.62 -90.32
N PRO D 940 -20.96 -23.28 -90.83
CA PRO D 940 -20.89 -23.68 -92.22
C PRO D 940 -20.78 -22.67 -93.31
N TYR D 941 -21.13 -21.40 -93.15
CA TYR D 941 -21.02 -20.47 -94.25
C TYR D 941 -19.77 -19.63 -94.03
N TYR D 942 -18.72 -20.12 -93.26
CA TYR D 942 -17.42 -19.51 -93.32
C TYR D 942 -16.51 -20.31 -94.17
N GLY D 943 -17.05 -21.35 -94.84
CA GLY D 943 -16.34 -22.05 -95.90
C GLY D 943 -16.09 -21.11 -97.09
N SER D 944 -15.04 -21.49 -97.87
CA SER D 944 -14.40 -20.65 -98.86
C SER D 944 -13.10 -21.36 -99.33
N PRO D 945 -12.61 -21.13 -100.56
CA PRO D 945 -11.42 -21.71 -101.13
C PRO D 945 -10.17 -21.58 -100.16
N LEU D 946 -9.53 -22.67 -99.77
CA LEU D 946 -8.35 -22.65 -98.91
C LEU D 946 -7.21 -22.07 -99.68
N PRO D 947 -6.15 -21.54 -99.01
CA PRO D 947 -6.06 -21.23 -97.61
C PRO D 947 -6.81 -19.99 -97.24
N THR D 948 -7.49 -19.98 -96.12
CA THR D 948 -8.35 -18.89 -95.58
C THR D 948 -8.30 -19.02 -94.13
N TYR D 949 -8.33 -17.86 -93.46
CA TYR D 949 -8.00 -17.78 -92.04
C TYR D 949 -9.09 -16.97 -91.38
N ILE D 950 -9.09 -16.85 -90.03
CA ILE D 950 -9.93 -15.93 -89.33
C ILE D 950 -8.87 -15.33 -88.54
N GLY D 951 -8.92 -13.97 -88.45
CA GLY D 951 -8.21 -13.22 -87.41
C GLY D 951 -9.16 -13.09 -86.18
N LEU D 952 -8.81 -13.59 -84.95
CA LEU D 952 -9.61 -13.37 -83.76
C LEU D 952 -9.00 -12.52 -82.80
N GLY D 953 -9.82 -11.95 -81.83
CA GLY D 953 -9.28 -11.05 -80.81
C GLY D 953 -10.15 -9.79 -80.93
N THR D 954 -9.86 -8.75 -80.08
CA THR D 954 -10.44 -7.49 -80.06
C THR D 954 -11.55 -7.44 -79.08
N ASN D 955 -12.66 -8.16 -79.37
CA ASN D 955 -13.79 -8.41 -78.47
C ASN D 955 -14.22 -9.84 -78.62
N GLY D 956 -13.26 -10.64 -79.12
CA GLY D 956 -13.44 -11.95 -79.68
C GLY D 956 -13.94 -11.99 -81.11
N THR D 957 -13.91 -10.83 -81.85
CA THR D 957 -14.35 -10.66 -83.30
C THR D 957 -13.62 -11.52 -84.36
N SER D 958 -14.40 -12.41 -84.97
CA SER D 958 -14.12 -13.34 -86.11
C SER D 958 -14.05 -12.58 -87.38
N LEU D 959 -12.85 -11.96 -87.53
CA LEU D 959 -12.45 -11.32 -88.76
C LEU D 959 -12.11 -12.37 -89.82
N TRP D 960 -13.19 -12.96 -90.49
CA TRP D 960 -13.05 -13.83 -91.67
C TRP D 960 -12.22 -13.17 -92.79
N ASN D 961 -11.18 -13.97 -93.36
CA ASN D 961 -10.37 -13.49 -94.48
C ASN D 961 -10.09 -14.53 -95.45
N SER D 962 -10.93 -14.76 -96.46
CA SER D 962 -10.46 -15.47 -97.69
C SER D 962 -10.60 -14.27 -98.72
N PRO D 963 -9.58 -13.70 -99.40
CA PRO D 963 -9.70 -12.73 -100.50
C PRO D 963 -9.78 -13.54 -101.81
N ASN D 964 -9.80 -14.86 -101.75
CA ASN D 964 -9.58 -15.59 -102.92
C ASN D 964 -10.93 -16.02 -103.53
N TYR D 965 -11.97 -15.57 -102.83
CA TYR D 965 -13.37 -15.92 -103.09
C TYR D 965 -13.67 -14.89 -104.10
N VAL D 966 -14.06 -15.36 -105.31
CA VAL D 966 -14.20 -14.52 -106.47
C VAL D 966 -15.43 -15.04 -107.13
N LEU D 967 -16.29 -14.22 -107.78
CA LEU D 967 -17.43 -14.76 -108.35
C LEU D 967 -17.60 -13.75 -109.50
N PHE D 968 -17.11 -14.10 -110.73
CA PHE D 968 -17.06 -13.20 -111.92
C PHE D 968 -16.28 -11.88 -111.68
N GLY D 969 -15.09 -11.90 -111.18
CA GLY D 969 -14.34 -10.68 -110.92
C GLY D 969 -14.82 -9.78 -109.89
N VAL D 970 -15.48 -10.38 -108.87
CA VAL D 970 -16.01 -9.65 -107.76
C VAL D 970 -15.56 -10.33 -106.55
N SER D 971 -14.73 -9.63 -105.72
CA SER D 971 -13.95 -10.19 -104.71
C SER D 971 -14.50 -9.67 -103.40
N ALA D 972 -13.91 -10.30 -102.35
CA ALA D 972 -14.31 -10.24 -100.97
C ALA D 972 -13.25 -9.50 -100.21
N VAL D 973 -13.69 -8.54 -99.36
CA VAL D 973 -13.10 -8.02 -98.14
C VAL D 973 -13.43 -8.84 -96.92
N GLN D 974 -12.68 -8.53 -95.79
CA GLN D 974 -12.95 -8.97 -94.43
C GLN D 974 -14.41 -8.90 -94.03
N GLN D 975 -14.85 -10.09 -93.60
CA GLN D 975 -16.15 -10.20 -93.07
C GLN D 975 -16.08 -10.48 -91.62
N TYR D 976 -16.69 -9.57 -90.77
CA TYR D 976 -16.89 -9.70 -89.31
C TYR D 976 -18.30 -10.33 -89.27
N LEU D 977 -18.30 -11.57 -88.74
CA LEU D 977 -19.41 -12.50 -88.80
C LEU D 977 -19.61 -13.08 -87.42
N GLY D 978 -19.11 -12.39 -86.33
CA GLY D 978 -19.59 -12.77 -85.04
C GLY D 978 -18.42 -12.72 -84.16
N PHE D 979 -18.62 -12.56 -82.80
CA PHE D 979 -17.61 -12.59 -81.83
C PHE D 979 -17.90 -13.70 -80.82
N ILE D 980 -16.82 -14.19 -80.17
CA ILE D 980 -16.79 -15.08 -79.08
C ILE D 980 -17.54 -14.45 -77.97
N LYS D 981 -18.67 -15.16 -77.61
CA LYS D 981 -19.52 -14.56 -76.59
C LYS D 981 -18.88 -14.69 -75.23
N SER D 982 -18.47 -15.89 -74.82
CA SER D 982 -17.99 -16.17 -73.50
C SER D 982 -16.94 -17.21 -73.58
N ILE D 983 -16.08 -17.26 -72.58
CA ILE D 983 -15.01 -18.26 -72.40
C ILE D 983 -15.04 -18.46 -70.98
N SER D 984 -15.49 -19.68 -70.55
CA SER D 984 -15.64 -20.08 -69.21
C SER D 984 -14.90 -21.33 -69.08
N VAL D 985 -14.13 -21.46 -67.96
CA VAL D 985 -13.31 -22.57 -67.61
C VAL D 985 -13.70 -22.73 -66.20
N THR D 986 -14.37 -23.93 -65.95
CA THR D 986 -14.84 -24.16 -64.60
C THR D 986 -13.75 -24.89 -63.84
N LEU D 987 -13.03 -24.14 -62.93
CA LEU D 987 -11.80 -24.78 -62.38
C LEU D 987 -12.09 -25.71 -61.24
N SER D 988 -11.11 -26.68 -60.92
CA SER D 988 -11.31 -27.61 -59.82
C SER D 988 -10.48 -26.90 -58.71
N ASN D 989 -10.88 -25.71 -58.31
CA ASN D 989 -10.41 -25.08 -57.15
C ASN D 989 -11.45 -24.12 -56.54
N GLY D 990 -12.46 -23.93 -57.40
CA GLY D 990 -13.76 -23.44 -57.01
C GLY D 990 -14.03 -22.10 -57.50
N THR D 991 -13.33 -21.69 -58.61
CA THR D 991 -13.63 -20.43 -59.33
C THR D 991 -13.90 -20.62 -60.75
N THR D 992 -14.96 -20.02 -61.37
CA THR D 992 -15.19 -20.16 -62.80
C THR D 992 -14.68 -18.86 -63.40
N VAL D 993 -13.49 -18.87 -63.93
CA VAL D 993 -12.87 -17.68 -64.34
C VAL D 993 -13.27 -17.33 -65.78
N VAL D 994 -13.25 -16.02 -66.15
CA VAL D 994 -13.46 -15.45 -67.42
C VAL D 994 -12.26 -14.72 -67.92
N ILE D 995 -11.84 -15.16 -69.15
CA ILE D 995 -10.67 -14.65 -69.82
C ILE D 995 -11.09 -13.53 -70.65
N PRO D 996 -10.31 -12.37 -70.69
CA PRO D 996 -10.38 -11.33 -71.68
C PRO D 996 -10.34 -11.71 -73.06
N LEU D 997 -11.18 -11.11 -73.98
CA LEU D 997 -11.19 -11.43 -75.42
C LEU D 997 -10.45 -10.27 -76.09
N THR D 998 -9.56 -9.50 -75.43
CA THR D 998 -8.86 -8.34 -76.04
C THR D 998 -7.89 -8.89 -77.03
N THR D 999 -7.15 -8.04 -77.83
CA THR D 999 -6.05 -8.33 -78.71
C THR D 999 -4.94 -8.96 -78.03
N SER D 1000 -4.59 -8.33 -76.87
CA SER D 1000 -3.41 -8.77 -76.09
C SER D 1000 -3.44 -10.23 -75.66
N ASN D 1001 -4.65 -10.79 -75.49
CA ASN D 1001 -4.97 -12.09 -75.09
C ASN D 1001 -5.27 -13.04 -76.22
N MET D 1002 -6.23 -12.74 -77.11
CA MET D 1002 -6.55 -13.70 -78.16
C MET D 1002 -5.59 -13.75 -79.33
N GLN D 1003 -4.55 -12.89 -79.41
CA GLN D 1003 -3.57 -13.11 -80.45
C GLN D 1003 -2.46 -14.02 -80.10
N THR D 1004 -1.82 -13.78 -78.94
CA THR D 1004 -0.74 -14.62 -78.44
C THR D 1004 -1.11 -16.11 -78.19
N LEU D 1005 -2.46 -16.30 -78.03
CA LEU D 1005 -3.10 -17.58 -77.86
C LEU D 1005 -2.83 -18.49 -78.95
N PHE D 1006 -2.51 -17.99 -80.19
CA PHE D 1006 -2.18 -18.72 -81.34
C PHE D 1006 -0.66 -18.69 -81.59
N PRO D 1007 0.11 -19.83 -81.89
CA PRO D 1007 1.30 -19.83 -82.58
C PRO D 1007 1.16 -19.44 -84.00
N GLN D 1008 0.12 -19.91 -84.74
CA GLN D 1008 -0.06 -19.54 -86.11
C GLN D 1008 -1.47 -19.01 -86.17
N LEU D 1009 -1.60 -17.71 -86.38
CA LEU D 1009 -2.86 -17.04 -86.52
C LEU D 1009 -3.74 -17.58 -87.60
N VAL D 1010 -3.10 -18.17 -88.60
CA VAL D 1010 -3.62 -18.81 -89.71
C VAL D 1010 -4.41 -20.05 -89.25
N GLY D 1011 -5.72 -20.01 -89.45
CA GLY D 1011 -6.65 -21.04 -89.13
C GLY D 1011 -6.66 -21.68 -90.42
N GLN D 1012 -5.80 -22.69 -90.60
CA GLN D 1012 -5.49 -23.36 -91.89
C GLN D 1012 -6.54 -24.26 -92.21
N GLU D 1013 -7.32 -23.99 -93.24
CA GLU D 1013 -8.22 -25.00 -93.81
C GLU D 1013 -7.54 -26.28 -94.19
N LEU D 1014 -8.28 -27.35 -93.84
CA LEU D 1014 -8.02 -28.72 -94.27
C LEU D 1014 -9.25 -29.30 -94.90
N GLN D 1015 -10.27 -28.40 -95.14
CA GLN D 1015 -11.41 -28.66 -95.94
C GLN D 1015 -11.49 -27.40 -96.84
N ALA D 1016 -12.75 -26.89 -96.96
CA ALA D 1016 -13.16 -25.76 -97.75
C ALA D 1016 -14.62 -26.02 -98.03
N CYS D 1017 -15.47 -24.98 -98.06
CA CYS D 1017 -16.91 -25.05 -98.19
C CYS D 1017 -17.54 -25.74 -96.99
N ASN D 1018 -17.00 -25.35 -95.81
CA ASN D 1018 -17.40 -25.68 -94.43
C ASN D 1018 -16.10 -26.21 -93.85
N GLY D 1019 -15.16 -25.27 -93.46
CA GLY D 1019 -13.76 -25.49 -93.18
C GLY D 1019 -13.50 -26.34 -92.02
N THR D 1020 -12.23 -26.31 -91.58
CA THR D 1020 -11.72 -27.06 -90.46
C THR D 1020 -10.48 -26.24 -90.18
N PHE D 1021 -10.63 -24.98 -89.72
CA PHE D 1021 -9.56 -23.98 -89.59
C PHE D 1021 -8.58 -24.39 -88.50
N GLN D 1022 -7.44 -24.93 -88.82
CA GLN D 1022 -6.43 -25.44 -87.86
C GLN D 1022 -5.60 -24.27 -87.37
N PHE D 1023 -5.86 -23.82 -86.11
CA PHE D 1023 -5.14 -22.72 -85.47
C PHE D 1023 -4.01 -23.27 -84.69
N GLY D 1024 -4.08 -24.55 -84.22
CA GLY D 1024 -3.16 -25.19 -83.37
C GLY D 1024 -3.03 -24.44 -82.09
N ILE D 1025 -4.16 -24.13 -81.41
CA ILE D 1025 -4.15 -23.20 -80.26
C ILE D 1025 -3.16 -23.63 -79.17
N SER D 1026 -2.30 -22.74 -78.70
CA SER D 1026 -1.42 -23.09 -77.68
C SER D 1026 -2.06 -23.20 -76.25
N ILE D 1027 -1.65 -24.23 -75.58
CA ILE D 1027 -1.81 -24.32 -74.12
C ILE D 1027 -0.78 -23.38 -73.45
N THR D 1028 0.34 -23.04 -74.10
CA THR D 1028 1.30 -22.00 -73.74
C THR D 1028 0.57 -20.71 -73.65
N GLY D 1029 -0.35 -20.46 -74.68
CA GLY D 1029 -1.24 -19.36 -74.63
C GLY D 1029 -2.19 -19.32 -73.46
N LEU D 1030 -2.79 -20.49 -73.10
CA LEU D 1030 -3.79 -20.64 -72.02
C LEU D 1030 -3.14 -20.18 -70.76
N GLU D 1031 -1.87 -20.64 -70.46
CA GLU D 1031 -1.20 -20.54 -69.17
C GLU D 1031 -0.83 -19.11 -68.97
N LYS D 1032 -0.55 -18.39 -70.02
CA LYS D 1032 -0.27 -16.92 -70.03
C LYS D 1032 -1.56 -16.23 -69.72
N LEU D 1033 -2.71 -16.73 -70.23
CA LEU D 1033 -3.96 -15.96 -70.14
C LEU D 1033 -4.62 -16.13 -68.82
N LEU D 1034 -4.75 -17.38 -68.30
CA LEU D 1034 -5.13 -17.54 -66.92
C LEU D 1034 -4.17 -17.16 -65.83
N ASN D 1035 -2.92 -16.78 -66.17
CA ASN D 1035 -1.81 -16.42 -65.33
C ASN D 1035 -1.51 -17.34 -64.15
N LEU D 1036 -1.62 -18.62 -64.45
CA LEU D 1036 -1.73 -19.64 -63.50
C LEU D 1036 -0.81 -20.67 -63.93
N ASN D 1037 -0.75 -21.76 -63.09
CA ASN D 1037 0.19 -22.85 -63.17
C ASN D 1037 -0.01 -23.65 -64.38
N VAL D 1038 0.92 -24.66 -64.51
CA VAL D 1038 1.05 -25.48 -65.73
C VAL D 1038 -0.09 -26.20 -66.21
N GLN D 1039 -0.74 -26.91 -65.22
CA GLN D 1039 -1.77 -27.83 -65.63
C GLN D 1039 -2.48 -28.41 -64.34
N GLN D 1040 -1.95 -27.98 -63.17
CA GLN D 1040 -2.40 -28.52 -61.91
C GLN D 1040 -3.77 -28.01 -61.41
N LEU D 1041 -4.04 -26.74 -61.58
CA LEU D 1041 -5.27 -26.01 -61.26
C LEU D 1041 -5.89 -25.47 -62.52
N ASN D 1042 -5.39 -25.85 -63.72
CA ASN D 1042 -5.93 -25.41 -64.99
C ASN D 1042 -6.74 -26.53 -65.48
N ASN D 1043 -6.91 -27.61 -64.62
CA ASN D 1043 -7.78 -28.73 -64.89
C ASN D 1043 -9.17 -28.19 -64.76
N SER D 1044 -10.04 -28.23 -65.84
CA SER D 1044 -11.27 -27.40 -65.95
C SER D 1044 -12.14 -28.07 -66.93
N ILE D 1045 -13.27 -27.32 -67.30
CA ILE D 1045 -14.29 -27.80 -68.20
C ILE D 1045 -14.48 -26.62 -69.11
N LEU D 1046 -13.95 -26.64 -70.31
CA LEU D 1046 -13.87 -25.42 -71.05
C LEU D 1046 -15.16 -25.32 -71.89
N SER D 1047 -15.97 -24.40 -71.56
CA SER D 1047 -17.15 -24.09 -72.40
C SER D 1047 -16.92 -22.76 -73.08
N VAL D 1048 -16.31 -22.81 -74.28
CA VAL D 1048 -16.29 -21.64 -75.12
C VAL D 1048 -17.61 -21.46 -75.80
N THR D 1049 -18.23 -20.26 -75.73
CA THR D 1049 -19.52 -20.06 -76.19
C THR D 1049 -19.35 -18.98 -77.19
N TYR D 1050 -19.49 -19.29 -78.57
CA TYR D 1050 -19.26 -18.39 -79.67
C TYR D 1050 -20.58 -17.70 -80.10
N HIS D 1051 -20.58 -16.44 -80.56
CA HIS D 1051 -21.76 -15.79 -81.11
C HIS D 1051 -21.51 -15.59 -82.54
N ASP D 1052 -22.22 -16.34 -83.43
CA ASP D 1052 -22.15 -15.88 -84.80
C ASP D 1052 -23.12 -14.72 -85.15
N TYR D 1053 -22.86 -14.01 -86.29
CA TYR D 1053 -23.73 -13.01 -86.82
C TYR D 1053 -24.19 -13.58 -88.16
N VAL D 1054 -24.86 -14.76 -88.08
CA VAL D 1054 -25.42 -15.32 -89.28
C VAL D 1054 -26.74 -15.81 -88.77
N THR D 1055 -26.78 -16.61 -87.70
CA THR D 1055 -27.89 -17.19 -87.15
C THR D 1055 -28.17 -16.70 -85.72
N GLY D 1056 -27.18 -15.94 -85.11
CA GLY D 1056 -27.33 -15.34 -83.80
C GLY D 1056 -27.21 -16.43 -82.82
N GLU D 1057 -26.59 -17.59 -83.12
CA GLU D 1057 -26.42 -18.73 -82.31
C GLU D 1057 -25.31 -18.52 -81.36
N THR D 1058 -25.65 -18.65 -80.06
CA THR D 1058 -24.64 -18.78 -78.99
C THR D 1058 -24.50 -20.28 -78.77
N LEU D 1059 -23.61 -20.98 -79.62
CA LEU D 1059 -23.50 -22.40 -79.46
C LEU D 1059 -22.13 -22.62 -78.82
N THR D 1060 -21.98 -23.75 -78.06
CA THR D 1060 -20.83 -24.00 -77.26
C THR D 1060 -20.16 -25.28 -77.73
N ALA D 1061 -18.81 -25.20 -77.60
CA ALA D 1061 -18.02 -26.34 -77.54
C ALA D 1061 -17.78 -26.53 -76.12
N THR D 1062 -18.20 -27.66 -75.56
CA THR D 1062 -17.86 -28.10 -74.25
C THR D 1062 -17.10 -29.33 -74.42
N THR D 1063 -16.05 -29.35 -73.58
CA THR D 1063 -14.79 -30.15 -73.62
C THR D 1063 -14.22 -30.06 -72.20
N LYS D 1064 -13.37 -31.04 -71.79
CA LYS D 1064 -12.59 -30.88 -70.55
C LYS D 1064 -11.17 -30.90 -70.96
N LEU D 1065 -10.32 -30.40 -70.02
CA LEU D 1065 -8.93 -30.31 -70.18
C LEU D 1065 -8.47 -31.26 -69.08
N VAL D 1066 -7.86 -32.35 -69.41
CA VAL D 1066 -7.35 -33.42 -68.58
C VAL D 1066 -6.09 -32.96 -67.77
N ALA D 1067 -5.96 -33.26 -66.42
CA ALA D 1067 -4.84 -32.80 -65.58
C ALA D 1067 -3.56 -33.51 -65.86
N LEU D 1068 -3.56 -34.68 -66.61
CA LEU D 1068 -2.45 -35.56 -66.92
C LEU D 1068 -2.46 -36.68 -65.92
N SER D 1069 -2.30 -37.92 -66.39
CA SER D 1069 -2.38 -39.14 -65.51
C SER D 1069 -1.36 -39.14 -64.42
N THR D 1070 -1.82 -39.62 -63.23
CA THR D 1070 -0.97 -39.67 -62.06
C THR D 1070 -0.64 -41.10 -62.01
N LEU D 1071 0.70 -41.36 -62.05
CA LEU D 1071 1.35 -42.60 -61.83
C LEU D 1071 2.01 -42.38 -60.48
N SER D 1072 1.88 -43.30 -59.49
CA SER D 1072 2.49 -42.99 -58.18
C SER D 1072 3.73 -43.79 -58.00
N LEU D 1073 4.23 -44.47 -59.07
CA LEU D 1073 5.29 -45.39 -59.00
C LEU D 1073 5.51 -45.87 -60.44
N VAL D 1074 6.65 -45.60 -61.10
CA VAL D 1074 7.13 -46.20 -62.33
C VAL D 1074 8.35 -46.79 -61.88
N ALA D 1075 8.45 -48.15 -62.02
CA ALA D 1075 9.59 -48.94 -61.66
C ALA D 1075 9.88 -48.92 -60.19
N LYS D 1076 10.76 -49.81 -59.76
CA LYS D 1076 11.09 -49.83 -58.39
C LYS D 1076 12.48 -49.27 -58.31
N GLY D 1077 12.78 -48.78 -57.10
CA GLY D 1077 14.02 -48.02 -56.79
C GLY D 1077 15.03 -48.91 -56.43
N ALA D 1078 15.91 -48.46 -55.51
CA ALA D 1078 16.94 -49.17 -54.78
C ALA D 1078 17.93 -48.22 -54.24
N GLY D 1079 17.48 -47.36 -53.27
CA GLY D 1079 18.28 -46.55 -52.32
C GLY D 1079 19.27 -47.46 -51.65
N VAL D 1080 20.55 -46.98 -51.52
CA VAL D 1080 21.64 -47.88 -51.26
C VAL D 1080 21.87 -47.94 -49.80
N VAL D 1081 21.79 -49.17 -49.24
CA VAL D 1081 22.12 -49.50 -47.87
C VAL D 1081 23.47 -50.07 -48.01
N GLU D 1082 24.49 -49.63 -47.24
CA GLU D 1082 25.79 -50.24 -47.24
C GLU D 1082 25.85 -51.15 -46.01
N PHE D 1083 25.78 -52.49 -46.27
CA PHE D 1083 26.03 -53.57 -45.35
C PHE D 1083 27.49 -53.47 -44.84
N LEU D 1084 28.38 -53.08 -45.75
CA LEU D 1084 29.62 -52.45 -45.48
C LEU D 1084 29.47 -51.25 -44.57
N LEU D 1085 30.20 -51.28 -43.42
CA LEU D 1085 30.10 -50.32 -42.33
C LEU D 1085 31.34 -49.55 -42.19
N THR D 1086 31.23 -48.15 -42.14
CA THR D 1086 32.37 -47.33 -41.68
C THR D 1086 32.50 -47.57 -40.25
N ALA D 1087 33.72 -48.19 -39.90
CA ALA D 1087 33.95 -48.75 -38.59
C ALA D 1087 34.03 -47.72 -37.44
N TYR D 1088 33.52 -47.95 -36.26
CA TYR D 1088 33.71 -47.14 -35.15
C TYR D 1088 33.79 -48.00 -33.84
N PRO D 1089 34.95 -48.26 -33.35
CA PRO D 1089 35.26 -48.98 -32.14
C PRO D 1089 34.68 -48.41 -30.86
N TYR D 1090 34.90 -49.16 -29.69
CA TYR D 1090 34.52 -48.69 -28.40
C TYR D 1090 35.20 -47.41 -27.97
N THR D 1091 36.51 -47.35 -28.26
CA THR D 1091 37.39 -46.17 -28.31
C THR D 1091 36.84 -45.20 -29.43
N GLY D 1092 37.18 -43.82 -29.33
CA GLY D 1092 36.91 -42.90 -30.35
C GLY D 1092 37.76 -43.03 -31.56
N ASN D 1093 39.03 -43.48 -31.28
CA ASN D 1093 39.95 -43.95 -32.31
C ASN D 1093 39.19 -44.98 -33.26
N ILE D 1094 39.73 -45.18 -34.53
CA ILE D 1094 39.01 -45.94 -35.50
C ILE D 1094 39.91 -47.02 -35.99
N THR D 1095 41.27 -46.90 -35.79
CA THR D 1095 42.30 -47.75 -36.43
C THR D 1095 42.31 -49.13 -35.88
N PHE D 1096 42.13 -50.13 -36.77
CA PHE D 1096 42.12 -51.60 -36.42
C PHE D 1096 40.67 -51.92 -36.11
N ALA D 1097 39.97 -52.63 -36.93
CA ALA D 1097 38.49 -52.80 -36.97
C ALA D 1097 38.25 -53.40 -38.30
N PRO D 1098 38.19 -54.80 -38.38
CA PRO D 1098 37.53 -55.40 -39.51
C PRO D 1098 36.11 -55.01 -39.53
N PRO D 1099 35.44 -54.84 -40.67
CA PRO D 1099 34.07 -54.32 -40.79
C PRO D 1099 33.01 -55.42 -40.73
N TRP D 1100 31.78 -55.07 -40.30
CA TRP D 1100 30.77 -55.89 -39.85
C TRP D 1100 29.75 -55.74 -40.90
N PHE D 1101 28.71 -56.56 -40.89
CA PHE D 1101 27.61 -56.67 -41.77
C PHE D 1101 26.29 -56.67 -40.99
N ILE D 1102 25.56 -55.55 -41.12
CA ILE D 1102 24.21 -55.44 -40.73
C ILE D 1102 23.48 -56.43 -41.56
N ALA D 1103 22.41 -57.08 -40.98
CA ALA D 1103 21.78 -58.27 -41.46
C ALA D 1103 21.20 -57.96 -42.88
N GLU D 1104 21.33 -58.98 -43.76
CA GLU D 1104 21.31 -58.81 -45.14
C GLU D 1104 20.15 -59.53 -45.77
N ASN D 1105 19.18 -58.84 -46.35
CA ASN D 1105 18.11 -59.34 -47.22
C ASN D 1105 17.98 -58.05 -48.06
N VAL D 1106 17.38 -58.16 -49.19
CA VAL D 1106 17.18 -57.07 -50.09
C VAL D 1106 15.70 -56.94 -50.05
N VAL D 1107 15.21 -55.90 -49.38
CA VAL D 1107 13.86 -55.48 -49.15
C VAL D 1107 13.84 -53.94 -49.34
N LYS D 1108 15.06 -53.36 -49.74
CA LYS D 1108 15.34 -51.96 -49.72
C LYS D 1108 15.05 -51.22 -51.03
N GLN D 1109 14.08 -51.68 -51.82
CA GLN D 1109 13.49 -50.89 -52.84
C GLN D 1109 12.42 -49.90 -52.24
N PRO D 1110 12.72 -48.59 -52.55
CA PRO D 1110 11.78 -47.48 -52.56
C PRO D 1110 10.59 -47.74 -53.45
N PHE D 1111 9.49 -47.38 -52.88
CA PHE D 1111 8.22 -47.29 -53.64
C PHE D 1111 7.93 -45.81 -53.79
N MET D 1112 8.95 -45.04 -54.10
CA MET D 1112 8.95 -43.66 -54.43
C MET D 1112 7.80 -43.08 -55.25
N THR D 1113 7.30 -41.89 -54.84
CA THR D 1113 6.22 -41.25 -55.62
C THR D 1113 6.81 -40.37 -56.64
N TYR D 1114 6.09 -40.30 -57.84
CA TYR D 1114 6.50 -39.61 -59.00
C TYR D 1114 6.65 -38.15 -58.69
N SER D 1115 7.90 -37.62 -58.84
CA SER D 1115 8.32 -36.22 -58.84
C SER D 1115 8.55 -35.74 -60.27
N ASP D 1116 8.35 -36.62 -61.32
CA ASP D 1116 8.60 -36.25 -62.73
C ASP D 1116 7.44 -36.69 -63.64
N LEU D 1117 6.15 -36.24 -63.29
CA LEU D 1117 5.02 -36.57 -64.15
C LEU D 1117 5.20 -36.04 -65.55
N GLN D 1118 5.34 -34.68 -65.76
CA GLN D 1118 4.93 -34.20 -67.08
C GLN D 1118 6.10 -34.40 -68.00
N PHE D 1119 7.32 -34.12 -67.49
CA PHE D 1119 8.42 -34.07 -68.41
C PHE D 1119 8.73 -35.45 -68.83
N ALA D 1120 8.65 -36.45 -68.00
CA ALA D 1120 8.88 -37.82 -68.46
C ALA D 1120 8.08 -38.25 -69.60
N LYS D 1121 6.77 -37.86 -69.54
CA LYS D 1121 5.90 -38.21 -70.61
C LYS D 1121 6.13 -37.44 -71.93
N THR D 1122 6.58 -36.12 -71.89
CA THR D 1122 6.38 -35.20 -72.97
C THR D 1122 7.63 -35.17 -73.89
N ASN D 1123 8.76 -35.75 -73.47
CA ASN D 1123 9.92 -36.04 -74.29
C ASN D 1123 10.26 -37.45 -74.01
N PRO D 1124 10.67 -38.26 -75.02
CA PRO D 1124 11.17 -39.63 -74.81
C PRO D 1124 12.62 -39.64 -74.30
N SER D 1125 13.30 -38.47 -74.29
CA SER D 1125 14.70 -38.33 -73.90
C SER D 1125 14.66 -37.36 -72.78
N ALA D 1126 14.01 -37.86 -71.73
CA ALA D 1126 13.67 -37.12 -70.53
C ALA D 1126 14.38 -37.82 -69.44
N ILE D 1127 14.73 -37.05 -68.38
CA ILE D 1127 15.39 -37.63 -67.24
C ILE D 1127 14.43 -37.51 -66.13
N LEU D 1128 14.19 -38.74 -65.55
CA LEU D 1128 13.17 -39.05 -64.53
C LEU D 1128 13.63 -38.84 -63.09
N SER D 1129 12.73 -38.66 -62.07
CA SER D 1129 13.06 -38.43 -60.72
C SER D 1129 11.79 -38.70 -59.97
N LEU D 1130 11.96 -39.24 -58.72
CA LEU D 1130 10.82 -39.65 -57.85
C LEU D 1130 11.50 -39.66 -56.47
N SER D 1131 10.86 -38.94 -55.46
CA SER D 1131 11.41 -38.98 -54.08
C SER D 1131 11.07 -40.27 -53.27
N THR D 1132 12.13 -40.81 -52.62
CA THR D 1132 12.20 -42.05 -51.84
C THR D 1132 11.28 -41.96 -50.65
N VAL D 1133 10.69 -43.08 -50.19
CA VAL D 1133 9.65 -43.08 -49.10
C VAL D 1133 10.01 -44.04 -47.99
N ASN D 1134 10.82 -45.02 -48.39
CA ASN D 1134 11.21 -45.97 -47.43
C ASN D 1134 12.38 -46.72 -48.16
N ILE D 1135 13.51 -46.72 -47.43
CA ILE D 1135 14.59 -47.57 -47.72
C ILE D 1135 14.88 -48.35 -46.42
N THR D 1136 14.83 -49.65 -46.51
CA THR D 1136 14.69 -50.57 -45.42
C THR D 1136 16.04 -51.04 -45.05
N VAL D 1137 16.41 -50.83 -43.73
CA VAL D 1137 17.59 -51.32 -43.18
C VAL D 1137 17.16 -52.58 -42.44
N VAL D 1138 17.62 -53.76 -42.90
CA VAL D 1138 17.09 -55.02 -42.42
C VAL D 1138 17.94 -55.59 -41.24
N GLY D 1139 17.21 -55.75 -40.10
CA GLY D 1139 17.75 -56.19 -38.84
C GLY D 1139 17.16 -57.56 -38.62
N LEU D 1140 17.67 -58.22 -37.53
CA LEU D 1140 17.01 -59.44 -37.11
C LEU D 1140 16.44 -59.13 -35.76
N GLY D 1141 15.25 -59.67 -35.53
CA GLY D 1141 14.42 -59.28 -34.39
C GLY D 1141 13.76 -57.90 -34.66
N GLY D 1142 13.60 -57.47 -35.98
CA GLY D 1142 12.86 -56.27 -36.26
C GLY D 1142 13.58 -55.70 -37.45
N LYS D 1143 13.21 -54.43 -37.86
CA LYS D 1143 13.90 -53.79 -38.86
C LYS D 1143 13.78 -52.28 -38.67
N ALA D 1144 14.82 -51.50 -39.10
CA ALA D 1144 15.06 -50.04 -39.07
C ALA D 1144 14.80 -49.59 -40.48
N SER D 1145 15.01 -48.25 -40.64
CA SER D 1145 14.86 -47.57 -41.94
C SER D 1145 15.41 -46.18 -41.83
N VAL D 1146 15.78 -45.68 -43.04
CA VAL D 1146 16.14 -44.31 -43.28
C VAL D 1146 15.60 -43.97 -44.59
N TYR D 1147 15.14 -42.69 -44.75
CA TYR D 1147 14.54 -42.22 -45.99
C TYR D 1147 14.37 -40.71 -45.86
N TYR D 1148 14.63 -40.01 -47.00
CA TYR D 1148 14.31 -38.64 -47.40
C TYR D 1148 12.83 -38.59 -47.76
N ASN D 1149 11.98 -38.44 -46.72
CA ASN D 1149 10.57 -38.48 -46.72
C ASN D 1149 9.95 -37.42 -47.61
N SER D 1150 9.05 -37.93 -48.49
CA SER D 1150 8.18 -37.18 -49.34
C SER D 1150 7.08 -36.32 -48.64
N THR D 1151 6.58 -36.81 -47.50
CA THR D 1151 5.40 -36.27 -46.84
C THR D 1151 5.81 -35.36 -45.62
N SER D 1152 7.07 -34.96 -45.56
CA SER D 1152 7.46 -33.86 -44.74
C SER D 1152 8.69 -33.13 -45.14
N GLY D 1153 9.40 -33.59 -46.16
CA GLY D 1153 10.64 -33.08 -46.67
C GLY D 1153 11.91 -33.25 -45.82
N GLN D 1154 12.04 -34.36 -44.98
CA GLN D 1154 13.05 -34.46 -43.94
C GLN D 1154 13.52 -35.86 -43.90
N THR D 1155 14.74 -36.04 -43.39
CA THR D 1155 15.45 -37.27 -43.26
C THR D 1155 15.04 -37.89 -41.97
N VAL D 1156 14.26 -38.95 -42.08
CA VAL D 1156 13.62 -39.68 -40.94
C VAL D 1156 14.40 -40.94 -40.74
N ILE D 1157 14.76 -41.26 -39.41
CA ILE D 1157 15.64 -42.35 -39.03
C ILE D 1157 14.86 -43.03 -37.93
N THR D 1158 14.47 -44.26 -38.30
CA THR D 1158 13.84 -45.14 -37.38
C THR D 1158 14.70 -46.28 -37.09
N ASN D 1159 14.49 -46.90 -35.92
CA ASN D 1159 15.50 -47.82 -35.34
C ASN D 1159 14.74 -49.20 -35.40
N ILE D 1160 15.30 -50.26 -34.69
CA ILE D 1160 15.05 -51.68 -35.02
C ILE D 1160 13.68 -52.13 -34.67
N TYR D 1161 13.03 -51.50 -33.67
CA TYR D 1161 11.69 -51.80 -33.17
C TYR D 1161 10.74 -50.73 -33.69
N GLY D 1162 11.16 -50.07 -34.79
CA GLY D 1162 10.33 -49.13 -35.59
C GLY D 1162 10.08 -47.75 -35.15
N GLN D 1163 10.95 -47.17 -34.36
CA GLN D 1163 10.59 -45.96 -33.64
C GLN D 1163 11.61 -44.98 -34.02
N THR D 1164 11.15 -43.72 -34.26
CA THR D 1164 11.89 -42.65 -34.95
C THR D 1164 12.67 -42.13 -33.86
N VAL D 1165 13.98 -41.73 -34.20
CA VAL D 1165 14.80 -41.25 -33.15
C VAL D 1165 15.33 -39.86 -33.44
N ALA D 1166 15.27 -39.45 -34.72
CA ALA D 1166 15.74 -38.16 -35.17
C ALA D 1166 14.97 -37.85 -36.42
N THR D 1167 14.77 -36.50 -36.74
CA THR D 1167 14.11 -36.06 -37.99
C THR D 1167 14.99 -34.85 -38.18
N LEU D 1168 15.64 -34.79 -39.37
CA LEU D 1168 16.66 -33.87 -39.70
C LEU D 1168 16.35 -33.10 -40.87
N SER D 1169 16.63 -31.80 -40.84
CA SER D 1169 16.20 -30.72 -41.68
C SER D 1169 16.82 -30.86 -43.03
N GLY D 1170 15.99 -30.58 -44.08
CA GLY D 1170 16.46 -30.38 -45.40
C GLY D 1170 16.85 -31.66 -46.04
N ASN D 1171 17.55 -31.53 -47.20
CA ASN D 1171 18.12 -32.70 -47.98
C ASN D 1171 19.49 -32.88 -47.36
N VAL D 1172 19.74 -34.06 -46.72
CA VAL D 1172 21.09 -34.48 -46.38
C VAL D 1172 21.25 -35.91 -46.79
N LEU D 1173 20.16 -36.50 -47.31
CA LEU D 1173 20.13 -37.79 -48.00
C LEU D 1173 19.61 -37.58 -49.41
N PRO D 1174 20.21 -38.25 -50.38
CA PRO D 1174 19.83 -38.17 -51.81
C PRO D 1174 18.28 -38.36 -52.09
N THR D 1175 17.93 -37.92 -53.27
CA THR D 1175 16.64 -38.05 -53.84
C THR D 1175 16.96 -38.68 -55.17
N LEU D 1176 16.12 -39.62 -55.61
CA LEU D 1176 16.43 -40.54 -56.68
C LEU D 1176 16.11 -39.98 -58.05
N THR D 1177 17.16 -39.90 -58.90
CA THR D 1177 17.22 -39.14 -60.16
C THR D 1177 17.94 -40.00 -61.08
N GLU D 1178 17.90 -39.74 -62.40
CA GLU D 1178 18.56 -40.67 -63.36
C GLU D 1178 19.72 -40.00 -64.00
N LEU D 1179 20.72 -40.79 -64.47
CA LEU D 1179 21.99 -40.27 -64.88
C LEU D 1179 22.00 -39.76 -66.27
N ALA D 1180 21.14 -40.40 -67.06
CA ALA D 1180 20.96 -40.08 -68.49
C ALA D 1180 19.53 -40.32 -68.77
N ALA D 1181 19.12 -39.88 -69.99
CA ALA D 1181 17.75 -39.87 -70.41
C ALA D 1181 17.33 -41.28 -70.61
N GLY D 1182 16.45 -41.78 -69.71
CA GLY D 1182 15.99 -43.22 -69.52
C GLY D 1182 17.13 -44.14 -69.19
N ASN D 1183 18.06 -43.87 -68.17
CA ASN D 1183 19.10 -44.85 -67.75
C ASN D 1183 18.54 -45.85 -66.81
N GLY D 1184 17.47 -45.39 -66.03
CA GLY D 1184 16.68 -46.23 -65.15
C GLY D 1184 17.40 -46.57 -63.86
N THR D 1185 18.02 -45.55 -63.21
CA THR D 1185 19.00 -45.69 -62.13
C THR D 1185 18.44 -44.80 -60.91
N PHE D 1186 18.71 -45.20 -59.62
CA PHE D 1186 18.11 -44.82 -58.37
C PHE D 1186 19.09 -45.42 -57.41
N THR D 1187 19.85 -44.56 -56.68
CA THR D 1187 20.81 -44.93 -55.68
C THR D 1187 20.68 -43.86 -54.59
N GLY D 1188 21.29 -44.09 -53.40
CA GLY D 1188 21.34 -43.22 -52.23
C GLY D 1188 22.64 -43.64 -51.67
N SER D 1189 22.76 -43.59 -50.32
CA SER D 1189 24.07 -43.74 -49.59
C SER D 1189 23.78 -43.59 -48.06
N LEU D 1190 24.28 -44.55 -47.18
CA LEU D 1190 24.04 -44.61 -45.78
C LEU D 1190 25.35 -44.92 -45.13
N GLN D 1191 25.74 -44.07 -44.12
CA GLN D 1191 27.00 -44.21 -43.49
C GLN D 1191 26.67 -44.46 -42.09
N PHE D 1192 27.38 -45.39 -41.29
CA PHE D 1192 27.02 -46.09 -40.08
C PHE D 1192 28.06 -45.93 -39.06
N THR D 1193 27.83 -46.35 -37.81
CA THR D 1193 28.73 -46.27 -36.70
C THR D 1193 28.14 -47.08 -35.65
N ILE D 1194 28.73 -47.07 -34.45
CA ILE D 1194 28.26 -47.74 -33.26
C ILE D 1194 28.57 -46.74 -32.18
N VAL D 1195 27.66 -46.62 -31.28
CA VAL D 1195 27.87 -45.95 -30.04
C VAL D 1195 28.37 -46.99 -29.02
N PRO D 1196 29.52 -46.85 -28.28
CA PRO D 1196 29.82 -47.79 -27.17
C PRO D 1196 28.75 -47.79 -26.05
N ASN D 1197 28.12 -48.98 -25.80
CA ASN D 1197 27.12 -49.14 -24.80
C ASN D 1197 27.71 -49.39 -23.39
N ASN D 1198 26.87 -49.37 -22.33
CA ASN D 1198 27.23 -49.64 -20.96
C ASN D 1198 26.36 -50.63 -20.30
N THR D 1199 25.35 -51.24 -21.00
CA THR D 1199 24.34 -52.08 -20.39
C THR D 1199 24.94 -53.32 -19.89
N VAL D 1200 24.86 -53.51 -18.56
CA VAL D 1200 25.72 -54.45 -17.83
C VAL D 1200 25.01 -55.80 -17.85
N VAL D 1201 25.57 -56.78 -18.66
CA VAL D 1201 24.97 -58.09 -18.79
C VAL D 1201 25.99 -59.08 -18.28
N GLN D 1202 25.82 -59.64 -17.08
CA GLN D 1202 26.72 -60.64 -16.43
C GLN D 1202 26.20 -61.97 -16.98
N ILE D 1203 27.09 -62.80 -17.63
CA ILE D 1203 26.71 -64.09 -18.12
C ILE D 1203 27.11 -65.20 -17.09
N PRO D 1204 26.18 -65.87 -16.37
CA PRO D 1204 26.48 -66.91 -15.34
C PRO D 1204 27.05 -68.08 -15.95
N SER D 1205 28.27 -68.38 -15.52
CA SER D 1205 28.90 -69.59 -16.03
C SER D 1205 29.40 -70.38 -14.86
N SER D 1206 28.92 -71.63 -14.64
CA SER D 1206 29.44 -72.44 -13.58
C SER D 1206 30.24 -73.65 -14.13
N LEU D 1207 30.29 -73.68 -15.46
CA LEU D 1207 31.07 -74.58 -16.29
C LEU D 1207 32.60 -74.42 -16.06
N THR D 1208 33.11 -73.18 -16.03
CA THR D 1208 34.49 -72.84 -15.69
C THR D 1208 34.36 -71.81 -14.64
N LYS D 1209 35.32 -71.70 -13.68
CA LYS D 1209 35.40 -70.69 -12.61
C LYS D 1209 35.25 -69.18 -13.06
N THR D 1210 35.95 -68.88 -14.19
CA THR D 1210 35.83 -67.57 -14.85
C THR D 1210 34.42 -67.43 -15.38
N SER D 1211 33.77 -66.33 -14.87
CA SER D 1211 32.39 -65.88 -15.08
C SER D 1211 32.66 -64.53 -15.85
N PHE D 1212 31.77 -64.15 -16.81
CA PHE D 1212 32.17 -63.13 -17.76
C PHE D 1212 30.98 -62.26 -18.07
N ALA D 1213 31.06 -60.89 -17.85
CA ALA D 1213 30.02 -60.03 -18.26
C ALA D 1213 30.28 -59.25 -19.53
N VAL D 1214 29.48 -59.53 -20.56
CA VAL D 1214 29.61 -58.95 -21.89
C VAL D 1214 28.31 -58.31 -22.01
N TYR D 1215 28.35 -57.01 -22.41
CA TYR D 1215 27.26 -56.12 -22.56
C TYR D 1215 26.35 -56.58 -23.69
N THR D 1216 25.65 -55.66 -24.35
CA THR D 1216 24.81 -56.14 -25.48
C THR D 1216 25.37 -55.90 -26.91
N ASN D 1217 26.69 -55.89 -26.95
CA ASN D 1217 27.51 -55.99 -28.14
C ASN D 1217 27.47 -54.64 -29.05
N GLY D 1218 27.61 -53.49 -28.40
CA GLY D 1218 27.50 -52.15 -29.04
C GLY D 1218 26.10 -51.83 -29.34
N SER D 1219 25.87 -50.61 -29.72
CA SER D 1219 24.60 -50.16 -30.10
C SER D 1219 24.76 -49.29 -31.27
N LEU D 1220 24.55 -49.94 -32.45
CA LEU D 1220 24.67 -49.50 -33.84
C LEU D 1220 23.93 -48.18 -34.00
N ALA D 1221 24.43 -47.29 -34.89
CA ALA D 1221 23.88 -45.91 -35.07
C ALA D 1221 24.21 -45.52 -36.47
N ILE D 1222 23.63 -44.38 -36.99
CA ILE D 1222 23.83 -43.96 -38.34
C ILE D 1222 24.52 -42.71 -38.26
N VAL D 1223 25.64 -42.48 -39.05
CA VAL D 1223 26.39 -41.25 -39.06
C VAL D 1223 25.67 -40.38 -40.08
N LEU D 1224 24.78 -39.46 -39.66
CA LEU D 1224 24.24 -38.42 -40.46
C LEU D 1224 24.55 -37.19 -39.64
N ASN D 1225 24.75 -36.11 -40.35
CA ASN D 1225 25.24 -34.87 -39.78
C ASN D 1225 26.55 -34.93 -38.97
N GLY D 1226 27.31 -36.00 -39.02
CA GLY D 1226 28.57 -36.09 -38.26
C GLY D 1226 28.51 -36.84 -36.98
N LYS D 1227 27.27 -37.20 -36.58
CA LYS D 1227 26.91 -37.67 -35.23
C LYS D 1227 26.07 -38.96 -35.36
N ALA D 1228 26.11 -39.77 -34.25
CA ALA D 1228 25.39 -41.02 -34.04
C ALA D 1228 23.97 -40.73 -33.52
N TYR D 1229 22.96 -41.45 -34.19
CA TYR D 1229 21.56 -41.45 -33.79
C TYR D 1229 21.25 -42.91 -33.74
N SER D 1230 20.96 -43.52 -32.58
CA SER D 1230 20.91 -45.06 -32.44
C SER D 1230 20.08 -45.85 -33.40
N LEU D 1231 20.47 -47.11 -33.69
CA LEU D 1231 19.60 -48.00 -34.40
C LEU D 1231 19.33 -49.23 -33.59
N GLY D 1232 19.79 -49.20 -32.36
CA GLY D 1232 19.39 -50.19 -31.42
C GLY D 1232 20.44 -51.27 -31.37
N PRO D 1233 20.15 -52.43 -30.64
CA PRO D 1233 21.05 -53.48 -30.38
C PRO D 1233 21.81 -53.98 -31.61
N ALA D 1234 23.07 -53.70 -31.56
CA ALA D 1234 24.01 -54.08 -32.59
C ALA D 1234 24.33 -55.55 -32.49
N GLY D 1235 23.87 -56.28 -31.46
CA GLY D 1235 24.13 -57.70 -31.41
C GLY D 1235 23.56 -58.48 -32.52
N LEU D 1236 22.22 -58.37 -32.59
CA LEU D 1236 21.53 -59.09 -33.70
C LEU D 1236 21.86 -58.55 -35.11
N PHE D 1237 22.19 -57.22 -35.24
CA PHE D 1237 22.73 -56.65 -36.39
C PHE D 1237 23.99 -57.41 -36.85
N LEU D 1238 25.06 -57.32 -36.11
CA LEU D 1238 26.33 -57.41 -36.71
C LEU D 1238 26.80 -58.79 -36.59
N LEU D 1239 27.87 -59.16 -37.36
CA LEU D 1239 28.46 -60.41 -37.54
C LEU D 1239 29.89 -60.09 -37.87
N PRO D 1240 30.85 -60.79 -37.41
CA PRO D 1240 30.70 -62.02 -36.57
C PRO D 1240 30.85 -61.58 -35.12
N PHE D 1241 30.70 -62.56 -34.19
CA PHE D 1241 30.89 -62.55 -32.78
C PHE D 1241 31.45 -63.91 -32.39
N VAL D 1242 32.42 -63.94 -31.39
CA VAL D 1242 32.88 -65.19 -30.83
C VAL D 1242 31.88 -65.72 -29.94
N THR D 1243 31.89 -67.08 -29.83
CA THR D 1243 30.75 -67.76 -29.09
C THR D 1243 31.35 -68.38 -27.90
N TYR D 1244 31.32 -67.65 -26.74
CA TYR D 1244 31.84 -68.27 -25.53
C TYR D 1244 30.68 -69.12 -25.01
N THR D 1245 30.76 -70.46 -25.36
CA THR D 1245 29.62 -71.37 -25.32
C THR D 1245 28.32 -70.81 -25.82
N GLY D 1246 28.36 -70.23 -27.04
CA GLY D 1246 27.29 -69.61 -27.57
C GLY D 1246 27.30 -68.09 -27.45
N SER D 1247 27.83 -67.53 -26.41
CA SER D 1247 27.66 -66.20 -25.95
C SER D 1247 28.25 -65.21 -26.86
N ALA D 1248 27.41 -64.17 -27.32
CA ALA D 1248 27.80 -63.27 -28.40
C ALA D 1248 28.74 -62.22 -27.90
N ILE D 1249 30.09 -62.26 -28.23
CA ILE D 1249 31.06 -61.26 -27.81
C ILE D 1249 31.76 -60.74 -29.02
N GLY D 1250 31.59 -59.44 -29.21
CA GLY D 1250 31.97 -58.77 -30.43
C GLY D 1250 32.33 -57.32 -30.01
N ALA D 1251 32.41 -56.46 -31.03
CA ALA D 1251 32.89 -55.19 -30.84
C ALA D 1251 31.94 -54.37 -29.92
N ASN D 1252 32.54 -53.54 -28.99
CA ASN D 1252 31.95 -52.45 -28.27
C ASN D 1252 31.35 -52.94 -26.98
N ALA D 1253 32.17 -53.56 -26.07
CA ALA D 1253 31.68 -54.14 -24.87
C ALA D 1253 32.67 -53.91 -23.78
N THR D 1254 32.54 -54.56 -22.65
CA THR D 1254 33.51 -54.56 -21.66
C THR D 1254 33.34 -55.94 -21.12
N ALA D 1255 34.49 -56.58 -20.80
CA ALA D 1255 34.57 -57.80 -20.06
C ALA D 1255 35.17 -57.49 -18.79
N ILE D 1256 34.37 -57.83 -17.72
CA ILE D 1256 34.85 -57.70 -16.36
C ILE D 1256 35.25 -59.06 -15.98
N ILE D 1257 36.53 -59.27 -15.60
CA ILE D 1257 37.14 -60.56 -15.53
C ILE D 1257 37.50 -60.94 -14.13
N THR D 1258 37.09 -62.19 -13.71
CA THR D 1258 37.46 -62.67 -12.44
C THR D 1258 38.33 -63.87 -12.65
N VAL D 1259 39.68 -63.69 -12.74
CA VAL D 1259 40.57 -64.76 -13.04
C VAL D 1259 41.03 -65.37 -11.68
N SER D 1260 41.41 -66.64 -11.71
CA SER D 1260 41.84 -67.38 -10.56
C SER D 1260 43.19 -67.85 -10.72
N ASP D 1261 43.85 -68.21 -9.61
CA ASP D 1261 45.22 -68.70 -9.51
C ASP D 1261 45.43 -69.31 -8.11
N GLY D 1262 46.56 -69.95 -7.85
CA GLY D 1262 46.91 -70.65 -6.64
C GLY D 1262 47.19 -69.79 -5.48
N VAL D 1263 47.28 -68.40 -5.73
CA VAL D 1263 47.50 -67.33 -4.80
C VAL D 1263 46.11 -66.81 -4.44
N GLY D 1264 45.03 -67.15 -5.15
CA GLY D 1264 43.63 -66.69 -4.92
C GLY D 1264 42.93 -66.22 -6.16
N THR D 1265 42.53 -64.94 -6.20
CA THR D 1265 41.92 -64.38 -7.39
C THR D 1265 42.26 -62.94 -7.42
N SER D 1266 42.13 -62.41 -8.64
CA SER D 1266 42.21 -60.99 -8.95
C SER D 1266 41.06 -60.62 -9.86
N THR D 1267 40.54 -59.37 -9.74
CA THR D 1267 39.51 -58.83 -10.56
C THR D 1267 40.26 -57.93 -11.48
N THR D 1268 40.16 -58.18 -12.85
CA THR D 1268 40.81 -57.42 -13.92
C THR D 1268 39.65 -57.03 -14.75
N GLN D 1269 39.92 -56.19 -15.70
CA GLN D 1269 38.94 -55.73 -16.66
C GLN D 1269 39.67 -55.55 -17.95
N VAL D 1270 39.01 -56.04 -19.02
CA VAL D 1270 39.43 -55.77 -20.31
C VAL D 1270 38.27 -55.16 -21.11
N PRO D 1271 38.23 -53.95 -21.49
CA PRO D 1271 37.30 -53.42 -22.47
C PRO D 1271 37.40 -54.10 -23.77
N ILE D 1272 36.28 -54.54 -24.37
CA ILE D 1272 36.39 -55.29 -25.62
C ILE D 1272 36.13 -54.24 -26.59
N THR D 1273 37.16 -53.96 -27.40
CA THR D 1273 37.20 -52.99 -28.49
C THR D 1273 37.11 -53.72 -29.86
N ALA D 1274 36.89 -52.97 -30.95
CA ALA D 1274 37.17 -53.49 -32.25
C ALA D 1274 38.68 -53.30 -32.63
N GLU D 1275 39.47 -52.83 -31.61
CA GLU D 1275 40.91 -52.70 -31.68
C GLU D 1275 41.41 -53.81 -30.74
N ASN D 1276 40.58 -54.91 -30.72
CA ASN D 1276 40.82 -56.00 -29.84
C ASN D 1276 39.95 -57.17 -30.52
N PHE D 1277 39.44 -56.90 -31.73
CA PHE D 1277 38.54 -57.63 -32.48
C PHE D 1277 39.14 -58.93 -32.87
N THR D 1278 40.34 -58.83 -33.49
CA THR D 1278 41.26 -59.93 -33.71
C THR D 1278 40.71 -60.91 -34.74
N PRO D 1279 41.19 -60.97 -35.97
CA PRO D 1279 40.66 -61.93 -36.96
C PRO D 1279 41.41 -63.18 -36.70
N ILE D 1280 40.74 -64.20 -36.08
CA ILE D 1280 41.31 -65.54 -35.93
C ILE D 1280 40.19 -66.43 -36.30
N ARG D 1281 40.52 -67.49 -37.12
CA ARG D 1281 39.66 -68.60 -37.45
C ARG D 1281 40.32 -69.67 -36.66
N LEU D 1282 39.58 -70.74 -36.29
CA LEU D 1282 40.13 -71.95 -35.83
C LEU D 1282 39.60 -72.92 -36.88
N ALA D 1283 40.58 -73.74 -37.35
CA ALA D 1283 40.31 -74.52 -38.52
C ALA D 1283 40.74 -75.94 -38.18
N PRO D 1284 40.22 -76.97 -38.87
CA PRO D 1284 40.64 -78.38 -38.69
C PRO D 1284 42.09 -78.67 -39.04
N PHE D 1285 42.65 -79.78 -38.62
CA PHE D 1285 44.00 -80.25 -39.00
C PHE D 1285 44.02 -80.44 -40.49
N GLN D 1286 42.95 -80.91 -41.18
CA GLN D 1286 43.09 -81.36 -42.55
C GLN D 1286 42.60 -80.39 -43.54
N VAL D 1287 42.11 -79.25 -43.08
CA VAL D 1287 41.75 -78.18 -43.97
C VAL D 1287 42.79 -77.11 -43.79
N PRO D 1288 43.19 -76.31 -44.83
CA PRO D 1288 44.15 -75.29 -44.58
C PRO D 1288 43.80 -74.24 -43.48
N ALA D 1289 44.80 -73.77 -42.76
CA ALA D 1289 44.63 -72.94 -41.59
C ALA D 1289 44.07 -71.60 -41.95
N GLN D 1290 44.59 -70.96 -43.01
CA GLN D 1290 44.34 -69.60 -43.45
C GLN D 1290 43.31 -69.49 -44.52
N VAL D 1291 42.79 -70.62 -45.02
CA VAL D 1291 41.60 -70.66 -45.84
C VAL D 1291 40.49 -70.99 -44.83
N PRO D 1292 39.39 -70.26 -44.87
CA PRO D 1292 38.36 -70.28 -43.86
C PRO D 1292 37.37 -71.30 -44.40
N LEU D 1293 36.10 -71.37 -43.95
CA LEU D 1293 35.05 -72.01 -44.73
C LEU D 1293 33.79 -71.32 -44.81
N PRO D 1294 33.41 -70.58 -45.86
CA PRO D 1294 32.19 -69.88 -45.91
C PRO D 1294 31.08 -70.82 -46.42
N ASN D 1295 31.41 -72.03 -46.97
CA ASN D 1295 30.39 -72.89 -47.54
C ASN D 1295 30.03 -73.99 -46.58
N ALA D 1296 30.83 -74.05 -45.49
CA ALA D 1296 30.52 -74.75 -44.33
C ALA D 1296 29.80 -73.70 -43.43
N PRO D 1297 28.91 -74.03 -42.55
CA PRO D 1297 28.33 -73.10 -41.64
C PRO D 1297 29.27 -72.16 -40.89
N LYS D 1298 28.85 -70.91 -40.59
CA LYS D 1298 29.69 -69.93 -39.98
C LYS D 1298 30.20 -70.48 -38.63
N LEU D 1299 29.31 -70.97 -37.67
CA LEU D 1299 29.84 -71.32 -36.29
C LEU D 1299 30.22 -72.80 -36.19
N LYS D 1300 30.34 -73.62 -37.29
CA LYS D 1300 30.41 -75.04 -37.29
C LYS D 1300 31.15 -75.52 -38.50
N TYR D 1301 31.93 -76.58 -38.41
CA TYR D 1301 32.28 -77.44 -39.52
C TYR D 1301 32.55 -78.79 -38.91
N GLU D 1302 32.02 -79.81 -39.63
CA GLU D 1302 32.07 -81.16 -39.21
C GLU D 1302 33.40 -81.68 -39.72
N TYR D 1303 34.41 -81.92 -38.87
CA TYR D 1303 35.61 -82.62 -39.24
C TYR D 1303 35.37 -84.10 -39.53
N ASN D 1304 35.82 -84.67 -40.69
CA ASN D 1304 35.55 -86.05 -40.98
C ASN D 1304 36.81 -86.89 -40.83
N GLY D 1305 37.92 -86.32 -40.47
CA GLY D 1305 39.18 -87.02 -40.32
C GLY D 1305 39.19 -87.81 -39.00
N SER D 1306 39.94 -89.00 -38.91
CA SER D 1306 40.08 -89.76 -37.70
C SER D 1306 41.21 -89.20 -36.83
N ILE D 1307 40.92 -88.86 -35.51
CA ILE D 1307 42.04 -88.54 -34.63
C ILE D 1307 41.91 -89.44 -33.47
N VAL D 1308 42.78 -90.40 -33.36
CA VAL D 1308 43.03 -91.48 -32.41
C VAL D 1308 43.72 -90.83 -31.22
N ILE D 1309 43.25 -91.22 -30.02
CA ILE D 1309 43.69 -90.63 -28.76
C ILE D 1309 44.43 -91.82 -28.13
N THR D 1310 45.53 -91.51 -27.41
CA THR D 1310 46.40 -92.42 -26.76
C THR D 1310 46.82 -91.68 -25.55
N PRO D 1311 46.83 -92.29 -24.40
CA PRO D 1311 46.57 -91.71 -23.13
C PRO D 1311 47.76 -90.91 -22.57
N GLN D 1312 48.92 -90.96 -23.31
CA GLN D 1312 50.14 -90.27 -23.01
C GLN D 1312 50.45 -89.35 -24.12
N GLN D 1313 49.63 -89.47 -25.23
CA GLN D 1313 49.77 -88.68 -26.41
C GLN D 1313 48.43 -88.20 -26.87
N GLN D 1314 47.52 -87.63 -25.90
CA GLN D 1314 46.13 -87.27 -26.17
C GLN D 1314 45.90 -86.08 -27.08
N VAL D 1315 46.15 -86.18 -28.37
CA VAL D 1315 46.39 -84.98 -29.13
C VAL D 1315 45.07 -84.57 -29.68
N LEU D 1316 44.40 -83.44 -29.31
CA LEU D 1316 43.30 -82.83 -30.16
C LEU D 1316 43.82 -81.69 -31.08
N LYS D 1317 44.36 -82.11 -32.25
CA LYS D 1317 45.06 -81.33 -33.24
C LYS D 1317 44.14 -80.40 -34.01
N ILE D 1318 44.42 -79.06 -33.98
CA ILE D 1318 43.67 -78.09 -34.70
C ILE D 1318 44.62 -77.07 -34.95
N TYR D 1319 44.17 -76.10 -35.76
CA TYR D 1319 44.91 -74.88 -35.94
C TYR D 1319 44.13 -73.77 -35.39
N VAL D 1320 44.80 -73.10 -34.41
CA VAL D 1320 44.49 -71.77 -33.82
C VAL D 1320 45.23 -70.77 -34.63
N THR D 1321 44.66 -70.27 -35.75
CA THR D 1321 45.39 -69.52 -36.73
C THR D 1321 45.44 -68.07 -36.19
N SER D 1322 46.65 -67.67 -35.75
CA SER D 1322 46.92 -66.45 -35.12
C SER D 1322 47.85 -65.69 -36.01
N ILE D 1323 47.23 -64.91 -36.99
CA ILE D 1323 47.87 -64.28 -38.08
C ILE D 1323 48.36 -62.98 -37.64
N LEU D 1324 47.95 -62.53 -36.44
CA LEU D 1324 48.41 -61.36 -35.82
C LEU D 1324 48.69 -61.84 -34.42
N PRO D 1325 49.43 -61.15 -33.50
CA PRO D 1325 49.71 -61.61 -32.16
C PRO D 1325 48.59 -61.97 -31.27
N TYR D 1326 48.86 -62.93 -30.39
CA TYR D 1326 47.85 -63.44 -29.50
C TYR D 1326 48.54 -63.44 -28.17
N PRO D 1327 48.68 -62.29 -27.44
CA PRO D 1327 49.31 -62.25 -26.19
C PRO D 1327 48.45 -62.74 -25.08
N GLN D 1328 47.28 -63.35 -25.45
CA GLN D 1328 46.26 -63.82 -24.55
C GLN D 1328 46.19 -65.31 -24.68
N GLU D 1329 45.30 -65.93 -23.82
CA GLU D 1329 45.13 -67.38 -23.70
C GLU D 1329 43.63 -67.63 -24.01
N PHE D 1330 43.25 -68.97 -24.10
CA PHE D 1330 41.87 -69.30 -24.14
C PHE D 1330 41.69 -70.72 -23.83
N GLN D 1331 40.40 -71.25 -23.66
CA GLN D 1331 40.19 -72.63 -23.52
C GLN D 1331 39.48 -72.96 -24.75
N ILE D 1332 39.48 -74.29 -24.97
CA ILE D 1332 38.62 -75.02 -25.89
C ILE D 1332 37.81 -75.83 -24.93
N GLN D 1333 36.55 -75.32 -24.61
CA GLN D 1333 35.55 -76.09 -23.87
C GLN D 1333 35.06 -77.28 -24.60
N ALA D 1334 35.46 -78.49 -24.14
CA ALA D 1334 35.10 -79.77 -24.73
C ALA D 1334 33.78 -80.29 -24.25
N PHE D 1335 32.84 -80.29 -25.21
CA PHE D 1335 31.55 -80.81 -24.97
C PHE D 1335 31.61 -82.13 -25.64
N VAL D 1336 31.80 -83.20 -24.87
CA VAL D 1336 31.84 -84.53 -25.38
C VAL D 1336 30.45 -84.97 -25.65
N TYR D 1337 30.31 -85.85 -26.68
CA TYR D 1337 29.11 -86.56 -27.02
C TYR D 1337 29.66 -87.73 -27.74
N GLU D 1338 28.86 -88.87 -27.79
CA GLU D 1338 29.13 -90.00 -28.62
C GLU D 1338 28.34 -89.53 -29.90
N ALA D 1339 28.21 -90.50 -30.86
CA ALA D 1339 27.58 -90.33 -32.12
C ALA D 1339 26.15 -90.83 -31.99
N SER D 1340 25.77 -91.39 -30.80
CA SER D 1340 24.42 -91.78 -30.45
C SER D 1340 23.81 -90.71 -29.50
N GLN D 1341 24.58 -89.65 -29.22
CA GLN D 1341 24.20 -88.44 -28.46
C GLN D 1341 24.27 -87.32 -29.43
N PHE D 1342 24.46 -87.62 -30.72
CA PHE D 1342 24.56 -86.64 -31.75
C PHE D 1342 23.72 -87.21 -32.91
N ASN D 1343 22.83 -86.32 -33.46
CA ASN D 1343 22.14 -86.64 -34.69
C ASN D 1343 23.03 -86.37 -35.84
N VAL D 1344 23.83 -87.36 -36.19
CA VAL D 1344 24.91 -87.30 -37.10
C VAL D 1344 24.45 -87.12 -38.58
N HIS D 1345 23.12 -87.20 -38.94
CA HIS D 1345 22.68 -87.07 -40.30
C HIS D 1345 22.18 -85.66 -40.54
N THR D 1346 22.07 -84.85 -39.43
CA THR D 1346 21.70 -83.50 -39.55
C THR D 1346 23.01 -82.75 -39.28
N GLY D 1347 24.04 -83.37 -38.73
CA GLY D 1347 25.08 -82.63 -38.14
C GLY D 1347 24.82 -81.75 -36.96
N SER D 1348 23.76 -81.99 -36.19
CA SER D 1348 23.39 -81.20 -35.06
C SER D 1348 23.05 -82.17 -33.93
N PRO D 1349 23.67 -82.08 -32.72
CA PRO D 1349 23.21 -82.94 -31.60
C PRO D 1349 21.85 -82.69 -31.05
N THR D 1350 21.35 -83.79 -30.36
CA THR D 1350 19.95 -83.81 -29.95
C THR D 1350 19.85 -84.41 -28.52
N ALA D 1351 21.03 -84.51 -27.73
CA ALA D 1351 21.08 -84.95 -26.39
C ALA D 1351 22.12 -84.26 -25.72
N ALA D 1352 21.99 -84.16 -24.41
CA ALA D 1352 22.88 -83.51 -23.43
C ALA D 1352 24.31 -83.94 -23.57
N PRO D 1353 25.38 -83.17 -23.27
CA PRO D 1353 26.80 -83.71 -23.26
C PRO D 1353 26.93 -84.73 -22.17
N VAL D 1354 27.94 -85.70 -22.38
CA VAL D 1354 28.15 -86.66 -21.30
C VAL D 1354 29.20 -86.18 -20.39
N TYR D 1355 29.95 -85.07 -20.76
CA TYR D 1355 30.96 -84.43 -19.90
C TYR D 1355 31.20 -83.07 -20.56
N PHE D 1356 31.27 -82.08 -19.69
CA PHE D 1356 31.72 -80.75 -20.07
C PHE D 1356 32.98 -80.53 -19.32
N SER D 1357 34.09 -80.13 -20.02
CA SER D 1357 35.37 -79.90 -19.35
C SER D 1357 35.97 -78.88 -20.18
N TYR D 1358 37.16 -78.42 -19.78
CA TYR D 1358 37.92 -77.50 -20.65
C TYR D 1358 39.30 -78.00 -20.88
N SER D 1359 39.86 -77.54 -22.04
CA SER D 1359 41.25 -77.73 -22.32
C SER D 1359 41.84 -76.47 -22.72
N ALA D 1360 42.67 -75.87 -21.83
CA ALA D 1360 43.25 -74.54 -21.93
C ALA D 1360 44.36 -74.69 -22.95
N VAL D 1361 44.33 -73.68 -23.88
CA VAL D 1361 45.29 -73.49 -24.99
C VAL D 1361 46.10 -72.25 -24.60
N ARG D 1362 47.35 -72.54 -24.28
CA ARG D 1362 48.39 -71.54 -24.06
C ARG D 1362 49.10 -71.51 -25.40
N ALA D 1363 49.05 -70.32 -26.06
CA ALA D 1363 49.61 -69.98 -27.39
C ALA D 1363 51.11 -69.62 -27.25
N TYR D 1364 51.90 -69.90 -28.35
CA TYR D 1364 53.30 -69.60 -28.58
C TYR D 1364 53.58 -68.08 -28.25
N PRO D 1365 54.57 -67.64 -27.42
CA PRO D 1365 54.59 -66.37 -26.74
C PRO D 1365 54.56 -65.21 -27.72
N ALA D 1366 53.66 -64.17 -27.56
CA ALA D 1366 53.60 -63.04 -28.40
C ALA D 1366 54.54 -61.94 -27.88
N LEU D 1367 55.78 -61.97 -28.40
CA LEU D 1367 56.71 -60.92 -28.19
C LEU D 1367 56.83 -60.26 -29.58
N GLY D 1368 55.81 -60.47 -30.50
CA GLY D 1368 55.72 -59.80 -31.80
C GLY D 1368 55.29 -60.93 -32.66
N ILE D 1369 55.00 -60.64 -33.93
CA ILE D 1369 54.50 -61.54 -34.85
C ILE D 1369 55.70 -62.31 -35.43
N GLY D 1370 55.60 -63.68 -35.42
CA GLY D 1370 56.63 -64.56 -35.94
C GLY D 1370 57.00 -65.37 -34.72
N THR D 1371 56.75 -64.91 -33.49
CA THR D 1371 57.17 -65.43 -32.23
C THR D 1371 55.86 -66.12 -31.66
N SER D 1372 54.72 -65.84 -32.35
CA SER D 1372 53.39 -66.46 -32.40
C SER D 1372 53.32 -66.55 -33.89
N VAL D 1373 53.54 -67.70 -34.53
CA VAL D 1373 53.59 -67.93 -35.96
C VAL D 1373 52.22 -67.74 -36.61
N PRO D 1374 52.01 -67.56 -37.90
CA PRO D 1374 50.74 -67.39 -38.53
C PRO D 1374 49.73 -68.46 -38.35
N ASN D 1375 50.20 -69.75 -38.35
CA ASN D 1375 49.25 -70.82 -38.10
C ASN D 1375 49.78 -71.34 -36.80
N LEU D 1376 48.94 -71.62 -35.74
CA LEU D 1376 49.41 -72.12 -34.50
C LEU D 1376 48.90 -73.51 -34.54
N LEU D 1377 49.78 -74.52 -34.78
CA LEU D 1377 49.63 -75.92 -34.64
C LEU D 1377 49.58 -76.28 -33.18
N VAL D 1378 48.31 -76.25 -32.75
CA VAL D 1378 48.13 -76.57 -31.32
C VAL D 1378 47.52 -77.96 -31.29
N TYR D 1379 48.30 -78.95 -30.81
CA TYR D 1379 47.76 -80.19 -30.33
C TYR D 1379 47.23 -79.94 -28.91
N VAL D 1380 45.86 -79.69 -28.86
CA VAL D 1380 45.17 -79.39 -27.63
C VAL D 1380 45.14 -80.51 -26.62
N GLN D 1381 45.90 -80.49 -25.52
CA GLN D 1381 46.06 -81.59 -24.61
C GLN D 1381 45.12 -81.66 -23.38
N LEU D 1382 44.29 -82.75 -23.32
CA LEU D 1382 43.09 -82.80 -22.47
C LEU D 1382 43.30 -84.11 -21.90
N GLN D 1383 43.17 -84.18 -20.54
CA GLN D 1383 43.19 -85.41 -19.77
C GLN D 1383 41.91 -85.20 -19.03
N GLY D 1384 40.92 -86.10 -19.32
CA GLY D 1384 39.54 -85.93 -18.81
C GLY D 1384 38.56 -86.43 -19.76
N ILE D 1385 38.89 -86.63 -21.10
CA ILE D 1385 38.31 -87.60 -22.08
C ILE D 1385 38.86 -89.00 -21.72
N SER D 1386 39.45 -89.19 -20.49
CA SER D 1386 39.89 -90.47 -20.00
C SER D 1386 39.22 -90.83 -18.74
N ASN D 1387 38.06 -90.15 -18.47
CA ASN D 1387 37.12 -90.58 -17.48
C ASN D 1387 36.01 -91.23 -18.13
N LEU D 1388 36.14 -91.29 -19.50
CA LEU D 1388 35.17 -91.92 -20.45
C LEU D 1388 35.70 -93.20 -20.98
N PRO D 1389 34.87 -94.26 -21.18
CA PRO D 1389 35.20 -95.50 -21.85
C PRO D 1389 35.70 -95.27 -23.26
N ALA D 1390 36.39 -96.19 -23.99
CA ALA D 1390 36.90 -95.94 -25.33
C ALA D 1390 35.83 -96.24 -26.38
N GLY D 1391 35.66 -95.35 -27.41
CA GLY D 1391 34.65 -95.62 -28.37
C GLY D 1391 34.54 -94.45 -29.25
N LYS D 1392 33.48 -94.47 -30.04
CA LYS D 1392 33.15 -93.46 -30.98
C LYS D 1392 32.62 -92.19 -30.39
N TYR D 1393 33.27 -91.04 -30.71
CA TYR D 1393 32.95 -89.78 -30.01
C TYR D 1393 32.87 -88.71 -31.02
N VAL D 1394 31.74 -87.91 -31.00
CA VAL D 1394 31.66 -86.58 -31.48
C VAL D 1394 32.13 -85.62 -30.44
N ILE D 1395 33.43 -85.20 -30.43
CA ILE D 1395 33.96 -84.14 -29.57
C ILE D 1395 33.75 -82.73 -30.11
N VAL D 1396 32.74 -81.96 -29.65
CA VAL D 1396 32.57 -80.50 -29.91
C VAL D 1396 33.61 -79.72 -29.17
N LEU D 1397 34.71 -79.40 -29.87
CA LEU D 1397 35.78 -78.50 -29.38
C LEU D 1397 35.28 -77.09 -29.55
N SER D 1398 34.57 -76.53 -28.55
CA SER D 1398 34.06 -75.21 -28.74
C SER D 1398 35.13 -74.17 -28.28
N ALA D 1399 35.72 -73.36 -29.25
CA ALA D 1399 36.63 -72.30 -28.92
C ALA D 1399 36.01 -71.27 -28.05
N VAL D 1400 36.50 -71.13 -26.81
CA VAL D 1400 35.83 -70.31 -25.81
C VAL D 1400 36.89 -69.34 -25.27
N PRO D 1401 36.77 -67.96 -25.23
CA PRO D 1401 37.74 -67.04 -24.61
C PRO D 1401 37.85 -67.23 -23.18
N PHE D 1402 39.03 -67.09 -22.53
CA PHE D 1402 39.11 -67.02 -21.05
C PHE D 1402 38.53 -65.70 -20.63
N ALA D 1403 37.31 -65.69 -20.11
CA ALA D 1403 36.66 -64.65 -19.45
C ALA D 1403 36.16 -63.63 -20.47
N GLY D 1404 35.89 -64.03 -21.73
CA GLY D 1404 35.17 -63.12 -22.61
C GLY D 1404 35.98 -62.14 -23.28
N GLY D 1405 37.29 -62.47 -23.41
CA GLY D 1405 38.36 -61.60 -23.84
C GLY D 1405 38.63 -61.66 -25.27
N PRO D 1406 39.68 -62.20 -25.86
CA PRO D 1406 39.80 -62.23 -27.33
C PRO D 1406 38.65 -62.77 -28.03
N VAL D 1407 38.31 -62.05 -29.06
CA VAL D 1407 37.23 -62.46 -29.97
C VAL D 1407 37.92 -63.18 -31.19
N LEU D 1408 37.26 -64.29 -31.59
CA LEU D 1408 37.71 -65.31 -32.51
C LEU D 1408 36.56 -65.36 -33.45
N SER D 1409 36.46 -66.52 -34.24
CA SER D 1409 35.39 -66.79 -35.16
C SER D 1409 35.47 -65.85 -36.43
N GLU D 1410 35.73 -66.47 -37.57
CA GLU D 1410 36.00 -65.97 -38.88
C GLU D 1410 35.76 -67.22 -39.86
N TYR D 1411 35.32 -68.39 -39.27
CA TYR D 1411 34.50 -69.47 -39.82
C TYR D 1411 35.51 -70.58 -40.13
N PRO D 1412 35.41 -71.81 -39.59
CA PRO D 1412 34.54 -72.29 -38.55
C PRO D 1412 34.67 -71.47 -37.34
N ALA D 1413 33.87 -71.77 -36.38
CA ALA D 1413 33.88 -71.07 -35.05
C ALA D 1413 34.10 -72.02 -33.90
N GLN D 1414 33.89 -73.36 -34.11
CA GLN D 1414 33.93 -74.39 -33.19
C GLN D 1414 34.36 -75.54 -34.10
N LEU D 1415 35.06 -76.56 -33.52
CA LEU D 1415 35.48 -77.68 -34.28
C LEU D 1415 34.66 -78.89 -33.77
N ILE D 1416 33.52 -79.21 -34.45
CA ILE D 1416 32.72 -80.33 -34.12
C ILE D 1416 33.36 -81.61 -34.72
N PHE D 1417 34.19 -82.29 -33.98
CA PHE D 1417 34.87 -83.49 -34.47
C PHE D 1417 34.02 -84.65 -34.55
N THR D 1418 33.35 -84.91 -35.77
CA THR D 1418 32.33 -86.02 -35.87
C THR D 1418 32.94 -87.41 -35.89
N ASN D 1419 34.30 -87.46 -36.07
CA ASN D 1419 34.91 -88.82 -36.17
C ASN D 1419 36.08 -88.98 -35.18
N VAL D 1420 36.00 -88.44 -33.87
CA VAL D 1420 37.02 -88.83 -32.89
C VAL D 1420 36.85 -90.30 -32.60
N THR D 1421 38.04 -91.04 -32.45
CA THR D 1421 37.94 -92.45 -32.02
C THR D 1421 38.82 -92.59 -30.91
N LEU D 1422 38.29 -92.23 -29.64
CA LEU D 1422 38.93 -92.35 -28.40
C LEU D 1422 39.24 -93.71 -28.12
N THR D 1423 40.56 -93.95 -27.81
CA THR D 1423 41.11 -95.18 -27.46
C THR D 1423 41.83 -94.87 -26.22
N GLN D 1424 41.53 -95.55 -25.10
CA GLN D 1424 42.03 -95.22 -23.81
C GLN D 1424 43.46 -95.85 -23.65
N LEU E 30 139.21 -58.23 -6.04
CA LEU E 30 140.47 -58.51 -6.75
C LEU E 30 140.24 -59.71 -7.60
N THR E 31 141.35 -60.17 -8.13
CA THR E 31 141.42 -61.45 -8.84
C THR E 31 142.49 -62.26 -8.20
N PRO E 32 142.08 -63.45 -7.59
CA PRO E 32 140.76 -63.95 -7.37
C PRO E 32 139.98 -63.01 -6.41
N PRO E 33 138.65 -63.04 -6.44
CA PRO E 33 137.74 -62.40 -5.49
C PRO E 33 138.06 -62.99 -4.12
N VAL E 34 138.60 -62.16 -3.16
CA VAL E 34 139.09 -62.62 -1.90
C VAL E 34 138.01 -63.20 -1.04
N SER E 35 138.35 -64.19 -0.16
CA SER E 35 137.46 -64.81 0.80
C SER E 35 137.15 -63.82 1.89
N ALA E 36 135.96 -63.93 2.58
CA ALA E 36 135.51 -62.99 3.59
C ALA E 36 136.03 -63.31 4.91
N GLY E 37 137.22 -62.80 5.19
CA GLY E 37 137.84 -62.75 6.51
C GLY E 37 139.24 -63.23 6.25
N GLY E 38 139.52 -63.63 5.02
CA GLY E 38 140.72 -64.33 4.58
C GLY E 38 141.89 -63.54 4.18
N ILE E 39 143.03 -64.26 3.94
CA ILE E 39 144.34 -63.70 3.61
C ILE E 39 144.72 -64.18 2.21
N GLN E 40 145.24 -63.24 1.34
CA GLN E 40 145.73 -63.59 0.02
C GLN E 40 147.05 -62.90 -0.09
N ALA E 41 147.93 -63.54 -0.89
CA ALA E 41 149.26 -63.09 -1.17
C ALA E 41 149.52 -62.69 -2.61
N TYR E 42 150.10 -61.49 -2.77
CA TYR E 42 150.54 -61.09 -4.13
C TYR E 42 151.98 -60.76 -3.97
N LEU E 43 152.79 -61.49 -4.80
CA LEU E 43 154.18 -61.30 -4.72
C LEU E 43 154.49 -60.11 -5.61
N LEU E 44 155.29 -59.13 -5.11
CA LEU E 44 155.77 -57.93 -5.77
C LEU E 44 156.90 -58.31 -6.67
N THR E 45 156.73 -58.19 -7.99
CA THR E 45 157.68 -58.59 -9.03
C THR E 45 157.17 -57.78 -10.23
N GLY E 46 157.92 -57.76 -11.29
CA GLY E 46 157.67 -56.85 -12.37
C GLY E 46 158.28 -55.51 -12.09
N SER E 47 158.09 -54.63 -13.08
CA SER E 47 158.52 -53.26 -13.24
C SER E 47 157.89 -52.37 -12.20
N GLY E 48 158.67 -51.49 -11.50
CA GLY E 48 158.13 -50.78 -10.33
C GLY E 48 158.45 -51.47 -8.96
N ALA E 49 159.10 -52.67 -8.95
CA ALA E 49 159.42 -53.39 -7.72
C ALA E 49 160.80 -52.99 -7.23
N PRO E 50 160.96 -52.83 -5.93
CA PRO E 50 162.31 -52.57 -5.40
C PRO E 50 163.07 -53.87 -5.40
N ALA E 51 162.51 -55.10 -5.10
CA ALA E 51 163.22 -56.32 -5.17
C ALA E 51 162.17 -57.39 -5.31
N SER E 52 162.53 -58.61 -5.84
CA SER E 52 161.75 -59.83 -5.83
C SER E 52 161.84 -60.38 -4.35
N GLY E 53 160.77 -61.20 -4.05
CA GLY E 53 160.61 -61.77 -2.71
C GLY E 53 160.03 -60.80 -1.64
N LEU E 54 159.38 -59.77 -2.19
CA LEU E 54 158.70 -58.79 -1.38
C LEU E 54 157.26 -59.20 -1.58
N VAL E 55 156.57 -59.85 -0.56
CA VAL E 55 155.25 -60.41 -0.70
C VAL E 55 154.44 -59.42 0.03
N LEU E 56 153.15 -59.48 -0.31
CA LEU E 56 152.16 -58.62 0.25
C LEU E 56 151.15 -59.62 0.88
N PHE E 57 151.11 -59.66 2.21
CA PHE E 57 150.10 -60.37 2.89
C PHE E 57 149.01 -59.41 3.18
N VAL E 58 147.81 -59.57 2.62
CA VAL E 58 146.66 -58.68 2.77
C VAL E 58 145.54 -59.50 3.27
N VAL E 59 144.81 -58.95 4.29
CA VAL E 59 143.79 -59.70 4.99
C VAL E 59 142.50 -58.85 4.84
N ASN E 60 141.39 -59.51 4.44
CA ASN E 60 140.15 -58.85 4.32
C ASN E 60 139.49 -58.44 5.58
N VAL E 61 139.24 -57.12 5.83
CA VAL E 61 138.76 -56.62 7.06
C VAL E 61 137.83 -55.56 6.62
N SER E 62 136.89 -55.96 5.76
CA SER E 62 135.90 -54.99 5.29
C SER E 62 134.56 -55.38 5.91
N ASN E 63 134.59 -56.38 6.75
CA ASN E 63 133.34 -56.90 7.27
C ASN E 63 132.87 -56.16 8.55
N ILE E 64 133.69 -55.16 8.97
CA ILE E 64 133.59 -54.13 9.95
C ILE E 64 134.10 -52.97 9.24
N GLN E 65 133.29 -51.92 9.23
CA GLN E 65 133.53 -50.69 8.46
C GLN E 65 134.07 -49.60 9.38
N VAL E 66 135.36 -49.28 9.34
CA VAL E 66 135.95 -48.27 10.16
C VAL E 66 136.63 -47.39 9.18
N SER E 67 136.81 -46.04 9.53
CA SER E 67 137.48 -45.16 8.66
C SER E 67 138.16 -44.06 9.32
N SER E 68 138.00 -43.95 10.68
CA SER E 68 138.85 -43.12 11.57
C SER E 68 138.26 -43.24 12.91
N SER E 69 137.19 -44.08 13.11
CA SER E 69 136.58 -44.24 14.41
C SER E 69 137.46 -44.91 15.45
N ASN E 70 138.36 -45.80 14.85
CA ASN E 70 139.25 -46.51 15.72
C ASN E 70 140.22 -47.23 14.83
N VAL E 71 140.72 -46.59 13.74
CA VAL E 71 141.48 -47.26 12.65
C VAL E 71 142.78 -47.88 13.11
N THR E 72 143.63 -47.22 13.96
CA THR E 72 144.95 -47.66 14.35
C THR E 72 144.80 -48.94 15.15
N ASN E 73 143.78 -48.93 16.03
CA ASN E 73 143.40 -50.02 16.97
C ASN E 73 143.09 -51.26 16.18
N VAL E 74 142.26 -51.11 15.16
CA VAL E 74 141.86 -52.19 14.26
C VAL E 74 143.10 -52.76 13.51
N ILE E 75 143.97 -51.89 12.94
CA ILE E 75 145.12 -52.36 12.21
C ILE E 75 146.06 -53.16 13.14
N SER E 76 146.40 -52.71 14.43
CA SER E 76 147.18 -53.43 15.38
C SER E 76 146.62 -54.74 15.73
N THR E 77 145.31 -54.75 16.04
CA THR E 77 144.59 -56.01 16.45
C THR E 77 144.65 -57.10 15.38
N VAL E 78 144.38 -56.77 14.08
CA VAL E 78 144.34 -57.81 13.11
C VAL E 78 145.76 -58.38 12.78
N VAL E 79 146.82 -57.46 12.77
CA VAL E 79 148.18 -57.87 12.33
C VAL E 79 148.97 -58.45 13.51
N SER E 80 148.50 -58.29 14.80
CA SER E 80 149.05 -59.02 15.92
C SER E 80 148.82 -60.51 15.75
N ASN E 81 147.94 -60.98 14.82
CA ASN E 81 147.67 -62.43 14.82
C ASN E 81 148.20 -63.13 13.57
N ILE E 82 148.84 -62.28 12.68
CA ILE E 82 149.42 -62.71 11.51
C ILE E 82 150.59 -63.57 11.94
N GLN E 83 150.69 -64.74 11.34
CA GLN E 83 151.78 -65.66 11.62
C GLN E 83 152.38 -66.01 10.29
N ILE E 84 153.69 -66.12 10.21
CA ILE E 84 154.32 -66.28 8.95
C ILE E 84 155.05 -67.58 9.14
N ASN E 85 154.80 -68.58 8.30
CA ASN E 85 155.55 -69.89 8.32
C ASN E 85 156.62 -69.81 7.28
N ALA E 86 157.80 -70.31 7.53
CA ALA E 86 158.77 -70.30 6.49
C ALA E 86 159.39 -71.63 6.65
N LYS E 87 159.61 -72.29 5.46
CA LYS E 87 160.29 -73.61 5.31
C LYS E 87 161.25 -73.56 4.22
N THR E 88 162.41 -74.12 4.42
CA THR E 88 163.37 -74.40 3.33
C THR E 88 163.10 -75.84 2.96
N GLU E 89 162.49 -75.98 1.73
CA GLU E 89 162.12 -77.35 1.21
C GLU E 89 162.53 -77.51 -0.30
N ASN E 90 162.48 -78.88 -0.79
CA ASN E 90 162.77 -79.26 -2.13
C ASN E 90 161.57 -78.91 -3.02
N ALA E 91 161.88 -78.49 -4.25
CA ALA E 91 160.85 -78.11 -5.14
C ALA E 91 160.31 -79.47 -5.72
N GLN E 92 161.14 -80.59 -5.83
CA GLN E 92 160.80 -81.81 -6.52
C GLN E 92 159.88 -82.73 -5.69
N THR E 93 159.75 -82.60 -4.32
CA THR E 93 159.01 -83.62 -3.52
C THR E 93 158.46 -82.94 -2.26
N GLY E 94 159.08 -81.80 -1.91
CA GLY E 94 158.76 -80.97 -0.68
C GLY E 94 159.49 -81.50 0.63
N ALA E 95 160.73 -82.04 0.57
CA ALA E 95 161.44 -82.58 1.68
C ALA E 95 162.12 -81.50 2.48
N THR E 96 161.74 -81.34 3.77
CA THR E 96 162.15 -80.33 4.68
C THR E 96 163.58 -80.51 5.08
N THR E 97 164.37 -79.42 4.96
CA THR E 97 165.66 -79.30 5.46
C THR E 97 165.70 -78.24 6.54
N GLY E 98 164.56 -77.55 6.81
CA GLY E 98 164.42 -76.64 7.93
C GLY E 98 163.00 -76.02 7.95
N SER E 99 162.38 -75.79 9.14
CA SER E 99 161.13 -75.17 9.20
C SER E 99 161.11 -74.28 10.50
N VAL E 100 160.63 -72.99 10.33
CA VAL E 100 160.66 -71.99 11.38
C VAL E 100 159.30 -71.35 11.25
N THR E 101 158.86 -70.75 12.36
CA THR E 101 157.59 -70.03 12.44
C THR E 101 157.98 -68.78 13.19
N VAL E 102 157.49 -67.69 12.61
CA VAL E 102 157.72 -66.38 13.21
C VAL E 102 156.41 -65.68 13.20
N ARG E 103 156.30 -64.56 14.01
CA ARG E 103 155.08 -63.84 14.15
C ARG E 103 155.42 -62.39 14.20
N PHE E 104 154.60 -61.55 13.59
CA PHE E 104 154.73 -60.08 13.62
C PHE E 104 154.49 -59.55 15.01
N PRO E 105 155.00 -58.47 15.38
CA PRO E 105 154.98 -57.99 16.75
C PRO E 105 153.61 -57.46 17.10
N THR E 106 153.26 -57.67 18.34
CA THR E 106 152.08 -57.23 18.97
C THR E 106 151.94 -55.73 19.07
N SER E 107 153.08 -55.09 19.42
CA SER E 107 153.28 -53.65 19.50
C SER E 107 154.62 -53.39 18.95
N GLY E 108 154.73 -52.26 18.26
CA GLY E 108 155.90 -51.88 17.55
C GLY E 108 155.73 -52.33 16.07
N TYR E 109 154.45 -52.57 15.68
CA TYR E 109 154.03 -53.01 14.37
C TYR E 109 154.27 -51.97 13.37
N ASN E 110 154.30 -52.55 12.17
CA ASN E 110 154.36 -51.78 10.92
C ASN E 110 153.40 -52.46 9.95
N ALA E 111 152.31 -51.81 9.58
CA ALA E 111 151.27 -52.36 8.77
C ALA E 111 150.55 -51.15 8.21
N TYR E 112 149.87 -51.36 7.04
CA TYR E 112 149.32 -50.33 6.27
C TYR E 112 147.88 -50.73 6.04
N TYR E 113 147.01 -49.77 5.63
CA TYR E 113 145.62 -50.05 5.50
C TYR E 113 145.21 -49.21 4.34
N ASP E 114 144.67 -49.87 3.24
CA ASP E 114 143.93 -49.22 2.20
C ASP E 114 142.49 -49.23 2.73
N SER E 115 141.94 -48.03 3.04
CA SER E 115 140.60 -47.82 3.59
C SER E 115 139.63 -47.61 2.45
N VAL E 116 140.14 -47.43 1.21
CA VAL E 116 139.26 -47.37 0.03
C VAL E 116 139.00 -48.81 -0.53
N ASP E 117 139.89 -49.77 -0.21
CA ASP E 117 139.64 -51.23 -0.48
C ASP E 117 139.23 -51.97 0.75
N LYS E 118 139.49 -51.30 1.90
CA LYS E 118 139.14 -51.69 3.28
C LYS E 118 139.87 -52.99 3.73
N VAL E 119 141.19 -52.97 3.53
CA VAL E 119 142.04 -54.22 3.73
C VAL E 119 143.34 -53.74 4.33
N VAL E 120 143.83 -54.45 5.40
CA VAL E 120 145.06 -54.20 6.03
C VAL E 120 146.04 -55.00 5.23
N PHE E 121 147.05 -54.30 4.62
CA PHE E 121 148.00 -54.93 3.79
C PHE E 121 149.32 -54.62 4.42
N VAL E 122 150.22 -55.66 4.40
CA VAL E 122 151.56 -55.46 4.99
C VAL E 122 152.54 -55.91 3.98
N VAL E 123 153.71 -55.19 3.80
CA VAL E 123 154.79 -55.44 2.84
C VAL E 123 155.87 -56.14 3.68
N VAL E 124 156.07 -57.40 3.37
CA VAL E 124 157.06 -58.22 4.04
C VAL E 124 158.17 -58.42 2.97
N SER E 125 159.41 -57.99 3.26
CA SER E 125 160.62 -58.20 2.54
C SER E 125 161.33 -59.43 3.20
N PHE E 126 161.47 -60.57 2.39
CA PHE E 126 162.10 -61.80 2.88
C PHE E 126 163.44 -61.86 2.30
N LEU E 127 163.72 -61.32 1.14
CA LEU E 127 164.97 -61.62 0.49
C LEU E 127 165.87 -60.39 0.69
N TYR E 128 167.15 -60.70 1.24
CA TYR E 128 168.29 -59.87 1.55
C TYR E 128 168.75 -59.06 0.30
N PRO E 129 169.11 -57.79 0.35
CA PRO E 129 169.45 -57.05 1.56
C PRO E 129 168.40 -56.07 1.88
N TYR E 130 167.17 -56.45 1.61
CA TYR E 130 165.95 -55.71 1.93
C TYR E 130 165.38 -56.43 3.06
N THR E 131 166.04 -57.50 3.62
CA THR E 131 165.51 -58.15 4.84
C THR E 131 165.99 -57.43 6.12
N THR E 132 167.01 -56.55 5.92
CA THR E 132 167.76 -55.77 6.90
C THR E 132 167.27 -54.29 6.84
N THR E 133 166.45 -53.90 5.82
CA THR E 133 165.96 -52.47 5.70
C THR E 133 164.60 -52.42 5.06
N SER E 134 164.01 -51.19 5.23
CA SER E 134 162.81 -50.61 4.66
C SER E 134 163.22 -49.99 3.35
N VAL E 135 162.23 -49.95 2.45
CA VAL E 135 162.55 -49.44 1.15
C VAL E 135 161.27 -48.92 0.58
N ASN E 136 161.35 -47.88 -0.26
CA ASN E 136 160.25 -47.06 -0.78
C ASN E 136 159.72 -47.67 -2.02
N ILE E 137 158.42 -48.14 -1.94
CA ILE E 137 157.60 -48.68 -3.00
C ILE E 137 156.71 -47.60 -3.51
N PRO E 138 156.66 -47.31 -4.86
CA PRO E 138 155.84 -46.23 -5.46
C PRO E 138 154.43 -46.48 -5.28
N LEU E 139 153.67 -45.41 -4.98
CA LEU E 139 152.28 -45.70 -4.72
C LEU E 139 151.51 -46.15 -5.93
N SER E 140 151.86 -45.58 -7.14
CA SER E 140 151.13 -45.85 -8.41
C SER E 140 151.52 -47.19 -9.00
N TYR E 141 152.48 -47.76 -8.30
CA TYR E 141 152.92 -49.12 -8.69
C TYR E 141 152.17 -50.10 -7.79
N LEU E 142 152.02 -49.88 -6.45
CA LEU E 142 151.29 -50.84 -5.61
C LEU E 142 149.83 -51.00 -5.92
N SER E 143 149.28 -50.03 -6.61
CA SER E 143 147.90 -49.89 -7.03
C SER E 143 147.45 -50.99 -8.00
N LYS E 144 148.50 -51.74 -8.49
CA LYS E 144 148.28 -52.96 -9.27
C LYS E 144 147.61 -54.01 -8.54
N TYR E 145 147.81 -54.00 -7.19
CA TYR E 145 147.25 -55.00 -6.34
C TYR E 145 146.18 -54.34 -5.47
N LEU E 146 146.25 -53.02 -5.23
CA LEU E 146 145.19 -52.27 -4.53
C LEU E 146 144.66 -51.16 -5.41
N PRO E 147 143.56 -51.23 -6.07
CA PRO E 147 143.06 -50.19 -6.95
C PRO E 147 142.51 -48.89 -6.26
N GLY E 148 142.65 -48.68 -4.95
CA GLY E 148 142.22 -47.57 -4.13
C GLY E 148 143.34 -46.66 -3.91
N LEU E 149 144.53 -47.08 -4.33
CA LEU E 149 145.74 -46.34 -4.25
C LEU E 149 145.88 -45.33 -5.40
N LEU E 150 144.88 -44.44 -5.43
CA LEU E 150 144.88 -43.43 -6.40
C LEU E 150 143.65 -42.52 -6.15
N THR E 151 142.88 -42.76 -5.06
CA THR E 151 141.80 -41.85 -4.75
C THR E 151 142.08 -41.63 -3.27
N ALA E 152 143.11 -42.26 -2.63
CA ALA E 152 143.62 -42.04 -1.30
C ALA E 152 144.95 -42.79 -0.98
N GLN E 153 145.64 -42.20 0.00
CA GLN E 153 146.91 -42.71 0.46
C GLN E 153 146.62 -43.68 1.54
N PRO E 154 147.42 -44.68 1.80
CA PRO E 154 147.22 -45.73 2.86
C PRO E 154 147.53 -45.14 4.21
N TYR E 155 146.98 -45.56 5.37
CA TYR E 155 147.35 -45.11 6.74
C TYR E 155 148.34 -46.06 7.29
N ASP E 156 149.32 -45.49 8.07
CA ASP E 156 150.45 -46.00 8.77
C ASP E 156 150.03 -46.14 10.22
N GLU E 157 150.84 -46.77 11.13
CA GLU E 157 150.61 -47.00 12.53
C GLU E 157 150.46 -45.66 13.21
N THR E 158 149.74 -45.65 14.33
CA THR E 158 149.53 -44.50 15.17
C THR E 158 148.90 -43.29 14.45
N GLY E 159 147.98 -43.53 13.48
CA GLY E 159 147.29 -42.47 12.78
C GLY E 159 148.16 -41.51 12.00
N ALA E 160 149.06 -42.15 11.13
CA ALA E 160 149.90 -41.42 10.25
C ALA E 160 149.40 -41.93 8.89
N GLN E 161 150.22 -41.64 7.87
CA GLN E 161 150.05 -42.00 6.45
C GLN E 161 151.49 -42.00 5.98
N VAL E 162 151.69 -42.60 4.76
CA VAL E 162 152.92 -42.43 4.04
C VAL E 162 152.49 -42.15 2.61
N THR E 163 153.30 -41.32 1.88
CA THR E 163 153.17 -40.92 0.49
C THR E 163 153.47 -42.10 -0.40
N SER E 164 154.50 -42.87 0.08
CA SER E 164 154.98 -44.08 -0.49
C SER E 164 155.24 -45.04 0.55
N VAL E 165 155.04 -46.33 0.20
CA VAL E 165 154.94 -47.40 1.18
C VAL E 165 156.37 -47.87 1.57
N SER E 166 156.60 -47.92 2.92
CA SER E 166 157.82 -48.34 3.53
C SER E 166 157.71 -49.79 3.84
N SER E 167 158.64 -50.62 3.32
CA SER E 167 158.61 -52.04 3.50
C SER E 167 158.88 -52.55 4.98
N THR E 168 158.26 -53.65 5.40
CA THR E 168 158.52 -54.25 6.72
C THR E 168 159.63 -55.33 6.57
N PRO E 169 160.77 -55.24 7.25
CA PRO E 169 161.88 -56.25 7.19
C PRO E 169 161.41 -57.51 7.91
N PHE E 170 161.54 -58.76 7.40
CA PHE E 170 161.23 -60.00 8.04
C PHE E 170 162.32 -60.43 9.07
N GLY E 171 163.47 -59.68 8.98
CA GLY E 171 164.63 -59.93 9.80
C GLY E 171 164.41 -59.58 11.26
N SER E 172 163.49 -58.67 11.53
CA SER E 172 163.10 -58.18 12.88
C SER E 172 162.16 -59.07 13.55
N LEU E 173 161.38 -59.93 12.85
CA LEU E 173 160.31 -60.79 13.41
C LEU E 173 160.92 -61.83 14.32
N ILE E 174 160.17 -62.39 15.33
CA ILE E 174 160.66 -63.07 16.42
C ILE E 174 160.36 -64.57 16.20
N ASP E 175 161.36 -65.39 16.59
CA ASP E 175 161.29 -66.84 16.53
C ASP E 175 160.77 -67.30 17.89
N THR E 176 159.90 -68.41 17.82
CA THR E 176 159.27 -68.93 18.93
C THR E 176 159.10 -70.41 18.63
N SER E 177 159.54 -70.89 17.46
CA SER E 177 159.39 -72.21 16.90
C SER E 177 159.97 -73.27 17.80
N THR E 178 161.07 -72.94 18.49
CA THR E 178 161.78 -73.90 19.30
C THR E 178 161.64 -73.50 20.67
N GLY E 179 161.35 -72.22 20.89
CA GLY E 179 161.26 -71.52 22.11
C GLY E 179 162.37 -70.64 22.44
N GLN E 180 163.30 -70.46 21.41
CA GLN E 180 164.52 -69.84 21.57
C GLN E 180 164.49 -68.64 20.68
N GLN E 181 165.07 -67.50 21.10
CA GLN E 181 165.10 -66.19 20.40
C GLN E 181 165.87 -66.35 19.11
N ILE E 182 165.49 -65.55 18.06
CA ILE E 182 165.98 -65.60 16.63
C ILE E 182 167.52 -65.84 16.59
N LEU E 183 167.94 -67.05 16.08
CA LEU E 183 169.32 -67.41 16.05
C LEU E 183 169.86 -67.16 14.67
N GLY E 184 171.08 -67.59 14.36
CA GLY E 184 171.80 -67.25 13.13
C GLY E 184 172.26 -68.51 12.45
N THR E 185 171.94 -69.63 13.09
CA THR E 185 172.41 -71.02 12.79
C THR E 185 171.35 -71.73 12.04
N ASN E 186 170.18 -71.06 11.82
CA ASN E 186 169.05 -71.63 11.17
C ASN E 186 169.39 -71.76 9.67
N PRO E 187 169.08 -72.82 8.91
CA PRO E 187 169.41 -72.89 7.54
C PRO E 187 168.69 -71.90 6.70
N VAL E 188 167.53 -71.39 7.17
CA VAL E 188 166.60 -70.57 6.41
C VAL E 188 167.17 -69.27 6.14
N LEU E 189 167.96 -68.61 7.04
CA LEU E 189 168.54 -67.34 6.86
C LEU E 189 169.62 -67.53 5.87
N THR E 190 170.41 -68.66 5.92
CA THR E 190 171.48 -69.02 5.04
C THR E 190 170.94 -69.13 3.58
N SER E 191 169.70 -69.75 3.46
CA SER E 191 168.96 -69.82 2.21
C SER E 191 168.62 -68.53 1.56
N TYR E 192 168.08 -67.49 2.35
CA TYR E 192 167.65 -66.24 1.79
C TYR E 192 168.76 -65.32 1.58
N ASN E 193 169.94 -65.58 2.26
CA ASN E 193 171.14 -64.78 1.99
C ASN E 193 171.93 -65.22 0.72
N SER E 194 171.76 -66.51 0.28
CA SER E 194 172.37 -66.95 -0.96
C SER E 194 171.35 -67.23 -2.03
N TYR E 195 170.20 -66.53 -1.91
CA TYR E 195 168.92 -66.64 -2.59
C TYR E 195 169.02 -66.98 -4.08
N THR E 196 169.76 -66.28 -4.91
CA THR E 196 169.93 -66.48 -6.38
C THR E 196 170.48 -67.93 -6.73
N THR E 197 171.69 -68.26 -6.24
CA THR E 197 172.48 -69.51 -6.48
C THR E 197 171.87 -70.68 -5.75
N GLN E 198 171.20 -70.56 -4.60
CA GLN E 198 170.46 -71.64 -3.97
C GLN E 198 169.23 -72.07 -4.66
N ALA E 199 168.45 -71.12 -5.13
CA ALA E 199 167.31 -71.38 -5.89
C ALA E 199 167.73 -71.95 -7.29
N ASN E 200 168.93 -71.69 -7.78
CA ASN E 200 169.39 -72.38 -8.98
C ASN E 200 170.04 -73.78 -8.90
N THR E 201 171.16 -73.79 -8.18
CA THR E 201 172.05 -74.95 -8.16
C THR E 201 171.54 -76.05 -7.34
N ASN E 202 171.09 -75.75 -6.11
CA ASN E 202 170.46 -76.73 -5.26
C ASN E 202 168.92 -76.78 -5.45
N MET E 203 168.29 -75.96 -6.34
CA MET E 203 166.90 -75.75 -6.77
C MET E 203 166.06 -75.50 -5.56
N GLN E 204 166.53 -74.67 -4.63
CA GLN E 204 165.92 -74.58 -3.28
C GLN E 204 164.91 -73.47 -3.21
N GLU E 205 163.57 -73.72 -2.88
CA GLU E 205 162.48 -72.80 -2.67
C GLU E 205 162.19 -72.67 -1.18
N GLY E 206 161.90 -71.39 -0.77
CA GLY E 206 161.27 -71.15 0.55
C GLY E 206 159.80 -71.27 0.33
N VAL E 207 159.11 -72.16 1.05
CA VAL E 207 157.66 -72.34 1.09
C VAL E 207 157.19 -71.52 2.26
N VAL E 208 156.43 -70.42 1.91
CA VAL E 208 156.00 -69.53 2.92
C VAL E 208 154.46 -69.62 2.92
N SER E 209 153.87 -69.42 4.08
CA SER E 209 152.39 -69.41 4.27
C SER E 209 152.13 -68.35 5.31
N GLY E 210 150.92 -67.75 5.14
CA GLY E 210 150.45 -66.77 6.05
C GLY E 210 149.22 -67.39 6.67
N THR E 211 149.02 -67.15 8.01
CA THR E 211 147.91 -67.71 8.75
C THR E 211 147.50 -66.69 9.70
N LEU E 212 146.29 -66.79 10.23
CA LEU E 212 145.75 -65.92 11.28
C LEU E 212 145.06 -66.92 12.20
N THR E 213 145.42 -67.03 13.47
CA THR E 213 144.71 -67.64 14.53
C THR E 213 143.45 -66.88 14.85
N SER E 214 142.35 -67.63 14.99
CA SER E 214 140.98 -67.13 15.06
C SER E 214 140.88 -66.20 16.33
N PHE E 215 140.25 -65.13 15.97
CA PHE E 215 139.97 -63.97 16.80
C PHE E 215 138.72 -63.42 16.25
N THR E 216 138.02 -62.64 17.13
CA THR E 216 136.81 -61.92 16.81
C THR E 216 137.19 -60.49 17.17
N LEU E 217 136.64 -59.55 16.36
CA LEU E 217 136.75 -58.15 16.39
C LEU E 217 135.47 -57.71 15.71
N GLY E 218 134.71 -56.81 16.45
CA GLY E 218 133.39 -56.27 16.12
C GLY E 218 132.33 -57.33 15.87
N GLY E 219 132.48 -58.46 16.62
CA GLY E 219 131.62 -59.58 16.53
C GLY E 219 131.70 -60.24 15.17
N GLN E 220 132.88 -60.12 14.52
CA GLN E 220 133.19 -60.75 13.24
C GLN E 220 134.57 -61.43 13.41
N SER E 221 134.62 -62.66 12.76
CA SER E 221 135.67 -63.63 12.98
C SER E 221 136.48 -63.46 11.72
N PHE E 222 137.80 -63.87 11.82
CA PHE E 222 138.79 -63.86 10.81
C PHE E 222 139.73 -64.99 10.98
N SER E 223 140.07 -65.68 9.85
CA SER E 223 141.04 -66.75 9.87
C SER E 223 141.25 -67.07 8.41
N GLY E 224 142.31 -67.83 8.11
CA GLY E 224 142.55 -68.16 6.68
C GLY E 224 143.88 -68.76 6.54
N SER E 225 144.23 -69.31 5.37
CA SER E 225 145.62 -69.84 5.15
C SER E 225 145.68 -69.75 3.66
N THR E 226 146.82 -69.39 3.13
CA THR E 226 146.89 -68.99 1.74
C THR E 226 147.49 -70.09 0.90
N VAL E 227 146.98 -70.10 -0.33
CA VAL E 227 147.49 -70.84 -1.48
C VAL E 227 148.86 -70.26 -1.78
N PRO E 228 150.00 -70.97 -1.91
CA PRO E 228 151.32 -70.39 -2.19
C PRO E 228 151.26 -69.40 -3.39
N VAL E 229 152.23 -68.47 -3.47
CA VAL E 229 152.66 -67.64 -4.54
C VAL E 229 153.50 -66.50 -3.90
N ILE E 230 154.83 -66.78 -3.75
CA ILE E 230 155.71 -66.38 -2.69
C ILE E 230 157.10 -66.20 -3.34
N LEU E 231 158.13 -65.89 -2.56
CA LEU E 231 159.50 -65.73 -2.97
C LEU E 231 159.98 -66.80 -3.95
N TYR E 232 159.74 -68.11 -3.67
CA TYR E 232 159.91 -69.17 -4.65
C TYR E 232 158.84 -70.24 -4.40
N ALA E 233 158.15 -70.75 -5.44
CA ALA E 233 157.08 -71.77 -5.27
C ALA E 233 157.09 -72.50 -6.59
N PRO E 234 156.78 -73.78 -6.64
CA PRO E 234 156.83 -74.56 -7.85
C PRO E 234 155.55 -74.28 -8.68
N PHE E 235 155.45 -74.91 -9.85
CA PHE E 235 154.36 -74.57 -10.73
C PHE E 235 153.47 -75.75 -10.37
N ILE E 236 152.33 -75.44 -9.72
CA ILE E 236 151.35 -76.39 -9.29
C ILE E 236 150.05 -75.59 -9.22
N PHE E 237 148.91 -76.33 -9.08
CA PHE E 237 147.57 -75.82 -8.90
C PHE E 237 147.42 -75.62 -7.42
N SER E 238 146.44 -74.74 -7.06
CA SER E 238 146.06 -74.26 -5.74
C SER E 238 145.71 -75.42 -4.75
N ASN E 239 146.18 -75.28 -3.53
CA ASN E 239 145.93 -76.29 -2.53
C ASN E 239 145.61 -75.47 -1.29
N SER E 240 144.52 -75.85 -0.65
CA SER E 240 144.02 -75.35 0.59
C SER E 240 143.15 -74.14 0.31
N PRO E 241 141.88 -74.25 0.22
CA PRO E 241 141.04 -75.30 0.70
C PRO E 241 140.81 -76.40 -0.40
N TYR E 242 141.22 -76.14 -1.69
CA TYR E 242 140.88 -77.11 -2.71
C TYR E 242 141.89 -78.25 -2.81
N GLN E 243 141.53 -79.45 -2.22
CA GLN E 243 142.51 -80.57 -2.25
C GLN E 243 142.11 -81.39 -3.41
N ALA E 244 142.42 -80.89 -4.64
CA ALA E 244 142.44 -81.73 -5.83
C ALA E 244 142.92 -80.88 -6.91
N GLY E 245 143.47 -79.64 -6.62
CA GLY E 245 144.04 -78.82 -7.66
C GLY E 245 143.02 -77.76 -8.01
N LEU E 246 142.49 -77.76 -9.29
CA LEU E 246 141.50 -76.87 -9.97
C LEU E 246 140.33 -76.54 -9.03
N TYR E 247 139.61 -75.44 -9.25
CA TYR E 247 138.42 -75.10 -8.48
C TYR E 247 137.55 -74.67 -9.61
N ASN E 248 136.22 -74.78 -9.47
CA ASN E 248 135.26 -74.19 -10.38
C ASN E 248 134.38 -73.37 -9.43
N PRO E 249 134.30 -72.05 -9.51
CA PRO E 249 133.42 -71.23 -8.69
C PRO E 249 131.99 -71.70 -8.72
N MET E 250 131.49 -71.92 -9.98
CA MET E 250 130.11 -72.29 -10.28
C MET E 250 129.67 -73.56 -9.65
N GLN E 251 130.62 -74.52 -9.47
CA GLN E 251 130.38 -75.74 -8.73
C GLN E 251 130.44 -75.46 -7.24
N VAL E 252 131.35 -74.64 -6.71
CA VAL E 252 131.44 -74.22 -5.35
C VAL E 252 130.23 -73.56 -4.84
N ASN E 253 129.65 -72.75 -5.74
CA ASN E 253 128.24 -72.20 -5.55
C ASN E 253 127.25 -73.37 -5.75
N GLY E 254 126.15 -73.39 -4.94
CA GLY E 254 125.07 -74.38 -4.83
C GLY E 254 124.11 -74.36 -5.89
N ASN E 255 124.58 -74.50 -7.22
CA ASN E 255 123.78 -74.44 -8.41
C ASN E 255 123.72 -75.76 -9.11
N LEU E 256 124.54 -76.75 -8.74
CA LEU E 256 124.50 -78.09 -9.35
C LEU E 256 124.04 -79.21 -8.39
N GLY E 257 123.75 -78.87 -7.14
CA GLY E 257 123.25 -79.66 -6.07
C GLY E 257 124.19 -80.69 -5.57
N SER E 258 124.08 -81.91 -6.04
CA SER E 258 124.80 -83.12 -5.74
C SER E 258 126.31 -83.05 -5.99
N LEU E 259 126.59 -82.36 -7.09
CA LEU E 259 127.96 -82.11 -7.49
C LEU E 259 128.68 -81.05 -6.66
N SER E 260 127.89 -80.09 -6.09
CA SER E 260 128.42 -78.92 -5.45
C SER E 260 129.06 -79.14 -4.15
N SER E 261 128.72 -80.33 -3.55
CA SER E 261 129.32 -80.78 -2.31
C SER E 261 130.60 -81.57 -2.54
N GLU E 262 130.89 -81.78 -3.85
CA GLU E 262 132.07 -82.50 -4.24
C GLU E 262 132.87 -81.64 -5.23
N ALA E 263 133.00 -80.33 -4.87
CA ALA E 263 133.76 -79.33 -5.69
C ALA E 263 135.18 -79.17 -5.10
N TYR E 264 135.51 -79.96 -4.04
CA TYR E 264 136.72 -79.81 -3.27
C TYR E 264 137.54 -81.01 -3.46
N TYR E 265 137.21 -81.97 -4.34
CA TYR E 265 137.94 -83.20 -4.39
C TYR E 265 137.36 -83.91 -5.58
N HIS E 266 136.32 -83.36 -6.27
CA HIS E 266 135.95 -84.01 -7.45
C HIS E 266 135.41 -82.97 -8.47
N PRO E 267 136.27 -82.17 -9.20
CA PRO E 267 135.66 -81.07 -9.89
C PRO E 267 135.28 -81.51 -11.23
N VAL E 268 133.93 -81.69 -11.38
CA VAL E 268 133.31 -82.10 -12.67
C VAL E 268 132.87 -80.76 -13.34
N ILE E 269 133.66 -80.46 -14.51
CA ILE E 269 133.50 -79.30 -15.30
C ILE E 269 132.91 -79.85 -16.58
N TRP E 270 132.28 -78.92 -17.36
CA TRP E 270 131.37 -79.09 -18.45
C TRP E 270 131.88 -78.31 -19.65
N GLY E 271 131.48 -78.84 -20.84
CA GLY E 271 131.89 -78.42 -22.15
C GLY E 271 133.29 -77.92 -22.38
N ARG E 272 133.34 -76.88 -23.32
CA ARG E 272 134.50 -76.21 -23.83
C ARG E 272 134.79 -74.98 -22.95
N ALA E 273 133.99 -74.95 -21.81
CA ALA E 273 133.96 -73.77 -20.99
C ALA E 273 135.22 -73.85 -20.17
N LEU E 274 135.76 -72.66 -19.84
CA LEU E 274 136.93 -72.52 -19.01
C LEU E 274 136.58 -72.97 -17.55
N ILE E 275 137.71 -73.42 -16.85
CA ILE E 275 137.71 -73.71 -15.43
C ILE E 275 138.73 -72.77 -14.97
N ASN E 276 138.36 -71.96 -13.98
CA ASN E 276 139.23 -71.06 -13.38
C ASN E 276 140.37 -71.73 -12.61
N THR E 277 141.57 -71.25 -12.82
CA THR E 277 142.75 -71.85 -12.22
C THR E 277 143.48 -70.66 -11.56
N THR E 278 144.02 -70.83 -10.30
CA THR E 278 144.90 -69.87 -9.65
C THR E 278 146.32 -70.42 -9.85
N LEU E 279 146.92 -70.15 -11.02
CA LEU E 279 148.27 -70.51 -11.55
C LEU E 279 149.35 -69.84 -10.63
N ILE E 280 150.11 -70.70 -9.95
CA ILE E 280 151.16 -70.37 -9.00
C ILE E 280 152.47 -70.10 -9.62
N ASP E 281 152.76 -68.90 -10.10
CA ASP E 281 154.03 -68.58 -10.87
C ASP E 281 154.72 -67.55 -10.03
N THR E 282 156.10 -67.54 -10.18
CA THR E 282 156.92 -66.78 -9.24
C THR E 282 158.17 -66.21 -9.85
N TYR E 283 158.53 -66.64 -11.10
CA TYR E 283 159.81 -66.35 -11.76
C TYR E 283 159.58 -65.35 -12.90
N ALA E 284 158.33 -64.92 -13.08
CA ALA E 284 157.90 -64.11 -14.20
C ALA E 284 156.91 -63.08 -13.80
N SER E 285 156.58 -62.11 -14.74
CA SER E 285 155.55 -61.15 -14.46
C SER E 285 155.29 -60.63 -15.88
N GLY E 286 154.33 -59.78 -15.99
CA GLY E 286 153.91 -59.27 -17.27
C GLY E 286 153.14 -60.17 -18.20
N SER E 287 153.46 -60.09 -19.52
CA SER E 287 152.92 -60.94 -20.57
C SER E 287 153.60 -62.24 -20.36
N VAL E 288 152.90 -63.25 -19.82
CA VAL E 288 153.51 -64.58 -19.62
C VAL E 288 152.77 -65.75 -20.28
N PRO E 289 153.46 -66.49 -21.21
CA PRO E 289 152.97 -67.79 -21.58
C PRO E 289 153.08 -68.96 -20.64
N PHE E 290 151.99 -69.74 -20.52
CA PHE E 290 151.95 -71.02 -19.88
C PHE E 290 151.41 -72.02 -20.85
N THR E 291 151.74 -73.39 -20.64
CA THR E 291 151.30 -74.42 -21.43
C THR E 291 150.78 -75.55 -20.56
N PHE E 292 149.69 -76.25 -21.01
CA PHE E 292 149.02 -77.30 -20.26
C PHE E 292 148.69 -78.38 -21.35
N GLN E 293 148.80 -79.68 -20.94
CA GLN E 293 148.33 -80.81 -21.62
C GLN E 293 147.06 -81.33 -20.90
N LEU E 294 146.02 -81.67 -21.63
CA LEU E 294 144.81 -82.17 -21.10
C LEU E 294 144.66 -83.54 -21.73
N ASN E 295 145.19 -84.56 -21.02
CA ASN E 295 144.91 -85.94 -21.32
C ASN E 295 143.46 -86.32 -20.96
N TYR E 296 142.57 -86.42 -22.02
CA TYR E 296 141.20 -86.89 -21.91
C TYR E 296 141.31 -88.31 -21.96
N SER E 297 141.04 -88.96 -20.85
CA SER E 297 141.40 -90.38 -20.64
C SER E 297 140.08 -91.12 -20.27
N VAL E 298 139.60 -92.04 -21.14
CA VAL E 298 138.43 -92.88 -20.96
C VAL E 298 138.81 -94.24 -20.59
N PRO E 299 138.37 -94.67 -19.42
CA PRO E 299 138.81 -95.94 -18.99
C PRO E 299 138.03 -97.15 -19.65
N GLY E 300 137.34 -96.97 -20.80
CA GLY E 300 136.65 -98.07 -21.46
C GLY E 300 136.95 -97.94 -22.90
N PRO E 301 136.86 -99.09 -23.63
CA PRO E 301 137.15 -99.07 -25.06
C PRO E 301 136.18 -98.32 -25.88
N LEU E 302 136.54 -97.97 -27.10
CA LEU E 302 135.64 -97.21 -27.95
C LEU E 302 135.82 -98.00 -29.19
N THR E 303 134.74 -98.10 -30.01
CA THR E 303 134.78 -98.68 -31.33
C THR E 303 134.84 -97.51 -32.31
N ILE E 304 135.73 -97.65 -33.35
CA ILE E 304 136.03 -96.68 -34.36
C ILE E 304 135.81 -97.28 -35.71
N ASN E 305 135.21 -96.46 -36.64
CA ASN E 305 135.08 -96.92 -38.02
C ASN E 305 136.15 -96.19 -38.83
N MET E 306 137.12 -96.92 -39.53
CA MET E 306 138.35 -96.42 -40.07
C MET E 306 138.42 -96.72 -41.55
N ALA E 307 138.52 -95.67 -42.44
CA ALA E 307 138.70 -95.92 -43.89
C ALA E 307 140.17 -96.13 -44.11
N GLN E 308 140.49 -96.83 -45.29
CA GLN E 308 141.82 -97.01 -45.71
C GLN E 308 142.08 -95.98 -46.81
N LEU E 309 142.83 -94.93 -46.43
CA LEU E 309 143.17 -93.77 -47.30
C LEU E 309 144.04 -94.15 -48.45
N ALA E 310 144.99 -95.07 -48.25
CA ALA E 310 145.88 -95.60 -49.24
C ALA E 310 146.27 -96.97 -48.93
N TRP E 311 146.45 -97.77 -49.98
CA TRP E 311 146.95 -99.15 -49.99
C TRP E 311 148.37 -99.11 -50.54
N ILE E 312 149.39 -99.24 -49.66
CA ILE E 312 150.75 -99.15 -50.01
C ILE E 312 151.17 -100.59 -49.80
N ALA E 313 151.31 -101.39 -50.83
CA ALA E 313 151.69 -102.83 -50.80
C ALA E 313 152.45 -103.21 -52.06
N SER E 314 153.38 -104.12 -51.89
CA SER E 314 154.21 -104.58 -53.00
C SER E 314 153.37 -105.34 -54.03
N ILE E 315 154.03 -105.57 -55.19
CA ILE E 315 153.35 -106.15 -56.38
C ILE E 315 152.86 -107.57 -56.13
N ASN E 316 153.58 -108.37 -55.31
CA ASN E 316 153.37 -109.80 -55.11
C ASN E 316 152.33 -110.06 -54.04
N ASN E 317 152.18 -108.92 -53.17
CA ASN E 317 151.30 -109.05 -52.03
C ASN E 317 150.01 -108.29 -52.16
N LEU E 318 149.89 -107.59 -53.23
CA LEU E 318 148.71 -106.98 -53.73
C LEU E 318 148.07 -107.96 -54.64
N PRO E 319 146.85 -108.41 -54.51
CA PRO E 319 146.22 -109.42 -55.50
C PRO E 319 146.46 -109.33 -56.95
N THR E 320 146.16 -110.48 -57.65
CA THR E 320 146.38 -110.74 -59.05
C THR E 320 145.63 -109.72 -59.89
N SER E 321 144.43 -109.34 -59.46
CA SER E 321 143.57 -108.49 -60.21
C SER E 321 142.48 -108.02 -59.24
N PHE E 322 142.16 -106.72 -59.25
CA PHE E 322 141.22 -106.13 -58.41
C PHE E 322 140.66 -104.82 -58.95
N THR E 323 139.53 -104.37 -58.32
CA THR E 323 138.93 -103.11 -58.63
C THR E 323 139.49 -102.09 -57.58
N TYR E 324 139.89 -100.89 -58.17
CA TYR E 324 140.40 -99.77 -57.37
C TYR E 324 139.74 -98.59 -57.98
N LEU E 325 138.99 -97.77 -57.20
CA LEU E 325 138.51 -96.48 -57.74
C LEU E 325 138.57 -95.66 -56.43
N SER E 326 139.28 -94.49 -56.45
CA SER E 326 139.47 -93.55 -55.37
C SER E 326 138.16 -92.89 -55.09
N TYR E 327 137.96 -92.40 -53.77
CA TYR E 327 136.74 -91.78 -53.28
C TYR E 327 137.12 -90.43 -52.80
N LYS E 328 136.23 -89.50 -53.20
CA LYS E 328 136.33 -88.08 -52.92
C LYS E 328 136.05 -87.72 -51.46
N PHE E 329 136.95 -86.93 -50.84
CA PHE E 329 136.73 -86.63 -49.42
C PHE E 329 136.20 -85.25 -49.44
N SER E 330 136.17 -84.64 -48.22
CA SER E 330 135.60 -83.34 -47.95
C SER E 330 136.72 -82.41 -47.77
N ASN E 331 137.36 -82.13 -49.01
CA ASN E 331 138.31 -81.08 -49.24
C ASN E 331 138.82 -81.27 -50.63
N GLY E 332 138.28 -82.29 -51.38
CA GLY E 332 138.59 -82.64 -52.70
C GLY E 332 139.86 -83.41 -52.82
N TYR E 333 140.33 -84.02 -51.66
CA TYR E 333 141.52 -84.80 -51.64
C TYR E 333 141.04 -86.18 -51.98
N GLU E 334 141.90 -87.04 -52.53
CA GLU E 334 141.44 -88.42 -52.93
C GLU E 334 142.57 -89.42 -52.82
N SER E 335 142.14 -90.62 -52.71
CA SER E 335 142.90 -91.80 -52.48
C SER E 335 143.83 -92.18 -53.61
N PHE E 336 144.88 -92.93 -53.30
CA PHE E 336 145.92 -93.32 -54.25
C PHE E 336 146.52 -94.70 -53.92
N LEU E 337 147.12 -95.43 -54.92
CA LEU E 337 147.70 -96.75 -54.74
C LEU E 337 149.21 -96.62 -54.86
N GLY E 338 149.91 -97.19 -53.79
CA GLY E 338 151.31 -97.11 -53.61
C GLY E 338 151.69 -98.52 -53.99
N ILE E 339 152.07 -98.66 -55.24
CA ILE E 339 152.67 -99.87 -55.68
C ILE E 339 154.16 -99.74 -55.42
N ILE E 340 154.77 -100.69 -54.65
CA ILE E 340 156.17 -100.75 -54.43
C ILE E 340 156.65 -101.87 -55.29
N SER E 341 157.55 -101.55 -56.22
CA SER E 341 158.02 -102.53 -57.15
C SER E 341 159.45 -102.16 -57.41
N ASN E 342 160.28 -103.28 -57.64
CA ASN E 342 161.67 -103.26 -58.00
C ASN E 342 161.86 -102.93 -59.47
N SER E 343 160.78 -102.81 -60.29
CA SER E 343 160.90 -102.36 -61.68
C SER E 343 161.27 -100.96 -61.82
N THR E 344 161.98 -100.61 -62.92
CA THR E 344 162.53 -99.23 -63.05
C THR E 344 161.61 -98.34 -63.90
N GLN E 345 160.65 -98.92 -64.57
CA GLN E 345 159.57 -98.25 -65.23
C GLN E 345 158.46 -99.25 -65.10
N LEU E 346 157.18 -98.83 -65.13
CA LEU E 346 155.99 -99.62 -65.39
C LEU E 346 155.39 -98.99 -66.63
N THR E 347 154.55 -99.80 -67.29
CA THR E 347 153.85 -99.42 -68.50
C THR E 347 152.42 -99.80 -68.18
N ALA E 348 151.50 -99.02 -68.79
CA ALA E 348 150.12 -99.16 -68.62
C ALA E 348 149.51 -98.99 -69.99
N GLY E 349 150.20 -99.59 -70.95
CA GLY E 349 149.86 -99.60 -72.32
C GLY E 349 150.46 -98.48 -73.17
N ALA E 350 149.54 -97.51 -73.54
CA ALA E 350 149.81 -96.21 -74.16
C ALA E 350 150.46 -95.25 -73.19
N LEU E 351 150.21 -95.50 -71.83
CA LEU E 351 150.62 -94.67 -70.72
C LEU E 351 151.86 -95.34 -70.20
N THR E 352 152.89 -94.55 -69.64
CA THR E 352 154.12 -95.08 -69.08
C THR E 352 154.11 -94.40 -67.69
N ILE E 353 154.82 -95.05 -66.69
CA ILE E 353 154.84 -94.54 -65.36
C ILE E 353 156.34 -94.53 -64.92
N ASN E 354 156.90 -93.34 -64.59
CA ASN E 354 158.28 -93.10 -64.23
C ASN E 354 158.27 -92.96 -62.74
N PRO E 355 159.32 -93.10 -61.96
CA PRO E 355 159.28 -92.87 -60.53
C PRO E 355 158.62 -91.68 -60.05
N SER E 356 157.82 -91.87 -58.95
CA SER E 356 157.35 -90.73 -58.14
C SER E 356 158.29 -90.65 -56.99
N GLY E 357 158.92 -91.74 -56.63
CA GLY E 357 160.01 -91.67 -55.72
C GLY E 357 160.75 -92.97 -55.83
N ASN E 358 161.96 -93.13 -55.12
CA ASN E 358 162.74 -94.31 -55.13
C ASN E 358 163.55 -94.41 -53.87
N PHE E 359 163.95 -95.63 -53.41
CA PHE E 359 164.73 -95.77 -52.14
C PHE E 359 165.52 -96.98 -52.37
N THR E 360 166.56 -97.19 -51.46
CA THR E 360 167.48 -98.30 -51.56
C THR E 360 167.41 -99.02 -50.22
N ILE E 361 167.58 -100.35 -50.11
CA ILE E 361 167.64 -101.28 -48.98
C ILE E 361 168.82 -102.12 -49.12
N ASN E 362 169.77 -101.82 -48.23
CA ASN E 362 171.08 -102.46 -48.08
C ASN E 362 171.78 -102.68 -49.48
N GLY E 363 171.90 -101.57 -50.29
CA GLY E 363 172.39 -101.42 -51.66
C GLY E 363 171.38 -101.55 -52.82
N LYS E 364 170.51 -102.58 -52.84
CA LYS E 364 169.67 -102.93 -53.94
C LYS E 364 168.46 -102.02 -53.91
N LYS E 365 167.90 -101.80 -55.14
CA LYS E 365 167.03 -100.60 -55.46
C LYS E 365 165.55 -101.04 -55.42
N PHE E 366 164.63 -100.12 -55.08
CA PHE E 366 163.18 -100.30 -54.93
C PHE E 366 162.75 -98.98 -55.41
N TYR E 367 161.47 -98.97 -55.96
CA TYR E 367 160.75 -97.81 -56.52
C TYR E 367 159.33 -97.68 -56.00
N VAL E 368 158.78 -96.44 -55.71
CA VAL E 368 157.40 -96.24 -55.30
C VAL E 368 156.67 -95.60 -56.41
N TYR E 369 155.50 -96.14 -56.76
CA TYR E 369 154.74 -95.54 -57.80
C TYR E 369 153.34 -95.20 -57.25
N LEU E 370 153.01 -93.91 -57.02
CA LEU E 370 151.77 -93.40 -56.46
C LEU E 370 150.86 -92.95 -57.61
N LEU E 371 149.77 -93.73 -57.92
CA LEU E 371 148.78 -93.35 -58.92
C LEU E 371 147.43 -93.14 -58.36
N VAL E 372 146.77 -92.06 -58.83
CA VAL E 372 145.30 -91.94 -58.67
C VAL E 372 144.72 -92.60 -59.93
N VAL E 373 143.67 -93.45 -59.76
CA VAL E 373 142.88 -93.87 -60.85
C VAL E 373 141.57 -92.94 -60.73
N GLY E 374 141.10 -92.33 -61.87
CA GLY E 374 139.97 -91.46 -61.92
C GLY E 374 139.06 -91.70 -63.12
N SER E 375 138.38 -90.61 -63.53
CA SER E 375 137.39 -90.64 -64.59
C SER E 375 137.89 -89.90 -65.75
N THR E 376 139.17 -89.57 -65.66
CA THR E 376 139.82 -88.78 -66.69
C THR E 376 141.26 -88.95 -66.42
N ASN E 377 142.16 -88.88 -67.44
CA ASN E 377 143.59 -88.82 -67.38
C ASN E 377 144.00 -87.42 -67.40
N SER E 378 145.22 -87.20 -66.75
CA SER E 378 145.87 -85.90 -66.85
C SER E 378 147.27 -86.09 -66.58
N THR E 379 148.06 -85.32 -67.37
CA THR E 379 149.52 -85.40 -67.35
C THR E 379 150.05 -84.71 -66.12
N THR E 380 149.32 -83.67 -65.59
CA THR E 380 149.74 -82.87 -64.46
C THR E 380 149.52 -83.65 -63.25
N PRO E 381 150.26 -83.58 -62.21
CA PRO E 381 149.96 -84.26 -60.99
C PRO E 381 148.82 -83.52 -60.37
N VAL E 382 147.83 -84.30 -59.88
CA VAL E 382 146.61 -83.75 -59.37
C VAL E 382 146.65 -83.61 -57.85
N GLU E 383 147.60 -84.32 -57.18
CA GLU E 383 147.91 -84.22 -55.80
C GLU E 383 149.39 -84.51 -55.60
N TYR E 384 149.82 -84.36 -54.34
CA TYR E 384 151.22 -84.45 -53.94
C TYR E 384 151.26 -85.37 -52.74
N VAL E 385 152.48 -85.86 -52.54
CA VAL E 385 152.98 -86.55 -51.36
C VAL E 385 154.30 -86.00 -51.13
N THR E 386 154.76 -85.98 -49.82
CA THR E 386 156.00 -85.31 -49.35
C THR E 386 156.53 -86.35 -48.39
N LYS E 387 157.67 -86.94 -48.73
CA LYS E 387 158.35 -88.01 -48.03
C LYS E 387 157.73 -88.68 -46.77
N LEU E 388 157.44 -90.03 -46.93
CA LEU E 388 157.10 -90.90 -45.85
C LEU E 388 158.18 -91.95 -45.77
N VAL E 389 158.86 -92.12 -44.66
CA VAL E 389 160.03 -93.03 -44.41
C VAL E 389 159.52 -94.46 -44.38
N VAL E 390 160.25 -95.46 -44.80
CA VAL E 390 159.83 -96.80 -44.96
C VAL E 390 160.78 -97.59 -44.10
N GLU E 391 160.22 -98.39 -43.20
CA GLU E 391 161.05 -99.07 -42.18
C GLU E 391 161.05 -100.50 -42.64
N TYR E 392 162.19 -101.22 -42.37
CA TYR E 392 162.47 -102.58 -42.82
C TYR E 392 163.39 -103.08 -41.68
N PRO E 393 163.38 -104.36 -41.34
CA PRO E 393 164.35 -104.97 -40.36
C PRO E 393 165.77 -105.04 -40.81
N SER E 394 166.73 -104.89 -39.89
CA SER E 394 168.15 -105.09 -40.04
C SER E 394 168.44 -106.62 -40.21
N SER E 395 169.56 -107.06 -40.87
CA SER E 395 169.74 -108.43 -41.38
C SER E 395 170.74 -109.12 -40.46
N THR E 396 170.92 -108.56 -39.21
CA THR E 396 171.86 -109.20 -38.39
C THR E 396 171.53 -108.61 -37.01
N ASN E 397 170.35 -107.93 -36.79
CA ASN E 397 169.97 -107.49 -35.49
C ASN E 397 168.46 -107.45 -35.39
N PHE E 398 167.77 -107.46 -36.56
CA PHE E 398 166.28 -107.72 -36.68
C PHE E 398 165.49 -106.71 -35.86
N LEU E 399 165.92 -105.43 -35.77
CA LEU E 399 165.19 -104.31 -35.24
C LEU E 399 165.05 -103.23 -36.38
N PRO E 400 164.05 -102.26 -36.29
CA PRO E 400 163.75 -101.37 -37.42
C PRO E 400 164.85 -100.43 -37.80
N GLN E 401 165.08 -100.18 -39.11
CA GLN E 401 165.87 -99.17 -39.65
C GLN E 401 165.07 -98.68 -40.85
N GLY E 402 164.97 -97.37 -41.02
CA GLY E 402 164.15 -96.69 -42.00
C GLY E 402 164.99 -95.81 -42.90
N VAL E 403 164.49 -95.68 -44.16
CA VAL E 403 165.07 -94.75 -45.14
C VAL E 403 164.06 -93.83 -45.69
N THR E 404 164.57 -92.60 -46.08
CA THR E 404 163.71 -91.61 -46.56
C THR E 404 163.62 -91.76 -48.05
N VAL E 405 162.39 -91.89 -48.50
CA VAL E 405 162.03 -91.88 -49.91
C VAL E 405 162.27 -90.45 -50.54
N THR E 406 163.22 -90.49 -51.52
CA THR E 406 163.76 -89.33 -52.26
C THR E 406 164.00 -89.77 -53.72
N THR E 407 163.33 -89.03 -54.66
CA THR E 407 163.50 -89.06 -56.09
C THR E 407 164.92 -88.78 -56.50
N SER E 408 165.31 -89.37 -57.66
CA SER E 408 166.65 -89.35 -58.16
C SER E 408 166.68 -88.25 -59.17
N SER E 409 165.58 -87.41 -59.21
CA SER E 409 165.45 -86.26 -60.10
C SER E 409 165.77 -84.92 -59.41
N ASN E 410 166.20 -85.10 -58.12
CA ASN E 410 166.72 -84.18 -57.17
C ASN E 410 165.58 -83.42 -56.55
N LYS E 411 164.40 -84.14 -56.39
CA LYS E 411 163.25 -83.73 -55.63
C LYS E 411 163.01 -84.76 -54.58
N TYR E 412 162.64 -84.30 -53.33
CA TYR E 412 162.44 -85.05 -52.12
C TYR E 412 160.94 -84.97 -51.98
N THR E 413 160.17 -84.55 -53.00
CA THR E 413 158.74 -84.57 -52.97
C THR E 413 158.41 -85.62 -54.02
N LEU E 414 157.28 -86.38 -53.85
CA LEU E 414 156.79 -87.42 -54.68
C LEU E 414 155.62 -86.95 -55.47
N PRO E 415 155.56 -86.72 -56.79
CA PRO E 415 154.31 -86.24 -57.44
C PRO E 415 153.35 -87.45 -57.43
N VAL E 416 151.97 -87.17 -57.63
CA VAL E 416 151.05 -88.26 -57.46
C VAL E 416 150.19 -87.92 -58.73
N TYR E 417 150.47 -88.78 -59.73
CA TYR E 417 149.96 -88.64 -61.07
C TYR E 417 148.63 -89.40 -61.13
N GLU E 418 147.76 -88.87 -62.01
CA GLU E 418 146.52 -89.50 -62.35
C GLU E 418 146.66 -90.24 -63.67
N ILE E 419 146.41 -91.51 -63.59
CA ILE E 419 146.60 -92.49 -64.59
C ILE E 419 145.27 -93.25 -64.72
N GLY E 420 144.82 -93.29 -65.98
CA GLY E 420 143.68 -94.02 -66.43
C GLY E 420 142.47 -93.12 -66.67
N GLY E 421 141.66 -93.36 -67.75
CA GLY E 421 140.53 -92.60 -68.16
C GLY E 421 139.27 -93.03 -67.53
N PRO E 422 138.08 -92.84 -68.15
CA PRO E 422 136.72 -93.04 -67.64
C PRO E 422 136.47 -94.48 -67.17
N ALA E 423 135.33 -94.67 -66.41
CA ALA E 423 135.02 -95.86 -65.80
C ALA E 423 134.68 -97.04 -66.70
N GLY E 424 135.66 -97.96 -66.77
CA GLY E 424 135.53 -99.11 -67.58
C GLY E 424 136.92 -99.49 -68.05
N THR E 425 137.91 -98.59 -67.98
CA THR E 425 139.22 -98.81 -68.51
C THR E 425 140.06 -99.72 -67.63
N THR E 426 140.76 -100.71 -68.24
CA THR E 426 141.53 -101.71 -67.67
C THR E 426 142.99 -101.32 -67.89
N ILE E 427 143.77 -101.40 -66.86
CA ILE E 427 145.13 -101.09 -67.00
C ILE E 427 145.84 -102.20 -66.25
N THR E 428 146.89 -102.74 -66.93
CA THR E 428 147.71 -103.76 -66.31
C THR E 428 149.01 -103.16 -66.07
N LEU E 429 149.46 -103.00 -64.78
CA LEU E 429 150.76 -102.44 -64.48
C LEU E 429 151.67 -103.58 -64.27
N THR E 430 152.71 -103.61 -65.15
CA THR E 430 153.66 -104.72 -65.39
C THR E 430 154.86 -104.29 -64.76
N GLY E 431 155.24 -104.95 -63.66
CA GLY E 431 156.50 -104.73 -63.03
C GLY E 431 157.18 -106.06 -62.79
N ASN E 432 158.09 -106.17 -61.78
CA ASN E 432 158.82 -107.35 -61.42
C ASN E 432 159.21 -107.11 -59.99
N TRP E 433 159.00 -108.06 -59.08
CA TRP E 433 159.57 -108.08 -57.72
C TRP E 433 160.81 -108.99 -57.91
N TYR E 434 161.80 -108.41 -58.56
CA TYR E 434 163.19 -108.57 -58.28
C TYR E 434 163.84 -108.93 -59.60
N SER E 435 163.81 -110.23 -59.92
CA SER E 435 163.73 -110.61 -61.36
C SER E 435 162.52 -111.36 -61.65
N THR E 436 161.49 -111.35 -60.77
CA THR E 436 160.33 -112.18 -60.86
C THR E 436 159.35 -111.34 -61.56
N PRO E 437 158.96 -111.45 -62.83
CA PRO E 437 158.14 -110.43 -63.48
C PRO E 437 156.73 -110.76 -63.07
N TYR E 438 155.86 -109.72 -62.91
CA TYR E 438 154.58 -109.93 -62.41
C TYR E 438 153.68 -108.89 -63.15
N THR E 439 152.38 -108.99 -63.14
CA THR E 439 151.54 -107.92 -63.64
C THR E 439 150.32 -107.85 -62.69
N VAL E 440 149.79 -106.62 -62.38
CA VAL E 440 148.68 -106.45 -61.52
C VAL E 440 147.68 -105.77 -62.34
N GLN E 441 146.45 -106.17 -62.26
CA GLN E 441 145.40 -105.88 -63.21
C GLN E 441 144.45 -105.08 -62.38
N ILE E 442 144.45 -103.77 -62.54
CA ILE E 442 143.52 -102.77 -61.98
C ILE E 442 142.52 -102.54 -63.02
N THR E 443 141.24 -102.55 -62.56
CA THR E 443 140.11 -102.20 -63.30
C THR E 443 139.49 -101.11 -62.54
N VAL E 444 139.23 -100.00 -63.23
CA VAL E 444 138.63 -98.90 -62.52
C VAL E 444 137.14 -99.14 -62.65
N GLY E 445 136.52 -99.55 -61.51
CA GLY E 445 135.12 -99.88 -61.41
C GLY E 445 134.27 -98.62 -61.58
N SER E 446 132.91 -98.69 -61.72
CA SER E 446 132.07 -97.55 -61.78
C SER E 446 131.86 -96.79 -60.56
N THR E 447 131.88 -97.53 -59.32
CA THR E 447 131.66 -96.88 -58.07
C THR E 447 132.91 -97.12 -57.19
N PRO E 448 133.27 -96.13 -56.38
CA PRO E 448 134.44 -96.19 -55.43
C PRO E 448 134.53 -97.35 -54.60
N THR E 449 135.72 -97.56 -54.12
CA THR E 449 136.02 -98.64 -53.22
C THR E 449 136.45 -98.24 -51.85
N LEU E 450 135.62 -98.47 -50.80
CA LEU E 450 135.90 -98.02 -49.42
C LEU E 450 135.74 -99.16 -48.52
N THR E 451 136.71 -99.27 -47.62
CA THR E 451 136.77 -100.29 -46.65
C THR E 451 136.54 -99.63 -45.35
N ASN E 452 135.60 -100.20 -44.63
CA ASN E 452 135.22 -99.78 -43.26
C ASN E 452 135.82 -100.84 -42.36
N TYR E 453 137.01 -100.57 -41.73
CA TYR E 453 137.41 -101.38 -40.60
C TYR E 453 136.62 -100.95 -39.43
N VAL E 454 135.73 -101.76 -38.96
CA VAL E 454 134.94 -101.51 -37.78
C VAL E 454 135.76 -102.19 -36.65
N SER E 455 136.57 -101.43 -35.82
CA SER E 455 137.69 -101.95 -35.02
C SER E 455 137.48 -101.47 -33.63
N GLN E 456 137.84 -102.33 -32.70
CA GLN E 456 137.82 -102.07 -31.26
C GLN E 456 139.19 -101.51 -30.94
N ILE E 457 139.28 -100.26 -30.40
CA ILE E 457 140.56 -99.59 -30.16
C ILE E 457 140.46 -98.96 -28.79
N LEU E 458 141.50 -99.05 -27.95
CA LEU E 458 141.51 -98.49 -26.64
C LEU E 458 141.88 -97.04 -26.89
N LEU E 459 140.88 -96.17 -26.99
CA LEU E 459 141.13 -94.88 -27.62
C LEU E 459 141.16 -93.99 -26.42
N LYS E 460 141.86 -92.85 -26.53
CA LYS E 460 142.12 -91.86 -25.49
C LYS E 460 142.46 -90.60 -26.33
N ALA E 461 142.66 -89.35 -25.76
CA ALA E 461 143.10 -88.19 -26.51
C ALA E 461 143.87 -87.32 -25.63
N VAL E 462 144.67 -86.40 -26.28
CA VAL E 462 145.51 -85.44 -25.58
C VAL E 462 145.29 -84.22 -26.31
N ALA E 463 144.95 -83.07 -25.63
CA ALA E 463 144.84 -81.71 -26.15
C ALA E 463 146.01 -80.91 -25.52
N TYR E 464 146.35 -79.72 -26.06
CA TYR E 464 147.43 -78.90 -25.55
C TYR E 464 146.81 -77.53 -25.60
N GLU E 465 147.30 -76.56 -24.81
CA GLU E 465 146.68 -75.27 -24.60
C GLU E 465 147.72 -74.30 -24.18
N GLY E 466 147.68 -73.07 -24.66
CA GLY E 466 148.54 -72.06 -24.24
C GLY E 466 147.64 -71.02 -23.49
N ILE E 467 148.29 -70.09 -22.73
CA ILE E 467 147.60 -68.95 -22.20
C ILE E 467 148.66 -67.94 -22.14
N ASN E 468 148.50 -66.82 -22.83
CA ASN E 468 149.32 -65.64 -22.62
C ASN E 468 148.50 -64.71 -21.73
N VAL E 469 148.75 -64.73 -20.40
CA VAL E 469 147.94 -63.94 -19.46
C VAL E 469 148.77 -62.63 -19.41
N SER E 470 148.08 -61.49 -19.51
CA SER E 470 148.54 -60.19 -19.18
C SER E 470 147.58 -59.66 -18.18
N THR E 471 147.86 -59.92 -16.88
CA THR E 471 146.97 -59.63 -15.73
C THR E 471 147.75 -58.62 -14.92
N THR E 472 146.93 -57.70 -14.35
CA THR E 472 147.33 -56.61 -13.47
C THR E 472 147.92 -57.17 -12.11
N GLN E 473 147.32 -58.33 -11.65
CA GLN E 473 147.67 -58.95 -10.46
C GLN E 473 148.46 -60.14 -10.89
N SER E 474 149.73 -59.96 -11.44
CA SER E 474 150.76 -60.97 -11.64
C SER E 474 151.25 -61.31 -10.25
N PRO E 475 151.93 -62.42 -10.00
CA PRO E 475 152.23 -63.38 -11.02
C PRO E 475 151.38 -64.55 -10.78
N TYR E 476 150.55 -64.37 -9.70
CA TYR E 476 149.38 -65.16 -9.35
C TYR E 476 148.37 -64.91 -10.41
N TYR E 477 148.38 -65.86 -11.38
CA TYR E 477 147.40 -65.83 -12.44
C TYR E 477 146.10 -66.43 -12.13
N SER E 478 145.12 -65.66 -11.66
CA SER E 478 143.74 -66.03 -11.55
C SER E 478 143.07 -65.71 -12.87
N THR E 479 142.83 -66.79 -13.58
CA THR E 479 142.45 -66.64 -14.95
C THR E 479 141.59 -67.83 -15.10
N ALA E 480 141.23 -68.30 -16.34
CA ALA E 480 140.50 -69.55 -16.56
C ALA E 480 141.12 -70.14 -17.80
N ILE E 481 141.36 -71.46 -17.76
CA ILE E 481 142.09 -72.15 -18.80
C ILE E 481 141.02 -73.07 -19.38
N LEU E 482 141.19 -73.41 -20.68
CA LEU E 482 140.22 -74.20 -21.45
C LEU E 482 140.13 -75.64 -20.89
N SER E 483 138.90 -76.14 -20.58
CA SER E 483 138.69 -77.59 -20.54
C SER E 483 138.59 -78.17 -22.02
N THR E 484 138.18 -77.43 -23.12
CA THR E 484 138.33 -78.01 -24.39
C THR E 484 138.85 -76.86 -25.29
N PRO E 485 139.99 -76.84 -25.90
CA PRO E 485 140.49 -75.78 -26.73
C PRO E 485 140.16 -75.98 -28.23
N PRO E 486 140.10 -74.86 -29.05
CA PRO E 486 139.94 -74.91 -30.44
C PRO E 486 141.20 -75.34 -31.13
N SER E 487 142.24 -75.82 -30.42
CA SER E 487 143.49 -76.26 -31.04
C SER E 487 143.31 -77.71 -31.31
N GLU E 488 144.42 -78.30 -31.73
CA GLU E 488 144.54 -79.70 -32.10
C GLU E 488 144.41 -80.58 -30.89
N ILE E 489 143.38 -81.43 -30.91
CA ILE E 489 143.29 -82.43 -29.87
C ILE E 489 143.59 -83.71 -30.57
N SER E 490 144.86 -84.21 -30.40
CA SER E 490 145.35 -85.41 -31.06
C SER E 490 144.75 -86.61 -30.38
N ILE E 491 144.38 -87.57 -31.28
CA ILE E 491 143.66 -88.73 -30.93
C ILE E 491 144.61 -89.90 -31.03
N THR E 492 144.86 -90.45 -29.83
CA THR E 492 145.82 -91.53 -29.65
C THR E 492 144.95 -92.72 -29.36
N GLY E 493 145.55 -93.91 -29.43
CA GLY E 493 144.87 -95.19 -29.13
C GLY E 493 145.82 -96.18 -29.11
N SER E 494 145.53 -97.27 -28.38
CA SER E 494 146.42 -98.45 -28.40
C SER E 494 145.46 -99.47 -29.00
N SER E 495 145.93 -100.53 -29.65
CA SER E 495 145.26 -101.68 -30.22
C SER E 495 146.38 -102.69 -30.33
N THR E 496 146.10 -103.84 -31.03
CA THR E 496 147.10 -104.88 -31.13
C THR E 496 147.34 -105.30 -32.54
N ILE E 497 148.60 -105.72 -32.78
CA ILE E 497 148.93 -106.57 -33.92
C ILE E 497 149.48 -107.84 -33.47
N THR E 498 148.80 -108.89 -33.92
CA THR E 498 149.03 -110.23 -33.66
C THR E 498 149.48 -110.85 -34.89
N ALA E 499 150.71 -111.45 -34.96
CA ALA E 499 151.21 -112.03 -36.12
C ALA E 499 151.22 -113.49 -36.07
N GLN E 500 150.59 -114.12 -36.98
CA GLN E 500 150.57 -115.53 -37.18
C GLN E 500 151.43 -115.72 -38.39
N GLY E 501 152.40 -116.57 -38.27
CA GLY E 501 153.34 -116.89 -39.32
C GLY E 501 153.58 -118.32 -39.33
N LYS E 502 153.58 -118.87 -40.58
CA LYS E 502 153.86 -120.30 -40.85
C LYS E 502 155.21 -120.15 -41.46
N LEU E 503 156.23 -120.72 -40.86
CA LEU E 503 157.59 -120.74 -41.34
C LEU E 503 157.83 -122.09 -41.86
N THR E 504 158.28 -122.29 -43.16
CA THR E 504 158.45 -123.52 -43.81
C THR E 504 159.97 -123.52 -43.90
N ALA E 505 160.48 -124.16 -44.95
CA ALA E 505 161.92 -124.28 -45.03
C ALA E 505 162.47 -123.30 -45.94
N THR E 506 161.86 -123.11 -47.16
CA THR E 506 162.38 -122.28 -48.22
C THR E 506 161.58 -121.08 -48.52
N SER E 507 160.44 -121.05 -47.87
CA SER E 507 159.56 -119.91 -47.95
C SER E 507 158.69 -119.92 -46.69
N ALA E 508 157.87 -118.87 -46.57
CA ALA E 508 157.04 -118.69 -45.42
C ALA E 508 155.94 -117.78 -45.75
N SER E 509 154.71 -118.22 -45.69
CA SER E 509 153.54 -117.29 -45.87
C SER E 509 153.12 -116.88 -44.48
N ALA E 510 152.38 -115.78 -44.33
CA ALA E 510 152.06 -115.33 -43.01
C ALA E 510 150.84 -114.39 -43.16
N THR E 511 150.23 -113.93 -42.08
CA THR E 511 149.10 -113.03 -42.00
C THR E 511 149.40 -112.24 -40.78
N VAL E 512 149.03 -110.93 -40.76
CA VAL E 512 149.12 -110.17 -39.57
C VAL E 512 147.67 -109.75 -39.34
N ASN E 513 147.16 -109.68 -38.10
CA ASN E 513 145.80 -109.31 -37.84
C ASN E 513 146.12 -108.04 -37.08
N LEU E 514 145.73 -106.91 -37.68
CA LEU E 514 145.93 -105.66 -37.11
C LEU E 514 144.53 -105.12 -37.08
N LEU E 515 144.29 -104.18 -36.09
CA LEU E 515 143.05 -103.66 -35.76
C LEU E 515 141.95 -104.68 -35.45
N THR E 516 142.30 -105.98 -35.27
CA THR E 516 141.38 -107.00 -34.85
C THR E 516 140.28 -107.41 -35.88
N ASN E 517 140.47 -106.99 -37.16
CA ASN E 517 139.74 -107.61 -38.20
C ASN E 517 140.40 -107.28 -39.51
N ALA E 518 141.32 -106.27 -39.62
CA ALA E 518 142.08 -105.98 -40.79
C ALA E 518 143.09 -107.04 -41.11
N THR E 519 143.04 -107.72 -42.21
CA THR E 519 143.97 -108.80 -42.51
C THR E 519 144.87 -108.38 -43.60
N LEU E 520 146.21 -108.41 -43.30
CA LEU E 520 147.20 -108.22 -44.42
C LEU E 520 147.81 -109.63 -44.51
N THR E 521 147.64 -110.27 -45.70
CA THR E 521 148.15 -111.55 -46.03
C THR E 521 149.37 -111.38 -46.94
N TYR E 522 150.45 -111.93 -46.38
CA TYR E 522 151.79 -111.89 -46.88
C TYR E 522 152.01 -113.13 -47.52
N GLU E 523 151.95 -113.12 -48.86
CA GLU E 523 152.30 -114.23 -49.76
C GLU E 523 153.70 -114.71 -49.50
N ASN E 524 154.05 -115.90 -50.09
CA ASN E 524 155.30 -116.61 -49.82
C ASN E 524 156.56 -115.75 -49.89
N ILE E 525 157.33 -115.57 -48.74
CA ILE E 525 158.48 -114.73 -48.66
C ILE E 525 159.75 -115.66 -48.51
N PRO E 526 160.69 -115.78 -49.53
CA PRO E 526 161.92 -116.54 -49.44
C PRO E 526 162.93 -115.81 -48.48
N LEU E 527 164.03 -116.53 -48.19
CA LEU E 527 165.12 -116.22 -47.34
C LEU E 527 165.83 -114.98 -47.87
N THR E 528 166.14 -114.04 -46.91
CA THR E 528 166.89 -112.80 -47.21
C THR E 528 166.10 -111.88 -48.17
N GLN E 529 164.74 -112.11 -48.36
CA GLN E 529 163.84 -111.35 -49.17
C GLN E 529 162.91 -110.59 -48.13
N TYR E 530 162.45 -109.41 -48.67
CA TYR E 530 161.53 -108.53 -47.98
C TYR E 530 160.16 -108.67 -48.67
N SER E 531 159.01 -108.29 -48.00
CA SER E 531 157.70 -108.25 -48.57
C SER E 531 156.96 -107.27 -47.63
N PHE E 532 156.53 -106.13 -48.22
CA PHE E 532 155.89 -105.10 -47.46
C PHE E 532 154.45 -105.04 -47.73
N ASN E 533 153.58 -104.91 -46.73
CA ASN E 533 152.22 -104.66 -46.95
C ASN E 533 151.85 -103.73 -45.87
N GLY E 534 150.95 -102.70 -46.20
CA GLY E 534 150.56 -101.76 -45.23
C GLY E 534 149.38 -101.06 -45.64
N ILE E 535 148.82 -100.13 -44.85
CA ILE E 535 147.65 -99.43 -45.17
C ILE E 535 147.93 -98.09 -44.47
N ILE E 536 147.44 -96.94 -45.11
CA ILE E 536 147.34 -95.65 -44.57
C ILE E 536 145.94 -95.51 -44.31
N VAL E 537 145.58 -95.20 -43.03
CA VAL E 537 144.17 -95.25 -42.55
C VAL E 537 143.86 -93.92 -42.06
N THR E 538 142.63 -93.43 -42.42
CA THR E 538 142.02 -92.14 -42.13
C THR E 538 140.72 -92.45 -41.39
N PRO E 539 140.09 -91.54 -40.67
CA PRO E 539 138.74 -91.77 -40.11
C PRO E 539 137.63 -92.08 -41.04
N GLY E 540 136.93 -93.22 -40.89
CA GLY E 540 136.11 -93.84 -41.92
C GLY E 540 134.76 -93.22 -42.05
N TYR E 541 134.36 -92.50 -40.98
CA TYR E 541 133.04 -91.74 -40.96
C TYR E 541 133.29 -90.50 -41.76
N ALA E 542 132.33 -90.08 -42.57
CA ALA E 542 132.37 -89.08 -43.56
C ALA E 542 132.14 -87.73 -43.02
N ALA E 543 132.89 -86.74 -43.48
CA ALA E 543 132.95 -85.30 -43.32
C ALA E 543 133.85 -84.94 -42.22
N ILE E 544 134.75 -85.89 -41.92
CA ILE E 544 135.72 -85.86 -40.85
C ILE E 544 136.84 -86.75 -41.35
N ASN E 545 136.57 -87.44 -42.48
CA ASN E 545 137.47 -88.29 -43.21
C ASN E 545 138.33 -87.48 -44.10
N GLY E 546 139.55 -88.01 -44.42
CA GLY E 546 140.53 -87.31 -45.29
C GLY E 546 141.18 -86.07 -44.80
N THR E 547 141.29 -85.84 -43.47
CA THR E 547 141.88 -84.68 -42.81
C THR E 547 143.17 -85.05 -42.17
N THR E 548 143.19 -86.27 -41.38
CA THR E 548 144.39 -86.85 -40.82
C THR E 548 144.51 -88.31 -41.38
N ALA E 549 145.72 -88.83 -41.26
CA ALA E 549 146.15 -90.16 -41.81
C ALA E 549 147.19 -90.68 -40.89
N MET E 550 147.36 -91.99 -40.82
CA MET E 550 148.31 -92.71 -39.95
C MET E 550 148.69 -93.81 -40.88
N ALA E 551 150.00 -93.75 -41.31
CA ALA E 551 150.48 -94.57 -42.31
C ALA E 551 151.24 -95.74 -41.68
N TYR E 552 150.98 -97.05 -42.08
CA TYR E 552 151.77 -98.17 -41.71
C TYR E 552 152.29 -98.71 -42.98
N VAL E 553 153.61 -99.02 -43.08
CA VAL E 553 154.16 -99.80 -44.17
C VAL E 553 154.97 -100.79 -43.43
N ILE E 554 154.34 -101.95 -43.08
CA ILE E 554 154.94 -102.95 -42.29
C ILE E 554 155.62 -103.83 -43.27
N GLY E 555 156.96 -103.92 -43.12
CA GLY E 555 157.74 -104.66 -43.98
C GLY E 555 158.17 -105.93 -43.18
N ALA E 556 157.95 -107.11 -43.74
CA ALA E 556 158.41 -108.35 -43.30
C ALA E 556 159.81 -108.53 -43.84
N LEU E 557 160.80 -109.26 -43.14
CA LEU E 557 162.06 -109.76 -43.52
C LEU E 557 162.06 -111.19 -43.05
N TYR E 558 162.18 -112.17 -43.96
CA TYR E 558 162.24 -113.58 -43.59
C TYR E 558 163.77 -113.84 -43.65
N ASN E 559 164.42 -114.45 -42.60
CA ASN E 559 165.88 -114.54 -42.55
C ASN E 559 166.15 -115.66 -41.59
N LYS E 560 167.47 -115.96 -41.35
CA LYS E 560 167.87 -117.12 -40.72
C LYS E 560 169.23 -116.75 -40.27
N THR E 561 169.41 -116.56 -38.98
CA THR E 561 170.74 -116.36 -38.43
C THR E 561 171.26 -117.59 -37.74
N SER E 562 170.40 -118.33 -37.10
CA SER E 562 170.72 -119.64 -36.64
C SER E 562 169.45 -120.36 -36.50
N ASP E 563 168.31 -119.63 -36.34
CA ASP E 563 166.98 -120.08 -36.24
C ASP E 563 166.25 -119.29 -37.21
N TYR E 564 165.10 -119.83 -37.76
CA TYR E 564 164.18 -119.20 -38.76
C TYR E 564 163.54 -118.04 -38.10
N VAL E 565 163.83 -116.76 -38.55
CA VAL E 565 163.29 -115.59 -37.99
C VAL E 565 162.56 -114.86 -39.07
N LEU E 566 161.23 -114.80 -38.90
CA LEU E 566 160.35 -113.94 -39.70
C LEU E 566 160.12 -112.71 -38.86
N SER E 567 160.76 -111.63 -39.37
CA SER E 567 160.74 -110.37 -38.63
C SER E 567 159.77 -109.49 -39.31
N PHE E 568 159.11 -108.51 -38.60
CA PHE E 568 158.19 -107.49 -39.08
C PHE E 568 158.72 -106.20 -38.54
N ALA E 569 158.91 -105.16 -39.34
CA ALA E 569 159.24 -103.82 -38.88
C ALA E 569 158.19 -102.89 -39.29
N GLY E 570 157.48 -102.24 -38.39
CA GLY E 570 156.37 -101.36 -38.78
C GLY E 570 156.54 -99.92 -38.35
N SER E 571 156.40 -99.04 -39.35
CA SER E 571 156.44 -97.60 -39.16
C SER E 571 155.02 -97.26 -38.72
N GLN E 572 154.91 -96.08 -38.08
CA GLN E 572 153.63 -95.61 -37.55
C GLN E 572 153.81 -94.11 -37.75
N GLU E 573 153.25 -93.50 -38.84
CA GLU E 573 153.61 -92.11 -39.12
C GLU E 573 152.29 -91.31 -39.08
N PRO E 574 152.11 -90.30 -38.25
CA PRO E 574 150.84 -89.58 -38.28
C PRO E 574 151.10 -88.61 -39.37
N MET E 575 150.11 -88.17 -40.17
CA MET E 575 150.38 -87.34 -41.30
C MET E 575 149.21 -86.41 -41.31
N GLN E 576 149.36 -85.26 -42.01
CA GLN E 576 148.34 -84.29 -41.99
C GLN E 576 148.09 -84.04 -43.48
N VAL E 577 146.83 -83.91 -43.89
CA VAL E 577 146.44 -83.72 -45.27
C VAL E 577 146.14 -82.17 -45.32
N MET E 578 146.79 -81.41 -46.14
CA MET E 578 146.56 -80.01 -46.18
C MET E 578 146.81 -79.55 -47.58
N ASN E 579 145.75 -78.91 -48.25
CA ASN E 579 145.89 -78.50 -49.65
C ASN E 579 146.18 -79.67 -50.58
N ASN E 580 145.65 -80.85 -50.18
CA ASN E 580 145.87 -82.13 -50.92
C ASN E 580 147.31 -82.72 -50.85
N ASN E 581 148.16 -82.19 -49.92
CA ASN E 581 149.52 -82.61 -49.77
C ASN E 581 149.46 -83.62 -48.63
N LEU E 582 149.87 -84.94 -48.78
CA LEU E 582 149.85 -85.88 -47.72
C LEU E 582 151.26 -85.76 -47.15
N THR E 583 151.32 -84.95 -46.08
CA THR E 583 152.53 -84.45 -45.49
C THR E 583 152.74 -85.18 -44.26
N GLU E 584 153.86 -85.91 -44.17
CA GLU E 584 154.30 -86.40 -42.87
C GLU E 584 154.61 -85.27 -41.92
N VAL E 585 154.00 -85.15 -40.78
CA VAL E 585 154.20 -84.03 -39.81
C VAL E 585 155.22 -84.42 -38.82
N THR E 586 155.13 -85.67 -38.42
CA THR E 586 155.73 -86.28 -37.24
C THR E 586 155.94 -87.75 -37.41
N THR E 587 157.01 -88.30 -36.72
CA THR E 587 157.27 -89.69 -36.82
C THR E 587 157.40 -90.19 -35.41
N LEU E 588 156.57 -91.26 -35.14
CA LEU E 588 156.41 -92.03 -33.90
C LEU E 588 157.53 -93.02 -33.95
N ALA E 589 158.11 -93.48 -32.76
CA ALA E 589 159.13 -94.51 -32.69
C ALA E 589 158.49 -95.81 -33.36
N PRO E 590 159.26 -96.62 -34.15
CA PRO E 590 158.82 -97.72 -34.95
C PRO E 590 158.79 -98.94 -34.04
N PHE E 591 157.92 -99.97 -34.39
CA PHE E 591 157.76 -101.14 -33.63
C PHE E 591 158.34 -102.30 -34.48
N GLY E 592 158.75 -103.40 -33.68
CA GLY E 592 159.37 -104.57 -34.31
C GLY E 592 158.80 -105.76 -33.70
N LEU E 593 158.67 -106.85 -34.48
CA LEU E 593 158.22 -108.13 -33.94
C LEU E 593 159.13 -109.18 -34.69
N THR E 594 159.47 -110.32 -33.92
CA THR E 594 160.26 -111.46 -34.38
C THR E 594 159.45 -112.72 -34.04
N LEU E 595 159.28 -113.60 -35.03
CA LEU E 595 158.78 -114.99 -34.86
C LEU E 595 159.95 -115.91 -35.11
N LEU E 596 160.47 -116.57 -34.02
CA LEU E 596 161.63 -117.40 -34.13
C LEU E 596 161.32 -118.84 -34.00
N ALA E 597 162.00 -119.71 -34.75
CA ALA E 597 161.67 -121.14 -34.75
C ALA E 597 162.91 -121.94 -34.79
N PRO E 598 163.34 -122.90 -33.98
CA PRO E 598 164.46 -123.70 -34.39
C PRO E 598 164.10 -124.75 -35.39
N SER E 599 162.92 -125.44 -35.15
CA SER E 599 162.33 -126.45 -35.95
C SER E 599 162.04 -125.89 -37.34
N VAL E 600 162.24 -126.79 -38.38
CA VAL E 600 162.22 -126.43 -39.79
C VAL E 600 160.76 -126.18 -40.14
N PRO E 601 159.81 -127.04 -40.20
CA PRO E 601 158.37 -126.72 -40.23
C PRO E 601 157.89 -126.14 -38.93
N ALA E 602 157.29 -124.93 -38.87
CA ALA E 602 156.89 -124.41 -37.59
C ALA E 602 155.67 -123.49 -37.75
N THR E 603 154.76 -123.36 -36.76
CA THR E 603 153.74 -122.30 -36.68
C THR E 603 154.00 -121.50 -35.47
N GLU E 604 154.13 -120.19 -35.59
CA GLU E 604 154.48 -119.34 -34.48
C GLU E 604 153.53 -118.24 -34.46
N THR E 605 153.29 -117.66 -33.25
CA THR E 605 152.53 -116.47 -33.16
C THR E 605 153.33 -115.58 -32.31
N GLY E 606 153.25 -114.22 -32.56
CA GLY E 606 153.94 -113.22 -31.69
C GLY E 606 152.97 -112.11 -31.59
N THR E 607 153.00 -111.30 -30.49
CA THR E 607 151.92 -110.31 -30.29
C THR E 607 152.71 -109.09 -29.93
N SER E 608 152.52 -107.91 -30.66
CA SER E 608 153.25 -106.68 -30.35
C SER E 608 152.17 -105.55 -30.36
N PRO E 609 152.45 -104.49 -29.64
CA PRO E 609 151.55 -103.37 -29.49
C PRO E 609 151.35 -102.63 -30.84
N LEU E 610 150.16 -102.02 -31.09
CA LEU E 610 150.00 -101.21 -32.26
C LEU E 610 149.49 -99.92 -31.68
N GLN E 611 149.89 -98.80 -32.32
CA GLN E 611 149.81 -97.52 -31.68
C GLN E 611 149.27 -96.63 -32.71
N LEU E 612 148.11 -96.05 -32.45
CA LEU E 612 147.40 -95.17 -33.37
C LEU E 612 147.72 -93.81 -32.81
N GLU E 613 148.03 -92.87 -33.74
CA GLU E 613 148.22 -91.55 -33.47
C GLU E 613 147.50 -90.87 -34.52
N PHE E 614 146.62 -89.84 -34.26
CA PHE E 614 145.98 -89.05 -35.29
C PHE E 614 146.11 -87.62 -34.92
N PHE E 615 146.89 -86.88 -35.73
CA PHE E 615 146.95 -85.46 -35.65
C PHE E 615 145.74 -84.77 -36.29
N THR E 616 144.61 -84.65 -35.59
CA THR E 616 143.38 -84.02 -35.98
C THR E 616 143.52 -82.52 -36.07
N VAL E 617 143.30 -81.97 -37.30
CA VAL E 617 143.38 -80.59 -37.72
C VAL E 617 142.54 -79.82 -36.69
N PRO E 618 142.91 -78.56 -36.22
CA PRO E 618 142.19 -77.89 -35.24
C PRO E 618 140.69 -77.61 -35.61
N SER E 619 140.25 -77.72 -36.96
CA SER E 619 138.90 -77.57 -37.39
C SER E 619 137.93 -78.65 -36.94
N THR E 620 138.45 -79.91 -36.91
CA THR E 620 137.74 -81.21 -36.61
C THR E 620 138.04 -81.70 -35.24
N SER E 621 138.79 -80.89 -34.45
CA SER E 621 139.39 -81.37 -33.19
C SER E 621 138.50 -81.84 -32.09
N TYR E 622 137.25 -81.19 -32.04
CA TYR E 622 136.20 -81.45 -31.18
C TYR E 622 135.23 -82.37 -31.90
N ILE E 623 134.92 -82.18 -33.23
CA ILE E 623 134.01 -82.98 -33.98
C ILE E 623 134.27 -84.48 -33.97
N ALA E 624 135.58 -84.79 -34.33
CA ALA E 624 136.02 -86.16 -34.22
C ALA E 624 136.01 -86.62 -32.79
N LEU E 625 136.52 -85.83 -31.85
CA LEU E 625 136.41 -86.03 -30.43
C LEU E 625 135.04 -86.42 -29.89
N VAL E 626 133.94 -85.82 -30.46
CA VAL E 626 132.56 -86.02 -30.14
C VAL E 626 132.00 -87.13 -30.91
N ASP E 627 132.25 -87.28 -32.23
CA ASP E 627 131.79 -88.40 -32.98
C ASP E 627 132.32 -89.77 -32.57
N PHE E 628 133.55 -89.77 -31.97
CA PHE E 628 134.23 -90.89 -31.49
C PHE E 628 133.95 -91.37 -30.09
N GLY E 629 133.20 -90.48 -29.32
CA GLY E 629 132.94 -90.90 -27.94
C GLY E 629 133.88 -90.62 -26.87
N LEU E 630 134.79 -89.66 -27.01
CA LEU E 630 135.98 -89.42 -26.12
C LEU E 630 135.73 -88.38 -24.99
N TRP E 631 134.47 -87.95 -24.84
CA TRP E 631 133.96 -87.14 -23.78
C TRP E 631 132.71 -87.85 -23.43
N GLY E 632 132.39 -87.79 -22.13
CA GLY E 632 131.22 -88.47 -21.65
C GLY E 632 131.04 -87.97 -20.28
N ASN E 633 130.40 -88.87 -19.42
CA ASN E 633 130.25 -88.62 -18.00
C ASN E 633 131.27 -89.39 -17.25
N LEU E 634 131.95 -90.42 -17.85
CA LEU E 634 132.77 -91.33 -17.15
C LEU E 634 134.22 -91.04 -17.31
N THR E 635 134.52 -90.05 -18.24
CA THR E 635 135.88 -89.74 -18.67
C THR E 635 136.54 -89.00 -17.52
N SER E 636 137.84 -89.24 -17.33
CA SER E 636 138.67 -88.45 -16.38
C SER E 636 139.55 -87.61 -17.30
N VAL E 637 140.10 -86.51 -16.73
CA VAL E 637 141.01 -85.69 -17.52
C VAL E 637 142.15 -85.30 -16.64
N THR E 638 143.41 -85.78 -16.90
CA THR E 638 144.70 -85.34 -16.34
C THR E 638 145.17 -84.08 -16.94
N VAL E 639 145.35 -83.03 -16.13
CA VAL E 639 145.88 -81.79 -16.55
C VAL E 639 147.28 -81.83 -15.87
N SER E 640 148.37 -81.86 -16.66
CA SER E 640 149.72 -81.62 -16.15
C SER E 640 150.12 -80.31 -16.76
N ALA E 641 150.80 -79.40 -15.97
CA ALA E 641 150.99 -78.04 -16.32
C ALA E 641 152.47 -77.99 -16.52
N TYR E 642 152.91 -77.01 -17.36
CA TYR E 642 154.29 -76.91 -17.78
C TYR E 642 154.46 -75.42 -18.07
N ASP E 643 155.43 -74.92 -17.29
CA ASP E 643 156.14 -73.75 -17.55
C ASP E 643 157.09 -74.03 -18.68
N THR E 644 156.97 -73.37 -19.84
CA THR E 644 157.90 -73.50 -20.97
C THR E 644 158.56 -72.21 -21.17
N VAL E 645 158.35 -71.26 -20.17
CA VAL E 645 158.99 -70.01 -19.98
C VAL E 645 160.20 -70.07 -19.05
N ASN E 646 160.32 -71.26 -18.34
CA ASN E 646 161.41 -71.37 -17.37
C ASN E 646 161.63 -72.84 -16.99
N ASN E 647 160.72 -73.76 -17.44
CA ASN E 647 160.99 -75.20 -17.33
C ASN E 647 160.76 -75.63 -15.90
N LYS E 648 159.42 -75.61 -15.44
CA LYS E 648 159.14 -76.19 -14.16
C LYS E 648 158.14 -77.23 -14.46
N LEU E 649 158.37 -78.56 -14.08
CA LEU E 649 157.50 -79.65 -14.29
C LEU E 649 156.71 -79.74 -12.97
N SER E 650 155.35 -79.79 -13.04
CA SER E 650 154.43 -79.77 -11.93
C SER E 650 154.59 -81.14 -11.29
N VAL E 651 154.66 -81.06 -9.95
CA VAL E 651 154.77 -82.23 -9.08
C VAL E 651 153.46 -82.95 -8.65
N ASN E 652 152.35 -82.13 -8.77
CA ASN E 652 151.05 -82.59 -8.48
C ASN E 652 150.22 -82.20 -9.65
N LEU E 653 149.90 -83.26 -10.38
CA LEU E 653 149.01 -83.17 -11.54
C LEU E 653 147.57 -82.86 -11.00
N GLY E 654 146.82 -82.04 -11.79
CA GLY E 654 145.48 -81.78 -11.53
C GLY E 654 144.57 -82.78 -12.27
N TYR E 655 143.31 -83.00 -11.76
CA TYR E 655 142.27 -83.89 -12.39
C TYR E 655 140.94 -83.19 -12.34
N PHE E 656 140.21 -83.17 -13.50
CA PHE E 656 138.82 -82.94 -13.45
C PHE E 656 138.22 -84.16 -14.11
N TYR E 657 136.87 -84.16 -14.38
CA TYR E 657 136.12 -85.23 -15.06
C TYR E 657 135.19 -84.42 -16.01
N GLY E 658 135.22 -84.61 -17.36
CA GLY E 658 134.21 -84.08 -18.26
C GLY E 658 132.80 -84.50 -17.91
N ILE E 659 131.78 -83.61 -17.98
CA ILE E 659 130.46 -83.94 -17.47
C ILE E 659 129.56 -83.37 -18.66
N VAL E 660 128.31 -83.86 -18.69
CA VAL E 660 127.29 -83.53 -19.55
C VAL E 660 126.10 -83.32 -18.70
N ILE E 661 125.59 -82.08 -18.85
CA ILE E 661 124.47 -81.63 -18.15
C ILE E 661 123.42 -81.26 -19.18
N PRO E 662 122.18 -81.70 -19.16
CA PRO E 662 121.12 -81.38 -20.18
C PRO E 662 120.60 -79.98 -19.92
N PRO E 663 120.18 -79.08 -20.85
CA PRO E 663 119.55 -77.78 -20.57
C PRO E 663 118.25 -77.94 -19.83
N SER E 664 117.78 -76.80 -19.18
CA SER E 664 116.46 -76.83 -18.70
C SER E 664 116.09 -75.38 -18.64
N ILE E 665 114.78 -75.14 -18.61
CA ILE E 665 114.32 -73.76 -18.64
C ILE E 665 113.00 -73.80 -17.83
N SER E 666 112.66 -72.64 -17.18
CA SER E 666 111.45 -72.33 -16.52
C SER E 666 111.34 -70.89 -16.64
N THR E 667 110.12 -70.39 -16.33
CA THR E 667 109.87 -68.92 -16.46
C THR E 667 109.22 -68.68 -15.12
N ALA E 668 109.39 -67.44 -14.65
CA ALA E 668 108.52 -66.91 -13.61
C ALA E 668 107.04 -66.76 -14.10
N PRO E 669 106.02 -66.97 -13.29
CA PRO E 669 104.54 -66.90 -13.61
C PRO E 669 104.24 -65.64 -14.35
N TYR E 670 103.35 -65.72 -15.33
CA TYR E 670 102.94 -64.61 -16.18
C TYR E 670 102.21 -63.59 -15.46
N ASN E 671 102.87 -62.43 -15.10
CA ASN E 671 102.30 -61.37 -14.22
C ASN E 671 101.94 -60.30 -15.21
N TYR E 672 100.68 -59.75 -15.20
CA TYR E 672 100.07 -59.00 -16.30
C TYR E 672 100.70 -57.69 -16.49
N GLN E 673 101.09 -56.98 -15.38
CA GLN E 673 101.65 -55.68 -15.39
C GLN E 673 103.05 -55.65 -15.88
N ASN E 674 103.68 -56.86 -15.93
CA ASN E 674 105.00 -57.00 -16.56
C ASN E 674 104.95 -56.88 -18.10
N PHE E 675 103.83 -56.69 -18.78
CA PHE E 675 103.84 -56.75 -20.21
C PHE E 675 103.22 -55.46 -20.65
N ILE E 676 103.19 -54.38 -19.80
CA ILE E 676 102.58 -53.12 -20.10
C ILE E 676 103.68 -52.17 -20.31
N CYS E 677 104.16 -51.48 -19.23
CA CYS E 677 105.12 -50.39 -19.32
C CYS E 677 106.49 -51.06 -19.33
N PRO E 678 107.50 -50.60 -20.02
CA PRO E 678 108.77 -51.35 -20.06
C PRO E 678 109.69 -50.87 -18.95
N ASN E 679 109.44 -51.37 -17.71
CA ASN E 679 110.09 -50.89 -16.57
C ASN E 679 110.00 -52.01 -15.58
N ASN E 680 109.63 -53.27 -16.09
CA ASN E 680 109.27 -54.39 -15.27
C ASN E 680 109.62 -55.50 -16.26
N TYR E 681 109.71 -56.81 -15.82
CA TYR E 681 109.94 -57.84 -16.81
C TYR E 681 109.56 -59.10 -16.17
N VAL E 682 109.25 -60.15 -17.01
CA VAL E 682 109.18 -61.50 -16.55
C VAL E 682 110.54 -62.03 -16.92
N THR E 683 111.21 -62.64 -15.94
CA THR E 683 112.50 -63.28 -16.01
C THR E 683 112.24 -64.72 -16.47
N VAL E 684 112.92 -65.09 -17.61
CA VAL E 684 112.99 -66.44 -18.04
C VAL E 684 114.34 -66.87 -17.69
N THR E 685 114.48 -67.57 -16.50
CA THR E 685 115.77 -68.01 -15.97
C THR E 685 116.11 -69.33 -16.64
N ILE E 686 117.25 -69.30 -17.44
CA ILE E 686 117.51 -70.45 -18.32
C ILE E 686 118.76 -71.20 -17.91
N TYR E 687 118.54 -72.35 -17.21
CA TYR E 687 119.58 -73.20 -16.75
C TYR E 687 120.40 -73.88 -17.76
N ASP E 688 121.67 -73.53 -17.95
CA ASP E 688 122.49 -74.31 -18.84
C ASP E 688 123.87 -73.82 -18.50
N PRO E 689 124.66 -74.58 -17.76
CA PRO E 689 126.03 -74.15 -17.36
C PRO E 689 126.95 -74.39 -18.51
N ASP E 690 126.69 -75.33 -19.44
CA ASP E 690 127.46 -75.78 -20.49
C ASP E 690 127.81 -74.62 -21.47
N ALA E 691 126.85 -73.66 -21.52
CA ALA E 691 126.89 -72.55 -22.36
C ALA E 691 127.53 -71.31 -21.76
N VAL E 692 127.73 -71.22 -20.48
CA VAL E 692 128.49 -70.23 -19.84
C VAL E 692 129.88 -70.72 -20.04
N LEU E 693 130.72 -69.81 -20.60
CA LEU E 693 132.02 -70.26 -21.09
C LEU E 693 133.10 -69.60 -20.25
N ASP E 694 132.81 -68.95 -19.07
CA ASP E 694 133.78 -68.46 -18.19
C ASP E 694 133.06 -68.38 -16.86
N PRO E 695 133.52 -68.98 -15.74
CA PRO E 695 132.79 -68.99 -14.45
C PRO E 695 132.96 -67.66 -13.73
N TYR E 696 133.53 -66.63 -14.39
CA TYR E 696 133.96 -65.38 -13.74
C TYR E 696 133.01 -64.49 -14.43
N PRO E 697 132.29 -63.62 -13.66
CA PRO E 697 131.19 -62.74 -14.08
C PRO E 697 131.72 -61.75 -15.15
N SER E 698 130.89 -61.57 -16.26
CA SER E 698 131.15 -60.80 -17.47
C SER E 698 132.41 -61.26 -18.10
N GLY E 699 132.72 -62.65 -18.08
CA GLY E 699 133.98 -63.14 -18.64
C GLY E 699 133.83 -63.15 -20.18
N SER E 700 134.97 -62.90 -20.84
CA SER E 700 134.98 -62.95 -22.28
C SER E 700 136.47 -63.09 -22.57
N PHE E 701 136.86 -63.57 -23.76
CA PHE E 701 138.27 -63.90 -24.05
C PHE E 701 138.39 -64.16 -25.50
N THR E 702 139.64 -64.08 -26.04
CA THR E 702 139.98 -64.57 -27.38
C THR E 702 140.82 -65.78 -27.33
N THR E 703 140.75 -66.66 -28.33
CA THR E 703 141.50 -67.98 -28.31
C THR E 703 141.97 -68.33 -29.67
N SER E 704 143.35 -68.16 -29.98
CA SER E 704 143.74 -68.53 -31.32
C SER E 704 144.72 -69.68 -31.37
N SER E 705 144.71 -70.41 -32.49
CA SER E 705 145.62 -71.49 -32.68
C SER E 705 146.87 -70.81 -33.18
N LEU E 706 147.92 -70.92 -32.33
CA LEU E 706 149.24 -70.40 -32.61
C LEU E 706 150.24 -71.50 -32.38
N PRO E 707 151.51 -71.65 -32.93
CA PRO E 707 152.50 -72.69 -32.45
C PRO E 707 152.90 -72.49 -30.94
N LEU E 708 152.85 -73.60 -30.23
CA LEU E 708 153.06 -73.70 -28.87
C LEU E 708 154.07 -74.75 -28.82
N LYS E 709 154.93 -74.77 -27.75
CA LYS E 709 156.03 -75.69 -27.53
C LYS E 709 155.61 -76.68 -26.49
N TYR E 710 155.97 -77.90 -26.74
CA TYR E 710 155.70 -78.85 -25.76
C TYR E 710 156.69 -80.00 -26.07
N GLY E 711 157.29 -80.62 -25.07
CA GLY E 711 158.24 -81.66 -25.32
C GLY E 711 159.54 -81.16 -25.99
N ASN E 712 159.83 -81.76 -27.16
CA ASN E 712 160.95 -81.56 -27.99
C ASN E 712 160.50 -80.81 -29.29
N MET E 713 159.16 -80.48 -29.46
CA MET E 713 158.69 -79.97 -30.72
C MET E 713 157.59 -78.96 -30.44
N ASN E 714 157.10 -78.35 -31.54
CA ASN E 714 156.18 -77.23 -31.56
C ASN E 714 155.02 -77.72 -32.33
N ILE E 715 153.88 -77.54 -31.79
CA ILE E 715 152.56 -78.13 -32.24
C ILE E 715 151.60 -76.95 -32.07
N THR E 716 150.49 -77.02 -32.85
CA THR E 716 149.49 -75.90 -32.68
C THR E 716 148.85 -76.06 -31.35
N GLY E 717 148.66 -74.91 -30.61
CA GLY E 717 148.10 -74.78 -29.29
C GLY E 717 147.15 -73.63 -29.30
N ALA E 718 146.14 -73.65 -28.35
CA ALA E 718 145.11 -72.58 -28.30
C ALA E 718 145.46 -71.59 -27.28
N VAL E 719 146.18 -70.54 -27.64
CA VAL E 719 146.66 -69.53 -26.73
C VAL E 719 145.53 -68.70 -26.37
N ILE E 720 145.14 -68.65 -25.04
CA ILE E 720 144.09 -67.86 -24.63
C ILE E 720 144.68 -66.47 -24.36
N PHE E 721 144.27 -65.49 -25.13
CA PHE E 721 144.50 -64.07 -24.71
C PHE E 721 143.28 -63.67 -24.05
N PRO E 722 143.12 -63.57 -22.67
CA PRO E 722 142.03 -62.98 -21.95
C PRO E 722 141.73 -61.51 -22.30
N GLY E 723 140.53 -61.32 -22.78
CA GLY E 723 140.25 -59.94 -23.19
C GLY E 723 139.13 -59.90 -24.23
N SER E 724 139.30 -59.20 -25.36
CA SER E 724 138.24 -59.20 -26.37
C SER E 724 138.90 -58.81 -27.66
N SER E 725 140.19 -59.02 -27.88
CA SER E 725 140.90 -58.59 -29.00
C SER E 725 141.77 -59.71 -29.61
N VAL E 726 141.51 -59.98 -30.95
CA VAL E 726 142.24 -60.99 -31.74
C VAL E 726 143.16 -60.13 -32.48
N TYR E 727 144.45 -60.38 -32.12
CA TYR E 727 145.64 -59.70 -32.52
C TYR E 727 146.24 -60.23 -33.77
N ASN E 728 147.52 -59.80 -34.04
CA ASN E 728 148.50 -60.40 -34.94
C ASN E 728 149.67 -60.85 -34.13
N PRO E 729 149.68 -61.90 -33.31
CA PRO E 729 150.84 -62.26 -32.49
C PRO E 729 152.02 -62.81 -33.24
N SER E 730 153.27 -62.43 -32.77
CA SER E 730 154.46 -62.71 -33.55
C SER E 730 155.34 -63.35 -32.54
N GLY E 731 156.50 -63.92 -33.06
CA GLY E 731 157.38 -64.83 -32.24
C GLY E 731 156.82 -66.19 -31.99
N VAL E 732 157.51 -67.12 -31.32
CA VAL E 732 156.99 -68.48 -30.96
C VAL E 732 156.58 -68.39 -29.54
N PHE E 733 155.31 -68.79 -29.22
CA PHE E 733 154.72 -68.71 -27.92
C PHE E 733 155.54 -69.64 -27.02
N GLY E 734 155.90 -69.05 -25.80
CA GLY E 734 156.78 -69.70 -24.84
C GLY E 734 157.90 -68.83 -24.59
N TYR E 735 158.02 -67.66 -25.29
CA TYR E 735 159.03 -66.68 -25.06
C TYR E 735 158.51 -65.64 -24.20
N SER E 736 159.42 -64.69 -23.80
CA SER E 736 159.00 -63.49 -23.22
C SER E 736 159.32 -62.32 -24.11
N ASN E 737 159.92 -62.62 -25.29
CA ASN E 737 160.09 -61.57 -26.32
C ASN E 737 158.84 -61.41 -27.08
N PHE E 738 157.93 -62.42 -26.79
CA PHE E 738 156.55 -62.57 -27.38
C PHE E 738 155.68 -61.37 -27.00
N ASN E 739 155.25 -60.66 -28.02
CA ASN E 739 154.64 -59.30 -27.88
C ASN E 739 153.65 -59.27 -29.00
N LYS E 740 152.33 -59.30 -28.68
CA LYS E 740 151.16 -59.11 -29.49
C LYS E 740 151.04 -57.70 -30.04
N GLY E 741 151.09 -57.42 -31.35
CA GLY E 741 150.98 -56.17 -31.96
C GLY E 741 149.59 -55.56 -32.18
N ALA E 742 149.36 -54.93 -33.36
CA ALA E 742 148.14 -54.32 -33.69
C ALA E 742 146.91 -55.18 -33.77
N ALA E 743 145.75 -54.72 -33.28
CA ALA E 743 144.50 -55.43 -33.28
C ALA E 743 143.92 -55.46 -34.68
N VAL E 744 143.99 -56.73 -35.22
CA VAL E 744 143.41 -57.16 -36.41
C VAL E 744 141.84 -57.04 -36.35
N THR E 745 141.22 -57.63 -35.33
CA THR E 745 139.84 -57.66 -35.13
C THR E 745 139.75 -57.11 -33.74
N THR E 746 138.72 -56.28 -33.54
CA THR E 746 138.40 -55.68 -32.23
C THR E 746 137.05 -56.00 -32.01
N PHE E 747 136.81 -57.07 -31.23
CA PHE E 747 135.49 -57.46 -30.85
C PHE E 747 134.85 -56.55 -29.84
N THR E 748 133.95 -55.63 -30.33
CA THR E 748 133.40 -54.59 -29.51
C THR E 748 131.92 -54.82 -29.47
N TYR E 749 131.40 -55.09 -28.27
CA TYR E 749 130.00 -55.00 -27.91
C TYR E 749 129.59 -53.51 -27.73
N THR E 750 129.10 -52.84 -28.77
CA THR E 750 129.08 -51.42 -28.80
C THR E 750 127.64 -51.21 -29.02
N ALA E 751 127.31 -49.93 -28.75
CA ALA E 751 126.07 -49.25 -29.05
C ALA E 751 125.88 -48.97 -30.52
N GLN E 752 124.61 -49.15 -31.04
CA GLN E 752 124.39 -48.99 -32.46
C GLN E 752 123.44 -47.83 -32.50
N SER E 753 123.26 -47.27 -33.72
CA SER E 753 122.35 -46.18 -33.88
C SER E 753 121.01 -46.86 -34.41
N GLY E 754 121.03 -48.21 -34.33
CA GLY E 754 119.91 -49.05 -34.81
C GLY E 754 118.75 -48.99 -33.80
N PRO E 755 117.57 -49.51 -34.22
CA PRO E 755 116.29 -49.52 -33.53
C PRO E 755 116.46 -50.08 -32.14
N PHE E 756 116.33 -49.07 -31.17
CA PHE E 756 116.23 -49.24 -29.71
C PHE E 756 117.58 -49.18 -29.08
N SER E 757 118.64 -48.60 -29.71
CA SER E 757 120.04 -48.68 -29.39
C SER E 757 120.41 -49.98 -28.70
N PRO E 758 120.50 -50.99 -29.49
CA PRO E 758 120.99 -52.30 -29.06
C PRO E 758 122.45 -52.24 -28.68
N VAL E 759 122.86 -53.01 -27.67
CA VAL E 759 124.27 -53.21 -27.38
C VAL E 759 124.71 -54.51 -28.02
N ALA E 760 125.15 -54.40 -29.31
CA ALA E 760 125.46 -55.46 -30.29
C ALA E 760 126.94 -55.65 -30.51
N LEU E 761 127.33 -56.87 -30.80
CA LEU E 761 128.69 -57.36 -31.15
C LEU E 761 129.08 -56.96 -32.53
N THR E 762 130.37 -56.37 -32.70
CA THR E 762 130.91 -56.04 -34.02
C THR E 762 132.30 -56.66 -34.02
N GLY E 763 132.99 -56.59 -35.17
CA GLY E 763 134.22 -57.34 -35.49
C GLY E 763 133.84 -58.53 -36.28
N ASN E 764 134.61 -58.63 -37.41
CA ASN E 764 134.44 -59.63 -38.48
C ASN E 764 134.16 -61.02 -37.94
N THR E 765 133.10 -61.66 -38.48
CA THR E 765 132.36 -62.83 -38.04
C THR E 765 133.14 -64.05 -38.18
N ASN E 766 134.14 -64.05 -39.11
CA ASN E 766 134.98 -65.26 -39.35
C ASN E 766 135.99 -65.52 -38.21
N TYR E 767 136.18 -64.47 -37.39
CA TYR E 767 136.95 -64.40 -36.17
C TYR E 767 136.09 -64.78 -35.08
N LEU E 768 134.85 -65.27 -35.30
CA LEU E 768 134.11 -65.75 -34.22
C LEU E 768 134.67 -67.07 -33.75
N SER E 769 135.45 -67.69 -34.68
CA SER E 769 136.12 -68.92 -34.22
C SER E 769 137.31 -68.75 -33.32
N GLN E 770 137.72 -67.47 -33.06
CA GLN E 770 138.84 -67.15 -32.21
C GLN E 770 138.37 -66.10 -31.17
N TYR E 771 137.10 -65.78 -31.10
CA TYR E 771 136.43 -64.92 -30.19
C TYR E 771 135.32 -65.61 -29.50
N ALA E 772 135.47 -65.67 -28.14
CA ALA E 772 134.54 -66.39 -27.29
C ALA E 772 133.90 -65.44 -26.23
N ASP E 773 132.70 -65.78 -25.60
CA ASP E 773 131.95 -65.02 -24.66
C ASP E 773 131.17 -66.01 -23.85
N ASN E 774 130.51 -65.55 -22.79
CA ASN E 774 129.51 -66.36 -22.11
C ASN E 774 128.26 -66.52 -22.86
N ASN E 775 127.83 -65.39 -23.56
CA ASN E 775 126.73 -65.35 -24.50
C ASN E 775 126.63 -66.63 -25.40
N PRO E 776 125.46 -67.43 -25.43
CA PRO E 776 125.34 -68.72 -26.17
C PRO E 776 125.42 -68.50 -27.67
N THR E 777 124.92 -67.28 -28.08
CA THR E 777 124.53 -67.09 -29.47
C THR E 777 125.77 -66.87 -30.32
N ASP E 778 127.00 -66.98 -29.74
CA ASP E 778 128.20 -66.78 -30.55
C ASP E 778 129.20 -67.87 -30.08
N ASN E 779 128.70 -68.98 -29.45
CA ASN E 779 129.60 -69.99 -28.97
C ASN E 779 129.73 -71.14 -29.88
N TYR E 780 128.94 -71.23 -30.98
CA TYR E 780 128.78 -72.39 -31.87
C TYR E 780 129.66 -72.30 -33.15
N TYR E 781 130.46 -71.24 -33.20
CA TYR E 781 131.51 -71.03 -34.19
C TYR E 781 132.83 -71.39 -33.63
N PHE E 782 132.93 -71.81 -32.30
CA PHE E 782 134.17 -71.82 -31.54
C PHE E 782 135.17 -72.99 -31.82
N ILE E 783 134.68 -74.15 -32.32
CA ILE E 783 135.51 -75.31 -32.56
C ILE E 783 134.69 -76.13 -33.60
N GLN E 784 133.38 -75.77 -33.75
CA GLN E 784 132.43 -76.46 -34.54
C GLN E 784 132.35 -75.86 -35.87
N THR E 785 133.49 -75.73 -36.53
CA THR E 785 133.51 -75.36 -37.97
C THR E 785 134.41 -76.39 -38.61
N VAL E 786 133.86 -77.23 -39.53
CA VAL E 786 134.66 -78.08 -40.33
C VAL E 786 134.47 -77.58 -41.73
N ASN E 787 135.58 -77.32 -42.48
CA ASN E 787 135.60 -76.79 -43.87
C ASN E 787 135.45 -75.24 -43.77
N GLY E 788 135.40 -74.68 -42.54
CA GLY E 788 135.20 -73.24 -42.37
C GLY E 788 133.71 -72.78 -42.44
N MET E 789 132.74 -73.62 -42.14
CA MET E 789 131.36 -73.28 -42.09
C MET E 789 130.84 -74.08 -40.89
N PRO E 790 129.95 -73.67 -40.03
CA PRO E 790 129.62 -74.37 -38.81
C PRO E 790 128.95 -75.71 -38.96
N VAL E 791 129.01 -76.57 -37.88
CA VAL E 791 128.53 -77.92 -37.81
C VAL E 791 127.39 -77.92 -36.81
N LEU E 792 127.12 -76.69 -36.18
CA LEU E 792 126.28 -76.48 -35.02
C LEU E 792 125.49 -75.22 -35.14
N MET E 793 124.14 -75.27 -34.90
CA MET E 793 123.24 -74.09 -34.77
C MET E 793 122.75 -74.22 -33.38
N GLY E 794 123.18 -73.26 -32.56
CA GLY E 794 123.01 -73.39 -31.13
C GLY E 794 122.75 -72.06 -30.61
N GLY E 795 122.64 -72.05 -29.32
CA GLY E 795 122.38 -70.92 -28.42
C GLY E 795 120.90 -70.74 -28.28
N LEU E 796 120.35 -69.53 -28.21
CA LEU E 796 118.96 -69.22 -28.05
C LEU E 796 118.42 -68.80 -29.36
N SER E 797 117.22 -69.21 -29.68
CA SER E 797 116.59 -68.70 -30.81
C SER E 797 115.24 -68.32 -30.35
N ILE E 798 114.72 -67.27 -30.97
CA ILE E 798 113.59 -66.57 -30.48
C ILE E 798 112.76 -66.35 -31.69
N VAL E 799 111.42 -66.55 -31.59
CA VAL E 799 110.43 -66.18 -32.60
C VAL E 799 109.36 -65.52 -31.78
N ALA E 800 108.62 -64.54 -32.36
CA ALA E 800 107.75 -63.80 -31.64
C ALA E 800 106.50 -63.77 -32.51
N SER E 801 105.28 -63.91 -31.91
CA SER E 801 104.03 -64.06 -32.59
C SER E 801 102.98 -63.39 -31.83
N PRO E 802 101.90 -62.86 -32.35
CA PRO E 802 101.26 -63.01 -33.64
C PRO E 802 102.13 -62.34 -34.75
N VAL E 803 102.61 -61.09 -34.58
CA VAL E 803 103.42 -60.33 -35.49
C VAL E 803 104.79 -60.98 -35.66
N SER E 804 105.11 -61.71 -36.80
CA SER E 804 106.34 -62.53 -37.05
C SER E 804 107.61 -61.68 -36.98
N ALA E 805 108.48 -62.10 -36.06
CA ALA E 805 109.83 -61.66 -36.08
C ALA E 805 110.64 -62.68 -35.47
N SER E 806 111.95 -62.75 -35.81
CA SER E 806 112.80 -63.84 -35.42
C SER E 806 114.19 -63.25 -35.18
N LEU E 807 115.00 -63.96 -34.35
CA LEU E 807 116.35 -63.61 -34.00
C LEU E 807 116.96 -65.00 -33.81
N PRO E 808 118.22 -65.30 -34.09
CA PRO E 808 119.20 -64.52 -34.71
C PRO E 808 118.77 -63.66 -35.83
N SER E 809 119.32 -62.45 -35.86
CA SER E 809 119.29 -61.35 -36.77
C SER E 809 120.65 -61.36 -37.50
N SER E 810 120.81 -60.41 -38.43
CA SER E 810 121.99 -60.33 -39.36
C SER E 810 122.45 -58.86 -39.44
N THR E 811 121.83 -57.99 -38.52
CA THR E 811 122.16 -56.53 -38.44
C THR E 811 123.42 -56.41 -37.57
N SER E 812 123.86 -57.49 -36.92
CA SER E 812 125.15 -57.47 -36.33
C SER E 812 125.42 -58.96 -36.24
N SER E 813 126.70 -59.39 -36.13
CA SER E 813 127.22 -60.71 -36.16
C SER E 813 126.58 -61.48 -35.01
N PRO E 814 126.29 -62.76 -35.04
CA PRO E 814 125.72 -63.58 -33.94
C PRO E 814 126.50 -63.20 -32.68
N GLY E 815 125.67 -62.89 -31.75
CA GLY E 815 125.95 -62.01 -30.65
C GLY E 815 125.29 -60.72 -30.86
N PHE E 816 124.14 -60.72 -31.53
CA PHE E 816 123.20 -59.63 -31.75
C PHE E 816 122.68 -58.93 -30.49
N MET E 817 122.50 -59.72 -29.38
CA MET E 817 122.19 -59.21 -28.07
C MET E 817 123.30 -59.62 -27.24
N TYR E 818 123.64 -58.86 -26.16
CA TYR E 818 124.76 -59.12 -25.29
C TYR E 818 123.92 -59.76 -24.18
N LEU E 819 123.88 -61.10 -24.08
CA LEU E 819 123.12 -61.79 -23.06
C LEU E 819 124.29 -62.34 -22.20
N LEU E 820 124.11 -62.24 -20.82
CA LEU E 820 125.10 -62.71 -19.85
C LEU E 820 124.31 -63.38 -18.76
N PRO E 821 124.87 -64.43 -18.12
CA PRO E 821 124.41 -64.89 -16.86
C PRO E 821 124.32 -63.78 -15.87
N SER E 822 123.71 -64.03 -14.69
CA SER E 822 123.59 -63.09 -13.60
C SER E 822 125.01 -62.88 -13.04
N ALA E 823 125.33 -61.60 -12.88
CA ALA E 823 126.56 -61.11 -12.32
C ALA E 823 126.34 -60.46 -11.01
N ALA E 824 127.51 -60.26 -10.30
CA ALA E 824 127.55 -59.63 -8.99
C ALA E 824 126.70 -60.28 -7.91
N GLN E 825 126.96 -61.62 -7.74
CA GLN E 825 126.32 -62.61 -6.79
C GLN E 825 126.93 -62.46 -5.47
N VAL E 826 126.10 -62.56 -4.52
CA VAL E 826 126.57 -62.37 -3.15
C VAL E 826 126.05 -63.47 -2.20
N PRO E 827 125.08 -64.44 -2.48
CA PRO E 827 124.72 -65.46 -1.53
C PRO E 827 125.86 -66.52 -1.44
N SER E 828 126.63 -66.58 -2.55
CA SER E 828 127.68 -67.44 -2.76
C SER E 828 128.79 -67.51 -1.69
N PRO E 829 129.67 -68.49 -1.64
CA PRO E 829 130.79 -68.49 -0.72
C PRO E 829 131.97 -67.70 -1.19
N LEU E 830 132.14 -67.59 -2.55
CA LEU E 830 133.18 -66.91 -3.22
C LEU E 830 132.48 -65.72 -3.70
N PRO E 831 132.70 -64.47 -3.21
CA PRO E 831 131.82 -63.41 -3.53
C PRO E 831 132.13 -62.81 -4.95
N GLY E 832 131.02 -62.48 -5.64
CA GLY E 832 131.01 -62.04 -6.99
C GLY E 832 131.46 -63.01 -8.06
N MET E 833 130.75 -64.19 -8.13
CA MET E 833 131.07 -65.20 -9.11
C MET E 833 129.91 -65.33 -9.97
N ALA E 834 129.88 -66.14 -11.07
CA ALA E 834 128.84 -66.22 -12.08
C ALA E 834 127.93 -67.41 -11.78
N THR E 835 126.83 -67.45 -12.59
CA THR E 835 125.74 -68.38 -12.31
C THR E 835 125.62 -69.21 -13.63
N PRO E 836 124.91 -70.31 -13.56
CA PRO E 836 124.44 -71.00 -14.69
C PRO E 836 123.40 -70.26 -15.32
N ASN E 837 122.52 -69.55 -14.51
CA ASN E 837 121.26 -68.96 -14.77
C ASN E 837 121.41 -67.79 -15.68
N TYR E 838 120.59 -67.68 -16.76
CA TYR E 838 120.50 -66.59 -17.67
C TYR E 838 119.13 -66.02 -17.52
N ASN E 839 119.09 -64.87 -16.89
CA ASN E 839 117.93 -63.99 -16.69
C ASN E 839 117.72 -63.25 -18.00
N LEU E 840 116.57 -63.52 -18.64
CA LEU E 840 116.21 -63.16 -19.96
C LEU E 840 115.28 -62.07 -19.69
N ASN E 841 115.65 -60.78 -19.98
CA ASN E 841 114.75 -59.65 -19.70
C ASN E 841 113.81 -59.66 -20.83
N ILE E 842 112.46 -59.77 -20.57
CA ILE E 842 111.45 -59.76 -21.63
C ILE E 842 110.56 -58.56 -21.38
N TYR E 843 110.49 -57.58 -22.37
CA TYR E 843 109.55 -56.42 -22.39
C TYR E 843 108.51 -56.60 -23.54
N ILE E 844 107.21 -56.17 -23.34
CA ILE E 844 106.22 -56.24 -24.43
C ILE E 844 105.49 -55.02 -24.25
N THR E 845 105.17 -54.35 -25.36
CA THR E 845 104.53 -53.10 -25.28
C THR E 845 103.78 -53.12 -26.57
N TYR E 846 102.94 -52.11 -26.69
CA TYR E 846 102.07 -52.12 -27.87
C TYR E 846 101.75 -50.59 -28.13
N LYS E 847 102.44 -49.75 -27.34
CA LYS E 847 102.11 -48.36 -27.08
C LYS E 847 102.81 -47.49 -28.05
N ILE E 848 103.87 -48.01 -28.73
CA ILE E 848 104.57 -47.24 -29.68
C ILE E 848 104.64 -48.02 -30.96
N ASP E 849 103.49 -48.63 -31.42
CA ASP E 849 103.40 -49.28 -32.69
C ASP E 849 102.81 -48.12 -33.47
N GLY E 850 103.34 -47.83 -34.72
CA GLY E 850 103.08 -46.58 -35.39
C GLY E 850 104.12 -45.56 -35.09
N ALA E 851 105.06 -45.88 -34.18
CA ALA E 851 106.32 -45.20 -33.93
C ALA E 851 107.33 -45.70 -34.88
N THR E 852 108.37 -44.84 -35.20
CA THR E 852 109.31 -45.08 -36.21
C THR E 852 110.60 -44.65 -35.68
N VAL E 853 111.67 -45.27 -36.31
CA VAL E 853 113.00 -44.79 -36.13
C VAL E 853 113.53 -44.82 -37.53
N GLY E 854 113.51 -43.67 -38.26
CA GLY E 854 113.80 -43.56 -39.71
C GLY E 854 112.63 -44.06 -40.43
N ASN E 855 112.93 -44.82 -41.52
CA ASN E 855 111.92 -45.49 -42.39
C ASN E 855 111.55 -46.83 -41.77
N ASN E 856 112.32 -47.27 -40.75
CA ASN E 856 112.04 -48.59 -40.09
C ASN E 856 110.84 -48.43 -39.25
N MET E 857 109.92 -49.42 -39.38
CA MET E 857 108.62 -49.46 -38.67
C MET E 857 108.80 -50.31 -37.41
N ILE E 858 108.63 -49.67 -36.24
CA ILE E 858 108.96 -50.26 -34.97
C ILE E 858 107.87 -51.24 -34.68
N ASN E 859 108.07 -52.50 -35.06
CA ASN E 859 107.03 -53.44 -35.03
C ASN E 859 107.78 -54.74 -35.09
N GLY E 860 107.44 -55.67 -34.18
CA GLY E 860 108.04 -56.96 -34.17
C GLY E 860 109.08 -56.92 -33.13
N LEU E 861 110.03 -57.96 -33.15
CA LEU E 861 111.05 -58.19 -32.15
C LEU E 861 112.31 -57.41 -32.43
N TYR E 862 112.94 -56.88 -31.32
CA TYR E 862 114.19 -56.02 -31.41
C TYR E 862 115.06 -56.28 -30.29
N VAL E 863 116.36 -55.99 -30.40
CA VAL E 863 117.40 -56.00 -29.36
C VAL E 863 117.47 -54.62 -28.79
N ALA E 864 117.70 -54.51 -27.47
CA ALA E 864 117.91 -53.19 -26.82
C ALA E 864 118.78 -53.58 -25.67
N SER E 865 119.17 -52.55 -24.85
CA SER E 865 120.32 -52.59 -23.98
C SER E 865 120.49 -53.81 -23.16
N GLN E 866 121.80 -54.25 -23.18
CA GLN E 866 122.25 -55.62 -23.11
C GLN E 866 121.20 -56.74 -23.24
N ASN E 867 120.58 -57.21 -22.07
CA ASN E 867 119.83 -58.45 -21.91
C ASN E 867 118.37 -58.32 -22.46
N THR E 868 118.06 -57.13 -22.96
CA THR E 868 116.65 -56.74 -23.12
C THR E 868 116.18 -57.03 -24.49
N LEU E 869 114.96 -57.61 -24.48
CA LEU E 869 114.31 -58.00 -25.71
C LEU E 869 112.89 -57.34 -25.81
N ILE E 870 112.62 -56.45 -26.81
CA ILE E 870 111.47 -55.64 -26.86
C ILE E 870 110.69 -56.14 -27.99
N TYR E 871 109.35 -56.16 -27.91
CA TYR E 871 108.50 -56.62 -28.82
C TYR E 871 107.30 -55.67 -28.94
N VAL E 872 106.90 -55.31 -30.24
CA VAL E 872 105.88 -54.38 -30.43
C VAL E 872 104.91 -55.03 -31.25
N VAL E 873 103.60 -54.83 -30.84
CA VAL E 873 102.42 -55.44 -31.52
C VAL E 873 101.39 -54.36 -31.79
N PRO E 874 100.51 -54.41 -32.74
CA PRO E 874 99.38 -53.54 -32.87
C PRO E 874 98.40 -53.64 -31.67
N ASN E 875 97.41 -52.67 -31.66
CA ASN E 875 96.53 -52.58 -30.58
C ASN E 875 95.27 -53.38 -30.58
N GLY E 876 95.05 -54.08 -31.74
CA GLY E 876 93.98 -54.96 -31.91
C GLY E 876 94.51 -56.36 -31.54
N SER E 877 95.84 -56.61 -31.53
CA SER E 877 96.41 -57.95 -31.41
C SER E 877 97.24 -58.10 -30.14
N PHE E 878 97.12 -57.15 -29.20
CA PHE E 878 97.96 -57.11 -28.00
C PHE E 878 97.47 -58.20 -27.09
N VAL E 879 96.26 -58.79 -27.21
CA VAL E 879 95.74 -59.83 -26.27
C VAL E 879 96.38 -61.13 -26.69
N GLY E 880 97.04 -61.82 -25.74
CA GLY E 880 97.70 -63.12 -25.97
C GLY E 880 98.94 -63.11 -26.79
N SER E 881 99.56 -61.90 -26.99
CA SER E 881 100.82 -61.77 -27.68
C SER E 881 101.96 -62.49 -26.96
N ASN E 882 102.95 -63.00 -27.72
CA ASN E 882 103.95 -63.86 -27.06
C ASN E 882 105.30 -63.85 -27.77
N ILE E 883 106.32 -64.23 -26.97
CA ILE E 883 107.64 -64.45 -27.50
C ILE E 883 107.88 -65.90 -27.05
N LYS E 884 108.17 -66.77 -28.03
CA LYS E 884 108.43 -68.12 -27.91
C LYS E 884 109.92 -68.23 -28.00
N LEU E 885 110.45 -68.93 -26.97
CA LEU E 885 111.81 -69.05 -26.77
C LEU E 885 112.07 -70.47 -27.01
N THR E 886 113.18 -70.80 -27.78
CA THR E 886 113.71 -72.19 -28.03
C THR E 886 115.15 -72.01 -27.58
N TYR E 887 115.55 -72.84 -26.60
CA TYR E 887 116.84 -72.81 -26.19
C TYR E 887 117.45 -74.12 -26.63
N THR E 888 118.51 -74.10 -27.41
CA THR E 888 119.27 -75.23 -27.91
C THR E 888 120.71 -75.18 -27.51
N THR E 889 121.29 -76.33 -27.23
CA THR E 889 122.62 -76.40 -26.79
C THR E 889 123.60 -75.81 -27.73
N THR E 890 124.61 -75.16 -27.13
CA THR E 890 125.55 -74.35 -27.90
C THR E 890 126.75 -75.17 -27.60
N ASP E 891 126.76 -76.25 -26.72
CA ASP E 891 127.85 -77.12 -26.56
C ASP E 891 127.62 -78.27 -27.55
N TYR E 892 128.68 -78.87 -28.15
CA TYR E 892 128.38 -79.84 -29.21
C TYR E 892 128.29 -81.28 -28.63
N ALA E 893 128.91 -81.44 -27.41
CA ALA E 893 128.70 -82.74 -26.71
C ALA E 893 127.31 -82.90 -26.19
N VAL E 894 126.81 -81.86 -25.54
CA VAL E 894 125.41 -81.94 -25.01
C VAL E 894 124.43 -82.21 -25.99
N LEU E 895 124.77 -81.89 -27.30
CA LEU E 895 123.93 -82.12 -28.52
C LEU E 895 124.02 -83.56 -28.95
N HIS E 896 125.30 -84.02 -29.22
CA HIS E 896 125.36 -85.25 -29.95
C HIS E 896 125.22 -86.53 -29.12
N TYR E 897 125.59 -86.53 -27.85
CA TYR E 897 125.37 -87.69 -27.02
C TYR E 897 123.86 -87.85 -26.62
N PHE E 898 123.18 -86.73 -26.30
CA PHE E 898 121.74 -86.83 -25.99
C PHE E 898 120.86 -86.62 -27.19
N TYR E 899 121.37 -86.79 -28.40
CA TYR E 899 120.62 -86.59 -29.64
C TYR E 899 119.47 -87.53 -29.88
N SER E 900 119.54 -88.79 -29.24
CA SER E 900 118.48 -89.72 -29.39
C SER E 900 117.78 -89.88 -28.06
N THR E 901 118.23 -89.16 -27.02
CA THR E 901 117.66 -89.23 -25.71
C THR E 901 116.60 -88.13 -25.75
N GLY E 902 116.77 -87.08 -26.60
CA GLY E 902 115.94 -85.99 -26.87
C GLY E 902 115.96 -84.83 -25.89
N GLN E 903 117.16 -84.61 -25.20
CA GLN E 903 117.38 -83.67 -24.14
C GLN E 903 118.47 -82.72 -24.65
N TYR E 904 118.00 -81.69 -25.37
CA TYR E 904 118.88 -80.84 -26.15
C TYR E 904 118.16 -79.64 -26.71
N LYS E 905 116.82 -79.65 -26.58
CA LYS E 905 116.03 -78.49 -26.89
C LYS E 905 115.00 -78.49 -25.76
N VAL E 906 114.55 -77.29 -25.34
CA VAL E 906 113.54 -77.03 -24.33
C VAL E 906 112.91 -75.78 -24.86
N PHE E 907 111.57 -75.67 -24.85
CA PHE E 907 110.75 -74.67 -25.45
C PHE E 907 109.92 -74.08 -24.37
N LYS E 908 109.88 -72.76 -24.36
CA LYS E 908 109.11 -71.97 -23.45
C LYS E 908 108.49 -70.86 -24.22
N THR E 909 107.56 -70.12 -23.61
CA THR E 909 106.87 -69.02 -24.20
C THR E 909 106.64 -68.04 -23.06
N VAL E 910 106.52 -66.76 -23.31
CA VAL E 910 106.20 -65.82 -22.31
C VAL E 910 105.08 -64.96 -22.95
N SER E 911 103.86 -64.96 -22.39
CA SER E 911 102.71 -64.61 -23.04
C SER E 911 101.99 -63.62 -22.16
N VAL E 912 101.21 -62.71 -22.76
CA VAL E 912 100.50 -61.59 -22.07
C VAL E 912 99.15 -62.05 -21.66
N PRO E 913 98.80 -62.26 -20.42
CA PRO E 913 97.46 -62.73 -20.02
C PRO E 913 96.62 -61.51 -20.11
N ASN E 914 95.25 -61.67 -20.09
CA ASN E 914 94.38 -60.48 -20.14
C ASN E 914 93.63 -60.50 -18.84
N VAL E 915 93.39 -59.28 -18.39
CA VAL E 915 92.47 -58.94 -17.32
C VAL E 915 91.46 -57.95 -17.86
N THR E 916 90.36 -57.73 -17.12
CA THR E 916 89.15 -56.95 -17.53
C THR E 916 89.50 -55.52 -17.28
N ALA E 917 88.58 -54.70 -17.75
CA ALA E 917 88.44 -53.30 -17.39
C ALA E 917 87.13 -53.02 -16.82
N ASN E 918 86.94 -51.82 -16.25
CA ASN E 918 85.60 -51.52 -15.81
C ASN E 918 85.44 -50.01 -15.75
N LEU E 919 84.13 -49.65 -15.72
CA LEU E 919 83.74 -48.24 -15.78
C LEU E 919 82.75 -48.11 -14.68
N TYR E 920 82.87 -47.01 -13.97
CA TYR E 920 81.95 -46.78 -12.88
C TYR E 920 82.13 -45.31 -12.49
N PHE E 921 81.50 -44.89 -11.30
CA PHE E 921 81.54 -43.68 -10.64
C PHE E 921 81.45 -44.06 -9.23
N PRO E 922 81.99 -43.18 -8.28
CA PRO E 922 81.76 -43.25 -6.84
C PRO E 922 80.44 -42.75 -6.50
N SER E 923 79.58 -42.44 -7.50
CA SER E 923 78.21 -42.03 -7.30
C SER E 923 77.30 -43.21 -7.71
N SER E 924 76.06 -43.29 -7.13
CA SER E 924 75.31 -44.50 -7.16
C SER E 924 73.86 -44.12 -6.84
N THR E 925 73.62 -43.01 -6.17
CA THR E 925 72.27 -42.56 -5.80
C THR E 925 72.63 -41.33 -5.06
N THR E 926 72.98 -40.29 -5.81
CA THR E 926 73.06 -38.92 -5.32
C THR E 926 72.30 -38.03 -6.29
N PRO E 927 71.97 -36.82 -6.00
CA PRO E 927 71.02 -36.04 -6.87
C PRO E 927 71.86 -35.36 -7.95
N LEU E 928 71.30 -34.27 -8.56
CA LEU E 928 71.91 -33.50 -9.55
C LEU E 928 72.19 -32.08 -9.15
N TYR E 929 72.27 -31.88 -7.79
CA TYR E 929 72.65 -30.65 -7.09
C TYR E 929 74.10 -30.31 -7.55
N GLN E 930 74.94 -31.35 -7.72
CA GLN E 930 76.34 -31.27 -8.23
C GLN E 930 76.33 -30.45 -9.52
N LEU E 931 77.52 -29.77 -9.69
CA LEU E 931 77.88 -29.28 -10.95
C LEU E 931 79.11 -30.00 -11.31
N SER E 932 79.47 -31.16 -10.64
CA SER E 932 80.55 -32.02 -11.19
C SER E 932 80.56 -33.39 -10.44
N VAL E 933 80.86 -34.54 -11.10
CA VAL E 933 81.20 -35.82 -10.51
C VAL E 933 82.47 -36.28 -11.30
N PRO E 934 83.43 -37.15 -10.73
CA PRO E 934 84.40 -37.81 -11.53
C PRO E 934 83.80 -39.16 -12.01
N LEU E 935 84.40 -39.57 -13.09
CA LEU E 935 83.97 -40.68 -13.85
C LEU E 935 85.24 -41.41 -13.97
N TYR E 936 85.20 -42.74 -13.53
CA TYR E 936 86.38 -43.57 -13.45
C TYR E 936 86.49 -44.74 -14.35
N LEU E 937 87.59 -44.82 -15.14
CA LEU E 937 88.01 -45.90 -15.92
C LEU E 937 89.19 -46.62 -15.28
N SER E 938 89.14 -47.98 -15.23
CA SER E 938 90.20 -48.83 -14.65
C SER E 938 90.66 -49.68 -15.81
N GLU E 939 91.78 -49.21 -16.40
CA GLU E 939 92.48 -49.88 -17.48
C GLU E 939 93.98 -49.85 -17.09
N PRO E 940 94.64 -51.06 -16.88
CA PRO E 940 96.01 -51.11 -16.61
C PRO E 940 96.83 -50.92 -17.83
N TYR E 941 96.46 -51.61 -18.92
CA TYR E 941 97.14 -51.62 -20.22
C TYR E 941 97.15 -50.30 -20.87
N TYR E 942 96.02 -49.54 -20.63
CA TYR E 942 95.99 -48.18 -21.23
C TYR E 942 96.94 -47.26 -20.47
N GLY E 943 97.03 -47.48 -19.14
CA GLY E 943 97.97 -47.01 -18.19
C GLY E 943 99.36 -46.89 -18.73
N SER E 944 100.00 -45.75 -18.46
CA SER E 944 101.23 -45.44 -19.13
C SER E 944 101.80 -44.48 -18.09
N PRO E 945 103.07 -44.32 -17.93
CA PRO E 945 103.72 -43.29 -17.13
C PRO E 945 103.21 -41.90 -17.33
N LEU E 946 103.35 -41.12 -16.20
CA LEU E 946 102.72 -39.82 -16.19
C LEU E 946 103.82 -38.85 -16.71
N PRO E 947 103.54 -37.70 -17.33
CA PRO E 947 102.12 -37.35 -17.68
C PRO E 947 101.55 -38.14 -18.75
N THR E 948 100.16 -38.37 -18.69
CA THR E 948 99.46 -38.82 -19.82
C THR E 948 98.02 -38.50 -19.41
N TYR E 949 97.09 -38.35 -20.43
CA TYR E 949 95.67 -38.07 -20.20
C TYR E 949 94.96 -38.49 -21.49
N ILE E 950 93.63 -38.38 -21.38
CA ILE E 950 92.70 -38.64 -22.48
C ILE E 950 92.28 -37.31 -23.02
N GLY E 951 92.69 -36.95 -24.23
CA GLY E 951 92.04 -35.90 -25.01
C GLY E 951 90.72 -36.46 -25.48
N LEU E 952 89.62 -35.88 -24.87
CA LEU E 952 88.25 -36.05 -25.35
C LEU E 952 87.93 -35.10 -26.48
N GLY E 953 86.79 -35.36 -27.18
CA GLY E 953 86.34 -34.41 -28.23
C GLY E 953 85.93 -35.22 -29.32
N THR E 954 85.03 -34.66 -30.19
CA THR E 954 84.54 -35.12 -31.47
C THR E 954 83.52 -36.35 -31.52
N ASN E 955 83.73 -37.34 -30.61
CA ASN E 955 82.65 -38.30 -30.34
C ASN E 955 82.74 -38.75 -28.89
N GLY E 956 83.93 -38.54 -28.27
CA GLY E 956 84.42 -39.27 -27.12
C GLY E 956 85.76 -39.74 -27.33
N THR E 957 86.47 -39.43 -28.41
CA THR E 957 87.73 -40.03 -28.72
C THR E 957 88.73 -40.05 -27.63
N SER E 958 89.63 -41.11 -27.68
CA SER E 958 90.74 -41.15 -26.80
C SER E 958 91.94 -40.75 -27.58
N LEU E 959 92.11 -39.42 -27.67
CA LEU E 959 93.41 -38.81 -28.02
C LEU E 959 94.37 -39.09 -26.86
N TRP E 960 95.13 -40.24 -26.98
CA TRP E 960 96.16 -40.54 -25.97
C TRP E 960 97.31 -39.56 -26.16
N ASN E 961 97.67 -38.90 -25.09
CA ASN E 961 98.57 -37.72 -25.18
C ASN E 961 99.64 -38.13 -24.23
N SER E 962 100.82 -38.57 -24.79
CA SER E 962 101.96 -38.89 -23.96
C SER E 962 103.04 -37.96 -24.43
N PRO E 963 103.37 -36.85 -23.69
CA PRO E 963 104.47 -35.99 -24.17
C PRO E 963 105.79 -36.53 -23.54
N ASN E 964 105.68 -37.34 -22.46
CA ASN E 964 106.82 -37.79 -21.81
C ASN E 964 106.63 -39.31 -21.78
N TYR E 965 106.84 -40.00 -22.89
CA TYR E 965 107.00 -41.45 -22.78
C TYR E 965 108.03 -41.65 -23.80
N VAL E 966 109.08 -42.52 -23.53
CA VAL E 966 110.14 -42.66 -24.47
C VAL E 966 110.83 -43.99 -24.04
N LEU E 967 111.46 -44.73 -24.95
CA LEU E 967 112.10 -45.98 -24.76
C LEU E 967 113.27 -46.06 -25.72
N PHE E 968 114.48 -45.60 -25.22
CA PHE E 968 115.77 -45.63 -25.87
C PHE E 968 115.80 -44.91 -27.22
N GLY E 969 115.36 -43.63 -27.27
CA GLY E 969 115.35 -42.83 -28.47
C GLY E 969 114.15 -43.14 -29.41
N VAL E 970 112.98 -43.47 -28.86
CA VAL E 970 111.79 -43.76 -29.63
C VAL E 970 110.69 -43.19 -28.76
N SER E 971 109.84 -42.34 -29.28
CA SER E 971 108.88 -41.63 -28.46
C SER E 971 107.56 -41.84 -29.03
N ALA E 972 106.60 -41.70 -28.12
CA ALA E 972 105.23 -41.88 -28.43
C ALA E 972 104.58 -40.99 -29.43
N VAL E 973 103.44 -41.45 -30.03
CA VAL E 973 102.64 -40.69 -30.91
C VAL E 973 101.21 -41.18 -30.51
N GLN E 974 100.15 -40.43 -31.00
CA GLN E 974 98.75 -40.70 -30.56
C GLN E 974 98.23 -42.00 -30.93
N GLN E 975 97.93 -42.87 -29.96
CA GLN E 975 97.41 -44.25 -30.12
C GLN E 975 95.99 -44.22 -29.72
N TYR E 976 95.09 -44.45 -30.73
CA TYR E 976 93.67 -44.44 -30.60
C TYR E 976 93.15 -45.63 -29.82
N LEU E 977 92.95 -45.46 -28.49
CA LEU E 977 92.63 -46.60 -27.55
C LEU E 977 91.44 -46.35 -26.78
N GLY E 978 90.36 -45.81 -27.40
CA GLY E 978 89.08 -45.66 -26.68
C GLY E 978 88.19 -44.68 -27.36
N PHE E 979 86.90 -44.61 -26.97
CA PHE E 979 86.05 -43.50 -27.27
C PHE E 979 84.94 -43.87 -26.46
N ILE E 980 84.25 -42.85 -26.07
CA ILE E 980 82.99 -42.98 -25.36
C ILE E 980 81.86 -43.50 -26.28
N LYS E 981 81.34 -44.80 -26.18
CA LYS E 981 80.32 -45.29 -27.03
C LYS E 981 79.10 -44.42 -27.05
N SER E 982 78.32 -44.28 -25.92
CA SER E 982 77.14 -43.42 -25.82
C SER E 982 77.23 -42.86 -24.46
N ILE E 983 76.51 -41.79 -24.28
CA ILE E 983 76.25 -41.23 -22.99
C ILE E 983 74.70 -41.16 -22.96
N SER E 984 74.13 -42.37 -22.58
CA SER E 984 72.70 -42.68 -22.66
C SER E 984 72.08 -42.27 -21.31
N VAL E 985 71.04 -41.40 -21.24
CA VAL E 985 70.42 -41.07 -19.97
C VAL E 985 68.91 -41.22 -20.31
N THR E 986 68.31 -42.24 -19.64
CA THR E 986 66.99 -42.66 -19.90
C THR E 986 66.06 -41.62 -19.28
N LEU E 987 65.76 -40.48 -20.04
CA LEU E 987 64.91 -39.38 -19.56
C LEU E 987 63.55 -40.02 -19.21
N SER E 988 62.92 -39.51 -18.08
CA SER E 988 61.67 -40.11 -17.47
C SER E 988 60.42 -39.72 -18.27
N ASN E 989 60.14 -40.48 -19.38
CA ASN E 989 58.95 -40.52 -20.23
C ASN E 989 59.28 -41.55 -21.24
N GLY E 990 60.47 -42.23 -21.22
CA GLY E 990 60.92 -43.17 -22.24
C GLY E 990 61.69 -42.49 -23.32
N THR E 991 62.49 -41.44 -23.04
CA THR E 991 63.29 -40.82 -24.14
C THR E 991 64.69 -40.99 -23.78
N THR E 992 65.30 -42.12 -24.21
CA THR E 992 66.63 -42.58 -23.84
C THR E 992 67.65 -41.73 -24.63
N VAL E 993 67.88 -40.43 -24.13
CA VAL E 993 68.70 -39.42 -24.84
C VAL E 993 70.15 -39.86 -24.82
N VAL E 994 70.66 -40.24 -26.03
CA VAL E 994 72.05 -40.33 -26.35
C VAL E 994 72.56 -38.89 -26.31
N ILE E 995 73.28 -38.39 -25.20
CA ILE E 995 73.67 -37.00 -25.02
C ILE E 995 74.60 -36.78 -26.23
N PRO E 996 74.31 -35.83 -27.14
CA PRO E 996 74.98 -35.61 -28.39
C PRO E 996 76.40 -35.57 -28.39
N LEU E 997 77.08 -36.26 -29.35
CA LEU E 997 78.50 -36.43 -29.28
C LEU E 997 79.12 -35.65 -30.49
N THR E 998 79.88 -34.64 -30.13
CA THR E 998 80.48 -33.71 -31.09
C THR E 998 81.29 -32.77 -30.26
N THR E 999 82.48 -32.28 -30.74
CA THR E 999 83.22 -31.28 -29.81
C THR E 999 82.52 -30.00 -29.37
N SER E 1000 81.78 -29.43 -30.30
CA SER E 1000 81.04 -28.19 -30.18
C SER E 1000 80.01 -28.18 -28.98
N ASN E 1001 79.48 -29.36 -28.53
CA ASN E 1001 78.53 -29.49 -27.43
C ASN E 1001 79.09 -30.37 -26.26
N MET E 1002 80.24 -31.05 -26.44
CA MET E 1002 81.01 -31.65 -25.41
C MET E 1002 81.79 -30.56 -24.67
N GLN E 1003 82.15 -29.38 -25.25
CA GLN E 1003 82.56 -28.17 -24.51
C GLN E 1003 81.53 -27.74 -23.48
N THR E 1004 80.25 -28.02 -23.73
CA THR E 1004 79.30 -27.77 -22.79
C THR E 1004 79.18 -28.93 -21.79
N LEU E 1005 78.99 -30.18 -22.23
CA LEU E 1005 78.87 -31.30 -21.36
C LEU E 1005 80.00 -31.56 -20.40
N PHE E 1006 81.24 -31.46 -20.95
CA PHE E 1006 82.51 -31.63 -20.22
C PHE E 1006 83.22 -30.33 -20.16
N PRO E 1007 83.39 -29.60 -18.97
CA PRO E 1007 84.38 -28.57 -18.88
C PRO E 1007 85.76 -29.16 -18.83
N GLN E 1008 86.02 -30.35 -18.22
CA GLN E 1008 87.28 -30.98 -18.28
C GLN E 1008 87.24 -31.95 -19.43
N LEU E 1009 87.53 -31.47 -20.60
CA LEU E 1009 87.76 -32.34 -21.80
C LEU E 1009 88.96 -33.26 -21.57
N VAL E 1010 90.09 -32.74 -21.03
CA VAL E 1010 91.28 -33.46 -20.68
C VAL E 1010 91.00 -34.51 -19.54
N GLY E 1011 91.07 -35.84 -19.85
CA GLY E 1011 90.79 -36.96 -18.89
C GLY E 1011 92.06 -37.37 -18.19
N GLN E 1012 92.27 -36.73 -17.01
CA GLN E 1012 93.49 -36.80 -16.22
C GLN E 1012 93.76 -38.12 -15.45
N GLU E 1013 94.87 -38.74 -15.75
CA GLU E 1013 95.29 -39.94 -15.06
C GLU E 1013 96.10 -39.59 -13.84
N LEU E 1014 95.89 -40.32 -12.71
CA LEU E 1014 96.56 -39.88 -11.49
C LEU E 1014 97.55 -40.88 -11.07
N GLN E 1015 97.74 -41.99 -11.85
CA GLN E 1015 98.77 -43.03 -11.59
C GLN E 1015 99.55 -43.34 -12.87
N ALA E 1016 100.88 -43.73 -12.64
CA ALA E 1016 101.81 -44.15 -13.66
C ALA E 1016 101.71 -45.64 -13.89
N CYS E 1017 101.27 -46.05 -15.09
CA CYS E 1017 101.10 -47.48 -15.43
C CYS E 1017 99.82 -48.12 -14.95
N ASN E 1018 98.83 -47.36 -14.47
CA ASN E 1018 97.57 -47.88 -14.19
C ASN E 1018 96.54 -46.83 -14.28
N GLY E 1019 95.41 -47.22 -14.81
CA GLY E 1019 94.31 -46.36 -15.17
C GLY E 1019 93.55 -45.90 -14.02
N THR E 1020 93.45 -44.55 -13.82
CA THR E 1020 92.58 -43.86 -12.86
C THR E 1020 91.98 -42.70 -13.59
N PHE E 1021 91.89 -42.69 -14.98
CA PHE E 1021 91.42 -41.57 -15.82
C PHE E 1021 90.15 -40.90 -15.34
N GLN E 1022 90.30 -39.62 -14.90
CA GLN E 1022 89.18 -38.84 -14.48
C GLN E 1022 88.76 -38.15 -15.75
N PHE E 1023 87.57 -38.55 -16.41
CA PHE E 1023 87.01 -37.72 -17.48
C PHE E 1023 86.55 -36.46 -16.90
N GLY E 1024 85.78 -36.48 -15.76
CA GLY E 1024 85.21 -35.28 -15.35
C GLY E 1024 83.92 -34.99 -15.94
N ILE E 1025 83.06 -35.97 -16.30
CA ILE E 1025 81.81 -35.66 -16.99
C ILE E 1025 80.88 -34.86 -15.98
N SER E 1026 80.39 -33.68 -16.40
CA SER E 1026 79.84 -32.77 -15.41
C SER E 1026 78.45 -32.42 -15.58
N ILE E 1027 77.67 -32.37 -14.52
CA ILE E 1027 76.29 -32.18 -14.28
C ILE E 1027 75.78 -30.84 -14.68
N THR E 1028 76.68 -29.80 -14.46
CA THR E 1028 76.46 -28.43 -14.86
C THR E 1028 76.25 -28.29 -16.27
N GLY E 1029 76.74 -29.17 -17.19
CA GLY E 1029 76.45 -29.09 -18.61
C GLY E 1029 75.44 -30.09 -19.03
N LEU E 1030 75.34 -31.23 -18.27
CA LEU E 1030 74.37 -32.19 -18.56
C LEU E 1030 72.93 -31.66 -18.50
N GLU E 1031 72.60 -30.93 -17.42
CA GLU E 1031 71.30 -30.28 -17.23
C GLU E 1031 71.00 -29.31 -18.24
N LYS E 1032 72.03 -28.56 -18.62
CA LYS E 1032 71.79 -27.48 -19.60
C LYS E 1032 71.61 -28.05 -21.01
N LEU E 1033 72.37 -29.10 -21.36
CA LEU E 1033 72.41 -29.57 -22.70
C LEU E 1033 71.19 -30.50 -23.07
N LEU E 1034 70.60 -31.15 -22.08
CA LEU E 1034 69.41 -32.02 -22.31
C LEU E 1034 68.19 -31.26 -22.74
N ASN E 1035 68.11 -29.95 -22.33
CA ASN E 1035 67.11 -28.99 -22.74
C ASN E 1035 65.74 -29.37 -22.15
N LEU E 1036 65.62 -29.84 -20.88
CA LEU E 1036 64.34 -30.28 -20.49
C LEU E 1036 64.36 -29.90 -19.01
N ASN E 1037 63.83 -30.83 -18.18
CA ASN E 1037 63.62 -30.64 -16.74
C ASN E 1037 64.83 -31.13 -15.94
N VAL E 1038 64.64 -31.52 -14.63
CA VAL E 1038 65.71 -32.10 -13.87
C VAL E 1038 65.07 -33.29 -13.18
N GLN E 1039 63.74 -33.42 -13.19
CA GLN E 1039 63.09 -34.43 -12.44
C GLN E 1039 61.61 -34.57 -12.74
N GLN E 1040 61.06 -34.03 -13.87
CA GLN E 1040 59.64 -34.20 -14.26
C GLN E 1040 59.59 -35.05 -15.40
N LEU E 1041 60.33 -34.71 -16.52
CA LEU E 1041 60.36 -35.55 -17.69
C LEU E 1041 61.78 -35.65 -18.15
N ASN E 1042 62.74 -35.35 -17.18
CA ASN E 1042 64.15 -35.53 -17.33
C ASN E 1042 64.58 -36.48 -16.22
N ASN E 1043 65.34 -37.52 -16.54
CA ASN E 1043 65.95 -38.35 -15.54
C ASN E 1043 67.32 -38.65 -15.98
N SER E 1044 68.34 -38.20 -15.18
CA SER E 1044 69.67 -38.72 -15.47
C SER E 1044 69.80 -39.95 -14.57
N ILE E 1045 70.28 -41.08 -15.17
CA ILE E 1045 70.77 -42.19 -14.44
C ILE E 1045 72.27 -42.15 -14.61
N LEU E 1046 72.67 -41.96 -15.89
CA LEU E 1046 73.99 -41.68 -16.29
C LEU E 1046 74.84 -42.94 -16.47
N SER E 1047 74.15 -44.00 -16.90
CA SER E 1047 74.70 -45.28 -17.07
C SER E 1047 75.48 -45.43 -18.31
N VAL E 1048 76.49 -44.56 -18.50
CA VAL E 1048 77.20 -44.36 -19.76
C VAL E 1048 77.90 -45.50 -20.28
N THR E 1049 78.20 -45.55 -21.58
CA THR E 1049 79.04 -46.66 -22.02
C THR E 1049 80.15 -46.02 -22.81
N TYR E 1050 81.35 -46.64 -22.76
CA TYR E 1050 82.64 -46.23 -23.38
C TYR E 1050 83.26 -47.51 -23.92
N HIS E 1051 83.60 -47.60 -25.19
CA HIS E 1051 84.26 -48.78 -25.71
C HIS E 1051 85.75 -48.56 -25.83
N ASP E 1052 86.61 -49.20 -24.95
CA ASP E 1052 88.06 -49.31 -25.16
C ASP E 1052 88.28 -50.35 -26.14
N TYR E 1053 89.34 -50.15 -26.97
CA TYR E 1053 89.62 -51.00 -28.12
C TYR E 1053 90.67 -52.10 -27.74
N VAL E 1054 91.32 -51.86 -26.60
CA VAL E 1054 92.48 -52.53 -26.11
C VAL E 1054 92.07 -53.90 -25.78
N THR E 1055 90.97 -54.07 -24.98
CA THR E 1055 90.49 -55.27 -24.47
C THR E 1055 89.18 -55.51 -25.14
N GLY E 1056 88.69 -54.49 -25.91
CA GLY E 1056 87.57 -54.64 -26.77
C GLY E 1056 86.31 -54.78 -25.95
N GLU E 1057 86.09 -53.83 -24.94
CA GLU E 1057 84.97 -54.00 -24.00
C GLU E 1057 84.15 -52.73 -24.01
N THR E 1058 82.84 -52.90 -24.24
CA THR E 1058 81.84 -51.85 -24.04
C THR E 1058 81.37 -52.01 -22.58
N LEU E 1059 81.47 -50.95 -21.79
CA LEU E 1059 81.55 -50.96 -20.33
C LEU E 1059 80.52 -50.11 -19.84
N THR E 1060 79.45 -50.74 -19.28
CA THR E 1060 78.23 -50.17 -18.75
C THR E 1060 78.63 -49.67 -17.43
N ALA E 1061 78.72 -48.29 -17.25
CA ALA E 1061 78.93 -47.62 -15.99
C ALA E 1061 77.76 -47.99 -15.04
N THR E 1062 78.19 -48.10 -13.73
CA THR E 1062 77.15 -48.41 -12.72
C THR E 1062 77.18 -47.18 -11.91
N THR E 1063 75.95 -46.62 -11.82
CA THR E 1063 75.59 -45.42 -11.18
C THR E 1063 74.19 -45.27 -11.50
N LYS E 1064 73.47 -44.96 -10.45
CA LYS E 1064 71.99 -45.11 -10.40
C LYS E 1064 71.41 -43.83 -9.84
N LEU E 1065 71.96 -42.67 -10.17
CA LEU E 1065 71.58 -41.31 -9.75
C LEU E 1065 70.09 -41.12 -9.48
N VAL E 1066 69.80 -40.28 -8.43
CA VAL E 1066 68.52 -39.73 -8.03
C VAL E 1066 68.41 -38.55 -8.96
N ALA E 1067 67.24 -38.22 -9.50
CA ALA E 1067 67.15 -37.19 -10.54
C ALA E 1067 67.27 -35.87 -9.98
N LEU E 1068 66.85 -35.71 -8.71
CA LEU E 1068 67.13 -34.50 -7.90
C LEU E 1068 66.18 -34.73 -6.76
N SER E 1069 66.81 -34.73 -5.54
CA SER E 1069 66.19 -34.71 -4.24
C SER E 1069 65.76 -33.31 -3.97
N THR E 1070 64.67 -33.11 -3.26
CA THR E 1070 63.91 -31.94 -3.26
C THR E 1070 64.23 -31.28 -1.96
N LEU E 1071 64.61 -29.91 -1.88
CA LEU E 1071 64.97 -29.22 -0.70
C LEU E 1071 64.00 -29.31 0.39
N SER E 1072 64.47 -29.94 1.54
CA SER E 1072 63.60 -30.26 2.66
C SER E 1072 63.30 -29.01 3.43
N LEU E 1073 62.15 -29.03 4.11
CA LEU E 1073 61.37 -27.91 4.60
C LEU E 1073 62.25 -27.10 5.50
N VAL E 1074 62.33 -25.77 5.32
CA VAL E 1074 63.18 -24.95 6.04
C VAL E 1074 62.28 -23.91 6.56
N ALA E 1075 62.25 -23.84 7.92
CA ALA E 1075 61.36 -22.97 8.64
C ALA E 1075 62.29 -22.08 9.40
N LYS E 1076 62.00 -20.72 9.52
CA LYS E 1076 62.79 -19.75 10.24
C LYS E 1076 62.00 -18.44 10.13
N GLY E 1077 60.66 -18.49 10.02
CA GLY E 1077 59.93 -17.33 9.90
C GLY E 1077 58.51 -17.63 10.07
N ALA E 1078 57.67 -16.61 9.68
CA ALA E 1078 56.25 -16.47 9.93
C ALA E 1078 55.52 -15.83 8.74
N GLY E 1079 54.28 -16.28 8.60
CA GLY E 1079 53.28 -15.78 7.68
C GLY E 1079 52.40 -15.00 8.57
N VAL E 1080 51.83 -13.88 8.19
CA VAL E 1080 51.08 -13.06 9.11
C VAL E 1080 49.89 -12.61 8.36
N VAL E 1081 48.89 -12.37 9.23
CA VAL E 1081 47.65 -11.77 8.59
C VAL E 1081 47.34 -10.43 9.27
N GLU E 1082 47.05 -9.43 8.42
CA GLU E 1082 46.92 -8.08 8.90
C GLU E 1082 45.53 -7.82 9.30
N PHE E 1083 45.29 -7.01 10.32
CA PHE E 1083 44.00 -6.56 10.85
C PHE E 1083 43.67 -5.34 9.96
N LEU E 1084 42.38 -5.12 9.58
CA LEU E 1084 41.76 -3.88 9.05
C LEU E 1084 42.04 -3.81 7.63
N LEU E 1085 40.95 -4.04 6.77
CA LEU E 1085 41.05 -3.90 5.34
C LEU E 1085 39.69 -3.33 5.11
N THR E 1086 39.50 -2.68 3.92
CA THR E 1086 38.23 -2.23 3.44
C THR E 1086 37.16 -3.30 3.42
N ALA E 1087 35.89 -2.86 3.61
CA ALA E 1087 34.79 -3.73 3.81
C ALA E 1087 33.67 -3.02 3.24
N TYR E 1088 32.76 -3.76 2.59
CA TYR E 1088 31.59 -3.19 1.87
C TYR E 1088 30.43 -3.65 2.66
N PRO E 1089 29.78 -2.83 3.53
CA PRO E 1089 28.50 -3.34 4.16
C PRO E 1089 27.41 -3.08 3.21
N TYR E 1090 26.20 -3.58 3.55
CA TYR E 1090 25.04 -3.14 2.91
C TYR E 1090 23.88 -2.87 3.89
N THR E 1091 24.26 -2.44 5.14
CA THR E 1091 23.36 -2.58 6.27
C THR E 1091 23.20 -1.20 6.88
N GLY E 1092 23.87 -0.13 6.33
CA GLY E 1092 23.56 1.28 6.58
C GLY E 1092 24.50 2.05 5.71
N ASN E 1093 25.60 1.46 5.19
CA ASN E 1093 26.53 2.06 4.37
C ASN E 1093 26.77 1.01 3.32
N ILE E 1094 27.46 1.50 2.26
CA ILE E 1094 27.71 0.75 1.03
C ILE E 1094 29.20 0.41 0.77
N THR E 1095 30.20 1.35 0.91
CA THR E 1095 31.63 0.99 0.99
C THR E 1095 32.06 1.88 2.15
N PHE E 1096 33.02 1.41 2.98
CA PHE E 1096 33.29 1.87 4.37
C PHE E 1096 34.46 1.05 4.93
N ALA E 1097 34.71 1.20 6.28
CA ALA E 1097 35.72 0.40 6.86
C ALA E 1097 35.70 0.41 8.31
N PRO E 1098 34.89 -0.47 8.96
CA PRO E 1098 34.87 -0.64 10.41
C PRO E 1098 36.16 -1.07 11.08
N PRO E 1099 36.35 -0.89 12.39
CA PRO E 1099 37.60 -1.37 13.02
C PRO E 1099 37.48 -2.90 13.26
N TRP E 1100 38.46 -3.68 12.81
CA TRP E 1100 38.27 -5.08 12.62
C TRP E 1100 39.48 -5.71 13.30
N PHE E 1101 39.39 -6.75 14.24
CA PHE E 1101 40.61 -7.22 14.85
C PHE E 1101 40.39 -8.66 14.99
N ILE E 1102 41.14 -9.47 14.23
CA ILE E 1102 41.05 -10.90 14.34
C ILE E 1102 41.38 -11.30 15.73
N ALA E 1103 40.51 -11.94 16.47
CA ALA E 1103 40.60 -12.26 17.87
C ALA E 1103 41.34 -13.52 17.98
N GLU E 1104 41.66 -13.80 19.30
CA GLU E 1104 41.71 -15.12 19.90
C GLU E 1104 43.09 -15.67 19.76
N ASN E 1105 43.72 -15.49 18.53
CA ASN E 1105 45.13 -15.83 18.19
C ASN E 1105 45.29 -15.41 16.75
N VAL E 1106 46.54 -15.52 16.26
CA VAL E 1106 46.75 -15.85 14.79
C VAL E 1106 47.59 -17.09 14.97
N VAL E 1107 47.33 -18.22 14.25
CA VAL E 1107 47.72 -19.57 14.58
C VAL E 1107 48.78 -19.90 13.48
N LYS E 1108 49.42 -18.87 12.94
CA LYS E 1108 50.62 -18.81 12.16
C LYS E 1108 51.70 -19.80 12.60
N GLN E 1109 52.62 -20.12 11.64
CA GLN E 1109 53.81 -20.94 11.79
C GLN E 1109 53.94 -21.64 10.53
N PRO E 1110 54.63 -21.16 9.52
CA PRO E 1110 54.75 -21.81 8.22
C PRO E 1110 56.01 -22.58 8.27
N PHE E 1111 55.95 -23.87 7.75
CA PHE E 1111 57.17 -24.63 7.40
C PHE E 1111 57.61 -24.33 6.02
N MET E 1112 58.38 -23.18 5.77
CA MET E 1112 58.59 -22.46 4.50
C MET E 1112 59.28 -23.36 3.50
N THR E 1113 59.03 -23.16 2.15
CA THR E 1113 59.63 -24.05 1.18
C THR E 1113 60.03 -23.22 -0.02
N TYR E 1114 61.28 -23.50 -0.51
CA TYR E 1114 61.78 -22.91 -1.67
C TYR E 1114 61.01 -23.31 -2.87
N SER E 1115 60.82 -22.22 -3.68
CA SER E 1115 60.26 -22.45 -4.97
C SER E 1115 61.32 -22.07 -6.06
N ASP E 1116 62.50 -21.61 -5.51
CA ASP E 1116 63.63 -21.07 -6.20
C ASP E 1116 64.77 -21.92 -5.71
N LEU E 1117 64.62 -23.27 -5.65
CA LEU E 1117 65.56 -24.22 -5.16
C LEU E 1117 66.90 -24.02 -5.92
N GLN E 1118 66.85 -24.20 -7.20
CA GLN E 1118 67.89 -24.27 -8.22
C GLN E 1118 68.40 -22.81 -8.52
N PHE E 1119 67.56 -21.77 -8.20
CA PHE E 1119 67.87 -20.41 -8.51
C PHE E 1119 69.03 -19.99 -7.61
N ALA E 1120 69.26 -20.68 -6.51
CA ALA E 1120 70.41 -20.36 -5.61
C ALA E 1120 71.56 -21.23 -5.94
N LYS E 1121 71.28 -22.41 -6.53
CA LYS E 1121 72.33 -23.36 -6.84
C LYS E 1121 73.25 -22.80 -7.97
N THR E 1122 72.73 -21.92 -8.90
CA THR E 1122 73.40 -21.50 -10.10
C THR E 1122 73.65 -20.02 -9.94
N ASN E 1123 73.08 -19.41 -8.89
CA ASN E 1123 73.36 -18.05 -8.59
C ASN E 1123 72.96 -17.75 -7.10
N PRO E 1124 73.86 -17.94 -6.14
CA PRO E 1124 73.68 -17.65 -4.71
C PRO E 1124 73.67 -16.14 -4.41
N SER E 1125 73.44 -15.31 -5.44
CA SER E 1125 73.29 -13.86 -5.31
C SER E 1125 71.93 -13.45 -6.01
N ALA E 1126 71.06 -14.45 -6.30
CA ALA E 1126 69.69 -14.27 -6.85
C ALA E 1126 68.63 -14.01 -5.80
N ILE E 1127 67.55 -13.41 -6.24
CA ILE E 1127 66.44 -13.04 -5.36
C ILE E 1127 65.59 -14.27 -5.38
N LEU E 1128 65.28 -14.78 -4.21
CA LEU E 1128 64.68 -16.08 -3.94
C LEU E 1128 63.39 -15.77 -3.14
N SER E 1129 62.57 -16.78 -2.96
CA SER E 1129 61.32 -16.60 -2.30
C SER E 1129 61.02 -18.03 -1.86
N LEU E 1130 60.35 -18.06 -0.72
CA LEU E 1130 59.90 -19.28 -0.04
C LEU E 1130 58.42 -19.11 0.14
N SER E 1131 57.67 -20.21 -0.20
CA SER E 1131 56.26 -20.33 -0.15
C SER E 1131 55.81 -20.70 1.20
N THR E 1132 54.95 -19.84 1.82
CA THR E 1132 54.30 -19.97 3.13
C THR E 1132 53.41 -21.17 2.96
N VAL E 1133 53.15 -21.84 4.09
CA VAL E 1133 52.27 -23.01 4.01
C VAL E 1133 51.17 -22.75 5.03
N ASN E 1134 51.34 -21.69 5.91
CA ASN E 1134 50.48 -21.39 6.99
C ASN E 1134 50.35 -19.93 7.15
N ILE E 1135 49.08 -19.48 7.04
CA ILE E 1135 48.63 -18.26 7.65
C ILE E 1135 47.16 -18.72 7.96
N THR E 1136 46.58 -18.40 9.16
CA THR E 1136 45.27 -18.93 9.72
C THR E 1136 44.56 -17.80 10.27
N VAL E 1137 43.27 -17.56 9.83
CA VAL E 1137 42.38 -16.57 10.47
C VAL E 1137 41.65 -17.45 11.51
N VAL E 1138 41.50 -16.95 12.73
CA VAL E 1138 40.80 -17.73 13.81
C VAL E 1138 39.91 -16.75 14.46
N GLY E 1139 38.74 -17.34 14.85
CA GLY E 1139 37.80 -16.62 15.58
C GLY E 1139 37.29 -17.42 16.74
N LEU E 1140 36.16 -17.01 17.34
CA LEU E 1140 35.51 -17.63 18.48
C LEU E 1140 34.45 -18.38 17.75
N GLY E 1141 34.57 -19.74 17.54
CA GLY E 1141 33.61 -20.59 16.78
C GLY E 1141 34.39 -21.53 15.85
N GLY E 1142 35.75 -21.65 15.93
CA GLY E 1142 36.51 -22.46 14.96
C GLY E 1142 37.46 -21.57 14.27
N LYS E 1143 37.84 -21.94 13.05
CA LYS E 1143 38.84 -21.21 12.36
C LYS E 1143 38.68 -21.55 10.92
N ALA E 1144 39.03 -20.57 10.08
CA ALA E 1144 39.36 -20.79 8.66
C ALA E 1144 40.81 -20.95 8.67
N SER E 1145 41.40 -21.25 7.46
CA SER E 1145 42.80 -21.21 7.19
C SER E 1145 42.88 -20.95 5.70
N VAL E 1146 43.96 -20.22 5.35
CA VAL E 1146 44.41 -20.08 3.92
C VAL E 1146 45.79 -20.57 3.86
N TYR E 1147 46.02 -21.65 3.07
CA TYR E 1147 47.16 -22.43 3.37
C TYR E 1147 47.44 -23.31 2.26
N TYR E 1148 48.71 -23.69 2.18
CA TYR E 1148 49.30 -24.17 1.05
C TYR E 1148 50.06 -25.38 1.48
N ASN E 1149 50.56 -26.12 0.46
CA ASN E 1149 51.58 -27.15 0.72
C ASN E 1149 52.40 -27.20 -0.51
N SER E 1150 53.56 -27.86 -0.55
CA SER E 1150 54.67 -27.63 -1.50
C SER E 1150 54.87 -28.97 -2.21
N THR E 1151 53.91 -29.89 -2.02
CA THR E 1151 54.05 -31.32 -2.13
C THR E 1151 52.60 -31.69 -2.48
N SER E 1152 51.83 -30.65 -2.83
CA SER E 1152 50.53 -30.82 -3.43
C SER E 1152 50.48 -29.78 -4.52
N GLY E 1153 50.33 -28.48 -4.14
CA GLY E 1153 50.57 -27.42 -5.07
C GLY E 1153 49.49 -26.46 -5.22
N GLN E 1154 48.51 -26.54 -4.34
CA GLN E 1154 47.21 -25.78 -4.35
C GLN E 1154 47.09 -25.15 -2.93
N THR E 1155 46.12 -24.22 -2.79
CA THR E 1155 45.97 -23.38 -1.63
C THR E 1155 44.47 -23.58 -1.48
N VAL E 1156 44.04 -23.48 -0.20
CA VAL E 1156 42.66 -23.81 0.19
C VAL E 1156 42.18 -22.50 0.81
N ILE E 1157 40.89 -22.17 0.66
CA ILE E 1157 40.26 -20.97 1.17
C ILE E 1157 38.89 -21.14 1.68
N THR E 1158 38.70 -21.05 3.05
CA THR E 1158 37.50 -21.46 3.68
C THR E 1158 37.00 -20.31 4.46
N ASN E 1159 35.86 -20.70 5.07
CA ASN E 1159 35.11 -19.92 6.10
C ASN E 1159 35.37 -20.43 7.43
N ILE E 1160 34.83 -19.84 8.51
CA ILE E 1160 35.09 -20.31 9.89
C ILE E 1160 34.52 -21.76 10.22
N TYR E 1161 33.43 -22.10 9.47
CA TYR E 1161 32.74 -23.35 9.50
C TYR E 1161 33.24 -24.23 8.42
N GLY E 1162 34.57 -24.10 8.04
CA GLY E 1162 35.36 -24.98 7.11
C GLY E 1162 34.64 -25.46 5.90
N GLN E 1163 33.97 -24.51 5.07
CA GLN E 1163 33.36 -24.85 3.78
C GLN E 1163 34.15 -24.12 2.79
N THR E 1164 34.81 -24.86 1.90
CA THR E 1164 35.51 -24.42 0.68
C THR E 1164 34.60 -23.75 -0.28
N VAL E 1165 34.93 -22.46 -0.59
CA VAL E 1165 34.37 -21.64 -1.64
C VAL E 1165 35.39 -21.61 -2.73
N ALA E 1166 36.64 -21.66 -2.39
CA ALA E 1166 37.63 -21.65 -3.46
C ALA E 1166 38.92 -22.39 -3.07
N THR E 1167 39.51 -23.05 -4.10
CA THR E 1167 40.92 -23.46 -4.11
C THR E 1167 41.38 -22.81 -5.37
N LEU E 1168 42.57 -22.18 -5.18
CA LEU E 1168 43.10 -21.42 -6.29
C LEU E 1168 44.39 -22.06 -6.35
N SER E 1169 44.63 -22.72 -7.50
CA SER E 1169 45.81 -23.59 -7.77
C SER E 1169 47.10 -22.69 -7.74
N GLY E 1170 48.21 -23.23 -7.26
CA GLY E 1170 49.42 -22.52 -7.03
C GLY E 1170 49.27 -21.76 -5.78
N ASN E 1171 50.37 -21.20 -5.24
CA ASN E 1171 50.53 -20.44 -4.10
C ASN E 1171 49.84 -19.12 -4.30
N VAL E 1172 48.99 -18.72 -3.39
CA VAL E 1172 48.39 -17.45 -3.57
C VAL E 1172 48.47 -16.63 -2.29
N LEU E 1173 49.24 -17.27 -1.35
CA LEU E 1173 49.68 -16.54 -0.18
C LEU E 1173 50.82 -15.67 -0.53
N PRO E 1174 50.86 -14.38 -0.15
CA PRO E 1174 52.09 -13.54 -0.10
C PRO E 1174 53.29 -14.27 0.31
N THR E 1175 54.33 -14.38 -0.59
CA THR E 1175 55.52 -15.18 -0.35
C THR E 1175 56.34 -14.51 0.74
N LEU E 1176 57.17 -15.24 1.43
CA LEU E 1176 58.15 -14.85 2.46
C LEU E 1176 59.42 -14.94 1.77
N THR E 1177 60.21 -13.86 1.64
CA THR E 1177 61.20 -13.68 0.60
C THR E 1177 62.53 -13.84 1.19
N GLU E 1178 63.53 -14.45 0.52
CA GLU E 1178 64.90 -14.36 1.01
C GLU E 1178 65.64 -13.71 -0.10
N LEU E 1179 66.05 -12.42 0.10
CA LEU E 1179 66.65 -11.58 -0.89
C LEU E 1179 67.93 -12.13 -1.50
N ALA E 1180 68.71 -12.82 -0.68
CA ALA E 1180 70.02 -13.37 -1.04
C ALA E 1180 70.48 -13.92 0.20
N ALA E 1181 71.55 -14.79 0.25
CA ALA E 1181 72.06 -15.33 1.49
C ALA E 1181 72.67 -14.24 2.30
N GLY E 1182 71.99 -14.08 3.43
CA GLY E 1182 72.27 -13.10 4.49
C GLY E 1182 71.02 -12.45 5.01
N ASN E 1183 69.94 -12.43 4.20
CA ASN E 1183 68.67 -11.83 4.45
C ASN E 1183 67.89 -12.85 5.23
N GLY E 1184 66.94 -12.43 6.12
CA GLY E 1184 66.07 -13.25 6.92
C GLY E 1184 64.69 -12.74 7.21
N THR E 1185 64.06 -11.85 6.37
CA THR E 1185 62.78 -11.36 6.71
C THR E 1185 61.82 -12.20 5.83
N PHE E 1186 60.66 -12.58 6.44
CA PHE E 1186 59.84 -13.65 6.04
C PHE E 1186 58.44 -13.21 6.46
N THR E 1187 57.72 -12.45 5.62
CA THR E 1187 56.56 -11.63 5.95
C THR E 1187 55.52 -12.08 4.93
N GLY E 1188 54.30 -12.33 5.42
CA GLY E 1188 53.09 -12.76 4.74
C GLY E 1188 52.11 -11.63 4.80
N SER E 1189 50.93 -11.88 4.16
CA SER E 1189 49.93 -10.85 4.23
C SER E 1189 48.64 -11.61 3.78
N LEU E 1190 47.48 -10.99 3.98
CA LEU E 1190 46.22 -11.41 3.33
C LEU E 1190 45.41 -10.18 3.16
N GLN E 1191 44.45 -10.24 2.20
CA GLN E 1191 43.62 -9.16 1.81
C GLN E 1191 42.11 -9.56 1.85
N PHE E 1192 41.20 -8.66 2.31
CA PHE E 1192 39.85 -9.05 2.74
C PHE E 1192 38.91 -7.95 2.32
N THR E 1193 37.72 -8.30 1.94
CA THR E 1193 36.58 -7.42 1.78
C THR E 1193 35.43 -8.22 2.37
N ILE E 1194 34.33 -7.63 2.66
CA ILE E 1194 33.17 -8.21 3.16
C ILE E 1194 32.23 -7.98 1.96
N VAL E 1195 31.65 -9.04 1.29
CA VAL E 1195 30.43 -8.97 0.53
C VAL E 1195 29.30 -9.46 1.54
N PRO E 1196 28.14 -8.83 1.68
CA PRO E 1196 27.11 -9.11 2.72
C PRO E 1196 26.60 -10.55 2.68
N ASN E 1197 26.15 -10.94 3.88
CA ASN E 1197 25.22 -11.95 4.14
C ASN E 1197 24.49 -11.42 5.29
N ASN E 1198 23.17 -11.37 5.16
CA ASN E 1198 22.15 -10.93 6.14
C ASN E 1198 21.25 -12.06 6.45
N THR E 1199 21.02 -12.36 7.78
CA THR E 1199 20.48 -13.63 8.16
C THR E 1199 19.76 -13.27 9.50
N VAL E 1200 18.36 -13.38 9.55
CA VAL E 1200 17.45 -12.92 10.51
C VAL E 1200 17.55 -13.75 11.75
N VAL E 1201 18.15 -13.13 12.84
CA VAL E 1201 17.91 -13.53 14.22
C VAL E 1201 16.75 -12.83 14.79
N GLN E 1202 15.71 -13.58 15.24
CA GLN E 1202 14.40 -12.97 15.43
C GLN E 1202 14.01 -13.14 16.86
N ILE E 1203 13.36 -12.10 17.43
CA ILE E 1203 12.92 -11.86 18.79
C ILE E 1203 11.58 -11.11 18.63
N PRO E 1204 10.57 -11.35 19.44
CA PRO E 1204 9.23 -10.77 19.33
C PRO E 1204 9.10 -9.46 20.09
N SER E 1205 7.96 -8.73 20.07
CA SER E 1205 7.93 -7.47 20.79
C SER E 1205 6.96 -7.56 21.95
N SER E 1206 6.45 -8.79 22.22
CA SER E 1206 5.55 -8.93 23.34
C SER E 1206 6.11 -9.87 24.43
N LEU E 1207 7.48 -10.10 24.53
CA LEU E 1207 8.08 -10.75 25.64
C LEU E 1207 9.26 -9.99 26.09
N THR E 1208 9.64 -8.88 25.45
CA THR E 1208 10.69 -8.04 25.88
C THR E 1208 10.41 -6.58 25.64
N LYS E 1209 9.28 -6.23 24.98
CA LYS E 1209 9.01 -4.90 24.46
C LYS E 1209 9.55 -4.67 23.15
N THR E 1210 10.57 -5.42 22.71
CA THR E 1210 11.33 -4.96 21.63
C THR E 1210 11.63 -6.19 20.72
N SER E 1211 11.10 -6.24 19.46
CA SER E 1211 11.35 -7.07 18.34
C SER E 1211 12.73 -6.73 17.80
N PHE E 1212 13.41 -7.65 17.09
CA PHE E 1212 14.75 -7.50 16.63
C PHE E 1212 14.87 -8.36 15.45
N ALA E 1213 15.28 -7.71 14.27
CA ALA E 1213 15.86 -8.42 13.17
C ALA E 1213 17.28 -8.14 13.29
N VAL E 1214 18.18 -9.16 13.45
CA VAL E 1214 19.61 -8.97 13.54
C VAL E 1214 20.19 -9.84 12.49
N TYR E 1215 20.79 -9.11 11.49
CA TYR E 1215 21.31 -9.64 10.29
C TYR E 1215 22.78 -9.88 10.55
N THR E 1216 23.30 -11.13 10.38
CA THR E 1216 24.47 -11.45 11.06
C THR E 1216 25.62 -11.14 10.12
N ASN E 1217 26.29 -9.99 10.36
CA ASN E 1217 27.69 -9.71 10.28
C ASN E 1217 28.43 -9.80 8.99
N GLY E 1218 27.70 -9.52 7.89
CA GLY E 1218 28.22 -9.60 6.51
C GLY E 1218 28.73 -11.02 6.29
N SER E 1219 29.68 -11.16 5.35
CA SER E 1219 30.35 -12.40 5.09
C SER E 1219 31.72 -12.02 4.58
N LEU E 1220 32.82 -12.57 5.03
CA LEU E 1220 34.17 -12.29 4.58
C LEU E 1220 34.27 -12.58 3.12
N ALA E 1221 35.40 -12.16 2.52
CA ALA E 1221 35.77 -12.58 1.20
C ALA E 1221 37.18 -12.24 1.03
N ILE E 1222 38.04 -13.01 0.37
CA ILE E 1222 39.43 -12.66 0.18
C ILE E 1222 39.40 -11.88 -1.12
N VAL E 1223 40.19 -10.84 -1.26
CA VAL E 1223 40.25 -10.14 -2.52
C VAL E 1223 41.68 -10.20 -3.07
N LEU E 1224 41.96 -10.95 -4.16
CA LEU E 1224 43.14 -10.86 -4.98
C LEU E 1224 42.78 -10.25 -6.33
N ASN E 1225 43.45 -9.07 -6.72
CA ASN E 1225 43.21 -8.20 -7.84
C ASN E 1225 41.77 -7.91 -8.18
N GLY E 1226 40.98 -7.59 -7.15
CA GLY E 1226 39.62 -7.13 -7.28
C GLY E 1226 38.54 -8.21 -7.25
N LYS E 1227 38.96 -9.53 -7.18
CA LYS E 1227 38.06 -10.69 -7.30
C LYS E 1227 37.78 -11.23 -5.89
N ALA E 1228 36.53 -11.27 -5.50
CA ALA E 1228 36.01 -11.61 -4.17
C ALA E 1228 35.44 -13.01 -4.25
N TYR E 1229 35.62 -13.73 -3.10
CA TYR E 1229 35.06 -15.06 -2.97
C TYR E 1229 34.72 -15.30 -1.53
N SER E 1230 33.47 -15.64 -1.27
CA SER E 1230 32.76 -15.48 0.01
C SER E 1230 33.20 -16.50 1.01
N LEU E 1231 34.11 -16.06 1.97
CA LEU E 1231 34.68 -16.79 3.04
C LEU E 1231 33.84 -16.64 4.27
N GLY E 1232 32.47 -16.54 4.14
CA GLY E 1232 31.49 -16.82 5.18
C GLY E 1232 31.52 -15.80 6.38
N PRO E 1233 30.63 -16.02 7.35
CA PRO E 1233 30.34 -15.01 8.34
C PRO E 1233 31.54 -14.52 9.12
N ALA E 1234 31.86 -13.17 8.97
CA ALA E 1234 33.05 -12.49 9.32
C ALA E 1234 33.09 -12.26 10.84
N GLY E 1235 31.92 -11.95 11.40
CA GLY E 1235 31.79 -11.33 12.70
C GLY E 1235 32.51 -11.89 13.89
N LEU E 1236 32.45 -13.19 13.94
CA LEU E 1236 33.16 -14.08 14.77
C LEU E 1236 34.63 -13.87 14.76
N PHE E 1237 35.27 -13.78 13.54
CA PHE E 1237 36.75 -13.55 13.40
C PHE E 1237 37.04 -12.24 14.07
N LEU E 1238 36.22 -11.21 13.68
CA LEU E 1238 36.69 -9.74 13.79
C LEU E 1238 35.99 -8.96 14.96
N LEU E 1239 36.85 -8.61 15.95
CA LEU E 1239 36.43 -7.82 17.12
C LEU E 1239 35.98 -6.43 16.75
N PRO E 1240 34.93 -5.80 17.22
CA PRO E 1240 33.99 -6.25 18.20
C PRO E 1240 33.05 -7.38 17.79
N PHE E 1241 32.61 -8.31 18.72
CA PHE E 1241 31.62 -9.32 18.40
C PHE E 1241 30.99 -9.65 19.77
N VAL E 1242 29.71 -10.07 19.69
CA VAL E 1242 28.77 -10.59 20.71
C VAL E 1242 28.08 -11.88 20.24
N THR E 1243 28.31 -12.98 21.00
CA THR E 1243 27.77 -14.26 20.81
C THR E 1243 26.31 -14.49 21.16
N TYR E 1244 25.43 -13.95 20.29
CA TYR E 1244 24.01 -14.11 20.41
C TYR E 1244 23.75 -15.42 19.49
N THR E 1245 22.95 -16.37 20.09
CA THR E 1245 22.71 -17.75 19.60
C THR E 1245 23.96 -18.50 19.35
N GLY E 1246 25.00 -18.18 20.19
CA GLY E 1246 26.30 -18.87 20.14
C GLY E 1246 27.16 -18.44 18.92
N SER E 1247 26.55 -17.86 17.81
CA SER E 1247 27.21 -17.37 16.58
C SER E 1247 27.50 -15.96 16.84
N ALA E 1248 28.82 -15.55 16.78
CA ALA E 1248 29.21 -14.15 17.15
C ALA E 1248 28.82 -13.25 16.07
N ILE E 1249 28.15 -12.10 16.29
CA ILE E 1249 27.65 -11.15 15.33
C ILE E 1249 28.50 -10.00 15.71
N GLY E 1250 28.92 -9.24 14.65
CA GLY E 1250 29.81 -8.16 14.75
C GLY E 1250 29.24 -6.99 14.11
N ALA E 1251 30.11 -6.13 13.54
CA ALA E 1251 29.80 -5.04 12.59
C ALA E 1251 29.34 -5.57 11.21
N ASN E 1252 28.66 -4.67 10.45
CA ASN E 1252 27.94 -5.00 9.23
C ASN E 1252 26.67 -5.77 9.53
N ALA E 1253 25.84 -5.13 10.37
CA ALA E 1253 24.65 -5.70 10.81
C ALA E 1253 23.57 -4.67 11.01
N THR E 1254 22.40 -4.98 11.62
CA THR E 1254 21.42 -3.96 11.90
C THR E 1254 20.62 -4.51 13.05
N ALA E 1255 20.29 -3.68 14.03
CA ALA E 1255 19.30 -4.07 15.05
C ALA E 1255 18.26 -3.11 14.90
N ILE E 1256 17.05 -3.55 14.73
CA ILE E 1256 15.94 -2.55 14.45
C ILE E 1256 15.05 -2.77 15.67
N ILE E 1257 14.57 -1.71 16.31
CA ILE E 1257 14.18 -1.73 17.72
C ILE E 1257 12.80 -1.25 17.85
N THR E 1258 11.85 -2.06 18.37
CA THR E 1258 10.50 -1.80 18.25
C THR E 1258 9.91 -1.76 19.69
N VAL E 1259 9.89 -0.59 20.29
CA VAL E 1259 9.26 -0.33 21.61
C VAL E 1259 7.74 -0.26 21.41
N SER E 1260 7.05 -1.40 21.46
CA SER E 1260 5.64 -1.53 21.16
C SER E 1260 4.97 -1.40 22.48
N ASP E 1261 3.88 -0.61 22.52
CA ASP E 1261 3.27 -0.19 23.79
C ASP E 1261 2.00 0.44 23.34
N GLY E 1262 1.18 0.98 24.24
CA GLY E 1262 -0.15 1.58 23.98
C GLY E 1262 -0.15 3.03 23.51
N VAL E 1263 0.91 3.45 22.80
CA VAL E 1263 0.98 4.65 22.04
C VAL E 1263 1.12 4.19 20.60
N GLY E 1264 0.87 2.90 20.29
CA GLY E 1264 1.11 2.33 18.99
C GLY E 1264 2.44 1.70 19.13
N THR E 1265 3.53 2.33 18.61
CA THR E 1265 4.85 1.80 18.66
C THR E 1265 5.80 2.93 18.38
N SER E 1266 6.58 3.21 19.44
CA SER E 1266 7.76 3.98 19.36
C SER E 1266 8.85 3.11 18.72
N THR E 1267 10.03 3.65 18.20
CA THR E 1267 10.90 2.81 17.42
C THR E 1267 12.22 3.49 17.32
N THR E 1268 13.35 2.74 17.24
CA THR E 1268 14.62 3.41 16.97
C THR E 1268 15.44 2.34 16.27
N GLN E 1269 16.65 2.70 15.86
CA GLN E 1269 17.34 1.86 14.89
C GLN E 1269 18.79 2.12 15.03
N VAL E 1270 19.59 1.04 14.84
CA VAL E 1270 21.07 1.11 14.88
C VAL E 1270 21.46 0.46 13.62
N PRO E 1271 21.93 1.19 12.61
CA PRO E 1271 22.50 0.60 11.42
C PRO E 1271 23.92 0.29 11.89
N ILE E 1272 24.19 -0.99 12.33
CA ILE E 1272 25.31 -1.46 12.98
C ILE E 1272 26.35 -1.61 11.86
N THR E 1273 27.17 -0.57 11.65
CA THR E 1273 28.27 -0.60 10.69
C THR E 1273 29.48 -0.07 11.39
N ALA E 1274 29.40 1.21 11.85
CA ALA E 1274 30.39 1.80 12.72
C ALA E 1274 30.04 3.25 12.70
N GLU E 1275 29.03 3.66 11.98
CA GLU E 1275 28.33 4.90 12.28
C GLU E 1275 27.66 4.83 13.65
N ASN E 1276 27.16 3.66 14.05
CA ASN E 1276 26.45 3.22 15.29
C ASN E 1276 26.77 1.74 15.24
N PHE E 1277 26.92 1.11 16.36
CA PHE E 1277 27.55 -0.20 16.40
C PHE E 1277 27.70 -0.32 17.87
N THR E 1278 28.73 0.44 18.32
CA THR E 1278 28.98 0.76 19.69
C THR E 1278 29.35 -0.46 20.56
N PRO E 1279 30.57 -0.85 20.82
CA PRO E 1279 30.96 -1.72 21.93
C PRO E 1279 30.60 -0.98 23.26
N ILE E 1280 30.28 -1.70 24.33
CA ILE E 1280 29.90 -1.14 25.58
C ILE E 1280 30.43 -2.12 26.65
N ARG E 1281 31.07 -1.65 27.75
CA ARG E 1281 31.65 -2.64 28.74
C ARG E 1281 31.37 -2.14 30.14
N LEU E 1282 31.51 -3.07 31.11
CA LEU E 1282 31.35 -2.76 32.49
C LEU E 1282 32.73 -2.85 33.09
N ALA E 1283 33.07 -1.87 33.94
CA ALA E 1283 34.21 -2.13 34.85
C ALA E 1283 34.04 -1.39 36.20
N PRO E 1284 34.83 -1.58 37.29
CA PRO E 1284 34.58 -0.91 38.61
C PRO E 1284 34.62 0.63 38.57
N PHE E 1285 34.54 1.29 39.72
CA PHE E 1285 34.88 2.67 39.94
C PHE E 1285 36.26 2.76 40.63
N GLN E 1286 36.64 1.69 41.43
CA GLN E 1286 38.02 1.38 41.84
C GLN E 1286 38.98 1.38 40.68
N VAL E 1287 38.61 0.79 39.51
CA VAL E 1287 39.51 0.89 38.36
C VAL E 1287 38.58 1.24 37.24
N PRO E 1288 38.70 2.33 36.45
CA PRO E 1288 37.69 2.68 35.40
C PRO E 1288 37.30 1.72 34.35
N ALA E 1289 36.13 1.94 33.66
CA ALA E 1289 35.73 1.17 32.44
C ALA E 1289 36.33 1.99 31.36
N GLN E 1290 36.89 3.24 31.62
CA GLN E 1290 37.82 3.92 30.78
C GLN E 1290 38.98 3.13 30.26
N VAL E 1291 39.41 2.24 31.20
CA VAL E 1291 40.35 1.20 30.84
C VAL E 1291 40.36 0.15 31.98
N PRO E 1292 39.97 -1.12 31.77
CA PRO E 1292 39.89 -2.10 32.81
C PRO E 1292 41.16 -2.86 32.82
N LEU E 1293 41.52 -3.51 33.98
CA LEU E 1293 42.77 -4.27 34.32
C LEU E 1293 42.75 -5.59 33.66
N PRO E 1294 43.91 -6.21 33.35
CA PRO E 1294 44.09 -7.44 32.58
C PRO E 1294 43.89 -8.63 33.43
N ASN E 1295 43.12 -8.56 34.56
CA ASN E 1295 42.63 -9.69 35.28
C ASN E 1295 41.29 -10.04 34.84
N ALA E 1296 40.80 -9.47 33.70
CA ALA E 1296 39.51 -9.82 33.10
C ALA E 1296 39.59 -10.78 31.93
N PRO E 1297 39.26 -12.11 32.04
CA PRO E 1297 38.81 -13.00 30.91
C PRO E 1297 37.72 -12.35 30.11
N LYS E 1298 37.63 -12.67 28.80
CA LYS E 1298 36.48 -12.42 27.96
C LYS E 1298 35.26 -13.32 28.33
N LEU E 1299 35.50 -14.60 28.80
CA LEU E 1299 34.45 -15.60 29.08
C LEU E 1299 34.01 -15.47 30.60
N LYS E 1300 34.64 -14.54 31.40
CA LYS E 1300 34.27 -14.40 32.80
C LYS E 1300 34.70 -12.97 33.19
N TYR E 1301 34.81 -12.64 34.45
CA TYR E 1301 35.71 -11.61 35.06
C TYR E 1301 35.17 -11.45 36.38
N GLU E 1302 35.79 -12.12 37.34
CA GLU E 1302 35.71 -11.84 38.73
C GLU E 1302 36.76 -10.78 38.97
N TYR E 1303 36.33 -9.67 39.54
CA TYR E 1303 37.17 -8.62 39.99
C TYR E 1303 37.73 -9.14 41.29
N ASN E 1304 39.09 -9.15 41.39
CA ASN E 1304 39.81 -9.66 42.51
C ASN E 1304 39.89 -8.64 43.65
N GLY E 1305 39.48 -7.37 43.41
CA GLY E 1305 39.32 -6.39 44.48
C GLY E 1305 37.91 -6.35 45.15
N SER E 1306 37.24 -5.20 45.07
CA SER E 1306 36.15 -4.98 46.00
C SER E 1306 35.37 -3.94 45.33
N ILE E 1307 34.05 -3.98 45.53
CA ILE E 1307 33.29 -2.73 45.52
C ILE E 1307 33.46 -2.11 46.91
N VAL E 1308 33.90 -0.84 46.91
CA VAL E 1308 33.80 -0.03 48.09
C VAL E 1308 32.57 0.80 47.85
N ILE E 1309 31.51 0.66 48.74
CA ILE E 1309 30.20 1.22 48.57
C ILE E 1309 30.24 2.51 49.29
N THR E 1310 29.11 3.24 49.14
CA THR E 1310 28.73 4.19 50.21
C THR E 1310 27.66 3.43 50.98
N PRO E 1311 27.68 3.30 52.32
CA PRO E 1311 26.76 2.37 52.95
C PRO E 1311 25.36 2.85 53.16
N GLN E 1312 24.88 3.92 52.43
CA GLN E 1312 23.55 4.44 52.58
C GLN E 1312 22.50 3.48 52.30
N GLN E 1313 22.78 2.80 51.15
CA GLN E 1313 22.17 1.57 50.81
C GLN E 1313 23.41 1.14 49.97
N GLN E 1314 23.63 -0.24 49.97
CA GLN E 1314 24.55 -0.95 49.08
C GLN E 1314 24.42 -0.61 47.59
N VAL E 1315 25.40 0.11 46.97
CA VAL E 1315 25.28 0.80 45.75
C VAL E 1315 26.58 0.53 45.06
N LEU E 1316 26.53 -0.28 43.95
CA LEU E 1316 27.67 -0.70 43.18
C LEU E 1316 28.16 0.46 42.34
N LYS E 1317 28.96 1.38 42.95
CA LYS E 1317 29.52 2.45 42.23
C LYS E 1317 30.49 2.05 41.22
N ILE E 1318 30.24 2.34 39.92
CA ILE E 1318 31.01 1.86 38.78
C ILE E 1318 31.08 2.88 37.70
N TYR E 1319 31.92 2.49 36.69
CA TYR E 1319 31.79 3.05 35.35
C TYR E 1319 31.36 1.96 34.37
N VAL E 1320 30.82 2.47 33.25
CA VAL E 1320 30.30 1.85 32.06
C VAL E 1320 30.84 2.75 31.01
N THR E 1321 31.19 2.21 29.83
CA THR E 1321 31.55 3.09 28.70
C THR E 1321 30.81 2.61 27.54
N SER E 1322 30.25 3.61 26.85
CA SER E 1322 29.61 3.59 25.52
C SER E 1322 30.40 4.52 24.77
N ILE E 1323 30.75 4.17 23.50
CA ILE E 1323 31.73 4.87 22.71
C ILE E 1323 31.09 5.79 21.73
N LEU E 1324 30.46 5.18 20.66
CA LEU E 1324 29.81 5.75 19.55
C LEU E 1324 28.42 6.28 19.94
N PRO E 1325 27.63 7.12 19.18
CA PRO E 1325 26.16 7.33 19.46
C PRO E 1325 25.43 6.01 19.54
N TYR E 1326 24.67 5.92 20.68
CA TYR E 1326 23.91 4.76 20.94
C TYR E 1326 22.48 5.19 20.83
N PRO E 1327 21.74 4.77 19.81
CA PRO E 1327 20.32 5.15 19.70
C PRO E 1327 19.33 4.54 20.59
N GLN E 1328 19.42 3.26 21.10
CA GLN E 1328 18.50 2.80 22.11
C GLN E 1328 19.09 3.03 23.56
N GLU E 1329 18.50 2.58 24.72
CA GLU E 1329 19.16 2.63 26.02
C GLU E 1329 19.39 1.21 26.43
N PHE E 1330 19.92 0.87 27.64
CA PHE E 1330 20.21 -0.50 27.96
C PHE E 1330 20.28 -0.67 29.49
N GLN E 1331 20.84 -1.80 29.99
CA GLN E 1331 20.66 -2.28 31.37
C GLN E 1331 22.03 -2.74 31.94
N ILE E 1332 22.08 -2.54 33.29
CA ILE E 1332 23.16 -2.97 34.11
C ILE E 1332 22.46 -3.86 35.17
N GLN E 1333 22.34 -5.17 34.84
CA GLN E 1333 21.61 -6.14 35.66
C GLN E 1333 22.38 -6.35 36.93
N ALA E 1334 21.64 -6.80 37.99
CA ALA E 1334 22.22 -6.76 39.29
C ALA E 1334 21.41 -7.65 40.22
N PHE E 1335 22.00 -8.42 41.20
CA PHE E 1335 21.47 -9.38 42.11
C PHE E 1335 22.38 -9.52 43.35
N VAL E 1336 21.79 -9.42 44.62
CA VAL E 1336 22.55 -9.36 45.86
C VAL E 1336 22.67 -10.77 46.27
N TYR E 1337 23.73 -11.30 46.86
CA TYR E 1337 23.84 -12.78 47.11
C TYR E 1337 24.80 -12.93 48.23
N GLU E 1338 24.47 -13.92 49.13
CA GLU E 1338 25.38 -14.37 50.14
C GLU E 1338 26.64 -14.98 49.57
N ALA E 1339 27.78 -14.82 50.34
CA ALA E 1339 29.11 -15.21 50.10
C ALA E 1339 29.33 -16.55 50.73
N SER E 1340 28.37 -17.02 51.52
CA SER E 1340 28.35 -18.35 52.13
C SER E 1340 27.84 -19.26 51.10
N GLN E 1341 27.00 -18.60 50.17
CA GLN E 1341 26.55 -19.28 48.99
C GLN E 1341 27.39 -18.81 47.81
N PHE E 1342 28.62 -19.23 47.65
CA PHE E 1342 29.44 -18.84 46.54
C PHE E 1342 30.24 -20.04 46.10
N ASN E 1343 30.46 -20.18 44.75
CA ASN E 1343 31.35 -21.18 44.14
C ASN E 1343 32.42 -20.39 43.52
N VAL E 1344 33.59 -20.48 44.15
CA VAL E 1344 34.78 -19.74 43.77
C VAL E 1344 35.65 -20.43 42.73
N HIS E 1345 35.23 -21.62 42.14
CA HIS E 1345 35.97 -22.46 41.21
C HIS E 1345 35.46 -22.32 39.88
N THR E 1346 34.53 -21.34 39.68
CA THR E 1346 33.94 -21.06 38.34
C THR E 1346 33.34 -19.70 38.25
N GLY E 1347 33.30 -18.94 39.39
CA GLY E 1347 32.82 -17.51 39.50
C GLY E 1347 31.39 -17.42 39.25
N SER E 1348 30.60 -17.93 40.17
CA SER E 1348 29.18 -18.07 40.07
C SER E 1348 28.65 -18.33 41.50
N PRO E 1349 27.81 -17.41 41.96
CA PRO E 1349 27.24 -17.54 43.27
C PRO E 1349 26.26 -18.68 43.17
N THR E 1350 26.11 -19.43 44.33
CA THR E 1350 25.43 -20.72 44.22
C THR E 1350 23.95 -20.75 44.68
N ALA E 1351 23.42 -19.60 45.22
CA ALA E 1351 22.12 -19.54 45.87
C ALA E 1351 21.91 -18.19 46.53
N ALA E 1352 20.78 -17.96 47.20
CA ALA E 1352 20.40 -16.81 47.99
C ALA E 1352 19.24 -16.16 47.28
N PRO E 1353 17.95 -16.41 47.59
CA PRO E 1353 16.80 -15.72 46.97
C PRO E 1353 16.54 -14.45 47.73
N VAL E 1354 17.01 -13.30 47.21
CA VAL E 1354 17.05 -12.12 48.04
C VAL E 1354 16.48 -10.93 47.35
N TYR E 1355 17.31 -10.30 46.38
CA TYR E 1355 16.73 -9.19 45.68
C TYR E 1355 17.50 -9.04 44.43
N PHE E 1356 16.78 -8.60 43.38
CA PHE E 1356 17.39 -8.36 42.13
C PHE E 1356 16.80 -7.11 41.61
N SER E 1357 17.53 -6.47 40.63
CA SER E 1357 17.24 -5.15 40.17
C SER E 1357 18.14 -4.90 38.99
N TYR E 1358 17.99 -3.70 38.38
CA TYR E 1358 18.87 -3.26 37.35
C TYR E 1358 18.71 -1.80 37.07
N SER E 1359 19.72 -1.22 36.36
CA SER E 1359 19.76 0.20 36.08
C SER E 1359 19.37 0.49 34.65
N ALA E 1360 18.73 1.59 34.39
CA ALA E 1360 18.69 2.15 33.09
C ALA E 1360 20.02 2.84 32.85
N VAL E 1361 20.56 2.63 31.62
CA VAL E 1361 21.62 3.47 31.06
C VAL E 1361 21.11 4.12 29.81
N ARG E 1362 20.89 5.43 29.99
CA ARG E 1362 20.77 6.39 28.89
C ARG E 1362 22.05 7.11 28.56
N ALA E 1363 22.33 7.16 27.23
CA ALA E 1363 23.23 8.11 26.68
C ALA E 1363 22.38 9.23 26.22
N TYR E 1364 21.83 9.08 25.04
CA TYR E 1364 20.69 9.82 24.41
C TYR E 1364 20.02 8.88 23.50
N PRO E 1365 18.77 9.20 23.14
CA PRO E 1365 18.01 8.48 22.16
C PRO E 1365 18.24 8.80 20.71
N ALA E 1366 19.41 9.27 20.37
CA ALA E 1366 20.03 9.75 19.10
C ALA E 1366 19.43 9.13 17.87
N LEU E 1367 19.33 10.00 16.86
CA LEU E 1367 18.49 9.75 15.71
C LEU E 1367 19.45 9.32 14.60
N GLY E 1368 20.69 8.99 14.98
CA GLY E 1368 21.61 8.51 14.09
C GLY E 1368 22.85 8.96 14.81
N ILE E 1369 23.86 9.52 14.03
CA ILE E 1369 25.10 10.00 14.50
C ILE E 1369 24.98 11.51 14.88
N GLY E 1370 25.65 11.81 16.00
CA GLY E 1370 25.97 13.09 16.49
C GLY E 1370 25.55 13.24 17.92
N THR E 1371 25.13 12.19 18.65
CA THR E 1371 24.75 12.46 20.03
C THR E 1371 25.28 11.28 20.83
N SER E 1372 26.40 11.46 21.61
CA SER E 1372 27.00 10.36 22.33
C SER E 1372 27.40 10.91 23.64
N VAL E 1373 27.53 10.06 24.60
CA VAL E 1373 28.09 10.36 25.93
C VAL E 1373 29.23 9.35 26.16
N PRO E 1374 30.47 9.74 26.32
CA PRO E 1374 31.58 8.79 26.25
C PRO E 1374 31.67 8.03 27.62
N ASN E 1375 31.68 8.79 28.75
CA ASN E 1375 31.78 8.25 30.09
C ASN E 1375 30.45 8.47 30.66
N LEU E 1376 29.93 7.37 31.32
CA LEU E 1376 28.64 7.33 32.01
C LEU E 1376 28.99 6.79 33.45
N LEU E 1377 28.95 7.57 34.56
CA LEU E 1377 29.09 7.07 35.88
C LEU E 1377 27.74 6.60 36.35
N VAL E 1378 27.61 5.21 36.61
CA VAL E 1378 26.47 4.43 36.89
C VAL E 1378 26.70 3.95 38.26
N TYR E 1379 25.86 4.32 39.27
CA TYR E 1379 25.91 3.88 40.63
C TYR E 1379 24.82 2.82 40.84
N VAL E 1380 25.12 1.48 40.60
CA VAL E 1380 24.01 0.53 40.32
C VAL E 1380 23.16 0.42 41.57
N GLN E 1381 21.83 0.45 41.26
CA GLN E 1381 20.79 0.35 42.25
C GLN E 1381 20.28 -1.00 42.54
N LEU E 1382 20.17 -1.32 43.87
CA LEU E 1382 19.47 -2.38 44.46
C LEU E 1382 18.95 -1.76 45.72
N GLN E 1383 17.66 -1.96 45.95
CA GLN E 1383 17.03 -1.37 47.10
C GLN E 1383 15.61 -1.93 47.01
N GLY E 1384 15.12 -2.33 48.20
CA GLY E 1384 13.73 -2.79 48.33
C GLY E 1384 13.60 -4.13 49.03
N ILE E 1385 14.84 -4.49 49.52
CA ILE E 1385 14.99 -5.56 50.44
C ILE E 1385 15.01 -4.94 51.81
N SER E 1386 14.22 -5.57 52.70
CA SER E 1386 13.89 -5.01 54.01
C SER E 1386 13.02 -5.98 54.75
N ASN E 1387 13.26 -7.32 54.56
CA ASN E 1387 12.55 -8.28 55.34
C ASN E 1387 13.21 -9.67 55.26
N LEU E 1388 14.39 -9.56 54.65
CA LEU E 1388 15.28 -10.68 54.31
C LEU E 1388 16.64 -10.35 54.65
N PRO E 1389 17.53 -11.25 54.98
CA PRO E 1389 18.72 -10.95 55.78
C PRO E 1389 19.75 -10.11 55.05
N ALA E 1390 20.86 -9.76 55.78
CA ALA E 1390 22.02 -9.16 55.14
C ALA E 1390 23.15 -9.94 55.78
N GLY E 1391 24.38 -9.82 55.12
CA GLY E 1391 25.58 -10.52 55.56
C GLY E 1391 26.72 -9.94 54.80
N LYS E 1392 27.79 -10.80 54.51
CA LYS E 1392 28.93 -10.60 53.62
C LYS E 1392 28.47 -11.17 52.30
N TYR E 1393 28.57 -10.39 51.17
CA TYR E 1393 27.80 -10.51 49.90
C TYR E 1393 28.77 -10.57 48.80
N VAL E 1394 28.30 -11.10 47.71
CA VAL E 1394 28.99 -11.23 46.40
C VAL E 1394 27.98 -10.76 45.46
N ILE E 1395 28.29 -10.01 44.36
CA ILE E 1395 27.24 -9.59 43.49
C ILE E 1395 27.68 -9.65 42.06
N VAL E 1396 26.87 -10.27 41.13
CA VAL E 1396 27.29 -10.45 39.76
C VAL E 1396 26.72 -9.19 39.04
N LEU E 1397 27.40 -8.68 38.02
CA LEU E 1397 26.83 -7.54 37.26
C LEU E 1397 27.20 -7.90 35.81
N SER E 1398 26.62 -7.16 34.84
CA SER E 1398 26.85 -7.45 33.46
C SER E 1398 26.27 -6.26 32.68
N ALA E 1399 27.08 -5.64 31.73
CA ALA E 1399 26.65 -4.81 30.61
C ALA E 1399 25.82 -5.59 29.70
N VAL E 1400 24.53 -5.15 29.58
CA VAL E 1400 23.45 -5.99 29.19
C VAL E 1400 22.72 -5.14 28.18
N PRO E 1401 22.59 -5.52 26.85
CA PRO E 1401 21.91 -4.84 25.77
C PRO E 1401 20.50 -4.79 26.20
N PHE E 1402 19.62 -3.96 25.52
CA PHE E 1402 18.29 -4.18 25.77
C PHE E 1402 17.73 -5.29 24.93
N ALA E 1403 17.80 -6.54 25.46
CA ALA E 1403 17.06 -7.69 25.01
C ALA E 1403 17.48 -8.08 23.67
N GLY E 1404 18.77 -8.39 23.62
CA GLY E 1404 19.36 -8.86 22.35
C GLY E 1404 19.62 -7.81 21.33
N GLY E 1405 20.04 -6.65 21.85
CA GLY E 1405 20.32 -5.43 21.14
C GLY E 1405 21.51 -5.48 20.23
N PRO E 1406 21.87 -4.31 19.67
CA PRO E 1406 23.13 -3.95 19.15
C PRO E 1406 24.35 -4.48 19.86
N VAL E 1407 25.42 -4.56 19.10
CA VAL E 1407 26.51 -5.43 19.40
C VAL E 1407 27.48 -4.70 20.34
N LEU E 1408 27.75 -5.25 21.54
CA LEU E 1408 28.47 -4.52 22.55
C LEU E 1408 29.83 -5.10 22.51
N SER E 1409 30.70 -4.78 23.54
CA SER E 1409 31.80 -5.59 23.96
C SER E 1409 32.96 -5.70 23.03
N GLU E 1410 34.14 -5.26 23.64
CA GLU E 1410 35.56 -5.69 23.54
C GLU E 1410 36.05 -5.91 24.98
N TYR E 1411 35.11 -5.90 25.97
CA TYR E 1411 35.15 -6.70 27.14
C TYR E 1411 35.89 -6.07 28.30
N PRO E 1412 35.54 -6.38 29.58
CA PRO E 1412 34.50 -7.26 29.97
C PRO E 1412 33.17 -6.57 30.12
N ALA E 1413 32.07 -7.14 29.65
CA ALA E 1413 30.73 -6.84 30.15
C ALA E 1413 30.55 -7.31 31.54
N GLN E 1414 31.09 -8.51 31.95
CA GLN E 1414 30.65 -9.37 33.10
C GLN E 1414 31.59 -8.96 34.26
N LEU E 1415 30.98 -8.59 35.40
CA LEU E 1415 31.67 -8.01 36.51
C LEU E 1415 31.20 -8.72 37.75
N ILE E 1416 32.00 -9.71 38.36
CA ILE E 1416 31.58 -10.37 39.57
C ILE E 1416 32.50 -9.88 40.65
N PHE E 1417 31.93 -8.97 41.51
CA PHE E 1417 32.56 -8.48 42.73
C PHE E 1417 32.51 -9.55 43.80
N THR E 1418 33.71 -10.07 44.09
CA THR E 1418 34.01 -11.15 45.07
C THR E 1418 33.85 -10.58 46.48
N ASN E 1419 33.98 -9.23 46.74
CA ASN E 1419 33.95 -8.52 48.03
C ASN E 1419 32.85 -7.54 47.78
N VAL E 1420 31.70 -7.68 48.50
CA VAL E 1420 30.65 -6.64 48.61
C VAL E 1420 30.22 -6.83 50.03
N THR E 1421 29.51 -5.86 50.67
CA THR E 1421 28.83 -6.10 51.89
C THR E 1421 27.52 -5.52 51.64
N LEU E 1422 26.42 -6.23 51.98
CA LEU E 1422 25.08 -5.67 51.86
C LEU E 1422 24.69 -4.84 53.04
N THR E 1423 24.03 -3.66 52.69
CA THR E 1423 23.27 -2.97 53.75
C THR E 1423 21.91 -2.82 53.18
N GLN E 1424 20.85 -3.11 54.03
CA GLN E 1424 19.46 -2.95 53.64
C GLN E 1424 18.95 -1.52 53.69
N ALA F 25 17.00 -60.47 -25.97
CA ALA F 25 17.23 -59.20 -25.20
C ALA F 25 18.52 -59.34 -24.38
N VAL F 26 18.54 -60.13 -23.26
CA VAL F 26 19.68 -60.40 -22.43
C VAL F 26 20.31 -61.63 -22.99
N THR F 27 21.62 -61.48 -23.22
CA THR F 27 22.42 -62.51 -23.91
C THR F 27 22.95 -63.42 -22.76
N ILE F 28 22.20 -64.49 -22.25
CA ILE F 28 22.76 -65.44 -21.29
C ILE F 28 23.27 -66.49 -22.18
N ASN F 29 24.56 -66.82 -22.18
CA ASN F 29 25.24 -67.82 -22.86
C ASN F 29 24.93 -68.10 -24.30
N GLY F 30 24.53 -67.02 -25.12
CA GLY F 30 24.29 -67.09 -26.51
C GLY F 30 22.79 -66.89 -26.87
N ILE F 31 21.83 -67.28 -25.94
CA ILE F 31 20.43 -67.29 -26.28
C ILE F 31 20.06 -65.97 -25.75
N THR F 32 19.53 -65.22 -26.75
CA THR F 32 18.91 -63.91 -26.59
C THR F 32 17.51 -64.16 -26.03
N PHE F 33 17.48 -64.40 -24.64
CA PHE F 33 16.25 -64.65 -23.92
C PHE F 33 15.35 -63.50 -23.87
N TYR F 34 14.20 -63.57 -24.62
CA TYR F 34 13.11 -62.71 -24.26
C TYR F 34 12.35 -63.37 -23.12
N SER F 35 12.31 -64.69 -23.04
CA SER F 35 11.91 -65.32 -21.82
C SER F 35 12.37 -66.80 -21.82
N PRO F 36 12.89 -67.42 -20.75
CA PRO F 36 13.02 -66.95 -19.36
C PRO F 36 14.39 -66.27 -19.21
N VAL F 37 14.37 -65.18 -18.35
CA VAL F 37 15.53 -64.59 -17.75
C VAL F 37 15.58 -65.21 -16.39
N PRO F 38 16.79 -65.63 -15.95
CA PRO F 38 17.08 -66.27 -14.63
C PRO F 38 16.36 -65.75 -13.37
N ASN F 39 15.83 -66.71 -12.56
CA ASN F 39 15.12 -66.65 -11.24
C ASN F 39 13.72 -66.12 -11.48
N GLN F 40 12.94 -66.83 -12.33
CA GLN F 40 11.60 -66.38 -12.72
C GLN F 40 10.60 -67.34 -12.04
N THR F 41 9.69 -66.75 -11.23
CA THR F 41 8.99 -67.44 -10.22
C THR F 41 7.67 -67.74 -10.95
N TYR F 42 6.98 -68.85 -10.62
CA TYR F 42 5.73 -69.27 -11.25
C TYR F 42 4.68 -69.59 -10.20
N LYS F 43 3.38 -69.66 -10.66
CA LYS F 43 2.25 -69.71 -9.82
C LYS F 43 1.47 -70.88 -10.32
N TYR F 44 0.47 -71.35 -9.50
CA TYR F 44 -0.30 -72.56 -9.76
C TYR F 44 -1.15 -72.26 -11.00
N GLY F 45 -0.98 -73.11 -12.02
CA GLY F 45 -1.58 -73.04 -13.33
C GLY F 45 -1.05 -72.02 -14.27
N GLN F 46 0.22 -71.58 -14.12
CA GLN F 46 0.69 -70.46 -14.87
C GLN F 46 1.39 -71.10 -16.08
N GLN F 47 1.18 -70.50 -17.29
CA GLN F 47 1.87 -70.98 -18.44
C GLN F 47 3.22 -70.32 -18.72
N LEU F 48 4.33 -71.09 -18.55
CA LEU F 48 5.72 -70.71 -19.11
C LEU F 48 5.49 -70.77 -20.56
N VAL F 49 6.02 -69.75 -21.31
CA VAL F 49 6.13 -69.69 -22.68
C VAL F 49 7.67 -69.34 -22.91
N LEU F 50 8.26 -70.09 -23.85
CA LEU F 50 9.61 -70.05 -24.20
C LEU F 50 9.74 -69.15 -25.38
N SER F 51 10.09 -67.87 -25.11
CA SER F 51 10.26 -66.87 -26.18
C SER F 51 11.72 -66.55 -26.32
N ILE F 52 12.41 -66.97 -27.41
CA ILE F 52 13.88 -66.90 -27.43
C ILE F 52 14.25 -66.52 -28.85
N GLN F 53 15.22 -65.65 -28.99
CA GLN F 53 15.91 -65.43 -30.19
C GLN F 53 17.22 -66.30 -30.40
N SER F 54 17.10 -67.30 -31.26
CA SER F 54 18.08 -68.30 -31.53
C SER F 54 18.14 -68.43 -33.05
N GLN F 55 19.28 -69.04 -33.51
CA GLN F 55 19.59 -69.14 -34.94
C GLN F 55 18.55 -70.07 -35.57
N PRO F 56 17.91 -69.85 -36.69
CA PRO F 56 17.12 -70.70 -37.56
C PRO F 56 17.82 -72.06 -37.92
N ASN F 57 17.06 -73.14 -37.97
CA ASN F 57 17.46 -74.57 -38.11
C ASN F 57 18.20 -75.14 -36.88
N ALA F 58 18.09 -74.53 -35.64
CA ALA F 58 18.62 -74.97 -34.45
C ALA F 58 17.67 -76.03 -33.90
N LEU F 59 18.25 -77.21 -33.56
CA LEU F 59 17.67 -78.18 -32.75
C LEU F 59 17.93 -77.82 -31.30
N VAL F 60 16.98 -77.02 -30.74
CA VAL F 60 17.07 -76.62 -29.34
C VAL F 60 16.70 -77.77 -28.51
N THR F 61 17.71 -78.47 -28.00
CA THR F 61 17.52 -79.62 -27.14
C THR F 61 17.18 -78.97 -25.78
N LEU F 62 15.87 -78.91 -25.43
CA LEU F 62 15.44 -78.40 -24.13
C LEU F 62 15.67 -79.52 -23.15
N TYR F 63 16.72 -79.39 -22.28
CA TYR F 63 16.89 -80.26 -21.09
C TYR F 63 16.37 -79.47 -19.86
N VAL F 64 15.07 -79.53 -19.54
CA VAL F 64 14.55 -79.01 -18.33
C VAL F 64 14.78 -79.97 -17.18
N TYR F 65 16.00 -79.86 -16.61
CA TYR F 65 16.20 -80.37 -15.26
C TYR F 65 15.32 -79.76 -14.17
N ASP F 66 14.94 -80.56 -13.15
CA ASP F 66 14.11 -80.07 -12.09
C ASP F 66 14.99 -80.12 -10.81
N PRO F 67 14.53 -79.96 -9.58
CA PRO F 67 15.38 -80.13 -8.46
C PRO F 67 15.67 -81.51 -8.01
N LYS F 68 15.51 -82.49 -8.92
CA LYS F 68 15.95 -83.89 -8.75
C LYS F 68 16.74 -84.33 -9.97
N GLY F 69 16.91 -83.44 -10.98
CA GLY F 69 17.62 -83.59 -12.23
C GLY F 69 16.95 -84.54 -13.19
N ASN F 70 15.66 -84.73 -12.88
CA ASN F 70 14.79 -85.68 -13.62
C ASN F 70 14.07 -84.85 -14.62
N VAL F 71 14.52 -85.01 -15.86
CA VAL F 71 14.15 -84.16 -16.96
C VAL F 71 12.69 -84.35 -17.37
N VAL F 72 11.89 -83.49 -16.81
CA VAL F 72 10.47 -83.38 -17.03
C VAL F 72 10.11 -82.67 -18.30
N TYR F 73 11.07 -82.09 -19.03
CA TYR F 73 10.74 -81.70 -20.42
C TYR F 73 12.02 -81.81 -21.15
N ASN F 74 11.99 -82.84 -22.07
CA ASN F 74 12.99 -83.08 -23.11
C ASN F 74 12.12 -82.95 -24.31
N ASN F 75 12.41 -81.86 -25.06
CA ASN F 75 11.78 -81.60 -26.33
C ASN F 75 12.79 -80.94 -27.23
N VAL F 76 13.00 -81.39 -28.47
CA VAL F 76 13.90 -80.89 -29.41
C VAL F 76 13.07 -79.97 -30.30
N TYR F 77 13.19 -78.62 -30.11
CA TYR F 77 12.42 -77.69 -30.92
C TYR F 77 13.18 -77.20 -32.11
N GLN F 78 12.47 -76.98 -33.24
CA GLN F 78 12.99 -76.55 -34.52
C GLN F 78 12.71 -75.13 -34.44
N THR F 79 13.70 -74.25 -34.43
CA THR F 79 13.65 -72.82 -34.58
C THR F 79 13.13 -72.39 -35.95
N ASN F 80 12.31 -71.32 -35.95
CA ASN F 80 11.67 -70.81 -37.19
C ASN F 80 12.55 -69.82 -37.97
N SER F 81 12.17 -69.45 -39.21
CA SER F 81 13.01 -68.72 -40.09
C SER F 81 13.22 -67.36 -39.59
N SER F 82 12.24 -66.71 -38.85
CA SER F 82 12.53 -65.42 -38.29
C SER F 82 13.67 -65.53 -37.20
N GLY F 83 13.64 -66.54 -36.39
CA GLY F 83 14.60 -66.79 -35.32
C GLY F 83 13.95 -66.66 -34.02
N GLY F 84 12.84 -65.87 -33.89
CA GLY F 84 12.12 -65.74 -32.62
C GLY F 84 11.24 -66.99 -32.40
N LEU F 85 11.67 -67.98 -31.56
CA LEU F 85 10.98 -69.28 -31.34
C LEU F 85 10.08 -69.19 -30.20
N THR F 86 8.75 -69.26 -30.42
CA THR F 86 7.81 -69.03 -29.35
C THR F 86 6.98 -70.31 -29.16
N ALA F 87 7.17 -70.92 -27.98
CA ALA F 87 6.46 -72.16 -27.75
C ALA F 87 6.07 -72.21 -26.31
N THR F 88 4.75 -72.46 -25.95
CA THR F 88 4.32 -72.75 -24.58
C THR F 88 4.97 -74.08 -24.16
N ILE F 89 5.77 -74.13 -23.05
CA ILE F 89 6.49 -75.32 -22.64
C ILE F 89 5.44 -76.14 -21.97
N ALA F 90 4.91 -75.61 -20.83
CA ALA F 90 4.11 -76.42 -19.94
C ALA F 90 3.24 -75.46 -19.15
N THR F 91 2.37 -76.05 -18.30
CA THR F 91 1.49 -75.27 -17.48
C THR F 91 1.95 -75.69 -16.08
N PHE F 92 2.98 -74.96 -15.58
CA PHE F 92 3.68 -75.15 -14.30
C PHE F 92 2.76 -75.07 -13.09
N GLY F 93 3.15 -75.75 -11.96
CA GLY F 93 2.38 -75.80 -10.77
C GLY F 93 0.95 -76.24 -10.83
N SER F 94 0.72 -77.42 -11.49
CA SER F 94 -0.52 -78.11 -11.53
C SER F 94 -0.29 -79.28 -12.44
N THR F 95 1.01 -79.51 -12.81
CA THR F 95 1.44 -80.67 -13.58
C THR F 95 2.57 -81.16 -12.66
N PRO F 96 2.58 -82.48 -12.31
CA PRO F 96 3.59 -83.12 -11.52
C PRO F 96 5.00 -82.93 -11.98
N GLY F 97 5.96 -82.68 -11.18
CA GLY F 97 7.32 -82.48 -11.63
C GLY F 97 7.54 -81.00 -11.80
N PHE F 98 6.55 -80.08 -11.48
CA PHE F 98 6.64 -78.65 -11.54
C PHE F 98 5.87 -78.07 -10.37
N THR F 99 5.49 -78.95 -9.37
CA THR F 99 5.13 -78.55 -8.06
C THR F 99 6.28 -78.82 -7.14
N THR F 100 7.43 -79.24 -7.73
CA THR F 100 8.59 -79.48 -6.92
C THR F 100 9.24 -78.24 -6.32
N VAL F 101 9.89 -78.26 -5.12
CA VAL F 101 10.47 -77.07 -4.61
C VAL F 101 11.98 -77.22 -4.82
N GLY F 102 12.59 -76.06 -5.02
CA GLY F 102 14.02 -75.82 -5.05
C GLY F 102 14.43 -75.37 -6.34
N THR F 103 15.77 -75.43 -6.50
CA THR F 103 16.53 -74.92 -7.68
C THR F 103 16.18 -75.74 -8.87
N TYR F 104 15.22 -75.31 -9.71
CA TYR F 104 15.13 -75.85 -11.07
C TYR F 104 16.22 -75.16 -11.91
N THR F 105 16.77 -75.87 -12.92
CA THR F 105 17.54 -75.31 -14.01
C THR F 105 16.86 -75.71 -15.30
N VAL F 106 16.12 -74.73 -15.87
CA VAL F 106 15.71 -74.77 -17.29
C VAL F 106 17.01 -74.48 -18.09
N SER F 107 17.78 -75.55 -18.40
CA SER F 107 18.99 -75.43 -19.20
C SER F 107 18.57 -75.29 -20.65
N LEU F 108 19.08 -74.32 -21.46
CA LEU F 108 18.95 -74.39 -22.87
C LEU F 108 20.26 -74.78 -23.36
N SER F 109 20.34 -76.09 -23.63
CA SER F 109 21.36 -76.63 -24.52
C SER F 109 20.89 -76.38 -25.91
N VAL F 110 20.97 -75.10 -26.44
CA VAL F 110 20.60 -74.87 -27.84
C VAL F 110 21.66 -75.47 -28.65
N GLN F 111 21.49 -76.66 -29.24
CA GLN F 111 22.43 -77.32 -30.08
C GLN F 111 22.08 -77.06 -31.47
N GLY F 112 22.33 -75.84 -31.99
CA GLY F 112 22.18 -75.54 -33.38
C GLY F 112 23.48 -75.74 -34.00
N THR F 113 24.09 -74.66 -34.59
CA THR F 113 25.46 -74.52 -35.16
C THR F 113 26.39 -74.49 -33.95
N THR F 114 25.94 -73.73 -32.94
CA THR F 114 26.51 -73.63 -31.64
C THR F 114 25.97 -74.58 -30.68
N SER F 115 26.84 -75.17 -29.78
CA SER F 115 26.42 -75.86 -28.65
C SER F 115 26.19 -74.78 -27.56
N GLU F 116 25.12 -74.00 -27.53
CA GLU F 116 25.02 -72.95 -26.57
C GLU F 116 24.50 -73.47 -25.25
N SER F 117 25.32 -73.43 -24.20
CA SER F 117 24.84 -73.89 -22.88
C SER F 117 24.36 -72.76 -21.98
N ALA F 118 23.05 -72.62 -21.85
CA ALA F 118 22.52 -71.63 -20.90
C ALA F 118 22.04 -72.40 -19.71
N SER F 119 22.09 -71.74 -18.56
CA SER F 119 21.55 -72.31 -17.27
C SER F 119 20.67 -71.29 -16.71
N VAL F 120 19.36 -71.22 -17.21
CA VAL F 120 18.32 -70.39 -16.70
C VAL F 120 17.70 -71.01 -15.58
N ASN F 121 17.94 -70.48 -14.36
CA ASN F 121 17.16 -70.78 -13.21
C ASN F 121 15.70 -70.36 -13.28
N VAL F 122 14.82 -71.19 -12.75
CA VAL F 122 13.49 -70.77 -12.51
C VAL F 122 13.16 -71.29 -11.13
N GLN F 123 11.98 -70.91 -10.71
CA GLN F 123 11.61 -71.09 -9.37
C GLN F 123 10.15 -71.39 -9.24
N TYR F 124 9.67 -71.79 -7.99
CA TYR F 124 8.31 -71.93 -7.60
C TYR F 124 8.19 -71.74 -6.15
N VAL F 125 7.08 -71.05 -5.71
CA VAL F 125 6.79 -70.78 -4.37
C VAL F 125 5.70 -71.78 -4.10
N PRO F 126 5.73 -72.64 -3.02
CA PRO F 126 4.57 -73.36 -2.54
C PRO F 126 3.45 -72.49 -2.09
N LEU F 127 2.26 -73.11 -1.93
CA LEU F 127 1.02 -72.50 -1.58
C LEU F 127 0.72 -73.07 -0.20
N THR F 128 0.55 -72.19 0.80
CA THR F 128 0.23 -72.49 2.15
C THR F 128 -0.86 -71.63 2.52
N SER F 129 -1.77 -72.00 3.47
CA SER F 129 -2.82 -71.15 3.85
C SER F 129 -2.48 -70.93 5.38
N THR F 130 -2.95 -69.78 5.88
CA THR F 130 -2.84 -69.33 7.26
C THR F 130 -4.20 -68.75 7.69
N ILE F 131 -4.69 -69.31 8.77
CA ILE F 131 -6.01 -68.94 9.34
C ILE F 131 -5.71 -68.48 10.72
N THR F 132 -6.39 -67.40 11.12
CA THR F 132 -6.33 -66.60 12.32
C THR F 132 -7.71 -66.58 12.93
N ALA F 133 -7.74 -66.45 14.24
CA ALA F 133 -8.88 -66.54 15.08
C ALA F 133 -8.64 -65.52 16.19
N THR F 134 -9.74 -64.89 16.72
CA THR F 134 -9.55 -63.81 17.69
C THR F 134 -10.67 -63.98 18.74
N VAL F 135 -10.50 -63.37 19.97
CA VAL F 135 -11.29 -63.62 21.12
C VAL F 135 -11.38 -62.18 21.66
N VAL F 136 -12.55 -61.80 22.19
CA VAL F 136 -12.70 -60.55 22.82
C VAL F 136 -13.84 -60.91 23.71
N ASN F 137 -14.28 -60.00 24.59
CA ASN F 137 -15.35 -60.15 25.62
C ASN F 137 -16.02 -58.87 25.81
N GLN F 138 -16.64 -58.75 26.98
CA GLN F 138 -17.31 -57.62 27.38
C GLN F 138 -16.47 -56.59 28.15
N GLU F 139 -15.14 -56.81 28.26
CA GLU F 139 -14.22 -55.86 28.85
C GLU F 139 -13.47 -55.20 27.73
N GLY F 140 -13.63 -55.63 26.48
CA GLY F 140 -13.10 -54.94 25.29
C GLY F 140 -11.60 -55.17 25.29
N SER F 141 -11.00 -56.24 26.02
CA SER F 141 -9.58 -56.42 26.10
C SER F 141 -9.30 -57.76 25.51
N PRO F 142 -8.36 -57.97 24.59
CA PRO F 142 -8.04 -59.26 24.01
C PRO F 142 -7.45 -60.23 24.91
N LEU F 143 -8.10 -61.40 25.01
CA LEU F 143 -7.82 -62.45 25.98
C LEU F 143 -6.52 -63.24 25.61
N ALA F 144 -5.68 -63.61 26.64
CA ALA F 144 -4.52 -64.42 26.38
C ALA F 144 -4.74 -65.71 27.14
N GLY F 145 -4.36 -66.84 26.59
CA GLY F 145 -4.28 -68.13 27.25
C GLY F 145 -5.37 -69.00 26.71
N ALA F 146 -6.33 -68.40 25.92
CA ALA F 146 -7.44 -69.17 25.38
C ALA F 146 -6.91 -70.16 24.39
N THR F 147 -7.37 -71.44 24.43
CA THR F 147 -7.01 -72.44 23.50
C THR F 147 -8.10 -72.28 22.43
N VAL F 148 -7.66 -72.23 21.12
CA VAL F 148 -8.62 -72.37 20.04
C VAL F 148 -8.13 -73.45 19.15
N GLN F 149 -9.01 -74.42 18.69
CA GLN F 149 -8.61 -75.68 18.00
C GLN F 149 -9.25 -75.55 16.64
N LEU F 150 -8.42 -75.72 15.61
CA LEU F 150 -8.84 -75.78 14.21
C LEU F 150 -8.85 -77.19 13.80
N TYR F 151 -10.08 -77.54 13.42
CA TYR F 151 -10.32 -78.81 12.84
C TYR F 151 -10.50 -78.47 11.35
N ASN F 152 -9.80 -79.21 10.44
CA ASN F 152 -10.04 -79.27 9.01
C ASN F 152 -11.25 -80.10 8.62
N THR F 153 -12.45 -79.49 8.56
CA THR F 153 -13.74 -80.19 8.48
C THR F 153 -14.25 -80.31 7.07
N THR F 154 -13.33 -80.22 6.12
CA THR F 154 -13.57 -80.38 4.76
C THR F 154 -13.02 -81.72 4.37
N SER F 155 -12.72 -82.59 5.27
CA SER F 155 -12.11 -83.80 4.97
C SER F 155 -13.19 -84.87 5.20
N GLY F 156 -14.32 -84.49 5.92
CA GLY F 156 -15.47 -85.37 6.21
C GLY F 156 -15.37 -85.97 7.58
N SER F 157 -14.54 -85.40 8.51
CA SER F 157 -14.35 -85.72 9.91
C SER F 157 -13.45 -84.63 10.39
N ASN F 158 -13.31 -84.64 11.77
CA ASN F 158 -12.78 -83.57 12.51
C ASN F 158 -11.31 -83.73 12.62
N THR F 159 -10.60 -83.85 11.47
CA THR F 159 -9.16 -83.99 11.34
C THR F 159 -8.44 -82.71 11.75
N LEU F 160 -7.90 -82.73 13.00
CA LEU F 160 -7.18 -81.73 13.63
C LEU F 160 -5.83 -81.41 12.94
N VAL F 161 -5.79 -80.16 12.43
CA VAL F 161 -4.60 -79.64 11.84
C VAL F 161 -3.88 -78.86 12.85
N ALA F 162 -4.58 -78.09 13.74
CA ALA F 162 -3.83 -77.32 14.70
C ALA F 162 -4.59 -76.92 15.94
N THR F 163 -3.87 -76.69 17.02
CA THR F 163 -4.44 -76.22 18.21
C THR F 163 -3.43 -75.18 18.66
N GLN F 164 -3.93 -73.95 18.66
CA GLN F 164 -2.93 -72.88 19.05
C GLN F 164 -3.51 -72.28 20.22
N THR F 165 -2.80 -71.31 20.82
CA THR F 165 -3.26 -70.58 21.99
C THR F 165 -3.13 -69.16 21.63
N THR F 166 -3.91 -68.24 22.32
CA THR F 166 -4.00 -66.87 22.12
C THR F 166 -2.93 -66.11 22.87
N ASN F 167 -2.87 -64.78 22.71
CA ASN F 167 -1.94 -63.85 23.27
C ASN F 167 -2.76 -62.67 23.57
N SER F 168 -2.13 -61.54 24.12
CA SER F 168 -2.87 -60.33 24.49
C SER F 168 -2.97 -59.38 23.32
N GLN F 169 -3.47 -59.88 22.21
CA GLN F 169 -3.73 -59.23 21.03
C GLN F 169 -4.79 -60.04 20.31
N GLY F 170 -4.99 -61.28 20.68
CA GLY F 170 -5.98 -62.21 20.20
C GLY F 170 -5.64 -62.71 18.81
N VAL F 171 -4.43 -63.28 18.73
CA VAL F 171 -3.99 -63.93 17.49
C VAL F 171 -3.63 -65.34 17.88
N ALA F 172 -4.25 -66.28 17.17
CA ALA F 172 -3.92 -67.74 17.24
C ALA F 172 -3.72 -68.06 15.73
N THR F 173 -2.73 -68.89 15.37
CA THR F 173 -2.30 -69.09 13.98
C THR F 173 -2.44 -70.57 13.84
N PHE F 174 -2.85 -70.96 12.64
CA PHE F 174 -2.98 -72.36 12.21
C PHE F 174 -2.27 -72.24 10.85
N THR F 175 -1.43 -73.19 10.42
CA THR F 175 -0.92 -73.22 9.09
C THR F 175 -1.55 -74.52 8.46
N VAL F 176 -2.11 -74.44 7.26
CA VAL F 176 -2.97 -75.49 6.72
C VAL F 176 -2.53 -75.64 5.30
N LEU F 177 -2.61 -76.89 4.72
CA LEU F 177 -2.32 -77.36 3.37
C LEU F 177 -3.36 -76.77 2.50
N SER F 178 -2.89 -76.35 1.27
CA SER F 178 -3.60 -75.59 0.25
C SER F 178 -4.34 -76.53 -0.67
N PHE F 179 -5.50 -76.00 -1.12
CA PHE F 179 -6.47 -76.72 -2.03
C PHE F 179 -7.02 -75.68 -2.95
N PRO F 180 -6.26 -75.12 -3.90
CA PRO F 180 -6.71 -73.96 -4.71
C PRO F 180 -7.95 -74.06 -5.57
N GLY F 181 -9.00 -73.24 -5.30
CA GLY F 181 -10.23 -73.06 -5.98
C GLY F 181 -11.20 -74.12 -5.56
N VAL F 182 -11.11 -74.60 -4.29
CA VAL F 182 -11.88 -75.64 -3.71
C VAL F 182 -12.00 -74.94 -2.33
N THR F 183 -13.24 -74.58 -1.89
CA THR F 183 -13.58 -73.94 -0.63
C THR F 183 -13.25 -75.01 0.50
N GLN F 184 -12.55 -74.51 1.58
CA GLN F 184 -12.03 -75.27 2.69
C GLN F 184 -12.77 -74.65 3.87
N THR F 185 -13.70 -75.49 4.41
CA THR F 185 -14.53 -75.30 5.59
C THR F 185 -13.70 -75.68 6.73
N PHE F 186 -13.89 -75.07 7.94
CA PHE F 186 -13.10 -75.26 9.04
C PHE F 186 -14.09 -75.12 10.18
N LYS F 187 -13.76 -75.67 11.35
CA LYS F 187 -14.55 -75.38 12.49
C LYS F 187 -13.58 -74.93 13.62
N LEU F 188 -13.89 -73.80 14.22
CA LEU F 188 -13.15 -73.27 15.28
C LEU F 188 -13.85 -73.40 16.57
N VAL F 189 -13.26 -74.26 17.48
CA VAL F 189 -13.84 -74.57 18.77
C VAL F 189 -12.92 -74.05 19.83
N ALA F 190 -13.44 -73.03 20.58
CA ALA F 190 -12.60 -72.20 21.44
C ALA F 190 -13.13 -72.58 22.85
N SER F 191 -12.12 -72.55 23.77
CA SER F 191 -12.34 -72.86 25.17
C SER F 191 -11.36 -71.99 26.01
N LEU F 192 -11.91 -71.34 27.15
CA LEU F 192 -11.10 -70.54 27.99
C LEU F 192 -11.59 -70.72 29.39
N GLN F 193 -10.67 -71.00 30.40
CA GLN F 193 -10.93 -71.14 31.79
C GLN F 193 -11.46 -69.86 32.40
N GLY F 194 -12.45 -70.03 33.34
CA GLY F 194 -13.22 -68.87 33.84
C GLY F 194 -14.32 -68.40 32.94
N TYR F 195 -14.39 -68.91 31.66
CA TYR F 195 -15.25 -68.41 30.61
C TYR F 195 -15.82 -69.60 29.97
N ALA F 196 -16.92 -69.32 29.19
CA ALA F 196 -17.70 -70.39 28.60
C ALA F 196 -17.18 -70.81 27.26
N ALA F 197 -17.17 -72.17 26.87
CA ALA F 197 -16.64 -72.58 25.55
C ALA F 197 -17.64 -72.13 24.49
N SER F 198 -17.14 -72.15 23.22
CA SER F 198 -17.90 -71.67 22.04
C SER F 198 -17.45 -72.42 20.78
N THR F 199 -18.34 -72.51 19.75
CA THR F 199 -18.13 -73.22 18.50
C THR F 199 -18.48 -72.25 17.38
N ALA F 200 -17.87 -72.39 16.28
CA ALA F 200 -18.28 -71.70 15.11
C ALA F 200 -17.76 -72.52 13.93
N SER F 201 -18.58 -72.63 12.84
CA SER F 201 -18.30 -73.34 11.65
C SER F 201 -18.27 -72.27 10.54
N VAL F 202 -17.18 -72.17 9.77
CA VAL F 202 -16.98 -71.14 8.76
C VAL F 202 -16.62 -71.75 7.42
N SER F 203 -17.44 -71.51 6.38
CA SER F 203 -17.30 -71.99 5.05
C SER F 203 -16.64 -70.86 4.31
N ILE F 204 -15.30 -70.85 4.30
CA ILE F 204 -14.61 -69.79 3.57
C ILE F 204 -14.06 -70.30 2.30
N THR F 205 -14.35 -69.53 1.20
CA THR F 205 -14.06 -69.94 -0.15
C THR F 205 -12.59 -69.73 -0.56
N GLY F 206 -12.05 -70.54 -1.44
CA GLY F 206 -10.66 -70.33 -1.87
C GLY F 206 -9.72 -70.56 -0.71
N GLN F 207 -8.44 -70.19 -0.87
CA GLN F 207 -7.51 -70.26 0.27
C GLN F 207 -6.98 -68.83 0.36
N GLN F 208 -7.06 -68.22 1.58
CA GLN F 208 -6.72 -66.83 1.89
C GLN F 208 -6.63 -66.68 3.40
N ASN F 209 -6.34 -65.46 3.79
CA ASN F 209 -6.23 -64.89 5.17
C ASN F 209 -7.68 -64.79 5.70
N ALA F 210 -7.94 -64.96 6.99
CA ALA F 210 -9.23 -65.01 7.63
C ALA F 210 -9.10 -64.74 9.08
N SER F 211 -10.25 -64.33 9.69
CA SER F 211 -10.44 -64.12 11.14
C SER F 211 -11.87 -64.51 11.35
N VAL F 212 -12.12 -65.26 12.52
CA VAL F 212 -13.43 -65.67 13.02
C VAL F 212 -13.24 -65.15 14.43
N THR F 213 -14.20 -64.33 14.82
CA THR F 213 -14.33 -63.78 16.09
C THR F 213 -15.16 -64.65 17.00
N ILE F 214 -14.79 -64.86 18.29
CA ILE F 214 -15.36 -65.74 19.20
C ILE F 214 -15.54 -64.80 20.38
N THR F 215 -16.84 -64.60 20.75
CA THR F 215 -17.29 -63.67 21.80
C THR F 215 -17.75 -64.37 22.94
N LEU F 216 -16.89 -64.39 24.00
CA LEU F 216 -17.05 -65.17 25.24
C LEU F 216 -18.03 -64.48 26.15
N VAL F 217 -18.73 -65.28 26.99
CA VAL F 217 -19.64 -64.87 28.04
C VAL F 217 -19.01 -65.56 29.13
N PRO F 218 -19.06 -65.01 30.30
CA PRO F 218 -18.72 -65.71 31.56
C PRO F 218 -19.45 -66.98 31.83
N ALA F 219 -18.80 -67.87 32.57
CA ALA F 219 -19.30 -69.19 32.81
C ALA F 219 -19.54 -69.19 34.30
N VAL F 220 -20.71 -69.73 34.69
CA VAL F 220 -21.23 -69.80 35.97
C VAL F 220 -21.41 -71.33 36.19
N VAL F 221 -20.81 -71.89 37.35
CA VAL F 221 -20.92 -73.28 37.73
C VAL F 221 -22.40 -73.58 38.04
N THR F 222 -22.85 -74.80 37.72
CA THR F 222 -24.20 -75.22 37.95
C THR F 222 -24.12 -76.62 38.46
N ILE F 223 -24.92 -76.82 39.51
CA ILE F 223 -25.22 -78.16 39.90
C ILE F 223 -26.71 -78.25 39.78
N ALA F 224 -27.17 -79.14 38.84
CA ALA F 224 -28.55 -79.30 38.58
C ALA F 224 -28.92 -80.73 38.83
N PRO F 225 -30.04 -81.10 39.46
CA PRO F 225 -30.44 -82.44 39.76
C PRO F 225 -30.89 -83.02 38.43
N MET F 226 -30.08 -83.83 37.75
CA MET F 226 -30.41 -84.35 36.44
C MET F 226 -31.38 -85.55 36.59
N TYR F 227 -31.21 -86.44 37.59
CA TYR F 227 -32.19 -87.57 37.71
C TYR F 227 -32.35 -87.83 39.11
N VAL F 228 -33.63 -88.11 39.60
CA VAL F 228 -33.92 -88.46 40.96
C VAL F 228 -34.39 -89.91 40.88
N ILE F 229 -33.46 -90.80 41.24
CA ILE F 229 -33.67 -92.27 41.16
C ILE F 229 -34.03 -92.85 42.46
N GLN F 230 -35.28 -93.43 42.56
CA GLN F 230 -35.94 -93.85 43.76
C GLN F 230 -36.74 -95.07 43.43
N ASN F 231 -36.38 -96.25 44.06
CA ASN F 231 -37.00 -97.59 43.87
C ASN F 231 -36.44 -98.18 42.66
N GLY F 232 -35.15 -97.70 42.28
CA GLY F 232 -34.49 -98.17 41.07
C GLY F 232 -35.08 -97.61 39.78
N THR F 233 -35.72 -96.45 39.90
CA THR F 233 -36.68 -95.86 38.90
C THR F 233 -36.53 -94.38 38.93
N VAL F 234 -36.48 -93.84 37.70
CA VAL F 234 -36.44 -92.38 37.50
C VAL F 234 -37.75 -91.78 37.88
N ILE F 235 -37.92 -91.28 39.18
CA ILE F 235 -39.07 -90.52 39.57
C ILE F 235 -38.93 -89.07 39.25
N GLY F 236 -37.77 -88.57 38.98
CA GLY F 236 -37.57 -87.18 38.71
C GLY F 236 -36.76 -87.14 37.47
N SER F 237 -37.25 -86.53 36.37
CA SER F 237 -36.50 -86.43 35.16
C SER F 237 -36.11 -84.98 34.97
N GLY F 238 -34.81 -84.86 34.51
CA GLY F 238 -34.21 -83.64 34.19
C GLY F 238 -34.21 -82.48 35.22
N PRO F 239 -33.69 -81.33 34.95
CA PRO F 239 -33.69 -80.20 35.90
C PRO F 239 -34.87 -79.32 35.64
N SER F 240 -35.99 -79.93 35.54
CA SER F 240 -37.22 -79.26 35.23
C SER F 240 -38.00 -79.34 36.44
N LEU F 241 -37.47 -79.75 37.60
CA LEU F 241 -38.05 -79.86 38.88
C LEU F 241 -37.31 -78.92 39.84
N SER F 242 -37.98 -78.43 40.91
CA SER F 242 -37.36 -77.73 41.95
C SER F 242 -38.17 -78.09 43.16
N SER F 243 -39.14 -78.97 42.95
CA SER F 243 -39.90 -79.71 43.96
C SER F 243 -40.28 -81.06 43.19
N ILE F 244 -40.00 -82.17 43.82
CA ILE F 244 -40.23 -83.52 43.36
C ILE F 244 -41.07 -84.17 44.46
N VAL F 245 -42.04 -85.03 44.06
CA VAL F 245 -42.83 -85.85 44.84
C VAL F 245 -41.95 -87.10 45.14
N VAL F 246 -41.43 -87.19 46.37
CA VAL F 246 -40.75 -88.40 46.77
C VAL F 246 -41.62 -89.07 47.79
N TYR F 247 -41.57 -90.42 47.69
CA TYR F 247 -42.39 -91.29 48.57
C TYR F 247 -41.44 -91.79 49.54
N GLN F 248 -41.71 -91.40 50.77
CA GLN F 248 -40.92 -91.67 51.98
C GLN F 248 -40.42 -93.07 52.27
N GLY F 249 -39.25 -93.29 52.96
CA GLY F 249 -38.76 -94.60 53.34
C GLY F 249 -38.03 -95.22 52.23
N LEU F 250 -37.83 -94.54 51.05
CA LEU F 250 -37.05 -95.06 49.97
C LEU F 250 -36.05 -94.03 49.66
N PRO F 251 -34.82 -94.40 49.31
CA PRO F 251 -33.73 -93.45 49.10
C PRO F 251 -33.80 -92.84 47.77
N ALA F 252 -34.14 -91.50 47.71
CA ALA F 252 -34.04 -90.75 46.48
C ALA F 252 -32.59 -90.44 46.21
N TYR F 253 -31.94 -91.25 45.36
CA TYR F 253 -30.59 -90.99 44.82
C TYR F 253 -30.64 -89.87 43.83
N ILE F 254 -30.45 -88.62 44.28
CA ILE F 254 -30.38 -87.49 43.37
C ILE F 254 -29.03 -87.42 42.73
N LEU F 255 -28.95 -88.01 41.53
CA LEU F 255 -27.81 -87.84 40.67
C LEU F 255 -27.72 -86.42 40.14
N ALA F 256 -26.87 -85.48 40.64
CA ALA F 256 -26.90 -84.10 40.23
C ALA F 256 -25.59 -83.90 39.64
N GLN F 257 -25.49 -83.68 38.28
CA GLN F 257 -24.24 -83.54 37.61
C GLN F 257 -23.58 -82.17 38.19
N VAL F 258 -22.30 -82.00 38.02
CA VAL F 258 -21.77 -80.62 38.23
C VAL F 258 -20.95 -80.36 37.00
N SER F 259 -21.29 -79.20 36.36
CA SER F 259 -20.69 -78.82 35.12
C SER F 259 -20.38 -77.35 35.26
N PHE F 260 -19.19 -77.00 34.68
CA PHE F 260 -18.71 -75.63 34.49
C PHE F 260 -18.67 -75.60 32.99
N ALA F 261 -19.48 -74.70 32.32
CA ALA F 261 -19.52 -74.48 30.90
C ALA F 261 -20.05 -75.65 30.15
N GLY F 262 -21.05 -76.33 30.85
CA GLY F 262 -21.69 -77.50 30.38
C GLY F 262 -20.80 -78.74 30.42
N GLN F 263 -19.45 -78.68 30.84
CA GLN F 263 -18.57 -79.87 30.78
C GLN F 263 -18.41 -80.31 32.22
N ARG F 264 -18.85 -81.58 32.48
CA ARG F 264 -18.83 -82.12 33.80
C ARG F 264 -17.44 -82.08 34.51
N VAL F 265 -17.43 -81.58 35.76
CA VAL F 265 -16.21 -81.37 36.53
C VAL F 265 -16.21 -82.32 37.72
N THR F 266 -15.02 -82.89 38.03
CA THR F 266 -14.65 -83.88 39.00
C THR F 266 -14.00 -83.36 40.31
N THR F 267 -13.85 -82.02 40.35
CA THR F 267 -13.26 -81.27 41.42
C THR F 267 -14.27 -80.23 41.58
N ALA F 268 -15.07 -80.43 42.66
CA ALA F 268 -16.07 -79.50 43.21
C ALA F 268 -16.71 -80.25 44.32
N PRO F 269 -16.28 -80.00 45.61
CA PRO F 269 -16.83 -80.88 46.65
C PRO F 269 -18.21 -80.39 47.03
N VAL F 270 -19.19 -81.31 46.96
CA VAL F 270 -20.53 -80.94 47.02
C VAL F 270 -20.88 -81.14 48.44
N SER F 271 -21.17 -79.99 49.11
CA SER F 271 -21.93 -80.13 50.35
C SER F 271 -23.46 -80.09 50.06
N ALA F 272 -24.27 -80.84 50.90
CA ALA F 272 -25.68 -80.96 50.65
C ALA F 272 -26.34 -80.81 51.94
N GLN F 273 -27.21 -79.76 52.11
CA GLN F 273 -27.67 -79.37 53.41
C GLN F 273 -29.04 -79.91 53.27
N VAL F 274 -29.38 -80.93 54.09
CA VAL F 274 -30.63 -81.66 53.89
C VAL F 274 -31.48 -81.30 55.16
N TYR F 275 -32.47 -80.41 54.97
CA TYR F 275 -33.14 -79.66 56.06
C TYR F 275 -34.40 -80.40 56.47
N TYR F 276 -34.21 -81.62 57.04
CA TYR F 276 -35.28 -82.34 57.68
C TYR F 276 -35.94 -81.56 58.76
N PRO F 277 -37.15 -81.74 59.26
CA PRO F 277 -37.74 -80.92 60.31
C PRO F 277 -37.15 -81.38 61.64
N ASN F 278 -36.26 -82.44 61.62
CA ASN F 278 -35.52 -82.96 62.84
C ASN F 278 -34.12 -83.25 62.39
N GLY F 279 -33.14 -82.40 62.85
CA GLY F 279 -31.78 -82.49 62.44
C GLY F 279 -31.65 -82.09 60.96
N THR F 280 -30.37 -81.79 60.61
CA THR F 280 -29.92 -81.32 59.36
C THR F 280 -28.84 -82.25 59.00
N GLN F 281 -28.92 -83.11 57.86
CA GLN F 281 -28.00 -84.15 57.43
C GLN F 281 -27.05 -83.52 56.40
N THR F 282 -25.75 -83.52 56.67
CA THR F 282 -24.73 -83.02 55.72
C THR F 282 -24.19 -84.29 55.05
N VAL F 283 -24.74 -84.70 53.91
CA VAL F 283 -24.23 -85.87 53.21
C VAL F 283 -23.25 -85.25 52.15
N LYS F 284 -21.95 -85.67 52.23
CA LYS F 284 -21.00 -85.45 51.17
C LYS F 284 -21.28 -86.42 49.98
N ALA F 285 -21.94 -85.98 48.90
CA ALA F 285 -22.32 -86.77 47.77
C ALA F 285 -21.09 -87.35 47.15
N SER F 286 -21.12 -88.71 47.05
CA SER F 286 -20.19 -89.55 46.40
C SER F 286 -20.26 -89.33 44.89
N VAL F 287 -19.06 -88.90 44.36
CA VAL F 287 -18.86 -88.91 42.98
C VAL F 287 -19.07 -90.24 42.30
N ILE F 288 -19.94 -90.21 41.30
CA ILE F 288 -20.41 -91.35 40.60
C ILE F 288 -19.27 -91.82 39.80
N THR F 289 -18.64 -92.94 40.18
CA THR F 289 -17.47 -93.47 39.56
C THR F 289 -17.75 -94.64 38.65
N SER F 290 -19.10 -95.16 38.63
CA SER F 290 -19.44 -96.22 37.72
C SER F 290 -20.85 -95.83 37.24
N GLY F 291 -21.25 -96.42 36.11
CA GLY F 291 -22.57 -96.20 35.48
C GLY F 291 -22.31 -95.29 34.31
N LYS F 292 -23.42 -94.87 33.63
CA LYS F 292 -23.38 -94.05 32.52
C LYS F 292 -23.81 -92.70 32.97
N TYR F 293 -23.86 -92.54 34.34
CA TYR F 293 -24.21 -91.35 35.10
C TYR F 293 -22.92 -90.88 35.71
N ALA F 294 -21.76 -91.32 35.15
CA ALA F 294 -20.48 -91.03 35.84
C ALA F 294 -19.97 -89.69 35.40
N GLY F 295 -19.45 -89.05 36.45
CA GLY F 295 -19.04 -87.67 36.48
C GLY F 295 -19.83 -86.91 37.51
N MET F 296 -21.13 -87.34 37.67
CA MET F 296 -22.09 -86.67 38.56
C MET F 296 -21.85 -86.96 40.02
N TYR F 297 -22.57 -86.28 40.89
CA TYR F 297 -22.47 -86.50 42.29
C TYR F 297 -23.85 -87.04 42.78
N ASN F 298 -23.80 -88.23 43.35
CA ASN F 298 -24.92 -88.93 43.90
C ASN F 298 -25.12 -88.50 45.25
N ILE F 299 -26.24 -87.69 45.43
CA ILE F 299 -26.69 -87.20 46.67
C ILE F 299 -27.73 -88.05 47.30
N THR F 300 -27.34 -88.97 48.18
CA THR F 300 -28.15 -89.98 48.86
C THR F 300 -28.90 -89.49 50.08
N ILE F 301 -30.09 -88.83 49.80
CA ILE F 301 -31.05 -88.51 50.85
C ILE F 301 -31.81 -89.80 51.15
N MET F 302 -32.17 -89.97 52.44
CA MET F 302 -32.97 -91.13 52.86
C MET F 302 -33.98 -90.47 53.82
N PRO F 303 -35.21 -90.32 53.39
CA PRO F 303 -36.22 -89.70 54.19
C PRO F 303 -36.83 -90.64 55.21
N PRO F 304 -36.95 -90.32 56.54
CA PRO F 304 -37.67 -91.15 57.52
C PRO F 304 -39.15 -91.22 57.12
N THR F 305 -39.87 -92.24 57.57
CA THR F 305 -41.28 -92.41 57.34
C THR F 305 -42.06 -91.83 58.43
N GLU F 306 -42.66 -90.61 58.14
CA GLU F 306 -43.32 -89.76 59.04
C GLU F 306 -44.63 -89.54 58.39
N SER F 307 -45.45 -90.58 58.24
CA SER F 307 -46.67 -90.48 57.42
C SER F 307 -47.81 -90.17 58.25
N VAL F 308 -48.36 -88.94 57.84
CA VAL F 308 -49.72 -88.66 58.28
C VAL F 308 -50.11 -87.55 57.32
N GLN F 309 -49.14 -87.02 56.46
CA GLN F 309 -49.30 -85.81 55.69
C GLN F 309 -47.95 -85.59 54.98
N ASN F 310 -47.85 -84.44 54.14
CA ASN F 310 -46.65 -84.12 53.50
C ASN F 310 -45.75 -83.47 54.52
N TYR F 311 -44.37 -83.53 54.35
CA TYR F 311 -43.46 -82.72 55.18
C TYR F 311 -42.39 -82.06 54.35
N VAL F 312 -42.13 -80.76 54.60
CA VAL F 312 -40.97 -80.02 54.10
C VAL F 312 -39.65 -80.56 54.51
N PHE F 313 -38.75 -80.59 53.53
CA PHE F 313 -37.37 -80.51 53.79
C PHE F 313 -36.79 -79.97 52.50
N GLN F 314 -35.62 -79.29 52.57
CA GLN F 314 -35.02 -78.56 51.44
C GLN F 314 -33.65 -79.07 51.32
N LEU F 315 -33.37 -79.62 50.14
CA LEU F 315 -32.09 -80.00 49.71
C LEU F 315 -31.57 -78.80 49.01
N LEU F 316 -30.74 -78.01 49.67
CA LEU F 316 -29.82 -77.01 49.11
C LEU F 316 -28.49 -77.67 48.71
N ILE F 317 -28.38 -77.97 47.44
CA ILE F 317 -27.24 -78.57 46.81
C ILE F 317 -26.19 -77.52 46.67
N VAL F 318 -25.00 -77.64 47.31
CA VAL F 318 -23.97 -76.60 47.13
C VAL F 318 -22.76 -77.23 46.52
N ALA F 319 -22.47 -76.94 45.20
CA ALA F 319 -21.31 -77.27 44.49
C ALA F 319 -20.41 -76.00 44.57
N ASN F 320 -19.25 -76.18 45.21
CA ASN F 320 -18.19 -75.23 45.36
C ASN F 320 -17.12 -75.46 44.37
N TYR F 321 -17.12 -74.87 43.18
CA TYR F 321 -16.14 -75.19 42.17
C TYR F 321 -14.99 -74.22 42.30
N THR F 322 -13.81 -74.81 42.19
CA THR F 322 -12.67 -74.02 42.18
C THR F 322 -12.32 -73.75 40.73
N THR F 323 -12.50 -72.51 40.28
CA THR F 323 -12.15 -72.11 38.90
C THR F 323 -10.67 -71.86 38.90
N SER F 324 -9.99 -71.96 37.77
CA SER F 324 -8.52 -71.73 37.73
C SER F 324 -8.17 -70.36 37.24
N SER F 325 -9.24 -69.51 37.13
CA SER F 325 -9.15 -68.15 36.73
C SER F 325 -9.04 -67.36 38.06
N GLY F 326 -9.21 -68.04 39.30
CA GLY F 326 -9.14 -67.43 40.65
C GLY F 326 -10.50 -66.98 41.19
N GLN F 327 -11.61 -67.25 40.50
CA GLN F 327 -12.93 -66.81 40.92
C GLN F 327 -13.65 -67.99 41.35
N THR F 328 -13.45 -68.35 42.68
CA THR F 328 -14.09 -69.55 43.25
C THR F 328 -15.56 -69.31 43.34
N LEU F 329 -16.40 -70.21 42.79
CA LEU F 329 -17.80 -70.00 42.67
C LEU F 329 -18.53 -71.04 43.48
N SER F 330 -19.36 -70.57 44.38
CA SER F 330 -20.18 -71.45 45.14
C SER F 330 -21.59 -71.27 44.55
N THR F 331 -22.19 -72.33 43.90
CA THR F 331 -23.46 -72.38 43.38
C THR F 331 -24.31 -73.25 44.21
N LYS F 332 -25.52 -72.68 44.55
CA LYS F 332 -26.40 -73.27 45.51
C LYS F 332 -27.73 -73.33 44.87
N TYR F 333 -28.16 -74.62 44.64
CA TYR F 333 -29.39 -74.99 44.01
C TYR F 333 -30.44 -75.43 45.04
N LEU F 334 -31.58 -74.82 45.09
CA LEU F 334 -32.61 -75.17 46.01
C LEU F 334 -33.59 -76.05 45.28
N MET F 335 -33.71 -77.31 45.75
CA MET F 335 -34.77 -78.20 45.37
C MET F 335 -35.48 -78.39 46.76
N SER F 336 -36.81 -78.21 46.78
CA SER F 336 -37.75 -78.37 47.88
C SER F 336 -38.20 -79.83 47.82
N VAL F 337 -37.56 -80.88 48.33
CA VAL F 337 -37.88 -82.27 48.15
C VAL F 337 -39.14 -82.60 48.93
N GLN F 338 -40.27 -82.64 48.29
CA GLN F 338 -41.52 -82.82 48.96
C GLN F 338 -41.71 -84.27 49.22
N ALA F 339 -41.45 -84.59 50.51
CA ALA F 339 -41.74 -85.86 51.13
C ALA F 339 -43.25 -85.84 51.23
N ASN F 340 -43.82 -86.48 50.21
CA ASN F 340 -45.20 -86.84 50.21
C ASN F 340 -45.24 -88.01 51.16
N GLN F 341 -46.47 -88.36 51.67
CA GLN F 341 -46.79 -89.56 52.39
C GLN F 341 -46.26 -90.79 51.68
N ASN F 342 -45.66 -91.72 52.40
CA ASN F 342 -45.66 -93.09 51.94
C ASN F 342 -46.51 -93.93 53.02
N LEU F 343 -47.82 -93.67 52.85
CA LEU F 343 -48.99 -94.09 53.66
C LEU F 343 -49.21 -95.62 53.52
N GLN F 344 -48.61 -96.21 52.47
CA GLN F 344 -48.78 -97.64 52.02
C GLN F 344 -48.45 -98.54 53.14
N ALA F 345 -47.29 -98.33 53.83
CA ALA F 345 -46.83 -99.18 54.98
C ALA F 345 -47.77 -99.11 56.15
N LEU F 346 -48.22 -97.88 56.54
CA LEU F 346 -49.18 -97.48 57.66
C LEU F 346 -50.54 -98.12 57.44
N VAL F 347 -51.06 -98.04 56.25
CA VAL F 347 -52.21 -98.74 55.73
C VAL F 347 -52.05 -100.27 55.94
N ASN F 348 -50.99 -100.96 55.43
CA ASN F 348 -50.90 -102.39 55.52
C ASN F 348 -50.81 -102.90 56.91
N LYS F 349 -50.11 -102.16 57.82
CA LYS F 349 -49.96 -102.46 59.19
C LYS F 349 -51.20 -102.29 59.96
N GLU F 350 -51.96 -101.16 59.82
CA GLU F 350 -53.29 -100.87 60.43
C GLU F 350 -54.33 -101.94 60.03
N ILE F 351 -54.35 -102.22 58.75
CA ILE F 351 -55.20 -103.23 58.13
C ILE F 351 -54.98 -104.64 58.53
N SER F 352 -53.67 -105.07 58.72
CA SER F 352 -53.32 -106.32 59.30
C SER F 352 -53.78 -106.40 60.70
N SER F 353 -53.63 -105.32 61.55
CA SER F 353 -54.24 -105.34 62.89
C SER F 353 -55.78 -105.47 62.90
N LEU F 354 -56.45 -104.90 61.90
CA LEU F 354 -57.86 -105.12 61.73
C LEU F 354 -58.22 -106.54 61.32
N VAL F 355 -57.45 -107.18 60.44
CA VAL F 355 -57.66 -108.58 60.00
C VAL F 355 -57.54 -109.46 61.21
N GLN F 356 -56.57 -109.24 62.08
CA GLN F 356 -56.35 -110.02 63.29
C GLN F 356 -57.52 -109.84 64.27
N ASN F 357 -58.03 -108.58 64.48
CA ASN F 357 -59.29 -108.37 65.25
C ASN F 357 -60.45 -109.13 64.59
N ILE F 358 -60.66 -109.10 63.25
CA ILE F 358 -61.70 -109.88 62.56
C ILE F 358 -61.59 -111.37 62.67
N THR F 359 -60.37 -111.98 62.55
CA THR F 359 -60.26 -113.42 62.72
C THR F 359 -60.55 -113.86 64.14
N ASN F 360 -60.17 -113.12 65.15
CA ASN F 360 -60.49 -113.42 66.54
C ASN F 360 -61.99 -113.41 66.82
N LEU F 361 -62.65 -112.36 66.25
CA LEU F 361 -64.12 -112.24 66.30
C LEU F 361 -64.84 -113.45 65.59
N GLU F 362 -64.34 -113.82 64.43
CA GLU F 362 -64.83 -115.07 63.74
C GLU F 362 -64.78 -116.28 64.69
N LYS F 363 -63.64 -116.49 65.36
CA LYS F 363 -63.34 -117.60 66.25
C LYS F 363 -64.24 -117.65 67.45
N THR F 364 -64.48 -116.46 68.10
CA THR F 364 -65.36 -116.24 69.20
C THR F 364 -66.75 -116.55 68.84
N VAL F 365 -67.23 -116.13 67.68
CA VAL F 365 -68.59 -116.33 67.09
C VAL F 365 -68.78 -117.80 66.77
N ASN F 366 -67.72 -118.58 66.41
CA ASN F 366 -67.75 -120.07 66.23
C ASN F 366 -67.96 -120.76 67.57
N ASN F 367 -67.20 -120.31 68.67
CA ASN F 367 -67.34 -120.88 69.99
C ASN F 367 -68.78 -120.69 70.45
N LEU F 368 -69.32 -119.46 70.20
CA LEU F 368 -70.66 -119.10 70.53
C LEU F 368 -71.65 -119.97 69.79
N GLN F 369 -71.49 -120.32 68.49
CA GLN F 369 -72.30 -121.19 67.71
C GLN F 369 -72.37 -122.59 68.38
N THR F 370 -71.16 -123.12 68.79
CA THR F 370 -70.94 -124.43 69.42
C THR F 370 -71.72 -124.44 70.67
N GLN F 371 -71.67 -123.36 71.44
CA GLN F 371 -72.49 -123.24 72.65
C GLN F 371 -73.99 -123.23 72.40
N ILE F 372 -74.52 -122.66 71.26
CA ILE F 372 -75.95 -122.75 71.01
C ILE F 372 -76.41 -124.14 70.86
N SER F 373 -75.54 -124.94 70.17
CA SER F 373 -75.78 -126.40 69.99
C SER F 373 -75.82 -127.11 71.34
N THR F 374 -74.84 -126.74 72.24
CA THR F 374 -74.71 -127.35 73.56
C THR F 374 -76.02 -127.17 74.33
N LEU F 375 -76.59 -125.88 74.24
CA LEU F 375 -77.87 -125.51 74.90
C LEU F 375 -79.09 -126.28 74.48
N ASN F 376 -79.18 -126.54 73.14
CA ASN F 376 -80.25 -127.30 72.49
C ASN F 376 -80.25 -128.68 72.95
N SER F 377 -79.03 -129.29 73.03
CA SER F 377 -78.84 -130.63 73.51
C SER F 377 -79.26 -130.80 74.99
N SER F 378 -78.86 -129.84 75.94
CA SER F 378 -79.22 -129.81 77.30
C SER F 378 -80.73 -129.63 77.48
N LEU F 379 -81.34 -128.64 76.71
CA LEU F 379 -82.77 -128.44 76.81
C LEU F 379 -83.53 -129.66 76.41
N SER F 380 -83.17 -130.48 75.36
CA SER F 380 -83.86 -131.65 74.88
C SER F 380 -83.90 -132.74 76.03
N SER F 381 -82.76 -132.97 76.71
CA SER F 381 -82.68 -133.87 77.85
C SER F 381 -83.55 -133.45 78.99
N LEU F 382 -83.56 -132.13 79.32
CA LEU F 382 -84.30 -131.53 80.42
C LEU F 382 -85.79 -131.68 80.16
N SER F 383 -86.18 -131.35 78.94
CA SER F 383 -87.61 -131.46 78.51
C SER F 383 -88.13 -132.87 78.50
N GLN F 384 -87.31 -133.84 78.05
CA GLN F 384 -87.64 -135.24 77.89
C GLN F 384 -87.84 -135.84 79.28
N ARG F 385 -86.97 -135.40 80.26
CA ARG F 385 -87.18 -135.73 81.67
C ARG F 385 -88.43 -135.21 82.19
N ILE F 386 -88.85 -133.95 81.92
CA ILE F 386 -90.07 -133.35 82.42
C ILE F 386 -91.25 -134.19 81.89
N THR F 387 -91.14 -134.54 80.57
CA THR F 387 -92.27 -135.13 79.84
C THR F 387 -92.58 -136.57 80.26
N SER F 388 -91.55 -137.42 80.45
CA SER F 388 -91.72 -138.68 81.06
C SER F 388 -92.29 -138.54 82.43
N LEU F 389 -91.82 -137.50 83.25
CA LEU F 389 -92.34 -137.24 84.61
C LEU F 389 -93.81 -136.87 84.56
N GLN F 390 -94.27 -136.10 83.48
CA GLN F 390 -95.72 -135.77 83.34
C GLN F 390 -96.54 -136.99 83.19
N ASN F 391 -96.04 -137.86 82.31
CA ASN F 391 -96.64 -139.10 82.00
C ASN F 391 -96.81 -139.97 83.26
N THR F 392 -95.68 -140.07 84.03
CA THR F 392 -95.65 -140.89 85.25
C THR F 392 -96.55 -140.42 86.32
N LEU F 393 -96.63 -139.12 86.50
CA LEU F 393 -97.48 -138.45 87.51
C LEU F 393 -98.93 -138.74 87.29
N ALA F 394 -99.38 -138.70 85.98
CA ALA F 394 -100.74 -138.92 85.52
C ALA F 394 -101.08 -140.31 85.86
N SER F 395 -100.25 -141.36 85.63
CA SER F 395 -100.57 -142.68 86.08
C SER F 395 -100.70 -142.81 87.60
N LEU F 396 -99.86 -142.05 88.41
CA LEU F 396 -99.95 -142.07 89.84
C LEU F 396 -101.16 -141.38 90.41
N ASN F 397 -101.67 -140.35 89.74
CA ASN F 397 -102.91 -139.62 89.99
C ASN F 397 -104.10 -140.57 89.88
N SER F 398 -104.06 -141.36 88.81
CA SER F 398 -105.07 -142.41 88.61
C SER F 398 -105.12 -143.44 89.66
N THR F 399 -103.95 -143.84 90.10
CA THR F 399 -103.77 -144.81 91.15
C THR F 399 -104.28 -144.33 92.48
N ILE F 400 -104.08 -143.04 92.86
CA ILE F 400 -104.75 -142.36 93.99
C ILE F 400 -106.22 -142.29 93.96
N SER F 401 -106.93 -141.96 92.82
CA SER F 401 -108.39 -142.07 92.72
C SER F 401 -108.93 -143.54 92.97
N SER F 402 -108.27 -144.56 92.38
CA SER F 402 -108.52 -145.97 92.51
C SER F 402 -108.42 -146.46 93.96
N LEU F 403 -107.31 -146.07 94.70
CA LEU F 403 -107.09 -146.41 96.09
C LEU F 403 -108.01 -145.92 97.04
N SER F 404 -108.42 -144.62 96.80
CA SER F 404 -109.40 -144.03 97.68
C SER F 404 -110.67 -144.76 97.54
N GLY F 405 -110.92 -145.10 96.24
CA GLY F 405 -112.07 -145.92 95.92
C GLY F 405 -112.07 -147.27 96.58
N THR F 406 -110.90 -147.98 96.68
CA THR F 406 -110.81 -149.27 97.32
C THR F 406 -111.28 -149.13 98.78
N ALA F 407 -110.69 -148.10 99.50
CA ALA F 407 -110.92 -147.86 100.88
C ALA F 407 -112.42 -147.60 101.12
N SER F 408 -113.08 -146.82 100.15
CA SER F 408 -114.43 -146.33 100.21
C SER F 408 -115.34 -147.56 100.17
N SER F 409 -115.09 -148.56 99.22
CA SER F 409 -115.86 -149.83 99.19
C SER F 409 -115.74 -150.65 100.43
N LEU F 410 -114.48 -150.73 100.99
CA LEU F 410 -114.04 -151.48 102.16
C LEU F 410 -114.78 -150.86 103.38
N SER F 411 -114.97 -149.48 103.40
CA SER F 411 -115.72 -148.78 104.44
C SER F 411 -117.22 -149.13 104.52
N SER F 412 -117.88 -149.25 103.33
CA SER F 412 -119.27 -149.59 103.23
C SER F 412 -119.45 -150.94 103.77
N GLN F 413 -118.56 -151.90 103.31
CA GLN F 413 -118.55 -153.26 103.71
C GLN F 413 -118.26 -153.49 105.20
N LEU F 414 -117.38 -152.66 105.81
CA LEU F 414 -117.18 -152.67 107.21
C LEU F 414 -118.44 -152.37 108.04
N ASN F 415 -119.14 -151.19 107.66
CA ASN F 415 -120.34 -150.69 108.28
C ASN F 415 -121.51 -151.64 108.09
N ALA F 416 -121.62 -152.32 106.95
CA ALA F 416 -122.61 -153.31 106.83
C ALA F 416 -122.47 -154.45 107.71
N LEU F 417 -121.26 -154.93 107.82
CA LEU F 417 -120.82 -155.99 108.74
C LEU F 417 -121.02 -155.67 110.22
N GLN F 418 -120.75 -154.44 110.60
CA GLN F 418 -120.94 -153.81 111.95
C GLN F 418 -122.44 -153.99 112.27
N GLY F 419 -123.40 -153.61 111.33
CA GLY F 419 -124.87 -153.76 111.45
C GLY F 419 -125.28 -155.14 111.58
N LYS F 420 -124.65 -156.05 110.81
CA LYS F 420 -124.87 -157.50 111.03
C LYS F 420 -124.49 -158.10 112.43
N ILE F 421 -123.32 -157.68 112.98
CA ILE F 421 -122.95 -158.16 114.29
C ILE F 421 -123.89 -157.63 115.35
N SER F 422 -124.42 -156.39 115.18
CA SER F 422 -125.39 -155.79 116.14
C SER F 422 -126.68 -156.53 116.30
N SER F 423 -127.28 -156.97 115.11
CA SER F 423 -128.46 -157.80 114.94
C SER F 423 -128.23 -159.13 115.69
N LEU F 424 -127.01 -159.72 115.50
CA LEU F 424 -126.62 -160.95 116.14
C LEU F 424 -126.59 -160.90 117.61
N ASN F 425 -126.09 -159.75 118.13
CA ASN F 425 -125.96 -159.47 119.50
C ASN F 425 -127.29 -159.39 120.23
N SER F 426 -128.26 -158.70 119.62
CA SER F 426 -129.62 -158.66 120.10
C SER F 426 -130.15 -160.07 120.12
N SER F 427 -129.90 -160.89 119.06
CA SER F 427 -130.36 -162.25 118.91
C SER F 427 -129.87 -163.09 120.03
N ILE F 428 -128.57 -163.07 120.38
CA ILE F 428 -128.05 -163.81 121.46
C ILE F 428 -128.48 -163.39 122.76
N THR F 429 -128.71 -162.06 122.96
CA THR F 429 -129.10 -161.54 124.25
C THR F 429 -130.42 -162.04 124.66
N ASN F 430 -131.42 -161.93 123.74
CA ASN F 430 -132.78 -162.44 123.85
C ASN F 430 -132.78 -163.94 123.99
N LEU F 431 -131.88 -164.63 123.28
CA LEU F 431 -131.82 -166.09 123.33
C LEU F 431 -131.43 -166.62 124.72
N SER F 432 -130.39 -165.94 125.39
CA SER F 432 -129.79 -166.29 126.70
C SER F 432 -130.87 -166.10 127.67
N GLY F 433 -131.63 -165.00 127.37
CA GLY F 433 -132.82 -164.58 128.08
C GLY F 433 -133.89 -165.59 128.14
N GLN F 434 -134.21 -166.26 127.00
CA GLN F 434 -135.20 -167.31 126.97
C GLN F 434 -134.74 -168.56 127.73
N LEU F 435 -133.43 -168.94 127.65
CA LEU F 435 -132.88 -170.07 128.35
C LEU F 435 -133.03 -169.95 129.82
N ASN F 436 -132.69 -168.74 130.38
CA ASN F 436 -132.70 -168.27 131.76
C ASN F 436 -134.07 -168.38 132.28
N SER F 437 -134.95 -167.96 131.40
CA SER F 437 -136.36 -167.93 131.68
C SER F 437 -136.90 -169.38 131.84
N LEU F 438 -136.59 -170.38 130.94
CA LEU F 438 -137.07 -171.75 130.86
C LEU F 438 -136.44 -172.50 132.06
N GLN F 439 -135.21 -172.13 132.47
CA GLN F 439 -134.59 -172.68 133.70
C GLN F 439 -135.42 -172.18 134.92
N SER F 440 -135.90 -170.94 134.89
CA SER F 440 -136.83 -170.39 135.89
C SER F 440 -138.17 -171.13 135.90
N LYS F 441 -138.76 -171.53 134.72
CA LYS F 441 -139.95 -172.30 134.72
C LYS F 441 -139.67 -173.60 135.36
N VAL F 442 -138.51 -174.24 135.01
CA VAL F 442 -138.23 -175.57 135.53
C VAL F 442 -137.89 -175.51 137.02
N ASN F 443 -137.29 -174.38 137.52
CA ASN F 443 -136.94 -174.24 138.99
C ASN F 443 -137.99 -173.72 139.83
N SER F 444 -139.07 -173.06 139.28
CA SER F 444 -140.29 -172.84 140.03
C SER F 444 -141.10 -174.11 140.12
N LEU F 445 -141.01 -174.91 139.07
CA LEU F 445 -141.47 -176.27 138.93
C LEU F 445 -140.77 -177.28 139.84
N THR F 446 -139.47 -177.08 140.18
CA THR F 446 -138.71 -178.03 140.94
C THR F 446 -139.34 -178.44 142.26
N PRO F 447 -139.64 -177.59 143.27
CA PRO F 447 -140.40 -177.95 144.46
C PRO F 447 -141.87 -178.38 144.14
N LEU F 448 -142.48 -177.79 143.06
CA LEU F 448 -143.83 -178.19 142.77
C LEU F 448 -143.86 -179.62 142.28
N VAL F 449 -142.98 -180.05 141.33
CA VAL F 449 -142.98 -181.38 140.77
C VAL F 449 -142.48 -182.33 141.85
N TYR F 450 -141.56 -181.99 142.74
CA TYR F 450 -141.23 -182.90 143.85
C TYR F 450 -142.23 -183.22 144.81
N GLY F 451 -143.03 -182.16 145.25
CA GLY F 451 -144.17 -182.32 146.19
C GLY F 451 -145.22 -183.17 145.58
N GLY F 452 -145.42 -182.96 144.25
CA GLY F 452 -146.32 -183.58 143.36
C GLY F 452 -145.97 -185.00 143.20
N ILE F 453 -144.66 -185.34 143.03
CA ILE F 453 -144.26 -186.79 143.09
C ILE F 453 -144.50 -187.40 144.41
N ILE F 454 -144.25 -186.60 145.45
CA ILE F 454 -144.30 -187.06 146.82
C ILE F 454 -145.81 -187.42 147.19
N ALA F 455 -146.81 -186.63 146.76
CA ALA F 455 -148.25 -186.95 146.84
C ALA F 455 -148.73 -188.19 146.03
N GLY F 456 -148.24 -188.38 144.77
CA GLY F 456 -148.53 -189.68 144.09
C GLY F 456 -147.92 -190.87 144.80
N ILE F 457 -146.61 -190.81 145.30
CA ILE F 457 -146.03 -191.91 145.99
C ILE F 457 -146.58 -192.28 147.37
N ILE F 458 -146.93 -191.31 148.31
CA ILE F 458 -147.67 -191.59 149.52
C ILE F 458 -149.05 -192.17 149.17
N GLY F 459 -149.71 -191.64 148.13
CA GLY F 459 -150.99 -192.19 147.65
C GLY F 459 -150.92 -193.65 147.36
N LEU F 460 -149.87 -194.15 146.67
CA LEU F 460 -149.53 -195.52 146.32
C LEU F 460 -149.34 -196.37 147.51
N ILE F 461 -148.58 -195.90 148.50
CA ILE F 461 -148.30 -196.62 149.74
C ILE F 461 -149.42 -196.64 150.72
N VAL F 462 -150.16 -195.58 150.91
CA VAL F 462 -151.32 -195.53 151.78
C VAL F 462 -152.48 -196.31 151.19
N ALA F 463 -152.57 -196.35 149.89
CA ALA F 463 -153.61 -197.13 149.24
C ALA F 463 -153.36 -198.68 149.41
N ILE F 464 -152.03 -199.05 149.26
CA ILE F 464 -151.49 -200.38 149.32
C ILE F 464 -151.63 -200.95 150.70
N VAL F 465 -151.25 -200.18 151.77
CA VAL F 465 -151.44 -200.67 153.12
C VAL F 465 -152.90 -200.87 153.62
N ALA F 466 -153.83 -200.03 153.07
CA ALA F 466 -155.27 -200.18 153.25
C ALA F 466 -155.91 -201.33 152.50
N ILE F 467 -155.52 -201.58 151.26
CA ILE F 467 -155.98 -202.73 150.47
C ILE F 467 -155.55 -203.94 151.21
N VAL F 468 -154.31 -204.04 151.73
CA VAL F 468 -153.73 -205.16 152.38
C VAL F 468 -154.52 -205.55 153.58
N LEU F 469 -154.83 -204.54 154.39
CA LEU F 469 -155.55 -204.72 155.59
C LEU F 469 -156.98 -205.12 155.27
N VAL F 470 -157.61 -204.62 154.15
CA VAL F 470 -158.96 -205.14 153.92
C VAL F 470 -158.90 -206.55 153.36
N TYR F 471 -157.89 -206.80 152.52
CA TYR F 471 -157.69 -208.07 151.73
C TYR F 471 -157.39 -209.25 152.64
N ARG F 472 -156.79 -208.97 153.82
CA ARG F 472 -156.41 -210.09 154.69
C ARG F 472 -157.71 -210.56 155.30
N LYS F 473 -158.59 -209.66 155.78
CA LYS F 473 -159.82 -210.11 156.39
C LYS F 473 -161.01 -210.58 155.47
N ILE F 474 -161.10 -210.16 154.15
CA ILE F 474 -162.02 -210.72 153.14
C ILE F 474 -161.56 -212.08 152.71
N SER F 475 -160.20 -212.34 152.77
CA SER F 475 -159.68 -213.68 152.40
C SER F 475 -159.37 -214.45 153.73
N LEU G 30 -9.08 94.03 28.99
CA LEU G 30 -8.00 94.35 29.89
C LEU G 30 -8.68 94.71 31.19
N THR G 31 -8.09 95.56 32.07
CA THR G 31 -8.68 96.01 33.31
C THR G 31 -9.65 97.20 33.05
N PRO G 32 -10.91 97.32 33.46
CA PRO G 32 -11.58 96.88 34.76
C PRO G 32 -11.56 95.38 35.03
N PRO G 33 -11.60 94.93 36.24
CA PRO G 33 -12.07 93.56 36.59
C PRO G 33 -13.58 93.54 36.33
N VAL G 34 -13.96 92.40 35.73
CA VAL G 34 -14.99 92.35 34.76
C VAL G 34 -16.39 92.56 35.43
N SER G 35 -17.29 93.43 34.84
CA SER G 35 -18.71 93.52 35.21
C SER G 35 -19.24 94.08 33.92
N ALA G 36 -20.52 93.68 33.65
CA ALA G 36 -21.10 93.86 32.40
C ALA G 36 -22.53 93.85 32.64
N GLY G 37 -23.26 94.42 31.61
CA GLY G 37 -24.70 94.60 31.41
C GLY G 37 -25.08 95.98 31.80
N GLY G 38 -24.35 96.58 32.79
CA GLY G 38 -24.59 97.98 33.14
C GLY G 38 -23.44 98.73 32.71
N ILE G 39 -22.98 99.78 33.52
CA ILE G 39 -22.14 100.80 32.83
C ILE G 39 -20.69 100.41 33.03
N GLN G 40 -19.78 101.00 32.19
CA GLN G 40 -18.35 101.02 32.45
C GLN G 40 -17.96 102.14 31.57
N ALA G 41 -17.17 103.08 32.25
CA ALA G 41 -16.92 104.41 31.64
C ALA G 41 -15.48 104.53 31.33
N TYR G 42 -14.98 105.29 30.28
CA TYR G 42 -13.56 105.50 30.01
C TYR G 42 -13.25 106.87 29.51
N LEU G 43 -12.13 107.42 30.10
CA LEU G 43 -11.42 108.62 29.77
C LEU G 43 -10.64 108.36 28.52
N LEU G 44 -10.46 109.36 27.67
CA LEU G 44 -9.61 109.22 26.49
C LEU G 44 -8.43 110.05 26.85
N THR G 45 -7.33 109.35 27.24
CA THR G 45 -6.07 110.00 27.59
C THR G 45 -5.09 108.93 27.31
N GLY G 46 -3.85 109.30 27.31
CA GLY G 46 -2.79 108.34 27.16
C GLY G 46 -1.61 109.14 26.99
N SER G 47 -0.60 108.57 26.30
CA SER G 47 0.61 109.21 25.85
C SER G 47 0.30 109.89 24.58
N GLY G 48 0.24 111.26 24.61
CA GLY G 48 -0.35 112.04 23.60
C GLY G 48 -1.78 111.89 23.61
N ALA G 49 -2.44 112.20 24.71
CA ALA G 49 -3.88 112.43 24.94
C ALA G 49 -4.53 113.45 23.93
N PRO G 50 -5.76 113.12 23.39
CA PRO G 50 -6.18 113.74 22.17
C PRO G 50 -7.18 114.80 22.61
N ALA G 51 -7.92 114.64 23.67
CA ALA G 51 -8.90 115.49 24.24
C ALA G 51 -9.34 114.61 25.40
N SER G 52 -9.09 115.08 26.68
CA SER G 52 -9.41 114.45 27.93
C SER G 52 -10.63 115.08 28.44
N GLY G 53 -11.72 114.28 28.60
CA GLY G 53 -12.95 114.77 29.21
C GLY G 53 -14.05 114.44 28.23
N LEU G 54 -13.72 113.63 27.23
CA LEU G 54 -14.59 113.00 26.34
C LEU G 54 -14.80 111.69 27.11
N VAL G 55 -15.95 111.00 27.10
CA VAL G 55 -16.09 109.82 27.93
C VAL G 55 -16.88 108.85 27.10
N LEU G 56 -16.53 107.56 27.14
CA LEU G 56 -17.17 106.46 26.44
C LEU G 56 -18.06 105.75 27.46
N PHE G 57 -19.31 105.45 27.11
CA PHE G 57 -20.21 104.61 27.84
C PHE G 57 -20.58 103.40 27.03
N VAL G 58 -20.43 102.22 27.69
CA VAL G 58 -20.64 100.93 27.03
C VAL G 58 -21.51 100.08 27.91
N VAL G 59 -22.58 99.53 27.38
CA VAL G 59 -23.50 98.60 28.04
C VAL G 59 -23.51 97.33 27.18
N ASN G 60 -23.73 96.11 27.73
CA ASN G 60 -23.71 94.88 26.96
C ASN G 60 -25.10 94.19 27.01
N VAL G 61 -25.62 94.06 25.75
CA VAL G 61 -26.81 93.33 25.36
C VAL G 61 -26.36 92.08 24.64
N SER G 62 -26.47 90.86 25.28
CA SER G 62 -25.95 89.69 24.52
C SER G 62 -26.62 88.47 25.10
N ASN G 63 -27.77 88.68 25.85
CA ASN G 63 -28.48 87.55 26.40
C ASN G 63 -29.70 87.52 25.47
N ILE G 64 -29.81 88.51 24.53
CA ILE G 64 -30.64 88.34 23.34
C ILE G 64 -29.55 88.54 22.23
N GLN G 65 -29.77 87.91 21.08
CA GLN G 65 -28.97 88.07 19.87
C GLN G 65 -29.43 89.28 19.17
N VAL G 66 -28.48 90.18 18.76
CA VAL G 66 -28.79 91.41 18.11
C VAL G 66 -28.33 91.28 16.71
N SER G 67 -29.17 91.46 15.71
CA SER G 67 -28.93 91.29 14.24
C SER G 67 -28.37 92.59 13.62
N SER G 68 -28.84 92.96 12.40
CA SER G 68 -28.50 94.26 11.87
C SER G 68 -29.80 94.83 11.30
N SER G 69 -30.95 94.35 11.73
CA SER G 69 -32.22 94.90 11.34
C SER G 69 -32.97 95.21 12.60
N ASN G 70 -32.77 94.37 13.69
CA ASN G 70 -33.34 94.59 15.00
C ASN G 70 -32.55 95.55 15.80
N VAL G 71 -31.40 95.85 15.22
CA VAL G 71 -30.45 96.82 15.86
C VAL G 71 -31.13 98.12 16.13
N THR G 72 -32.00 98.66 15.33
CA THR G 72 -32.75 99.88 15.43
C THR G 72 -33.61 99.98 16.67
N ASN G 73 -34.49 98.96 16.86
CA ASN G 73 -35.33 98.64 18.04
C ASN G 73 -34.42 98.68 19.31
N VAL G 74 -33.34 97.82 19.35
CA VAL G 74 -32.54 97.60 20.57
C VAL G 74 -31.84 98.89 20.94
N ILE G 75 -31.14 99.60 20.02
CA ILE G 75 -30.35 100.75 20.55
C ILE G 75 -31.22 101.94 20.88
N SER G 76 -32.42 102.17 20.17
CA SER G 76 -33.33 103.26 20.56
C SER G 76 -33.85 102.99 22.02
N THR G 77 -34.34 101.79 22.36
CA THR G 77 -34.88 101.43 23.60
C THR G 77 -33.81 101.38 24.67
N VAL G 78 -32.48 101.01 24.33
CA VAL G 78 -31.42 100.90 25.25
C VAL G 78 -31.01 102.26 25.70
N VAL G 79 -30.78 103.17 24.73
CA VAL G 79 -30.67 104.54 25.18
C VAL G 79 -31.86 105.23 25.79
N SER G 80 -33.13 104.69 25.57
CA SER G 80 -34.34 105.10 26.23
C SER G 80 -34.45 104.66 27.73
N ASN G 81 -33.65 103.61 28.17
CA ASN G 81 -33.69 103.19 29.54
C ASN G 81 -32.50 103.55 30.33
N ILE G 82 -31.37 103.91 29.70
CA ILE G 82 -30.09 104.32 30.37
C ILE G 82 -30.39 105.56 31.02
N GLN G 83 -29.77 105.90 32.16
CA GLN G 83 -29.96 107.23 32.72
C GLN G 83 -28.50 107.56 32.85
N ILE G 84 -28.18 108.86 32.95
CA ILE G 84 -26.83 109.41 32.96
C ILE G 84 -26.87 110.38 34.14
N ASN G 85 -25.71 110.58 34.74
CA ASN G 85 -25.65 111.03 36.12
C ASN G 85 -24.55 111.98 36.23
N ALA G 86 -24.39 112.56 37.43
CA ALA G 86 -23.28 113.26 37.79
C ALA G 86 -23.35 113.28 39.34
N LYS G 87 -22.30 112.81 40.02
CA LYS G 87 -22.14 112.39 41.39
C LYS G 87 -21.26 113.43 42.06
N THR G 88 -21.53 113.75 43.35
CA THR G 88 -20.83 114.71 44.07
C THR G 88 -20.42 113.96 45.29
N GLU G 89 -19.14 114.07 45.59
CA GLU G 89 -18.47 113.53 46.71
C GLU G 89 -17.39 114.45 46.86
N ASN G 90 -16.57 114.26 47.86
CA ASN G 90 -15.29 114.82 47.99
C ASN G 90 -14.42 114.11 47.02
N ALA G 91 -13.40 114.76 46.52
CA ALA G 91 -12.64 114.42 45.35
C ALA G 91 -11.94 113.12 45.55
N GLN G 92 -11.72 112.73 46.77
CA GLN G 92 -10.84 111.62 47.10
C GLN G 92 -11.58 110.41 47.68
N THR G 93 -12.90 110.48 47.94
CA THR G 93 -13.56 109.58 48.83
C THR G 93 -14.31 108.51 47.96
N GLY G 94 -15.01 107.57 48.70
CA GLY G 94 -15.82 106.62 48.02
C GLY G 94 -17.11 106.54 48.70
N ALA G 95 -17.60 107.59 49.47
CA ALA G 95 -18.79 107.46 50.21
C ALA G 95 -19.71 108.48 49.57
N THR G 96 -20.83 108.59 50.21
CA THR G 96 -22.00 109.13 49.45
C THR G 96 -22.30 110.45 50.18
N THR G 97 -22.60 111.49 49.32
CA THR G 97 -23.32 112.63 49.78
C THR G 97 -24.31 113.18 48.73
N GLY G 98 -24.18 112.85 47.40
CA GLY G 98 -25.25 113.20 46.52
C GLY G 98 -25.06 112.78 45.10
N SER G 99 -26.13 112.93 44.31
CA SER G 99 -26.12 112.87 42.84
C SER G 99 -27.40 113.50 42.29
N VAL G 100 -27.49 113.48 40.95
CA VAL G 100 -28.56 114.02 40.14
C VAL G 100 -28.62 113.09 39.01
N THR G 101 -29.78 113.03 38.34
CA THR G 101 -29.92 112.16 37.27
C THR G 101 -30.65 112.88 36.13
N VAL G 102 -30.34 112.57 34.89
CA VAL G 102 -30.80 113.11 33.68
C VAL G 102 -30.85 111.88 32.79
N ARG G 103 -31.25 111.96 31.42
CA ARG G 103 -31.25 110.88 30.48
C ARG G 103 -30.80 111.48 29.14
N PHE G 104 -30.22 110.54 28.35
CA PHE G 104 -29.98 110.62 26.89
C PHE G 104 -31.19 111.12 25.99
N PRO G 105 -31.12 111.82 24.84
CA PRO G 105 -32.26 111.82 23.91
C PRO G 105 -32.68 110.39 23.34
N THR G 106 -33.86 110.39 22.71
CA THR G 106 -34.50 109.34 22.06
C THR G 106 -35.04 109.90 20.80
N SER G 107 -35.05 111.21 20.58
CA SER G 107 -35.41 111.91 19.41
C SER G 107 -34.21 112.78 19.18
N GLY G 108 -33.59 112.51 18.00
CA GLY G 108 -32.34 113.00 17.52
C GLY G 108 -31.21 112.26 18.05
N TYR G 109 -31.46 111.08 18.66
CA TYR G 109 -30.50 110.21 19.35
C TYR G 109 -29.31 109.84 18.46
N ASN G 110 -28.15 109.74 19.07
CA ASN G 110 -26.95 109.11 18.53
C ASN G 110 -26.78 107.85 19.35
N ALA G 111 -26.86 106.62 18.73
CA ALA G 111 -26.66 105.38 19.41
C ALA G 111 -26.07 104.50 18.35
N TYR G 112 -25.16 103.58 18.75
CA TYR G 112 -24.28 102.78 17.98
C TYR G 112 -24.37 101.38 18.47
N TYR G 113 -23.91 100.42 17.68
CA TYR G 113 -23.80 99.06 18.12
C TYR G 113 -22.57 98.54 17.42
N ASP G 114 -21.51 98.15 18.17
CA ASP G 114 -20.45 97.24 17.85
C ASP G 114 -20.96 95.87 17.95
N SER G 115 -20.81 95.25 16.76
CA SER G 115 -21.41 93.91 16.47
C SER G 115 -20.56 92.84 17.12
N VAL G 116 -19.22 92.94 17.05
CA VAL G 116 -18.31 91.94 17.45
C VAL G 116 -18.27 91.64 18.91
N ASP G 117 -18.23 92.70 19.77
CA ASP G 117 -18.31 92.52 21.13
C ASP G 117 -19.74 92.42 21.61
N LYS G 118 -20.74 92.88 20.80
CA LYS G 118 -22.16 92.80 21.02
C LYS G 118 -22.71 93.97 21.83
N VAL G 119 -22.06 95.20 21.82
CA VAL G 119 -22.27 96.24 22.80
C VAL G 119 -22.85 97.45 22.13
N VAL G 120 -23.91 98.03 22.72
CA VAL G 120 -24.60 99.29 22.42
C VAL G 120 -23.80 100.32 23.26
N PHE G 121 -23.31 101.36 22.55
CA PHE G 121 -22.45 102.35 23.19
C PHE G 121 -22.76 103.72 22.63
N VAL G 122 -22.52 104.75 23.52
CA VAL G 122 -22.74 106.09 23.15
C VAL G 122 -21.60 106.87 23.83
N VAL G 123 -21.14 108.00 23.18
CA VAL G 123 -19.98 108.71 23.69
C VAL G 123 -20.53 110.06 23.80
N VAL G 124 -20.00 110.82 24.73
CA VAL G 124 -20.47 112.14 25.08
C VAL G 124 -19.33 113.02 25.27
N SER G 125 -19.41 114.40 25.04
CA SER G 125 -18.23 115.26 25.30
C SER G 125 -18.55 116.21 26.40
N PHE G 126 -17.69 116.24 27.44
CA PHE G 126 -17.99 116.93 28.66
C PHE G 126 -17.03 118.02 29.19
N LEU G 127 -15.77 118.23 28.72
CA LEU G 127 -14.78 119.13 29.41
C LEU G 127 -14.41 120.17 28.38
N TYR G 128 -13.89 121.33 28.84
CA TYR G 128 -13.56 122.56 28.08
C TYR G 128 -12.64 122.25 26.90
N PRO G 129 -12.74 122.85 25.77
CA PRO G 129 -13.78 123.79 25.27
C PRO G 129 -15.00 122.97 24.78
N TYR G 130 -14.99 121.60 24.85
CA TYR G 130 -16.00 120.80 24.16
C TYR G 130 -17.17 120.46 25.03
N THR G 131 -17.31 121.15 26.20
CA THR G 131 -18.44 121.04 27.04
C THR G 131 -19.74 121.29 26.39
N THR G 132 -19.65 122.36 25.55
CA THR G 132 -20.83 123.13 25.18
C THR G 132 -21.25 122.53 23.81
N THR G 133 -20.42 121.77 23.18
CA THR G 133 -20.63 121.35 21.86
C THR G 133 -20.26 119.91 21.69
N SER G 134 -21.12 119.17 20.87
CA SER G 134 -20.73 117.92 20.25
C SER G 134 -19.45 118.08 19.40
N VAL G 135 -18.64 117.01 19.31
CA VAL G 135 -17.43 117.00 18.53
C VAL G 135 -17.45 115.58 18.11
N ASN G 136 -16.74 115.23 17.05
CA ASN G 136 -16.60 113.90 16.54
C ASN G 136 -15.49 113.28 17.28
N ILE G 137 -15.71 112.03 17.73
CA ILE G 137 -14.77 111.32 18.62
C ILE G 137 -14.06 110.43 17.66
N PRO G 138 -12.73 110.30 17.76
CA PRO G 138 -12.00 109.32 17.02
C PRO G 138 -12.32 107.89 17.41
N LEU G 139 -12.43 107.04 16.35
CA LEU G 139 -12.65 105.54 16.51
C LEU G 139 -11.37 104.83 16.29
N SER G 140 -10.29 105.25 17.14
CA SER G 140 -9.06 104.68 17.09
C SER G 140 -8.47 104.63 18.50
N TYR G 141 -8.28 105.86 19.06
CA TYR G 141 -8.05 106.12 20.44
C TYR G 141 -9.22 105.65 21.28
N LEU G 142 -10.44 105.66 20.77
CA LEU G 142 -11.54 105.08 21.46
C LEU G 142 -11.49 103.58 21.37
N SER G 143 -10.83 103.06 20.26
CA SER G 143 -10.56 101.66 20.01
C SER G 143 -9.56 101.03 20.87
N LYS G 144 -8.90 101.92 21.71
CA LYS G 144 -8.06 101.45 22.83
C LYS G 144 -8.80 100.73 23.96
N TYR G 145 -10.15 100.79 24.07
CA TYR G 145 -10.93 100.30 25.14
C TYR G 145 -11.98 99.36 24.56
N LEU G 146 -12.27 99.36 23.27
CA LEU G 146 -13.12 98.34 22.62
C LEU G 146 -12.35 97.87 21.39
N PRO G 147 -11.98 96.55 21.26
CA PRO G 147 -11.32 96.01 20.06
C PRO G 147 -12.20 96.04 18.77
N GLY G 148 -13.41 95.44 18.84
CA GLY G 148 -14.16 95.02 17.61
C GLY G 148 -14.64 96.16 16.79
N LEU G 149 -14.52 97.45 17.31
CA LEU G 149 -14.70 98.69 16.57
C LEU G 149 -13.85 98.78 15.38
N LEU G 150 -12.61 98.26 15.45
CA LEU G 150 -11.71 98.32 14.30
C LEU G 150 -11.99 97.25 13.38
N THR G 151 -12.35 96.06 13.78
CA THR G 151 -12.42 94.96 12.91
C THR G 151 -13.72 94.94 12.09
N ALA G 152 -14.77 95.60 12.67
CA ALA G 152 -16.02 95.84 12.04
C ALA G 152 -16.49 97.21 12.37
N GLN G 153 -16.99 98.05 11.38
CA GLN G 153 -17.53 99.39 11.59
C GLN G 153 -18.75 99.31 12.54
N PRO G 154 -19.07 100.30 13.31
CA PRO G 154 -20.32 100.45 14.11
C PRO G 154 -21.62 100.29 13.30
N TYR G 155 -22.79 100.15 13.90
CA TYR G 155 -24.00 100.02 13.16
C TYR G 155 -24.86 101.07 13.84
N ASP G 156 -25.61 101.80 12.91
CA ASP G 156 -26.38 102.90 13.23
C ASP G 156 -27.76 102.53 13.20
N GLU G 157 -28.56 103.54 13.62
CA GLU G 157 -29.98 103.41 13.59
C GLU G 157 -30.41 103.18 12.14
N THR G 158 -31.58 102.55 11.96
CA THR G 158 -32.25 102.15 10.70
C THR G 158 -31.60 101.00 9.91
N GLY G 159 -30.57 100.41 10.51
CA GLY G 159 -29.93 99.23 10.05
C GLY G 159 -28.88 99.54 9.08
N ALA G 160 -28.41 100.79 9.06
CA ALA G 160 -27.31 101.17 8.31
C ALA G 160 -26.01 100.78 9.09
N GLN G 161 -24.84 100.87 8.48
CA GLN G 161 -23.58 100.79 9.19
C GLN G 161 -22.78 101.96 8.73
N VAL G 162 -22.06 102.62 9.65
CA VAL G 162 -21.27 103.75 9.34
C VAL G 162 -19.95 103.43 10.04
N THR G 163 -18.84 104.11 9.64
CA THR G 163 -17.65 104.19 10.53
C THR G 163 -17.88 105.24 11.59
N SER G 164 -18.49 106.37 11.27
CA SER G 164 -18.51 107.56 12.14
C SER G 164 -19.17 107.35 13.52
N VAL G 165 -18.62 108.05 14.50
CA VAL G 165 -19.24 108.30 15.83
C VAL G 165 -19.47 109.79 15.79
N SER G 166 -20.62 110.20 16.34
CA SER G 166 -20.79 111.60 16.75
C SER G 166 -21.62 111.48 17.99
N SER G 167 -21.23 112.32 18.97
CA SER G 167 -21.82 112.22 20.27
C SER G 167 -23.12 113.05 20.37
N THR G 168 -23.94 112.76 21.48
CA THR G 168 -25.00 113.68 21.88
C THR G 168 -24.41 114.97 22.49
N PRO G 169 -24.89 116.27 22.34
CA PRO G 169 -24.29 117.46 22.88
C PRO G 169 -25.03 117.69 24.17
N PHE G 170 -24.34 118.23 25.19
CA PHE G 170 -24.94 118.48 26.53
C PHE G 170 -25.62 119.81 26.48
N GLY G 171 -26.90 119.81 26.93
CA GLY G 171 -27.84 120.94 27.00
C GLY G 171 -28.92 120.91 25.86
N SER G 172 -29.07 119.78 25.24
CA SER G 172 -30.05 119.55 24.21
C SER G 172 -30.43 118.05 24.21
N LEU G 173 -30.33 117.42 25.38
CA LEU G 173 -30.80 116.08 25.73
C LEU G 173 -32.27 116.12 26.08
N ILE G 174 -32.85 114.93 26.23
CA ILE G 174 -34.29 114.90 26.59
C ILE G 174 -34.45 114.36 27.93
N ASP G 175 -35.13 115.10 28.78
CA ASP G 175 -35.25 114.87 30.21
C ASP G 175 -36.34 113.86 30.35
N THR G 176 -36.33 113.30 31.58
CA THR G 176 -37.43 112.43 32.03
C THR G 176 -38.14 113.23 33.15
N SER G 177 -37.74 114.52 33.41
CA SER G 177 -38.27 115.30 34.56
C SER G 177 -39.70 115.75 34.47
N THR G 178 -40.22 116.10 33.26
CA THR G 178 -41.59 116.30 32.92
C THR G 178 -41.63 116.04 31.39
N GLY G 179 -40.50 115.43 30.93
CA GLY G 179 -40.45 114.96 29.55
C GLY G 179 -39.98 116.05 28.67
N GLN G 180 -39.08 116.94 29.31
CA GLN G 180 -38.68 118.23 28.81
C GLN G 180 -37.41 118.12 28.11
N GLN G 181 -36.53 119.16 28.29
CA GLN G 181 -35.23 119.23 27.55
C GLN G 181 -34.37 120.00 28.52
N ILE G 182 -33.12 119.58 28.74
CA ILE G 182 -32.29 120.19 29.68
C ILE G 182 -31.65 121.43 29.15
N LEU G 183 -31.45 122.38 30.08
CA LEU G 183 -30.97 123.75 29.77
C LEU G 183 -29.66 123.72 29.01
N GLY G 184 -29.32 124.90 28.43
CA GLY G 184 -28.13 124.95 27.54
C GLY G 184 -26.95 125.22 28.40
N THR G 185 -27.25 125.88 29.60
CA THR G 185 -26.21 126.23 30.50
C THR G 185 -26.67 125.41 31.72
N ASN G 186 -25.69 124.70 32.27
CA ASN G 186 -25.96 123.77 33.38
C ASN G 186 -24.91 124.19 34.46
N PRO G 187 -25.01 123.75 35.70
CA PRO G 187 -23.96 124.08 36.71
C PRO G 187 -22.83 123.19 36.32
N VAL G 188 -23.08 121.95 35.93
CA VAL G 188 -22.10 121.05 35.47
C VAL G 188 -21.37 121.52 34.26
N LEU G 189 -22.06 122.27 33.33
CA LEU G 189 -21.50 122.92 32.15
C LEU G 189 -20.33 123.89 32.46
N THR G 190 -20.62 124.92 33.34
CA THR G 190 -19.72 126.00 33.67
C THR G 190 -18.65 125.49 34.59
N SER G 191 -18.93 124.51 35.44
CA SER G 191 -18.00 123.76 36.22
C SER G 191 -16.97 123.11 35.34
N TYR G 192 -17.34 122.56 34.20
CA TYR G 192 -16.39 121.87 33.27
C TYR G 192 -15.79 122.91 32.29
N ASN G 193 -16.54 123.98 31.81
CA ASN G 193 -16.13 125.00 30.88
C ASN G 193 -14.91 125.74 31.40
N SER G 194 -14.52 125.59 32.70
CA SER G 194 -13.24 125.90 33.21
C SER G 194 -12.86 124.85 34.19
N TYR G 195 -13.14 123.56 33.95
CA TYR G 195 -12.71 122.43 34.85
C TYR G 195 -11.38 122.41 35.55
N THR G 196 -10.39 122.99 34.91
CA THR G 196 -9.01 123.22 35.38
C THR G 196 -8.94 123.80 36.80
N THR G 197 -9.94 124.57 37.22
CA THR G 197 -10.04 124.99 38.58
C THR G 197 -11.39 124.69 39.08
N GLN G 198 -12.37 124.83 38.23
CA GLN G 198 -13.67 124.94 38.52
C GLN G 198 -14.33 123.61 38.57
N ALA G 199 -13.63 122.48 38.23
CA ALA G 199 -14.13 121.18 38.72
C ALA G 199 -13.73 120.87 40.15
N ASN G 200 -12.95 121.67 40.89
CA ASN G 200 -12.42 121.29 42.14
C ASN G 200 -13.37 121.85 43.18
N THR G 201 -14.44 122.51 42.76
CA THR G 201 -15.44 123.30 43.44
C THR G 201 -15.13 123.87 44.86
N ASN G 202 -15.86 123.40 45.92
CA ASN G 202 -15.86 123.89 47.26
C ASN G 202 -16.26 122.67 48.02
N MET G 203 -15.20 121.99 48.56
CA MET G 203 -15.32 120.92 49.47
C MET G 203 -15.59 119.60 48.81
N GLN G 204 -16.13 119.66 47.59
CA GLN G 204 -16.69 118.61 46.78
C GLN G 204 -15.86 118.62 45.42
N GLU G 205 -16.25 117.69 44.57
CA GLU G 205 -15.86 117.65 43.10
C GLU G 205 -17.13 117.19 42.50
N GLY G 206 -17.36 117.31 41.16
CA GLY G 206 -18.44 116.54 40.45
C GLY G 206 -17.84 115.68 39.34
N VAL G 207 -18.41 114.51 39.13
CA VAL G 207 -17.86 113.46 38.32
C VAL G 207 -19.05 112.98 37.54
N VAL G 208 -18.92 112.69 36.19
CA VAL G 208 -19.99 112.35 35.37
C VAL G 208 -20.02 110.87 35.46
N SER G 209 -21.24 110.32 35.58
CA SER G 209 -21.32 108.86 35.58
C SER G 209 -22.61 108.44 34.91
N GLY G 210 -22.92 107.08 34.93
CA GLY G 210 -24.02 106.51 34.17
C GLY G 210 -24.67 105.47 34.99
N THR G 211 -25.83 104.96 34.53
CA THR G 211 -26.42 103.83 35.27
C THR G 211 -27.51 103.32 34.26
N LEU G 212 -28.33 102.29 34.71
CA LEU G 212 -29.37 101.69 33.96
C LEU G 212 -30.36 101.21 34.95
N THR G 213 -31.66 101.44 34.55
CA THR G 213 -32.79 100.89 35.25
C THR G 213 -33.28 99.80 34.38
N SER G 214 -33.61 98.65 35.02
CA SER G 214 -33.83 97.40 34.25
C SER G 214 -35.09 97.56 33.34
N PHE G 215 -35.02 96.80 32.20
CA PHE G 215 -36.19 96.73 31.41
C PHE G 215 -35.97 95.45 30.67
N THR G 216 -37.07 95.05 30.03
CA THR G 216 -36.97 93.82 29.22
C THR G 216 -37.45 94.19 27.88
N LEU G 217 -36.55 93.78 26.93
CA LEU G 217 -36.98 93.80 25.53
C LEU G 217 -36.19 92.67 25.00
N GLY G 218 -36.70 92.08 23.88
CA GLY G 218 -36.20 90.87 23.28
C GLY G 218 -36.45 89.68 24.07
N GLY G 219 -36.91 89.91 25.34
CA GLY G 219 -37.20 88.90 26.29
C GLY G 219 -36.14 88.68 27.37
N GLN G 220 -35.17 89.59 27.59
CA GLN G 220 -34.16 89.49 28.72
C GLN G 220 -33.80 90.83 29.30
N SER G 221 -33.28 90.77 30.56
CA SER G 221 -33.00 91.87 31.45
C SER G 221 -31.46 92.12 31.51
N PHE G 222 -30.98 93.31 31.96
CA PHE G 222 -29.58 93.63 32.05
C PHE G 222 -29.33 94.69 33.11
N SER G 223 -28.32 94.40 34.03
CA SER G 223 -27.90 95.20 35.10
C SER G 223 -26.52 94.72 35.34
N GLY G 224 -25.60 95.72 35.63
CA GLY G 224 -24.29 95.25 36.01
C GLY G 224 -23.62 96.22 36.85
N SER G 225 -22.26 96.28 36.84
CA SER G 225 -21.50 97.13 37.81
C SER G 225 -20.24 97.81 37.27
N THR G 226 -19.66 98.65 38.13
CA THR G 226 -18.70 99.69 37.82
C THR G 226 -17.56 99.53 38.75
N VAL G 227 -16.27 99.64 38.24
CA VAL G 227 -15.13 99.65 39.13
C VAL G 227 -14.25 100.76 38.64
N PRO G 228 -13.77 101.78 39.45
CA PRO G 228 -13.39 103.15 39.11
C PRO G 228 -12.56 103.24 37.87
N VAL G 229 -13.04 103.94 36.92
CA VAL G 229 -12.36 103.96 35.64
C VAL G 229 -12.90 105.23 35.01
N ILE G 230 -13.71 106.07 35.74
CA ILE G 230 -14.62 107.12 35.32
C ILE G 230 -13.71 108.35 34.99
N LEU G 231 -14.28 109.52 34.49
CA LEU G 231 -13.50 110.49 33.77
C LEU G 231 -12.72 111.28 34.80
N TYR G 232 -13.21 111.29 36.05
CA TYR G 232 -12.33 111.52 37.19
C TYR G 232 -12.65 110.40 38.00
N ALA G 233 -11.63 109.72 38.46
CA ALA G 233 -11.79 108.59 39.27
C ALA G 233 -10.83 108.72 40.43
N PRO G 234 -11.36 108.55 41.63
CA PRO G 234 -10.62 108.65 42.86
C PRO G 234 -9.37 107.75 42.85
N PHE G 235 -8.23 108.29 43.19
CA PHE G 235 -6.98 107.59 43.41
C PHE G 235 -6.97 106.80 44.66
N ILE G 236 -7.48 105.58 44.62
CA ILE G 236 -7.67 104.66 45.68
C ILE G 236 -7.31 103.29 45.09
N PHE G 237 -7.71 102.12 45.74
CA PHE G 237 -7.57 100.82 45.19
C PHE G 237 -8.89 100.17 45.46
N SER G 238 -9.15 99.13 44.62
CA SER G 238 -10.41 98.42 44.44
C SER G 238 -10.87 97.82 45.70
N ASN G 239 -12.12 97.37 45.81
CA ASN G 239 -12.69 96.80 47.03
C ASN G 239 -14.07 96.41 46.62
N SER G 240 -14.46 96.68 45.33
CA SER G 240 -15.83 96.43 44.90
C SER G 240 -15.53 95.78 43.65
N PRO G 241 -16.32 94.82 43.09
CA PRO G 241 -17.40 94.10 43.72
C PRO G 241 -16.90 93.04 44.71
N TYR G 242 -15.59 92.79 44.84
CA TYR G 242 -15.04 91.61 45.45
C TYR G 242 -15.09 91.65 46.97
N GLN G 243 -15.48 90.47 47.55
CA GLN G 243 -15.56 90.24 49.00
C GLN G 243 -14.29 89.67 49.49
N ALA G 244 -13.22 90.46 49.14
CA ALA G 244 -11.82 90.14 49.57
C ALA G 244 -10.98 91.45 49.27
N GLY G 245 -11.52 92.39 48.45
CA GLY G 245 -10.75 93.53 48.15
C GLY G 245 -10.05 93.22 46.83
N LEU G 246 -8.87 93.77 46.62
CA LEU G 246 -7.93 93.41 45.54
C LEU G 246 -7.82 91.90 45.17
N TYR G 247 -7.84 91.57 43.83
CA TYR G 247 -7.99 90.16 43.44
C TYR G 247 -6.64 89.55 43.30
N ASN G 248 -6.43 88.23 43.51
CA ASN G 248 -5.20 87.49 43.17
C ASN G 248 -5.44 86.36 42.20
N PRO G 249 -5.04 86.58 40.98
CA PRO G 249 -5.28 85.66 39.95
C PRO G 249 -4.34 84.44 40.06
N MET G 250 -3.74 84.09 41.21
CA MET G 250 -2.75 83.07 41.39
C MET G 250 -3.08 82.11 42.48
N GLN G 251 -3.98 82.56 43.36
CA GLN G 251 -4.22 81.91 44.65
C GLN G 251 -4.87 80.57 44.56
N VAL G 252 -5.94 80.44 43.75
CA VAL G 252 -6.94 79.37 43.96
C VAL G 252 -6.34 77.98 43.78
N ASN G 253 -5.57 77.83 42.71
CA ASN G 253 -5.16 76.53 42.28
C ASN G 253 -3.79 76.25 42.88
N GLY G 254 -3.62 75.03 43.41
CA GLY G 254 -2.68 74.82 44.42
C GLY G 254 -3.28 74.00 45.54
N ASN G 255 -2.56 72.98 46.04
CA ASN G 255 -3.04 71.90 46.80
C ASN G 255 -3.09 72.39 48.21
N LEU G 256 -4.27 72.27 48.80
CA LEU G 256 -4.45 72.63 50.17
C LEU G 256 -5.56 71.79 50.74
N GLY G 257 -5.58 71.65 52.09
CA GLY G 257 -6.68 71.01 52.82
C GLY G 257 -6.72 71.55 54.19
N SER G 258 -6.13 72.73 54.34
CA SER G 258 -6.00 73.31 55.65
C SER G 258 -7.13 74.21 56.00
N LEU G 259 -7.94 74.59 55.03
CA LEU G 259 -8.92 75.61 55.15
C LEU G 259 -10.20 74.95 54.67
N SER G 260 -11.13 74.78 55.63
CA SER G 260 -12.46 74.30 55.52
C SER G 260 -13.35 75.45 55.05
N SER G 261 -14.05 76.20 55.95
CA SER G 261 -15.23 76.92 55.55
C SER G 261 -15.14 78.31 56.13
N GLU G 262 -14.04 78.60 56.90
CA GLU G 262 -13.85 79.83 57.49
C GLU G 262 -13.24 80.79 56.54
N ALA G 263 -12.94 80.28 55.29
CA ALA G 263 -12.13 80.96 54.32
C ALA G 263 -13.07 81.09 53.18
N TYR G 264 -13.19 82.36 52.73
CA TYR G 264 -14.24 82.95 51.97
C TYR G 264 -14.04 84.44 52.09
N TYR G 265 -12.83 85.00 52.51
CA TYR G 265 -12.68 86.42 52.78
C TYR G 265 -11.28 86.95 52.39
N HIS G 266 -10.28 86.10 52.11
CA HIS G 266 -8.87 86.32 52.27
C HIS G 266 -8.18 86.91 51.05
N PRO G 267 -7.61 88.12 51.02
CA PRO G 267 -6.68 88.57 49.92
C PRO G 267 -5.30 88.16 50.21
N VAL G 268 -4.53 87.55 49.30
CA VAL G 268 -3.22 87.12 49.59
C VAL G 268 -2.41 87.28 48.41
N ILE G 269 -1.11 87.38 48.60
CA ILE G 269 -0.14 87.19 47.56
C ILE G 269 1.04 86.60 48.31
N TRP G 270 2.14 86.20 47.67
CA TRP G 270 3.34 85.73 48.20
C TRP G 270 4.40 86.32 47.32
N GLY G 271 5.43 86.86 47.98
CA GLY G 271 6.82 87.21 47.66
C GLY G 271 6.93 88.09 46.40
N ARG G 272 7.78 87.60 45.46
CA ARG G 272 8.10 88.09 44.18
C ARG G 272 6.98 87.84 43.20
N ALA G 273 6.06 86.88 43.54
CA ALA G 273 4.95 86.60 42.69
C ALA G 273 4.11 87.85 42.66
N LEU G 274 3.46 88.11 41.55
CA LEU G 274 2.81 89.33 41.18
C LEU G 274 1.51 89.52 41.92
N ILE G 275 1.35 90.65 42.63
CA ILE G 275 0.01 91.17 42.88
C ILE G 275 -0.23 92.19 41.76
N ASN G 276 -1.34 92.05 41.02
CA ASN G 276 -1.74 93.05 40.02
C ASN G 276 -2.52 94.07 40.83
N THR G 277 -2.29 95.36 40.48
CA THR G 277 -2.82 96.47 41.30
C THR G 277 -3.75 97.26 40.45
N THR G 278 -4.46 98.11 41.16
CA THR G 278 -5.37 98.97 40.52
C THR G 278 -5.01 100.32 40.82
N LEU G 279 -4.00 100.82 40.09
CA LEU G 279 -3.59 102.20 40.27
C LEU G 279 -4.53 103.09 39.50
N ILE G 280 -5.72 103.47 40.14
CA ILE G 280 -6.67 104.29 39.52
C ILE G 280 -6.16 105.69 39.43
N ASP G 281 -6.19 106.30 38.20
CA ASP G 281 -5.61 107.60 38.09
C ASP G 281 -6.24 108.29 36.86
N THR G 282 -6.46 109.62 36.83
CA THR G 282 -7.17 110.32 35.75
C THR G 282 -6.49 111.66 35.54
N TYR G 283 -5.56 112.03 36.41
CA TYR G 283 -5.20 113.39 36.58
C TYR G 283 -3.83 113.53 35.98
N ALA G 284 -3.64 113.17 34.72
CA ALA G 284 -2.33 113.40 34.10
C ALA G 284 -2.40 113.52 32.58
N SER G 285 -1.31 114.06 31.99
CA SER G 285 -1.24 114.06 30.51
C SER G 285 0.15 113.48 30.07
N GLY G 286 0.20 112.96 28.79
CA GLY G 286 1.46 112.46 28.18
C GLY G 286 1.74 111.13 28.85
N SER G 287 3.04 110.79 28.96
CA SER G 287 3.49 109.64 29.80
C SER G 287 3.12 109.83 31.26
N VAL G 288 2.60 108.77 31.99
CA VAL G 288 2.16 108.95 33.39
C VAL G 288 3.12 108.16 34.25
N PRO G 289 4.01 108.78 34.97
CA PRO G 289 4.92 107.97 35.85
C PRO G 289 4.20 107.84 37.15
N PHE G 290 4.60 106.84 37.97
CA PHE G 290 3.98 106.45 39.19
C PHE G 290 5.16 105.91 39.95
N THR G 291 5.12 106.12 41.26
CA THR G 291 6.05 105.64 42.21
C THR G 291 5.05 104.79 43.04
N PHE G 292 5.61 103.91 43.95
CA PHE G 292 4.87 103.08 44.79
C PHE G 292 5.42 103.26 46.18
N GLN G 293 4.55 103.14 47.22
CA GLN G 293 5.05 103.04 48.58
C GLN G 293 4.31 101.76 49.01
N LEU G 294 4.99 100.83 49.72
CA LEU G 294 4.42 99.66 50.30
C LEU G 294 4.83 99.75 51.66
N ASN G 295 3.95 99.17 52.51
CA ASN G 295 3.95 99.27 53.97
C ASN G 295 3.72 97.95 54.47
N TYR G 296 4.77 97.31 55.06
CA TYR G 296 4.78 95.96 55.48
C TYR G 296 5.00 95.99 56.93
N SER G 297 4.53 94.92 57.57
CA SER G 297 4.47 94.81 58.96
C SER G 297 4.42 93.31 59.22
N VAL G 298 4.61 92.79 60.45
CA VAL G 298 4.93 91.42 60.68
C VAL G 298 4.14 90.96 61.93
N PRO G 299 3.00 90.30 61.64
CA PRO G 299 2.26 89.40 62.57
C PRO G 299 3.19 88.49 63.40
N GLY G 300 2.97 88.42 64.69
CA GLY G 300 3.81 87.69 65.58
C GLY G 300 4.69 88.63 66.37
N PRO G 301 5.07 88.35 67.64
CA PRO G 301 6.00 89.12 68.50
C PRO G 301 7.31 89.50 67.84
N LEU G 302 7.88 90.72 68.22
CA LEU G 302 9.10 91.15 67.59
C LEU G 302 10.14 91.59 68.61
N THR G 303 11.05 90.66 68.91
CA THR G 303 12.28 90.90 69.57
C THR G 303 13.24 91.23 68.47
N ILE G 304 14.21 92.07 68.72
CA ILE G 304 15.14 92.51 67.73
C ILE G 304 16.49 92.17 68.30
N ASN G 305 17.41 91.51 67.48
CA ASN G 305 18.80 91.25 67.83
C ASN G 305 19.61 92.36 67.19
N MET G 306 20.47 93.14 67.94
CA MET G 306 21.33 94.28 67.44
C MET G 306 22.70 94.19 68.03
N ALA G 307 23.72 93.70 67.34
CA ALA G 307 25.18 93.88 67.61
C ALA G 307 25.59 95.27 67.91
N GLN G 308 26.55 95.30 68.81
CA GLN G 308 27.18 96.42 69.45
C GLN G 308 28.12 97.02 68.40
N LEU G 309 27.63 97.84 67.43
CA LEU G 309 28.44 98.53 66.42
C LEU G 309 29.49 99.42 67.05
N ALA G 310 29.20 100.17 68.10
CA ALA G 310 30.17 100.94 68.77
C ALA G 310 29.51 101.26 70.07
N TRP G 311 30.34 101.76 71.03
CA TRP G 311 30.05 102.38 72.30
C TRP G 311 30.86 103.69 72.28
N ILE G 312 30.56 104.78 73.07
CA ILE G 312 31.28 106.04 73.19
C ILE G 312 31.01 106.21 74.68
N ALA G 313 31.96 106.74 75.37
CA ALA G 313 31.81 106.96 76.81
C ALA G 313 32.99 107.82 77.31
N SER G 314 32.64 108.68 78.26
CA SER G 314 33.62 109.28 79.20
C SER G 314 34.22 108.24 80.06
N ILE G 315 35.42 108.39 80.60
CA ILE G 315 36.24 107.32 81.19
C ILE G 315 36.00 107.31 82.68
N ASN G 316 35.31 108.38 83.24
CA ASN G 316 34.75 108.27 84.54
C ASN G 316 33.70 107.23 84.53
N ASN G 317 32.80 107.24 83.49
CA ASN G 317 31.66 106.35 83.33
C ASN G 317 32.03 104.92 82.98
N LEU G 318 33.13 104.72 82.27
CA LEU G 318 33.85 103.45 82.01
C LEU G 318 34.30 102.70 83.22
N PRO G 319 34.19 101.37 83.31
CA PRO G 319 34.97 100.55 84.24
C PRO G 319 36.42 100.68 84.01
N THR G 320 37.20 100.05 84.87
CA THR G 320 38.60 100.31 85.07
C THR G 320 39.39 99.13 84.62
N SER G 321 38.69 98.16 83.94
CA SER G 321 39.26 97.06 83.20
C SER G 321 38.14 96.42 82.51
N PHE G 322 38.41 95.65 81.43
CA PHE G 322 37.51 94.70 80.77
C PHE G 322 38.27 93.79 79.87
N THR G 323 37.56 92.97 79.03
CA THR G 323 38.04 92.00 78.04
C THR G 323 37.14 92.07 76.83
N TYR G 324 37.68 92.31 75.64
CA TYR G 324 36.84 92.59 74.51
C TYR G 324 37.70 92.37 73.36
N LEU G 325 37.13 92.13 72.18
CA LEU G 325 37.90 92.15 70.97
C LEU G 325 36.84 92.42 69.92
N SER G 326 37.21 93.11 68.82
CA SER G 326 36.27 93.53 67.76
C SER G 326 35.40 92.49 67.08
N TYR G 327 34.08 92.84 66.93
CA TYR G 327 33.15 92.09 66.12
C TYR G 327 33.23 92.84 64.85
N LYS G 328 33.09 92.02 63.72
CA LYS G 328 33.27 92.50 62.42
C LYS G 328 31.93 92.80 61.80
N PHE G 329 31.90 93.52 60.66
CA PHE G 329 30.70 93.99 60.05
C PHE G 329 30.93 94.04 58.53
N SER G 330 29.89 93.71 57.82
CA SER G 330 29.87 93.17 56.47
C SER G 330 29.87 94.21 55.36
N ASN G 331 30.06 95.49 55.65
CA ASN G 331 30.30 96.49 54.63
C ASN G 331 31.74 96.90 54.69
N GLY G 332 32.50 96.28 55.67
CA GLY G 332 33.85 96.52 56.03
C GLY G 332 33.87 97.64 57.13
N TYR G 333 33.90 97.22 58.39
CA TYR G 333 33.78 98.07 59.50
C TYR G 333 34.18 97.17 60.65
N GLU G 334 34.64 97.73 61.76
CA GLU G 334 34.91 96.96 62.94
C GLU G 334 34.34 97.82 64.08
N SER G 335 34.13 97.15 65.25
CA SER G 335 33.67 97.76 66.50
C SER G 335 34.63 98.77 67.09
N PHE G 336 34.13 99.82 67.78
CA PHE G 336 35.03 100.72 68.41
C PHE G 336 34.39 101.18 69.74
N LEU G 337 35.24 101.89 70.46
CA LEU G 337 34.93 102.61 71.64
C LEU G 337 35.57 103.95 71.42
N GLY G 338 34.80 105.10 71.58
CA GLY G 338 35.26 106.45 71.54
C GLY G 338 35.43 106.92 72.93
N ILE G 339 36.75 107.01 73.41
CA ILE G 339 36.98 107.43 74.74
C ILE G 339 36.81 108.90 74.76
N ILE G 340 36.32 109.52 75.88
CA ILE G 340 36.16 110.93 75.93
C ILE G 340 37.04 111.19 77.14
N SER G 341 38.26 111.71 76.83
CA SER G 341 39.22 111.94 77.89
C SER G 341 39.55 113.35 77.75
N ASN G 342 39.48 114.12 78.93
CA ASN G 342 39.81 115.53 78.86
C ASN G 342 41.22 115.85 79.11
N SER G 343 42.12 114.84 79.15
CA SER G 343 43.52 114.82 79.01
C SER G 343 43.85 115.35 77.66
N THR G 344 44.94 116.16 77.58
CA THR G 344 45.50 116.65 76.39
C THR G 344 45.98 115.62 75.40
N GLN G 345 46.65 114.52 75.96
CA GLN G 345 47.12 113.36 75.26
C GLN G 345 46.60 112.19 75.98
N LEU G 346 45.73 111.43 75.26
CA LEU G 346 45.37 110.08 75.67
C LEU G 346 46.56 109.22 75.59
N THR G 347 46.54 108.14 76.42
CA THR G 347 47.46 107.04 76.36
C THR G 347 46.71 105.82 76.36
N ALA G 348 46.52 105.39 75.13
CA ALA G 348 45.96 104.13 74.80
C ALA G 348 46.98 103.59 73.78
N GLY G 349 47.31 102.28 73.95
CA GLY G 349 48.04 101.36 73.06
C GLY G 349 49.45 101.84 72.93
N ALA G 350 50.05 101.40 71.82
CA ALA G 350 51.39 101.85 71.44
C ALA G 350 51.24 103.05 70.47
N LEU G 351 49.97 103.56 70.32
CA LEU G 351 49.54 104.64 69.57
C LEU G 351 49.71 105.99 70.20
N THR G 352 50.21 107.04 69.42
CA THR G 352 50.12 108.38 69.93
C THR G 352 49.07 109.05 69.10
N ILE G 353 48.01 109.66 69.72
CA ILE G 353 46.70 109.82 69.22
C ILE G 353 46.37 111.31 69.12
N ASN G 354 46.01 111.69 67.81
CA ASN G 354 45.30 112.80 67.37
C ASN G 354 43.92 112.84 68.14
N PRO G 355 43.45 113.99 68.57
CA PRO G 355 42.06 114.25 68.96
C PRO G 355 41.15 113.97 67.76
N SER G 356 40.49 112.79 67.69
CA SER G 356 39.59 112.30 66.66
C SER G 356 38.38 113.13 66.49
N GLY G 357 37.76 113.56 67.59
CA GLY G 357 37.07 114.77 67.65
C GLY G 357 37.68 115.58 68.79
N ASN G 358 37.35 116.93 68.90
CA ASN G 358 37.52 117.76 70.07
C ASN G 358 36.46 118.74 70.01
N PHE G 359 36.02 119.21 71.18
CA PHE G 359 35.09 120.31 71.38
C PHE G 359 35.36 121.07 72.63
N THR G 360 34.56 122.14 72.93
CA THR G 360 34.68 122.77 74.24
C THR G 360 33.28 123.05 74.59
N ILE G 361 32.98 123.19 75.90
CA ILE G 361 31.73 123.74 76.49
C ILE G 361 32.24 124.47 77.75
N ASN G 362 31.74 125.61 78.17
CA ASN G 362 31.88 126.17 79.46
C ASN G 362 33.22 126.42 80.03
N GLY G 363 34.24 126.30 79.16
CA GLY G 363 35.64 126.62 79.50
C GLY G 363 36.48 125.37 79.50
N LYS G 364 35.83 124.22 79.60
CA LYS G 364 36.56 122.95 79.70
C LYS G 364 36.53 122.42 78.32
N LYS G 365 37.69 121.87 77.86
CA LYS G 365 37.81 121.27 76.61
C LYS G 365 37.88 119.76 76.69
N PHE G 366 37.01 119.18 75.82
CA PHE G 366 36.89 117.76 75.74
C PHE G 366 37.56 117.30 74.54
N TYR G 367 37.93 116.06 74.53
CA TYR G 367 38.54 115.45 73.43
C TYR G 367 37.93 114.02 73.30
N VAL G 368 37.43 113.70 72.11
CA VAL G 368 36.99 112.36 71.77
C VAL G 368 38.13 111.77 71.04
N TYR G 369 38.41 110.53 71.39
CA TYR G 369 39.47 109.69 70.84
C TYR G 369 38.71 108.45 70.41
N LEU G 370 38.41 108.25 69.11
CA LEU G 370 37.84 107.11 68.39
C LEU G 370 38.85 106.02 68.12
N LEU G 371 38.63 104.81 68.70
CA LEU G 371 39.58 103.71 68.85
C LEU G 371 38.92 102.39 68.64
N VAL G 372 39.24 101.66 67.49
CA VAL G 372 38.89 100.23 67.25
C VAL G 372 39.76 99.45 68.26
N VAL G 373 39.42 98.17 68.49
CA VAL G 373 40.29 97.31 69.24
C VAL G 373 40.72 96.20 68.29
N GLY G 374 41.88 95.55 68.54
CA GLY G 374 42.34 94.49 67.73
C GLY G 374 43.46 93.75 68.35
N SER G 375 44.07 92.81 67.54
CA SER G 375 45.32 92.10 67.85
C SER G 375 46.55 92.94 67.32
N THR G 376 46.27 94.22 66.94
CA THR G 376 47.43 95.02 66.54
C THR G 376 47.00 96.45 66.72
N ASN G 377 47.95 97.39 66.85
CA ASN G 377 47.69 98.77 66.70
C ASN G 377 47.95 99.17 65.31
N SER G 378 46.99 99.93 64.67
CA SER G 378 47.13 100.33 63.32
C SER G 378 46.84 101.79 63.32
N THR G 379 47.88 102.62 63.02
CA THR G 379 47.98 104.04 63.20
C THR G 379 47.22 104.86 62.24
N THR G 380 46.99 104.15 61.10
CA THR G 380 46.08 104.55 60.05
C THR G 380 44.67 104.40 60.55
N PRO G 381 43.70 105.27 60.30
CA PRO G 381 42.30 104.95 60.60
C PRO G 381 41.81 103.93 59.66
N VAL G 382 41.01 102.97 60.18
CA VAL G 382 40.58 101.84 59.47
C VAL G 382 39.19 102.10 58.91
N GLU G 383 38.52 103.03 59.55
CA GLU G 383 37.18 103.44 59.17
C GLU G 383 37.19 104.96 59.41
N TYR G 384 36.04 105.66 59.10
CA TYR G 384 35.67 106.97 59.59
C TYR G 384 34.24 106.87 60.10
N VAL G 385 33.82 107.85 60.97
CA VAL G 385 32.50 108.35 61.21
C VAL G 385 32.62 109.81 60.92
N THR G 386 31.80 110.29 60.00
CA THR G 386 31.80 111.69 59.60
C THR G 386 30.52 112.35 60.06
N LYS G 387 30.60 113.63 60.39
CA LYS G 387 29.52 114.54 60.84
C LYS G 387 28.71 114.08 61.98
N LEU G 388 29.41 113.83 63.14
CA LEU G 388 28.71 113.41 64.31
C LEU G 388 28.02 114.62 64.92
N VAL G 389 26.67 114.56 65.17
CA VAL G 389 26.01 115.68 65.73
C VAL G 389 25.52 115.18 67.06
N VAL G 390 26.05 115.79 68.21
CA VAL G 390 25.73 115.42 69.59
C VAL G 390 25.04 116.57 70.25
N GLU G 391 23.95 116.25 71.01
CA GLU G 391 23.27 117.28 71.78
C GLU G 391 23.80 117.29 73.18
N TYR G 392 23.51 118.38 74.00
CA TYR G 392 23.78 118.46 75.41
C TYR G 392 22.92 119.57 75.86
N PRO G 393 22.74 119.75 77.14
CA PRO G 393 21.77 120.73 77.63
C PRO G 393 22.43 122.11 77.75
N SER G 394 21.58 123.20 77.34
CA SER G 394 21.97 124.60 77.45
C SER G 394 22.04 124.84 78.99
N SER G 395 22.89 125.82 79.42
CA SER G 395 23.22 126.07 80.78
C SER G 395 22.36 127.13 81.52
N THR G 396 21.37 127.75 80.82
CA THR G 396 20.54 128.82 81.34
C THR G 396 19.11 128.40 81.09
N ASN G 397 18.88 127.91 79.82
CA ASN G 397 17.53 127.57 79.38
C ASN G 397 17.26 126.06 79.43
N PHE G 398 18.33 125.23 79.13
CA PHE G 398 18.32 123.79 79.19
C PHE G 398 17.46 123.32 78.06
N LEU G 399 17.52 124.02 76.88
CA LEU G 399 17.05 123.53 75.54
C LEU G 399 18.24 122.85 74.85
N PRO G 400 18.15 121.88 73.92
CA PRO G 400 19.30 121.15 73.45
C PRO G 400 20.29 121.97 72.66
N GLN G 401 21.67 121.57 72.56
CA GLN G 401 22.72 122.35 72.02
C GLN G 401 23.36 121.49 71.06
N GLY G 402 23.21 121.81 69.73
CA GLY G 402 23.87 120.98 68.77
C GLY G 402 25.24 121.45 68.51
N VAL G 403 26.17 120.46 68.63
CA VAL G 403 27.57 120.58 68.18
C VAL G 403 28.06 119.35 67.35
N THR G 404 29.05 119.66 66.49
CA THR G 404 29.77 118.62 65.75
C THR G 404 31.24 118.75 66.21
N VAL G 405 31.94 117.60 66.26
CA VAL G 405 33.20 117.52 66.97
C VAL G 405 34.26 117.36 65.94
N THR G 406 35.40 118.08 66.05
CA THR G 406 36.28 118.34 64.98
C THR G 406 37.69 118.02 65.50
N THR G 407 38.58 117.35 64.64
CA THR G 407 39.95 117.13 64.87
C THR G 407 40.78 118.44 65.04
N SER G 408 41.98 118.42 65.66
CA SER G 408 42.88 119.58 65.65
C SER G 408 43.37 119.95 64.24
N SER G 409 43.26 118.97 63.27
CA SER G 409 43.53 119.23 61.90
C SER G 409 42.21 119.61 61.19
N ASN G 410 41.07 119.94 61.85
CA ASN G 410 39.84 120.42 61.20
C ASN G 410 39.13 119.51 60.22
N LYS G 411 38.82 118.23 60.68
CA LYS G 411 38.28 117.14 59.93
C LYS G 411 36.91 116.84 60.57
N TYR G 412 35.85 116.85 59.81
CA TYR G 412 34.60 116.33 60.23
C TYR G 412 34.64 114.90 59.80
N THR G 413 35.53 114.39 58.94
CA THR G 413 35.68 112.99 58.66
C THR G 413 36.47 112.28 59.77
N LEU G 414 35.93 112.18 60.97
CA LEU G 414 36.60 111.71 62.15
C LEU G 414 37.35 110.35 62.01
N PRO G 415 38.68 110.31 62.08
CA PRO G 415 39.44 109.05 61.93
C PRO G 415 39.10 108.01 63.02
N VAL G 416 38.66 106.81 62.66
CA VAL G 416 38.43 105.75 63.60
C VAL G 416 39.68 104.84 63.49
N TYR G 417 40.62 105.15 64.42
CA TYR G 417 41.90 104.47 64.55
C TYR G 417 41.78 103.08 65.08
N GLU G 418 42.97 102.52 65.38
CA GLU G 418 42.94 101.23 66.12
C GLU G 418 44.14 101.14 67.02
N ILE G 419 43.94 100.61 68.27
CA ILE G 419 44.84 100.20 69.27
C ILE G 419 44.64 98.67 69.43
N GLY G 420 45.49 98.08 70.22
CA GLY G 420 45.58 96.65 70.49
C GLY G 420 47.03 96.23 70.59
N GLY G 421 47.30 94.94 70.17
CA GLY G 421 48.56 94.31 70.15
C GLY G 421 48.24 92.90 70.55
N PRO G 422 49.17 91.98 70.53
CA PRO G 422 48.95 90.59 70.85
C PRO G 422 48.00 90.21 71.92
N ALA G 423 47.34 89.04 71.76
CA ALA G 423 46.27 88.56 72.63
C ALA G 423 46.83 88.26 73.99
N GLY G 424 46.07 88.49 75.03
CA GLY G 424 46.38 88.32 76.44
C GLY G 424 46.95 89.54 77.04
N THR G 425 47.44 90.48 76.21
CA THR G 425 48.22 91.62 76.61
C THR G 425 47.17 92.63 77.20
N THR G 426 47.65 93.32 78.24
CA THR G 426 46.99 94.31 79.05
C THR G 426 47.55 95.56 78.62
N ILE G 427 46.67 96.49 78.21
CA ILE G 427 46.90 97.73 77.52
C ILE G 427 45.93 98.72 78.12
N THR G 428 46.53 99.79 78.79
CA THR G 428 45.87 100.59 79.74
C THR G 428 45.52 101.83 78.94
N LEU G 429 44.22 101.91 78.55
CA LEU G 429 43.54 103.12 77.97
C LEU G 429 43.47 104.05 79.15
N THR G 430 44.49 104.94 79.31
CA THR G 430 44.56 105.84 80.42
C THR G 430 44.44 107.21 79.85
N GLY G 431 43.16 107.82 80.04
CA GLY G 431 42.88 109.24 79.74
C GLY G 431 42.49 109.76 81.08
N ASN G 432 42.61 111.11 81.26
CA ASN G 432 42.33 111.83 82.45
C ASN G 432 40.96 112.46 82.15
N TRP G 433 39.91 112.00 82.86
CA TRP G 433 38.69 112.73 83.07
C TRP G 433 38.99 113.87 84.02
N TYR G 434 38.66 115.09 83.48
CA TYR G 434 39.32 116.31 83.81
C TYR G 434 40.79 116.23 83.57
N SER G 435 41.56 116.52 84.61
CA SER G 435 42.98 116.11 84.67
C SER G 435 43.24 115.27 85.81
N THR G 436 42.18 114.47 86.30
CA THR G 436 42.40 113.44 87.32
C THR G 436 42.49 112.15 86.56
N PRO G 437 43.47 111.32 86.71
CA PRO G 437 43.45 110.00 86.07
C PRO G 437 42.22 109.12 86.25
N TYR G 438 41.90 108.44 85.15
CA TYR G 438 40.88 107.44 85.18
C TYR G 438 41.36 106.40 84.21
N THR G 439 40.86 105.13 84.33
CA THR G 439 41.34 104.06 83.43
C THR G 439 40.17 103.29 83.02
N VAL G 440 40.39 102.57 81.87
CA VAL G 440 39.64 101.34 81.40
C VAL G 440 40.76 100.65 80.67
N GLN G 441 41.07 99.35 81.05
CA GLN G 441 42.18 98.56 80.59
C GLN G 441 41.63 97.40 79.82
N ILE G 442 41.91 97.32 78.51
CA ILE G 442 41.67 96.16 77.75
C ILE G 442 42.63 95.04 78.10
N THR G 443 42.00 93.92 78.29
CA THR G 443 42.68 92.62 78.15
C THR G 443 42.32 92.26 76.76
N VAL G 444 43.31 92.08 75.89
CA VAL G 444 43.05 91.66 74.46
C VAL G 444 42.45 90.28 74.41
N GLY G 445 41.14 90.12 74.10
CA GLY G 445 40.61 88.78 73.94
C GLY G 445 41.14 88.03 72.71
N SER G 446 40.90 86.71 72.79
CA SER G 446 41.14 85.92 71.58
C SER G 446 39.85 85.50 70.98
N THR G 447 38.74 85.95 71.55
CA THR G 447 37.42 85.75 70.98
C THR G 447 36.82 87.06 71.37
N PRO G 448 35.94 87.66 70.62
CA PRO G 448 34.94 88.69 71.05
C PRO G 448 34.11 88.28 72.23
N THR G 449 33.75 89.36 72.98
CA THR G 449 32.99 89.24 74.22
C THR G 449 31.65 89.99 73.89
N LEU G 450 31.36 90.18 72.54
CA LEU G 450 30.15 90.78 71.89
C LEU G 450 28.84 90.66 72.67
N THR G 451 28.16 91.76 73.04
CA THR G 451 26.98 91.79 73.73
C THR G 451 26.02 92.39 72.70
N ASN G 452 25.04 91.64 72.27
CA ASN G 452 24.04 92.06 71.35
C ASN G 452 22.81 92.49 72.20
N TYR G 453 22.26 93.70 71.99
CA TYR G 453 21.05 94.16 72.56
C TYR G 453 19.77 93.38 72.02
N VAL G 454 19.09 92.46 72.81
CA VAL G 454 17.90 91.74 72.43
C VAL G 454 16.84 92.37 73.32
N SER G 455 15.81 92.89 72.69
CA SER G 455 14.84 93.64 73.38
C SER G 455 13.74 93.88 72.40
N GLN G 456 12.55 94.26 73.00
CA GLN G 456 11.23 94.29 72.39
C GLN G 456 11.06 95.73 72.02
N ILE G 457 10.53 95.93 70.77
CA ILE G 457 10.38 97.17 70.06
C ILE G 457 9.28 96.77 69.15
N LEU G 458 8.56 97.72 68.58
CA LEU G 458 7.40 97.44 67.79
C LEU G 458 7.57 98.23 66.50
N LEU G 459 7.95 97.52 65.35
CA LEU G 459 8.33 98.11 64.16
C LEU G 459 7.32 98.16 63.04
N LYS G 460 7.63 99.01 62.00
CA LYS G 460 6.83 99.08 60.76
C LYS G 460 7.93 99.14 59.81
N ALA G 461 7.60 98.68 58.54
CA ALA G 461 8.56 98.71 57.48
C ALA G 461 7.86 99.39 56.37
N VAL G 462 8.63 100.24 55.56
CA VAL G 462 8.09 101.06 54.53
C VAL G 462 9.06 100.76 53.38
N ALA G 463 8.51 100.66 52.14
CA ALA G 463 9.19 100.27 50.93
C ALA G 463 8.75 101.11 49.74
N TYR G 464 9.52 101.13 48.71
CA TYR G 464 9.15 101.93 47.56
C TYR G 464 9.60 101.27 46.28
N GLU G 465 8.96 101.67 45.17
CA GLU G 465 9.36 101.18 43.90
C GLU G 465 8.96 102.23 42.87
N GLY G 466 9.56 102.14 41.62
CA GLY G 466 9.42 103.13 40.53
C GLY G 466 8.84 102.58 39.25
N ILE G 467 8.12 103.36 38.41
CA ILE G 467 7.72 102.83 37.17
C ILE G 467 7.40 104.04 36.35
N ASN G 468 7.66 104.05 34.99
CA ASN G 468 7.16 105.02 34.02
C ASN G 468 6.24 104.20 33.29
N VAL G 469 4.93 104.61 33.25
CA VAL G 469 3.86 103.78 32.75
C VAL G 469 3.43 104.59 31.49
N SER G 470 3.41 103.92 30.29
CA SER G 470 2.41 104.28 29.31
C SER G 470 2.01 102.96 28.80
N THR G 471 0.67 102.75 28.70
CA THR G 471 -0.05 101.55 28.29
C THR G 471 -1.44 101.98 27.77
N THR G 472 -2.20 101.01 27.33
CA THR G 472 -3.35 101.18 26.50
C THR G 472 -4.57 100.88 27.32
N GLN G 473 -4.37 100.80 28.69
CA GLN G 473 -5.35 100.39 29.62
C GLN G 473 -5.98 101.58 30.33
N SER G 474 -5.57 102.80 29.88
CA SER G 474 -6.01 104.08 30.54
C SER G 474 -7.51 104.24 30.69
N PRO G 475 -8.04 105.01 31.67
CA PRO G 475 -7.37 105.74 32.72
C PRO G 475 -6.81 104.74 33.70
N TYR G 476 -7.47 103.60 33.73
CA TYR G 476 -7.38 102.49 34.65
C TYR G 476 -6.04 101.76 34.52
N TYR G 477 -4.94 102.44 34.84
CA TYR G 477 -3.60 101.92 34.70
C TYR G 477 -3.21 100.77 35.61
N SER G 478 -3.31 99.46 35.19
CA SER G 478 -3.20 98.31 36.07
C SER G 478 -2.20 97.48 35.53
N THR G 479 -1.25 96.93 36.38
CA THR G 479 -0.06 96.24 35.91
C THR G 479 0.41 95.50 37.14
N ALA G 480 1.56 94.84 37.01
CA ALA G 480 1.98 93.75 37.78
C ALA G 480 3.15 94.16 38.68
N ILE G 481 2.96 94.21 40.00
CA ILE G 481 3.95 94.66 40.98
C ILE G 481 4.24 93.56 41.92
N LEU G 482 5.55 93.44 42.08
CA LEU G 482 6.30 92.45 42.87
C LEU G 482 6.14 92.94 44.27
N SER G 483 5.79 92.07 45.20
CA SER G 483 5.57 92.43 46.60
C SER G 483 6.86 92.24 47.43
N THR G 484 8.06 92.08 46.76
CA THR G 484 9.36 92.25 47.27
C THR G 484 9.93 93.13 46.20
N PRO G 485 10.30 94.36 46.49
CA PRO G 485 10.93 95.25 45.49
C PRO G 485 12.41 95.04 45.44
N PRO G 486 13.12 95.45 44.42
CA PRO G 486 14.59 95.54 44.30
C PRO G 486 15.08 96.93 44.81
N SER G 487 14.23 97.74 45.45
CA SER G 487 14.44 99.14 45.58
C SER G 487 13.87 99.61 46.88
N GLU G 488 14.48 100.63 47.50
CA GLU G 488 14.69 100.96 48.90
C GLU G 488 13.69 100.53 49.94
N ILE G 489 14.16 100.42 51.26
CA ILE G 489 13.33 100.27 52.45
C ILE G 489 13.94 101.13 53.55
N SER G 490 12.95 101.69 54.36
CA SER G 490 13.23 102.27 55.65
C SER G 490 12.37 101.43 56.61
N ILE G 491 12.97 101.02 57.70
CA ILE G 491 12.36 100.32 58.82
C ILE G 491 12.37 101.46 59.81
N THR G 492 11.20 101.75 60.41
CA THR G 492 11.02 102.86 61.35
C THR G 492 10.04 102.31 62.25
N GLY G 493 10.26 102.37 63.58
CA GLY G 493 9.27 101.81 64.46
C GLY G 493 9.48 102.25 65.86
N SER G 494 8.55 101.81 66.72
CA SER G 494 8.31 102.55 67.93
C SER G 494 8.93 101.92 69.18
N SER G 495 9.80 102.65 69.94
CA SER G 495 10.25 102.07 71.23
C SER G 495 10.25 103.20 72.22
N THR G 496 10.80 103.01 73.53
CA THR G 496 10.77 103.94 74.62
C THR G 496 12.20 104.19 75.05
N ILE G 497 12.61 105.43 75.46
CA ILE G 497 13.82 105.79 76.14
C ILE G 497 13.39 106.58 77.36
N THR G 498 14.07 106.30 78.54
CA THR G 498 13.72 107.02 79.72
C THR G 498 15.06 107.29 80.31
N ALA G 499 15.09 108.22 81.27
CA ALA G 499 16.32 108.78 81.87
C ALA G 499 16.13 108.78 83.29
N GLN G 500 17.01 108.28 84.07
CA GLN G 500 16.80 108.14 85.56
C GLN G 500 17.99 108.90 86.10
N GLY G 501 17.82 109.80 87.11
CA GLY G 501 18.96 110.52 87.63
C GLY G 501 18.74 111.00 89.07
N LYS G 502 19.74 110.66 89.87
CA LYS G 502 19.96 111.01 91.24
C LYS G 502 20.51 112.42 91.39
N LEU G 503 19.62 113.38 91.63
CA LEU G 503 20.09 114.73 92.00
C LEU G 503 20.48 114.66 93.47
N THR G 504 21.77 114.79 93.69
CA THR G 504 22.35 114.89 95.01
C THR G 504 22.48 116.26 95.60
N ALA G 505 23.55 117.06 95.38
CA ALA G 505 23.56 118.49 95.72
C ALA G 505 24.88 119.00 95.15
N THR G 506 25.73 118.15 94.53
CA THR G 506 27.05 118.58 94.01
C THR G 506 27.29 117.67 92.90
N SER G 507 27.17 116.35 93.13
CA SER G 507 27.43 115.26 92.25
C SER G 507 26.12 114.76 91.74
N ALA G 508 26.10 113.78 90.85
CA ALA G 508 24.85 113.23 90.34
C ALA G 508 25.24 111.90 89.65
N SER G 509 24.65 110.84 90.10
CA SER G 509 24.65 109.53 89.46
C SER G 509 23.48 109.64 88.47
N ALA G 510 23.53 108.88 87.40
CA ALA G 510 22.56 109.02 86.41
C ALA G 510 22.81 107.83 85.52
N THR G 511 21.91 107.67 84.53
CA THR G 511 21.76 106.59 83.58
C THR G 511 20.63 106.92 82.67
N VAL G 512 20.53 106.28 81.53
CA VAL G 512 19.46 106.55 80.55
C VAL G 512 19.32 105.14 80.02
N ASN G 513 18.09 104.69 79.75
CA ASN G 513 17.80 103.34 79.27
C ASN G 513 17.10 103.58 77.95
N LEU G 514 17.37 102.78 76.95
CA LEU G 514 16.75 102.98 75.66
C LEU G 514 16.75 101.60 75.02
N LEU G 515 15.93 101.35 74.04
CA LEU G 515 15.87 100.14 73.18
C LEU G 515 15.20 98.93 73.89
N THR G 516 15.17 99.01 75.22
CA THR G 516 14.46 98.18 76.14
C THR G 516 15.34 97.11 76.79
N ASN G 517 16.66 97.37 76.77
CA ASN G 517 17.72 96.79 77.57
C ASN G 517 19.05 97.47 77.36
N ALA G 518 19.23 98.37 76.35
CA ALA G 518 20.42 99.06 76.07
C ALA G 518 20.43 100.19 77.11
N THR G 519 21.64 100.70 77.51
CA THR G 519 21.67 101.70 78.50
C THR G 519 23.00 102.35 78.37
N LEU G 520 23.12 103.46 79.11
CA LEU G 520 24.26 104.34 79.09
C LEU G 520 24.32 104.77 80.52
N THR G 521 25.55 104.58 81.17
CA THR G 521 25.69 104.74 82.58
C THR G 521 26.39 106.08 82.73
N TYR G 522 26.26 106.69 83.97
CA TYR G 522 26.91 107.92 84.30
C TYR G 522 27.25 107.76 85.73
N GLU G 523 28.52 107.84 86.15
CA GLU G 523 28.97 108.11 87.49
C GLU G 523 29.03 109.66 87.58
N ASN G 524 29.39 110.18 88.77
CA ASN G 524 29.31 111.49 89.32
C ASN G 524 29.49 112.53 88.27
N ILE G 525 28.61 113.55 88.28
CA ILE G 525 28.63 114.67 87.44
C ILE G 525 28.60 115.79 88.42
N PRO G 526 29.76 116.50 88.61
CA PRO G 526 29.93 117.71 89.43
C PRO G 526 29.17 118.98 88.87
N LEU G 527 28.98 120.02 89.71
CA LEU G 527 28.19 121.21 89.32
C LEU G 527 28.93 121.90 88.18
N THR G 528 28.12 122.37 87.25
CA THR G 528 28.47 123.11 86.07
C THR G 528 29.04 122.20 85.01
N GLN G 529 29.01 120.86 85.23
CA GLN G 529 29.86 120.00 84.48
C GLN G 529 29.07 118.95 83.84
N TYR G 530 29.71 118.09 82.98
CA TYR G 530 28.88 117.30 82.06
C TYR G 530 29.51 115.89 82.21
N SER G 531 28.90 114.86 81.59
CA SER G 531 29.44 113.59 81.18
C SER G 531 28.70 113.32 79.93
N PHE G 532 29.37 112.46 79.07
CA PHE G 532 28.85 112.15 77.68
C PHE G 532 28.93 110.63 77.40
N ASN G 533 27.92 110.10 76.71
CA ASN G 533 27.82 108.70 76.39
C ASN G 533 27.00 108.50 75.17
N GLY G 534 27.39 107.42 74.39
CA GLY G 534 26.66 107.31 73.12
C GLY G 534 26.74 105.91 72.80
N ILE G 535 25.82 105.28 72.00
CA ILE G 535 26.01 103.98 71.47
C ILE G 535 25.50 103.99 70.05
N ILE G 536 26.02 103.06 69.31
CA ILE G 536 25.56 102.88 67.90
C ILE G 536 25.07 101.46 68.02
N VAL G 537 23.91 101.20 67.43
CA VAL G 537 23.30 99.96 67.30
C VAL G 537 23.21 99.55 65.83
N THR G 538 23.41 98.25 65.57
CA THR G 538 23.23 97.92 64.14
C THR G 538 22.54 96.55 64.15
N PRO G 539 21.59 96.19 63.29
CA PRO G 539 20.86 94.91 63.29
C PRO G 539 21.90 93.79 63.06
N GLY G 540 22.22 93.02 64.17
CA GLY G 540 23.26 92.09 64.25
C GLY G 540 23.02 90.88 63.40
N TYR G 541 23.53 90.91 62.14
CA TYR G 541 23.32 89.79 61.21
C TYR G 541 24.52 89.69 60.36
N ALA G 542 24.37 90.09 59.08
CA ALA G 542 25.38 89.93 58.05
C ALA G 542 25.21 90.69 56.77
N ALA G 543 24.24 91.67 56.74
CA ALA G 543 24.03 92.53 55.57
C ALA G 543 23.03 93.59 55.97
N ILE G 544 23.17 94.03 57.27
CA ILE G 544 22.46 95.11 57.84
C ILE G 544 23.38 95.70 58.87
N ASN G 545 24.27 94.88 59.47
CA ASN G 545 25.29 95.25 60.42
C ASN G 545 26.40 96.03 59.76
N GLY G 546 26.98 97.12 60.37
CA GLY G 546 27.89 98.05 59.62
C GLY G 546 27.23 98.97 58.65
N THR G 547 26.62 98.26 57.69
CA THR G 547 25.96 98.75 56.45
C THR G 547 24.87 99.76 56.62
N THR G 548 24.16 99.74 57.75
CA THR G 548 23.16 100.72 58.20
C THR G 548 23.63 100.85 59.68
N ALA G 549 23.20 101.94 60.34
CA ALA G 549 23.47 102.17 61.70
C ALA G 549 22.39 103.08 62.19
N MET G 550 22.35 103.12 63.58
CA MET G 550 21.47 103.93 64.31
C MET G 550 22.19 104.34 65.61
N ALA G 551 22.58 105.65 65.66
CA ALA G 551 23.35 106.31 66.79
C ALA G 551 22.45 106.95 67.74
N TYR G 552 22.81 107.01 69.03
CA TYR G 552 22.12 107.68 70.12
C TYR G 552 23.23 108.17 70.96
N VAL G 553 23.38 109.51 70.87
CA VAL G 553 24.41 110.12 71.72
C VAL G 553 23.82 111.22 72.56
N ILE G 554 24.07 111.09 73.94
CA ILE G 554 23.44 111.92 74.91
C ILE G 554 24.44 112.63 75.71
N GLY G 555 24.17 113.96 75.87
CA GLY G 555 24.93 114.88 76.73
C GLY G 555 24.11 115.14 77.86
N ALA G 556 24.80 115.20 79.03
CA ALA G 556 24.06 115.40 80.27
C ALA G 556 24.76 116.31 81.17
N LEU G 557 24.01 117.20 81.81
CA LEU G 557 24.52 118.42 82.38
C LEU G 557 24.00 118.33 83.76
N TYR G 558 24.87 118.62 84.73
CA TYR G 558 24.41 118.87 86.07
C TYR G 558 24.80 120.26 86.38
N ASN G 559 23.91 121.01 87.04
CA ASN G 559 24.11 122.41 87.25
C ASN G 559 23.05 122.91 88.23
N LYS G 560 22.87 124.22 88.48
CA LYS G 560 21.75 124.77 89.28
C LYS G 560 21.47 126.06 88.59
N THR G 561 20.24 126.60 88.68
CA THR G 561 19.87 127.93 88.35
C THR G 561 19.41 128.47 89.63
N SER G 562 18.08 128.48 89.86
CA SER G 562 17.55 128.74 91.22
C SER G 562 17.03 127.47 91.84
N ASP G 563 16.89 126.40 91.02
CA ASP G 563 16.59 125.03 91.37
C ASP G 563 17.69 124.15 90.87
N TYR G 564 17.97 123.02 91.60
CA TYR G 564 19.04 122.05 91.32
C TYR G 564 18.61 121.32 90.09
N VAL G 565 19.43 121.15 89.09
CA VAL G 565 19.04 120.65 87.78
C VAL G 565 19.99 119.61 87.35
N LEU G 566 19.40 118.43 87.02
CA LEU G 566 20.05 117.49 86.17
C LEU G 566 19.16 117.56 84.92
N SER G 567 19.75 117.30 83.75
CA SER G 567 19.03 117.38 82.49
C SER G 567 19.85 116.47 81.57
N PHE G 568 19.14 115.88 80.56
CA PHE G 568 19.68 115.08 79.46
C PHE G 568 19.11 115.75 78.37
N ALA G 569 19.88 115.87 77.23
CA ALA G 569 19.36 116.15 75.98
C ALA G 569 20.06 115.26 74.95
N GLY G 570 19.32 114.68 74.00
CA GLY G 570 19.83 113.70 73.02
C GLY G 570 19.27 113.97 71.65
N SER G 571 20.06 113.83 70.56
CA SER G 571 19.62 113.72 69.21
C SER G 571 19.92 112.24 68.93
N GLN G 572 19.55 111.84 67.72
CA GLN G 572 19.56 110.46 67.38
C GLN G 572 19.63 110.41 65.93
N GLU G 573 20.56 109.58 65.34
CA GLU G 573 20.85 109.76 63.92
C GLU G 573 20.80 108.35 63.36
N PRO G 574 19.87 108.25 62.29
CA PRO G 574 20.08 107.36 61.16
C PRO G 574 21.33 107.68 60.38
N MET G 575 22.20 106.62 60.31
CA MET G 575 23.44 106.85 59.67
C MET G 575 23.63 105.57 58.89
N GLN G 576 24.67 105.64 57.98
CA GLN G 576 24.95 104.59 57.06
C GLN G 576 26.41 104.65 56.72
N VAL G 577 27.20 103.56 57.05
CA VAL G 577 28.50 103.34 56.45
C VAL G 577 28.43 103.09 54.94
N MET G 578 29.17 103.96 54.22
CA MET G 578 29.28 104.04 52.80
C MET G 578 30.57 104.75 52.56
N ASN G 579 31.44 104.07 51.76
CA ASN G 579 32.80 104.36 51.51
C ASN G 579 33.56 104.40 52.81
N ASN G 580 33.32 103.50 53.79
CA ASN G 580 33.81 103.46 55.17
C ASN G 580 33.34 104.58 56.06
N ASN G 581 32.94 105.75 55.42
CA ASN G 581 32.42 106.92 56.09
C ASN G 581 31.10 106.63 56.63
N LEU G 582 30.93 106.72 57.98
CA LEU G 582 29.65 106.56 58.57
C LEU G 582 28.78 107.74 58.27
N THR G 583 28.35 107.87 56.99
CA THR G 583 27.50 108.97 56.51
C THR G 583 26.05 109.17 57.04
N GLU G 584 25.88 110.23 57.87
CA GLU G 584 24.60 110.63 58.34
C GLU G 584 23.61 110.86 57.23
N VAL G 585 22.45 110.11 57.24
CA VAL G 585 21.27 110.29 56.39
C VAL G 585 20.49 111.51 56.80
N THR G 586 19.79 111.35 57.94
CA THR G 586 18.99 112.40 58.65
C THR G 586 19.37 112.26 60.11
N THR G 587 19.18 113.37 60.90
CA THR G 587 19.21 113.39 62.35
C THR G 587 17.77 113.51 62.68
N LEU G 588 17.34 112.97 63.82
CA LEU G 588 16.00 113.09 64.29
C LEU G 588 16.07 113.84 65.57
N ALA G 589 14.91 113.98 66.29
CA ALA G 589 14.66 115.01 67.25
C ALA G 589 15.64 115.24 68.34
N PRO G 590 16.11 116.42 68.60
CA PRO G 590 16.63 116.95 69.85
C PRO G 590 15.48 116.90 70.81
N PHE G 591 15.63 116.08 71.88
CA PHE G 591 14.68 115.99 73.00
C PHE G 591 15.45 116.50 74.16
N GLY G 592 14.84 117.34 74.99
CA GLY G 592 15.37 117.93 76.19
C GLY G 592 14.54 117.44 77.28
N LEU G 593 15.19 116.89 78.31
CA LEU G 593 14.42 116.20 79.32
C LEU G 593 14.94 117.02 80.58
N THR G 594 14.02 117.69 81.32
CA THR G 594 14.36 118.48 82.49
C THR G 594 13.96 117.72 83.70
N LEU G 595 14.73 117.91 84.81
CA LEU G 595 14.41 117.34 86.10
C LEU G 595 14.64 118.47 87.09
N LEU G 596 13.63 119.32 87.48
CA LEU G 596 13.95 120.51 88.34
C LEU G 596 13.59 120.10 89.69
N ALA G 597 14.34 120.59 90.72
CA ALA G 597 14.06 120.26 92.14
C ALA G 597 14.41 121.51 92.93
N PRO G 598 13.44 122.38 93.42
CA PRO G 598 13.76 123.49 94.26
C PRO G 598 14.35 122.99 95.57
N SER G 599 13.73 121.97 96.20
CA SER G 599 14.28 121.16 97.36
C SER G 599 15.60 120.58 96.86
N VAL G 600 16.53 120.38 97.86
CA VAL G 600 17.82 119.92 97.62
C VAL G 600 17.82 118.47 97.18
N PRO G 601 17.29 117.46 97.71
CA PRO G 601 17.60 116.13 97.19
C PRO G 601 16.49 115.76 96.18
N ALA G 602 16.71 114.83 95.24
CA ALA G 602 15.64 114.40 94.34
C ALA G 602 16.17 113.16 93.66
N THR G 603 15.28 112.41 93.00
CA THR G 603 15.72 111.33 92.10
C THR G 603 14.56 111.16 91.18
N GLU G 604 14.53 111.83 89.98
CA GLU G 604 13.42 112.13 89.11
C GLU G 604 13.77 111.42 87.85
N THR G 605 12.74 111.42 86.92
CA THR G 605 12.82 110.73 85.60
C THR G 605 12.24 111.70 84.58
N GLY G 606 12.68 111.53 83.36
CA GLY G 606 12.21 112.15 82.13
C GLY G 606 11.87 111.03 81.23
N THR G 607 11.06 111.28 80.12
CA THR G 607 10.68 110.21 79.16
C THR G 607 10.76 110.93 77.82
N SER G 608 10.91 110.12 76.73
CA SER G 608 10.98 110.62 75.37
C SER G 608 10.60 109.40 74.56
N PRO G 609 9.96 109.45 73.29
CA PRO G 609 9.85 108.35 72.40
C PRO G 609 11.20 108.00 71.92
N LEU G 610 11.32 106.76 71.30
CA LEU G 610 12.52 106.30 70.71
C LEU G 610 11.99 105.79 69.40
N GLN G 611 12.73 106.15 68.30
CA GLN G 611 12.46 105.61 66.99
C GLN G 611 13.70 104.88 66.65
N LEU G 612 13.64 103.60 66.55
CA LEU G 612 14.62 102.75 65.89
C LEU G 612 14.43 103.05 64.41
N GLU G 613 15.40 103.78 63.73
CA GLU G 613 15.35 103.96 62.28
C GLU G 613 16.54 103.57 61.53
N PHE G 614 16.25 102.59 60.67
CA PHE G 614 17.31 102.10 59.80
C PHE G 614 16.80 102.53 58.49
N PHE G 615 17.61 103.20 57.54
CA PHE G 615 17.19 103.38 56.18
C PHE G 615 18.31 102.75 55.55
N THR G 616 18.07 101.60 54.83
CA THR G 616 19.13 100.73 54.26
C THR G 616 19.30 101.14 52.82
N VAL G 617 19.91 100.28 51.99
CA VAL G 617 20.37 100.47 50.68
C VAL G 617 19.24 99.92 49.76
N PRO G 618 19.07 100.38 48.54
CA PRO G 618 18.03 99.88 47.64
C PRO G 618 17.74 98.35 47.55
N SER G 619 18.83 97.57 47.26
CA SER G 619 18.83 96.18 47.03
C SER G 619 18.62 95.31 48.30
N THR G 620 18.91 95.87 49.53
CA THR G 620 18.70 95.18 50.81
C THR G 620 17.22 94.97 51.16
N SER G 621 16.35 95.62 50.32
CA SER G 621 14.96 95.23 50.05
C SER G 621 14.64 93.82 49.75
N TYR G 622 15.58 93.06 49.14
CA TYR G 622 15.45 91.65 49.05
C TYR G 622 16.28 91.09 50.16
N ILE G 623 17.51 91.60 50.25
CA ILE G 623 18.54 90.82 50.83
C ILE G 623 18.43 90.75 52.30
N ALA G 624 18.53 91.92 52.97
CA ALA G 624 18.25 92.08 54.37
C ALA G 624 16.82 91.82 54.74
N LEU G 625 15.88 92.00 53.82
CA LEU G 625 14.51 91.62 53.97
C LEU G 625 14.30 90.14 54.33
N VAL G 626 15.03 89.18 53.65
CA VAL G 626 14.95 87.74 53.96
C VAL G 626 15.78 87.28 55.12
N ASP G 627 16.82 88.03 55.54
CA ASP G 627 17.59 87.97 56.79
C ASP G 627 16.97 88.58 58.03
N PHE G 628 15.83 89.22 57.87
CA PHE G 628 14.92 89.55 58.96
C PHE G 628 13.78 88.52 58.83
N GLY G 629 13.01 88.60 57.70
CA GLY G 629 11.86 87.78 57.42
C GLY G 629 10.84 88.70 57.74
N LEU G 630 10.49 89.69 56.81
CA LEU G 630 9.41 90.63 56.92
C LEU G 630 8.25 90.08 56.05
N TRP G 631 8.46 88.88 55.53
CA TRP G 631 7.64 88.30 54.59
C TRP G 631 7.41 86.86 55.01
N GLY G 632 6.15 86.36 54.88
CA GLY G 632 5.75 85.00 54.96
C GLY G 632 4.26 84.95 55.00
N ASN G 633 3.76 83.99 55.81
CA ASN G 633 2.39 83.69 56.14
C ASN G 633 2.20 84.33 57.47
N LEU G 634 3.17 85.24 57.84
CA LEU G 634 3.26 85.94 59.05
C LEU G 634 3.47 87.42 58.79
N THR G 635 2.83 87.86 57.66
CA THR G 635 3.12 89.18 57.15
C THR G 635 1.81 89.80 56.87
N SER G 636 1.76 91.21 56.80
CA SER G 636 0.56 91.87 56.34
C SER G 636 1.10 93.20 55.72
N VAL G 637 0.34 93.57 54.64
CA VAL G 637 0.77 94.49 53.68
C VAL G 637 -0.42 95.41 53.42
N THR G 638 -0.03 96.68 53.36
CA THR G 638 -0.73 97.84 52.98
C THR G 638 0.00 98.45 51.80
N VAL G 639 -0.75 98.88 50.74
CA VAL G 639 -0.13 99.32 49.46
C VAL G 639 -0.59 100.67 49.11
N SER G 640 0.30 101.60 48.51
CA SER G 640 -0.08 102.97 48.27
C SER G 640 0.62 103.44 47.04
N ALA G 641 0.01 104.45 46.36
CA ALA G 641 0.71 104.85 45.11
C ALA G 641 0.67 106.35 45.07
N TYR G 642 1.29 106.94 44.01
CA TYR G 642 1.61 108.35 43.88
C TYR G 642 1.96 108.55 42.43
N ASP G 643 1.56 109.71 41.87
CA ASP G 643 1.88 110.13 40.46
C ASP G 643 2.93 111.20 40.54
N THR G 644 4.06 111.05 39.79
CA THR G 644 5.41 111.64 40.10
C THR G 644 5.35 113.12 39.75
N VAL G 645 5.71 113.57 38.51
CA VAL G 645 5.94 114.96 38.06
C VAL G 645 4.73 115.82 38.38
N ASN G 646 3.53 115.17 38.12
CA ASN G 646 2.21 115.77 38.25
C ASN G 646 1.86 115.90 39.71
N ASN G 647 2.47 115.09 40.59
CA ASN G 647 2.27 115.15 42.06
C ASN G 647 0.88 114.85 42.59
N LYS G 648 0.47 113.62 42.43
CA LYS G 648 -0.94 113.17 42.73
C LYS G 648 -0.82 111.98 43.69
N LEU G 649 -1.70 111.73 44.74
CA LEU G 649 -1.28 110.78 45.83
C LEU G 649 -2.45 109.78 45.89
N SER G 650 -2.46 108.75 46.76
CA SER G 650 -3.53 107.78 46.96
C SER G 650 -3.89 107.90 48.41
N VAL G 651 -5.22 108.15 48.69
CA VAL G 651 -5.62 108.43 50.02
C VAL G 651 -6.20 107.12 50.66
N ASN G 652 -6.62 106.15 49.86
CA ASN G 652 -6.96 104.81 50.34
C ASN G 652 -5.70 104.02 50.29
N LEU G 653 -5.45 103.22 51.33
CA LEU G 653 -4.30 102.41 51.30
C LEU G 653 -5.02 101.09 51.04
N GLY G 654 -4.57 100.29 50.02
CA GLY G 654 -5.13 98.98 49.79
C GLY G 654 -4.49 97.93 50.67
N TYR G 655 -4.89 96.63 50.50
CA TYR G 655 -4.28 95.61 51.35
C TYR G 655 -4.15 94.25 50.72
N PHE G 656 -3.27 93.46 51.34
CA PHE G 656 -3.34 92.03 51.14
C PHE G 656 -2.60 91.32 52.21
N TYR G 657 -2.35 89.96 52.16
CA TYR G 657 -1.82 89.21 53.27
C TYR G 657 -0.94 88.13 52.65
N GLY G 658 -0.63 87.05 53.40
CA GLY G 658 0.03 85.90 52.85
C GLY G 658 -0.65 84.58 53.10
N ILE G 659 -0.95 83.80 52.00
CA ILE G 659 -1.03 82.39 51.97
C ILE G 659 -0.26 81.96 50.80
N VAL G 660 0.77 81.16 51.17
CA VAL G 660 1.71 80.51 50.24
C VAL G 660 1.00 79.19 49.94
N ILE G 661 1.25 78.73 48.71
CA ILE G 661 0.53 77.71 48.09
C ILE G 661 1.60 76.85 47.40
N PRO G 662 1.44 75.56 47.23
CA PRO G 662 2.30 74.87 46.31
C PRO G 662 1.67 75.05 44.92
N PRO G 663 2.34 75.35 43.83
CA PRO G 663 1.93 75.15 42.47
C PRO G 663 1.17 73.90 42.03
N SER G 664 0.20 74.10 41.10
CA SER G 664 -0.34 72.93 40.35
C SER G 664 0.37 72.94 39.01
N ILE G 665 0.08 71.85 38.22
CA ILE G 665 0.82 71.71 36.97
C ILE G 665 -0.07 70.91 36.14
N SER G 666 0.04 71.02 34.77
CA SER G 666 -0.74 70.18 33.94
C SER G 666 0.18 69.99 32.83
N THR G 667 -0.26 69.13 31.89
CA THR G 667 0.28 69.00 30.59
C THR G 667 -1.01 68.73 29.76
N ALA G 668 -0.91 68.66 28.41
CA ALA G 668 -2.08 68.54 27.46
C ALA G 668 -1.80 67.35 26.65
N PRO G 669 -2.61 66.77 25.79
CA PRO G 669 -2.60 65.36 25.41
C PRO G 669 -1.28 64.82 24.90
N TYR G 670 -1.27 63.46 25.06
CA TYR G 670 -0.47 62.59 24.29
C TYR G 670 -1.30 61.36 24.02
N ASN G 671 -1.05 60.69 22.83
CA ASN G 671 -1.42 59.27 22.57
C ASN G 671 -0.17 58.68 22.00
N TYR G 672 -0.05 57.34 21.98
CA TYR G 672 0.96 56.67 21.17
C TYR G 672 0.89 57.06 19.66
N GLN G 673 -0.34 57.34 19.13
CA GLN G 673 -0.57 57.88 17.81
C GLN G 673 0.20 59.22 17.66
N ASN G 674 0.22 60.08 18.69
CA ASN G 674 0.80 61.37 18.62
C ASN G 674 2.37 61.36 18.63
N PHE G 675 2.99 60.15 18.28
CA PHE G 675 4.34 60.16 17.82
C PHE G 675 4.48 59.79 16.36
N ILE G 676 3.48 59.01 15.76
CA ILE G 676 3.52 58.22 14.58
C ILE G 676 3.82 59.01 13.34
N CYS G 677 2.85 59.84 12.99
CA CYS G 677 2.66 60.66 11.81
C CYS G 677 3.26 62.03 12.08
N PRO G 678 3.86 62.72 11.12
CA PRO G 678 4.52 63.95 11.33
C PRO G 678 3.49 65.12 11.23
N ASN G 679 2.36 65.01 11.99
CA ASN G 679 1.28 65.98 12.10
C ASN G 679 0.44 65.53 13.24
N ASN G 680 0.95 64.65 14.04
CA ASN G 680 0.23 64.10 15.20
C ASN G 680 1.08 64.46 16.38
N TYR G 681 0.68 65.30 17.27
CA TYR G 681 1.59 65.98 18.12
C TYR G 681 1.13 65.89 19.48
N VAL G 682 2.10 66.24 20.38
CA VAL G 682 1.91 66.16 21.80
C VAL G 682 1.89 67.59 22.23
N THR G 683 0.67 68.11 22.72
CA THR G 683 0.62 69.43 23.23
C THR G 683 1.12 69.50 24.67
N VAL G 684 1.43 70.67 25.28
CA VAL G 684 1.73 70.75 26.70
C VAL G 684 1.30 72.14 26.89
N THR G 685 0.85 72.33 28.16
CA THR G 685 0.52 73.67 28.69
C THR G 685 0.78 73.49 30.11
N ILE G 686 1.69 74.32 30.67
CA ILE G 686 2.24 74.06 31.94
C ILE G 686 1.97 75.20 32.81
N TYR G 687 1.85 75.06 34.14
CA TYR G 687 1.31 76.04 35.02
C TYR G 687 2.32 76.08 36.22
N ASP G 688 2.54 77.28 36.71
CA ASP G 688 3.28 77.50 37.93
C ASP G 688 2.92 78.93 38.23
N PRO G 689 2.10 79.34 39.22
CA PRO G 689 1.52 80.65 39.21
C PRO G 689 2.41 81.53 40.04
N ASP G 690 3.46 82.11 39.40
CA ASP G 690 4.46 83.10 39.86
C ASP G 690 5.32 83.45 38.71
N ALA G 691 5.10 82.75 37.56
CA ALA G 691 6.09 82.66 36.46
C ALA G 691 5.79 83.59 35.33
N VAL G 692 5.07 84.74 35.64
CA VAL G 692 4.82 85.91 34.76
C VAL G 692 5.55 87.01 35.51
N LEU G 693 5.74 88.16 34.78
CA LEU G 693 6.30 89.27 35.49
C LEU G 693 5.89 90.38 34.56
N ASP G 694 5.53 89.99 33.32
CA ASP G 694 5.23 91.00 32.30
C ASP G 694 3.92 90.60 31.79
N PRO G 695 2.80 91.37 32.00
CA PRO G 695 1.43 91.00 31.53
C PRO G 695 1.28 91.60 30.10
N TYR G 696 0.20 91.19 29.36
CA TYR G 696 -0.25 91.84 28.15
C TYR G 696 0.73 91.58 26.93
N PRO G 697 0.40 90.79 25.90
CA PRO G 697 1.05 90.79 24.57
C PRO G 697 1.41 92.12 23.97
N SER G 698 2.62 92.16 23.38
CA SER G 698 3.41 93.29 22.91
C SER G 698 3.61 94.30 24.03
N GLY G 699 4.07 93.69 25.23
CA GLY G 699 4.59 94.42 26.35
C GLY G 699 6.08 94.62 26.24
N SER G 700 6.88 94.25 27.26
CA SER G 700 8.33 94.35 27.32
C SER G 700 8.77 95.54 28.07
N PHE G 701 9.83 95.47 28.85
CA PHE G 701 10.21 96.57 29.73
C PHE G 701 11.62 96.35 30.19
N THR G 702 12.28 97.47 30.70
CA THR G 702 13.62 97.46 31.20
C THR G 702 13.53 98.24 32.46
N THR G 703 14.73 98.66 32.98
CA THR G 703 14.77 99.43 34.16
C THR G 703 15.97 100.38 34.11
N SER G 704 16.01 101.35 35.09
CA SER G 704 17.05 102.36 35.30
C SER G 704 16.80 102.75 36.71
N SER G 705 17.32 103.92 37.10
CA SER G 705 16.99 104.45 38.37
C SER G 705 17.06 105.94 38.33
N LEU G 706 16.28 106.63 39.17
CA LEU G 706 16.13 108.07 39.21
C LEU G 706 15.78 108.35 40.70
N PRO G 707 15.89 109.63 41.13
CA PRO G 707 15.19 110.09 42.31
C PRO G 707 13.79 110.55 41.98
N LEU G 708 12.84 109.63 41.61
CA LEU G 708 11.37 109.93 41.46
C LEU G 708 10.88 110.59 42.79
N LYS G 709 9.92 111.51 42.63
CA LYS G 709 9.02 111.74 43.73
C LYS G 709 8.18 110.59 44.18
N TYR G 710 8.25 110.27 45.49
CA TYR G 710 7.08 109.77 46.23
C TYR G 710 6.82 110.77 47.31
N GLY G 711 5.52 111.04 47.65
CA GLY G 711 5.05 111.93 48.68
C GLY G 711 5.59 113.32 48.66
N ASN G 712 6.31 113.63 49.78
CA ASN G 712 6.76 115.00 49.99
C ASN G 712 8.20 115.17 49.77
N MET G 713 8.83 114.24 49.01
CA MET G 713 10.23 114.04 49.10
C MET G 713 10.58 113.37 47.80
N ASN G 714 11.84 112.82 47.74
CA ASN G 714 12.47 112.26 46.55
C ASN G 714 13.14 110.89 46.86
N ILE G 715 12.36 109.83 46.58
CA ILE G 715 12.73 108.43 46.77
C ILE G 715 13.69 108.04 45.61
N THR G 716 14.90 107.42 45.98
CA THR G 716 15.76 106.78 45.02
C THR G 716 15.14 105.40 44.64
N GLY G 717 14.33 105.42 43.49
CA GLY G 717 13.65 104.19 43.13
C GLY G 717 14.15 103.77 41.79
N ALA G 718 14.16 102.43 41.64
CA ALA G 718 14.37 101.73 40.39
C ALA G 718 13.14 101.88 39.45
N VAL G 719 13.25 102.79 38.51
CA VAL G 719 12.25 103.15 37.57
C VAL G 719 12.26 102.11 36.50
N ILE G 720 11.16 101.31 36.45
CA ILE G 720 10.89 100.43 35.38
C ILE G 720 10.55 101.35 34.15
N PHE G 721 11.11 101.03 33.01
CA PHE G 721 11.02 101.78 31.82
C PHE G 721 10.25 100.90 30.85
N PRO G 722 9.34 101.39 29.93
CA PRO G 722 8.74 100.61 28.94
C PRO G 722 9.76 100.30 27.89
N GLY G 723 9.43 99.41 26.97
CA GLY G 723 10.18 99.20 25.80
C GLY G 723 11.26 98.21 26.12
N SER G 724 11.90 97.65 24.96
CA SER G 724 12.99 96.65 25.07
C SER G 724 14.33 97.29 25.18
N SER G 725 14.19 98.62 25.03
CA SER G 725 15.25 99.58 25.14
C SER G 725 15.61 100.05 26.56
N VAL G 726 16.80 99.72 27.05
CA VAL G 726 17.36 100.15 28.31
C VAL G 726 17.56 101.70 28.14
N TYR G 727 17.44 102.55 29.23
CA TYR G 727 17.56 103.92 29.11
C TYR G 727 18.48 104.48 30.16
N ASN G 728 18.88 105.73 30.03
CA ASN G 728 19.93 106.35 30.93
C ASN G 728 19.43 107.72 31.25
N PRO G 729 18.26 107.97 31.82
CA PRO G 729 17.95 109.29 32.32
C PRO G 729 18.95 109.89 33.30
N SER G 730 18.86 111.23 33.34
CA SER G 730 19.64 112.08 34.24
C SER G 730 18.76 113.13 34.82
N GLY G 731 19.45 113.90 35.74
CA GLY G 731 18.85 115.01 36.42
C GLY G 731 17.84 114.56 37.38
N VAL G 732 17.13 115.50 38.03
CA VAL G 732 16.36 115.25 39.24
C VAL G 732 14.98 115.05 38.65
N PHE G 733 14.22 114.10 39.24
CA PHE G 733 12.98 113.62 38.73
C PHE G 733 11.90 113.98 39.71
N GLY G 734 10.70 114.22 39.10
CA GLY G 734 9.54 114.91 39.60
C GLY G 734 9.47 116.28 39.00
N TYR G 735 10.53 116.63 38.21
CA TYR G 735 10.75 117.96 37.82
C TYR G 735 11.01 117.86 36.33
N SER G 736 11.37 118.99 35.67
CA SER G 736 11.71 118.94 34.25
C SER G 736 13.12 119.36 34.14
N ASN G 737 13.85 119.27 35.28
CA ASN G 737 15.26 119.03 35.38
C ASN G 737 15.64 117.71 34.78
N PHE G 738 14.79 116.67 34.94
CA PHE G 738 14.83 115.42 34.26
C PHE G 738 14.76 115.54 32.73
N ASN G 739 15.53 114.80 32.02
CA ASN G 739 15.38 114.57 30.64
C ASN G 739 15.92 113.22 30.28
N LYS G 740 15.10 112.34 29.66
CA LYS G 740 15.46 110.97 29.51
C LYS G 740 16.53 110.80 28.52
N GLY G 741 17.44 109.92 28.89
CA GLY G 741 18.56 109.56 28.10
C GLY G 741 18.09 108.67 26.91
N ALA G 742 19.08 108.02 26.23
CA ALA G 742 18.91 107.28 25.04
C ALA G 742 19.23 105.86 25.32
N ALA G 743 18.80 104.98 24.37
CA ALA G 743 19.08 103.58 24.16
C ALA G 743 20.52 103.23 24.57
N VAL G 744 20.59 102.14 25.31
CA VAL G 744 21.82 101.66 25.81
C VAL G 744 21.93 100.36 25.18
N THR G 745 20.96 99.47 25.43
CA THR G 745 20.88 98.21 24.69
C THR G 745 19.40 97.90 24.59
N THR G 746 19.07 97.31 23.40
CA THR G 746 17.79 96.80 23.05
C THR G 746 18.01 95.34 23.10
N PHE G 747 17.04 94.56 23.55
CA PHE G 747 17.10 93.13 23.78
C PHE G 747 16.49 92.26 22.69
N THR G 748 17.37 91.37 22.16
CA THR G 748 17.27 90.82 20.83
C THR G 748 17.34 89.31 20.88
N TYR G 749 16.25 88.55 20.74
CA TYR G 749 16.13 87.11 20.56
C TYR G 749 16.68 86.75 19.17
N THR G 750 17.98 86.65 19.03
CA THR G 750 18.68 86.26 17.83
C THR G 750 18.68 84.86 17.44
N ALA G 751 17.99 84.59 16.30
CA ALA G 751 17.82 83.28 15.77
C ALA G 751 19.10 82.57 15.54
N GLN G 752 19.32 81.50 16.32
CA GLN G 752 20.56 80.75 16.32
C GLN G 752 20.48 79.77 15.17
N SER G 753 21.63 79.11 14.88
CA SER G 753 21.84 78.41 13.67
C SER G 753 21.92 76.89 13.92
N GLY G 754 21.54 76.50 15.09
CA GLY G 754 21.40 75.12 15.53
C GLY G 754 20.37 74.26 14.86
N PRO G 755 20.18 72.98 15.27
CA PRO G 755 19.18 72.16 14.69
C PRO G 755 17.79 72.60 14.90
N PHE G 756 17.14 72.91 13.76
CA PHE G 756 15.76 73.32 13.59
C PHE G 756 15.55 74.69 14.08
N SER G 757 16.70 75.49 14.16
CA SER G 757 16.79 76.86 14.54
C SER G 757 16.16 77.27 15.93
N PRO G 758 16.72 76.95 17.19
CA PRO G 758 16.45 77.61 18.52
C PRO G 758 16.74 79.07 18.37
N VAL G 759 16.12 79.99 19.16
CA VAL G 759 16.21 81.44 18.94
C VAL G 759 16.55 82.06 20.26
N ALA G 760 17.85 82.10 20.61
CA ALA G 760 18.27 82.45 21.97
C ALA G 760 18.36 83.93 22.21
N LEU G 761 18.12 84.37 23.45
CA LEU G 761 18.08 85.73 23.74
C LEU G 761 19.49 86.32 24.04
N THR G 762 19.80 87.49 23.41
CA THR G 762 21.05 88.16 23.51
C THR G 762 20.71 89.65 23.68
N GLY G 763 21.65 90.57 23.45
CA GLY G 763 21.68 92.02 23.72
C GLY G 763 23.01 92.26 24.33
N ASN G 764 23.06 93.18 25.33
CA ASN G 764 24.24 93.32 26.24
C ASN G 764 23.78 92.79 27.50
N THR G 765 24.07 91.46 27.74
CA THR G 765 23.43 90.52 28.60
C THR G 765 23.61 90.80 30.11
N ASN G 766 24.49 91.77 30.45
CA ASN G 766 24.51 92.38 31.76
C ASN G 766 23.14 92.91 32.15
N TYR G 767 22.46 93.69 31.20
CA TYR G 767 21.22 94.28 31.39
C TYR G 767 20.06 93.29 31.35
N LEU G 768 20.21 91.93 31.30
CA LEU G 768 19.28 90.91 31.71
C LEU G 768 18.81 91.19 33.14
N SER G 769 19.71 91.77 34.05
CA SER G 769 19.34 92.30 35.29
C SER G 769 18.05 93.07 35.31
N GLN G 770 17.88 93.95 34.32
CA GLN G 770 16.81 94.91 34.18
C GLN G 770 15.83 94.41 33.24
N TYR G 771 16.11 93.36 32.45
CA TYR G 771 15.16 92.78 31.52
C TYR G 771 14.27 91.74 32.07
N ALA G 772 12.96 91.93 31.83
CA ALA G 772 11.91 90.95 31.91
C ALA G 772 11.09 91.19 30.70
N ASP G 773 10.24 90.17 30.30
CA ASP G 773 9.44 90.21 29.12
C ASP G 773 8.44 89.13 29.38
N ASN G 774 7.48 89.02 28.31
CA ASN G 774 6.30 88.18 28.35
C ASN G 774 6.81 86.79 28.47
N ASN G 775 8.00 86.46 27.91
CA ASN G 775 8.75 85.22 27.96
C ASN G 775 9.06 84.95 29.48
N PRO G 776 8.80 83.79 30.08
CA PRO G 776 9.09 83.57 31.50
C PRO G 776 10.46 83.22 31.81
N THR G 777 11.34 83.19 30.81
CA THR G 777 12.66 82.59 30.91
C THR G 777 13.63 83.77 30.98
N ASP G 778 13.18 84.91 31.55
CA ASP G 778 14.11 85.99 31.86
C ASP G 778 13.43 86.86 32.89
N ASN G 779 12.47 86.26 33.63
CA ASN G 779 11.68 86.93 34.68
C ASN G 779 12.26 86.77 36.01
N TYR G 780 13.42 86.08 36.16
CA TYR G 780 14.00 85.67 37.38
C TYR G 780 15.36 86.27 37.63
N TYR G 781 15.78 87.06 36.68
CA TYR G 781 16.93 88.00 36.84
C TYR G 781 16.54 89.23 37.60
N PHE G 782 15.21 89.63 37.64
CA PHE G 782 14.77 90.95 37.79
C PHE G 782 15.31 91.55 39.07
N ILE G 783 15.30 90.77 40.12
CA ILE G 783 15.81 91.14 41.45
C ILE G 783 16.88 90.15 41.72
N GLN G 784 16.65 88.82 41.73
CA GLN G 784 17.58 87.75 41.96
C GLN G 784 18.59 87.59 40.83
N THR G 785 19.57 88.59 40.81
CA THR G 785 20.72 88.49 40.09
C THR G 785 21.78 89.24 40.89
N VAL G 786 23.03 89.13 40.47
CA VAL G 786 24.04 90.07 40.52
C VAL G 786 24.64 90.11 39.15
N ASN G 787 24.42 91.19 38.29
CA ASN G 787 25.10 91.52 37.06
C ASN G 787 24.75 90.55 35.93
N GLY G 788 23.44 90.20 35.65
CA GLY G 788 23.15 89.27 34.65
C GLY G 788 23.50 87.83 34.83
N MET G 789 23.42 87.30 36.08
CA MET G 789 23.93 85.99 36.51
C MET G 789 22.85 85.57 37.45
N PRO G 790 21.99 84.63 37.14
CA PRO G 790 20.74 84.34 37.87
C PRO G 790 21.13 83.84 39.27
N VAL G 791 20.39 84.11 40.29
CA VAL G 791 20.60 83.61 41.62
C VAL G 791 19.49 82.66 41.88
N LEU G 792 18.27 83.04 41.41
CA LEU G 792 17.12 82.14 41.40
C LEU G 792 17.02 81.66 39.94
N MET G 793 17.01 80.32 39.74
CA MET G 793 16.48 79.83 38.46
C MET G 793 15.01 79.78 38.52
N GLY G 794 14.40 80.21 37.38
CA GLY G 794 13.00 80.31 37.19
C GLY G 794 12.74 79.78 35.78
N GLY G 795 11.51 79.93 35.31
CA GLY G 795 11.07 79.51 34.00
C GLY G 795 11.11 77.98 33.83
N LEU G 796 10.64 77.37 32.70
CA LEU G 796 10.52 75.94 32.49
C LEU G 796 11.87 75.42 32.48
N SER G 797 12.00 74.07 32.84
CA SER G 797 13.28 73.39 32.88
C SER G 797 13.06 72.01 32.38
N ILE G 798 13.88 71.63 31.35
CA ILE G 798 13.61 70.43 30.63
C ILE G 798 14.98 69.77 30.71
N VAL G 799 14.98 68.45 30.85
CA VAL G 799 16.13 67.65 30.56
C VAL G 799 15.49 66.59 29.73
N ALA G 800 16.25 65.94 28.78
CA ALA G 800 15.93 64.67 28.05
C ALA G 800 16.72 63.45 28.41
N SER G 801 16.22 62.22 28.03
CA SER G 801 16.82 60.96 28.41
C SER G 801 16.04 60.01 27.50
N PRO G 802 16.71 58.98 26.81
CA PRO G 802 18.10 58.65 26.93
C PRO G 802 18.98 59.68 26.41
N VAL G 803 18.80 60.16 25.20
CA VAL G 803 19.79 61.07 24.61
C VAL G 803 19.51 62.42 25.23
N SER G 804 20.51 62.94 25.88
CA SER G 804 20.25 64.04 26.75
C SER G 804 20.45 65.37 25.99
N ALA G 805 19.50 66.34 26.25
CA ALA G 805 19.70 67.74 26.04
C ALA G 805 18.91 68.47 27.03
N SER G 806 19.45 69.63 27.46
CA SER G 806 18.88 70.29 28.62
C SER G 806 18.77 71.74 28.30
N LEU G 807 17.69 72.41 28.86
CA LEU G 807 17.35 73.82 28.65
C LEU G 807 16.59 74.32 29.88
N PRO G 808 16.54 75.65 30.26
CA PRO G 808 17.62 76.66 30.05
C PRO G 808 18.86 76.12 30.77
N SER G 809 20.04 76.35 30.23
CA SER G 809 21.21 75.76 30.87
C SER G 809 22.39 76.36 30.13
N SER G 810 23.59 75.84 30.44
CA SER G 810 24.83 76.15 29.68
C SER G 810 24.75 75.78 28.13
N THR G 811 23.99 74.64 27.80
CA THR G 811 23.77 74.17 26.35
C THR G 811 23.02 75.28 25.61
N SER G 812 21.94 75.80 26.19
CA SER G 812 21.03 76.75 25.61
C SER G 812 20.80 77.83 26.62
N SER G 813 21.47 79.00 26.55
CA SER G 813 21.31 80.23 27.33
C SER G 813 19.81 80.63 27.53
N PRO G 814 19.35 81.11 28.77
CA PRO G 814 18.08 81.65 29.20
C PRO G 814 17.48 82.43 28.16
N GLY G 815 16.23 82.22 27.96
CA GLY G 815 15.52 82.79 26.86
C GLY G 815 15.85 82.14 25.62
N PHE G 816 16.04 80.78 25.62
CA PHE G 816 16.40 79.95 24.47
C PHE G 816 15.34 79.91 23.32
N MET G 817 14.11 80.43 23.64
CA MET G 817 13.09 80.64 22.65
C MET G 817 12.13 81.65 23.20
N TYR G 818 11.28 82.20 22.36
CA TYR G 818 10.39 83.27 22.74
C TYR G 818 9.15 82.59 23.00
N LEU G 819 8.31 83.15 23.93
CA LEU G 819 7.22 82.43 24.48
C LEU G 819 6.22 83.59 24.86
N LEU G 820 4.92 83.30 24.88
CA LEU G 820 3.90 84.33 25.23
C LEU G 820 2.83 83.79 26.09
N PRO G 821 2.18 84.50 26.97
CA PRO G 821 0.91 84.04 27.53
C PRO G 821 -0.24 84.07 26.46
N SER G 822 -1.40 83.30 26.64
CA SER G 822 -2.68 83.33 25.92
C SER G 822 -3.58 84.46 26.40
N ALA G 823 -4.70 84.02 27.07
CA ALA G 823 -5.61 84.97 27.75
C ALA G 823 -5.76 84.38 29.01
N ALA G 824 -5.61 85.15 30.03
CA ALA G 824 -5.54 84.83 31.49
C ALA G 824 -6.62 83.93 31.99
N GLN G 825 -6.33 83.49 33.33
CA GLN G 825 -7.05 82.75 34.33
C GLN G 825 -8.51 83.22 34.36
N VAL G 826 -9.41 82.39 34.96
CA VAL G 826 -10.69 82.85 35.61
C VAL G 826 -10.48 83.55 36.91
N PRO G 827 -9.60 83.10 37.81
CA PRO G 827 -9.09 83.93 38.92
C PRO G 827 -8.55 85.31 38.53
N SER G 828 -8.07 85.47 37.33
CA SER G 828 -7.92 86.77 36.77
C SER G 828 -9.28 87.11 36.22
N PRO G 829 -9.99 88.13 36.53
CA PRO G 829 -11.25 88.49 35.87
C PRO G 829 -11.01 89.29 34.65
N LEU G 830 -9.75 89.26 34.19
CA LEU G 830 -9.28 90.16 33.20
C LEU G 830 -9.00 89.29 31.92
N PRO G 831 -9.39 89.74 30.71
CA PRO G 831 -8.92 89.17 29.44
C PRO G 831 -7.54 89.73 28.95
N GLY G 832 -6.69 88.87 28.53
CA GLY G 832 -5.41 89.29 27.84
C GLY G 832 -4.32 89.74 28.72
N MET G 833 -4.15 89.03 29.92
CA MET G 833 -3.12 89.51 30.82
C MET G 833 -2.38 88.31 31.36
N ALA G 834 -2.00 88.25 32.64
CA ALA G 834 -1.09 87.30 33.15
C ALA G 834 -1.64 85.92 33.32
N THR G 835 -1.11 85.06 32.45
CA THR G 835 -1.26 83.64 32.48
C THR G 835 0.14 83.10 32.66
N PRO G 836 0.34 82.26 33.69
CA PRO G 836 1.50 81.36 33.70
C PRO G 836 1.18 80.09 32.90
N ASN G 837 0.33 80.25 31.79
CA ASN G 837 0.01 79.12 30.96
C ASN G 837 0.77 79.49 29.66
N TYR G 838 1.79 78.68 29.39
CA TYR G 838 2.66 78.87 28.26
C TYR G 838 2.55 77.58 27.43
N ASN G 839 2.47 77.78 26.04
CA ASN G 839 1.88 76.76 25.20
C ASN G 839 2.92 76.31 24.15
N LEU G 840 3.23 74.98 24.00
CA LEU G 840 4.34 74.44 23.25
C LEU G 840 3.67 73.17 22.55
N ASN G 841 4.39 72.59 21.47
CA ASN G 841 4.03 71.46 20.64
C ASN G 841 5.31 70.76 20.68
N ILE G 842 5.22 69.41 20.67
CA ILE G 842 6.34 68.48 20.84
C ILE G 842 5.89 67.38 19.98
N TYR G 843 6.91 66.68 19.39
CA TYR G 843 6.78 65.40 18.79
C TYR G 843 7.90 64.56 19.26
N ILE G 844 7.85 63.28 18.97
CA ILE G 844 9.04 62.47 19.17
C ILE G 844 9.15 61.69 17.88
N THR G 845 10.39 61.30 17.39
CA THR G 845 10.66 60.88 16.06
C THR G 845 11.91 60.07 16.14
N TYR G 846 11.92 59.17 15.18
CA TYR G 846 12.99 58.21 15.09
C TYR G 846 13.07 57.83 13.64
N LYS G 847 12.42 58.58 12.69
CA LYS G 847 12.44 58.43 11.24
C LYS G 847 12.98 59.64 10.60
N ILE G 848 13.51 60.55 11.39
CA ILE G 848 14.50 61.47 10.97
C ILE G 848 15.70 61.18 11.87
N ASP G 849 15.80 60.00 12.48
CA ASP G 849 16.94 59.54 13.33
C ASP G 849 18.14 59.10 12.54
N GLY G 850 19.25 59.83 12.68
CA GLY G 850 20.50 59.63 12.05
C GLY G 850 20.80 60.63 10.99
N ALA G 851 19.81 61.48 10.63
CA ALA G 851 20.00 62.64 9.86
C ALA G 851 20.93 63.66 10.43
N THR G 852 21.34 64.70 9.66
CA THR G 852 22.15 65.78 10.19
C THR G 852 21.82 67.06 9.45
N VAL G 853 21.73 68.16 10.21
CA VAL G 853 21.61 69.54 9.71
C VAL G 853 23.03 70.01 9.67
N GLY G 854 23.59 70.19 8.49
CA GLY G 854 25.00 70.37 8.23
C GLY G 854 25.91 69.25 8.85
N ASN G 855 26.64 69.50 9.97
CA ASN G 855 27.19 68.42 10.80
C ASN G 855 26.62 68.42 12.14
N ASN G 856 25.70 69.36 12.41
CA ASN G 856 24.79 69.17 13.55
C ASN G 856 23.90 67.96 13.47
N MET G 857 24.31 66.96 14.32
CA MET G 857 23.74 65.62 14.30
C MET G 857 22.33 65.62 14.86
N ILE G 858 21.34 65.11 14.07
CA ILE G 858 19.88 65.08 14.39
C ILE G 858 19.60 63.96 15.23
N ASN G 859 19.78 64.12 16.52
CA ASN G 859 19.61 62.95 17.45
C ASN G 859 19.77 63.57 18.85
N GLY G 860 18.59 63.73 19.47
CA GLY G 860 18.38 64.34 20.79
C GLY G 860 17.25 65.41 20.59
N LEU G 861 16.98 66.16 21.68
CA LEU G 861 16.02 67.21 21.81
C LEU G 861 16.68 68.42 21.36
N TYR G 862 16.02 68.99 20.41
CA TYR G 862 16.37 70.13 19.69
C TYR G 862 15.09 70.93 19.48
N VAL G 863 15.27 72.25 19.80
CA VAL G 863 14.12 73.11 19.88
C VAL G 863 13.89 73.68 18.45
N ALA G 864 12.69 73.34 17.91
CA ALA G 864 12.15 73.94 16.67
C ALA G 864 11.49 75.24 17.05
N SER G 865 11.79 76.29 16.25
CA SER G 865 12.12 77.61 16.66
C SER G 865 11.55 78.15 17.99
N GLN G 866 10.27 78.46 18.08
CA GLN G 866 9.82 79.43 19.07
C GLN G 866 8.97 78.72 20.01
N ASN G 867 7.96 77.98 19.57
CA ASN G 867 7.05 77.30 20.41
C ASN G 867 6.84 75.99 19.76
N THR G 868 7.85 75.27 19.31
CA THR G 868 7.79 73.99 18.79
C THR G 868 9.01 73.37 19.37
N LEU G 869 9.09 72.01 19.20
CA LEU G 869 10.05 71.16 19.84
C LEU G 869 9.91 69.94 19.03
N ILE G 870 11.08 69.25 18.99
CA ILE G 870 11.10 67.87 18.44
C ILE G 870 12.14 67.23 19.32
N TYR G 871 11.79 65.91 19.78
CA TYR G 871 12.68 65.06 20.37
C TYR G 871 13.04 63.90 19.41
N VAL G 872 14.34 63.56 19.29
CA VAL G 872 14.83 62.55 18.44
C VAL G 872 15.43 61.52 19.26
N VAL G 873 15.38 60.26 18.88
CA VAL G 873 15.87 59.17 19.70
C VAL G 873 16.28 58.06 18.75
N PRO G 874 17.22 57.16 19.07
CA PRO G 874 17.48 55.92 18.46
C PRO G 874 16.31 55.15 17.79
N ASN G 875 16.74 54.24 16.98
CA ASN G 875 15.96 53.41 16.14
C ASN G 875 15.24 52.34 17.07
N GLY G 876 15.72 51.95 18.32
CA GLY G 876 15.03 51.03 19.16
C GLY G 876 14.50 51.70 20.35
N SER G 877 15.17 52.69 20.98
CA SER G 877 14.73 53.40 22.26
C SER G 877 13.84 54.53 21.87
N PHE G 878 12.88 54.28 20.94
CA PHE G 878 11.76 55.17 20.54
C PHE G 878 10.65 54.82 21.47
N VAL G 879 10.66 53.67 22.15
CA VAL G 879 9.68 53.33 23.10
C VAL G 879 10.49 53.36 24.37
N GLY G 880 10.03 54.15 25.36
CA GLY G 880 10.76 54.29 26.59
C GLY G 880 11.54 55.54 26.53
N SER G 881 11.29 56.27 25.42
CA SER G 881 11.75 57.67 25.29
C SER G 881 10.83 58.52 26.03
N ASN G 882 11.31 59.63 26.57
CA ASN G 882 10.78 60.31 27.73
C ASN G 882 11.45 61.68 27.74
N ILE G 883 10.90 62.53 28.61
CA ILE G 883 11.49 63.79 28.67
C ILE G 883 10.97 64.23 30.02
N LYS G 884 11.74 65.00 30.84
CA LYS G 884 11.28 65.43 32.17
C LYS G 884 11.22 66.94 32.19
N LEU G 885 10.08 67.50 32.68
CA LEU G 885 9.69 68.88 32.71
C LEU G 885 9.65 69.00 34.22
N THR G 886 10.28 70.10 34.69
CA THR G 886 10.14 70.62 35.97
C THR G 886 10.12 72.13 35.78
N TYR G 887 8.91 72.66 35.94
CA TYR G 887 8.66 74.05 35.90
C TYR G 887 9.21 74.53 37.24
N THR G 888 9.86 75.71 37.24
CA THR G 888 10.75 76.16 38.28
C THR G 888 10.18 77.42 38.70
N THR G 889 10.04 77.64 40.01
CA THR G 889 9.61 78.83 40.65
C THR G 889 10.37 80.10 40.38
N THR G 890 9.61 81.24 40.28
CA THR G 890 10.03 82.48 39.87
C THR G 890 9.77 83.38 41.01
N ASP G 891 9.01 82.89 42.04
CA ASP G 891 9.01 83.49 43.29
C ASP G 891 9.85 82.64 44.21
N TYR G 892 10.83 83.18 45.03
CA TYR G 892 11.57 82.54 46.12
C TYR G 892 10.56 81.90 47.12
N ALA G 893 9.56 82.71 47.45
CA ALA G 893 8.79 82.45 48.69
C ALA G 893 7.74 81.45 48.45
N VAL G 894 7.72 80.66 47.29
CA VAL G 894 6.85 79.48 47.25
C VAL G 894 7.29 78.46 48.24
N LEU G 895 8.59 78.27 48.38
CA LEU G 895 9.19 77.67 49.58
C LEU G 895 8.75 78.52 50.79
N HIS G 896 8.37 77.92 51.98
CA HIS G 896 7.86 78.63 53.07
C HIS G 896 7.44 77.64 54.02
N TYR G 897 6.40 76.80 53.71
CA TYR G 897 5.83 75.82 54.61
C TYR G 897 5.08 74.80 53.80
N PHE G 898 5.13 75.02 52.39
CA PHE G 898 4.39 74.15 51.44
C PHE G 898 5.39 73.64 50.43
N TYR G 899 6.69 73.71 50.85
CA TYR G 899 7.77 72.81 50.36
C TYR G 899 7.58 71.30 50.66
N SER G 900 6.96 71.03 51.85
CA SER G 900 6.62 69.67 52.26
C SER G 900 5.50 69.08 51.48
N THR G 901 4.94 69.72 50.45
CA THR G 901 3.96 69.20 49.58
C THR G 901 4.61 68.35 48.51
N GLY G 902 5.91 68.68 48.10
CA GLY G 902 6.73 68.24 46.99
C GLY G 902 6.01 68.54 45.74
N GLN G 903 5.58 69.82 45.67
CA GLN G 903 5.11 70.58 44.45
C GLN G 903 5.48 72.06 44.70
N TYR G 904 6.51 72.44 45.52
CA TYR G 904 7.11 73.81 45.45
C TYR G 904 7.51 74.18 44.05
N LYS G 905 8.28 73.28 43.44
CA LYS G 905 8.53 73.33 42.03
C LYS G 905 7.87 72.09 41.60
N VAL G 906 7.51 71.99 40.31
CA VAL G 906 6.35 71.23 39.95
C VAL G 906 6.96 70.42 38.76
N PHE G 907 6.34 69.21 38.60
CA PHE G 907 6.97 67.97 38.24
C PHE G 907 6.12 67.23 37.24
N LYS G 908 6.47 67.15 35.97
CA LYS G 908 5.66 66.40 35.03
C LYS G 908 6.59 65.77 33.97
N THR G 909 6.11 65.10 32.93
CA THR G 909 7.02 64.29 32.13
C THR G 909 6.36 64.14 30.74
N VAL G 910 7.05 63.64 29.67
CA VAL G 910 6.48 63.41 28.42
C VAL G 910 6.87 61.93 28.30
N SER G 911 6.06 61.12 27.57
CA SER G 911 6.28 59.65 27.55
C SER G 911 5.62 59.07 26.38
N VAL G 912 6.16 57.87 25.96
CA VAL G 912 5.66 57.04 24.93
C VAL G 912 5.19 55.73 25.53
N PRO G 913 4.00 55.31 25.60
CA PRO G 913 3.57 54.03 26.15
C PRO G 913 4.06 52.85 25.43
N ASN G 914 4.35 51.69 26.12
CA ASN G 914 4.61 50.45 25.51
C ASN G 914 3.28 49.90 24.98
N VAL G 915 3.30 49.45 23.72
CA VAL G 915 2.17 48.81 23.20
C VAL G 915 2.75 47.56 22.60
N THR G 916 1.87 46.58 22.40
CA THR G 916 2.24 45.28 21.79
C THR G 916 1.93 45.37 20.31
N ALA G 917 3.04 45.22 19.44
CA ALA G 917 2.99 45.56 18.02
C ALA G 917 2.84 44.16 17.42
N ASN G 918 1.82 43.99 16.63
CA ASN G 918 1.30 42.71 16.22
C ASN G 918 0.94 42.88 14.78
N LEU G 919 1.55 41.97 13.95
CA LEU G 919 1.13 41.67 12.61
C LEU G 919 -0.29 41.16 12.57
N TYR G 920 -1.12 41.36 11.43
CA TYR G 920 -2.42 40.78 11.43
C TYR G 920 -2.91 40.41 10.08
N PHE G 921 -3.81 39.49 9.99
CA PHE G 921 -4.55 39.19 8.82
C PHE G 921 -6.00 39.58 9.30
N PRO G 922 -6.79 40.10 8.48
CA PRO G 922 -8.26 40.30 8.62
C PRO G 922 -9.13 39.08 8.40
N SER G 923 -8.43 37.87 8.15
CA SER G 923 -9.19 36.66 7.96
C SER G 923 -8.26 35.56 8.31
N SER G 924 -8.70 34.42 8.84
CA SER G 924 -7.76 33.37 9.33
C SER G 924 -8.03 32.10 8.56
N THR G 925 -8.75 32.17 7.41
CA THR G 925 -8.87 31.02 6.61
C THR G 925 -8.83 31.65 5.21
N THR G 926 -7.78 31.41 4.38
CA THR G 926 -7.69 31.98 3.05
C THR G 926 -7.40 30.87 2.10
N PRO G 927 -8.00 30.86 0.95
CA PRO G 927 -7.75 29.78 -0.04
C PRO G 927 -6.67 30.18 -1.01
N LEU G 928 -6.34 29.21 -1.84
CA LEU G 928 -5.17 29.17 -2.74
C LEU G 928 -5.65 29.19 -4.11
N TYR G 929 -6.98 29.50 -4.34
CA TYR G 929 -7.49 29.77 -5.68
C TYR G 929 -7.01 31.16 -6.04
N GLN G 930 -6.57 31.98 -5.06
CA GLN G 930 -6.11 33.38 -5.26
C GLN G 930 -4.62 33.46 -5.49
N LEU G 931 -4.19 34.64 -5.97
CA LEU G 931 -2.83 34.96 -6.30
C LEU G 931 -2.31 35.97 -5.29
N SER G 932 -3.22 36.39 -4.29
CA SER G 932 -2.65 37.27 -3.32
C SER G 932 -3.42 37.12 -2.07
N VAL G 933 -2.74 37.31 -0.89
CA VAL G 933 -3.30 37.02 0.43
C VAL G 933 -3.12 38.36 1.10
N PRO G 934 -4.01 38.80 2.00
CA PRO G 934 -4.02 40.16 2.56
C PRO G 934 -3.12 40.26 3.74
N LEU G 935 -1.82 39.93 3.54
CA LEU G 935 -0.81 39.88 4.59
C LEU G 935 -0.34 41.26 4.85
N TYR G 936 -0.40 41.62 6.19
CA TYR G 936 -0.15 43.04 6.47
C TYR G 936 1.05 42.95 7.36
N LEU G 937 2.05 43.76 7.08
CA LEU G 937 3.17 44.05 7.93
C LEU G 937 2.74 45.27 8.76
N SER G 938 2.30 44.92 9.98
CA SER G 938 1.85 45.85 10.91
C SER G 938 2.83 45.75 12.10
N GLU G 939 3.68 46.80 12.14
CA GLU G 939 4.26 47.28 13.30
C GLU G 939 3.80 48.75 13.26
N PRO G 940 3.02 49.24 14.31
CA PRO G 940 2.24 50.43 14.10
C PRO G 940 3.04 51.69 14.14
N TYR G 941 4.35 51.75 14.39
CA TYR G 941 5.02 53.03 14.42
C TYR G 941 5.75 53.50 13.15
N TYR G 942 5.41 52.76 12.02
CA TYR G 942 6.04 53.02 10.74
C TYR G 942 5.07 53.79 9.83
N GLY G 943 3.95 54.12 10.42
CA GLY G 943 2.93 55.01 9.95
C GLY G 943 3.48 56.35 9.62
N SER G 944 2.87 56.99 8.59
CA SER G 944 3.35 58.14 7.85
C SER G 944 2.48 58.32 6.62
N PRO G 945 2.35 59.49 6.06
CA PRO G 945 1.52 59.73 4.82
C PRO G 945 1.70 58.71 3.67
N LEU G 946 0.60 58.21 3.03
CA LEU G 946 0.54 57.34 1.90
C LEU G 946 1.10 58.06 0.67
N PRO G 947 1.93 57.56 -0.27
CA PRO G 947 2.58 56.27 -0.31
C PRO G 947 3.53 55.99 0.80
N THR G 948 3.82 54.74 1.09
CA THR G 948 4.86 54.42 2.05
C THR G 948 5.10 52.93 2.00
N TYR G 949 6.37 52.45 2.01
CA TYR G 949 6.61 51.07 1.80
C TYR G 949 7.82 50.77 2.60
N ILE G 950 8.46 49.64 2.27
CA ILE G 950 9.66 49.19 2.87
C ILE G 950 10.37 48.59 1.74
N GLY G 951 11.59 49.03 1.37
CA GLY G 951 12.66 48.23 0.75
C GLY G 951 12.98 47.04 1.58
N LEU G 952 12.66 45.81 1.04
CA LEU G 952 12.72 44.50 1.69
C LEU G 952 13.85 43.78 1.10
N GLY G 953 14.72 43.27 2.00
CA GLY G 953 15.67 42.29 1.56
C GLY G 953 16.67 42.02 2.72
N THR G 954 17.28 40.84 2.53
CA THR G 954 18.52 40.39 3.16
C THR G 954 18.34 39.45 4.29
N ASN G 955 17.91 40.07 5.47
CA ASN G 955 17.49 39.27 6.59
C ASN G 955 16.01 39.65 6.71
N GLY G 956 15.41 40.26 5.70
CA GLY G 956 14.10 40.94 5.62
C GLY G 956 14.09 42.15 6.48
N THR G 957 15.30 42.82 6.59
CA THR G 957 15.46 44.04 7.41
C THR G 957 14.60 45.14 6.95
N SER G 958 14.08 45.89 7.88
CA SER G 958 13.28 47.04 7.75
C SER G 958 14.16 48.13 7.30
N LEU G 959 14.24 48.42 5.97
CA LEU G 959 14.97 49.51 5.36
C LEU G 959 13.92 50.49 4.79
N TRP G 960 12.82 50.78 5.63
CA TRP G 960 11.65 51.43 5.30
C TRP G 960 11.85 52.69 4.50
N ASN G 961 10.94 53.00 3.56
CA ASN G 961 11.09 54.11 2.53
C ASN G 961 9.75 54.67 2.29
N SER G 962 9.47 55.77 2.96
CA SER G 962 8.41 56.70 2.67
C SER G 962 9.02 57.96 1.95
N PRO G 963 8.82 58.21 0.68
CA PRO G 963 9.20 59.41 0.01
C PRO G 963 8.27 60.61 0.27
N ASN G 964 7.30 60.37 1.15
CA ASN G 964 6.26 61.34 1.55
C ASN G 964 6.14 61.39 3.08
N TYR G 965 7.36 61.28 3.77
CA TYR G 965 7.35 61.50 5.20
C TYR G 965 8.38 62.56 5.40
N VAL G 966 7.95 63.60 6.10
CA VAL G 966 8.84 64.74 6.45
C VAL G 966 8.22 65.40 7.67
N LEU G 967 9.13 65.67 8.64
CA LEU G 967 8.85 66.29 9.93
C LEU G 967 9.75 67.48 9.99
N PHE G 968 9.33 68.63 9.57
CA PHE G 968 10.13 69.83 9.60
C PHE G 968 11.39 69.77 8.85
N GLY G 969 11.34 69.35 7.56
CA GLY G 969 12.36 69.73 6.56
C GLY G 969 13.46 68.57 6.47
N VAL G 970 13.09 67.44 7.01
CA VAL G 970 13.97 66.30 7.07
C VAL G 970 13.09 65.12 6.59
N SER G 971 13.57 64.46 5.50
CA SER G 971 12.88 63.36 4.80
C SER G 971 13.06 62.12 5.64
N ALA G 972 12.36 61.01 5.31
CA ALA G 972 12.43 59.64 5.86
C ALA G 972 13.86 59.12 5.72
N VAL G 973 14.29 58.45 6.82
CA VAL G 973 15.57 57.72 6.82
C VAL G 973 15.40 56.29 6.47
N GLN G 974 16.37 55.74 5.75
CA GLN G 974 16.52 54.31 5.65
C GLN G 974 17.32 53.91 6.81
N GLN G 975 16.81 53.07 7.73
CA GLN G 975 17.43 52.95 9.05
C GLN G 975 17.13 51.55 9.40
N TYR G 976 17.99 51.00 10.32
CA TYR G 976 17.71 49.70 10.80
C TYR G 976 16.82 49.73 12.04
N LEU G 977 15.57 49.43 11.78
CA LEU G 977 14.50 49.58 12.74
C LEU G 977 14.01 48.21 13.14
N GLY G 978 14.69 47.11 12.68
CA GLY G 978 14.23 45.76 12.96
C GLY G 978 14.24 44.99 11.71
N PHE G 979 13.83 43.71 11.75
CA PHE G 979 14.05 42.77 10.67
C PHE G 979 13.09 41.56 10.82
N ILE G 980 12.61 40.93 9.73
CA ILE G 980 11.85 39.68 9.75
C ILE G 980 12.59 38.62 10.62
N LYS G 981 11.81 37.86 11.47
CA LYS G 981 12.37 36.88 12.38
C LYS G 981 12.39 35.47 11.86
N SER G 982 11.26 34.85 11.52
CA SER G 982 11.37 33.43 11.06
C SER G 982 10.04 33.11 10.41
N ILE G 983 10.08 32.11 9.57
CA ILE G 983 8.96 31.73 8.65
C ILE G 983 8.75 30.21 8.60
N SER G 984 7.72 29.75 9.33
CA SER G 984 7.50 28.36 9.62
C SER G 984 6.17 27.85 9.22
N VAL G 985 6.08 26.55 8.85
CA VAL G 985 4.92 26.04 8.19
C VAL G 985 4.80 24.64 8.71
N THR G 986 3.62 24.35 9.28
CA THR G 986 3.33 23.09 9.84
C THR G 986 2.54 22.27 8.81
N LEU G 987 3.27 21.44 8.10
CA LEU G 987 2.82 20.79 6.89
C LEU G 987 1.70 19.77 7.21
N SER G 988 1.20 19.13 6.10
CA SER G 988 0.15 18.12 6.17
C SER G 988 0.44 16.89 7.02
N ASN G 989 1.75 16.48 7.02
CA ASN G 989 2.26 15.31 7.64
C ASN G 989 2.87 15.61 9.04
N GLY G 990 2.61 16.81 9.44
CA GLY G 990 3.04 17.34 10.76
C GLY G 990 4.47 17.77 10.83
N THR G 991 5.11 18.17 9.68
CA THR G 991 6.50 18.47 9.47
C THR G 991 6.53 19.96 9.58
N THR G 992 7.36 20.53 10.50
CA THR G 992 7.27 21.96 10.68
C THR G 992 8.59 22.41 10.02
N VAL G 993 8.49 22.77 8.66
CA VAL G 993 9.57 23.33 7.84
C VAL G 993 9.80 24.73 8.27
N VAL G 994 10.98 25.04 8.86
CA VAL G 994 11.51 26.38 8.99
C VAL G 994 12.33 26.83 7.75
N ILE G 995 11.84 27.85 7.00
CA ILE G 995 12.39 28.34 5.75
C ILE G 995 13.35 29.38 6.20
N PRO G 996 14.66 29.44 5.72
CA PRO G 996 15.57 30.40 6.36
C PRO G 996 15.40 31.77 5.68
N LEU G 997 15.87 32.78 6.34
CA LEU G 997 15.76 34.12 5.94
C LEU G 997 16.97 34.36 5.13
N THR G 998 16.87 34.95 3.85
CA THR G 998 18.02 34.99 2.99
C THR G 998 17.77 36.06 1.96
N THR G 999 18.83 36.59 1.36
CA THR G 999 18.85 37.44 0.20
C THR G 999 17.87 37.16 -0.88
N SER G 1000 17.90 35.93 -1.41
CA SER G 1000 17.00 35.38 -2.46
C SER G 1000 15.63 35.13 -1.78
N ASN G 1001 15.55 34.28 -0.73
CA ASN G 1001 14.33 33.79 -0.23
C ASN G 1001 13.27 34.77 0.17
N MET G 1002 13.68 35.85 0.90
CA MET G 1002 12.93 37.07 1.13
C MET G 1002 12.54 37.80 -0.11
N GLN G 1003 13.48 38.23 -0.96
CA GLN G 1003 13.14 39.06 -2.12
C GLN G 1003 12.30 38.33 -3.18
N THR G 1004 12.53 36.99 -3.37
CA THR G 1004 11.76 36.17 -4.32
C THR G 1004 10.27 36.04 -3.94
N LEU G 1005 9.80 36.12 -2.67
CA LEU G 1005 8.44 35.98 -2.18
C LEU G 1005 7.56 37.20 -2.55
N PHE G 1006 8.17 38.35 -2.91
CA PHE G 1006 7.49 39.59 -3.17
C PHE G 1006 7.40 39.78 -4.66
N PRO G 1007 6.23 40.16 -5.28
CA PRO G 1007 6.14 40.58 -6.61
C PRO G 1007 6.82 41.98 -6.76
N GLN G 1008 6.87 42.87 -5.70
CA GLN G 1008 7.16 44.28 -5.79
C GLN G 1008 7.53 44.63 -4.45
N LEU G 1009 8.38 45.66 -4.18
CA LEU G 1009 8.72 46.12 -2.91
C LEU G 1009 7.87 47.27 -2.57
N VAL G 1010 6.87 47.69 -3.47
CA VAL G 1010 5.92 48.70 -3.36
C VAL G 1010 4.79 48.20 -2.54
N GLY G 1011 4.18 49.02 -1.69
CA GLY G 1011 3.17 48.47 -0.83
C GLY G 1011 2.65 49.49 0.15
N GLN G 1012 1.40 50.00 0.08
CA GLN G 1012 0.88 51.16 0.68
C GLN G 1012 0.27 50.67 2.02
N GLU G 1013 0.41 51.41 3.09
CA GLU G 1013 -0.45 51.29 4.20
C GLU G 1013 -1.88 51.57 3.78
N LEU G 1014 -2.86 50.82 4.39
CA LEU G 1014 -4.26 51.04 4.07
C LEU G 1014 -4.97 51.84 5.13
N GLN G 1015 -4.33 51.86 6.32
CA GLN G 1015 -4.55 52.88 7.37
C GLN G 1015 -3.33 53.65 7.46
N ALA G 1016 -3.44 54.93 7.22
CA ALA G 1016 -2.32 55.76 7.55
C ALA G 1016 -2.08 55.95 9.00
N CYS G 1017 -0.78 56.22 9.37
CA CYS G 1017 -0.32 56.56 10.73
C CYS G 1017 -0.49 55.32 11.58
N ASN G 1018 0.04 54.24 11.03
CA ASN G 1018 0.07 52.95 11.69
C ASN G 1018 0.27 51.99 10.53
N GLY G 1019 1.23 51.04 10.70
CA GLY G 1019 1.70 50.18 9.62
C GLY G 1019 0.57 49.16 9.33
N THR G 1020 0.15 49.07 7.98
CA THR G 1020 -0.84 48.13 7.44
C THR G 1020 -0.32 47.86 5.99
N PHE G 1021 0.98 47.86 5.79
CA PHE G 1021 1.56 47.75 4.43
C PHE G 1021 1.19 46.41 3.93
N GLN G 1022 0.79 46.30 2.58
CA GLN G 1022 0.78 45.04 1.87
C GLN G 1022 1.62 45.24 0.71
N PHE G 1023 2.60 44.38 0.58
CA PHE G 1023 3.54 44.51 -0.55
C PHE G 1023 3.14 43.42 -1.49
N GLY G 1024 2.30 42.46 -1.05
CA GLY G 1024 1.94 41.28 -1.79
C GLY G 1024 2.73 40.11 -1.40
N ILE G 1025 2.29 39.07 -2.11
CA ILE G 1025 2.89 37.79 -2.09
C ILE G 1025 2.84 37.30 -3.56
N SER G 1026 3.78 36.39 -3.78
CA SER G 1026 3.77 35.50 -4.89
C SER G 1026 3.60 34.13 -4.28
N ILE G 1027 2.53 33.40 -4.68
CA ILE G 1027 2.35 31.97 -4.40
C ILE G 1027 3.49 31.18 -5.03
N THR G 1028 4.11 31.70 -6.13
CA THR G 1028 5.22 31.04 -6.79
C THR G 1028 6.47 31.15 -5.99
N GLY G 1029 6.94 32.36 -5.50
CA GLY G 1029 7.97 32.59 -4.45
C GLY G 1029 7.61 31.82 -3.25
N LEU G 1030 6.30 31.74 -2.91
CA LEU G 1030 5.87 31.03 -1.74
C LEU G 1030 6.35 29.57 -1.89
N GLU G 1031 5.88 28.89 -2.96
CA GLU G 1031 6.20 27.51 -3.23
C GLU G 1031 7.56 27.25 -3.92
N LYS G 1032 8.38 28.31 -4.02
CA LYS G 1032 9.79 28.42 -4.40
C LYS G 1032 10.46 28.06 -3.09
N LEU G 1033 10.09 28.84 -2.11
CA LEU G 1033 10.67 28.77 -0.73
C LEU G 1033 10.31 27.35 -0.12
N LEU G 1034 9.34 26.63 -0.73
CA LEU G 1034 8.97 25.30 -0.23
C LEU G 1034 9.55 24.27 -1.21
N ASN G 1035 9.13 24.38 -2.51
CA ASN G 1035 9.42 23.42 -3.60
C ASN G 1035 8.34 22.37 -3.53
N LEU G 1036 7.28 22.65 -2.78
CA LEU G 1036 6.26 21.62 -2.46
C LEU G 1036 4.95 21.90 -3.12
N ASN G 1037 4.04 20.87 -2.99
CA ASN G 1037 2.67 20.78 -3.49
C ASN G 1037 1.86 21.95 -3.17
N VAL G 1038 0.88 22.19 -4.02
CA VAL G 1038 0.06 23.42 -3.87
C VAL G 1038 -0.75 23.38 -2.58
N GLN G 1039 -1.20 22.20 -2.16
CA GLN G 1039 -2.01 22.14 -1.03
C GLN G 1039 -2.13 20.71 -0.57
N GLN G 1040 -1.18 19.85 -0.90
CA GLN G 1040 -1.14 18.48 -0.48
C GLN G 1040 0.02 18.33 0.42
N LEU G 1041 0.65 19.47 0.72
CA LEU G 1041 1.54 19.53 1.81
C LEU G 1041 1.42 20.93 2.38
N ASN G 1042 0.79 21.84 1.63
CA ASN G 1042 0.71 23.28 1.89
C ASN G 1042 -0.67 23.59 2.36
N ASN G 1043 -1.34 22.49 2.89
CA ASN G 1043 -2.52 22.51 3.74
C ASN G 1043 -1.80 22.78 5.05
N SER G 1044 -1.94 24.04 5.49
CA SER G 1044 -0.84 24.55 6.28
C SER G 1044 -1.27 25.63 7.13
N ILE G 1045 -0.69 25.67 8.36
CA ILE G 1045 -1.09 26.74 9.26
C ILE G 1045 -0.54 28.07 8.98
N LEU G 1046 0.78 28.16 8.61
CA LEU G 1046 1.35 29.44 8.21
C LEU G 1046 1.66 30.32 9.43
N SER G 1047 2.68 30.04 10.21
CA SER G 1047 3.08 30.81 11.33
C SER G 1047 4.34 31.63 11.13
N VAL G 1048 4.20 32.98 10.98
CA VAL G 1048 5.18 33.86 10.42
C VAL G 1048 5.42 35.03 11.38
N THR G 1049 6.77 35.49 11.54
CA THR G 1049 7.11 36.41 12.69
C THR G 1049 7.97 37.45 12.07
N TYR G 1050 8.09 38.61 12.72
CA TYR G 1050 8.89 39.71 12.39
C TYR G 1050 9.33 40.12 13.73
N HIS G 1051 10.50 40.73 13.72
CA HIS G 1051 11.10 41.41 14.87
C HIS G 1051 11.26 42.87 14.61
N ASP G 1052 10.70 43.59 15.54
CA ASP G 1052 10.85 44.97 15.70
C ASP G 1052 11.74 45.20 16.85
N TYR G 1053 12.58 46.19 16.70
CA TYR G 1053 13.51 46.72 17.76
C TYR G 1053 12.73 47.81 18.59
N VAL G 1054 11.57 48.17 18.05
CA VAL G 1054 10.84 49.33 18.50
C VAL G 1054 10.23 49.05 19.91
N THR G 1055 9.55 47.92 20.00
CA THR G 1055 8.88 47.44 21.17
C THR G 1055 9.66 46.31 21.69
N GLY G 1056 10.51 45.70 20.88
CA GLY G 1056 11.44 44.68 21.17
C GLY G 1056 10.64 43.47 21.56
N GLU G 1057 9.85 42.95 20.64
CA GLU G 1057 8.91 41.91 20.75
C GLU G 1057 8.97 41.17 19.41
N THR G 1058 8.86 39.83 19.53
CA THR G 1058 8.54 38.98 18.45
C THR G 1058 7.05 38.88 18.23
N LEU G 1059 6.58 39.01 17.00
CA LEU G 1059 5.17 39.42 16.63
C LEU G 1059 4.75 38.83 15.32
N THR G 1060 3.48 38.32 15.24
CA THR G 1060 3.30 37.09 14.39
C THR G 1060 1.91 37.20 13.80
N ALA G 1061 1.70 36.44 12.66
CA ALA G 1061 0.48 36.43 11.92
C ALA G 1061 0.31 35.02 11.54
N THR G 1062 -0.90 34.66 11.10
CA THR G 1062 -1.27 33.31 10.83
C THR G 1062 -2.55 33.47 10.02
N THR G 1063 -2.68 32.67 8.90
CA THR G 1063 -4.01 32.41 8.34
C THR G 1063 -4.00 30.95 7.89
N LYS G 1064 -5.07 30.14 8.22
CA LYS G 1064 -5.07 28.72 7.86
C LYS G 1064 -5.38 28.45 6.39
N LEU G 1065 -4.38 27.99 5.54
CA LEU G 1065 -4.53 27.86 4.07
C LEU G 1065 -5.15 26.57 3.98
N VAL G 1066 -6.39 26.54 3.40
CA VAL G 1066 -7.22 25.33 3.26
C VAL G 1066 -6.72 24.54 2.02
N ALA G 1067 -7.14 23.31 1.89
CA ALA G 1067 -6.87 22.30 0.92
C ALA G 1067 -7.99 22.27 -0.13
N LEU G 1068 -8.95 23.20 0.04
CA LEU G 1068 -10.18 23.25 -0.73
C LEU G 1068 -10.97 22.00 -0.67
N SER G 1069 -12.12 22.12 -1.30
CA SER G 1069 -13.19 21.06 -1.23
C SER G 1069 -13.94 21.04 -2.52
N THR G 1070 -14.58 19.88 -2.86
CA THR G 1070 -15.26 19.78 -4.07
C THR G 1070 -16.52 20.65 -3.86
N LEU G 1071 -16.75 21.62 -4.76
CA LEU G 1071 -17.89 22.47 -4.62
C LEU G 1071 -18.55 22.50 -5.98
N SER G 1072 -18.10 23.45 -6.83
CA SER G 1072 -18.33 23.64 -8.24
C SER G 1072 -17.11 23.19 -8.96
N LEU G 1073 -17.41 22.49 -10.02
CA LEU G 1073 -16.39 21.61 -10.53
C LEU G 1073 -16.25 21.71 -12.02
N VAL G 1074 -15.07 21.33 -12.61
CA VAL G 1074 -14.93 21.10 -14.00
C VAL G 1074 -15.13 19.71 -14.27
N ALA G 1075 -15.96 19.50 -15.36
CA ALA G 1075 -16.55 18.24 -15.64
C ALA G 1075 -17.69 17.96 -14.61
N LYS G 1076 -18.54 18.89 -14.29
CA LYS G 1076 -19.62 18.77 -13.37
C LYS G 1076 -20.86 18.18 -14.03
N GLY G 1077 -20.88 18.07 -15.38
CA GLY G 1077 -21.97 17.52 -16.15
C GLY G 1077 -21.50 16.12 -16.43
N ALA G 1078 -21.36 15.77 -17.69
CA ALA G 1078 -20.80 14.41 -18.05
C ALA G 1078 -21.11 14.30 -19.52
N GLY G 1079 -20.41 13.38 -20.23
CA GLY G 1079 -20.47 13.11 -21.63
C GLY G 1079 -21.86 12.65 -21.97
N VAL G 1080 -22.07 12.26 -23.23
CA VAL G 1080 -23.17 11.61 -23.73
C VAL G 1080 -22.53 10.37 -24.32
N VAL G 1081 -23.22 9.23 -24.23
CA VAL G 1081 -22.84 8.09 -25.00
C VAL G 1081 -24.08 7.86 -25.83
N GLU G 1082 -23.92 8.16 -27.17
CA GLU G 1082 -24.96 7.95 -28.19
C GLU G 1082 -25.36 6.47 -28.24
N PHE G 1083 -26.58 6.22 -28.74
CA PHE G 1083 -27.07 4.89 -28.97
C PHE G 1083 -26.61 4.43 -30.33
N LEU G 1084 -26.83 5.26 -31.36
CA LEU G 1084 -26.24 5.01 -32.67
C LEU G 1084 -24.82 5.59 -32.70
N LEU G 1085 -23.84 4.69 -32.85
CA LEU G 1085 -22.45 4.89 -32.54
C LEU G 1085 -21.71 5.41 -33.76
N THR G 1086 -20.44 5.66 -33.43
CA THR G 1086 -19.37 5.96 -34.31
C THR G 1086 -18.62 4.71 -34.63
N ALA G 1087 -19.24 3.53 -34.40
CA ALA G 1087 -18.78 2.21 -34.67
C ALA G 1087 -19.22 1.86 -36.12
N TYR G 1088 -18.44 0.87 -36.65
CA TYR G 1088 -18.53 0.32 -37.96
C TYR G 1088 -18.48 -1.16 -37.59
N PRO G 1089 -18.97 -1.96 -38.50
CA PRO G 1089 -18.89 -3.43 -38.40
C PRO G 1089 -17.66 -3.90 -39.11
N TYR G 1090 -17.44 -5.24 -39.11
CA TYR G 1090 -16.48 -5.90 -39.97
C TYR G 1090 -17.06 -7.25 -40.13
N THR G 1091 -16.88 -7.95 -41.27
CA THR G 1091 -17.02 -9.33 -41.32
C THR G 1091 -15.88 -9.63 -42.30
N GLY G 1092 -16.09 -9.16 -43.56
CA GLY G 1092 -15.06 -9.01 -44.54
C GLY G 1092 -15.08 -7.56 -45.08
N ASN G 1093 -16.23 -6.81 -44.85
CA ASN G 1093 -16.34 -5.43 -45.32
C ASN G 1093 -16.52 -4.52 -44.09
N ILE G 1094 -15.86 -3.37 -44.12
CA ILE G 1094 -15.79 -2.41 -43.04
C ILE G 1094 -16.95 -1.52 -43.24
N THR G 1095 -17.45 -1.44 -44.44
CA THR G 1095 -18.48 -0.44 -44.74
C THR G 1095 -19.91 -0.97 -44.33
N PHE G 1096 -20.78 0.03 -44.00
CA PHE G 1096 -22.17 -0.21 -43.70
C PHE G 1096 -22.30 0.51 -42.40
N ALA G 1097 -23.47 0.94 -42.09
CA ALA G 1097 -23.79 1.48 -40.77
C ALA G 1097 -24.99 0.66 -40.28
N PRO G 1098 -24.83 -0.28 -39.33
CA PRO G 1098 -25.88 -1.18 -38.88
C PRO G 1098 -26.52 -0.50 -37.78
N PRO G 1099 -27.83 -0.68 -37.51
CA PRO G 1099 -28.46 -0.10 -36.40
C PRO G 1099 -27.70 -0.40 -35.04
N TRP G 1100 -27.00 0.59 -34.48
CA TRP G 1100 -26.60 0.34 -33.12
C TRP G 1100 -27.61 0.97 -32.25
N PHE G 1101 -28.43 0.10 -31.66
CA PHE G 1101 -29.29 0.37 -30.56
C PHE G 1101 -28.67 -0.50 -29.51
N ILE G 1102 -27.97 0.17 -28.54
CA ILE G 1102 -27.30 -0.49 -27.41
C ILE G 1102 -28.40 -0.77 -26.40
N ALA G 1103 -28.61 -2.16 -26.20
CA ALA G 1103 -29.94 -2.77 -26.08
C ALA G 1103 -30.61 -2.33 -24.77
N GLU G 1104 -31.83 -1.64 -24.81
CA GLU G 1104 -32.78 -1.55 -23.72
C GLU G 1104 -32.14 -0.64 -22.61
N ASN G 1105 -31.53 0.47 -22.92
CA ASN G 1105 -31.15 1.56 -22.05
C ASN G 1105 -29.65 1.48 -21.97
N VAL G 1106 -28.89 2.54 -22.29
CA VAL G 1106 -27.66 2.89 -21.64
C VAL G 1106 -28.20 3.75 -20.48
N VAL G 1107 -27.51 3.67 -19.31
CA VAL G 1107 -28.02 4.12 -18.03
C VAL G 1107 -27.16 5.35 -17.76
N LYS G 1108 -26.15 5.54 -18.66
CA LYS G 1108 -25.73 6.91 -19.09
C LYS G 1108 -24.69 7.46 -18.23
N GLN G 1109 -23.96 8.42 -18.85
CA GLN G 1109 -23.28 9.44 -18.07
C GLN G 1109 -21.88 8.99 -17.66
N PRO G 1110 -20.80 9.23 -18.40
CA PRO G 1110 -19.36 9.12 -17.99
C PRO G 1110 -19.06 9.82 -16.67
N PHE G 1111 -18.19 9.36 -15.77
CA PHE G 1111 -17.84 9.99 -14.54
C PHE G 1111 -16.33 9.85 -14.65
N MET G 1112 -15.71 10.74 -13.90
CA MET G 1112 -14.31 11.11 -14.15
C MET G 1112 -13.80 11.72 -12.88
N THR G 1113 -12.58 11.42 -12.57
CA THR G 1113 -11.83 11.93 -11.47
C THR G 1113 -11.12 12.99 -12.23
N TYR G 1114 -11.41 14.30 -11.89
CA TYR G 1114 -10.82 15.45 -12.52
C TYR G 1114 -9.31 15.40 -12.43
N SER G 1115 -8.65 15.85 -13.54
CA SER G 1115 -7.20 15.68 -13.79
C SER G 1115 -6.37 16.57 -13.02
N ASP G 1116 -6.96 17.74 -12.61
CA ASP G 1116 -6.33 18.87 -11.96
C ASP G 1116 -7.35 19.12 -10.84
N LEU G 1117 -7.70 18.13 -10.00
CA LEU G 1117 -8.87 18.07 -9.18
C LEU G 1117 -8.77 19.26 -8.22
N GLN G 1118 -7.60 19.38 -7.54
CA GLN G 1118 -7.41 20.29 -6.45
C GLN G 1118 -7.76 21.69 -6.74
N PHE G 1119 -7.82 22.17 -8.08
CA PHE G 1119 -8.04 23.54 -8.38
C PHE G 1119 -9.31 23.73 -9.21
N ALA G 1120 -9.69 22.66 -9.88
CA ALA G 1120 -11.04 22.28 -10.35
C ALA G 1120 -12.16 22.31 -9.34
N LYS G 1121 -11.81 21.96 -8.10
CA LYS G 1121 -12.52 22.25 -6.87
C LYS G 1121 -13.11 23.66 -6.66
N THR G 1122 -12.47 24.69 -7.29
CA THR G 1122 -12.78 26.09 -7.14
C THR G 1122 -13.06 26.71 -8.45
N ASN G 1123 -13.04 25.93 -9.55
CA ASN G 1123 -13.33 26.39 -10.86
C ASN G 1123 -14.82 26.39 -11.00
N PRO G 1124 -15.55 27.44 -11.43
CA PRO G 1124 -17.01 27.42 -11.62
C PRO G 1124 -17.27 26.50 -12.84
N SER G 1125 -16.43 26.51 -13.88
CA SER G 1125 -16.47 25.89 -15.16
C SER G 1125 -15.40 26.60 -15.87
N ALA G 1126 -14.39 25.76 -16.33
CA ALA G 1126 -13.24 26.16 -17.05
C ALA G 1126 -12.96 25.01 -17.96
N ILE G 1127 -11.94 25.13 -18.90
CA ILE G 1127 -11.78 24.23 -20.01
C ILE G 1127 -10.40 23.80 -19.51
N LEU G 1128 -10.27 22.42 -19.27
CA LEU G 1128 -9.03 21.73 -18.78
C LEU G 1128 -8.80 20.63 -19.77
N SER G 1129 -7.87 19.73 -19.53
CA SER G 1129 -7.67 18.57 -20.39
C SER G 1129 -7.67 17.31 -19.52
N LEU G 1130 -8.91 16.84 -19.20
CA LEU G 1130 -9.38 15.88 -18.26
C LEU G 1130 -8.84 14.55 -18.64
N SER G 1131 -8.81 13.64 -17.67
CA SER G 1131 -8.48 12.29 -17.99
C SER G 1131 -9.50 11.43 -17.31
N THR G 1132 -10.31 10.71 -18.10
CA THR G 1132 -11.66 10.15 -17.84
C THR G 1132 -11.62 8.73 -17.42
N VAL G 1133 -12.13 8.38 -16.19
CA VAL G 1133 -11.85 7.09 -15.57
C VAL G 1133 -13.11 6.23 -15.46
N ASN G 1134 -14.16 6.51 -16.35
CA ASN G 1134 -15.32 5.68 -16.67
C ASN G 1134 -15.97 6.25 -17.87
N ILE G 1135 -16.50 5.36 -18.81
CA ILE G 1135 -17.49 5.76 -19.77
C ILE G 1135 -18.54 4.65 -19.73
N THR G 1136 -19.84 5.01 -19.39
CA THR G 1136 -20.92 4.09 -19.10
C THR G 1136 -21.58 3.48 -20.36
N VAL G 1137 -21.50 2.14 -20.60
CA VAL G 1137 -22.14 1.49 -21.80
C VAL G 1137 -22.86 0.34 -21.28
N VAL G 1138 -24.15 0.21 -21.42
CA VAL G 1138 -24.92 -0.90 -20.91
C VAL G 1138 -25.89 -1.45 -22.07
N GLY G 1139 -25.55 -2.76 -22.45
CA GLY G 1139 -26.35 -3.53 -23.50
C GLY G 1139 -26.78 -4.80 -22.91
N LEU G 1140 -26.72 -5.91 -23.69
CA LEU G 1140 -27.09 -7.20 -23.24
C LEU G 1140 -25.90 -7.81 -22.54
N GLY G 1141 -26.26 -8.74 -21.63
CA GLY G 1141 -25.41 -9.41 -20.69
C GLY G 1141 -24.90 -8.40 -19.69
N GLY G 1142 -23.59 -8.20 -19.60
CA GLY G 1142 -22.96 -7.28 -18.66
C GLY G 1142 -22.98 -5.83 -19.26
N LYS G 1143 -21.90 -5.01 -18.95
CA LYS G 1143 -21.86 -3.63 -19.39
C LYS G 1143 -20.41 -3.40 -19.76
N ALA G 1144 -20.13 -2.53 -20.77
CA ALA G 1144 -18.74 -2.33 -21.26
C ALA G 1144 -18.49 -0.94 -20.76
N SER G 1145 -17.22 -0.55 -20.77
CA SER G 1145 -16.84 0.69 -20.31
C SER G 1145 -15.62 0.95 -21.13
N VAL G 1146 -15.19 2.19 -21.33
CA VAL G 1146 -13.90 2.55 -21.97
C VAL G 1146 -13.37 3.66 -21.10
N TYR G 1147 -12.02 3.71 -20.77
CA TYR G 1147 -11.58 4.84 -20.08
C TYR G 1147 -10.12 4.75 -19.92
N TYR G 1148 -9.56 5.94 -20.07
CA TYR G 1148 -8.20 6.28 -19.80
C TYR G 1148 -8.03 6.35 -18.32
N ASN G 1149 -7.66 5.10 -17.74
CA ASN G 1149 -7.55 4.88 -16.39
C ASN G 1149 -6.34 5.72 -15.80
N SER G 1150 -6.62 6.96 -15.43
CA SER G 1150 -5.68 7.88 -14.87
C SER G 1150 -4.81 7.43 -13.72
N THR G 1151 -5.30 6.45 -12.93
CA THR G 1151 -4.55 5.94 -11.81
C THR G 1151 -3.12 5.37 -12.19
N SER G 1152 -2.90 4.30 -12.98
CA SER G 1152 -1.61 3.94 -13.52
C SER G 1152 -1.32 4.66 -14.85
N GLY G 1153 -2.11 5.65 -15.26
CA GLY G 1153 -1.76 6.44 -16.42
C GLY G 1153 -1.87 5.69 -17.71
N GLN G 1154 -2.81 4.68 -17.71
CA GLN G 1154 -2.83 3.56 -18.70
C GLN G 1154 -4.18 3.44 -19.10
N THR G 1155 -4.45 3.52 -20.43
CA THR G 1155 -5.75 3.38 -21.10
C THR G 1155 -6.26 1.98 -20.79
N VAL G 1156 -7.30 1.80 -19.99
CA VAL G 1156 -7.93 0.52 -19.70
C VAL G 1156 -9.01 0.34 -20.64
N ILE G 1157 -9.04 -0.74 -21.45
CA ILE G 1157 -10.18 -0.96 -22.28
C ILE G 1157 -10.78 -2.24 -21.76
N THR G 1158 -12.09 -2.31 -21.79
CA THR G 1158 -12.85 -3.36 -21.17
C THR G 1158 -13.89 -3.86 -22.15
N ASN G 1159 -14.70 -4.85 -21.72
CA ASN G 1159 -15.60 -5.62 -22.57
C ASN G 1159 -16.99 -5.55 -22.00
N ILE G 1160 -18.05 -6.02 -22.74
CA ILE G 1160 -19.34 -6.18 -22.15
C ILE G 1160 -19.54 -7.45 -21.31
N TYR G 1161 -18.44 -8.13 -20.86
CA TYR G 1161 -18.49 -8.97 -19.66
C TYR G 1161 -17.31 -8.48 -18.81
N GLY G 1162 -16.32 -7.79 -19.40
CA GLY G 1162 -15.36 -6.96 -18.71
C GLY G 1162 -14.11 -7.75 -18.46
N GLN G 1163 -13.09 -7.44 -19.27
CA GLN G 1163 -11.70 -7.81 -18.92
C GLN G 1163 -10.81 -6.75 -19.44
N THR G 1164 -9.71 -6.45 -18.82
CA THR G 1164 -8.74 -5.54 -19.33
C THR G 1164 -8.07 -6.21 -20.52
N VAL G 1165 -8.39 -5.74 -21.72
CA VAL G 1165 -7.75 -6.26 -22.94
C VAL G 1165 -6.56 -5.45 -23.22
N ALA G 1166 -6.35 -4.23 -22.61
CA ALA G 1166 -5.30 -3.39 -23.07
C ALA G 1166 -4.85 -2.56 -21.83
N THR G 1167 -3.57 -2.50 -21.52
CA THR G 1167 -3.00 -1.50 -20.64
C THR G 1167 -1.86 -0.84 -21.52
N LEU G 1168 -2.13 0.36 -22.07
CA LEU G 1168 -1.31 1.07 -23.01
C LEU G 1168 -0.69 2.23 -22.33
N SER G 1169 0.64 2.13 -22.07
CA SER G 1169 1.42 3.07 -21.20
C SER G 1169 1.30 4.49 -21.72
N GLY G 1170 0.99 5.54 -20.89
CA GLY G 1170 0.68 6.90 -21.28
C GLY G 1170 -0.58 6.94 -22.16
N ASN G 1171 -0.72 7.97 -23.03
CA ASN G 1171 -1.87 8.11 -23.87
C ASN G 1171 -1.29 8.13 -25.27
N VAL G 1172 -1.97 7.41 -26.18
CA VAL G 1172 -1.39 7.16 -27.52
C VAL G 1172 -1.65 8.39 -28.40
N LEU G 1173 -2.75 9.16 -28.16
CA LEU G 1173 -3.13 10.45 -28.71
C LEU G 1173 -3.21 11.34 -27.44
N PRO G 1174 -2.91 12.63 -27.58
CA PRO G 1174 -2.86 13.60 -26.54
C PRO G 1174 -4.15 13.66 -25.61
N THR G 1175 -4.12 14.12 -24.42
CA THR G 1175 -5.07 13.74 -23.37
C THR G 1175 -6.40 14.38 -23.55
N LEU G 1176 -7.46 13.88 -22.78
CA LEU G 1176 -8.89 13.87 -23.14
C LEU G 1176 -9.47 15.29 -23.04
N THR G 1177 -9.05 16.19 -23.93
CA THR G 1177 -9.28 17.63 -24.03
C THR G 1177 -10.68 17.92 -23.94
N GLU G 1178 -11.09 18.61 -22.85
CA GLU G 1178 -12.49 18.93 -22.66
C GLU G 1178 -12.77 20.06 -23.65
N LEU G 1179 -14.02 20.01 -24.30
CA LEU G 1179 -14.35 20.88 -25.41
C LEU G 1179 -15.41 21.80 -24.89
N ALA G 1180 -15.93 21.54 -23.66
CA ALA G 1180 -16.97 22.38 -22.96
C ALA G 1180 -16.51 22.58 -21.61
N ALA G 1181 -17.11 23.55 -20.90
CA ALA G 1181 -16.79 24.12 -19.65
C ALA G 1181 -17.76 23.61 -18.68
N GLY G 1182 -17.27 23.11 -17.51
CA GLY G 1182 -18.14 22.50 -16.51
C GLY G 1182 -18.78 21.27 -17.06
N ASN G 1183 -17.99 20.59 -17.98
CA ASN G 1183 -18.53 19.41 -18.64
C ASN G 1183 -17.45 18.80 -19.58
N GLY G 1184 -17.17 17.54 -19.26
CA GLY G 1184 -16.16 16.65 -19.75
C GLY G 1184 -16.49 16.36 -21.23
N THR G 1185 -15.31 16.20 -21.95
CA THR G 1185 -15.50 15.85 -23.36
C THR G 1185 -14.20 15.13 -23.65
N PHE G 1186 -14.16 14.55 -24.89
CA PHE G 1186 -13.24 13.41 -25.12
C PHE G 1186 -12.62 13.51 -26.54
N THR G 1187 -11.30 13.15 -26.67
CA THR G 1187 -10.57 13.31 -27.84
C THR G 1187 -9.82 12.02 -28.22
N GLY G 1188 -9.73 11.74 -29.53
CA GLY G 1188 -9.21 10.49 -30.07
C GLY G 1188 -9.92 9.91 -31.18
N SER G 1189 -9.20 9.00 -31.89
CA SER G 1189 -9.55 8.06 -32.95
C SER G 1189 -10.61 7.19 -32.40
N LEU G 1190 -11.54 6.70 -33.24
CA LEU G 1190 -12.76 6.12 -32.71
C LEU G 1190 -13.24 5.36 -33.91
N GLN G 1191 -12.38 4.46 -34.41
CA GLN G 1191 -12.78 3.48 -35.45
C GLN G 1191 -12.87 2.19 -34.76
N PHE G 1192 -13.64 1.34 -35.39
CA PHE G 1192 -14.11 0.05 -34.87
C PHE G 1192 -14.16 -0.95 -36.04
N THR G 1193 -13.81 -2.20 -35.70
CA THR G 1193 -14.27 -3.35 -36.49
C THR G 1193 -14.79 -4.43 -35.51
N ILE G 1194 -15.70 -5.25 -36.13
CA ILE G 1194 -16.15 -6.50 -35.55
C ILE G 1194 -15.21 -7.53 -36.15
N VAL G 1195 -14.18 -7.92 -35.39
CA VAL G 1195 -13.39 -9.10 -35.75
C VAL G 1195 -14.09 -10.39 -35.23
N PRO G 1196 -14.44 -11.34 -36.12
CA PRO G 1196 -15.28 -12.47 -35.78
C PRO G 1196 -14.89 -13.28 -34.58
N ASN G 1197 -15.91 -14.07 -34.14
CA ASN G 1197 -15.71 -15.33 -33.48
C ASN G 1197 -16.99 -16.11 -33.90
N ASN G 1198 -16.88 -17.40 -34.16
CA ASN G 1198 -17.98 -18.31 -34.46
C ASN G 1198 -17.76 -19.55 -33.66
N THR G 1199 -18.51 -19.87 -32.57
CA THR G 1199 -18.44 -21.05 -31.81
C THR G 1199 -19.79 -21.74 -31.69
N VAL G 1200 -19.72 -23.06 -31.81
CA VAL G 1200 -20.91 -23.91 -31.82
C VAL G 1200 -21.48 -23.93 -30.34
N VAL G 1201 -22.80 -23.68 -30.28
CA VAL G 1201 -23.72 -24.04 -29.17
C VAL G 1201 -24.55 -25.04 -29.86
N GLN G 1202 -24.76 -26.22 -29.21
CA GLN G 1202 -25.64 -27.26 -29.68
C GLN G 1202 -27.07 -27.04 -29.20
N ILE G 1203 -28.12 -27.46 -30.07
CA ILE G 1203 -29.49 -27.47 -29.62
C ILE G 1203 -30.05 -28.85 -29.78
N PRO G 1204 -30.55 -29.48 -28.72
CA PRO G 1204 -30.83 -30.94 -28.68
C PRO G 1204 -32.23 -31.06 -29.15
N SER G 1205 -32.75 -32.37 -29.40
CA SER G 1205 -34.13 -32.74 -29.75
C SER G 1205 -35.01 -32.37 -28.58
N SER G 1206 -36.14 -31.72 -28.85
CA SER G 1206 -36.95 -31.12 -27.82
C SER G 1206 -38.30 -30.86 -28.37
N LEU G 1207 -38.55 -29.58 -28.88
CA LEU G 1207 -39.72 -29.16 -29.54
C LEU G 1207 -39.25 -28.66 -30.92
N THR G 1208 -38.13 -29.26 -31.31
CA THR G 1208 -37.29 -28.93 -32.46
C THR G 1208 -36.99 -30.17 -33.23
N LYS G 1209 -37.06 -31.37 -32.54
CA LYS G 1209 -36.85 -32.71 -33.08
C LYS G 1209 -35.51 -33.09 -33.67
N THR G 1210 -34.50 -32.22 -33.74
CA THR G 1210 -33.30 -32.64 -34.42
C THR G 1210 -32.29 -31.83 -33.65
N SER G 1211 -31.04 -32.04 -34.12
CA SER G 1211 -29.85 -31.55 -33.48
C SER G 1211 -29.30 -30.53 -34.45
N PHE G 1212 -28.82 -29.38 -33.87
CA PHE G 1212 -28.70 -28.16 -34.74
C PHE G 1212 -27.44 -27.51 -34.18
N ALA G 1213 -26.51 -27.16 -35.09
CA ALA G 1213 -25.28 -26.52 -34.77
C ALA G 1213 -25.51 -25.09 -35.08
N VAL G 1214 -25.15 -24.20 -34.12
CA VAL G 1214 -25.49 -22.81 -34.24
C VAL G 1214 -24.22 -22.01 -33.85
N TYR G 1215 -23.78 -21.08 -34.71
CA TYR G 1215 -22.55 -20.35 -34.61
C TYR G 1215 -22.76 -19.00 -34.02
N THR G 1216 -22.05 -18.67 -32.91
CA THR G 1216 -22.23 -17.32 -32.36
C THR G 1216 -21.74 -16.25 -33.36
N ASN G 1217 -22.49 -15.13 -33.30
CA ASN G 1217 -22.04 -13.78 -33.26
C ASN G 1217 -20.60 -13.57 -32.86
N GLY G 1218 -19.87 -12.78 -33.70
CA GLY G 1218 -18.51 -12.27 -33.49
C GLY G 1218 -18.34 -11.15 -32.50
N SER G 1219 -17.29 -10.36 -32.58
CA SER G 1219 -16.77 -9.60 -31.49
C SER G 1219 -16.31 -8.24 -31.97
N LEU G 1220 -16.68 -7.18 -31.24
CA LEU G 1220 -16.47 -5.77 -31.39
C LEU G 1220 -15.02 -5.47 -30.83
N ALA G 1221 -14.53 -4.37 -31.33
CA ALA G 1221 -13.15 -3.99 -31.16
C ALA G 1221 -12.80 -2.58 -31.64
N ILE G 1222 -12.63 -1.63 -30.71
CA ILE G 1222 -12.13 -0.30 -31.08
C ILE G 1222 -10.76 -0.47 -31.60
N VAL G 1223 -10.55 -0.15 -32.90
CA VAL G 1223 -9.26 -0.28 -33.61
C VAL G 1223 -8.56 1.06 -33.50
N LEU G 1224 -7.98 1.36 -32.34
CA LEU G 1224 -7.37 2.63 -32.17
C LEU G 1224 -5.99 2.67 -32.76
N ASN G 1225 -5.74 3.70 -33.66
CA ASN G 1225 -4.48 3.94 -34.37
C ASN G 1225 -4.07 2.73 -35.24
N GLY G 1226 -4.90 1.73 -35.44
CA GLY G 1226 -4.57 0.54 -36.24
C GLY G 1226 -4.43 -0.75 -35.46
N LYS G 1227 -4.77 -0.73 -34.13
CA LYS G 1227 -4.56 -1.84 -33.16
C LYS G 1227 -5.85 -2.20 -32.56
N ALA G 1228 -6.37 -3.44 -32.83
CA ALA G 1228 -7.71 -3.87 -32.51
C ALA G 1228 -7.67 -4.11 -31.02
N TYR G 1229 -8.70 -3.59 -30.35
CA TYR G 1229 -8.80 -3.64 -28.92
C TYR G 1229 -10.17 -4.21 -28.58
N SER G 1230 -10.33 -5.56 -28.55
CA SER G 1230 -11.67 -6.19 -28.41
C SER G 1230 -12.48 -5.65 -27.21
N LEU G 1231 -13.83 -5.56 -27.42
CA LEU G 1231 -14.75 -4.88 -26.53
C LEU G 1231 -15.88 -5.87 -26.19
N GLY G 1232 -15.60 -7.18 -26.56
CA GLY G 1232 -16.59 -8.20 -26.27
C GLY G 1232 -17.58 -8.52 -27.34
N PRO G 1233 -18.52 -9.36 -27.24
CA PRO G 1233 -19.47 -9.69 -28.27
C PRO G 1233 -20.32 -8.58 -28.80
N ALA G 1234 -20.24 -8.33 -30.16
CA ALA G 1234 -20.75 -7.17 -30.92
C ALA G 1234 -22.28 -7.21 -31.13
N GLY G 1235 -22.90 -8.41 -31.20
CA GLY G 1235 -24.28 -8.72 -31.21
C GLY G 1235 -25.01 -8.15 -30.01
N LEU G 1236 -24.42 -8.27 -28.78
CA LEU G 1236 -24.89 -7.57 -27.59
C LEU G 1236 -24.88 -6.05 -27.72
N PHE G 1237 -24.03 -5.38 -28.55
CA PHE G 1237 -24.09 -3.90 -28.77
C PHE G 1237 -25.16 -3.64 -29.83
N LEU G 1238 -25.56 -4.63 -30.68
CA LEU G 1238 -26.47 -4.38 -31.75
C LEU G 1238 -27.81 -4.84 -31.38
N LEU G 1239 -28.84 -4.36 -32.10
CA LEU G 1239 -30.13 -5.04 -32.09
C LEU G 1239 -30.26 -5.04 -33.64
N PRO G 1240 -30.75 -6.06 -34.35
CA PRO G 1240 -31.26 -7.29 -33.78
C PRO G 1240 -30.27 -8.17 -33.04
N PHE G 1241 -30.68 -8.88 -31.98
CA PHE G 1241 -29.95 -9.98 -31.47
C PHE G 1241 -30.93 -10.95 -30.94
N VAL G 1242 -30.62 -12.26 -31.12
CA VAL G 1242 -31.52 -13.28 -30.69
C VAL G 1242 -30.66 -14.40 -30.17
N THR G 1243 -30.87 -14.81 -28.86
CA THR G 1243 -30.33 -16.10 -28.35
C THR G 1243 -31.52 -17.05 -28.28
N TYR G 1244 -31.88 -17.59 -29.43
CA TYR G 1244 -33.07 -18.40 -29.58
C TYR G 1244 -32.76 -19.77 -29.13
N THR G 1245 -33.56 -20.29 -28.18
CA THR G 1245 -33.40 -21.59 -27.54
C THR G 1245 -31.94 -21.76 -26.98
N GLY G 1246 -31.33 -20.66 -26.51
CA GLY G 1246 -30.03 -20.63 -25.82
C GLY G 1246 -28.86 -20.56 -26.71
N SER G 1247 -29.15 -20.45 -28.07
CA SER G 1247 -28.14 -20.61 -29.12
C SER G 1247 -27.98 -19.18 -29.74
N ALA G 1248 -26.92 -18.44 -29.47
CA ALA G 1248 -26.82 -17.04 -29.78
C ALA G 1248 -26.37 -16.78 -31.12
N ILE G 1249 -27.11 -15.84 -31.82
CA ILE G 1249 -26.98 -15.52 -33.16
C ILE G 1249 -27.04 -13.98 -33.14
N GLY G 1250 -26.14 -13.38 -33.97
CA GLY G 1250 -26.01 -11.95 -34.16
C GLY G 1250 -25.39 -11.64 -35.48
N ALA G 1251 -24.22 -10.92 -35.42
CA ALA G 1251 -23.48 -10.37 -36.49
C ALA G 1251 -22.21 -11.13 -36.51
N ASN G 1252 -21.97 -11.83 -37.67
CA ASN G 1252 -20.84 -12.67 -37.86
C ASN G 1252 -21.14 -13.97 -37.28
N ALA G 1253 -22.31 -14.54 -37.66
CA ALA G 1253 -22.82 -15.79 -37.14
C ALA G 1253 -23.13 -16.68 -38.31
N THR G 1254 -23.71 -17.88 -38.02
CA THR G 1254 -24.02 -18.89 -38.96
C THR G 1254 -25.06 -19.74 -38.30
N ALA G 1255 -25.97 -20.30 -39.09
CA ALA G 1255 -26.80 -21.44 -38.72
C ALA G 1255 -26.66 -22.49 -39.73
N ILE G 1256 -26.04 -23.62 -39.39
CA ILE G 1256 -26.30 -24.78 -40.21
C ILE G 1256 -27.63 -25.38 -39.67
N ILE G 1257 -28.58 -25.68 -40.51
CA ILE G 1257 -29.87 -26.18 -40.13
C ILE G 1257 -30.09 -27.51 -40.80
N THR G 1258 -30.54 -28.55 -40.05
CA THR G 1258 -30.90 -29.88 -40.66
C THR G 1258 -32.33 -29.62 -40.96
N VAL G 1259 -32.83 -30.17 -42.10
CA VAL G 1259 -34.21 -30.25 -42.40
C VAL G 1259 -34.41 -31.59 -42.90
N SER G 1260 -34.79 -32.54 -41.97
CA SER G 1260 -35.11 -33.95 -42.33
C SER G 1260 -36.65 -34.16 -42.24
N ASP G 1261 -37.21 -34.35 -43.46
CA ASP G 1261 -38.63 -34.19 -43.77
C ASP G 1261 -39.15 -35.44 -44.42
N GLY G 1262 -40.46 -35.40 -44.87
CA GLY G 1262 -41.19 -36.50 -45.47
C GLY G 1262 -40.67 -36.90 -46.86
N VAL G 1263 -39.86 -35.97 -47.49
CA VAL G 1263 -39.32 -36.24 -48.79
C VAL G 1263 -37.95 -36.77 -48.62
N GLY G 1264 -37.48 -36.92 -47.38
CA GLY G 1264 -36.13 -37.44 -47.20
C GLY G 1264 -35.46 -36.54 -46.32
N THR G 1265 -34.35 -35.91 -46.73
CA THR G 1265 -33.57 -35.08 -45.85
C THR G 1265 -32.87 -34.13 -46.74
N SER G 1266 -32.70 -32.90 -46.18
CA SER G 1266 -31.82 -31.91 -46.82
C SER G 1266 -31.14 -31.17 -45.70
N THR G 1267 -30.24 -30.19 -45.93
CA THR G 1267 -29.61 -29.50 -44.85
C THR G 1267 -29.30 -28.13 -45.63
N THR G 1268 -29.87 -27.00 -45.13
CA THR G 1268 -29.52 -25.69 -45.60
C THR G 1268 -28.50 -25.21 -44.62
N GLN G 1269 -27.85 -24.10 -45.13
CA GLN G 1269 -26.77 -23.48 -44.47
C GLN G 1269 -27.13 -22.05 -44.58
N VAL G 1270 -27.24 -21.29 -43.48
CA VAL G 1270 -27.68 -19.92 -43.55
C VAL G 1270 -26.67 -19.09 -42.84
N PRO G 1271 -25.73 -18.53 -43.52
CA PRO G 1271 -24.66 -17.80 -42.92
C PRO G 1271 -25.07 -16.35 -42.76
N ILE G 1272 -24.77 -15.79 -41.60
CA ILE G 1272 -25.23 -14.48 -41.21
C ILE G 1272 -24.01 -13.53 -41.20
N THR G 1273 -24.22 -12.36 -41.72
CA THR G 1273 -23.26 -11.27 -41.95
C THR G 1273 -23.66 -10.08 -41.16
N ALA G 1274 -22.67 -9.39 -40.54
CA ALA G 1274 -22.92 -8.16 -39.88
C ALA G 1274 -23.72 -7.13 -40.69
N GLU G 1275 -23.38 -7.02 -41.98
CA GLU G 1275 -23.97 -6.02 -42.86
C GLU G 1275 -25.20 -6.55 -43.57
N ASN G 1276 -25.93 -7.66 -43.09
CA ASN G 1276 -27.28 -7.92 -43.36
C ASN G 1276 -28.08 -7.29 -42.22
N PHE G 1277 -27.58 -6.37 -41.38
CA PHE G 1277 -28.36 -5.97 -40.16
C PHE G 1277 -29.35 -4.88 -40.58
N THR G 1278 -30.64 -5.04 -39.99
CA THR G 1278 -31.81 -4.26 -40.28
C THR G 1278 -32.86 -5.02 -39.43
N PRO G 1279 -33.70 -4.26 -38.86
CA PRO G 1279 -34.86 -4.84 -38.19
C PRO G 1279 -35.69 -5.72 -39.08
N ILE G 1280 -36.37 -6.80 -38.66
CA ILE G 1280 -37.34 -7.59 -39.41
C ILE G 1280 -38.73 -7.47 -38.77
N ARG G 1281 -39.60 -6.68 -39.44
CA ARG G 1281 -40.82 -6.27 -38.94
C ARG G 1281 -41.87 -7.28 -39.37
N LEU G 1282 -42.92 -7.35 -38.55
CA LEU G 1282 -44.15 -7.92 -39.04
C LEU G 1282 -45.19 -6.83 -39.00
N ALA G 1283 -45.76 -6.59 -40.22
CA ALA G 1283 -46.65 -5.45 -40.39
C ALA G 1283 -47.85 -6.14 -40.99
N PRO G 1284 -49.08 -5.68 -40.87
CA PRO G 1284 -50.25 -6.36 -41.42
C PRO G 1284 -50.45 -5.92 -42.86
N PHE G 1285 -51.46 -6.50 -43.45
CA PHE G 1285 -51.87 -6.41 -44.90
C PHE G 1285 -52.04 -4.98 -45.18
N GLN G 1286 -52.72 -4.24 -44.27
CA GLN G 1286 -53.24 -2.90 -44.20
C GLN G 1286 -52.11 -1.92 -44.36
N VAL G 1287 -50.88 -2.24 -43.82
CA VAL G 1287 -49.70 -1.48 -43.99
C VAL G 1287 -48.99 -1.93 -45.28
N PRO G 1288 -48.69 -1.13 -46.31
CA PRO G 1288 -47.96 -1.58 -47.45
C PRO G 1288 -46.66 -2.16 -47.22
N ALA G 1289 -46.13 -2.94 -48.19
CA ALA G 1289 -44.91 -3.70 -47.91
C ALA G 1289 -43.64 -2.90 -47.73
N GLN G 1290 -43.44 -1.82 -48.59
CA GLN G 1290 -42.29 -0.94 -48.53
C GLN G 1290 -42.48 0.23 -47.61
N VAL G 1291 -43.46 0.16 -46.69
CA VAL G 1291 -43.74 1.25 -45.76
C VAL G 1291 -43.43 0.78 -44.32
N PRO G 1292 -42.37 1.21 -43.73
CA PRO G 1292 -41.87 0.80 -42.33
C PRO G 1292 -42.62 1.40 -41.21
N LEU G 1293 -42.47 0.75 -40.08
CA LEU G 1293 -43.11 1.20 -38.85
C LEU G 1293 -41.99 1.27 -37.80
N PRO G 1294 -41.20 2.25 -37.61
CA PRO G 1294 -40.07 2.21 -36.61
C PRO G 1294 -40.51 3.04 -35.48
N ASN G 1295 -41.80 3.65 -35.52
CA ASN G 1295 -42.42 4.59 -34.60
C ASN G 1295 -43.59 3.93 -34.02
N ALA G 1296 -43.75 2.58 -34.27
CA ALA G 1296 -44.53 1.58 -33.51
C ALA G 1296 -43.50 0.78 -32.76
N PRO G 1297 -43.94 0.03 -31.74
CA PRO G 1297 -43.07 -0.62 -30.79
C PRO G 1297 -42.12 -1.76 -31.29
N LYS G 1298 -41.03 -2.06 -30.57
CA LYS G 1298 -40.07 -3.00 -30.93
C LYS G 1298 -40.62 -4.41 -30.91
N LEU G 1299 -41.62 -4.68 -30.03
CA LEU G 1299 -42.06 -6.00 -29.65
C LEU G 1299 -43.42 -6.37 -30.25
N LYS G 1300 -44.48 -5.63 -29.92
CA LYS G 1300 -45.75 -5.93 -30.51
C LYS G 1300 -46.48 -4.62 -30.59
N TYR G 1301 -47.12 -4.35 -31.76
CA TYR G 1301 -48.06 -3.19 -31.92
C TYR G 1301 -49.50 -3.80 -31.92
N GLU G 1302 -50.44 -3.26 -31.16
CA GLU G 1302 -51.84 -3.67 -31.08
C GLU G 1302 -52.56 -3.30 -32.37
N TYR G 1303 -52.78 -4.37 -33.19
CA TYR G 1303 -53.61 -4.46 -34.35
C TYR G 1303 -55.03 -4.74 -33.81
N ASN G 1304 -55.94 -3.78 -33.80
CA ASN G 1304 -57.25 -3.73 -33.25
C ASN G 1304 -58.32 -3.88 -34.36
N GLY G 1305 -57.82 -3.87 -35.64
CA GLY G 1305 -58.63 -4.10 -36.85
C GLY G 1305 -58.99 -5.58 -36.94
N SER G 1306 -59.89 -5.90 -37.89
CA SER G 1306 -60.53 -7.18 -38.08
C SER G 1306 -60.22 -7.67 -39.46
N ILE G 1307 -59.37 -8.73 -39.54
CA ILE G 1307 -59.20 -9.44 -40.79
C ILE G 1307 -60.40 -10.36 -40.95
N VAL G 1308 -61.01 -10.37 -42.15
CA VAL G 1308 -62.14 -11.28 -42.54
C VAL G 1308 -61.48 -12.28 -43.47
N ILE G 1309 -61.55 -13.55 -43.04
CA ILE G 1309 -60.88 -14.65 -43.68
C ILE G 1309 -62.11 -15.28 -44.31
N THR G 1310 -62.39 -15.24 -45.65
CA THR G 1310 -63.55 -15.91 -46.22
C THR G 1310 -63.13 -17.35 -46.49
N PRO G 1311 -64.07 -18.26 -46.86
CA PRO G 1311 -63.82 -19.70 -46.75
C PRO G 1311 -63.40 -20.13 -48.15
N GLN G 1312 -62.68 -19.19 -48.84
CA GLN G 1312 -62.12 -19.38 -50.11
C GLN G 1312 -60.65 -19.17 -49.87
N GLN G 1313 -60.31 -18.63 -48.68
CA GLN G 1313 -59.06 -18.32 -48.04
C GLN G 1313 -58.65 -19.22 -46.95
N GLN G 1314 -57.38 -19.77 -47.08
CA GLN G 1314 -56.89 -20.69 -46.09
C GLN G 1314 -55.57 -20.13 -45.69
N VAL G 1315 -55.44 -18.74 -45.66
CA VAL G 1315 -54.09 -18.20 -45.66
C VAL G 1315 -54.20 -16.82 -45.01
N LEU G 1316 -53.13 -16.56 -44.21
CA LEU G 1316 -53.09 -15.34 -43.45
C LEU G 1316 -52.11 -14.48 -44.14
N LYS G 1317 -52.50 -13.21 -44.55
CA LYS G 1317 -51.72 -12.26 -45.35
C LYS G 1317 -51.13 -11.17 -44.48
N ILE G 1318 -49.77 -11.01 -44.58
CA ILE G 1318 -49.06 -9.95 -43.86
C ILE G 1318 -47.94 -9.50 -44.79
N TYR G 1319 -47.29 -8.39 -44.47
CA TYR G 1319 -46.08 -7.93 -45.10
C TYR G 1319 -45.04 -7.92 -44.07
N VAL G 1320 -43.88 -8.51 -44.45
CA VAL G 1320 -42.64 -8.65 -43.71
C VAL G 1320 -41.91 -7.61 -44.51
N THR G 1321 -41.36 -6.62 -43.80
CA THR G 1321 -40.87 -5.39 -44.29
C THR G 1321 -39.45 -5.49 -43.78
N SER G 1322 -38.45 -5.25 -44.69
CA SER G 1322 -37.12 -5.12 -44.39
C SER G 1322 -36.59 -4.33 -45.49
N ILE G 1323 -35.89 -3.23 -45.18
CA ILE G 1323 -35.45 -2.32 -46.24
C ILE G 1323 -33.98 -2.48 -46.33
N LEU G 1324 -33.49 -3.60 -46.86
CA LEU G 1324 -32.15 -3.96 -47.14
C LEU G 1324 -32.42 -5.22 -47.86
N PRO G 1325 -31.56 -5.61 -48.79
CA PRO G 1325 -31.44 -7.03 -49.27
C PRO G 1325 -31.26 -7.89 -48.02
N TYR G 1326 -32.08 -8.95 -47.91
CA TYR G 1326 -32.14 -9.80 -46.72
C TYR G 1326 -32.38 -11.21 -47.24
N PRO G 1327 -31.35 -12.13 -47.02
CA PRO G 1327 -31.41 -13.42 -47.70
C PRO G 1327 -31.74 -14.45 -46.76
N GLN G 1328 -31.72 -14.12 -45.46
CA GLN G 1328 -31.79 -15.15 -44.42
C GLN G 1328 -33.19 -15.79 -44.29
N GLU G 1329 -33.14 -17.12 -44.50
CA GLU G 1329 -34.17 -18.15 -44.39
C GLU G 1329 -34.51 -18.34 -42.98
N PHE G 1330 -35.78 -18.48 -42.66
CA PHE G 1330 -36.30 -18.50 -41.26
C PHE G 1330 -37.69 -19.08 -41.28
N GLN G 1331 -38.44 -19.00 -40.16
CA GLN G 1331 -39.85 -19.28 -40.30
C GLN G 1331 -40.72 -18.25 -39.52
N ILE G 1332 -42.09 -18.35 -39.81
CA ILE G 1332 -43.16 -17.74 -39.02
C ILE G 1332 -43.82 -18.89 -38.32
N GLN G 1333 -43.83 -18.95 -36.96
CA GLN G 1333 -44.62 -19.84 -36.16
C GLN G 1333 -45.92 -19.15 -36.04
N ALA G 1334 -47.03 -19.91 -36.24
CA ALA G 1334 -48.43 -19.48 -36.16
C ALA G 1334 -49.02 -20.23 -35.00
N PHE G 1335 -49.11 -19.55 -33.86
CA PHE G 1335 -49.59 -20.13 -32.65
C PHE G 1335 -50.99 -19.52 -32.62
N VAL G 1336 -51.98 -20.46 -32.85
CA VAL G 1336 -53.40 -20.11 -32.90
C VAL G 1336 -53.93 -20.21 -31.45
N TYR G 1337 -54.91 -19.32 -31.18
CA TYR G 1337 -55.50 -19.20 -29.82
C TYR G 1337 -56.85 -18.66 -30.16
N GLU G 1338 -57.85 -18.96 -29.30
CA GLU G 1338 -59.20 -18.40 -29.04
C GLU G 1338 -58.96 -17.02 -28.48
N ALA G 1339 -60.03 -16.18 -28.45
CA ALA G 1339 -59.90 -14.90 -27.77
C ALA G 1339 -60.44 -14.97 -26.34
N SER G 1340 -60.62 -16.23 -25.83
CA SER G 1340 -60.74 -16.56 -24.45
C SER G 1340 -59.51 -17.36 -24.05
N GLN G 1341 -58.66 -17.66 -25.02
CA GLN G 1341 -57.38 -18.35 -24.86
C GLN G 1341 -56.26 -17.35 -25.05
N PHE G 1342 -56.67 -16.11 -25.41
CA PHE G 1342 -55.86 -14.93 -25.40
C PHE G 1342 -56.86 -13.81 -25.15
N ASN G 1343 -56.84 -13.35 -23.86
CA ASN G 1343 -57.69 -12.34 -23.24
C ASN G 1343 -57.39 -11.12 -24.09
N VAL G 1344 -58.45 -10.58 -24.68
CA VAL G 1344 -58.32 -9.49 -25.65
C VAL G 1344 -58.35 -8.13 -24.88
N HIS G 1345 -58.29 -8.27 -23.49
CA HIS G 1345 -58.23 -7.11 -22.63
C HIS G 1345 -56.86 -7.04 -22.00
N THR G 1346 -55.95 -7.92 -22.39
CA THR G 1346 -54.48 -7.98 -22.00
C THR G 1346 -53.72 -8.51 -23.04
N GLY G 1347 -52.39 -8.47 -23.00
CA GLY G 1347 -51.50 -9.20 -23.87
C GLY G 1347 -51.04 -10.56 -23.28
N SER G 1348 -52.06 -11.41 -22.92
CA SER G 1348 -51.79 -12.70 -22.31
C SER G 1348 -52.28 -13.83 -23.27
N PRO G 1349 -51.28 -14.66 -23.66
CA PRO G 1349 -51.69 -15.96 -24.23
C PRO G 1349 -51.92 -16.80 -23.04
N THR G 1350 -53.19 -17.28 -22.71
CA THR G 1350 -53.55 -17.64 -21.36
C THR G 1350 -53.31 -19.12 -21.16
N ALA G 1351 -52.84 -19.81 -22.25
CA ALA G 1351 -52.27 -21.12 -22.13
C ALA G 1351 -51.27 -21.32 -23.26
N ALA G 1352 -50.59 -22.49 -23.22
CA ALA G 1352 -49.73 -23.13 -24.21
C ALA G 1352 -50.47 -23.16 -25.50
N PRO G 1353 -49.83 -23.03 -26.68
CA PRO G 1353 -50.44 -23.03 -27.96
C PRO G 1353 -51.44 -24.09 -28.09
N VAL G 1354 -52.71 -23.79 -28.42
CA VAL G 1354 -53.72 -24.80 -28.65
C VAL G 1354 -53.57 -25.54 -29.99
N TYR G 1355 -53.01 -24.86 -31.07
CA TYR G 1355 -52.53 -25.56 -32.25
C TYR G 1355 -51.41 -24.69 -32.72
N PHE G 1356 -50.27 -25.37 -33.19
CA PHE G 1356 -49.03 -24.75 -33.78
C PHE G 1356 -48.87 -25.19 -35.25
N SER G 1357 -48.65 -24.18 -36.15
CA SER G 1357 -48.26 -24.52 -37.49
C SER G 1357 -47.38 -23.43 -38.07
N TYR G 1358 -46.39 -23.84 -38.90
CA TYR G 1358 -45.28 -23.00 -39.15
C TYR G 1358 -45.36 -22.76 -40.59
N SER G 1359 -44.68 -21.73 -41.09
CA SER G 1359 -44.40 -21.53 -42.51
C SER G 1359 -42.98 -21.14 -42.59
N ALA G 1360 -42.12 -22.04 -43.11
CA ALA G 1360 -40.78 -21.73 -43.41
C ALA G 1360 -40.78 -20.72 -44.55
N VAL G 1361 -40.42 -19.38 -44.29
CA VAL G 1361 -40.35 -18.36 -45.26
C VAL G 1361 -38.85 -18.14 -45.38
N ARG G 1362 -38.32 -18.72 -46.50
CA ARG G 1362 -37.04 -18.69 -47.14
C ARG G 1362 -36.99 -17.34 -47.87
N ALA G 1363 -36.36 -16.24 -47.26
CA ALA G 1363 -36.23 -14.96 -47.86
C ALA G 1363 -35.24 -15.04 -49.01
N TYR G 1364 -35.40 -13.97 -49.85
CA TYR G 1364 -34.80 -13.77 -51.10
C TYR G 1364 -34.26 -12.41 -51.10
N PRO G 1365 -32.92 -12.20 -51.33
CA PRO G 1365 -32.37 -10.85 -51.38
C PRO G 1365 -32.94 -10.10 -52.56
N ALA G 1366 -33.33 -10.85 -53.67
CA ALA G 1366 -33.81 -10.50 -54.98
C ALA G 1366 -33.48 -11.64 -55.85
N LEU G 1367 -34.45 -11.92 -56.70
CA LEU G 1367 -34.26 -12.94 -57.73
C LEU G 1367 -34.54 -12.17 -59.02
N GLY G 1368 -34.52 -10.86 -58.82
CA GLY G 1368 -34.83 -9.82 -59.76
C GLY G 1368 -36.04 -9.23 -59.19
N ILE G 1369 -36.14 -7.88 -58.91
CA ILE G 1369 -37.36 -7.18 -58.52
C ILE G 1369 -38.25 -7.31 -59.65
N GLY G 1370 -39.35 -8.08 -59.42
CA GLY G 1370 -40.31 -8.57 -60.42
C GLY G 1370 -40.55 -10.00 -60.45
N THR G 1371 -39.77 -10.69 -59.60
CA THR G 1371 -39.65 -12.16 -59.51
C THR G 1371 -39.79 -12.48 -58.05
N SER G 1372 -38.93 -12.00 -57.15
CA SER G 1372 -39.11 -11.92 -55.72
C SER G 1372 -38.33 -10.64 -55.31
N VAL G 1373 -38.95 -9.90 -54.33
CA VAL G 1373 -38.72 -8.48 -53.91
C VAL G 1373 -38.15 -8.70 -52.51
N PRO G 1374 -37.26 -7.88 -51.99
CA PRO G 1374 -36.73 -8.16 -50.62
C PRO G 1374 -37.77 -7.63 -49.58
N ASN G 1375 -38.87 -7.07 -50.03
CA ASN G 1375 -40.11 -6.77 -49.31
C ASN G 1375 -41.03 -7.86 -49.77
N LEU G 1376 -41.45 -8.69 -48.70
CA LEU G 1376 -42.10 -10.00 -48.98
C LEU G 1376 -43.56 -9.89 -48.60
N LEU G 1377 -44.36 -10.49 -49.47
CA LEU G 1377 -45.72 -10.83 -49.37
C LEU G 1377 -45.64 -12.19 -48.79
N VAL G 1378 -46.14 -12.29 -47.51
CA VAL G 1378 -45.96 -13.52 -46.66
C VAL G 1378 -47.36 -14.05 -46.47
N TYR G 1379 -47.52 -15.27 -47.05
CA TYR G 1379 -48.85 -15.88 -47.16
C TYR G 1379 -48.75 -17.17 -46.37
N VAL G 1380 -49.16 -17.08 -45.11
CA VAL G 1380 -48.99 -18.18 -44.12
C VAL G 1380 -50.08 -19.24 -44.47
N GLN G 1381 -49.64 -20.34 -45.03
CA GLN G 1381 -50.48 -21.46 -45.27
C GLN G 1381 -50.31 -22.40 -44.09
N LEU G 1382 -51.39 -23.11 -43.89
CA LEU G 1382 -51.58 -23.98 -42.70
C LEU G 1382 -52.11 -25.27 -43.31
N GLN G 1383 -51.48 -26.40 -42.81
CA GLN G 1383 -51.90 -27.81 -42.76
C GLN G 1383 -52.64 -27.81 -41.45
N GLY G 1384 -53.85 -28.40 -41.40
CA GLY G 1384 -54.76 -28.36 -40.28
C GLY G 1384 -55.41 -27.04 -40.19
N ILE G 1385 -56.10 -26.76 -41.35
CA ILE G 1385 -57.15 -25.80 -41.48
C ILE G 1385 -58.41 -26.54 -41.68
N SER G 1386 -58.28 -27.88 -41.54
CA SER G 1386 -59.30 -28.85 -41.13
C SER G 1386 -59.10 -29.53 -39.84
N ASN G 1387 -58.24 -28.86 -39.04
CA ASN G 1387 -58.01 -29.14 -37.65
C ASN G 1387 -58.23 -27.81 -36.95
N LEU G 1388 -58.64 -26.77 -37.71
CA LEU G 1388 -59.10 -25.44 -37.20
C LEU G 1388 -60.42 -25.21 -37.95
N PRO G 1389 -61.49 -24.88 -37.12
CA PRO G 1389 -62.77 -24.60 -37.72
C PRO G 1389 -62.96 -23.11 -37.30
N ALA G 1390 -64.07 -22.45 -37.82
CA ALA G 1390 -64.60 -21.12 -37.47
C ALA G 1390 -64.49 -20.78 -36.01
N GLY G 1391 -64.15 -19.49 -35.76
CA GLY G 1391 -64.13 -19.00 -34.41
C GLY G 1391 -63.24 -17.78 -34.34
N LYS G 1392 -63.53 -16.89 -33.36
CA LYS G 1392 -62.83 -15.67 -33.08
C LYS G 1392 -61.54 -15.93 -32.45
N TYR G 1393 -60.47 -15.73 -33.24
CA TYR G 1393 -59.18 -16.05 -32.74
C TYR G 1393 -58.47 -14.76 -32.49
N VAL G 1394 -57.38 -14.91 -31.70
CA VAL G 1394 -56.27 -14.04 -31.55
C VAL G 1394 -55.13 -14.99 -32.02
N ILE G 1395 -54.27 -14.64 -33.02
CA ILE G 1395 -53.30 -15.41 -33.60
C ILE G 1395 -52.01 -14.64 -33.20
N VAL G 1396 -50.89 -15.39 -32.97
CA VAL G 1396 -49.61 -14.87 -32.66
C VAL G 1396 -48.77 -15.37 -33.78
N LEU G 1397 -48.37 -14.42 -34.66
CA LEU G 1397 -47.35 -14.65 -35.68
C LEU G 1397 -46.06 -14.04 -35.13
N SER G 1398 -44.91 -14.80 -35.25
CA SER G 1398 -43.65 -14.38 -34.73
C SER G 1398 -42.63 -14.71 -35.73
N ALA G 1399 -41.82 -13.67 -36.06
CA ALA G 1399 -40.61 -13.80 -36.85
C ALA G 1399 -39.71 -14.71 -35.98
N VAL G 1400 -39.60 -16.05 -36.27
CA VAL G 1400 -38.93 -17.09 -35.42
C VAL G 1400 -37.69 -17.58 -36.24
N PRO G 1401 -36.50 -17.74 -35.69
CA PRO G 1401 -35.39 -18.51 -36.29
C PRO G 1401 -35.87 -19.85 -36.78
N PHE G 1402 -35.24 -20.49 -37.81
CA PHE G 1402 -35.59 -21.75 -38.38
C PHE G 1402 -34.81 -22.84 -37.67
N ALA G 1403 -35.24 -23.16 -36.45
CA ALA G 1403 -34.82 -24.15 -35.48
C ALA G 1403 -33.32 -24.06 -35.25
N GLY G 1404 -32.74 -22.85 -35.17
CA GLY G 1404 -31.31 -22.59 -34.83
C GLY G 1404 -30.83 -21.62 -35.87
N GLY G 1405 -31.76 -21.04 -36.67
CA GLY G 1405 -31.59 -20.10 -37.78
C GLY G 1405 -31.20 -18.68 -37.31
N PRO G 1406 -31.31 -17.73 -38.23
CA PRO G 1406 -30.65 -16.41 -38.15
C PRO G 1406 -30.95 -15.50 -36.98
N VAL G 1407 -30.26 -14.35 -36.83
CA VAL G 1407 -30.75 -13.21 -36.06
C VAL G 1407 -31.98 -12.63 -36.82
N LEU G 1408 -33.02 -12.11 -36.10
CA LEU G 1408 -34.26 -11.63 -36.66
C LEU G 1408 -34.80 -10.66 -35.63
N SER G 1409 -35.82 -9.87 -36.05
CA SER G 1409 -36.90 -9.27 -35.20
C SER G 1409 -36.55 -7.95 -34.65
N GLU G 1410 -37.50 -6.96 -34.71
CA GLU G 1410 -37.54 -5.66 -34.11
C GLU G 1410 -38.41 -4.73 -34.94
N TYR G 1411 -39.14 -3.78 -34.25
CA TYR G 1411 -40.04 -2.85 -34.88
C TYR G 1411 -41.14 -3.45 -35.83
N PRO G 1412 -42.09 -4.29 -35.51
CA PRO G 1412 -42.19 -4.96 -34.17
C PRO G 1412 -41.76 -6.33 -34.51
N ALA G 1413 -41.34 -7.09 -33.44
CA ALA G 1413 -40.87 -8.47 -33.43
C ALA G 1413 -41.98 -9.42 -33.61
N GLN G 1414 -43.29 -9.10 -33.20
CA GLN G 1414 -44.30 -10.10 -33.43
C GLN G 1414 -45.44 -9.31 -33.92
N LEU G 1415 -46.44 -9.96 -34.47
CA LEU G 1415 -47.68 -9.22 -34.73
C LEU G 1415 -48.81 -10.10 -34.22
N ILE G 1416 -49.72 -9.51 -33.47
CA ILE G 1416 -50.69 -10.21 -32.74
C ILE G 1416 -52.06 -9.56 -33.09
N PHE G 1417 -53.01 -10.36 -33.59
CA PHE G 1417 -54.14 -9.88 -34.42
C PHE G 1417 -55.34 -10.18 -33.52
N THR G 1418 -55.98 -9.10 -33.00
CA THR G 1418 -56.87 -9.33 -31.87
C THR G 1418 -58.34 -9.59 -32.17
N ASN G 1419 -58.91 -8.90 -33.16
CA ASN G 1419 -60.35 -9.18 -33.51
C ASN G 1419 -60.53 -9.94 -34.83
N VAL G 1420 -59.58 -10.81 -35.22
CA VAL G 1420 -59.76 -11.80 -36.23
C VAL G 1420 -61.01 -12.77 -35.99
N THR G 1421 -61.68 -13.26 -37.06
CA THR G 1421 -62.73 -14.25 -37.06
C THR G 1421 -62.59 -15.16 -38.28
N LEU G 1422 -61.93 -16.34 -38.04
CA LEU G 1422 -61.82 -17.39 -38.98
C LEU G 1422 -63.16 -17.96 -39.30
N THR G 1423 -63.35 -18.32 -40.57
CA THR G 1423 -64.60 -18.81 -40.99
C THR G 1423 -64.34 -19.85 -42.03
N GLN G 1424 -64.74 -21.13 -41.75
CA GLN G 1424 -64.50 -22.26 -42.69
C GLN G 1424 -65.81 -22.81 -43.15
#